data_8TOP
#
_entry.id   8TOP
#
_cell.length_a   1.00
_cell.length_b   1.00
_cell.length_c   1.00
_cell.angle_alpha   90.00
_cell.angle_beta   90.00
_cell.angle_gamma   90.00
#
_symmetry.space_group_name_H-M   'P 1'
#
loop_
_entity.id
_entity.type
_entity.pdbx_description
1 polymer 'HIV-1 BG505 DS-SOSIP gp120'
2 polymer 'HIV-1 BG505 DS-SOSIP glycoprotein gp41'
3 polymer 'Heavy chain of antibody GPZ6-b.01'
4 polymer 'Light chain of antibody GPZ6-b.01'
5 branched 2-acetamido-2-deoxy-beta-D-glucopyranose-(1-4)-2-acetamido-2-deoxy-beta-D-glucopyranose
6 branched alpha-D-mannopyranose-(1-3)-beta-D-mannopyranose-(1-4)-2-acetamido-2-deoxy-beta-D-glucopyranose-(1-4)-2-acetamido-2-deoxy-beta-D-glucopyranose
7 non-polymer 2-acetamido-2-deoxy-beta-D-glucopyranose
#
loop_
_entity_poly.entity_id
_entity_poly.type
_entity_poly.pdbx_seq_one_letter_code
_entity_poly.pdbx_strand_id
1 'polypeptide(L)'
;AENLWVTVYYGVPVWKDAETTLFCASDAKAYETEKHNVWATHACVPTDPNPQEIHLENVTEEFNMWKNNMVEQMHTDIIS
LWDQSLKPCVKLTPLCVTLQCTNVTNNITDDMRGELKNCSFNMTTELRDKKQKVYSLFYRLDVVQINENQGNRSNNSNKE
YRLINCNTSACTQACPKVSFEPIPIHYCAPAGFAILKCKDKKFNGTGPCPSVSTVQCTHGIKPVVSTQLLLNGSLAEEEV
MIRSENITNNAKNILVQFNTPVQINCTRPNNNTRKSIRIGPGQAFYATGDIIGDIRQAHCNVSKATWNETLGKVVKQLRK
HFGNNTIIRFANSSGGDLEVTTHSFNCGGEFFYCNTSGLFNSTWISNTSVQGSNSTGSNDSITLPCRIKQIINMWQRIGQ
CMYAPPIQGVIRCVSNITGLILTRDGGSTNSTTETFRPGGGDMRDNWRSELYKYKVVKIEPLGVAPTRCKRRVVGRRRRR
R
;
O,Q,S,A,C,E
2 'polypeptide(L)'
;AVGIGAVFLGFLGAAGSTMGAASMTLTVQARNLLSGIVQQQSNLLRAPEAQQHLLKLTVWGIKQLQARVLAVERYLRDQQ
LLGIWGCSGKLICCTNVPWNSSWSNRNLSEIWDNMTWLQWDKEISNYTQIIYGLLEESQNQQEKNEQDLLALD
;
P,R,T,B,D,F
3 'polypeptide(L)'
;QVQLQESGPGLVKPSETLSLTCAVYGSSISGGYFYWHWIRQAPGKGLEWIGDVYFSGTTGYNPSLKRRVRISADTSKNQF
SLNLRSVTAADTAVYFCARDPRGGGWVPNRFDVWGAGVLVTVSSASTKGPSVFPLAPSSRSTSESTAALGCLVKDYFPEP
VTVSWNSGSLTSGVHTFPAVLQSSGLYSLSSVVTVPSSSLGTQTYVCNVNHKPSNTKVDKRVEIKTCGGLEVLFQGP
;
H,J,M,U,W,Y
4 'polypeptide(L)'
;DIQMTQSPSSLSASVGDRVTITCRASQDISSFLNWYQQKPGKAPKLLISSVNRLESGVPSRFSGSGSGTEFTLTVSSLQP
EDFATYSCQQCGSVPYTFGQGTTLEIKRTVAAPSVFIFPPSEDQVKSGTVSVVCLLNNFYPREASVKWKVDGALKTGNSQ
ESVTEQDSKDNTYSLSSTLTLSSTEYQSHKVYACEVTHQGLSSPVTKSFNRGEC
;
K,L,N,V,X,Z
#
loop_
_chem_comp.id
_chem_comp.type
_chem_comp.name
_chem_comp.formula
BMA D-saccharide, beta linking beta-D-mannopyranose 'C6 H12 O6'
MAN D-saccharide, alpha linking alpha-D-mannopyranose 'C6 H12 O6'
NAG D-saccharide, beta linking 2-acetamido-2-deoxy-beta-D-glucopyranose 'C8 H15 N O6'
#
# COMPACT_ATOMS: atom_id res chain seq x y z
N ALA A 1 10.57 7.55 25.32
CA ALA A 1 10.05 6.51 26.19
C ALA A 1 8.54 6.61 26.32
N GLU A 2 8.05 7.83 26.54
CA GLU A 2 6.61 8.04 26.64
C GLU A 2 5.89 7.68 25.35
N ASN A 3 6.46 8.09 24.21
CA ASN A 3 5.91 7.88 22.87
C ASN A 3 4.41 8.13 22.81
N LEU A 4 3.95 9.19 23.48
CA LEU A 4 2.55 9.57 23.49
C LEU A 4 2.32 10.70 22.50
N TRP A 5 1.19 10.65 21.80
CA TRP A 5 0.87 11.57 20.72
C TRP A 5 -0.56 12.06 20.90
N VAL A 6 -0.79 13.30 20.51
CA VAL A 6 -2.11 13.93 20.68
C VAL A 6 -3.06 13.41 19.61
N THR A 7 -4.31 13.19 20.01
CA THR A 7 -5.35 12.69 19.12
C THR A 7 -6.63 13.47 19.37
N VAL A 8 -7.39 13.70 18.30
CA VAL A 8 -8.60 14.52 18.35
C VAL A 8 -9.81 13.60 18.32
N TYR A 9 -10.73 13.82 19.26
CA TYR A 9 -11.99 13.11 19.34
C TYR A 9 -13.13 14.07 19.05
N TYR A 10 -14.02 13.66 18.15
CA TYR A 10 -15.19 14.44 17.76
C TYR A 10 -16.45 13.82 18.35
N GLY A 11 -17.40 14.69 18.72
CA GLY A 11 -18.60 14.22 19.38
C GLY A 11 -18.43 13.89 20.85
N VAL A 12 -17.43 14.47 21.49
CA VAL A 12 -17.15 14.14 22.90
C VAL A 12 -18.29 14.65 23.77
N PRO A 13 -18.68 13.94 24.85
CA PRO A 13 -19.72 14.50 25.74
C PRO A 13 -19.17 15.47 26.78
N VAL A 14 -18.90 16.70 26.32
CA VAL A 14 -18.41 17.78 27.16
C VAL A 14 -19.29 19.00 26.93
N TRP A 15 -19.68 19.66 28.01
CA TRP A 15 -20.56 20.82 27.96
C TRP A 15 -20.01 21.95 28.82
N LYS A 16 -20.44 23.16 28.50
CA LYS A 16 -20.08 24.36 29.24
C LYS A 16 -21.32 25.22 29.43
N ASP A 17 -21.36 25.95 30.54
CA ASP A 17 -22.49 26.83 30.80
C ASP A 17 -22.55 27.94 29.76
N ALA A 18 -23.74 28.17 29.21
CA ALA A 18 -23.92 29.18 28.18
C ALA A 18 -25.38 29.60 28.14
N GLU A 19 -25.63 30.73 27.48
CA GLU A 19 -26.97 31.29 27.34
C GLU A 19 -27.31 31.40 25.86
N THR A 20 -28.54 31.06 25.51
CA THR A 20 -29.01 31.11 24.12
C THR A 20 -30.48 31.53 24.13
N THR A 21 -31.12 31.40 22.96
CA THR A 21 -32.51 31.80 22.77
C THR A 21 -33.34 30.54 22.55
N LEU A 22 -34.09 30.16 23.57
CA LEU A 22 -35.03 29.04 23.47
C LEU A 22 -36.27 29.47 22.71
N PHE A 23 -36.97 28.48 22.14
CA PHE A 23 -38.16 28.70 21.35
C PHE A 23 -39.32 27.88 21.91
N CYS A 24 -40.49 28.08 21.30
CA CYS A 24 -41.73 27.49 21.81
C CYS A 24 -41.77 25.98 21.58
N ALA A 25 -42.66 25.34 22.35
CA ALA A 25 -43.16 24.01 22.02
C ALA A 25 -44.50 23.85 22.71
N SER A 26 -45.58 23.98 21.94
CA SER A 26 -46.94 23.93 22.46
C SER A 26 -47.75 22.91 21.66
N ASP A 27 -48.73 22.29 22.33
CA ASP A 27 -49.59 21.29 21.72
C ASP A 27 -51.04 21.51 22.12
N HIS A 36 -58.22 31.10 19.65
CA HIS A 36 -57.23 32.16 19.78
C HIS A 36 -56.86 32.38 21.25
N ASN A 37 -55.61 32.78 21.48
CA ASN A 37 -55.13 33.04 22.83
C ASN A 37 -54.03 34.07 22.77
N VAL A 38 -53.80 34.74 23.90
CA VAL A 38 -52.72 35.73 23.98
C VAL A 38 -51.38 35.05 23.79
N TRP A 39 -51.19 33.89 24.41
CA TRP A 39 -49.97 33.10 24.23
C TRP A 39 -50.13 32.33 22.92
N ALA A 40 -49.88 33.05 21.82
CA ALA A 40 -50.20 32.57 20.47
C ALA A 40 -49.52 31.26 20.16
N THR A 41 -50.31 30.19 20.00
CA THR A 41 -49.76 28.92 19.55
C THR A 41 -49.41 28.92 18.07
N HIS A 42 -49.94 29.88 17.30
CA HIS A 42 -49.63 29.94 15.88
C HIS A 42 -48.16 30.21 15.64
N ALA A 43 -47.58 31.13 16.42
CA ALA A 43 -46.16 31.46 16.33
C ALA A 43 -45.30 30.58 17.23
N CYS A 44 -45.78 29.39 17.59
CA CYS A 44 -45.10 28.48 18.49
C CYS A 44 -45.08 27.09 17.88
N VAL A 45 -43.93 26.43 17.99
CA VAL A 45 -43.67 25.16 17.29
C VAL A 45 -44.54 24.07 17.90
N PRO A 46 -45.03 23.09 17.12
CA PRO A 46 -45.70 21.94 17.74
C PRO A 46 -44.72 21.09 18.53
N THR A 47 -45.26 20.39 19.53
CA THR A 47 -44.48 19.53 20.41
C THR A 47 -44.66 18.07 20.01
N ASP A 48 -43.61 17.28 20.24
CA ASP A 48 -43.70 15.84 20.00
C ASP A 48 -44.61 15.21 21.06
N PRO A 49 -45.35 14.16 20.72
CA PRO A 49 -46.24 13.55 21.73
C PRO A 49 -45.53 12.71 22.77
N ASN A 50 -44.27 12.35 22.55
CA ASN A 50 -43.52 11.47 23.44
C ASN A 50 -42.18 12.13 23.77
N PRO A 51 -42.16 13.05 24.73
CA PRO A 51 -40.87 13.65 25.12
C PRO A 51 -39.90 12.61 25.63
N GLN A 52 -38.63 12.79 25.29
CA GLN A 52 -37.57 11.85 25.61
C GLN A 52 -36.64 12.45 26.66
N GLU A 53 -36.35 11.68 27.71
CA GLU A 53 -35.47 12.10 28.79
C GLU A 53 -34.36 11.08 28.96
N ILE A 54 -33.11 11.55 29.00
CA ILE A 54 -31.94 10.70 29.13
C ILE A 54 -31.34 10.96 30.50
N HIS A 55 -31.52 10.01 31.42
CA HIS A 55 -31.10 10.18 32.81
C HIS A 55 -29.61 9.88 32.92
N LEU A 56 -28.81 10.93 33.10
CA LEU A 56 -27.36 10.76 33.19
C LEU A 56 -26.99 10.34 34.61
N GLU A 57 -26.09 9.37 34.72
CA GLU A 57 -25.71 8.79 36.00
C GLU A 57 -24.25 9.09 36.30
N ASN A 58 -23.97 9.23 37.61
CA ASN A 58 -22.61 9.50 38.09
C ASN A 58 -22.08 10.83 37.54
N VAL A 59 -22.95 11.83 37.46
CA VAL A 59 -22.58 13.18 37.05
C VAL A 59 -23.24 14.17 37.99
N THR A 60 -22.48 15.16 38.43
CA THR A 60 -22.97 16.22 39.31
C THR A 60 -22.79 17.55 38.61
N GLU A 61 -23.84 18.38 38.62
CA GLU A 61 -23.85 19.66 37.92
C GLU A 61 -24.12 20.79 38.90
N GLU A 62 -23.39 21.90 38.73
CA GLU A 62 -23.53 23.05 39.62
C GLU A 62 -24.69 23.91 39.12
N PHE A 63 -25.82 23.82 39.78
CA PHE A 63 -26.99 24.64 39.46
C PHE A 63 -26.93 25.94 40.23
N ASN A 64 -27.32 27.03 39.56
CA ASN A 64 -27.22 28.40 40.05
C ASN A 64 -28.54 29.12 39.83
N MET A 65 -29.63 28.49 40.27
CA MET A 65 -31.02 28.90 40.01
C MET A 65 -31.26 30.40 40.09
N TRP A 66 -30.56 31.10 40.98
CA TRP A 66 -30.68 32.55 41.09
C TRP A 66 -29.90 33.30 40.02
N LYS A 67 -29.29 32.59 39.07
CA LYS A 67 -28.58 33.20 37.95
C LYS A 67 -29.00 32.60 36.62
N ASN A 68 -30.13 31.91 36.57
CA ASN A 68 -30.59 31.30 35.33
C ASN A 68 -30.95 32.37 34.31
N ASN A 69 -30.50 32.17 33.07
CA ASN A 69 -30.81 33.08 31.98
C ASN A 69 -32.14 32.75 31.29
N MET A 70 -32.76 31.62 31.63
CA MET A 70 -34.06 31.29 31.05
C MET A 70 -35.17 32.16 31.61
N VAL A 71 -34.99 32.66 32.83
CA VAL A 71 -36.07 33.42 33.48
C VAL A 71 -36.28 34.76 32.79
N GLU A 72 -35.17 35.46 32.52
CA GLU A 72 -35.28 36.74 31.82
C GLU A 72 -35.85 36.56 30.43
N GLN A 73 -35.42 35.51 29.73
CA GLN A 73 -35.93 35.23 28.39
C GLN A 73 -37.43 34.96 28.43
N MET A 74 -37.89 34.17 29.41
CA MET A 74 -39.32 33.92 29.52
C MET A 74 -40.08 35.18 29.85
N HIS A 75 -39.52 36.03 30.73
CA HIS A 75 -40.20 37.27 31.09
C HIS A 75 -40.37 38.18 29.87
N THR A 76 -39.29 38.42 29.14
CA THR A 76 -39.38 39.29 27.97
C THR A 76 -40.23 38.67 26.87
N ASP A 77 -40.19 37.34 26.70
CA ASP A 77 -41.05 36.70 25.72
C ASP A 77 -42.52 36.86 26.08
N ILE A 78 -42.85 36.72 27.36
CA ILE A 78 -44.23 36.89 27.80
C ILE A 78 -44.68 38.32 27.57
N ILE A 79 -43.83 39.30 27.90
CA ILE A 79 -44.18 40.69 27.69
C ILE A 79 -44.41 40.96 26.21
N SER A 80 -43.52 40.45 25.36
CA SER A 80 -43.67 40.64 23.91
C SER A 80 -44.94 39.98 23.40
N LEU A 81 -45.25 38.78 23.90
CA LEU A 81 -46.47 38.09 23.48
C LEU A 81 -47.71 38.91 23.85
N TRP A 82 -47.75 39.43 25.07
CA TRP A 82 -48.89 40.24 25.48
C TRP A 82 -48.99 41.50 24.63
N ASP A 83 -47.86 42.15 24.34
CA ASP A 83 -47.89 43.35 23.52
C ASP A 83 -48.40 43.05 22.12
N GLN A 84 -47.92 41.96 21.51
CA GLN A 84 -48.36 41.61 20.17
C GLN A 84 -49.84 41.25 20.16
N SER A 85 -50.32 40.55 21.20
CA SER A 85 -51.74 40.22 21.27
C SER A 85 -52.58 41.48 21.41
N LEU A 86 -52.11 42.46 22.17
CA LEU A 86 -52.84 43.71 22.33
C LEU A 86 -52.73 44.63 21.12
N LYS A 87 -51.74 44.41 20.25
CA LYS A 87 -51.55 45.31 19.11
C LYS A 87 -52.76 45.37 18.18
N PRO A 88 -53.30 44.24 17.69
CA PRO A 88 -54.49 44.33 16.80
C PRO A 88 -55.80 44.40 17.59
N CYS A 89 -55.98 45.52 18.31
CA CYS A 89 -57.20 45.74 19.07
C CYS A 89 -57.48 47.24 19.09
N VAL A 90 -58.74 47.57 19.41
CA VAL A 90 -59.18 48.96 19.37
C VAL A 90 -58.49 49.76 20.47
N LYS A 91 -58.05 50.97 20.12
CA LYS A 91 -57.45 51.90 21.06
C LYS A 91 -58.51 52.89 21.52
N LEU A 92 -58.63 53.08 22.83
CA LEU A 92 -59.66 53.93 23.42
C LEU A 92 -59.12 55.33 23.66
N THR A 93 -58.77 56.01 22.57
CA THR A 93 -58.36 57.41 22.64
C THR A 93 -59.55 58.37 22.78
N PRO A 94 -60.67 58.19 22.05
CA PRO A 94 -61.78 59.14 22.23
C PRO A 94 -62.49 58.99 23.57
N LEU A 95 -62.24 57.91 24.31
CA LEU A 95 -62.94 57.65 25.55
C LEU A 95 -62.53 58.61 26.67
N CYS A 96 -61.40 59.30 26.54
CA CYS A 96 -60.94 60.21 27.59
C CYS A 96 -61.80 61.47 27.55
N VAL A 97 -62.95 61.39 28.21
CA VAL A 97 -63.92 62.48 28.30
C VAL A 97 -64.31 62.65 29.76
N THR A 98 -64.88 63.81 30.05
CA THR A 98 -65.36 64.10 31.42
C THR A 98 -66.62 63.29 31.69
N LEU A 99 -66.61 62.52 32.77
CA LEU A 99 -67.70 61.63 33.12
C LEU A 99 -68.52 62.22 34.25
N GLN A 100 -69.84 62.32 34.05
CA GLN A 100 -70.75 62.76 35.10
C GLN A 100 -71.24 61.52 35.83
N CYS A 101 -70.82 61.35 37.08
CA CYS A 101 -71.00 60.11 37.81
C CYS A 101 -71.84 60.33 39.07
N THR A 102 -72.62 59.30 39.40
CA THR A 102 -73.38 59.23 40.64
C THR A 102 -73.18 57.85 41.26
N ASN A 103 -73.66 57.71 42.50
CA ASN A 103 -73.55 56.45 43.20
C ASN A 103 -74.66 55.50 42.78
N VAL A 104 -74.37 54.20 42.86
CA VAL A 104 -75.36 53.15 42.64
C VAL A 104 -76.14 52.95 43.93
N THR A 105 -77.46 52.77 43.80
CA THR A 105 -78.36 52.69 44.95
C THR A 105 -79.31 51.52 44.94
N ASN A 106 -79.49 50.82 43.82
CA ASN A 106 -80.46 49.74 43.72
C ASN A 106 -79.82 48.43 44.15
N ASN A 107 -80.43 47.77 45.15
CA ASN A 107 -79.98 46.47 45.63
C ASN A 107 -78.51 46.49 46.04
N ILE A 108 -78.11 47.54 46.74
CA ILE A 108 -76.73 47.70 47.20
C ILE A 108 -76.58 47.10 48.58
N THR A 109 -75.43 46.47 48.81
CA THR A 109 -75.12 45.89 50.11
C THR A 109 -74.35 46.92 50.96
N ASP A 110 -73.79 46.48 52.08
CA ASP A 110 -73.09 47.39 52.97
C ASP A 110 -71.65 47.59 52.54
N ASP A 111 -70.88 46.51 52.42
CA ASP A 111 -69.46 46.63 52.10
C ASP A 111 -69.25 47.22 50.71
N MET A 112 -69.98 46.71 49.71
CA MET A 112 -69.85 47.18 48.34
C MET A 112 -70.72 48.40 48.09
N ARG A 113 -70.39 49.49 48.78
CA ARG A 113 -71.11 50.75 48.68
C ARG A 113 -70.11 51.85 48.34
N GLY A 114 -70.47 52.69 47.37
CA GLY A 114 -69.60 53.78 46.97
C GLY A 114 -68.49 53.39 46.03
N GLU A 115 -68.58 52.21 45.41
CA GLU A 115 -67.56 51.72 44.49
C GLU A 115 -68.08 51.68 43.05
N LEU A 116 -69.19 51.01 42.81
CA LEU A 116 -69.78 50.93 41.47
C LEU A 116 -70.45 52.26 41.17
N LYS A 117 -69.77 53.09 40.38
CA LYS A 117 -70.25 54.44 40.07
C LYS A 117 -70.90 54.43 38.69
N ASN A 118 -72.13 54.92 38.62
CA ASN A 118 -72.87 55.03 37.37
C ASN A 118 -72.48 56.34 36.70
N CYS A 119 -71.76 56.26 35.58
CA CYS A 119 -71.19 57.41 34.91
C CYS A 119 -71.81 57.54 33.53
N SER A 120 -72.31 58.74 33.22
CA SER A 120 -72.84 59.07 31.90
C SER A 120 -71.94 60.11 31.25
N PHE A 121 -71.79 60.02 29.93
CA PHE A 121 -70.91 60.92 29.21
C PHE A 121 -71.20 60.84 27.72
N ASN A 122 -70.75 61.87 27.00
CA ASN A 122 -70.86 61.91 25.55
C ASN A 122 -69.72 61.11 24.92
N MET A 123 -69.95 60.67 23.69
CA MET A 123 -68.92 59.93 22.97
C MET A 123 -69.22 59.99 21.49
N THR A 124 -68.19 59.78 20.68
CA THR A 124 -68.35 59.76 19.24
C THR A 124 -69.15 58.53 18.81
N THR A 125 -69.49 58.51 17.52
CA THR A 125 -70.24 57.41 16.93
C THR A 125 -69.66 57.13 15.55
N GLU A 126 -70.40 56.37 14.73
CA GLU A 126 -69.97 56.12 13.37
C GLU A 126 -69.81 57.43 12.60
N LEU A 127 -70.81 58.30 12.67
CA LEU A 127 -70.74 59.60 12.02
C LEU A 127 -69.85 60.54 12.84
N ARG A 128 -68.88 61.16 12.18
CA ARG A 128 -67.95 62.04 12.89
C ARG A 128 -68.64 63.30 13.40
N ASP A 129 -69.64 63.79 12.67
CA ASP A 129 -70.33 65.01 13.05
C ASP A 129 -71.53 64.76 13.96
N LYS A 130 -71.54 63.65 14.68
CA LYS A 130 -72.62 63.32 15.61
C LYS A 130 -72.02 62.77 16.90
N LYS A 131 -72.76 62.92 17.98
CA LYS A 131 -72.36 62.43 19.30
C LYS A 131 -73.52 61.71 19.96
N GLN A 132 -73.20 60.80 20.86
CA GLN A 132 -74.20 60.01 21.59
C GLN A 132 -73.90 60.05 23.07
N LYS A 133 -74.95 60.22 23.87
CA LYS A 133 -74.83 60.19 25.32
C LYS A 133 -75.05 58.76 25.79
N VAL A 134 -74.04 58.18 26.43
CA VAL A 134 -74.09 56.80 26.89
C VAL A 134 -73.77 56.75 28.38
N TYR A 135 -74.03 55.60 28.98
CA TYR A 135 -73.82 55.39 30.40
C TYR A 135 -73.19 54.03 30.64
N SER A 136 -72.41 53.93 31.70
CA SER A 136 -71.77 52.67 32.07
C SER A 136 -71.36 52.75 33.53
N LEU A 137 -71.11 51.59 34.12
CA LEU A 137 -70.75 51.47 35.53
C LEU A 137 -69.27 51.19 35.66
N PHE A 138 -68.56 52.07 36.34
CA PHE A 138 -67.11 51.96 36.53
C PHE A 138 -66.80 51.86 38.02
N TYR A 139 -65.87 50.98 38.36
CA TYR A 139 -65.45 50.83 39.74
C TYR A 139 -64.68 52.08 40.20
N ARG A 140 -64.59 52.23 41.52
CA ARG A 140 -63.93 53.40 42.08
C ARG A 140 -62.44 53.43 41.70
N LEU A 141 -61.79 52.26 41.70
CA LEU A 141 -60.37 52.20 41.40
C LEU A 141 -60.05 52.70 39.99
N ASP A 142 -61.03 52.68 39.08
CA ASP A 142 -60.78 53.12 37.72
C ASP A 142 -60.87 54.64 37.58
N VAL A 143 -61.94 55.23 38.09
CA VAL A 143 -62.19 56.65 37.94
C VAL A 143 -61.54 57.42 39.09
N VAL A 144 -61.22 58.68 38.82
CA VAL A 144 -60.63 59.59 39.81
C VAL A 144 -61.27 60.96 39.61
N GLN A 145 -61.57 61.64 40.73
CA GLN A 145 -62.18 62.95 40.66
C GLN A 145 -61.24 63.93 39.97
N ILE A 146 -61.77 64.70 39.02
CA ILE A 146 -60.98 65.65 38.26
C ILE A 146 -60.55 66.81 39.14
N LYS A 159 -68.63 66.21 40.93
CA LYS A 159 -69.48 65.30 40.19
C LYS A 159 -68.92 64.98 38.80
N GLU A 160 -67.66 65.34 38.57
CA GLU A 160 -66.98 65.09 37.30
C GLU A 160 -65.74 64.25 37.58
N TYR A 161 -65.62 63.12 36.89
CA TYR A 161 -64.53 62.18 37.07
C TYR A 161 -63.86 61.90 35.74
N ARG A 162 -62.60 61.48 35.80
CA ARG A 162 -61.83 61.07 34.63
C ARG A 162 -61.18 59.74 34.89
N LEU A 163 -60.97 58.96 33.84
CA LEU A 163 -60.29 57.68 33.99
C LEU A 163 -58.85 57.90 34.41
N ILE A 164 -58.35 57.01 35.28
CA ILE A 164 -57.02 57.19 35.86
C ILE A 164 -55.94 57.16 34.79
N ASN A 165 -56.18 56.46 33.68
CA ASN A 165 -55.19 56.33 32.62
C ASN A 165 -55.06 57.57 31.75
N CYS A 166 -56.02 58.50 31.80
CA CYS A 166 -56.05 59.59 30.85
C CYS A 166 -54.80 60.48 30.97
N ASN A 167 -54.37 60.75 32.19
CA ASN A 167 -53.20 61.60 32.43
C ASN A 167 -51.89 60.83 32.42
N THR A 168 -51.92 59.54 32.10
CA THR A 168 -50.72 58.73 31.96
C THR A 168 -50.53 58.21 30.54
N SER A 169 -51.52 57.53 29.98
CA SER A 169 -51.44 57.02 28.62
C SER A 169 -52.78 56.42 28.23
N ALA A 170 -53.04 56.41 26.93
CA ALA A 170 -54.27 55.83 26.41
C ALA A 170 -54.25 54.31 26.56
N CYS A 171 -55.43 53.74 26.79
CA CYS A 171 -55.60 52.31 26.98
C CYS A 171 -56.10 51.66 25.70
N THR A 172 -55.67 50.41 25.50
CA THR A 172 -56.11 49.59 24.36
C THR A 172 -57.01 48.50 24.91
N GLN A 173 -58.29 48.53 24.51
CA GLN A 173 -59.24 47.54 24.98
C GLN A 173 -58.84 46.15 24.51
N ALA A 174 -58.66 45.23 25.45
CA ALA A 174 -58.35 43.85 25.09
C ALA A 174 -59.48 43.27 24.26
N CYS A 175 -59.11 42.61 23.16
CA CYS A 175 -60.12 42.06 22.27
C CYS A 175 -60.89 40.94 22.97
N PRO A 176 -62.18 40.76 22.69
CA PRO A 176 -62.95 39.74 23.42
C PRO A 176 -62.61 38.32 23.00
N LYS A 177 -62.27 38.10 21.73
CA LYS A 177 -62.03 36.74 21.26
C LYS A 177 -60.83 36.11 21.94
N VAL A 178 -59.75 36.87 22.15
CA VAL A 178 -58.54 36.32 22.74
C VAL A 178 -58.77 36.10 24.23
N SER A 179 -58.36 34.92 24.71
CA SER A 179 -58.54 34.53 26.10
C SER A 179 -57.24 34.70 26.86
N PHE A 180 -57.35 35.10 28.13
CA PHE A 180 -56.19 35.28 29.00
C PHE A 180 -55.81 34.00 29.74
N GLU A 181 -56.49 32.89 29.48
CA GLU A 181 -56.17 31.65 30.18
C GLU A 181 -54.75 31.20 29.83
N PRO A 182 -53.97 30.71 30.79
CA PRO A 182 -52.64 30.22 30.46
C PRO A 182 -52.67 28.77 29.96
N ILE A 183 -51.75 28.46 29.07
CA ILE A 183 -51.60 27.12 28.52
C ILE A 183 -50.13 26.72 28.60
N PRO A 184 -49.80 25.43 28.64
CA PRO A 184 -48.38 25.04 28.70
C PRO A 184 -47.61 25.53 27.50
N ILE A 185 -46.37 25.98 27.74
CA ILE A 185 -45.45 26.41 26.69
C ILE A 185 -44.11 25.76 27.00
N HIS A 186 -43.84 24.63 26.37
CA HIS A 186 -42.58 23.92 26.61
C HIS A 186 -41.43 24.67 25.93
N TYR A 187 -40.31 24.76 26.63
CA TYR A 187 -39.14 25.52 26.20
C TYR A 187 -38.05 24.53 25.77
N CYS A 188 -37.96 24.31 24.46
CA CYS A 188 -36.89 23.48 23.92
C CYS A 188 -35.63 24.32 23.69
N ALA A 189 -34.56 23.67 23.29
CA ALA A 189 -33.28 24.29 23.02
C ALA A 189 -32.91 24.08 21.56
N PRO A 190 -32.07 24.94 20.97
CA PRO A 190 -31.69 24.76 19.57
C PRO A 190 -30.68 23.63 19.43
N ALA A 191 -30.29 23.37 18.18
CA ALA A 191 -29.29 22.36 17.91
C ALA A 191 -27.94 22.77 18.49
N GLY A 192 -27.21 21.79 19.03
CA GLY A 192 -25.93 22.04 19.66
C GLY A 192 -26.02 22.45 21.11
N PHE A 193 -27.22 22.62 21.66
CA PHE A 193 -27.42 22.96 23.06
C PHE A 193 -28.24 21.87 23.73
N ALA A 194 -28.17 21.82 25.05
CA ALA A 194 -28.87 20.82 25.84
C ALA A 194 -29.50 21.47 27.05
N ILE A 195 -30.58 20.86 27.54
CA ILE A 195 -31.28 21.30 28.74
C ILE A 195 -31.10 20.20 29.78
N LEU A 196 -30.50 20.57 30.92
CA LEU A 196 -30.25 19.65 32.02
C LEU A 196 -31.28 19.90 33.12
N LYS A 197 -31.98 18.84 33.50
CA LYS A 197 -32.98 18.86 34.55
C LYS A 197 -32.45 18.13 35.78
N CYS A 198 -32.55 18.78 36.93
CA CYS A 198 -32.08 18.20 38.19
C CYS A 198 -33.24 17.47 38.85
N LYS A 199 -33.18 16.14 38.85
CA LYS A 199 -34.21 15.32 39.47
C LYS A 199 -33.98 15.11 40.97
N ASP A 200 -32.88 15.63 41.52
CA ASP A 200 -32.57 15.40 42.93
C ASP A 200 -33.63 16.04 43.82
N LYS A 201 -34.44 15.21 44.46
CA LYS A 201 -35.43 15.71 45.40
C LYS A 201 -34.74 16.35 46.60
N LYS A 202 -35.40 17.36 47.17
CA LYS A 202 -34.84 18.16 48.26
C LYS A 202 -33.65 18.98 47.76
N PHE A 203 -33.77 19.50 46.53
CA PHE A 203 -32.74 20.32 45.90
C PHE A 203 -33.13 21.79 46.07
N ASN A 204 -32.26 22.57 46.71
CA ASN A 204 -32.58 23.92 47.14
C ASN A 204 -32.22 24.99 46.11
N GLY A 205 -32.19 24.63 44.83
CA GLY A 205 -31.98 25.59 43.75
C GLY A 205 -30.53 25.89 43.41
N THR A 206 -29.69 26.08 44.43
CA THR A 206 -28.28 26.41 44.25
C THR A 206 -27.42 25.32 44.87
N GLY A 207 -26.42 24.86 44.11
CA GLY A 207 -25.47 23.88 44.60
C GLY A 207 -25.24 22.76 43.62
N PRO A 208 -24.49 21.73 44.03
CA PRO A 208 -24.24 20.58 43.15
C PRO A 208 -25.39 19.57 43.21
N CYS A 209 -26.12 19.44 42.10
CA CYS A 209 -27.15 18.42 41.98
C CYS A 209 -26.53 17.15 41.41
N PRO A 210 -26.62 15.98 42.11
CA PRO A 210 -25.99 14.77 41.58
C PRO A 210 -26.90 13.96 40.66
N SER A 211 -28.21 14.18 40.75
CA SER A 211 -29.19 13.49 39.92
C SER A 211 -29.56 14.40 38.76
N VAL A 212 -29.07 14.08 37.56
CA VAL A 212 -29.19 14.94 36.40
C VAL A 212 -29.75 14.13 35.24
N SER A 213 -30.54 14.80 34.40
CA SER A 213 -31.04 14.21 33.17
C SER A 213 -30.99 15.27 32.08
N THR A 214 -31.03 14.81 30.83
CA THR A 214 -31.13 15.68 29.66
C THR A 214 -32.54 15.59 29.11
N VAL A 215 -33.19 16.74 28.96
CA VAL A 215 -34.57 16.82 28.49
C VAL A 215 -34.57 17.52 27.14
N GLN A 216 -35.26 16.93 26.16
CA GLN A 216 -35.38 17.57 24.86
C GLN A 216 -36.08 18.92 24.97
N CYS A 217 -37.12 18.98 25.81
CA CYS A 217 -37.86 20.22 26.03
C CYS A 217 -38.30 20.29 27.48
N THR A 218 -38.45 21.52 27.97
CA THR A 218 -38.90 21.74 29.34
C THR A 218 -40.34 21.24 29.49
N HIS A 219 -40.67 20.83 30.72
CA HIS A 219 -42.03 20.39 31.00
C HIS A 219 -43.01 21.54 30.78
N GLY A 220 -44.30 21.20 30.76
CA GLY A 220 -45.33 22.19 30.53
C GLY A 220 -45.40 23.24 31.64
N ILE A 221 -45.11 24.49 31.30
CA ILE A 221 -45.15 25.61 32.25
C ILE A 221 -46.33 26.49 31.89
N LYS A 222 -47.21 26.73 32.87
CA LYS A 222 -48.37 27.59 32.67
C LYS A 222 -47.98 29.03 32.98
N PRO A 223 -48.01 29.96 32.01
CA PRO A 223 -47.62 31.34 32.31
C PRO A 223 -48.68 32.08 33.12
N VAL A 224 -48.79 31.73 34.40
CA VAL A 224 -49.74 32.36 35.30
C VAL A 224 -49.07 33.54 35.98
N VAL A 225 -49.84 34.61 36.21
CA VAL A 225 -49.34 35.83 36.83
C VAL A 225 -50.08 36.02 38.15
N SER A 226 -49.33 36.15 39.24
CA SER A 226 -49.91 36.33 40.56
C SER A 226 -48.86 36.97 41.46
N THR A 227 -49.30 37.35 42.67
CA THR A 227 -48.43 38.00 43.64
C THR A 227 -48.73 37.48 45.04
N GLN A 228 -47.68 36.95 45.69
CA GLN A 228 -47.69 36.54 47.09
C GLN A 228 -48.46 35.25 47.36
N LEU A 229 -49.22 34.76 46.37
CA LEU A 229 -50.12 33.64 46.58
C LEU A 229 -50.08 32.71 45.36
N LEU A 230 -48.87 32.34 44.94
CA LEU A 230 -48.60 31.65 43.67
C LEU A 230 -49.63 30.57 43.35
N LEU A 231 -50.29 30.74 42.21
CA LEU A 231 -51.38 29.87 41.78
C LEU A 231 -50.78 28.66 41.05
N ASN A 232 -51.59 28.00 40.20
CA ASN A 232 -51.29 26.71 39.58
C ASN A 232 -49.82 26.54 39.19
N GLY A 233 -49.22 25.44 39.60
CA GLY A 233 -47.83 25.21 39.31
C GLY A 233 -47.41 23.81 39.71
N SER A 234 -46.09 23.61 39.78
CA SER A 234 -45.51 22.32 40.13
C SER A 234 -45.36 22.19 41.63
N LEU A 235 -45.81 21.08 42.18
CA LEU A 235 -45.73 20.82 43.61
C LEU A 235 -44.44 20.09 43.95
N ALA A 236 -43.89 20.40 45.13
CA ALA A 236 -42.76 19.67 45.64
C ALA A 236 -43.18 18.24 45.98
N GLU A 237 -42.32 17.28 45.65
CA GLU A 237 -42.62 15.87 45.85
C GLU A 237 -42.18 15.35 47.22
N GLU A 238 -41.49 16.16 48.03
CA GLU A 238 -40.92 15.71 49.29
C GLU A 238 -41.54 16.44 50.48
N GLU A 239 -41.49 17.76 50.51
CA GLU A 239 -42.06 18.56 51.59
C GLU A 239 -42.01 20.03 51.15
N VAL A 240 -42.41 20.91 52.05
CA VAL A 240 -42.35 22.34 51.77
C VAL A 240 -40.89 22.75 51.63
N MET A 241 -40.57 23.42 50.52
CA MET A 241 -39.20 23.80 50.20
C MET A 241 -39.05 25.31 50.31
N ILE A 242 -38.00 25.75 51.00
CA ILE A 242 -37.67 27.16 51.17
C ILE A 242 -36.39 27.44 50.40
N ARG A 243 -36.43 28.46 49.54
CA ARG A 243 -35.29 28.83 48.71
C ARG A 243 -35.04 30.33 48.83
N SER A 244 -33.77 30.72 48.79
CA SER A 244 -33.41 32.13 48.89
C SER A 244 -31.96 32.29 48.44
N GLU A 245 -31.69 33.37 47.71
CA GLU A 245 -30.32 33.65 47.28
C GLU A 245 -29.42 33.89 48.48
N ASN A 246 -29.90 34.65 49.47
CA ASN A 246 -29.16 34.95 50.69
C ASN A 246 -30.18 34.95 51.83
N ILE A 247 -30.36 33.79 52.46
CA ILE A 247 -31.32 33.69 53.56
C ILE A 247 -30.87 34.55 54.73
N THR A 248 -29.55 34.72 54.91
CA THR A 248 -29.06 35.62 55.95
C THR A 248 -29.50 37.05 55.69
N ASN A 249 -29.44 37.49 54.42
CA ASN A 249 -29.87 38.82 54.06
C ASN A 249 -31.39 38.89 54.02
N ASN A 250 -31.96 39.95 54.59
CA ASN A 250 -33.40 40.14 54.62
C ASN A 250 -33.95 40.84 53.38
N ALA A 251 -33.08 41.33 52.50
CA ALA A 251 -33.50 42.05 51.30
C ALA A 251 -33.78 41.13 50.12
N LYS A 252 -33.57 39.82 50.27
CA LYS A 252 -33.79 38.85 49.20
C LYS A 252 -35.07 38.10 49.45
N ASN A 253 -35.89 37.97 48.40
CA ASN A 253 -37.16 37.27 48.52
C ASN A 253 -36.94 35.80 48.83
N ILE A 254 -37.86 35.24 49.61
CA ILE A 254 -37.85 33.83 49.99
C ILE A 254 -38.99 33.14 49.26
N LEU A 255 -38.66 32.11 48.48
CA LEU A 255 -39.64 31.35 47.73
C LEU A 255 -40.02 30.09 48.50
N VAL A 256 -41.32 29.91 48.72
CA VAL A 256 -41.86 28.73 49.39
C VAL A 256 -42.61 27.91 48.34
N GLN A 257 -42.28 26.63 48.27
CA GLN A 257 -42.92 25.68 47.36
C GLN A 257 -43.60 24.61 48.20
N PHE A 258 -44.93 24.58 48.17
CA PHE A 258 -45.68 23.63 48.96
C PHE A 258 -45.60 22.23 48.35
N ASN A 259 -45.80 21.22 49.21
CA ASN A 259 -45.84 19.83 48.77
C ASN A 259 -47.22 19.38 48.34
N THR A 260 -48.27 20.06 48.81
CA THR A 260 -49.65 19.75 48.44
C THR A 260 -50.34 21.04 47.99
N PRO A 261 -51.37 20.93 47.14
CA PRO A 261 -52.06 22.14 46.69
C PRO A 261 -53.16 22.54 47.67
N VAL A 262 -53.15 23.81 48.07
CA VAL A 262 -54.22 24.34 48.91
C VAL A 262 -55.29 24.90 47.98
N GLN A 263 -56.45 24.24 47.93
CA GLN A 263 -57.49 24.65 46.99
C GLN A 263 -58.11 25.96 47.45
N ILE A 264 -58.21 26.91 46.51
CA ILE A 264 -58.82 28.21 46.78
C ILE A 264 -59.90 28.45 45.73
N ASN A 265 -61.10 28.80 46.17
CA ASN A 265 -62.17 29.22 45.29
C ASN A 265 -62.26 30.73 45.28
N CYS A 266 -62.75 31.28 44.18
CA CYS A 266 -62.95 32.72 44.05
C CYS A 266 -64.20 32.96 43.22
N THR A 267 -64.97 33.97 43.58
CA THR A 267 -66.26 34.19 42.94
C THR A 267 -66.58 35.67 42.89
N ARG A 268 -67.11 36.10 41.74
CA ARG A 268 -67.71 37.42 41.57
C ARG A 268 -69.22 37.25 41.53
N PRO A 269 -69.92 37.38 42.66
CA PRO A 269 -71.36 37.06 42.67
C PRO A 269 -72.19 37.93 41.74
N ASN A 270 -71.73 39.15 41.44
CA ASN A 270 -72.51 40.03 40.58
C ASN A 270 -72.66 39.44 39.19
N ASN A 271 -73.89 39.47 38.68
CA ASN A 271 -74.22 38.99 37.34
C ASN A 271 -74.20 40.19 36.41
N ASN A 272 -73.01 40.54 35.93
CA ASN A 272 -72.84 41.73 35.11
C ASN A 272 -73.38 41.49 33.70
N THR A 273 -73.57 42.60 32.97
CA THR A 273 -74.06 42.58 31.60
C THR A 273 -73.12 43.38 30.73
N ARG A 274 -72.95 42.94 29.48
CA ARG A 274 -72.06 43.58 28.52
C ARG A 274 -72.90 44.34 27.51
N LYS A 275 -72.64 45.64 27.38
CA LYS A 275 -73.31 46.49 26.41
C LYS A 275 -72.27 47.02 25.43
N SER A 276 -72.51 46.80 24.15
CA SER A 276 -71.57 47.20 23.10
C SER A 276 -71.93 48.61 22.62
N ILE A 277 -71.01 49.55 22.81
CA ILE A 277 -71.17 50.93 22.37
C ILE A 277 -70.22 51.14 21.20
N ARG A 278 -70.78 51.45 20.03
CA ARG A 278 -69.97 51.68 18.83
C ARG A 278 -69.44 53.11 18.87
N ILE A 279 -68.11 53.24 18.93
CA ILE A 279 -67.44 54.52 19.09
C ILE A 279 -66.79 54.98 17.78
N GLY A 280 -66.94 54.22 16.70
CA GLY A 280 -66.34 54.57 15.44
C GLY A 280 -66.48 53.45 14.43
N PRO A 281 -65.90 53.62 13.24
CA PRO A 281 -65.97 52.55 12.24
C PRO A 281 -65.27 51.28 12.69
N GLY A 282 -66.03 50.23 12.94
CA GLY A 282 -65.50 48.94 13.37
C GLY A 282 -65.19 48.81 14.85
N GLN A 283 -64.78 49.91 15.48
CA GLN A 283 -64.38 49.86 16.88
C GLN A 283 -65.61 49.72 17.78
N ALA A 284 -65.36 49.20 18.99
CA ALA A 284 -66.43 48.95 19.95
C ALA A 284 -65.92 49.24 21.36
N PHE A 285 -66.87 49.53 22.25
CA PHE A 285 -66.59 49.83 23.66
C PHE A 285 -67.50 48.96 24.54
N TYR A 286 -67.39 47.64 24.35
CA TYR A 286 -68.09 46.70 25.21
C TYR A 286 -67.87 47.08 26.67
N ALA A 287 -68.95 47.47 27.34
CA ALA A 287 -68.87 48.06 28.67
C ALA A 287 -69.96 47.50 29.56
N THR A 288 -69.86 47.78 30.85
CA THR A 288 -70.81 47.26 31.82
C THR A 288 -72.19 47.86 31.61
N GLY A 289 -73.22 47.02 31.75
CA GLY A 289 -74.59 47.46 31.64
C GLY A 289 -75.34 47.28 32.96
N ASP A 290 -76.27 46.33 32.98
CA ASP A 290 -77.06 46.05 34.18
C ASP A 290 -76.32 45.10 35.11
N ILE A 291 -76.66 45.19 36.39
CA ILE A 291 -76.10 44.35 37.44
C ILE A 291 -77.24 43.55 38.05
N ILE A 292 -78.18 43.13 37.19
CA ILE A 292 -79.41 42.45 37.61
C ILE A 292 -79.09 41.39 38.67
N GLY A 293 -79.88 41.38 39.74
CA GLY A 293 -79.60 40.59 40.92
C GLY A 293 -79.35 41.49 42.12
N ASP A 294 -78.35 41.16 42.93
CA ASP A 294 -77.95 41.97 44.07
C ASP A 294 -76.46 42.24 44.00
N ILE A 295 -76.07 43.50 44.16
CA ILE A 295 -74.66 43.85 44.15
C ILE A 295 -74.00 43.26 45.39
N ARG A 296 -72.91 42.54 45.19
CA ARG A 296 -72.18 41.91 46.28
C ARG A 296 -70.70 41.94 45.96
N GLN A 297 -69.89 41.86 47.02
CA GLN A 297 -68.44 41.92 46.87
C GLN A 297 -67.89 40.58 46.43
N ALA A 298 -66.93 40.61 45.50
CA ALA A 298 -66.24 39.40 45.10
C ALA A 298 -65.42 38.87 46.26
N HIS A 299 -65.40 37.55 46.41
CA HIS A 299 -64.78 36.94 47.58
C HIS A 299 -64.06 35.66 47.20
N CYS A 300 -63.00 35.36 47.95
CA CYS A 300 -62.20 34.15 47.77
C CYS A 300 -62.19 33.34 49.05
N ASN A 301 -62.54 32.07 48.94
CA ASN A 301 -62.61 31.14 50.06
C ASN A 301 -61.41 30.19 50.02
N VAL A 302 -60.79 30.00 51.19
CA VAL A 302 -59.69 29.04 51.34
C VAL A 302 -59.95 28.21 52.59
N SER A 303 -59.78 26.90 52.46
CA SER A 303 -60.05 25.99 53.58
C SER A 303 -59.20 26.35 54.79
N LYS A 304 -59.84 26.41 55.96
CA LYS A 304 -59.13 26.79 57.17
C LYS A 304 -58.22 25.66 57.65
N ALA A 305 -58.72 24.42 57.66
CA ALA A 305 -57.91 23.30 58.13
C ALA A 305 -56.71 23.07 57.22
N THR A 306 -56.93 23.07 55.90
CA THR A 306 -55.84 22.87 54.96
C THR A 306 -54.81 24.00 55.07
N TRP A 307 -55.30 25.24 55.19
CA TRP A 307 -54.39 26.37 55.33
C TRP A 307 -53.57 26.25 56.61
N ASN A 308 -54.19 25.84 57.71
CA ASN A 308 -53.47 25.69 58.96
C ASN A 308 -52.42 24.58 58.86
N GLU A 309 -52.77 23.47 58.21
CA GLU A 309 -51.80 22.38 58.04
C GLU A 309 -50.63 22.83 57.19
N THR A 310 -50.90 23.55 56.10
CA THR A 310 -49.81 24.06 55.26
C THR A 310 -48.95 25.06 56.03
N LEU A 311 -49.58 25.90 56.84
CA LEU A 311 -48.83 26.85 57.67
C LEU A 311 -47.92 26.11 58.64
N GLY A 312 -48.43 25.06 59.27
CA GLY A 312 -47.60 24.26 60.16
C GLY A 312 -46.42 23.64 59.44
N LYS A 313 -46.66 23.11 58.22
CA LYS A 313 -45.57 22.51 57.47
C LYS A 313 -44.50 23.55 57.12
N VAL A 314 -44.92 24.71 56.64
CA VAL A 314 -43.94 25.70 56.20
C VAL A 314 -43.17 26.26 57.40
N VAL A 315 -43.84 26.48 58.53
CA VAL A 315 -43.13 26.99 59.69
C VAL A 315 -42.17 25.94 60.24
N LYS A 316 -42.57 24.66 60.22
CA LYS A 316 -41.66 23.60 60.62
C LYS A 316 -40.41 23.59 59.74
N GLN A 317 -40.60 23.73 58.43
CA GLN A 317 -39.44 23.76 57.54
C GLN A 317 -38.60 25.01 57.75
N LEU A 318 -39.25 26.15 58.02
CA LEU A 318 -38.53 27.41 58.21
C LEU A 318 -37.70 27.39 59.49
N ARG A 319 -38.17 26.67 60.51
CA ARG A 319 -37.41 26.57 61.75
C ARG A 319 -36.04 25.93 61.56
N LYS A 320 -35.85 25.18 60.46
CA LYS A 320 -34.55 24.57 60.20
C LYS A 320 -33.48 25.63 60.01
N HIS A 321 -33.79 26.68 59.25
CA HIS A 321 -32.81 27.71 58.91
C HIS A 321 -32.80 28.88 59.88
N PHE A 322 -33.81 29.01 60.75
CA PHE A 322 -33.94 30.14 61.66
C PHE A 322 -34.01 29.69 63.11
N GLY A 323 -33.38 28.57 63.44
CA GLY A 323 -33.33 28.09 64.79
C GLY A 323 -34.58 27.33 65.20
N ASN A 324 -34.43 26.50 66.23
CA ASN A 324 -35.51 25.65 66.73
C ASN A 324 -36.31 26.30 67.85
N ASN A 325 -35.95 27.50 68.29
CA ASN A 325 -36.62 28.18 69.39
C ASN A 325 -36.84 29.65 69.07
N THR A 326 -37.29 29.94 67.84
CA THR A 326 -37.52 31.29 67.38
C THR A 326 -38.99 31.51 67.09
N ILE A 327 -39.44 32.74 67.33
CA ILE A 327 -40.83 33.11 67.06
C ILE A 327 -40.98 33.39 65.58
N ILE A 328 -41.98 32.77 64.95
CA ILE A 328 -42.28 32.99 63.54
C ILE A 328 -43.61 33.74 63.47
N ARG A 329 -43.56 34.99 63.01
CA ARG A 329 -44.71 35.87 62.96
C ARG A 329 -45.06 36.14 61.50
N PHE A 330 -46.19 35.61 61.04
CA PHE A 330 -46.70 35.88 59.70
C PHE A 330 -47.66 37.06 59.81
N ALA A 331 -47.30 38.18 59.18
CA ALA A 331 -48.01 39.44 59.30
C ALA A 331 -48.45 39.93 57.91
N ASN A 332 -49.17 41.04 57.90
CA ASN A 332 -49.74 41.57 56.67
C ASN A 332 -48.63 42.05 55.74
N SER A 333 -49.03 42.44 54.52
CA SER A 333 -48.08 43.00 53.57
C SER A 333 -47.62 44.37 54.03
N SER A 334 -46.42 44.74 53.59
CA SER A 334 -45.85 46.03 53.97
C SER A 334 -46.70 47.18 53.43
N GLY A 335 -46.80 47.29 52.12
CA GLY A 335 -47.58 48.34 51.50
C GLY A 335 -47.03 48.65 50.12
N GLY A 336 -47.52 49.77 49.57
CA GLY A 336 -47.11 50.24 48.25
C GLY A 336 -48.30 50.29 47.31
N ASP A 337 -48.05 49.98 46.03
CA ASP A 337 -49.10 49.96 45.04
C ASP A 337 -50.04 48.78 45.30
N LEU A 338 -51.26 48.89 44.76
CA LEU A 338 -52.29 47.89 45.01
C LEU A 338 -51.87 46.52 44.49
N GLU A 339 -51.24 46.47 43.31
CA GLU A 339 -50.83 45.20 42.74
C GLU A 339 -49.82 44.49 43.63
N VAL A 340 -48.83 45.22 44.14
CA VAL A 340 -47.83 44.60 45.00
C VAL A 340 -48.34 44.47 46.43
N THR A 341 -49.16 45.41 46.89
CA THR A 341 -49.65 45.36 48.27
C THR A 341 -50.57 44.17 48.50
N THR A 342 -51.45 43.87 47.54
CA THR A 342 -52.44 42.82 47.67
C THR A 342 -52.17 41.72 46.65
N HIS A 343 -52.95 40.64 46.74
CA HIS A 343 -52.78 39.48 45.87
C HIS A 343 -53.58 39.71 44.60
N SER A 344 -52.90 40.04 43.51
CA SER A 344 -53.55 40.30 42.22
C SER A 344 -53.44 39.08 41.35
N PHE A 345 -54.58 38.65 40.78
CA PHE A 345 -54.59 37.50 39.89
C PHE A 345 -55.75 37.63 38.92
N ASN A 346 -55.57 37.13 37.70
CA ASN A 346 -56.57 37.21 36.66
C ASN A 346 -57.19 35.84 36.43
N CYS A 347 -58.52 35.82 36.30
CA CYS A 347 -59.24 34.60 35.96
C CYS A 347 -60.58 34.98 35.37
N GLY A 348 -61.06 34.14 34.44
CA GLY A 348 -62.35 34.36 33.82
C GLY A 348 -62.49 35.69 33.15
N GLY A 349 -61.41 36.30 32.70
CA GLY A 349 -61.44 37.60 32.07
C GLY A 349 -61.49 38.78 33.01
N GLU A 350 -61.42 38.55 34.33
CA GLU A 350 -61.45 39.62 35.32
C GLU A 350 -60.23 39.52 36.21
N PHE A 351 -59.69 40.68 36.59
CA PHE A 351 -58.45 40.79 37.37
C PHE A 351 -58.82 41.14 38.81
N PHE A 352 -58.88 40.12 39.67
CA PHE A 352 -59.18 40.33 41.07
C PHE A 352 -57.94 40.80 41.81
N TYR A 353 -58.16 41.66 42.81
CA TYR A 353 -57.12 42.08 43.75
C TYR A 353 -57.66 41.80 45.14
N CYS A 354 -57.15 40.75 45.77
CA CYS A 354 -57.67 40.24 47.03
C CYS A 354 -56.78 40.64 48.19
N ASN A 355 -57.42 41.05 49.29
CA ASN A 355 -56.73 41.51 50.49
C ASN A 355 -56.28 40.29 51.29
N THR A 356 -54.98 40.02 51.29
CA THR A 356 -54.41 38.88 52.01
C THR A 356 -54.04 39.31 53.42
N SER A 357 -55.07 39.51 54.24
CA SER A 357 -54.92 39.90 55.63
C SER A 357 -55.50 38.88 56.62
N GLY A 358 -56.51 38.12 56.21
CA GLY A 358 -57.08 37.09 57.05
C GLY A 358 -56.29 35.80 57.09
N LEU A 359 -55.24 35.68 56.28
CA LEU A 359 -54.39 34.50 56.24
C LEU A 359 -53.04 34.73 56.91
N PHE A 360 -52.38 35.84 56.57
CA PHE A 360 -51.03 36.12 57.08
C PHE A 360 -51.10 36.94 58.36
N ASN A 361 -51.80 36.39 59.36
CA ASN A 361 -51.82 36.96 60.72
C ASN A 361 -51.78 35.78 61.69
N SER A 362 -50.57 35.38 62.07
CA SER A 362 -50.43 34.25 63.00
C SER A 362 -49.05 34.30 63.63
N THR A 363 -48.94 33.63 64.77
CA THR A 363 -47.70 33.51 65.52
C THR A 363 -47.44 32.05 65.84
N TRP A 364 -46.18 31.62 65.70
CA TRP A 364 -45.76 30.26 66.01
C TRP A 364 -44.57 30.32 66.96
N ILE A 365 -44.65 29.55 68.04
CA ILE A 365 -43.63 29.50 69.08
C ILE A 365 -43.26 28.04 69.31
N SER A 366 -41.97 27.79 69.52
CA SER A 366 -41.51 26.43 69.77
C SER A 366 -42.13 25.90 71.06
N ASN A 367 -42.54 24.63 71.02
CA ASN A 367 -43.17 24.00 72.17
C ASN A 367 -42.87 22.51 72.19
N SER A 378 -62.95 22.78 61.37
CA SER A 378 -63.94 21.76 61.06
C SER A 378 -64.44 21.90 59.62
N ASN A 379 -65.27 22.92 59.39
CA ASN A 379 -65.83 23.19 58.07
C ASN A 379 -65.72 24.64 57.64
N ASP A 380 -65.57 25.59 58.57
CA ASP A 380 -65.47 26.99 58.20
C ASP A 380 -64.22 27.23 57.37
N SER A 381 -64.34 28.16 56.42
CA SER A 381 -63.24 28.52 55.53
C SER A 381 -63.03 30.02 55.57
N ILE A 382 -61.77 30.43 55.48
CA ILE A 382 -61.44 31.85 55.55
C ILE A 382 -61.85 32.52 54.25
N THR A 383 -62.57 33.63 54.36
CA THR A 383 -63.06 34.39 53.22
C THR A 383 -62.36 35.74 53.16
N LEU A 384 -61.79 36.05 51.99
CA LEU A 384 -61.09 37.31 51.74
C LEU A 384 -61.85 38.14 50.72
N PRO A 385 -61.95 39.45 50.89
CA PRO A 385 -62.61 40.28 49.87
C PRO A 385 -61.65 40.61 48.74
N CYS A 386 -62.23 40.89 47.57
CA CYS A 386 -61.46 41.21 46.38
C CYS A 386 -62.13 42.34 45.61
N ARG A 387 -61.30 43.23 45.06
CA ARG A 387 -61.74 44.33 44.24
C ARG A 387 -61.38 44.06 42.79
N ILE A 388 -62.32 44.34 41.88
CA ILE A 388 -62.14 44.09 40.46
C ILE A 388 -61.81 45.42 39.78
N LYS A 389 -60.67 45.46 39.11
CA LYS A 389 -60.24 46.61 38.33
C LYS A 389 -60.45 46.34 36.84
N GLN A 390 -60.57 47.42 36.08
CA GLN A 390 -60.64 47.36 34.62
C GLN A 390 -59.42 47.95 33.94
N ILE A 391 -58.89 49.05 34.48
CA ILE A 391 -57.62 49.60 33.99
C ILE A 391 -56.50 48.83 34.67
N ILE A 392 -55.67 48.15 33.86
CA ILE A 392 -54.68 47.21 34.37
C ILE A 392 -53.32 47.61 33.81
N ASN A 393 -52.41 48.02 34.70
CA ASN A 393 -50.98 48.07 34.39
C ASN A 393 -50.32 46.83 34.98
N MET A 394 -50.57 45.70 34.32
CA MET A 394 -50.15 44.40 34.85
C MET A 394 -48.63 44.36 35.04
N TRP A 395 -47.89 44.57 33.96
CA TRP A 395 -46.43 44.63 34.06
C TRP A 395 -46.01 45.96 34.66
N GLN A 396 -44.85 45.96 35.31
CA GLN A 396 -44.35 47.15 35.97
C GLN A 396 -43.85 48.16 34.95
N ARG A 397 -44.77 48.70 34.16
CA ARG A 397 -44.46 49.68 33.11
C ARG A 397 -45.46 50.81 33.17
N ILE A 398 -44.98 52.04 32.95
CA ILE A 398 -45.81 53.24 32.96
C ILE A 398 -45.91 53.73 31.52
N GLY A 399 -47.14 53.90 31.05
CA GLY A 399 -47.41 54.34 29.68
C GLY A 399 -48.11 53.31 28.82
N GLN A 400 -48.39 52.12 29.34
CA GLN A 400 -49.08 51.06 28.57
C GLN A 400 -50.09 50.40 29.51
N CYS A 401 -51.32 50.91 29.49
CA CYS A 401 -52.40 50.40 30.31
C CYS A 401 -53.28 49.47 29.46
N MET A 402 -54.39 49.02 30.03
CA MET A 402 -55.28 48.07 29.37
C MET A 402 -56.71 48.35 29.81
N TYR A 403 -57.65 47.58 29.24
CA TYR A 403 -59.05 47.67 29.63
C TYR A 403 -59.69 46.32 29.37
N ALA A 404 -59.96 45.57 30.44
CA ALA A 404 -60.60 44.27 30.31
C ALA A 404 -62.10 44.46 30.14
N PRO A 405 -62.71 44.03 29.02
CA PRO A 405 -64.15 44.16 28.89
C PRO A 405 -64.88 43.29 29.90
N PRO A 406 -66.07 43.68 30.34
CA PRO A 406 -66.81 42.85 31.30
C PRO A 406 -67.23 41.53 30.67
N ILE A 407 -67.30 40.50 31.51
CA ILE A 407 -67.68 39.16 31.09
C ILE A 407 -69.07 38.88 31.63
N GLN A 408 -70.01 38.58 30.73
CA GLN A 408 -71.39 38.32 31.13
C GLN A 408 -71.47 37.06 31.98
N GLY A 409 -72.38 37.08 32.95
CA GLY A 409 -72.60 35.93 33.82
C GLY A 409 -71.93 36.06 35.16
N VAL A 410 -71.61 34.91 35.77
CA VAL A 410 -70.97 34.84 37.08
C VAL A 410 -69.61 34.16 36.91
N ILE A 411 -68.57 34.81 37.40
CA ILE A 411 -67.21 34.29 37.29
C ILE A 411 -66.90 33.49 38.54
N ARG A 412 -66.56 32.21 38.36
CA ARG A 412 -66.14 31.32 39.43
C ARG A 412 -64.83 30.66 39.00
N CYS A 413 -63.86 30.67 39.92
CA CYS A 413 -62.53 30.15 39.66
C CYS A 413 -62.12 29.21 40.79
N VAL A 414 -61.44 28.13 40.45
CA VAL A 414 -60.84 27.21 41.40
C VAL A 414 -59.37 27.11 41.05
N SER A 415 -58.50 27.28 42.05
CA SER A 415 -57.06 27.34 41.81
C SER A 415 -56.33 26.61 42.93
N ASN A 416 -55.08 26.27 42.65
CA ASN A 416 -54.21 25.54 43.57
C ASN A 416 -53.13 26.50 44.07
N ILE A 417 -53.25 26.95 45.32
CA ILE A 417 -52.17 27.69 45.94
C ILE A 417 -51.03 26.71 46.20
N THR A 418 -49.86 27.00 45.60
CA THR A 418 -48.73 26.08 45.58
C THR A 418 -47.43 26.83 45.83
N GLY A 419 -47.44 27.75 46.79
CA GLY A 419 -46.23 28.46 47.17
C GLY A 419 -46.47 29.92 47.56
N LEU A 420 -45.42 30.57 48.06
CA LEU A 420 -45.52 31.95 48.50
C LEU A 420 -44.20 32.67 48.24
N ILE A 421 -44.27 33.99 48.23
CA ILE A 421 -43.09 34.86 48.17
C ILE A 421 -43.09 35.66 49.47
N LEU A 422 -42.24 35.27 50.41
CA LEU A 422 -42.17 35.92 51.72
C LEU A 422 -40.93 36.79 51.81
N THR A 423 -40.99 37.81 52.66
CA THR A 423 -39.89 38.72 52.91
C THR A 423 -39.72 38.90 54.40
N ARG A 424 -38.48 38.84 54.87
CA ARG A 424 -38.18 39.02 56.28
C ARG A 424 -38.05 40.50 56.59
N ASP A 425 -38.82 40.98 57.57
CA ASP A 425 -38.77 42.38 57.97
C ASP A 425 -37.52 42.57 58.82
N GLY A 426 -36.45 43.02 58.17
CA GLY A 426 -35.18 43.20 58.86
C GLY A 426 -35.15 44.46 59.69
N GLY A 427 -34.00 44.66 60.34
CA GLY A 427 -33.81 45.78 61.26
C GLY A 427 -33.36 45.32 62.62
N SER A 428 -34.20 45.52 63.63
CA SER A 428 -33.91 45.14 65.01
C SER A 428 -34.31 43.69 65.31
N THR A 429 -34.34 42.82 64.30
CA THR A 429 -34.72 41.42 64.47
C THR A 429 -33.56 40.54 64.93
N ASN A 430 -32.48 41.14 65.44
CA ASN A 430 -31.38 40.33 65.97
C ASN A 430 -31.82 39.47 67.15
N SER A 431 -32.89 39.85 67.84
CA SER A 431 -33.42 39.03 68.92
C SER A 431 -34.10 37.79 68.35
N THR A 432 -34.69 36.99 69.25
CA THR A 432 -35.35 35.77 68.82
C THR A 432 -36.53 36.03 67.89
N THR A 433 -37.10 37.22 67.92
CA THR A 433 -38.26 37.52 67.09
C THR A 433 -37.88 37.51 65.62
N GLU A 434 -38.66 36.79 64.80
CA GLU A 434 -38.47 36.74 63.36
C GLU A 434 -39.85 36.78 62.71
N THR A 435 -40.04 37.74 61.81
CA THR A 435 -41.33 37.95 61.15
C THR A 435 -41.15 37.91 59.64
N PHE A 436 -42.11 37.27 58.97
CA PHE A 436 -42.17 37.21 57.52
C PHE A 436 -43.49 37.79 57.05
N ARG A 437 -43.46 38.52 55.94
CA ARG A 437 -44.65 39.14 55.37
C ARG A 437 -44.72 38.84 53.88
N PRO A 438 -45.92 38.78 53.30
CA PRO A 438 -46.01 38.49 51.86
C PRO A 438 -45.36 39.59 51.03
N GLY A 439 -44.73 39.17 49.93
CA GLY A 439 -44.05 40.10 49.05
C GLY A 439 -44.42 39.85 47.61
N GLY A 440 -44.57 40.95 46.87
CA GLY A 440 -45.00 40.90 45.48
C GLY A 440 -44.08 41.64 44.54
N GLY A 441 -44.48 41.79 43.29
CA GLY A 441 -43.67 42.43 42.28
C GLY A 441 -42.54 41.53 41.81
N ASP A 442 -41.88 41.96 40.74
CA ASP A 442 -40.77 41.21 40.15
C ASP A 442 -41.23 39.81 39.74
N MET A 443 -42.12 39.80 38.74
CA MET A 443 -42.78 38.57 38.30
C MET A 443 -41.82 37.47 37.89
N ARG A 444 -40.53 37.76 37.72
CA ARG A 444 -39.54 36.71 37.46
C ARG A 444 -39.61 35.61 38.51
N ASP A 445 -39.89 36.00 39.76
CA ASP A 445 -40.02 35.01 40.83
C ASP A 445 -41.10 33.98 40.51
N ASN A 446 -42.23 34.44 39.96
CA ASN A 446 -43.28 33.50 39.57
C ASN A 446 -42.77 32.49 38.55
N TRP A 447 -41.87 32.92 37.67
CA TRP A 447 -41.26 31.97 36.73
C TRP A 447 -40.19 31.12 37.40
N ARG A 448 -39.55 31.65 38.44
CA ARG A 448 -38.47 30.90 39.09
C ARG A 448 -38.99 29.71 39.89
N SER A 449 -40.29 29.68 40.21
CA SER A 449 -40.86 28.54 40.92
C SER A 449 -41.10 27.34 40.02
N GLU A 450 -41.00 27.50 38.69
CA GLU A 450 -41.22 26.41 37.75
C GLU A 450 -40.01 26.12 36.87
N LEU A 451 -39.08 27.07 36.72
CA LEU A 451 -37.89 26.90 35.89
C LEU A 451 -36.65 26.76 36.77
N TYR A 452 -36.80 26.17 37.96
CA TYR A 452 -35.72 26.11 38.92
C TYR A 452 -34.77 24.94 38.66
N LYS A 453 -35.30 23.80 38.22
CA LYS A 453 -34.50 22.59 38.04
C LYS A 453 -33.86 22.51 36.67
N TYR A 454 -34.12 23.45 35.76
CA TYR A 454 -33.65 23.40 34.39
C TYR A 454 -32.52 24.39 34.17
N LYS A 455 -31.47 23.94 33.49
CA LYS A 455 -30.37 24.80 33.08
C LYS A 455 -30.03 24.50 31.63
N VAL A 456 -29.37 25.44 30.98
CA VAL A 456 -29.01 25.34 29.56
C VAL A 456 -27.50 25.26 29.45
N VAL A 457 -27.02 24.31 28.64
CA VAL A 457 -25.59 24.10 28.44
C VAL A 457 -25.31 23.99 26.94
N LYS A 458 -24.07 24.27 26.58
CA LYS A 458 -23.59 24.26 25.20
C LYS A 458 -22.56 23.15 25.05
N ILE A 459 -22.73 22.32 24.04
CA ILE A 459 -21.85 21.16 23.85
C ILE A 459 -20.55 21.60 23.20
N GLU A 460 -19.47 20.89 23.52
CA GLU A 460 -18.14 21.13 22.98
C GLU A 460 -17.61 19.82 22.41
N PRO A 461 -18.02 19.46 21.18
CA PRO A 461 -17.69 18.10 20.68
C PRO A 461 -16.19 17.83 20.53
N LEU A 462 -15.35 18.85 20.44
CA LEU A 462 -13.92 18.63 20.27
C LEU A 462 -13.27 18.21 21.57
N GLY A 463 -12.33 17.28 21.47
CA GLY A 463 -11.47 16.94 22.59
C GLY A 463 -10.12 16.48 22.08
N VAL A 464 -9.10 16.64 22.91
CA VAL A 464 -7.74 16.20 22.59
C VAL A 464 -7.21 15.36 23.73
N ALA A 465 -6.71 14.17 23.43
CA ALA A 465 -6.26 13.22 24.43
C ALA A 465 -4.99 12.54 23.97
N PRO A 466 -4.20 11.97 24.89
CA PRO A 466 -3.00 11.23 24.48
C PRO A 466 -3.32 9.80 24.09
N THR A 467 -2.61 9.31 23.08
CA THR A 467 -2.72 7.92 22.65
C THR A 467 -1.43 7.57 21.88
N ARG A 468 -1.22 6.27 21.69
CA ARG A 468 -0.02 5.75 21.03
C ARG A 468 -0.09 5.85 19.50
N CYS A 469 -1.03 6.60 18.94
CA CYS A 469 -1.17 6.71 17.49
C CYS A 469 0.01 7.42 16.86
N LYS A 470 0.10 7.27 15.54
CA LYS A 470 0.96 8.05 14.66
C LYS A 470 0.46 7.85 13.23
N ARG A 471 0.14 8.94 12.54
CA ARG A 471 -0.46 8.82 11.21
C ARG A 471 0.50 8.14 10.25
N ARG A 472 -0.02 7.76 9.09
CA ARG A 472 0.72 6.99 8.09
C ARG A 472 1.27 5.70 8.70
N ALA B 6 -36.61 10.29 16.43
CA ALA B 6 -35.93 9.28 17.22
C ALA B 6 -34.41 9.43 17.10
N VAL B 7 -33.95 10.67 16.95
CA VAL B 7 -32.52 10.93 16.82
C VAL B 7 -31.85 11.29 18.14
N PHE B 8 -32.62 11.76 19.12
CA PHE B 8 -32.05 12.14 20.42
C PHE B 8 -31.41 10.91 21.06
N LEU B 9 -32.25 9.95 21.44
CA LEU B 9 -31.87 8.56 21.77
C LEU B 9 -30.53 8.46 22.51
N GLY B 10 -30.48 9.12 23.67
CA GLY B 10 -29.33 8.98 24.55
C GLY B 10 -28.31 10.08 24.40
N PHE B 11 -28.76 11.32 24.27
CA PHE B 11 -27.84 12.44 24.16
C PHE B 11 -27.10 12.63 25.48
N LEU B 12 -25.78 12.77 25.39
CA LEU B 12 -24.92 12.91 26.57
C LEU B 12 -25.08 11.72 27.52
N GLY B 13 -25.35 10.53 26.96
CA GLY B 13 -25.58 9.38 27.81
C GLY B 13 -24.36 8.96 28.60
N ALA B 14 -23.18 9.07 28.00
CA ALA B 14 -21.92 8.67 28.62
C ALA B 14 -21.18 9.85 29.23
N ALA B 15 -21.90 10.84 29.74
CA ALA B 15 -21.25 12.00 30.34
C ALA B 15 -20.44 11.60 31.57
N GLY B 16 -21.01 10.77 32.44
CA GLY B 16 -20.30 10.31 33.62
C GLY B 16 -19.37 9.15 33.39
N SER B 17 -19.37 8.57 32.19
CA SER B 17 -18.49 7.45 31.88
C SER B 17 -17.04 7.92 31.78
N THR B 18 -16.13 6.97 31.92
CA THR B 18 -14.72 7.25 31.70
C THR B 18 -14.47 7.60 30.25
N MET B 19 -13.29 8.17 29.98
CA MET B 19 -12.96 8.57 28.62
C MET B 19 -12.92 7.37 27.69
N GLY B 20 -12.33 6.26 28.14
CA GLY B 20 -12.27 5.07 27.30
C GLY B 20 -13.65 4.52 26.97
N ALA B 21 -14.52 4.43 27.98
CA ALA B 21 -15.87 3.94 27.73
C ALA B 21 -16.69 4.94 26.92
N ALA B 22 -16.57 6.23 27.25
CA ALA B 22 -17.33 7.25 26.54
C ALA B 22 -16.89 7.42 25.09
N SER B 23 -15.66 7.01 24.76
CA SER B 23 -15.17 7.14 23.39
C SER B 23 -15.84 6.19 22.42
N MET B 24 -16.62 5.21 22.92
CA MET B 24 -17.28 4.24 22.07
C MET B 24 -18.69 4.68 21.65
N THR B 25 -19.16 5.84 22.12
CA THR B 25 -20.49 6.34 21.81
C THR B 25 -20.40 7.79 21.31
N LEU B 26 -19.39 8.08 20.50
CA LEU B 26 -19.24 9.43 19.96
C LEU B 26 -20.33 9.75 18.94
N THR B 27 -20.81 8.74 18.21
CA THR B 27 -21.78 9.01 17.15
C THR B 27 -23.11 9.48 17.72
N VAL B 28 -23.48 9.03 18.92
CA VAL B 28 -24.73 9.46 19.53
C VAL B 28 -24.72 10.96 19.78
N GLN B 29 -23.62 11.48 20.33
CA GLN B 29 -23.50 12.90 20.59
C GLN B 29 -23.15 13.71 19.35
N ALA B 30 -22.59 13.08 18.33
CA ALA B 30 -22.17 13.79 17.13
C ALA B 30 -23.32 14.04 16.14
N ARG B 31 -24.36 13.22 16.17
CA ARG B 31 -25.46 13.33 15.21
C ARG B 31 -26.51 14.35 15.62
N ASN B 32 -26.43 14.91 16.83
CA ASN B 32 -27.43 15.83 17.35
C ASN B 32 -26.96 17.29 17.31
N LEU B 33 -25.83 17.57 16.69
CA LEU B 33 -25.31 18.94 16.63
C LEU B 33 -26.06 19.81 15.61
N LEU B 34 -26.82 19.21 14.70
CA LEU B 34 -27.51 19.95 13.65
C LEU B 34 -29.01 20.06 13.86
N SER B 35 -29.64 19.07 14.47
CA SER B 35 -31.08 19.11 14.70
C SER B 35 -31.51 18.00 15.66
N THR B 58 -44.02 37.50 14.20
CA THR B 58 -42.99 37.61 13.19
C THR B 58 -41.61 37.51 13.82
N VAL B 59 -41.40 38.27 14.90
CA VAL B 59 -40.10 38.28 15.57
C VAL B 59 -39.76 36.90 16.13
N TRP B 60 -40.78 36.11 16.46
CA TRP B 60 -40.51 34.76 16.95
C TRP B 60 -39.89 33.91 15.87
N GLY B 61 -40.37 34.04 14.62
CA GLY B 61 -39.71 33.39 13.51
C GLY B 61 -38.28 33.87 13.34
N ILE B 62 -38.04 35.16 13.57
CA ILE B 62 -36.69 35.69 13.48
C ILE B 62 -35.78 35.03 14.51
N LYS B 63 -36.28 34.89 15.75
CA LYS B 63 -35.45 34.27 16.78
C LYS B 63 -35.19 32.80 16.48
N GLN B 64 -36.21 32.08 15.98
CA GLN B 64 -36.02 30.67 15.66
C GLN B 64 -35.01 30.50 14.52
N LEU B 65 -35.15 31.31 13.47
CA LEU B 65 -34.22 31.25 12.35
C LEU B 65 -32.82 31.66 12.76
N GLN B 66 -32.69 32.64 13.65
CA GLN B 66 -31.37 33.03 14.14
C GLN B 66 -30.73 31.91 14.94
N ALA B 67 -31.51 31.20 15.76
CA ALA B 67 -30.98 30.06 16.48
C ALA B 67 -30.50 28.98 15.51
N ARG B 68 -31.30 28.70 14.48
CA ARG B 68 -30.89 27.71 13.48
C ARG B 68 -29.60 28.14 12.79
N VAL B 69 -29.50 29.42 12.43
CA VAL B 69 -28.31 29.90 11.73
C VAL B 69 -27.09 29.84 12.65
N LEU B 70 -27.27 30.15 13.93
CA LEU B 70 -26.17 30.04 14.88
C LEU B 70 -25.69 28.61 15.01
N ALA B 71 -26.63 27.66 15.10
CA ALA B 71 -26.24 26.25 15.16
C ALA B 71 -25.49 25.83 13.90
N VAL B 72 -25.98 26.26 12.74
CA VAL B 72 -25.32 25.91 11.48
C VAL B 72 -23.91 26.49 11.43
N GLU B 73 -23.77 27.75 11.84
CA GLU B 73 -22.46 28.39 11.82
C GLU B 73 -21.49 27.69 12.76
N ARG B 74 -21.95 27.33 13.97
CA ARG B 74 -21.09 26.62 14.90
C ARG B 74 -20.66 25.27 14.33
N TYR B 75 -21.61 24.54 13.74
CA TYR B 75 -21.28 23.24 13.18
C TYR B 75 -20.29 23.37 12.03
N LEU B 76 -20.45 24.39 11.19
CA LEU B 76 -19.55 24.56 10.05
C LEU B 76 -18.17 24.99 10.49
N ARG B 77 -18.08 25.85 11.51
CA ARG B 77 -16.77 26.21 12.06
C ARG B 77 -16.10 24.97 12.65
N ASP B 78 -16.87 24.14 13.35
CA ASP B 78 -16.34 22.89 13.88
C ASP B 78 -15.80 22.00 12.77
N GLN B 79 -16.57 21.84 11.69
CA GLN B 79 -16.14 20.97 10.59
C GLN B 79 -14.91 21.54 9.90
N GLN B 80 -14.84 22.86 9.72
CA GLN B 80 -13.68 23.48 9.13
C GLN B 80 -12.44 23.26 10.00
N LEU B 81 -12.59 23.42 11.31
CA LEU B 81 -11.47 23.19 12.21
C LEU B 81 -10.99 21.75 12.15
N LEU B 82 -11.93 20.79 12.10
CA LEU B 82 -11.55 19.40 11.98
C LEU B 82 -10.84 19.13 10.64
N GLY B 83 -11.35 19.71 9.56
CA GLY B 83 -10.75 19.49 8.25
C GLY B 83 -9.36 20.09 8.12
N ILE B 84 -9.11 21.23 8.76
CA ILE B 84 -7.81 21.88 8.66
C ILE B 84 -6.72 20.97 9.23
N TRP B 85 -7.08 20.11 10.19
CA TRP B 85 -6.13 19.16 10.77
C TRP B 85 -6.01 17.86 9.98
N GLY B 86 -6.72 17.74 8.86
CA GLY B 86 -6.69 16.52 8.08
C GLY B 86 -7.61 15.42 8.59
N CYS B 87 -8.44 15.69 9.60
CA CYS B 87 -9.34 14.71 10.18
C CYS B 87 -10.75 14.83 9.61
N SER B 88 -10.88 15.26 8.36
CA SER B 88 -12.19 15.41 7.75
C SER B 88 -12.87 14.05 7.59
N GLY B 89 -14.15 13.98 7.96
CA GLY B 89 -14.91 12.76 7.80
C GLY B 89 -14.52 11.64 8.73
N LYS B 90 -13.89 11.95 9.86
CA LYS B 90 -13.49 10.96 10.84
C LYS B 90 -13.89 11.43 12.22
N LEU B 91 -14.52 10.53 13.00
CA LEU B 91 -14.88 10.85 14.38
C LEU B 91 -13.75 10.55 15.35
N ILE B 92 -13.03 9.46 15.13
CA ILE B 92 -11.81 9.16 15.88
C ILE B 92 -10.66 9.25 14.89
N CYS B 93 -10.02 10.42 14.84
CA CYS B 93 -8.85 10.65 14.00
C CYS B 93 -7.69 11.01 14.92
N CYS B 94 -6.61 10.24 14.84
CA CYS B 94 -5.45 10.44 15.69
C CYS B 94 -4.25 10.79 14.81
N THR B 95 -3.56 11.86 15.15
CA THR B 95 -2.54 12.48 14.32
C THR B 95 -1.14 12.08 14.78
N ASN B 96 -0.12 12.69 14.17
CA ASN B 96 1.27 12.37 14.44
C ASN B 96 1.98 13.44 15.29
N VAL B 97 1.24 14.36 15.88
CA VAL B 97 1.86 15.41 16.69
C VAL B 97 2.24 14.81 18.05
N PRO B 98 3.50 14.94 18.50
CA PRO B 98 3.85 14.38 19.80
C PRO B 98 3.15 15.09 20.94
N TRP B 99 2.91 14.35 22.02
CA TRP B 99 2.24 14.87 23.21
C TRP B 99 3.31 15.35 24.18
N ASN B 100 3.46 16.67 24.28
CA ASN B 100 4.40 17.25 25.24
C ASN B 100 3.92 16.94 26.66
N SER B 101 4.86 16.53 27.52
CA SER B 101 4.51 16.21 28.90
C SER B 101 4.15 17.45 29.71
N SER B 102 4.50 18.63 29.23
CA SER B 102 4.17 19.86 29.96
C SER B 102 2.66 20.04 30.06
N TRP B 103 1.92 19.67 29.01
CA TRP B 103 0.47 19.86 29.02
C TRP B 103 -0.19 19.01 30.10
N SER B 104 0.26 17.75 30.25
CA SER B 104 -0.27 16.86 31.27
C SER B 104 0.78 15.83 31.60
N ASN B 105 0.82 15.42 32.87
CA ASN B 105 1.77 14.42 33.35
C ASN B 105 1.11 13.09 33.68
N ARG B 106 -0.21 13.00 33.61
CA ARG B 106 -0.90 11.76 33.92
C ARG B 106 -0.69 10.75 32.80
N ASN B 107 -0.50 9.49 33.19
CA ASN B 107 -0.28 8.42 32.22
C ASN B 107 -1.62 7.91 31.68
N LEU B 108 -1.54 6.98 30.73
CA LEU B 108 -2.76 6.46 30.10
C LEU B 108 -3.63 5.72 31.11
N SER B 109 -3.02 4.97 32.03
CA SER B 109 -3.79 4.20 33.00
C SER B 109 -4.65 5.09 33.87
N GLU B 110 -4.16 6.28 34.21
CA GLU B 110 -4.88 7.22 35.07
C GLU B 110 -5.74 8.21 34.29
N ILE B 111 -5.82 8.06 32.96
CA ILE B 111 -6.62 8.95 32.11
C ILE B 111 -7.86 8.23 31.58
N TRP B 112 -7.66 7.16 30.82
CA TRP B 112 -8.77 6.46 30.18
C TRP B 112 -9.57 5.60 31.14
N ASP B 113 -8.95 5.13 32.23
CA ASP B 113 -9.60 4.23 33.18
C ASP B 113 -9.91 4.88 34.53
N ASN B 114 -9.44 6.12 34.77
CA ASN B 114 -9.58 6.77 36.06
C ASN B 114 -10.20 8.16 35.99
N MET B 115 -10.39 8.72 34.79
CA MET B 115 -10.88 10.09 34.64
C MET B 115 -12.01 10.12 33.61
N THR B 116 -12.85 11.14 33.74
CA THR B 116 -13.95 11.37 32.81
C THR B 116 -13.63 12.54 31.89
N TRP B 117 -14.45 12.69 30.85
CA TRP B 117 -14.16 13.68 29.82
C TRP B 117 -14.26 15.11 30.35
N LEU B 118 -15.23 15.38 31.22
CA LEU B 118 -15.37 16.73 31.77
C LEU B 118 -14.14 17.12 32.59
N GLN B 119 -13.66 16.22 33.43
CA GLN B 119 -12.46 16.50 34.22
C GLN B 119 -11.25 16.72 33.33
N TRP B 120 -11.12 15.91 32.27
CA TRP B 120 -10.01 16.09 31.34
C TRP B 120 -10.08 17.44 30.65
N ASP B 121 -11.28 17.85 30.21
CA ASP B 121 -11.44 19.14 29.56
C ASP B 121 -11.09 20.27 30.52
N LYS B 122 -11.53 20.16 31.78
CA LYS B 122 -11.18 21.19 32.75
C LYS B 122 -9.69 21.20 33.07
N GLU B 123 -9.01 20.05 32.94
CA GLU B 123 -7.61 19.97 33.31
C GLU B 123 -6.72 20.65 32.27
N ILE B 124 -7.03 20.46 30.99
CA ILE B 124 -6.21 21.01 29.90
C ILE B 124 -6.96 22.15 29.21
N SER B 125 -7.83 22.84 29.96
CA SER B 125 -8.59 23.93 29.37
C SER B 125 -7.71 25.09 28.95
N ASN B 126 -6.54 25.24 29.57
CA ASN B 126 -5.64 26.35 29.30
C ASN B 126 -4.44 25.95 28.44
N TYR B 127 -4.46 24.77 27.82
CA TYR B 127 -3.44 24.34 26.87
C TYR B 127 -4.09 23.84 25.59
N THR B 128 -5.17 24.50 25.17
CA THR B 128 -5.96 24.04 24.02
C THR B 128 -5.53 24.72 22.72
N GLN B 129 -5.36 26.04 22.75
CA GLN B 129 -5.06 26.77 21.52
C GLN B 129 -3.72 26.33 20.93
N ILE B 130 -2.72 26.11 21.77
CA ILE B 130 -1.40 25.73 21.27
C ILE B 130 -1.46 24.35 20.63
N ILE B 131 -2.27 23.44 21.19
CA ILE B 131 -2.43 22.12 20.58
C ILE B 131 -3.08 22.25 19.20
N TYR B 132 -4.11 23.08 19.08
CA TYR B 132 -4.76 23.29 17.80
C TYR B 132 -3.77 23.86 16.77
N GLY B 133 -2.97 24.84 17.20
CA GLY B 133 -1.97 25.39 16.30
C GLY B 133 -0.95 24.35 15.87
N LEU B 134 -0.47 23.55 16.81
CA LEU B 134 0.50 22.50 16.47
C LEU B 134 -0.09 21.52 15.47
N LEU B 135 -1.35 21.13 15.68
CA LEU B 135 -2.01 20.24 14.72
C LEU B 135 -2.10 20.89 13.35
N GLU B 136 -2.41 22.18 13.31
CA GLU B 136 -2.55 22.87 12.02
C GLU B 136 -1.23 22.88 11.26
N GLU B 137 -0.15 23.30 11.92
CA GLU B 137 1.15 23.31 11.22
C GLU B 137 1.62 21.89 10.90
N SER B 138 1.32 20.91 11.75
CA SER B 138 1.71 19.54 11.42
C SER B 138 0.99 19.06 10.17
N GLN B 139 -0.31 19.35 10.05
CA GLN B 139 -1.04 18.95 8.85
C GLN B 139 -0.52 19.68 7.62
N ASN B 140 -0.21 20.97 7.75
CA ASN B 140 0.33 21.71 6.62
C ASN B 140 1.68 21.13 6.17
N GLN B 141 2.55 20.82 7.14
CA GLN B 141 3.84 20.21 6.79
C GLN B 141 3.66 18.85 6.15
N GLN B 142 2.70 18.07 6.65
CA GLN B 142 2.44 16.75 6.06
C GLN B 142 1.97 16.90 4.61
N GLU B 143 1.08 17.86 4.35
CA GLU B 143 0.62 18.08 2.98
C GLU B 143 1.76 18.52 2.08
N LYS B 144 2.61 19.43 2.56
CA LYS B 144 3.75 19.88 1.76
C LYS B 144 4.71 18.74 1.45
N ASN B 145 5.00 17.90 2.45
CA ASN B 145 5.89 16.77 2.26
C ASN B 145 5.29 15.76 1.29
N GLU B 146 3.98 15.52 1.40
CA GLU B 146 3.32 14.61 0.47
C GLU B 146 3.40 15.14 -0.95
N GLN B 147 3.20 16.45 -1.13
CA GLN B 147 3.30 17.03 -2.46
C GLN B 147 4.72 16.90 -3.00
N ASP B 148 5.73 17.17 -2.17
CA ASP B 148 7.11 17.05 -2.61
C ASP B 148 7.45 15.62 -3.00
N LEU B 149 7.03 14.65 -2.18
CA LEU B 149 7.30 13.25 -2.49
C LEU B 149 6.58 12.82 -3.77
N LEU B 150 5.33 13.21 -3.93
CA LEU B 150 4.55 12.79 -5.09
C LEU B 150 4.99 13.51 -6.37
N ALA B 151 5.68 14.65 -6.25
CA ALA B 151 6.20 15.31 -7.44
C ALA B 151 7.19 14.42 -8.18
N LEU B 152 8.04 13.70 -7.45
CA LEU B 152 9.01 12.80 -8.05
C LEU B 152 8.30 11.67 -8.80
N ALA C 1 -23.68 -17.02 -0.32
CA ALA C 1 -23.91 -17.26 -1.74
C ALA C 1 -24.19 -15.96 -2.47
N GLU C 2 -25.06 -15.13 -1.88
CA GLU C 2 -25.39 -13.86 -2.50
C GLU C 2 -24.16 -12.95 -2.59
N ASN C 3 -23.36 -12.91 -1.52
CA ASN C 3 -22.15 -12.09 -1.43
C ASN C 3 -22.37 -10.66 -1.94
N LEU C 4 -23.55 -10.12 -1.64
CA LEU C 4 -23.90 -8.75 -1.99
C LEU C 4 -23.76 -7.85 -0.77
N TRP C 5 -23.37 -6.61 -1.03
CA TRP C 5 -23.03 -5.66 0.03
C TRP C 5 -23.71 -4.31 -0.27
N VAL C 6 -24.01 -3.57 0.79
CA VAL C 6 -24.68 -2.29 0.64
C VAL C 6 -23.71 -1.27 0.04
N THR C 7 -24.23 -0.43 -0.85
CA THR C 7 -23.48 0.66 -1.45
C THR C 7 -24.31 1.93 -1.39
N VAL C 8 -23.66 3.04 -1.03
CA VAL C 8 -24.33 4.33 -0.84
C VAL C 8 -24.10 5.17 -2.07
N TYR C 9 -25.19 5.74 -2.61
CA TYR C 9 -25.15 6.61 -3.78
C TYR C 9 -25.65 8.00 -3.38
N TYR C 10 -24.90 9.03 -3.76
CA TYR C 10 -25.22 10.41 -3.50
C TYR C 10 -25.55 11.11 -4.81
N GLY C 11 -26.55 11.98 -4.78
CA GLY C 11 -27.02 12.62 -6.01
C GLY C 11 -27.99 11.78 -6.79
N VAL C 12 -28.69 10.86 -6.13
CA VAL C 12 -29.59 9.94 -6.83
C VAL C 12 -30.79 10.71 -7.38
N PRO C 13 -31.33 10.36 -8.56
CA PRO C 13 -32.54 11.06 -9.05
C PRO C 13 -33.85 10.45 -8.53
N VAL C 14 -34.16 10.77 -7.27
CA VAL C 14 -35.41 10.36 -6.64
C VAL C 14 -35.99 11.57 -5.92
N TRP C 15 -37.33 11.64 -5.90
CA TRP C 15 -38.02 12.77 -5.29
C TRP C 15 -39.30 12.28 -4.62
N LYS C 16 -39.80 13.11 -3.71
CA LYS C 16 -41.06 12.87 -3.03
C LYS C 16 -41.87 14.15 -2.99
N ASP C 17 -43.19 14.01 -2.96
CA ASP C 17 -44.07 15.18 -2.91
C ASP C 17 -43.91 15.91 -1.59
N ALA C 18 -43.85 17.24 -1.65
CA ALA C 18 -43.67 18.05 -0.46
C ALA C 18 -44.15 19.46 -0.76
N GLU C 19 -44.35 20.23 0.32
CA GLU C 19 -44.80 21.61 0.25
C GLU C 19 -43.73 22.50 0.85
N THR C 20 -43.40 23.59 0.16
CA THR C 20 -42.39 24.53 0.61
C THR C 20 -42.88 25.94 0.28
N THR C 21 -41.99 26.93 0.43
CA THR C 21 -42.29 28.34 0.20
C THR C 21 -41.59 28.79 -1.07
N LEU C 22 -42.36 29.02 -2.13
CA LEU C 22 -41.82 29.54 -3.37
C LEU C 22 -41.71 31.06 -3.30
N PHE C 23 -40.87 31.61 -4.19
CA PHE C 23 -40.60 33.05 -4.21
C PHE C 23 -40.66 33.55 -5.65
N CYS C 24 -40.52 34.87 -5.79
CA CYS C 24 -40.70 35.53 -7.07
C CYS C 24 -39.55 35.23 -8.03
N ALA C 25 -39.85 35.39 -9.31
CA ALA C 25 -38.84 35.64 -10.35
C ALA C 25 -39.37 36.66 -11.35
N SER C 26 -39.99 37.72 -10.84
CA SER C 26 -40.58 38.73 -11.72
C SER C 26 -39.49 39.47 -12.48
N ASP C 27 -39.81 39.88 -13.71
CA ASP C 27 -38.88 40.60 -14.57
C ASP C 27 -39.45 41.96 -14.96
N HIS C 36 -43.57 51.98 -9.97
CA HIS C 36 -44.25 51.42 -8.82
C HIS C 36 -45.55 50.74 -9.23
N ASN C 37 -45.84 49.60 -8.59
CA ASN C 37 -47.07 48.87 -8.85
C ASN C 37 -47.43 48.08 -7.60
N VAL C 38 -48.70 47.65 -7.53
CA VAL C 38 -49.18 46.93 -6.36
C VAL C 38 -48.43 45.61 -6.19
N TRP C 39 -48.22 44.88 -7.28
CA TRP C 39 -47.45 43.64 -7.25
C TRP C 39 -45.98 44.02 -7.25
N ALA C 40 -45.44 44.24 -6.06
CA ALA C 40 -44.11 44.81 -5.89
C ALA C 40 -43.04 43.96 -6.56
N THR C 41 -42.44 44.49 -7.64
CA THR C 41 -41.34 43.79 -8.30
C THR C 41 -40.02 43.99 -7.55
N HIS C 42 -39.89 45.10 -6.82
CA HIS C 42 -38.66 45.33 -6.07
C HIS C 42 -38.47 44.27 -4.99
N ALA C 43 -39.56 43.87 -4.33
CA ALA C 43 -39.52 42.77 -3.36
C ALA C 43 -39.77 41.44 -4.03
N CYS C 44 -39.02 41.18 -5.11
CA CYS C 44 -39.18 39.98 -5.92
C CYS C 44 -37.90 39.77 -6.70
N VAL C 45 -37.45 38.52 -6.77
CA VAL C 45 -36.16 38.20 -7.36
C VAL C 45 -36.24 38.45 -8.86
N PRO C 46 -35.15 38.84 -9.53
CA PRO C 46 -35.16 38.88 -11.00
C PRO C 46 -34.82 37.52 -11.60
N THR C 47 -35.40 37.26 -12.78
CA THR C 47 -35.20 36.01 -13.48
C THR C 47 -34.00 36.10 -14.42
N ASP C 48 -33.56 34.93 -14.89
CA ASP C 48 -32.54 34.87 -15.92
C ASP C 48 -33.16 35.05 -17.30
N PRO C 49 -32.38 35.52 -18.28
CA PRO C 49 -32.94 35.69 -19.63
C PRO C 49 -33.05 34.41 -20.43
N ASN C 50 -32.52 33.29 -19.93
CA ASN C 50 -32.52 32.01 -20.65
C ASN C 50 -33.02 30.93 -19.69
N PRO C 51 -34.34 30.85 -19.48
CA PRO C 51 -34.87 29.79 -18.61
C PRO C 51 -34.55 28.40 -19.16
N GLN C 52 -34.26 27.47 -18.26
CA GLN C 52 -33.84 26.11 -18.60
C GLN C 52 -34.96 25.14 -18.27
N GLU C 53 -35.27 24.26 -19.22
CA GLU C 53 -36.30 23.24 -19.06
C GLU C 53 -35.70 21.88 -19.41
N ILE C 54 -35.82 20.92 -18.50
CA ILE C 54 -35.22 19.60 -18.66
C ILE C 54 -36.36 18.60 -18.77
N HIS C 55 -36.55 18.04 -19.96
CA HIS C 55 -37.73 17.23 -20.27
C HIS C 55 -37.44 15.78 -19.88
N LEU C 56 -38.01 15.35 -18.76
CA LEU C 56 -37.78 13.99 -18.28
C LEU C 56 -38.50 13.01 -19.20
N GLU C 57 -37.89 11.86 -19.44
CA GLU C 57 -38.38 10.87 -20.39
C GLU C 57 -38.57 9.53 -19.71
N ASN C 58 -39.60 8.80 -20.16
CA ASN C 58 -39.96 7.51 -19.56
C ASN C 58 -40.20 7.64 -18.06
N VAL C 59 -40.90 8.69 -17.66
CA VAL C 59 -41.33 8.87 -16.27
C VAL C 59 -42.77 9.38 -16.29
N THR C 60 -43.62 8.77 -15.48
CA THR C 60 -45.01 9.17 -15.32
C THR C 60 -45.24 9.53 -13.86
N GLU C 61 -45.79 10.73 -13.63
CA GLU C 61 -45.94 11.26 -12.29
C GLU C 61 -47.40 11.53 -12.00
N GLU C 62 -47.82 11.21 -10.77
CA GLU C 62 -49.22 11.35 -10.36
C GLU C 62 -49.45 12.80 -9.94
N PHE C 63 -50.07 13.58 -10.83
CA PHE C 63 -50.44 14.95 -10.53
C PHE C 63 -51.84 15.00 -9.92
N ASN C 64 -52.08 16.04 -9.12
CA ASN C 64 -53.37 16.26 -8.47
C ASN C 64 -53.63 17.76 -8.44
N MET C 65 -54.58 18.22 -9.26
CA MET C 65 -54.86 19.64 -9.35
C MET C 65 -55.39 20.21 -8.04
N TRP C 66 -56.28 19.47 -7.38
CA TRP C 66 -57.04 19.99 -6.25
C TRP C 66 -56.34 19.81 -4.91
N LYS C 67 -55.14 19.24 -4.89
CA LYS C 67 -54.33 19.15 -3.68
C LYS C 67 -53.01 19.90 -3.82
N ASN C 68 -52.93 20.85 -4.74
CA ASN C 68 -51.72 21.63 -4.93
C ASN C 68 -51.59 22.67 -3.83
N ASN C 69 -50.43 22.73 -3.19
CA ASN C 69 -50.14 23.76 -2.21
C ASN C 69 -49.70 25.07 -2.85
N MET C 70 -49.41 25.07 -4.14
CA MET C 70 -48.98 26.30 -4.82
C MET C 70 -50.09 27.34 -4.83
N VAL C 71 -51.34 26.92 -5.06
CA VAL C 71 -52.42 27.88 -5.20
C VAL C 71 -52.73 28.54 -3.86
N GLU C 72 -52.70 27.79 -2.76
CA GLU C 72 -52.95 28.39 -1.45
C GLU C 72 -51.86 29.39 -1.09
N GLN C 73 -50.60 29.04 -1.36
CA GLN C 73 -49.50 29.95 -1.10
C GLN C 73 -49.63 31.19 -1.97
N MET C 74 -50.04 31.03 -3.23
CA MET C 74 -50.22 32.18 -4.10
C MET C 74 -51.33 33.09 -3.59
N HIS C 75 -52.43 32.51 -3.13
CA HIS C 75 -53.52 33.31 -2.57
C HIS C 75 -53.05 34.10 -1.35
N THR C 76 -52.33 33.43 -0.44
CA THR C 76 -51.81 34.12 0.74
C THR C 76 -50.84 35.22 0.35
N ASP C 77 -49.96 34.95 -0.61
CA ASP C 77 -48.98 35.95 -1.04
C ASP C 77 -49.66 37.14 -1.69
N ILE C 78 -50.70 36.89 -2.49
CA ILE C 78 -51.42 37.99 -3.13
C ILE C 78 -52.11 38.85 -2.08
N ILE C 79 -52.72 38.22 -1.08
CA ILE C 79 -53.36 39.00 -0.01
C ILE C 79 -52.32 39.81 0.74
N SER C 80 -51.17 39.21 1.04
CA SER C 80 -50.12 39.94 1.75
C SER C 80 -49.60 41.11 0.92
N LEU C 81 -49.41 40.90 -0.39
CA LEU C 81 -48.97 41.98 -1.26
C LEU C 81 -50.01 43.11 -1.28
N TRP C 82 -51.29 42.76 -1.35
CA TRP C 82 -52.34 43.77 -1.35
C TRP C 82 -52.30 44.59 -0.07
N ASP C 83 -52.20 43.90 1.08
CA ASP C 83 -52.15 44.62 2.35
C ASP C 83 -50.92 45.50 2.45
N GLN C 84 -49.75 44.99 2.02
CA GLN C 84 -48.53 45.77 2.09
C GLN C 84 -48.61 47.01 1.20
N SER C 85 -49.18 46.86 0.00
CA SER C 85 -49.29 48.00 -0.90
C SER C 85 -50.32 49.01 -0.40
N LEU C 86 -51.36 48.55 0.30
CA LEU C 86 -52.36 49.46 0.84
C LEU C 86 -51.94 50.10 2.16
N LYS C 87 -50.92 49.56 2.83
CA LYS C 87 -50.52 50.12 4.12
C LYS C 87 -50.04 51.57 4.03
N PRO C 88 -49.11 51.93 3.11
CA PRO C 88 -48.65 53.33 3.07
C PRO C 88 -49.53 54.23 2.20
N CYS C 89 -50.76 54.45 2.67
CA CYS C 89 -51.71 55.31 1.97
C CYS C 89 -52.63 55.97 2.99
N VAL C 90 -53.31 57.03 2.54
CA VAL C 90 -54.16 57.80 3.44
C VAL C 90 -55.35 56.96 3.88
N LYS C 91 -55.69 57.05 5.17
CA LYS C 91 -56.83 56.37 5.74
C LYS C 91 -57.99 57.37 5.82
N LEU C 92 -59.12 57.01 5.21
CA LEU C 92 -60.25 57.93 5.07
C LEU C 92 -61.24 57.74 6.22
N THR C 93 -60.76 57.98 7.44
CA THR C 93 -61.62 58.02 8.62
C THR C 93 -62.40 59.34 8.74
N PRO C 94 -61.83 60.51 8.44
CA PRO C 94 -62.63 61.73 8.56
C PRO C 94 -63.81 61.79 7.59
N LEU C 95 -63.79 60.99 6.54
CA LEU C 95 -64.78 61.04 5.47
C LEU C 95 -66.02 60.18 5.77
N CYS C 96 -66.22 59.78 7.03
CA CYS C 96 -67.41 59.05 7.45
C CYS C 96 -68.53 59.98 7.93
N VAL C 97 -68.55 61.22 7.47
CA VAL C 97 -69.56 62.19 7.88
C VAL C 97 -70.88 61.91 7.16
N THR C 98 -71.95 62.55 7.63
CA THR C 98 -73.25 62.44 6.98
C THR C 98 -73.26 63.29 5.72
N LEU C 99 -73.88 62.76 4.67
CA LEU C 99 -73.88 63.36 3.34
C LEU C 99 -75.29 63.79 2.96
N GLN C 100 -75.42 65.01 2.43
CA GLN C 100 -76.68 65.51 1.91
C GLN C 100 -76.65 65.36 0.40
N CYS C 101 -77.43 64.43 -0.13
CA CYS C 101 -77.33 64.00 -1.53
C CYS C 101 -78.62 64.26 -2.29
N THR C 102 -78.45 64.54 -3.58
CA THR C 102 -79.56 64.73 -4.50
C THR C 102 -79.24 64.04 -5.82
N ASN C 103 -80.29 63.63 -6.53
CA ASN C 103 -80.11 62.96 -7.81
C ASN C 103 -79.55 63.92 -8.86
N VAL C 104 -78.71 63.36 -9.74
CA VAL C 104 -78.22 64.14 -10.87
C VAL C 104 -79.35 64.40 -11.86
N THR C 105 -79.26 65.54 -12.56
CA THR C 105 -80.32 65.96 -13.48
C THR C 105 -79.81 66.44 -14.83
N ASN C 106 -78.50 66.64 -15.02
CA ASN C 106 -77.97 67.17 -16.27
C ASN C 106 -77.47 66.04 -17.16
N ASN C 107 -78.01 65.97 -18.38
CA ASN C 107 -77.58 64.99 -19.39
C ASN C 107 -77.66 63.56 -18.85
N ILE C 108 -78.77 63.25 -18.18
CA ILE C 108 -78.98 61.94 -17.59
C ILE C 108 -79.73 61.05 -18.57
N THR C 109 -79.27 59.81 -18.70
CA THR C 109 -79.91 58.81 -19.55
C THR C 109 -80.82 57.91 -18.71
N ASP C 110 -81.71 57.19 -19.41
CA ASP C 110 -82.68 56.35 -18.71
C ASP C 110 -81.98 55.24 -17.94
N ASP C 111 -80.99 54.60 -18.54
CA ASP C 111 -80.29 53.52 -17.84
C ASP C 111 -79.57 54.03 -16.60
N MET C 112 -78.93 55.19 -16.70
CA MET C 112 -78.22 55.80 -15.58
C MET C 112 -79.16 56.70 -14.79
N ARG C 113 -80.21 56.07 -14.25
CA ARG C 113 -81.16 56.72 -13.36
C ARG C 113 -81.30 55.86 -12.12
N GLY C 114 -81.53 56.51 -10.98
CA GLY C 114 -81.35 55.81 -9.72
C GLY C 114 -79.90 55.41 -9.53
N GLU C 115 -78.98 56.35 -9.76
CA GLU C 115 -77.55 56.08 -9.88
C GLU C 115 -76.82 57.28 -9.29
N LEU C 116 -75.56 57.48 -9.67
CA LEU C 116 -74.63 58.41 -9.03
C LEU C 116 -75.30 59.70 -8.59
N LYS C 117 -75.05 60.06 -7.33
CA LYS C 117 -75.76 61.12 -6.63
C LYS C 117 -74.78 62.22 -6.26
N ASN C 118 -75.21 63.47 -6.45
CA ASN C 118 -74.42 64.64 -6.08
C ASN C 118 -74.60 64.84 -4.58
N CYS C 119 -73.55 64.53 -3.82
CA CYS C 119 -73.55 64.64 -2.37
C CYS C 119 -72.67 65.80 -1.95
N SER C 120 -73.09 66.48 -0.88
CA SER C 120 -72.31 67.55 -0.26
C SER C 120 -72.23 67.32 1.23
N PHE C 121 -71.10 67.71 1.82
CA PHE C 121 -70.89 67.48 3.24
C PHE C 121 -69.73 68.33 3.74
N ASN C 122 -69.68 68.48 5.06
CA ASN C 122 -68.60 69.18 5.72
C ASN C 122 -67.48 68.20 6.04
N MET C 123 -66.24 68.65 5.87
CA MET C 123 -65.07 67.83 6.12
C MET C 123 -63.98 68.69 6.73
N THR C 124 -63.11 68.05 7.52
CA THR C 124 -61.97 68.74 8.09
C THR C 124 -61.02 69.20 6.97
N THR C 125 -60.08 70.04 7.35
CA THR C 125 -59.12 70.61 6.40
C THR C 125 -57.73 70.55 7.03
N GLU C 126 -56.80 71.29 6.44
CA GLU C 126 -55.43 71.32 6.93
C GLU C 126 -55.38 71.85 8.36
N LEU C 127 -56.11 72.93 8.63
CA LEU C 127 -56.19 73.51 9.96
C LEU C 127 -57.24 72.76 10.77
N ARG C 128 -56.86 72.32 11.98
CA ARG C 128 -57.77 71.52 12.79
C ARG C 128 -59.03 72.30 13.16
N ASP C 129 -58.88 73.57 13.52
CA ASP C 129 -60.00 74.40 13.93
C ASP C 129 -60.67 75.08 12.74
N LYS C 130 -61.05 74.29 11.73
CA LYS C 130 -61.73 74.80 10.56
C LYS C 130 -62.36 73.64 9.79
N LYS C 131 -63.43 73.95 9.07
CA LYS C 131 -64.16 72.96 8.28
C LYS C 131 -64.44 73.55 6.90
N GLN C 132 -64.63 72.67 5.92
CA GLN C 132 -64.91 73.07 4.55
C GLN C 132 -66.06 72.24 3.99
N LYS C 133 -66.96 72.91 3.27
CA LYS C 133 -68.07 72.24 2.60
C LYS C 133 -67.60 71.81 1.21
N VAL C 134 -67.65 70.50 0.94
CA VAL C 134 -67.19 69.94 -0.33
C VAL C 134 -68.29 69.07 -0.89
N TYR C 135 -68.16 68.77 -2.19
CA TYR C 135 -69.15 67.98 -2.92
C TYR C 135 -68.44 66.93 -3.77
N SER C 136 -69.16 65.85 -4.04
CA SER C 136 -68.65 64.77 -4.88
C SER C 136 -69.84 63.95 -5.40
N LEU C 137 -69.60 63.25 -6.51
CA LEU C 137 -70.61 62.40 -7.12
C LEU C 137 -70.31 60.95 -6.73
N PHE C 138 -71.17 60.38 -5.88
CA PHE C 138 -70.96 59.04 -5.34
C PHE C 138 -71.95 58.08 -5.97
N TYR C 139 -71.45 56.94 -6.45
CA TYR C 139 -72.31 55.92 -7.02
C TYR C 139 -73.28 55.39 -5.96
N ARG C 140 -74.44 54.92 -6.43
CA ARG C 140 -75.50 54.52 -5.50
C ARG C 140 -75.06 53.35 -4.63
N LEU C 141 -74.31 52.40 -5.20
CA LEU C 141 -73.86 51.25 -4.43
C LEU C 141 -72.97 51.65 -3.25
N ASP C 142 -72.27 52.77 -3.34
CA ASP C 142 -71.38 53.19 -2.25
C ASP C 142 -72.18 53.74 -1.07
N VAL C 143 -73.22 54.53 -1.32
CA VAL C 143 -73.96 55.23 -0.27
C VAL C 143 -75.20 54.43 0.09
N VAL C 144 -75.68 54.62 1.31
CA VAL C 144 -76.87 53.97 1.82
C VAL C 144 -77.59 54.96 2.74
N GLN C 145 -78.92 54.97 2.66
CA GLN C 145 -79.69 55.90 3.48
C GLN C 145 -79.61 55.52 4.95
N ILE C 146 -79.62 56.53 5.82
CA ILE C 146 -79.59 56.32 7.26
C ILE C 146 -81.00 55.98 7.73
N LYS C 159 -83.22 62.48 3.27
CA LYS C 159 -82.33 63.18 2.35
C LYS C 159 -80.89 63.17 2.86
N GLU C 160 -80.56 62.17 3.68
CA GLU C 160 -79.21 62.01 4.22
C GLU C 160 -78.74 60.58 3.99
N TYR C 161 -77.46 60.45 3.65
CA TYR C 161 -76.86 59.15 3.34
C TYR C 161 -75.52 59.03 4.04
N ARG C 162 -75.09 57.79 4.24
CA ARG C 162 -73.77 57.47 4.77
C ARG C 162 -73.12 56.40 3.90
N LEU C 163 -71.79 56.39 3.88
CA LEU C 163 -71.12 55.34 3.11
C LEU C 163 -71.33 53.98 3.74
N ILE C 164 -71.38 52.96 2.89
CA ILE C 164 -71.64 51.60 3.34
C ILE C 164 -70.55 51.11 4.29
N ASN C 165 -69.33 51.63 4.13
CA ASN C 165 -68.20 51.21 4.97
C ASN C 165 -68.26 51.75 6.38
N CYS C 166 -69.12 52.73 6.67
CA CYS C 166 -69.01 53.49 7.91
C CYS C 166 -69.22 52.61 9.14
N ASN C 167 -70.22 51.73 9.11
CA ASN C 167 -70.51 50.87 10.26
C ASN C 167 -69.72 49.57 10.24
N THR C 168 -68.94 49.31 9.19
CA THR C 168 -68.11 48.10 9.11
C THR C 168 -66.65 48.40 9.45
N SER C 169 -66.02 49.33 8.74
CA SER C 169 -64.63 49.69 8.99
C SER C 169 -64.25 50.83 8.06
N ALA C 170 -63.18 51.54 8.44
CA ALA C 170 -62.69 52.65 7.64
C ALA C 170 -61.94 52.14 6.41
N CYS C 171 -61.84 53.02 5.42
CA CYS C 171 -61.18 52.71 4.16
C CYS C 171 -59.77 53.29 4.12
N THR C 172 -58.92 52.64 3.34
CA THR C 172 -57.58 53.12 3.01
C THR C 172 -57.58 53.41 1.51
N GLN C 173 -57.70 54.69 1.15
CA GLN C 173 -57.75 55.08 -0.25
C GLN C 173 -56.50 54.61 -0.97
N ALA C 174 -56.68 53.81 -2.01
CA ALA C 174 -55.54 53.33 -2.81
C ALA C 174 -54.79 54.52 -3.39
N CYS C 175 -53.47 54.51 -3.22
CA CYS C 175 -52.66 55.64 -3.66
C CYS C 175 -52.73 55.76 -5.19
N PRO C 176 -52.83 56.97 -5.73
CA PRO C 176 -53.01 57.09 -7.19
C PRO C 176 -51.84 56.56 -8.00
N LYS C 177 -50.61 56.68 -7.49
CA LYS C 177 -49.44 56.36 -8.29
C LYS C 177 -49.36 54.86 -8.62
N VAL C 178 -49.72 54.01 -7.66
CA VAL C 178 -49.58 52.57 -7.87
C VAL C 178 -50.66 52.09 -8.83
N SER C 179 -50.26 51.28 -9.82
CA SER C 179 -51.16 50.76 -10.83
C SER C 179 -51.58 49.34 -10.47
N PHE C 180 -52.85 49.02 -10.73
CA PHE C 180 -53.41 47.72 -10.40
C PHE C 180 -53.30 46.70 -11.52
N GLU C 181 -52.64 47.06 -12.63
CA GLU C 181 -52.57 46.14 -13.76
C GLU C 181 -51.79 44.89 -13.36
N PRO C 182 -52.24 43.69 -13.75
CA PRO C 182 -51.46 42.48 -13.43
C PRO C 182 -50.08 42.52 -14.07
N ILE C 183 -49.11 41.98 -13.32
CA ILE C 183 -47.73 41.84 -13.80
C ILE C 183 -47.34 40.38 -13.58
N PRO C 184 -46.77 39.68 -14.57
CA PRO C 184 -46.43 38.27 -14.35
C PRO C 184 -45.44 38.09 -13.21
N ILE C 185 -45.65 37.03 -12.43
CA ILE C 185 -44.80 36.71 -11.27
C ILE C 185 -44.39 35.25 -11.44
N HIS C 186 -43.14 35.02 -11.82
CA HIS C 186 -42.63 33.68 -12.08
C HIS C 186 -42.27 33.02 -10.76
N TYR C 187 -42.96 31.94 -10.41
CA TYR C 187 -42.68 31.21 -9.19
C TYR C 187 -41.52 30.22 -9.40
N CYS C 188 -40.70 30.08 -8.38
CA CYS C 188 -39.55 29.19 -8.42
C CYS C 188 -39.44 28.46 -7.08
N ALA C 189 -38.68 27.36 -7.09
CA ALA C 189 -38.46 26.55 -5.91
C ALA C 189 -37.08 26.82 -5.34
N PRO C 190 -36.86 26.60 -4.04
CA PRO C 190 -35.53 26.80 -3.46
C PRO C 190 -34.60 25.64 -3.85
N ALA C 191 -33.38 25.70 -3.32
CA ALA C 191 -32.43 24.63 -3.56
C ALA C 191 -32.92 23.33 -2.92
N GLY C 192 -32.66 22.21 -3.60
CA GLY C 192 -33.15 20.92 -3.16
C GLY C 192 -34.58 20.62 -3.52
N PHE C 193 -35.26 21.52 -4.24
CA PHE C 193 -36.64 21.32 -4.66
C PHE C 193 -36.74 21.52 -6.16
N ALA C 194 -37.72 20.85 -6.77
CA ALA C 194 -37.92 20.88 -8.20
C ALA C 194 -39.39 21.13 -8.51
N ILE C 195 -39.63 21.79 -9.65
CA ILE C 195 -40.96 22.10 -10.14
C ILE C 195 -41.20 21.24 -11.38
N LEU C 196 -42.00 20.21 -11.22
CA LEU C 196 -42.41 19.35 -12.33
C LEU C 196 -43.59 19.97 -13.06
N LYS C 197 -43.56 19.87 -14.38
CA LYS C 197 -44.58 20.43 -15.27
C LYS C 197 -45.08 19.32 -16.19
N CYS C 198 -46.40 19.20 -16.29
CA CYS C 198 -47.03 18.17 -17.12
C CYS C 198 -47.30 18.76 -18.49
N LYS C 199 -46.48 18.40 -19.48
CA LYS C 199 -46.68 18.86 -20.85
C LYS C 199 -47.72 18.04 -21.61
N ASP C 200 -48.22 16.95 -21.03
CA ASP C 200 -49.17 16.08 -21.72
C ASP C 200 -50.44 16.83 -22.06
N LYS C 201 -50.70 17.04 -23.34
CA LYS C 201 -51.94 17.67 -23.77
C LYS C 201 -53.12 16.76 -23.44
N LYS C 202 -54.28 17.40 -23.24
CA LYS C 202 -55.51 16.70 -22.84
C LYS C 202 -55.35 16.09 -21.45
N PHE C 203 -54.70 16.83 -20.55
CA PHE C 203 -54.46 16.40 -19.18
C PHE C 203 -55.50 17.06 -18.29
N ASN C 204 -56.25 16.24 -17.55
CA ASN C 204 -57.42 16.72 -16.81
C ASN C 204 -57.08 17.15 -15.38
N GLY C 205 -55.80 17.35 -15.07
CA GLY C 205 -55.39 17.87 -13.78
C GLY C 205 -55.17 16.83 -12.70
N THR C 206 -55.65 15.60 -12.91
CA THR C 206 -55.51 14.53 -11.93
C THR C 206 -55.11 13.24 -12.63
N GLY C 207 -54.28 12.45 -11.95
CA GLY C 207 -53.88 11.16 -12.46
C GLY C 207 -52.44 11.14 -12.93
N PRO C 208 -52.02 10.04 -13.60
CA PRO C 208 -50.62 9.93 -14.04
C PRO C 208 -50.40 10.67 -15.36
N CYS C 209 -49.62 11.75 -15.29
CA CYS C 209 -49.15 12.43 -16.49
C CYS C 209 -47.89 11.75 -16.99
N PRO C 210 -47.83 11.29 -18.26
CA PRO C 210 -46.62 10.59 -18.73
C PRO C 210 -45.55 11.55 -19.25
N SER C 211 -45.97 12.70 -19.76
CA SER C 211 -45.04 13.71 -20.29
C SER C 211 -44.71 14.69 -19.18
N VAL C 212 -43.49 14.59 -18.65
CA VAL C 212 -43.06 15.35 -17.49
C VAL C 212 -41.79 16.11 -17.83
N SER C 213 -41.71 17.36 -17.37
CA SER C 213 -40.51 18.16 -17.49
C SER C 213 -40.22 18.79 -16.13
N THR C 214 -39.00 19.32 -15.99
CA THR C 214 -38.58 20.06 -14.81
C THR C 214 -38.24 21.47 -15.24
N VAL C 215 -38.82 22.46 -14.56
CA VAL C 215 -38.66 23.86 -14.91
C VAL C 215 -38.07 24.59 -13.71
N GLN C 216 -37.04 25.40 -13.96
CA GLN C 216 -36.45 26.20 -12.90
C GLN C 216 -37.48 27.14 -12.29
N CYS C 217 -38.34 27.72 -13.13
CA CYS C 217 -39.40 28.61 -12.67
C CYS C 217 -40.62 28.42 -13.55
N THR C 218 -41.78 28.79 -13.00
CA THR C 218 -43.02 28.68 -13.75
C THR C 218 -43.09 29.77 -14.81
N HIS C 219 -44.13 29.71 -15.64
CA HIS C 219 -44.33 30.70 -16.68
C HIS C 219 -44.85 31.99 -16.05
N GLY C 220 -45.22 32.95 -16.88
CA GLY C 220 -45.74 34.21 -16.37
C GLY C 220 -47.21 34.09 -15.98
N ILE C 221 -47.46 34.02 -14.67
CA ILE C 221 -48.81 33.87 -14.14
C ILE C 221 -49.29 35.27 -13.76
N LYS C 222 -50.16 35.82 -14.58
CA LYS C 222 -50.67 37.17 -14.33
C LYS C 222 -51.64 37.12 -13.13
N PRO C 223 -51.40 37.88 -12.05
CA PRO C 223 -52.33 37.79 -10.91
C PRO C 223 -53.60 38.59 -11.14
N VAL C 224 -54.41 38.12 -12.08
CA VAL C 224 -55.68 38.76 -12.42
C VAL C 224 -56.75 38.28 -11.46
N VAL C 225 -57.63 39.19 -11.05
CA VAL C 225 -58.74 38.90 -10.15
C VAL C 225 -60.04 39.08 -10.93
N SER C 226 -60.87 38.05 -10.93
CA SER C 226 -62.14 38.10 -11.65
C SER C 226 -63.02 36.96 -11.17
N THR C 227 -64.32 37.06 -11.49
CA THR C 227 -65.30 36.04 -11.15
C THR C 227 -66.15 35.74 -12.38
N GLN C 228 -66.46 34.46 -12.57
CA GLN C 228 -67.30 33.95 -13.65
C GLN C 228 -66.62 34.00 -15.01
N LEU C 229 -65.42 34.57 -15.10
CA LEU C 229 -64.70 34.67 -16.37
C LEU C 229 -63.23 34.83 -16.05
N LEU C 230 -62.41 33.86 -16.47
CA LEU C 230 -60.97 33.92 -16.25
C LEU C 230 -60.37 34.75 -17.38
N LEU C 231 -60.15 36.03 -17.11
CA LEU C 231 -59.66 36.95 -18.12
C LEU C 231 -58.15 36.85 -18.24
N ASN C 232 -57.66 36.91 -19.49
CA ASN C 232 -56.22 36.87 -19.78
C ASN C 232 -55.58 35.60 -19.22
N GLY C 233 -56.31 34.49 -19.28
CA GLY C 233 -55.81 33.21 -18.81
C GLY C 233 -55.00 32.49 -19.85
N SER C 234 -54.57 31.27 -19.49
CA SER C 234 -53.80 30.42 -20.37
C SER C 234 -54.74 29.57 -21.21
N LEU C 235 -54.51 29.53 -22.52
CA LEU C 235 -55.37 28.84 -23.45
C LEU C 235 -54.90 27.40 -23.65
N ALA C 236 -55.85 26.48 -23.67
CA ALA C 236 -55.54 25.10 -23.99
C ALA C 236 -55.07 24.96 -25.43
N GLU C 237 -54.13 24.05 -25.66
CA GLU C 237 -53.54 23.86 -26.97
C GLU C 237 -54.27 22.82 -27.82
N GLU C 238 -55.27 22.13 -27.26
CA GLU C 238 -55.93 21.03 -27.96
C GLU C 238 -57.40 21.33 -28.22
N GLU C 239 -58.18 21.65 -27.19
CA GLU C 239 -59.60 21.95 -27.33
C GLU C 239 -60.09 22.45 -25.98
N VAL C 240 -61.39 22.74 -25.89
CA VAL C 240 -61.99 23.08 -24.62
C VAL C 240 -61.83 21.90 -23.67
N MET C 241 -61.40 22.18 -22.45
CA MET C 241 -61.13 21.15 -21.45
C MET C 241 -61.96 21.41 -20.20
N ILE C 242 -62.57 20.34 -19.69
CA ILE C 242 -63.41 20.39 -18.48
C ILE C 242 -62.65 19.70 -17.36
N ARG C 243 -62.55 20.37 -16.21
CA ARG C 243 -61.85 19.82 -15.05
C ARG C 243 -62.72 20.01 -13.82
N SER C 244 -62.73 19.01 -12.95
CA SER C 244 -63.48 19.08 -11.71
C SER C 244 -62.93 18.03 -10.75
N GLU C 245 -62.96 18.36 -9.46
CA GLU C 245 -62.52 17.40 -8.44
C GLU C 245 -63.41 16.16 -8.45
N ASN C 246 -64.73 16.36 -8.56
CA ASN C 246 -65.69 15.25 -8.61
C ASN C 246 -66.86 15.72 -9.48
N ILE C 247 -66.80 15.37 -10.76
CA ILE C 247 -67.84 15.83 -11.69
C ILE C 247 -69.18 15.20 -11.34
N THR C 248 -69.17 14.00 -10.75
CA THR C 248 -70.43 13.39 -10.33
C THR C 248 -71.11 14.22 -9.26
N ASN C 249 -70.35 14.74 -8.31
CA ASN C 249 -70.88 15.61 -7.28
C ASN C 249 -71.03 17.02 -7.81
N ASN C 250 -72.22 17.60 -7.62
CA ASN C 250 -72.51 18.95 -8.11
C ASN C 250 -71.98 20.04 -7.18
N ALA C 251 -71.59 19.69 -5.95
CA ALA C 251 -71.09 20.71 -5.03
C ALA C 251 -69.79 21.32 -5.53
N LYS C 252 -68.89 20.50 -6.06
CA LYS C 252 -67.60 21.00 -6.53
C LYS C 252 -67.77 21.80 -7.81
N ASN C 253 -66.96 22.86 -7.95
CA ASN C 253 -67.02 23.70 -9.13
C ASN C 253 -66.40 22.98 -10.32
N ILE C 254 -66.70 23.49 -11.52
CA ILE C 254 -66.20 22.95 -12.77
C ILE C 254 -65.45 24.07 -13.48
N LEU C 255 -64.19 23.82 -13.82
CA LEU C 255 -63.36 24.78 -14.55
C LEU C 255 -63.30 24.38 -16.01
N VAL C 256 -63.71 25.29 -16.89
CA VAL C 256 -63.65 25.09 -18.33
C VAL C 256 -62.55 25.99 -18.87
N GLN C 257 -61.59 25.40 -19.57
CA GLN C 257 -60.47 26.12 -20.18
C GLN C 257 -60.66 26.08 -21.69
N PHE C 258 -60.79 27.26 -22.30
CA PHE C 258 -60.98 27.34 -23.74
C PHE C 258 -59.67 27.10 -24.48
N ASN C 259 -59.79 26.76 -25.76
CA ASN C 259 -58.64 26.63 -26.65
C ASN C 259 -58.38 27.88 -27.47
N THR C 260 -59.37 28.76 -27.62
CA THR C 260 -59.22 30.04 -28.28
C THR C 260 -59.79 31.14 -27.39
N PRO C 261 -59.28 32.37 -27.50
CA PRO C 261 -59.81 33.45 -26.67
C PRO C 261 -61.00 34.14 -27.31
N VAL C 262 -61.94 34.56 -26.46
CA VAL C 262 -63.08 35.37 -26.88
C VAL C 262 -62.74 36.81 -26.55
N GLN C 263 -62.61 37.66 -27.56
CA GLN C 263 -62.25 39.05 -27.32
C GLN C 263 -63.44 39.81 -26.77
N ILE C 264 -63.23 40.49 -25.64
CA ILE C 264 -64.29 41.24 -24.96
C ILE C 264 -63.74 42.62 -24.61
N ASN C 265 -64.51 43.66 -24.89
CA ASN C 265 -64.09 45.03 -24.63
C ASN C 265 -65.12 45.73 -23.76
N CYS C 266 -64.71 46.12 -22.56
CA CYS C 266 -65.53 46.92 -21.65
C CYS C 266 -65.12 48.39 -21.73
N THR C 267 -66.03 49.26 -21.33
CA THR C 267 -65.74 50.69 -21.38
C THR C 267 -66.69 51.45 -20.47
N ARG C 268 -66.19 52.56 -19.94
CA ARG C 268 -66.96 53.51 -19.16
C ARG C 268 -66.95 54.83 -19.93
N PRO C 269 -67.95 55.07 -20.79
CA PRO C 269 -67.87 56.25 -21.67
C PRO C 269 -67.86 57.58 -20.94
N ASN C 270 -68.31 57.63 -19.70
CA ASN C 270 -68.36 58.90 -18.96
C ASN C 270 -66.96 59.46 -18.79
N ASN C 271 -66.81 60.76 -19.07
CA ASN C 271 -65.53 61.46 -18.96
C ASN C 271 -65.50 62.13 -17.59
N ASN C 272 -65.09 61.37 -16.58
CA ASN C 272 -65.07 61.86 -15.21
C ASN C 272 -63.84 62.75 -14.98
N THR C 273 -63.89 63.50 -13.88
CA THR C 273 -62.79 64.36 -13.45
C THR C 273 -62.47 64.08 -12.00
N ARG C 274 -61.19 64.17 -11.66
CA ARG C 274 -60.70 63.92 -10.31
C ARG C 274 -60.23 65.24 -9.71
N LYS C 275 -60.77 65.59 -8.55
CA LYS C 275 -60.38 66.79 -7.80
C LYS C 275 -59.84 66.38 -6.45
N SER C 276 -58.71 66.96 -6.06
CA SER C 276 -58.06 66.66 -4.80
C SER C 276 -58.46 67.72 -3.78
N ILE C 277 -59.04 67.29 -2.66
CA ILE C 277 -59.43 68.17 -1.56
C ILE C 277 -58.70 67.73 -0.31
N ARG C 278 -58.11 68.68 0.41
CA ARG C 278 -57.25 68.37 1.54
C ARG C 278 -58.10 68.08 2.77
N ILE C 279 -58.10 66.82 3.22
CA ILE C 279 -58.80 66.43 4.43
C ILE C 279 -57.93 66.53 5.67
N GLY C 280 -56.65 66.84 5.53
CA GLY C 280 -55.74 66.95 6.64
C GLY C 280 -54.36 67.35 6.18
N PRO C 281 -53.41 67.45 7.13
CA PRO C 281 -52.04 67.80 6.72
C PRO C 281 -51.38 66.72 5.89
N GLY C 282 -51.14 67.01 4.63
CA GLY C 282 -50.55 66.06 3.70
C GLY C 282 -51.55 65.12 3.05
N GLN C 283 -52.44 64.54 3.84
CA GLN C 283 -53.44 63.63 3.30
C GLN C 283 -54.42 64.40 2.42
N ALA C 284 -54.68 63.88 1.23
CA ALA C 284 -55.60 64.48 0.27
C ALA C 284 -56.55 63.42 -0.24
N PHE C 285 -57.83 63.78 -0.33
CA PHE C 285 -58.88 62.88 -0.80
C PHE C 285 -59.24 63.23 -2.23
N TYR C 286 -59.29 62.22 -3.09
CA TYR C 286 -59.63 62.38 -4.50
C TYR C 286 -61.10 62.10 -4.70
N ALA C 287 -61.81 63.03 -5.34
CA ALA C 287 -63.25 62.98 -5.49
C ALA C 287 -63.64 63.19 -6.93
N THR C 288 -64.81 62.67 -7.29
CA THR C 288 -65.35 62.88 -8.62
C THR C 288 -65.87 64.31 -8.75
N GLY C 289 -65.53 64.97 -9.86
CA GLY C 289 -65.92 66.35 -10.07
C GLY C 289 -67.15 66.48 -10.96
N ASP C 290 -66.94 66.86 -12.21
CA ASP C 290 -68.01 67.05 -13.18
C ASP C 290 -67.92 65.98 -14.25
N ILE C 291 -69.07 65.36 -14.57
CA ILE C 291 -69.12 64.36 -15.63
C ILE C 291 -69.22 65.09 -16.96
N ILE C 292 -68.07 65.31 -17.60
CA ILE C 292 -68.06 66.01 -18.88
C ILE C 292 -68.75 65.15 -19.92
N GLY C 293 -69.73 65.73 -20.62
CA GLY C 293 -70.50 65.01 -21.60
C GLY C 293 -71.78 64.45 -21.02
N ASP C 294 -72.22 63.30 -21.53
CA ASP C 294 -73.45 62.66 -21.09
C ASP C 294 -73.14 61.51 -20.14
N ILE C 295 -74.03 61.30 -19.18
CA ILE C 295 -73.89 60.22 -18.20
C ILE C 295 -74.50 58.98 -18.83
N ARG C 296 -73.64 58.03 -19.21
CA ARG C 296 -74.05 56.80 -19.86
C ARG C 296 -73.50 55.60 -19.09
N GLN C 297 -74.32 54.56 -18.97
CA GLN C 297 -73.91 53.37 -18.23
C GLN C 297 -72.72 52.70 -18.89
N ALA C 298 -71.75 52.31 -18.08
CA ALA C 298 -70.60 51.56 -18.59
C ALA C 298 -71.08 50.23 -19.16
N HIS C 299 -70.56 49.88 -20.33
CA HIS C 299 -71.05 48.71 -21.07
C HIS C 299 -69.87 47.92 -21.60
N CYS C 300 -70.12 46.62 -21.83
CA CYS C 300 -69.08 45.71 -22.31
C CYS C 300 -69.63 44.85 -23.43
N ASN C 301 -68.89 44.80 -24.54
CA ASN C 301 -69.29 44.08 -25.74
C ASN C 301 -68.45 42.81 -25.89
N VAL C 302 -69.13 41.71 -26.24
CA VAL C 302 -68.50 40.44 -26.56
C VAL C 302 -69.11 39.90 -27.85
N SER C 303 -68.25 39.39 -28.74
CA SER C 303 -68.70 38.95 -30.05
C SER C 303 -69.72 37.83 -29.93
N LYS C 304 -70.81 37.94 -30.70
CA LYS C 304 -71.88 36.94 -30.63
C LYS C 304 -71.47 35.65 -31.34
N ALA C 305 -70.83 35.75 -32.51
CA ALA C 305 -70.45 34.55 -33.24
C ALA C 305 -69.34 33.79 -32.52
N THR C 306 -68.33 34.52 -32.03
CA THR C 306 -67.26 33.87 -31.27
C THR C 306 -67.82 33.19 -30.03
N TRP C 307 -68.72 33.87 -29.32
CA TRP C 307 -69.36 33.28 -28.14
C TRP C 307 -70.15 32.04 -28.53
N ASN C 308 -70.86 32.09 -29.64
CA ASN C 308 -71.67 30.94 -30.07
C ASN C 308 -70.79 29.74 -30.36
N GLU C 309 -69.72 29.92 -31.13
CA GLU C 309 -68.85 28.79 -31.45
C GLU C 309 -68.15 28.26 -30.21
N THR C 310 -67.70 29.16 -29.32
CA THR C 310 -67.07 28.71 -28.09
C THR C 310 -68.06 27.91 -27.24
N LEU C 311 -69.30 28.39 -27.13
CA LEU C 311 -70.32 27.67 -26.37
C LEU C 311 -70.60 26.32 -27.00
N GLY C 312 -70.59 26.24 -28.32
CA GLY C 312 -70.73 24.95 -28.99
C GLY C 312 -69.64 23.98 -28.58
N LYS C 313 -68.40 24.47 -28.56
CA LYS C 313 -67.29 23.62 -28.13
C LYS C 313 -67.47 23.17 -26.68
N VAL C 314 -67.89 24.09 -25.81
CA VAL C 314 -68.09 23.73 -24.40
C VAL C 314 -69.17 22.67 -24.26
N VAL C 315 -70.28 22.82 -24.99
CA VAL C 315 -71.37 21.84 -24.81
C VAL C 315 -70.93 20.48 -25.35
N LYS C 316 -70.17 20.47 -26.44
CA LYS C 316 -69.65 19.20 -26.95
C LYS C 316 -68.75 18.53 -25.90
N GLN C 317 -67.81 19.29 -25.34
CA GLN C 317 -66.89 18.69 -24.38
C GLN C 317 -67.60 18.29 -23.09
N LEU C 318 -68.68 18.99 -22.73
CA LEU C 318 -69.43 18.61 -21.54
C LEU C 318 -70.31 17.39 -21.80
N ARG C 319 -70.85 17.28 -23.01
CA ARG C 319 -71.57 16.07 -23.40
C ARG C 319 -70.65 14.86 -23.42
N LYS C 320 -69.36 15.08 -23.69
CA LYS C 320 -68.40 13.99 -23.64
C LYS C 320 -68.43 13.27 -22.30
N HIS C 321 -68.69 14.01 -21.22
CA HIS C 321 -68.75 13.44 -19.86
C HIS C 321 -70.17 13.17 -19.38
N PHE C 322 -71.13 14.02 -19.74
CA PHE C 322 -72.48 13.94 -19.20
C PHE C 322 -73.46 13.22 -20.12
N GLY C 323 -72.97 12.56 -21.17
CA GLY C 323 -73.80 11.83 -22.09
C GLY C 323 -73.92 12.54 -23.43
N ASN C 324 -74.21 11.77 -24.46
CA ASN C 324 -74.25 12.27 -25.83
C ASN C 324 -75.65 12.72 -26.26
N ASN C 325 -76.64 12.68 -25.36
CA ASN C 325 -78.00 13.08 -25.70
C ASN C 325 -78.69 13.92 -24.64
N THR C 326 -78.01 14.29 -23.55
CA THR C 326 -78.63 15.09 -22.51
C THR C 326 -78.73 16.54 -22.96
N ILE C 327 -79.75 17.22 -22.44
CA ILE C 327 -79.96 18.64 -22.72
C ILE C 327 -79.08 19.46 -21.78
N ILE C 328 -78.45 20.50 -22.33
CA ILE C 328 -77.54 21.35 -21.57
C ILE C 328 -78.18 22.73 -21.46
N ARG C 329 -78.52 23.13 -20.25
CA ARG C 329 -79.13 24.43 -19.96
C ARG C 329 -78.09 25.31 -19.29
N PHE C 330 -77.95 26.55 -19.77
CA PHE C 330 -77.10 27.55 -19.15
C PHE C 330 -77.97 28.73 -18.75
N ALA C 331 -78.02 29.03 -17.45
CA ALA C 331 -78.84 30.08 -16.89
C ALA C 331 -77.96 31.02 -16.06
N ASN C 332 -78.48 32.21 -15.80
CA ASN C 332 -77.73 33.23 -15.09
C ASN C 332 -77.43 32.77 -13.66
N SER C 333 -76.68 33.60 -12.93
CA SER C 333 -76.26 33.24 -11.59
C SER C 333 -77.47 33.10 -10.66
N SER C 334 -77.37 32.15 -9.72
CA SER C 334 -78.48 31.87 -8.83
C SER C 334 -78.82 33.07 -7.96
N GLY C 335 -77.91 33.49 -7.11
CA GLY C 335 -78.16 34.61 -6.23
C GLY C 335 -77.12 34.69 -5.13
N GLY C 336 -77.13 35.83 -4.44
CA GLY C 336 -76.16 36.10 -3.40
C GLY C 336 -75.68 37.53 -3.41
N ASP C 337 -74.45 37.77 -2.96
CA ASP C 337 -73.89 39.10 -2.96
C ASP C 337 -73.55 39.54 -4.38
N LEU C 338 -73.31 40.85 -4.54
CA LEU C 338 -73.07 41.40 -5.86
C LEU C 338 -71.79 40.83 -6.49
N GLU C 339 -70.74 40.65 -5.68
CA GLU C 339 -69.46 40.20 -6.22
C GLU C 339 -69.57 38.81 -6.84
N VAL C 340 -70.27 37.90 -6.18
CA VAL C 340 -70.38 36.53 -6.68
C VAL C 340 -71.49 36.36 -7.71
N THR C 341 -72.52 37.19 -7.68
CA THR C 341 -73.64 37.07 -8.61
C THR C 341 -73.38 37.70 -9.97
N THR C 342 -72.33 38.51 -10.10
CA THR C 342 -72.02 39.18 -11.35
C THR C 342 -70.53 39.04 -11.64
N HIS C 343 -70.18 39.17 -12.92
CA HIS C 343 -68.79 39.12 -13.35
C HIS C 343 -68.11 40.40 -12.87
N SER C 344 -67.37 40.29 -11.77
CA SER C 344 -66.68 41.44 -11.18
C SER C 344 -65.20 41.34 -11.53
N PHE C 345 -64.67 42.39 -12.17
CA PHE C 345 -63.27 42.44 -12.54
C PHE C 345 -62.75 43.85 -12.31
N ASN C 346 -61.45 44.03 -12.54
CA ASN C 346 -60.78 45.30 -12.30
C ASN C 346 -59.86 45.55 -13.49
N CYS C 347 -59.92 46.76 -14.04
CA CYS C 347 -59.01 47.15 -15.10
C CYS C 347 -59.06 48.67 -15.24
N GLY C 348 -57.98 49.22 -15.79
CA GLY C 348 -57.90 50.65 -16.01
C GLY C 348 -58.06 51.49 -14.76
N GLY C 349 -57.77 50.92 -13.60
CA GLY C 349 -57.96 51.63 -12.35
C GLY C 349 -59.38 51.67 -11.85
N GLU C 350 -60.31 50.95 -12.49
CA GLU C 350 -61.70 50.94 -12.11
C GLU C 350 -62.19 49.50 -11.99
N PHE C 351 -63.12 49.29 -11.07
CA PHE C 351 -63.69 47.98 -10.79
C PHE C 351 -65.09 47.92 -11.38
N PHE C 352 -65.29 47.00 -12.32
CA PHE C 352 -66.59 46.79 -12.96
C PHE C 352 -67.24 45.53 -12.39
N TYR C 353 -68.57 45.54 -12.38
CA TYR C 353 -69.40 44.46 -11.85
C TYR C 353 -70.43 44.03 -12.90
N CYS C 354 -69.94 43.74 -14.10
CA CYS C 354 -70.83 43.51 -15.24
C CYS C 354 -71.76 42.33 -15.01
N ASN C 355 -73.03 42.52 -15.37
CA ASN C 355 -74.07 41.53 -15.16
C ASN C 355 -74.09 40.57 -16.35
N THR C 356 -73.78 39.31 -16.08
CA THR C 356 -73.70 38.27 -17.12
C THR C 356 -74.97 37.42 -17.04
N SER C 357 -75.98 37.81 -17.81
CA SER C 357 -77.22 37.06 -17.91
C SER C 357 -77.53 36.73 -19.37
N GLY C 358 -77.16 37.63 -20.29
CA GLY C 358 -77.37 37.39 -21.70
C GLY C 358 -76.43 36.35 -22.29
N LEU C 359 -75.28 36.14 -21.66
CA LEU C 359 -74.33 35.14 -22.15
C LEU C 359 -74.77 33.73 -21.76
N PHE C 360 -74.98 33.49 -20.47
CA PHE C 360 -75.36 32.19 -19.97
C PHE C 360 -76.88 32.07 -19.87
N ASN C 361 -77.53 32.23 -21.02
CA ASN C 361 -78.98 32.08 -21.14
C ASN C 361 -79.22 31.34 -22.46
N SER C 362 -79.28 30.01 -22.40
CA SER C 362 -79.47 29.22 -23.61
C SER C 362 -79.73 27.77 -23.24
N THR C 363 -80.23 27.02 -24.21
CA THR C 363 -80.44 25.59 -24.10
C THR C 363 -79.93 24.91 -25.36
N TRP C 364 -79.21 23.82 -25.18
CA TRP C 364 -78.62 23.05 -26.28
C TRP C 364 -79.12 21.61 -26.21
N ILE C 365 -79.56 21.10 -27.36
CA ILE C 365 -80.12 19.75 -27.47
C ILE C 365 -79.47 19.06 -28.65
N SER C 366 -79.64 17.75 -28.71
CA SER C 366 -79.09 16.94 -29.79
C SER C 366 -79.63 17.39 -31.15
N SER C 378 -73.58 37.78 -37.61
CA SER C 378 -72.77 38.46 -38.61
C SER C 378 -71.72 39.36 -37.94
N ASN C 379 -72.18 40.50 -37.42
CA ASN C 379 -71.32 41.44 -36.72
C ASN C 379 -71.89 41.93 -35.40
N ASP C 380 -73.15 41.65 -35.09
CA ASP C 380 -73.72 42.06 -33.82
C ASP C 380 -73.01 41.36 -32.67
N SER C 381 -72.93 42.06 -31.53
CA SER C 381 -72.27 41.56 -30.34
C SER C 381 -73.17 41.78 -29.13
N ILE C 382 -73.03 40.91 -28.14
CA ILE C 382 -73.83 41.03 -26.92
C ILE C 382 -73.23 42.12 -26.06
N THR C 383 -74.07 43.06 -25.63
CA THR C 383 -73.68 44.19 -24.79
C THR C 383 -74.26 43.98 -23.40
N LEU C 384 -73.38 43.87 -22.40
CA LEU C 384 -73.76 43.72 -21.01
C LEU C 384 -73.58 45.04 -20.26
N PRO C 385 -74.45 45.37 -19.31
CA PRO C 385 -74.24 46.58 -18.51
C PRO C 385 -73.32 46.33 -17.33
N CYS C 386 -72.57 47.37 -16.97
CA CYS C 386 -71.58 47.27 -15.90
C CYS C 386 -71.78 48.41 -14.91
N ARG C 387 -71.84 48.06 -13.64
CA ARG C 387 -71.95 49.02 -12.54
C ARG C 387 -70.59 49.15 -11.87
N ILE C 388 -70.16 50.39 -11.66
CA ILE C 388 -68.83 50.68 -11.11
C ILE C 388 -69.02 51.07 -9.65
N LYS C 389 -68.38 50.32 -8.76
CA LYS C 389 -68.32 50.64 -7.35
C LYS C 389 -66.99 51.33 -7.03
N GLN C 390 -66.95 51.94 -5.86
CA GLN C 390 -65.72 52.49 -5.29
C GLN C 390 -65.31 51.82 -3.99
N ILE C 391 -66.26 51.61 -3.08
CA ILE C 391 -65.99 50.88 -1.83
C ILE C 391 -65.88 49.41 -2.20
N ILE C 392 -64.65 48.92 -2.30
CA ILE C 392 -64.36 47.56 -2.78
C ILE C 392 -63.93 46.74 -1.58
N ASN C 393 -64.77 45.75 -1.22
CA ASN C 393 -64.43 44.78 -0.19
C ASN C 393 -64.04 43.48 -0.89
N MET C 394 -62.79 43.45 -1.36
CA MET C 394 -62.29 42.31 -2.11
C MET C 394 -61.76 41.22 -1.16
N TRP C 395 -61.53 40.04 -1.73
CA TRP C 395 -61.03 38.87 -1.03
C TRP C 395 -62.03 38.30 -0.02
N GLN C 396 -63.29 38.73 -0.08
CA GLN C 396 -64.34 38.25 0.83
C GLN C 396 -63.94 38.49 2.29
N ARG C 397 -63.27 39.61 2.54
CA ARG C 397 -62.82 39.98 3.88
C ARG C 397 -63.71 41.07 4.45
N ILE C 398 -63.94 41.00 5.76
CA ILE C 398 -64.80 41.93 6.49
C ILE C 398 -63.90 42.80 7.35
N GLY C 399 -64.14 44.11 7.32
CA GLY C 399 -63.38 45.07 8.11
C GLY C 399 -62.30 45.82 7.35
N GLN C 400 -62.21 45.67 6.03
CA GLN C 400 -61.23 46.38 5.23
C GLN C 400 -61.84 46.71 3.88
N CYS C 401 -61.91 48.01 3.57
CA CYS C 401 -62.47 48.49 2.32
C CYS C 401 -61.44 49.33 1.57
N MET C 402 -61.64 49.44 0.26
CA MET C 402 -60.61 49.89 -0.68
C MET C 402 -61.19 50.93 -1.64
N TYR C 403 -61.72 52.04 -1.10
CA TYR C 403 -62.14 53.16 -1.93
C TYR C 403 -61.13 53.44 -3.03
N ALA C 404 -61.57 53.34 -4.27
CA ALA C 404 -60.71 53.52 -5.43
C ALA C 404 -60.81 54.96 -5.92
N PRO C 405 -59.72 55.71 -6.05
CA PRO C 405 -59.84 57.07 -6.58
C PRO C 405 -60.35 57.04 -8.01
N PRO C 406 -61.11 58.04 -8.43
CA PRO C 406 -61.59 58.07 -9.81
C PRO C 406 -60.44 58.28 -10.78
N ILE C 407 -60.63 57.78 -12.01
CA ILE C 407 -59.63 57.85 -13.07
C ILE C 407 -60.08 58.92 -14.06
N GLN C 408 -59.22 59.91 -14.29
CA GLN C 408 -59.52 60.97 -15.25
C GLN C 408 -59.60 60.39 -16.66
N GLY C 409 -60.57 60.86 -17.43
CA GLY C 409 -60.73 60.46 -18.81
C GLY C 409 -61.57 59.21 -18.98
N VAL C 410 -61.86 58.92 -20.24
CA VAL C 410 -62.65 57.74 -20.60
C VAL C 410 -61.78 56.50 -20.50
N ILE C 411 -62.35 55.40 -20.01
CA ILE C 411 -61.65 54.14 -19.82
C ILE C 411 -62.21 53.13 -20.82
N ARG C 412 -61.31 52.55 -21.61
CA ARG C 412 -61.59 51.39 -22.45
C ARG C 412 -60.65 50.26 -22.05
N CYS C 413 -61.14 49.03 -22.14
CA CYS C 413 -60.37 47.87 -21.68
C CYS C 413 -60.71 46.69 -22.58
N VAL C 414 -59.76 46.30 -23.43
CA VAL C 414 -59.90 45.14 -24.30
C VAL C 414 -59.13 43.98 -23.68
N SER C 415 -59.76 42.81 -23.63
CA SER C 415 -59.16 41.67 -22.95
C SER C 415 -59.70 40.38 -23.59
N ASN C 416 -59.15 39.26 -23.12
CA ASN C 416 -59.53 37.94 -23.58
C ASN C 416 -60.37 37.24 -22.51
N ILE C 417 -61.25 36.36 -22.96
CA ILE C 417 -61.94 35.40 -22.09
C ILE C 417 -61.46 34.02 -22.53
N THR C 418 -60.84 33.30 -21.60
CA THR C 418 -60.29 31.97 -21.88
C THR C 418 -60.62 30.98 -20.78
N GLY C 419 -61.65 31.23 -19.98
CA GLY C 419 -62.00 30.33 -18.90
C GLY C 419 -63.39 30.58 -18.40
N LEU C 420 -63.91 29.59 -17.66
CA LEU C 420 -65.23 29.68 -17.06
C LEU C 420 -65.27 28.84 -15.80
N ILE C 421 -66.07 29.28 -14.83
CA ILE C 421 -66.33 28.55 -13.60
C ILE C 421 -67.83 28.29 -13.54
N LEU C 422 -68.22 27.04 -13.75
CA LEU C 422 -69.62 26.65 -13.80
C LEU C 422 -69.95 25.71 -12.65
N THR C 423 -71.18 25.83 -12.15
CA THR C 423 -71.67 25.00 -11.05
C THR C 423 -72.96 24.32 -11.50
N ARG C 424 -73.06 23.02 -11.25
CA ARG C 424 -74.25 22.27 -11.60
C ARG C 424 -75.31 22.43 -10.51
N ASP C 425 -76.53 22.76 -10.93
CA ASP C 425 -77.64 22.92 -9.99
C ASP C 425 -78.20 21.54 -9.68
N GLY C 426 -77.76 20.99 -8.54
CA GLY C 426 -78.19 19.67 -8.12
C GLY C 426 -79.58 19.68 -7.54
N GLY C 427 -80.03 18.48 -7.16
CA GLY C 427 -81.37 18.29 -6.64
C GLY C 427 -82.17 17.30 -7.47
N SER C 428 -83.19 17.79 -8.16
CA SER C 428 -84.06 16.97 -9.00
C SER C 428 -83.49 16.76 -10.41
N THR C 429 -82.18 16.89 -10.59
CA THR C 429 -81.55 16.71 -11.89
C THR C 429 -81.27 15.25 -12.22
N ASN C 430 -81.91 14.30 -11.53
CA ASN C 430 -81.73 12.89 -11.86
C ASN C 430 -82.22 12.56 -13.27
N SER C 431 -83.13 13.37 -13.82
CA SER C 431 -83.59 13.18 -15.18
C SER C 431 -82.53 13.69 -16.15
N THR C 432 -82.88 13.76 -17.44
CA THR C 432 -81.94 14.22 -18.46
C THR C 432 -81.59 15.69 -18.33
N THR C 433 -82.33 16.46 -17.54
CA THR C 433 -82.06 17.89 -17.41
C THR C 433 -80.70 18.12 -16.76
N GLU C 434 -79.95 19.07 -17.29
CA GLU C 434 -78.66 19.48 -16.75
C GLU C 434 -78.55 20.99 -16.86
N THR C 435 -78.47 21.66 -15.72
CA THR C 435 -78.41 23.12 -15.66
C THR C 435 -77.12 23.55 -14.98
N PHE C 436 -76.22 24.16 -15.74
CA PHE C 436 -74.98 24.72 -15.22
C PHE C 436 -75.09 26.23 -15.23
N ARG C 437 -74.70 26.86 -14.12
CA ARG C 437 -74.80 28.30 -13.96
C ARG C 437 -73.46 28.88 -13.55
N PRO C 438 -73.21 30.16 -13.83
CA PRO C 438 -71.94 30.76 -13.42
C PRO C 438 -71.76 30.73 -11.90
N GLY C 439 -70.52 30.51 -11.47
CA GLY C 439 -70.17 30.50 -10.07
C GLY C 439 -68.92 31.32 -9.79
N GLY C 440 -68.30 31.10 -8.64
CA GLY C 440 -67.10 31.81 -8.28
C GLY C 440 -66.97 32.07 -6.79
N GLY C 441 -66.78 33.33 -6.42
CA GLY C 441 -66.58 33.69 -5.03
C GLY C 441 -65.15 33.46 -4.58
N ASP C 442 -64.75 32.20 -4.50
CA ASP C 442 -63.38 31.87 -4.15
C ASP C 442 -62.45 32.21 -5.31
N MET C 443 -61.33 32.86 -4.99
CA MET C 443 -60.34 33.24 -5.98
C MET C 443 -59.30 32.15 -6.24
N ARG C 444 -59.35 31.04 -5.51
CA ARG C 444 -58.42 29.95 -5.75
C ARG C 444 -58.64 29.33 -7.12
N ASP C 445 -59.89 29.31 -7.60
CA ASP C 445 -60.15 28.75 -8.92
C ASP C 445 -59.45 29.54 -10.02
N ASN C 446 -59.32 30.86 -9.84
CA ASN C 446 -58.60 31.66 -10.81
C ASN C 446 -57.13 31.25 -10.87
N TRP C 447 -56.53 30.96 -9.72
CA TRP C 447 -55.13 30.54 -9.69
C TRP C 447 -54.97 29.09 -10.11
N ARG C 448 -55.98 28.25 -9.84
CA ARG C 448 -55.88 26.83 -10.20
C ARG C 448 -55.95 26.60 -11.70
N SER C 449 -56.44 27.57 -12.47
CA SER C 449 -56.50 27.42 -13.92
C SER C 449 -55.16 27.66 -14.60
N GLU C 450 -54.18 28.25 -13.91
CA GLU C 450 -52.86 28.50 -14.46
C GLU C 450 -51.76 27.69 -13.80
N LEU C 451 -52.00 27.15 -12.60
CA LEU C 451 -51.03 26.31 -11.90
C LEU C 451 -51.43 24.84 -11.93
N TYR C 452 -52.30 24.45 -12.86
CA TYR C 452 -52.79 23.08 -12.90
C TYR C 452 -51.71 22.07 -13.28
N LYS C 453 -50.60 22.52 -13.88
CA LYS C 453 -49.56 21.62 -14.36
C LYS C 453 -48.31 21.64 -13.49
N TYR C 454 -48.12 22.67 -12.67
CA TYR C 454 -46.93 22.77 -11.84
C TYR C 454 -47.13 22.03 -10.51
N LYS C 455 -46.17 21.19 -10.17
CA LYS C 455 -46.15 20.47 -8.90
C LYS C 455 -44.76 20.62 -8.30
N VAL C 456 -44.69 20.61 -6.96
CA VAL C 456 -43.45 20.83 -6.23
C VAL C 456 -43.03 19.51 -5.60
N VAL C 457 -41.77 19.13 -5.79
CA VAL C 457 -41.21 17.92 -5.22
C VAL C 457 -39.88 18.25 -4.56
N LYS C 458 -39.49 17.41 -3.61
CA LYS C 458 -38.22 17.54 -2.90
C LYS C 458 -37.35 16.33 -3.22
N ILE C 459 -36.08 16.59 -3.51
CA ILE C 459 -35.13 15.56 -3.89
C ILE C 459 -34.54 14.92 -2.65
N GLU C 460 -34.21 13.63 -2.75
CA GLU C 460 -33.59 12.86 -1.68
C GLU C 460 -32.35 12.19 -2.27
N PRO C 461 -31.23 12.90 -2.34
CA PRO C 461 -30.06 12.35 -3.06
C PRO C 461 -29.53 11.05 -2.50
N LEU C 462 -29.65 10.81 -1.20
CA LEU C 462 -29.10 9.60 -0.60
C LEU C 462 -29.87 8.38 -1.08
N GLY C 463 -29.13 7.29 -1.32
CA GLY C 463 -29.74 6.03 -1.68
C GLY C 463 -28.82 4.88 -1.34
N VAL C 464 -29.42 3.70 -1.18
CA VAL C 464 -28.70 2.47 -0.83
C VAL C 464 -29.08 1.39 -1.83
N ALA C 465 -28.08 0.66 -2.34
CA ALA C 465 -28.32 -0.38 -3.32
C ALA C 465 -27.43 -1.60 -3.05
N PRO C 466 -27.67 -2.74 -3.69
CA PRO C 466 -26.74 -3.87 -3.57
C PRO C 466 -25.67 -3.84 -4.65
N THR C 467 -24.46 -4.23 -4.28
CA THR C 467 -23.33 -4.28 -5.20
C THR C 467 -22.26 -5.18 -4.61
N ARG C 468 -21.40 -5.70 -5.49
CA ARG C 468 -20.33 -6.62 -5.11
C ARG C 468 -19.13 -5.92 -4.45
N CYS C 469 -19.25 -4.64 -4.11
CA CYS C 469 -18.17 -3.92 -3.46
C CYS C 469 -17.78 -4.58 -2.14
N LYS C 470 -16.62 -4.14 -1.64
CA LYS C 470 -16.22 -4.43 -0.26
C LYS C 470 -15.13 -3.44 0.11
N ARG C 471 -15.36 -2.66 1.16
CA ARG C 471 -14.42 -1.61 1.53
C ARG C 471 -13.08 -2.21 1.94
N ARG C 472 -12.10 -1.33 2.15
CA ARG C 472 -10.73 -1.74 2.47
C ARG C 472 -10.16 -2.61 1.35
N ALA D 6 -26.74 28.19 -15.75
CA ALA D 6 -25.82 27.25 -16.39
C ALA D 6 -25.56 26.04 -15.49
N VAL D 7 -25.82 26.18 -14.20
CA VAL D 7 -25.61 25.07 -13.28
C VAL D 7 -26.76 24.07 -13.34
N PHE D 8 -27.98 24.53 -13.62
CA PHE D 8 -29.14 23.65 -13.67
C PHE D 8 -28.96 22.61 -14.76
N LEU D 9 -28.97 23.07 -16.02
CA LEU D 9 -28.40 22.39 -17.19
C LEU D 9 -28.49 20.87 -17.12
N GLY D 10 -29.70 20.37 -16.89
CA GLY D 10 -29.95 18.94 -16.91
C GLY D 10 -30.20 18.34 -15.54
N PHE D 11 -30.92 19.07 -14.69
CA PHE D 11 -31.31 18.55 -13.39
C PHE D 11 -32.18 17.31 -13.55
N LEU D 12 -32.00 16.33 -12.66
CA LEU D 12 -32.65 15.04 -12.77
C LEU D 12 -32.30 14.40 -14.11
N GLY D 13 -33.20 14.47 -15.09
CA GLY D 13 -32.93 13.91 -16.41
C GLY D 13 -32.95 12.39 -16.49
N ALA D 14 -32.15 11.72 -15.68
CA ALA D 14 -32.06 10.26 -15.67
C ALA D 14 -33.10 9.63 -14.75
N ALA D 15 -34.20 10.32 -14.45
CA ALA D 15 -35.22 9.75 -13.59
C ALA D 15 -35.82 8.48 -14.19
N GLY D 16 -36.10 8.49 -15.48
CA GLY D 16 -36.61 7.32 -16.15
C GLY D 16 -35.58 6.28 -16.53
N SER D 17 -34.30 6.62 -16.42
CA SER D 17 -33.24 5.67 -16.74
C SER D 17 -33.17 4.57 -15.69
N THR D 18 -32.52 3.47 -16.06
CA THR D 18 -32.27 2.40 -15.12
C THR D 18 -31.28 2.86 -14.05
N MET D 19 -31.18 2.08 -12.97
CA MET D 19 -30.31 2.45 -11.87
C MET D 19 -28.85 2.52 -12.31
N GLY D 20 -28.41 1.54 -13.10
CA GLY D 20 -27.01 1.52 -13.52
C GLY D 20 -26.65 2.71 -14.38
N ALA D 21 -27.49 3.01 -15.37
CA ALA D 21 -27.24 4.17 -16.23
C ALA D 21 -27.39 5.47 -15.47
N ALA D 22 -28.40 5.56 -14.59
CA ALA D 22 -28.61 6.79 -13.83
C ALA D 22 -27.47 7.04 -12.85
N SER D 23 -26.77 6.00 -12.42
CA SER D 23 -25.64 6.16 -11.51
C SER D 23 -24.45 6.85 -12.18
N MET D 24 -24.45 6.98 -13.51
CA MET D 24 -23.35 7.62 -14.22
C MET D 24 -23.50 9.13 -14.32
N THR D 25 -24.63 9.69 -13.87
CA THR D 25 -24.89 11.13 -13.92
C THR D 25 -25.33 11.63 -12.56
N LEU D 26 -24.60 11.21 -11.51
CA LEU D 26 -24.91 11.66 -10.16
C LEU D 26 -24.47 13.10 -9.91
N THR D 27 -23.44 13.56 -10.62
CA THR D 27 -22.90 14.89 -10.35
C THR D 27 -23.92 15.98 -10.69
N VAL D 28 -24.66 15.82 -11.78
CA VAL D 28 -25.59 16.87 -12.21
C VAL D 28 -26.69 17.07 -11.18
N GLN D 29 -27.07 16.00 -10.48
CA GLN D 29 -28.10 16.07 -9.46
C GLN D 29 -27.55 16.42 -8.07
N ALA D 30 -26.25 16.67 -7.96
CA ALA D 30 -25.62 17.05 -6.69
C ALA D 30 -25.23 18.52 -6.62
N ARG D 31 -24.97 19.16 -7.76
CA ARG D 31 -24.59 20.57 -7.75
C ARG D 31 -25.76 21.49 -7.42
N ASN D 32 -26.99 21.05 -7.69
CA ASN D 32 -28.17 21.88 -7.52
C ASN D 32 -28.86 21.69 -6.18
N LEU D 33 -28.29 20.90 -5.29
CA LEU D 33 -28.89 20.64 -3.98
C LEU D 33 -28.59 21.74 -2.96
N LEU D 34 -27.80 22.75 -3.33
CA LEU D 34 -27.43 23.83 -2.43
C LEU D 34 -27.80 25.21 -2.97
N SER D 35 -27.75 25.39 -4.29
CA SER D 35 -28.11 26.68 -4.90
C SER D 35 -28.32 26.52 -6.40
N THR D 58 -40.93 43.20 3.92
CA THR D 58 -40.09 42.80 5.04
C THR D 58 -40.16 41.29 5.24
N VAL D 59 -41.39 40.75 5.27
CA VAL D 59 -41.57 39.32 5.47
C VAL D 59 -41.12 38.51 4.26
N TRP D 60 -40.97 39.14 3.10
CA TRP D 60 -40.53 38.40 1.91
C TRP D 60 -39.04 38.11 1.96
N GLY D 61 -38.26 39.04 2.51
CA GLY D 61 -36.88 38.71 2.83
C GLY D 61 -36.79 37.56 3.80
N ILE D 62 -37.72 37.50 4.76
CA ILE D 62 -37.76 36.38 5.70
C ILE D 62 -38.11 35.10 4.95
N LYS D 63 -39.02 35.17 3.98
CA LYS D 63 -39.36 34.00 3.17
C LYS D 63 -38.12 33.45 2.45
N GLN D 64 -37.42 34.32 1.74
CA GLN D 64 -36.23 33.88 1.00
C GLN D 64 -35.16 33.36 1.95
N LEU D 65 -34.96 34.07 3.07
CA LEU D 65 -33.95 33.66 4.04
C LEU D 65 -34.28 32.30 4.64
N GLN D 66 -35.54 32.07 4.99
CA GLN D 66 -35.94 30.79 5.55
C GLN D 66 -35.78 29.67 4.53
N ALA D 67 -36.11 29.94 3.27
CA ALA D 67 -35.90 28.93 2.24
C ALA D 67 -34.42 28.57 2.12
N ARG D 68 -33.55 29.59 2.10
CA ARG D 68 -32.12 29.35 2.00
C ARG D 68 -31.60 28.56 3.21
N VAL D 69 -32.05 28.94 4.41
CA VAL D 69 -31.58 28.27 5.62
C VAL D 69 -32.07 26.83 5.67
N LEU D 70 -33.31 26.59 5.22
CA LEU D 70 -33.82 25.23 5.18
C LEU D 70 -33.01 24.38 4.20
N ALA D 71 -32.69 24.93 3.04
CA ALA D 71 -31.86 24.20 2.09
C ALA D 71 -30.49 23.89 2.67
N VAL D 72 -29.88 24.88 3.33
CA VAL D 72 -28.56 24.68 3.93
C VAL D 72 -28.63 23.61 5.02
N GLU D 73 -29.67 23.65 5.86
CA GLU D 73 -29.80 22.67 6.92
C GLU D 73 -29.98 21.27 6.36
N ARG D 74 -30.80 21.12 5.33
CA ARG D 74 -31.00 19.81 4.72
C ARG D 74 -29.70 19.29 4.12
N TYR D 75 -28.97 20.15 3.40
CA TYR D 75 -27.71 19.72 2.80
C TYR D 75 -26.70 19.32 3.87
N LEU D 76 -26.64 20.08 4.97
CA LEU D 76 -25.68 19.77 6.02
C LEU D 76 -26.05 18.49 6.74
N ARG D 77 -27.35 18.24 6.96
CA ARG D 77 -27.77 16.98 7.54
C ARG D 77 -27.39 15.81 6.65
N ASP D 78 -27.61 15.96 5.34
CA ASP D 78 -27.25 14.89 4.41
C ASP D 78 -25.74 14.65 4.43
N GLN D 79 -24.96 15.72 4.46
CA GLN D 79 -23.50 15.57 4.49
C GLN D 79 -23.03 14.92 5.78
N GLN D 80 -23.63 15.30 6.92
CA GLN D 80 -23.28 14.65 8.19
C GLN D 80 -23.61 13.17 8.16
N LEU D 81 -24.78 12.82 7.61
CA LEU D 81 -25.15 11.41 7.52
C LEU D 81 -24.18 10.65 6.63
N LEU D 82 -23.76 11.24 5.51
CA LEU D 82 -22.77 10.60 4.66
C LEU D 82 -21.44 10.42 5.40
N GLY D 83 -21.00 11.46 6.12
CA GLY D 83 -19.73 11.40 6.81
C GLY D 83 -19.71 10.38 7.93
N ILE D 84 -20.83 10.22 8.63
CA ILE D 84 -20.89 9.26 9.74
C ILE D 84 -20.66 7.85 9.22
N TRP D 85 -21.00 7.58 7.97
CA TRP D 85 -20.78 6.28 7.35
C TRP D 85 -19.38 6.11 6.76
N GLY D 86 -18.54 7.15 6.83
CA GLY D 86 -17.22 7.09 6.25
C GLY D 86 -17.15 7.41 4.77
N CYS D 87 -18.26 7.79 4.15
CA CYS D 87 -18.32 8.13 2.73
C CYS D 87 -18.16 9.63 2.48
N SER D 88 -17.44 10.34 3.35
CA SER D 88 -17.27 11.76 3.18
C SER D 88 -16.50 12.07 1.90
N GLY D 89 -17.00 13.06 1.15
CA GLY D 89 -16.33 13.49 -0.06
C GLY D 89 -16.35 12.48 -1.18
N LYS D 90 -17.33 11.57 -1.20
CA LYS D 90 -17.46 10.57 -2.25
C LYS D 90 -18.89 10.52 -2.72
N LEU D 91 -19.09 10.49 -4.03
CA LEU D 91 -20.43 10.35 -4.60
C LEU D 91 -20.84 8.88 -4.73
N ILE D 92 -19.92 8.03 -5.16
CA ILE D 92 -20.11 6.58 -5.18
C ILE D 92 -19.15 5.99 -4.17
N CYS D 93 -19.65 5.72 -2.97
CA CYS D 93 -18.88 5.09 -1.90
C CYS D 93 -19.65 3.87 -1.42
N CYS D 94 -19.00 2.71 -1.46
CA CYS D 94 -19.64 1.45 -1.09
C CYS D 94 -18.94 0.88 0.14
N THR D 95 -19.75 0.47 1.12
CA THR D 95 -19.25 0.05 2.42
C THR D 95 -19.06 -1.48 2.46
N ASN D 96 -18.79 -2.00 3.65
CA ASN D 96 -18.44 -3.41 3.84
C ASN D 96 -19.53 -4.21 4.55
N VAL D 97 -20.71 -3.64 4.78
CA VAL D 97 -21.78 -4.37 5.45
C VAL D 97 -22.46 -5.28 4.42
N PRO D 98 -23.03 -6.42 4.84
CA PRO D 98 -23.66 -7.31 3.88
C PRO D 98 -25.10 -6.93 3.57
N TRP D 99 -25.57 -7.41 2.43
CA TRP D 99 -26.95 -7.17 1.97
C TRP D 99 -27.81 -8.34 2.44
N ASN D 100 -28.63 -8.11 3.45
CA ASN D 100 -29.54 -9.14 3.93
C ASN D 100 -30.60 -9.43 2.87
N SER D 101 -30.87 -10.71 2.65
CA SER D 101 -31.82 -11.11 1.61
C SER D 101 -33.26 -10.69 1.94
N SER D 102 -33.57 -10.49 3.23
CA SER D 102 -34.93 -10.11 3.60
C SER D 102 -35.30 -8.73 3.06
N TRP D 103 -34.32 -7.83 2.94
CA TRP D 103 -34.62 -6.49 2.44
C TRP D 103 -35.13 -6.54 1.00
N SER D 104 -34.49 -7.35 0.16
CA SER D 104 -34.92 -7.48 -1.23
C SER D 104 -34.28 -8.73 -1.81
N ASN D 105 -35.08 -9.63 -2.36
CA ASN D 105 -34.60 -10.84 -3.01
C ASN D 105 -34.27 -10.63 -4.47
N ARG D 106 -34.50 -9.44 -5.02
CA ARG D 106 -34.18 -9.18 -6.41
C ARG D 106 -32.68 -9.25 -6.65
N ASN D 107 -32.30 -9.82 -7.78
CA ASN D 107 -30.90 -10.08 -8.10
C ASN D 107 -30.30 -8.90 -8.87
N LEU D 108 -28.99 -8.97 -9.08
CA LEU D 108 -28.28 -7.87 -9.75
C LEU D 108 -28.76 -7.69 -11.18
N SER D 109 -29.02 -8.79 -11.89
CA SER D 109 -29.43 -8.70 -13.28
C SER D 109 -30.78 -8.03 -13.46
N GLU D 110 -31.63 -8.01 -12.41
CA GLU D 110 -32.97 -7.47 -12.50
C GLU D 110 -33.15 -6.15 -11.76
N ILE D 111 -32.12 -5.66 -11.07
CA ILE D 111 -32.20 -4.41 -10.32
C ILE D 111 -31.44 -3.29 -11.01
N TRP D 112 -30.28 -3.59 -11.60
CA TRP D 112 -29.45 -2.58 -12.23
C TRP D 112 -29.75 -2.39 -13.71
N ASP D 113 -30.53 -3.29 -14.32
CA ASP D 113 -30.83 -3.22 -15.75
C ASP D 113 -32.31 -3.31 -16.08
N ASN D 114 -33.19 -3.42 -15.08
CA ASN D 114 -34.62 -3.58 -15.32
C ASN D 114 -35.49 -2.69 -14.44
N MET D 115 -34.94 -2.06 -13.40
CA MET D 115 -35.69 -1.21 -12.50
C MET D 115 -35.06 0.17 -12.41
N THR D 116 -35.90 1.17 -12.15
CA THR D 116 -35.47 2.55 -12.02
C THR D 116 -35.31 2.93 -10.55
N TRP D 117 -34.70 4.09 -10.32
CA TRP D 117 -34.38 4.49 -8.96
C TRP D 117 -35.63 4.77 -8.13
N LEU D 118 -36.65 5.37 -8.74
CA LEU D 118 -37.89 5.66 -8.01
C LEU D 118 -38.55 4.38 -7.52
N GLN D 119 -38.64 3.37 -8.39
CA GLN D 119 -39.24 2.10 -8.00
C GLN D 119 -38.42 1.43 -6.90
N TRP D 120 -37.09 1.48 -7.01
CA TRP D 120 -36.25 0.88 -5.99
C TRP D 120 -36.44 1.58 -4.65
N ASP D 121 -36.52 2.90 -4.65
CA ASP D 121 -36.75 3.63 -3.41
C ASP D 121 -38.10 3.29 -2.81
N LYS D 122 -39.13 3.20 -3.65
CA LYS D 122 -40.46 2.82 -3.15
C LYS D 122 -40.47 1.40 -2.62
N GLU D 123 -39.61 0.52 -3.15
CA GLU D 123 -39.64 -0.88 -2.74
C GLU D 123 -39.04 -1.07 -1.35
N ILE D 124 -37.95 -0.36 -1.05
CA ILE D 124 -37.26 -0.49 0.24
C ILE D 124 -37.44 0.77 1.06
N SER D 125 -38.57 1.45 0.88
CA SER D 125 -38.82 2.68 1.62
C SER D 125 -38.93 2.43 3.11
N ASN D 126 -39.40 1.25 3.51
CA ASN D 126 -39.60 0.91 4.92
C ASN D 126 -38.50 0.04 5.50
N TYR D 127 -37.38 -0.11 4.78
CA TYR D 127 -36.21 -0.85 5.27
C TYR D 127 -34.96 0.02 5.24
N THR D 128 -35.12 1.33 5.45
CA THR D 128 -34.03 2.28 5.29
C THR D 128 -33.31 2.59 6.60
N GLN D 129 -34.06 2.77 7.69
CA GLN D 129 -33.44 3.18 8.95
C GLN D 129 -32.49 2.11 9.48
N ILE D 130 -32.88 0.84 9.39
CA ILE D 130 -32.01 -0.22 9.90
C ILE D 130 -30.72 -0.31 9.09
N ILE D 131 -30.80 -0.06 7.77
CA ILE D 131 -29.59 -0.05 6.95
C ILE D 131 -28.67 1.08 7.39
N TYR D 132 -29.25 2.26 7.68
CA TYR D 132 -28.45 3.38 8.14
C TYR D 132 -27.78 3.06 9.47
N GLY D 133 -28.50 2.42 10.39
CA GLY D 133 -27.91 2.04 11.67
C GLY D 133 -26.79 1.04 11.49
N LEU D 134 -26.99 0.06 10.61
CA LEU D 134 -25.93 -0.92 10.34
C LEU D 134 -24.70 -0.25 9.75
N LEU D 135 -24.89 0.68 8.82
CA LEU D 135 -23.76 1.41 8.26
C LEU D 135 -23.03 2.21 9.33
N GLU D 136 -23.79 2.87 10.21
CA GLU D 136 -23.20 3.68 11.27
C GLU D 136 -22.35 2.81 12.20
N GLU D 137 -22.92 1.71 12.69
CA GLU D 137 -22.18 0.86 13.61
C GLU D 137 -21.00 0.19 12.92
N SER D 138 -21.13 -0.15 11.64
CA SER D 138 -20.00 -0.74 10.91
C SER D 138 -18.87 0.25 10.77
N GLN D 139 -19.18 1.51 10.46
CA GLN D 139 -18.14 2.52 10.36
C GLN D 139 -17.47 2.75 11.71
N ASN D 140 -18.26 2.79 12.78
CA ASN D 140 -17.68 2.94 14.11
C ASN D 140 -16.75 1.78 14.45
N GLN D 141 -17.18 0.55 14.15
CA GLN D 141 -16.34 -0.61 14.42
C GLN D 141 -15.08 -0.58 13.57
N GLN D 142 -15.19 -0.16 12.31
CA GLN D 142 -14.02 -0.05 11.45
C GLN D 142 -13.03 0.95 12.00
N GLU D 143 -13.51 2.11 12.47
CA GLU D 143 -12.61 3.11 13.03
C GLU D 143 -11.94 2.59 14.30
N LYS D 144 -12.71 1.90 15.16
CA LYS D 144 -12.13 1.34 16.37
C LYS D 144 -11.07 0.29 16.04
N ASN D 145 -11.35 -0.55 15.04
CA ASN D 145 -10.37 -1.57 14.65
C ASN D 145 -9.12 -0.93 14.06
N GLU D 146 -9.28 0.14 13.29
CA GLU D 146 -8.13 0.85 12.75
C GLU D 146 -7.29 1.42 13.88
N GLN D 147 -7.94 2.01 14.88
CA GLN D 147 -7.20 2.56 16.02
C GLN D 147 -6.46 1.44 16.77
N ASP D 148 -7.12 0.31 16.99
CA ASP D 148 -6.48 -0.79 17.71
C ASP D 148 -5.29 -1.33 16.93
N LEU D 149 -5.45 -1.51 15.61
CA LEU D 149 -4.35 -2.02 14.80
C LEU D 149 -3.18 -1.04 14.77
N LEU D 150 -3.47 0.25 14.59
CA LEU D 150 -2.41 1.23 14.48
C LEU D 150 -1.71 1.47 15.81
N ALA D 151 -2.40 1.23 16.93
CA ALA D 151 -1.77 1.37 18.23
C ALA D 151 -0.62 0.38 18.40
N LEU D 152 -0.79 -0.83 17.90
CA LEU D 152 0.25 -1.86 17.99
C LEU D 152 1.51 -1.41 17.25
N ALA E 1 7.49 16.03 -22.27
CA ALA E 1 8.62 16.65 -21.59
C ALA E 1 8.16 17.45 -20.38
N GLU E 2 7.15 18.30 -20.60
CA GLU E 2 6.62 19.13 -19.51
C GLU E 2 6.02 18.27 -18.41
N ASN E 3 5.16 17.31 -18.79
CA ASN E 3 4.45 16.40 -17.88
C ASN E 3 3.93 17.13 -16.64
N LEU E 4 3.37 18.32 -16.83
CA LEU E 4 2.80 19.12 -15.75
C LEU E 4 1.28 19.03 -15.79
N TRP E 5 0.68 18.96 -14.60
CA TRP E 5 -0.73 18.63 -14.46
C TRP E 5 -1.42 19.66 -13.58
N VAL E 6 -2.75 19.74 -13.72
CA VAL E 6 -3.52 20.73 -12.98
C VAL E 6 -3.49 20.40 -11.49
N THR E 7 -3.44 21.43 -10.66
CA THR E 7 -3.52 21.30 -9.21
C THR E 7 -4.42 22.40 -8.67
N VAL E 8 -5.23 22.05 -7.67
CA VAL E 8 -6.21 22.97 -7.08
C VAL E 8 -5.72 23.37 -5.70
N TYR E 9 -5.72 24.66 -5.43
CA TYR E 9 -5.31 25.23 -4.15
C TYR E 9 -6.50 25.92 -3.48
N TYR E 10 -6.63 25.67 -2.19
CA TYR E 10 -7.69 26.24 -1.36
C TYR E 10 -7.12 27.35 -0.48
N GLY E 11 -7.99 28.30 -0.12
CA GLY E 11 -7.54 29.42 0.69
C GLY E 11 -6.54 30.30 0.00
N VAL E 12 -6.66 30.47 -1.31
CA VAL E 12 -5.69 31.27 -2.06
C VAL E 12 -5.92 32.75 -1.79
N PRO E 13 -4.87 33.59 -1.70
CA PRO E 13 -5.12 35.04 -1.50
C PRO E 13 -5.44 35.78 -2.79
N VAL E 14 -6.69 35.64 -3.24
CA VAL E 14 -7.20 36.29 -4.44
C VAL E 14 -8.53 36.94 -4.08
N TRP E 15 -8.72 38.19 -4.50
CA TRP E 15 -9.93 38.94 -4.20
C TRP E 15 -10.46 39.61 -5.47
N LYS E 16 -11.76 39.90 -5.44
CA LYS E 16 -12.43 40.63 -6.51
C LYS E 16 -13.32 41.70 -5.91
N ASP E 17 -13.43 42.83 -6.62
CA ASP E 17 -14.29 43.91 -6.15
C ASP E 17 -15.74 43.46 -6.14
N ALA E 18 -16.43 43.75 -5.04
CA ALA E 18 -17.82 43.35 -4.88
C ALA E 18 -18.48 44.27 -3.87
N GLU E 19 -19.82 44.28 -3.90
CA GLU E 19 -20.63 45.09 -3.01
C GLU E 19 -21.45 44.18 -2.11
N THR E 20 -21.44 44.45 -0.81
CA THR E 20 -22.19 43.68 0.17
C THR E 20 -22.78 44.65 1.20
N THR E 21 -23.30 44.11 2.28
CA THR E 21 -23.96 44.88 3.34
C THR E 21 -23.08 44.85 4.58
N LEU E 22 -22.47 45.99 4.89
CA LEU E 22 -21.69 46.12 6.12
C LEU E 22 -22.63 46.32 7.31
N PHE E 23 -22.11 46.05 8.50
CA PHE E 23 -22.89 46.10 9.73
C PHE E 23 -22.15 46.92 10.78
N CYS E 24 -22.85 47.15 11.90
CA CYS E 24 -22.34 48.01 12.96
C CYS E 24 -21.15 47.40 13.68
N ALA E 25 -20.36 48.29 14.30
CA ALA E 25 -19.47 47.91 15.39
C ALA E 25 -19.21 49.17 16.22
N SER E 26 -19.92 49.28 17.34
CA SER E 26 -19.83 50.44 18.23
C SER E 26 -19.26 50.01 19.58
N ASP E 27 -18.89 51.02 20.37
CA ASP E 27 -18.31 50.78 21.69
C ASP E 27 -18.61 51.95 22.63
N HIS E 36 -29.31 56.14 25.58
CA HIS E 36 -30.11 56.07 24.36
C HIS E 36 -29.79 57.24 23.43
N ASN E 37 -29.72 56.96 22.14
CA ASN E 37 -29.40 57.98 21.15
C ASN E 37 -29.97 57.56 19.80
N VAL E 38 -30.07 58.52 18.89
CA VAL E 38 -30.66 58.26 17.58
C VAL E 38 -29.84 57.21 16.83
N TRP E 39 -28.51 57.25 16.98
CA TRP E 39 -27.63 56.22 16.40
C TRP E 39 -27.61 55.06 17.39
N ALA E 40 -28.65 54.23 17.32
CA ALA E 40 -28.92 53.20 18.30
C ALA E 40 -27.75 52.22 18.42
N THR E 41 -27.08 52.23 19.57
CA THR E 41 -26.03 51.25 19.86
C THR E 41 -26.58 49.92 20.35
N HIS E 42 -27.89 49.81 20.54
CA HIS E 42 -28.46 48.55 21.03
C HIS E 42 -28.50 47.51 19.93
N ALA E 43 -28.87 47.91 18.70
CA ALA E 43 -28.88 47.03 17.54
C ALA E 43 -27.56 47.07 16.78
N CYS E 44 -26.47 47.45 17.45
CA CYS E 44 -25.15 47.57 16.84
C CYS E 44 -24.17 46.72 17.63
N VAL E 45 -23.33 45.98 16.91
CA VAL E 45 -22.47 44.96 17.50
C VAL E 45 -21.41 45.62 18.37
N PRO E 46 -20.96 45.01 19.47
CA PRO E 46 -19.78 45.55 20.18
C PRO E 46 -18.53 45.40 19.34
N THR E 47 -17.57 46.30 19.59
CA THR E 47 -16.28 46.29 18.91
C THR E 47 -15.21 45.68 19.81
N ASP E 48 -14.27 45.00 19.19
CA ASP E 48 -13.16 44.43 19.94
C ASP E 48 -12.25 45.54 20.47
N PRO E 49 -11.60 45.33 21.61
CA PRO E 49 -10.71 46.39 22.15
C PRO E 49 -9.34 46.44 21.48
N ASN E 50 -8.98 45.45 20.66
CA ASN E 50 -7.67 45.37 20.02
C ASN E 50 -7.94 45.14 18.53
N PRO E 51 -8.26 46.19 17.78
CA PRO E 51 -8.43 46.01 16.33
C PRO E 51 -7.14 45.55 15.67
N GLN E 52 -7.28 44.68 14.68
CA GLN E 52 -6.15 44.08 13.99
C GLN E 52 -6.05 44.66 12.58
N GLU E 53 -4.88 45.16 12.22
CA GLU E 53 -4.60 45.72 10.91
C GLU E 53 -3.45 44.94 10.29
N ILE E 54 -3.69 44.33 9.14
CA ILE E 54 -2.71 43.49 8.46
C ILE E 54 -2.19 44.28 7.27
N HIS E 55 -0.95 44.75 7.36
CA HIS E 55 -0.35 45.53 6.29
CA HIS E 55 -0.35 45.53 6.29
C HIS E 55 0.05 44.61 5.14
N LEU E 56 -0.38 44.97 3.93
CA LEU E 56 -0.06 44.22 2.72
C LEU E 56 0.99 44.98 1.93
N GLU E 57 2.04 44.28 1.52
CA GLU E 57 3.19 44.87 0.85
C GLU E 57 3.24 44.43 -0.61
N ASN E 58 3.70 45.35 -1.47
CA ASN E 58 3.88 45.07 -2.89
C ASN E 58 2.55 44.73 -3.56
N VAL E 59 1.51 45.46 -3.17
CA VAL E 59 0.18 45.33 -3.75
C VAL E 59 -0.31 46.72 -4.15
N THR E 60 -0.69 46.87 -5.42
CA THR E 60 -1.25 48.10 -5.94
C THR E 60 -2.71 47.84 -6.31
N GLU E 61 -3.62 48.57 -5.67
CA GLU E 61 -5.05 48.35 -5.82
C GLU E 61 -5.73 49.59 -6.36
N GLU E 62 -6.60 49.41 -7.34
CA GLU E 62 -7.29 50.52 -7.99
C GLU E 62 -8.49 50.94 -7.14
N PHE E 63 -8.38 52.09 -6.49
CA PHE E 63 -9.47 52.65 -5.69
C PHE E 63 -10.23 53.67 -6.51
N ASN E 64 -11.52 53.83 -6.18
CA ASN E 64 -12.37 54.82 -6.83
C ASN E 64 -13.41 55.27 -5.81
N MET E 65 -13.17 56.41 -5.17
CA MET E 65 -14.08 56.91 -4.15
C MET E 65 -15.45 57.24 -4.71
N TRP E 66 -15.56 57.51 -6.01
CA TRP E 66 -16.81 57.93 -6.63
C TRP E 66 -17.71 56.76 -7.04
N LYS E 67 -17.22 55.52 -6.93
CA LYS E 67 -18.01 54.33 -7.23
C LYS E 67 -18.04 53.38 -6.02
N ASN E 68 -17.97 53.94 -4.82
CA ASN E 68 -18.00 53.15 -3.61
C ASN E 68 -19.46 52.89 -3.20
N ASN E 69 -19.83 51.61 -3.14
CA ASN E 69 -21.17 51.27 -2.69
C ASN E 69 -21.33 51.47 -1.19
N MET E 70 -20.23 51.49 -0.44
CA MET E 70 -20.30 51.63 1.01
C MET E 70 -20.88 52.98 1.42
N VAL E 71 -20.61 54.04 0.66
CA VAL E 71 -21.14 55.35 1.02
C VAL E 71 -22.65 55.40 0.84
N GLU E 72 -23.17 54.81 -0.25
CA GLU E 72 -24.61 54.73 -0.42
C GLU E 72 -25.25 53.84 0.64
N GLN E 73 -24.57 52.75 0.98
CA GLN E 73 -25.05 51.87 2.05
C GLN E 73 -25.15 52.64 3.36
N MET E 74 -24.13 53.44 3.67
CA MET E 74 -24.16 54.25 4.88
C MET E 74 -25.27 55.29 4.84
N HIS E 75 -25.49 55.91 3.67
CA HIS E 75 -26.56 56.89 3.56
C HIS E 75 -27.91 56.26 3.87
N THR E 76 -28.19 55.10 3.25
CA THR E 76 -29.43 54.40 3.55
C THR E 76 -29.50 53.97 5.00
N ASP E 77 -28.39 53.53 5.57
CA ASP E 77 -28.37 53.12 6.98
C ASP E 77 -28.72 54.28 7.89
N ILE E 78 -28.15 55.45 7.63
CA ILE E 78 -28.40 56.62 8.47
C ILE E 78 -29.85 57.05 8.34
N ILE E 79 -30.39 57.06 7.11
CA ILE E 79 -31.78 57.46 6.93
C ILE E 79 -32.71 56.48 7.66
N SER E 80 -32.45 55.18 7.53
CA SER E 80 -33.28 54.18 8.20
C SER E 80 -33.17 54.31 9.71
N LEU E 81 -31.96 54.56 10.22
CA LEU E 81 -31.78 54.72 11.66
C LEU E 81 -32.57 55.92 12.18
N TRP E 82 -32.52 57.05 11.46
CA TRP E 82 -33.26 58.22 11.90
C TRP E 82 -34.77 57.96 11.87
N ASP E 83 -35.24 57.30 10.80
CA ASP E 83 -36.66 57.00 10.71
C ASP E 83 -37.11 56.08 11.83
N GLN E 84 -36.29 55.07 12.16
CA GLN E 84 -36.62 54.19 13.27
C GLN E 84 -36.62 54.94 14.60
N SER E 85 -35.65 55.83 14.79
CA SER E 85 -35.56 56.57 16.04
C SER E 85 -36.72 57.55 16.21
N LEU E 86 -37.28 58.04 15.11
CA LEU E 86 -38.43 58.95 15.21
C LEU E 86 -39.76 58.22 15.40
N LYS E 87 -39.79 56.90 15.26
CA LYS E 87 -41.07 56.18 15.38
C LYS E 87 -41.69 56.31 16.76
N PRO E 88 -41.00 56.05 17.88
CA PRO E 88 -41.65 56.11 19.20
C PRO E 88 -41.64 57.52 19.79
N CYS E 89 -42.31 58.45 19.10
CA CYS E 89 -42.43 59.82 19.57
C CYS E 89 -43.80 60.36 19.20
N VAL E 90 -44.22 61.39 19.94
CA VAL E 90 -45.56 61.95 19.77
C VAL E 90 -45.67 62.61 18.40
N LYS E 91 -46.84 62.47 17.78
CA LYS E 91 -47.15 63.11 16.50
C LYS E 91 -47.90 64.40 16.76
N LEU E 92 -47.41 65.49 16.19
CA LEU E 92 -47.99 66.82 16.43
C LEU E 92 -49.07 67.15 15.40
N THR E 93 -50.02 66.24 15.23
CA THR E 93 -51.18 66.55 14.39
C THR E 93 -52.02 67.70 14.94
N PRO E 94 -52.31 67.81 16.24
CA PRO E 94 -53.15 68.94 16.68
C PRO E 94 -52.49 70.29 16.50
N LEU E 95 -51.17 70.34 16.32
CA LEU E 95 -50.48 71.63 16.20
C LEU E 95 -50.94 72.43 14.99
N CYS E 96 -51.52 71.77 13.97
CA CYS E 96 -51.97 72.46 12.77
C CYS E 96 -53.27 73.20 13.09
N VAL E 97 -53.11 74.38 13.71
CA VAL E 97 -54.21 75.27 14.06
C VAL E 97 -53.82 76.68 13.67
N THR E 98 -54.82 77.57 13.67
CA THR E 98 -54.59 78.97 13.35
C THR E 98 -53.96 79.65 14.55
N LEU E 99 -52.77 80.22 14.36
CA LEU E 99 -52.01 80.86 15.42
C LEU E 99 -52.24 82.37 15.38
N GLN E 100 -52.58 82.95 16.53
CA GLN E 100 -52.70 84.39 16.68
C GLN E 100 -51.38 84.91 17.26
N CYS E 101 -50.60 85.60 16.43
CA CYS E 101 -49.22 85.94 16.78
C CYS E 101 -49.00 87.44 16.79
N THR E 102 -48.03 87.86 17.60
CA THR E 102 -47.59 89.24 17.68
C THR E 102 -46.07 89.26 17.79
N ASN E 103 -45.48 90.42 17.49
CA ASN E 103 -44.04 90.58 17.58
C ASN E 103 -43.58 90.50 19.03
N VAL E 104 -42.36 90.01 19.21
CA VAL E 104 -41.72 90.02 20.53
C VAL E 104 -41.34 91.46 20.86
N THR E 105 -41.71 91.89 22.07
CA THR E 105 -41.56 93.30 22.47
C THR E 105 -40.50 93.53 23.51
N ASN E 106 -40.19 92.55 24.36
CA ASN E 106 -39.24 92.77 25.44
C ASN E 106 -37.80 92.67 24.94
N ASN E 107 -36.96 93.59 25.43
CA ASN E 107 -35.50 93.62 25.22
C ASN E 107 -35.12 93.23 23.79
N ILE E 108 -35.65 93.98 22.82
CA ILE E 108 -35.46 93.65 21.41
C ILE E 108 -34.07 94.10 20.98
N THR E 109 -33.49 93.34 20.05
CA THR E 109 -32.22 93.67 19.42
C THR E 109 -32.46 93.95 17.95
N ASP E 110 -31.63 94.83 17.39
CA ASP E 110 -31.83 95.25 16.00
C ASP E 110 -31.73 94.07 15.05
N ASP E 111 -30.71 93.23 15.22
CA ASP E 111 -30.59 92.05 14.36
C ASP E 111 -31.74 91.07 14.61
N MET E 112 -32.15 90.91 15.86
CA MET E 112 -33.22 89.98 16.21
C MET E 112 -34.57 90.70 16.22
N ARG E 113 -34.90 91.25 15.06
CA ARG E 113 -36.21 91.85 14.80
C ARG E 113 -36.73 91.30 13.48
N GLY E 114 -38.05 91.19 13.37
CA GLY E 114 -38.61 90.34 12.35
C GLY E 114 -38.30 88.89 12.61
N GLU E 115 -38.46 88.45 13.86
CA GLU E 115 -37.99 87.16 14.35
C GLU E 115 -39.02 86.68 15.37
N LEU E 116 -38.60 85.77 16.26
CA LEU E 116 -39.47 84.96 17.13
C LEU E 116 -40.71 85.70 17.59
N LYS E 117 -41.86 85.04 17.42
CA LYS E 117 -43.17 85.67 17.52
C LYS E 117 -43.94 85.01 18.65
N ASN E 118 -44.57 85.83 19.48
CA ASN E 118 -45.40 85.34 20.57
C ASN E 118 -46.75 84.94 19.97
N CYS E 119 -46.97 83.64 19.81
CA CYS E 119 -48.19 83.08 19.24
C CYS E 119 -49.01 82.45 20.34
N SER E 120 -50.33 82.52 20.18
CA SER E 120 -51.28 81.87 21.07
C SER E 120 -52.31 81.13 20.23
N PHE E 121 -52.75 79.99 20.75
CA PHE E 121 -53.70 79.16 20.01
C PHE E 121 -54.43 78.23 20.97
N ASN E 122 -55.57 77.72 20.50
CA ASN E 122 -56.36 76.75 21.23
C ASN E 122 -55.92 75.34 20.83
N MET E 123 -55.72 74.48 21.83
CA MET E 123 -55.28 73.11 21.60
C MET E 123 -56.02 72.19 22.56
N THR E 124 -56.02 70.90 22.20
CA THR E 124 -56.68 69.89 23.02
C THR E 124 -55.92 69.69 24.33
N THR E 125 -56.53 68.90 25.22
CA THR E 125 -55.98 68.59 26.53
C THR E 125 -56.16 67.10 26.77
N GLU E 126 -55.95 66.68 28.03
CA GLU E 126 -56.14 65.27 28.37
C GLU E 126 -57.56 64.83 28.09
N LEU E 127 -58.54 65.69 28.38
CA LEU E 127 -59.94 65.38 28.14
C LEU E 127 -60.33 65.86 26.74
N ARG E 128 -61.00 64.99 25.98
CA ARG E 128 -61.37 65.33 24.61
C ARG E 128 -62.34 66.50 24.58
N ASP E 129 -63.30 66.53 25.50
CA ASP E 129 -64.34 67.56 25.51
C ASP E 129 -63.86 68.80 26.28
N LYS E 130 -62.74 69.36 25.82
CA LYS E 130 -62.21 70.59 26.38
C LYS E 130 -61.15 71.13 25.43
N LYS E 131 -60.85 72.42 25.58
CA LYS E 131 -59.87 73.08 24.71
C LYS E 131 -59.15 74.14 25.54
N GLN E 132 -57.88 73.89 25.85
CA GLN E 132 -57.07 74.87 26.53
C GLN E 132 -56.52 75.89 25.54
N LYS E 133 -56.09 77.03 26.07
CA LYS E 133 -55.43 78.08 25.28
C LYS E 133 -54.01 78.24 25.78
N VAL E 134 -53.04 78.12 24.88
CA VAL E 134 -51.63 78.14 25.24
C VAL E 134 -50.86 79.08 24.33
N TYR E 135 -49.77 79.62 24.86
CA TYR E 135 -48.90 80.56 24.16
C TYR E 135 -47.48 80.00 24.09
N SER E 136 -46.75 80.41 23.06
CA SER E 136 -45.38 79.98 22.87
C SER E 136 -44.70 80.89 21.86
N LEU E 137 -43.38 80.82 21.82
CA LEU E 137 -42.57 81.62 20.92
C LEU E 137 -42.16 80.77 19.72
N PHE E 138 -42.50 81.23 18.52
CA PHE E 138 -42.21 80.51 17.28
C PHE E 138 -41.37 81.38 16.36
N TYR E 139 -40.26 80.82 15.88
CA TYR E 139 -39.40 81.55 14.97
C TYR E 139 -40.12 81.85 13.66
N ARG E 140 -39.65 82.88 12.97
CA ARG E 140 -40.30 83.32 11.73
C ARG E 140 -40.25 82.23 10.66
N LEU E 141 -39.13 81.52 10.56
CA LEU E 141 -39.00 80.48 9.55
C LEU E 141 -40.02 79.37 9.76
N ASP E 142 -40.47 79.15 11.00
CA ASP E 142 -41.40 78.07 11.27
C ASP E 142 -42.81 78.40 10.77
N VAL E 143 -43.25 79.64 10.97
CA VAL E 143 -44.60 80.04 10.68
C VAL E 143 -44.67 80.72 9.31
N VAL E 144 -45.88 80.79 8.77
CA VAL E 144 -46.12 81.43 7.47
C VAL E 144 -47.53 81.98 7.47
N GLN E 145 -47.72 83.13 6.82
CA GLN E 145 -49.02 83.77 6.79
C GLN E 145 -50.02 82.93 6.00
N ILE E 146 -51.23 82.82 6.53
CA ILE E 146 -52.28 82.05 5.89
C ILE E 146 -52.99 82.89 4.84
N LYS E 159 -53.16 88.79 10.53
CA LYS E 159 -52.76 88.44 11.89
C LYS E 159 -52.98 86.96 12.18
N GLU E 160 -52.96 86.14 11.14
CA GLU E 160 -53.14 84.70 11.24
C GLU E 160 -51.94 84.00 10.62
N TYR E 161 -51.41 83.00 11.31
CA TYR E 161 -50.22 82.28 10.88
C TYR E 161 -50.45 80.79 11.06
N ARG E 162 -49.75 79.99 10.25
CA ARG E 162 -49.83 78.54 10.33
C ARG E 162 -48.43 77.95 10.19
N LEU E 163 -48.25 76.75 10.73
CA LEU E 163 -46.95 76.08 10.60
C LEU E 163 -46.66 75.80 9.14
N ILE E 164 -45.37 75.94 8.77
CA ILE E 164 -44.96 75.78 7.38
C ILE E 164 -45.24 74.36 6.89
N ASN E 165 -45.17 73.38 7.78
CA ASN E 165 -45.31 71.97 7.41
C ASN E 165 -46.76 71.50 7.30
N CYS E 166 -47.73 72.37 7.58
CA CYS E 166 -49.11 71.91 7.62
C CYS E 166 -49.60 71.45 6.25
N ASN E 167 -49.26 72.20 5.20
CA ASN E 167 -49.73 71.89 3.85
C ASN E 167 -48.78 70.96 3.11
N THR E 168 -47.84 70.32 3.82
CA THR E 168 -46.98 69.29 3.25
C THR E 168 -47.27 67.93 3.86
N SER E 169 -47.21 67.83 5.19
CA SER E 169 -47.53 66.57 5.87
C SER E 169 -47.48 66.81 7.38
N ALA E 170 -48.31 66.06 8.11
CA ALA E 170 -48.18 66.01 9.55
C ALA E 170 -46.94 65.22 9.92
N CYS E 171 -46.11 65.79 10.79
CA CYS E 171 -44.80 65.25 11.12
C CYS E 171 -44.58 65.29 12.62
N THR E 172 -43.69 64.42 13.08
CA THR E 172 -43.61 64.06 14.50
C THR E 172 -42.59 64.91 15.24
N GLN E 173 -42.81 65.05 16.54
CA GLN E 173 -41.86 65.71 17.42
C GLN E 173 -40.69 64.78 17.72
N ALA E 174 -39.54 65.37 18.02
CA ALA E 174 -38.36 64.63 18.43
C ALA E 174 -38.38 64.46 19.95
N CYS E 175 -38.25 63.22 20.40
CA CYS E 175 -38.29 62.95 21.83
C CYS E 175 -37.10 63.61 22.52
N PRO E 176 -37.31 64.27 23.67
CA PRO E 176 -36.17 64.95 24.32
C PRO E 176 -35.09 64.01 24.80
N LYS E 177 -35.44 62.78 25.19
CA LYS E 177 -34.47 61.88 25.80
C LYS E 177 -33.35 61.51 24.83
N VAL E 178 -33.70 61.24 23.57
CA VAL E 178 -32.70 60.82 22.59
C VAL E 178 -31.85 62.01 22.19
N SER E 179 -30.54 61.81 22.14
CA SER E 179 -29.59 62.85 21.78
C SER E 179 -29.11 62.66 20.36
N PHE E 180 -28.92 63.78 19.65
CA PHE E 180 -28.48 63.78 18.26
C PHE E 180 -26.96 63.84 18.13
N GLU E 181 -26.22 63.69 19.22
CA GLU E 181 -24.77 63.78 19.16
C GLU E 181 -24.22 62.65 18.29
N PRO E 182 -23.36 62.93 17.30
CA PRO E 182 -22.76 61.83 16.54
C PRO E 182 -21.94 60.91 17.42
N ILE E 183 -21.98 59.62 17.08
CA ILE E 183 -21.24 58.58 17.80
C ILE E 183 -20.49 57.77 16.75
N PRO E 184 -19.22 57.41 16.94
CA PRO E 184 -18.53 56.61 15.92
C PRO E 184 -19.23 55.27 15.68
N ILE E 185 -19.27 54.87 14.42
CA ILE E 185 -19.87 53.61 13.98
C ILE E 185 -18.86 52.95 13.04
N HIS E 186 -18.15 51.94 13.54
CA HIS E 186 -17.14 51.25 12.76
C HIS E 186 -17.82 50.24 11.86
N TYR E 187 -17.68 50.41 10.55
CA TYR E 187 -18.34 49.54 9.58
C TYR E 187 -17.42 48.38 9.26
N CYS E 188 -17.69 47.22 9.86
CA CYS E 188 -16.93 46.00 9.59
C CYS E 188 -17.47 45.36 8.31
N ALA E 189 -16.98 44.17 7.99
CA ALA E 189 -17.37 43.43 6.80
C ALA E 189 -17.82 42.02 7.20
N PRO E 190 -18.67 41.37 6.38
CA PRO E 190 -19.09 40.01 6.73
C PRO E 190 -17.96 39.00 6.58
N ALA E 191 -18.24 37.75 6.94
CA ALA E 191 -17.26 36.69 6.74
C ALA E 191 -17.07 36.42 5.25
N GLY E 192 -15.82 36.18 4.86
CA GLY E 192 -15.47 35.96 3.48
C GLY E 192 -15.13 37.20 2.70
N PHE E 193 -15.49 38.38 3.21
CA PHE E 193 -15.15 39.66 2.61
C PHE E 193 -14.03 40.32 3.39
N ALA E 194 -13.47 41.38 2.81
CA ALA E 194 -12.37 42.10 3.41
C ALA E 194 -12.48 43.58 3.07
N ILE E 195 -11.95 44.41 3.97
CA ILE E 195 -11.88 45.85 3.79
C ILE E 195 -10.41 46.22 3.61
N LEU E 196 -10.09 46.78 2.44
CA LEU E 196 -8.74 47.21 2.11
C LEU E 196 -8.62 48.69 2.37
N LYS E 197 -7.65 49.07 3.21
CA LYS E 197 -7.34 50.46 3.49
C LYS E 197 -6.33 50.97 2.46
N CYS E 198 -6.09 52.28 2.48
CA CYS E 198 -5.07 52.90 1.62
C CYS E 198 -4.37 53.97 2.46
N LYS E 199 -3.28 53.59 3.10
CA LYS E 199 -2.51 54.49 3.95
C LYS E 199 -1.61 55.42 3.15
N ASP E 200 -1.50 55.22 1.83
CA ASP E 200 -0.62 56.03 1.00
C ASP E 200 -0.97 57.52 1.10
N LYS E 201 -0.07 58.30 1.67
CA LYS E 201 -0.29 59.73 1.75
C LYS E 201 -0.18 60.35 0.35
N LYS E 202 -0.86 61.49 0.18
CA LYS E 202 -0.99 62.14 -1.12
C LYS E 202 -1.67 61.20 -2.12
N PHE E 203 -2.93 60.88 -1.78
CA PHE E 203 -3.79 60.06 -2.60
C PHE E 203 -5.06 60.86 -2.90
N ASN E 204 -5.42 60.95 -4.17
CA ASN E 204 -6.57 61.74 -4.62
C ASN E 204 -7.82 60.89 -4.80
N GLY E 205 -7.97 59.84 -3.99
CA GLY E 205 -9.17 59.03 -4.03
C GLY E 205 -9.17 57.99 -5.15
N THR E 206 -9.14 58.47 -6.38
CA THR E 206 -9.17 57.60 -7.55
C THR E 206 -7.75 57.19 -7.95
N GLY E 207 -7.66 56.04 -8.62
CA GLY E 207 -6.41 55.58 -9.18
C GLY E 207 -5.78 54.47 -8.38
N PRO E 208 -4.56 54.06 -8.77
CA PRO E 208 -3.86 53.03 -7.99
C PRO E 208 -3.35 53.57 -6.65
N CYS E 209 -3.46 52.73 -5.63
CA CYS E 209 -2.87 52.98 -4.32
C CYS E 209 -1.86 51.87 -4.04
N PRO E 210 -0.57 52.17 -3.77
CA PRO E 210 0.40 51.08 -3.58
C PRO E 210 0.48 50.57 -2.15
N SER E 211 0.01 51.36 -1.19
CA SER E 211 0.07 51.01 0.23
C SER E 211 -1.33 50.55 0.65
N VAL E 212 -1.58 49.25 0.49
CA VAL E 212 -2.86 48.63 0.84
C VAL E 212 -2.70 47.88 2.15
N SER E 213 -3.69 48.00 3.03
CA SER E 213 -3.65 47.34 4.33
C SER E 213 -5.04 46.88 4.69
N THR E 214 -5.20 45.57 4.93
CA THR E 214 -6.49 45.03 5.33
C THR E 214 -6.80 45.44 6.76
N VAL E 215 -8.06 45.83 6.98
CA VAL E 215 -8.54 46.25 8.29
C VAL E 215 -9.81 45.46 8.60
N GLN E 216 -9.88 44.92 9.82
CA GLN E 216 -11.08 44.21 10.25
C GLN E 216 -12.28 45.13 10.24
N CYS E 217 -12.12 46.36 10.73
CA CYS E 217 -13.20 47.33 10.78
C CYS E 217 -12.63 48.72 10.56
N THR E 218 -13.50 49.64 10.13
CA THR E 218 -13.08 51.00 9.81
C THR E 218 -12.84 51.79 11.10
N HIS E 219 -12.28 52.99 10.93
CA HIS E 219 -12.00 53.89 12.03
C HIS E 219 -13.27 54.63 12.44
N GLY E 220 -13.12 55.69 13.24
CA GLY E 220 -14.25 56.50 13.64
C GLY E 220 -14.81 57.27 12.45
N ILE E 221 -16.11 57.08 12.17
CA ILE E 221 -16.74 57.68 10.99
C ILE E 221 -17.91 58.52 11.48
N LYS E 222 -17.71 59.25 12.61
CA LYS E 222 -18.75 59.99 13.33
C LYS E 222 -19.77 60.62 12.39
N PRO E 223 -21.07 60.23 12.47
CA PRO E 223 -22.02 60.69 11.43
C PRO E 223 -22.50 62.12 11.66
N VAL E 224 -21.60 63.06 11.44
CA VAL E 224 -21.93 64.48 11.52
C VAL E 224 -22.53 64.90 10.19
N VAL E 225 -23.63 65.65 10.25
CA VAL E 225 -24.34 66.13 9.07
C VAL E 225 -24.20 67.65 9.02
N SER E 226 -23.79 68.16 7.86
CA SER E 226 -23.61 69.59 7.68
C SER E 226 -23.50 69.88 6.18
N THR E 227 -23.27 71.15 5.85
CA THR E 227 -23.21 71.60 4.47
C THR E 227 -22.14 72.68 4.32
N GLN E 228 -21.21 72.44 3.39
CA GLN E 228 -20.23 73.43 2.92
C GLN E 228 -19.10 73.71 3.93
N LEU E 229 -19.23 73.22 5.16
CA LEU E 229 -18.30 73.54 6.23
C LEU E 229 -18.07 72.30 7.10
N LEU E 230 -17.75 71.18 6.44
CA LEU E 230 -17.74 69.85 7.05
C LEU E 230 -17.06 69.84 8.42
N LEU E 231 -17.86 69.53 9.44
CA LEU E 231 -17.44 69.54 10.84
C LEU E 231 -16.70 68.23 11.15
N ASN E 232 -16.56 67.90 12.44
CA ASN E 232 -15.61 66.91 12.97
C ASN E 232 -15.35 65.73 12.03
N GLY E 233 -14.08 65.45 11.78
CA GLY E 233 -13.71 64.38 10.88
C GLY E 233 -12.21 64.13 10.92
N SER E 234 -11.76 63.33 9.95
CA SER E 234 -10.35 62.97 9.85
C SER E 234 -9.62 64.01 9.01
N LEU E 235 -8.66 64.70 9.63
CA LEU E 235 -7.86 65.68 8.91
C LEU E 235 -6.81 65.01 8.04
N ALA E 236 -6.33 65.75 7.05
CA ALA E 236 -5.25 65.25 6.20
C ALA E 236 -3.95 65.17 7.00
N GLU E 237 -3.00 64.39 6.47
CA GLU E 237 -1.74 64.13 7.14
C GLU E 237 -0.55 64.82 6.52
N GLU E 238 -0.57 65.11 5.22
CA GLU E 238 0.54 65.77 4.53
C GLU E 238 0.28 67.26 4.34
N GLU E 239 -0.80 67.62 3.66
CA GLU E 239 -1.26 69.01 3.58
C GLU E 239 -2.68 68.96 3.01
N VAL E 240 -3.20 70.15 2.66
CA VAL E 240 -4.56 70.22 2.12
C VAL E 240 -4.65 69.40 0.85
N MET E 241 -5.75 68.66 0.70
CA MET E 241 -5.98 67.79 -0.45
C MET E 241 -7.25 68.21 -1.17
N ILE E 242 -7.20 68.14 -2.51
CA ILE E 242 -8.33 68.47 -3.37
C ILE E 242 -8.72 67.21 -4.14
N ARG E 243 -10.00 66.85 -4.10
CA ARG E 243 -10.49 65.66 -4.77
C ARG E 243 -11.75 66.02 -5.57
N SER E 244 -11.86 65.45 -6.78
CA SER E 244 -13.02 65.69 -7.63
C SER E 244 -13.13 64.55 -8.64
N GLU E 245 -14.36 64.20 -8.97
CA GLU E 245 -14.59 63.11 -9.92
C GLU E 245 -14.02 63.46 -11.29
N ASN E 246 -14.26 64.69 -11.75
CA ASN E 246 -13.70 65.17 -13.02
C ASN E 246 -13.50 66.68 -12.86
N ILE E 247 -12.27 67.06 -12.47
CA ILE E 247 -11.99 68.46 -12.21
C ILE E 247 -12.11 69.30 -13.47
N THR E 248 -11.95 68.70 -14.66
CA THR E 248 -12.17 69.43 -15.89
C THR E 248 -13.62 69.88 -16.00
N ASN E 249 -14.55 69.02 -15.62
CA ASN E 249 -15.98 69.37 -15.61
C ASN E 249 -16.32 70.10 -14.33
N ASN E 250 -17.00 71.23 -14.46
CA ASN E 250 -17.39 72.03 -13.31
C ASN E 250 -18.66 71.55 -12.63
N ALA E 251 -19.41 70.64 -13.26
CA ALA E 251 -20.64 70.14 -12.65
C ALA E 251 -20.35 69.36 -11.37
N LYS E 252 -19.30 68.53 -11.38
CA LYS E 252 -18.98 67.72 -10.21
C LYS E 252 -18.44 68.58 -9.08
N ASN E 253 -18.78 68.19 -7.85
CA ASN E 253 -18.32 68.92 -6.69
C ASN E 253 -16.83 68.66 -6.45
N ILE E 254 -16.22 69.50 -5.63
CA ILE E 254 -14.81 69.41 -5.27
C ILE E 254 -14.72 69.38 -3.76
N LEU E 255 -14.18 68.29 -3.22
CA LEU E 255 -13.98 68.16 -1.79
C LEU E 255 -12.57 68.61 -1.42
N VAL E 256 -12.49 69.50 -0.44
CA VAL E 256 -11.22 70.00 0.09
C VAL E 256 -11.08 69.47 1.50
N GLN E 257 -9.96 68.79 1.77
CA GLN E 257 -9.67 68.21 3.07
C GLN E 257 -8.49 68.98 3.68
N PHE E 258 -8.73 69.58 4.84
CA PHE E 258 -7.69 70.35 5.52
C PHE E 258 -6.73 69.40 6.24
N ASN E 259 -5.54 69.91 6.54
CA ASN E 259 -4.54 69.22 7.34
C ASN E 259 -4.42 69.77 8.75
N THR E 260 -5.11 70.85 9.07
CA THR E 260 -5.10 71.46 10.39
C THR E 260 -6.50 71.91 10.75
N PRO E 261 -6.83 72.01 12.04
CA PRO E 261 -8.17 72.45 12.42
C PRO E 261 -8.37 73.94 12.23
N VAL E 262 -9.63 74.32 11.98
CA VAL E 262 -10.04 75.70 11.76
C VAL E 262 -11.12 76.05 12.79
N GLN E 263 -10.95 75.52 14.01
CA GLN E 263 -11.96 75.47 15.06
C GLN E 263 -12.93 76.65 15.11
N ILE E 264 -14.22 76.35 15.17
CA ILE E 264 -15.31 77.31 15.08
C ILE E 264 -16.16 77.21 16.34
N ASN E 265 -16.66 78.35 16.80
CA ASN E 265 -17.48 78.43 18.02
C ASN E 265 -18.85 79.01 17.64
N CYS E 266 -19.88 78.17 17.65
CA CYS E 266 -21.23 78.59 17.30
C CYS E 266 -22.11 78.49 18.54
N THR E 267 -22.90 79.55 18.78
CA THR E 267 -23.63 79.65 20.04
C THR E 267 -24.93 80.42 19.84
N ARG E 268 -25.85 80.19 20.78
CA ARG E 268 -27.15 80.87 20.85
C ARG E 268 -27.20 81.60 22.18
N PRO E 269 -26.81 82.88 22.24
CA PRO E 269 -26.85 83.58 23.55
C PRO E 269 -28.25 84.03 23.93
N ASN E 270 -29.11 83.05 24.19
CA ASN E 270 -30.50 83.31 24.56
C ASN E 270 -30.92 82.24 25.56
N ASN E 271 -30.99 82.61 26.84
CA ASN E 271 -31.45 81.69 27.88
C ASN E 271 -32.93 81.39 27.66
N ASN E 272 -33.24 80.17 27.25
CA ASN E 272 -34.59 79.75 26.89
C ASN E 272 -35.19 78.88 27.99
N THR E 273 -36.51 78.78 27.97
CA THR E 273 -37.27 77.96 28.91
C THR E 273 -38.18 77.03 28.14
N ARG E 274 -38.31 75.80 28.64
CA ARG E 274 -39.14 74.77 28.03
C ARG E 274 -40.36 74.55 28.91
N LYS E 275 -41.55 74.57 28.30
CA LYS E 275 -42.80 74.28 28.99
C LYS E 275 -43.52 73.14 28.29
N SER E 276 -44.07 72.22 29.07
CA SER E 276 -44.76 71.05 28.56
C SER E 276 -46.25 71.32 28.52
N ILE E 277 -46.85 71.18 27.34
CA ILE E 277 -48.28 71.33 27.14
C ILE E 277 -48.86 69.94 26.84
N ARG E 278 -49.91 69.57 27.56
CA ARG E 278 -50.52 68.25 27.41
C ARG E 278 -51.51 68.32 26.26
N ILE E 279 -51.18 67.66 25.15
CA ILE E 279 -52.02 67.66 23.96
C ILE E 279 -52.84 66.39 23.81
N GLY E 280 -52.69 65.43 24.70
CA GLY E 280 -53.42 64.18 24.61
C GLY E 280 -53.15 63.26 25.78
N PRO E 281 -53.66 62.02 25.72
CA PRO E 281 -53.42 61.08 26.81
C PRO E 281 -51.99 60.56 26.85
N GLY E 282 -51.11 61.33 27.48
CA GLY E 282 -49.71 60.98 27.62
C GLY E 282 -48.78 61.69 26.66
N GLN E 283 -49.32 62.28 25.59
CA GLN E 283 -48.49 63.01 24.65
C GLN E 283 -48.26 64.43 25.13
N ALA E 284 -47.00 64.87 25.08
CA ALA E 284 -46.59 66.18 25.55
C ALA E 284 -45.89 66.93 24.43
N PHE E 285 -46.20 68.22 24.32
CA PHE E 285 -45.59 69.11 23.34
C PHE E 285 -44.71 70.11 24.10
N TYR E 286 -43.43 70.13 23.77
CA TYR E 286 -42.47 70.99 24.44
C TYR E 286 -42.34 72.30 23.67
N ALA E 287 -42.67 73.41 24.32
CA ALA E 287 -42.72 74.71 23.68
C ALA E 287 -41.76 75.67 24.36
N THR E 288 -41.30 76.66 23.61
CA THR E 288 -40.41 77.68 24.12
C THR E 288 -41.22 78.69 24.93
N GLY E 289 -40.89 78.82 26.22
CA GLY E 289 -41.59 79.73 27.10
C GLY E 289 -40.89 81.07 27.22
N ASP E 290 -40.34 81.34 28.39
CA ASP E 290 -39.66 82.61 28.63
C ASP E 290 -38.31 82.63 27.93
N ILE E 291 -37.86 83.84 27.61
CA ILE E 291 -36.58 84.09 26.94
C ILE E 291 -35.75 84.99 27.82
N ILE E 292 -35.85 84.78 29.15
CA ILE E 292 -35.27 85.68 30.15
C ILE E 292 -33.84 86.05 29.78
N GLY E 293 -33.52 87.34 29.91
CA GLY E 293 -32.25 87.89 29.48
C GLY E 293 -32.47 88.97 28.42
N ASP E 294 -31.62 88.94 27.39
CA ASP E 294 -31.73 89.83 26.24
C ASP E 294 -31.73 89.00 24.98
N ILE E 295 -32.60 89.35 24.04
CA ILE E 295 -32.67 88.62 22.78
C ILE E 295 -31.46 88.99 21.92
N ARG E 296 -30.77 87.98 21.41
CA ARG E 296 -29.56 88.17 20.63
C ARG E 296 -29.47 87.05 19.60
N GLN E 297 -29.08 87.42 18.39
CA GLN E 297 -28.96 86.44 17.31
C GLN E 297 -27.84 85.45 17.59
N ALA E 298 -28.12 84.17 17.35
CA ALA E 298 -27.08 83.16 17.45
C ALA E 298 -25.99 83.44 16.41
N HIS E 299 -24.74 83.23 16.80
CA HIS E 299 -23.60 83.61 15.97
C HIS E 299 -22.58 82.47 15.90
N CYS E 300 -21.90 82.41 14.76
CA CYS E 300 -20.81 81.49 14.50
C CYS E 300 -19.52 82.28 14.35
N ASN E 301 -18.52 81.94 15.16
CA ASN E 301 -17.24 82.65 15.20
C ASN E 301 -16.15 81.75 14.63
N VAL E 302 -15.43 82.26 13.63
CA VAL E 302 -14.30 81.56 13.02
C VAL E 302 -13.08 82.46 13.14
N SER E 303 -11.96 81.88 13.54
CA SER E 303 -10.73 82.64 13.71
C SER E 303 -10.29 83.25 12.38
N LYS E 304 -9.76 84.47 12.44
CA LYS E 304 -9.38 85.18 11.22
C LYS E 304 -8.05 84.68 10.68
N ALA E 305 -7.01 84.65 11.52
CA ALA E 305 -5.69 84.22 11.05
C ALA E 305 -5.70 82.75 10.66
N THR E 306 -6.37 81.90 11.45
CA THR E 306 -6.43 80.48 11.14
C THR E 306 -7.12 80.25 9.80
N TRP E 307 -8.27 80.90 9.59
CA TRP E 307 -8.97 80.78 8.32
C TRP E 307 -8.13 81.32 7.17
N ASN E 308 -7.42 82.42 7.40
CA ASN E 308 -6.58 83.00 6.34
C ASN E 308 -5.50 82.02 5.91
N GLU E 309 -4.78 81.43 6.88
CA GLU E 309 -3.70 80.52 6.51
C GLU E 309 -4.26 79.24 5.89
N THR E 310 -5.38 78.72 6.41
CA THR E 310 -5.97 77.53 5.82
C THR E 310 -6.42 77.79 4.39
N LEU E 311 -7.03 78.96 4.14
CA LEU E 311 -7.48 79.28 2.80
C LEU E 311 -6.30 79.55 1.87
N GLY E 312 -5.18 80.05 2.41
CA GLY E 312 -3.98 80.16 1.60
C GLY E 312 -3.42 78.82 1.17
N LYS E 313 -3.41 77.85 2.11
CA LYS E 313 -3.01 76.49 1.74
C LYS E 313 -3.97 75.92 0.68
N VAL E 314 -5.27 76.15 0.85
CA VAL E 314 -6.24 75.73 -0.14
C VAL E 314 -5.95 76.39 -1.48
N VAL E 315 -5.56 77.66 -1.45
CA VAL E 315 -5.27 78.41 -2.67
C VAL E 315 -4.09 77.79 -3.39
N LYS E 316 -3.03 77.46 -2.65
CA LYS E 316 -1.86 76.84 -3.26
C LYS E 316 -2.22 75.48 -3.87
N GLN E 317 -2.98 74.67 -3.13
CA GLN E 317 -3.31 73.34 -3.63
C GLN E 317 -4.21 73.41 -4.86
N LEU E 318 -5.16 74.36 -4.88
CA LEU E 318 -5.99 74.55 -6.07
C LEU E 318 -5.16 75.08 -7.24
N ARG E 319 -4.22 75.99 -6.97
CA ARG E 319 -3.36 76.53 -8.01
C ARG E 319 -2.48 75.44 -8.61
N LYS E 320 -2.18 74.39 -7.84
CA LYS E 320 -1.42 73.27 -8.40
C LYS E 320 -2.15 72.67 -9.60
N HIS E 321 -3.47 72.52 -9.49
CA HIS E 321 -4.26 71.87 -10.54
C HIS E 321 -4.89 72.84 -11.53
N PHE E 322 -4.78 74.15 -11.30
CA PHE E 322 -5.41 75.16 -12.15
C PHE E 322 -4.38 76.19 -12.61
N GLY E 323 -3.23 75.71 -13.08
CA GLY E 323 -2.21 76.58 -13.60
C GLY E 323 -1.51 77.37 -12.52
N ASN E 324 -0.25 77.77 -12.78
CA ASN E 324 0.53 78.50 -11.80
C ASN E 324 0.19 79.98 -11.72
N ASN E 325 -0.56 80.51 -12.68
CA ASN E 325 -0.93 81.93 -12.71
C ASN E 325 -2.40 82.02 -13.13
N THR E 326 -3.28 82.07 -12.14
CA THR E 326 -4.70 82.22 -12.40
C THR E 326 -5.34 82.99 -11.25
N ILE E 327 -6.46 83.65 -11.54
CA ILE E 327 -7.22 84.39 -10.55
C ILE E 327 -8.32 83.49 -10.04
N ILE E 328 -8.39 83.30 -8.72
CA ILE E 328 -9.43 82.49 -8.09
C ILE E 328 -10.21 83.38 -7.14
N ARG E 329 -11.53 83.20 -7.13
CA ARG E 329 -12.42 84.03 -6.34
C ARG E 329 -13.32 83.13 -5.49
N PHE E 330 -13.34 83.39 -4.19
CA PHE E 330 -14.20 82.68 -3.25
C PHE E 330 -15.39 83.57 -2.94
N ALA E 331 -16.54 83.24 -3.51
CA ALA E 331 -17.78 83.99 -3.34
C ALA E 331 -18.74 83.21 -2.45
N ASN E 332 -19.81 83.88 -2.05
CA ASN E 332 -20.77 83.28 -1.13
C ASN E 332 -21.70 82.33 -1.88
N SER E 333 -22.65 81.75 -1.14
CA SER E 333 -23.53 80.74 -1.70
C SER E 333 -24.36 81.30 -2.84
N SER E 334 -24.50 80.50 -3.90
CA SER E 334 -25.27 80.93 -5.07
C SER E 334 -26.73 81.15 -4.71
N GLY E 335 -27.41 80.11 -4.27
CA GLY E 335 -28.80 80.21 -3.90
C GLY E 335 -29.47 78.85 -3.85
N GLY E 336 -30.77 78.88 -3.56
CA GLY E 336 -31.57 77.68 -3.44
C GLY E 336 -32.26 77.59 -2.10
N ASP E 337 -32.48 76.37 -1.64
CA ASP E 337 -33.10 76.14 -0.35
C ASP E 337 -32.16 76.57 0.78
N LEU E 338 -32.75 76.87 1.93
CA LEU E 338 -31.96 77.30 3.07
C LEU E 338 -30.96 76.23 3.50
N GLU E 339 -31.32 74.95 3.35
CA GLU E 339 -30.40 73.88 3.70
C GLU E 339 -29.18 73.87 2.79
N VAL E 340 -29.37 74.15 1.50
CA VAL E 340 -28.31 74.09 0.51
C VAL E 340 -27.74 75.48 0.23
N THR E 341 -27.92 76.44 1.15
CA THR E 341 -27.40 77.80 1.01
C THR E 341 -26.65 78.29 2.24
N THR E 342 -26.83 77.65 3.40
CA THR E 342 -26.18 78.04 4.63
C THR E 342 -25.55 76.82 5.28
N HIS E 343 -24.62 77.08 6.21
CA HIS E 343 -23.91 76.00 6.91
C HIS E 343 -24.82 75.48 8.02
N SER E 344 -25.64 74.49 7.68
CA SER E 344 -26.52 73.86 8.65
C SER E 344 -25.76 72.82 9.46
N PHE E 345 -26.18 72.63 10.71
CA PHE E 345 -25.61 71.63 11.60
C PHE E 345 -26.40 71.67 12.90
N ASN E 346 -26.18 70.66 13.73
CA ASN E 346 -26.78 70.58 15.06
C ASN E 346 -25.67 70.48 16.10
N CYS E 347 -25.85 71.19 17.22
CA CYS E 347 -24.87 71.22 18.30
C CYS E 347 -25.44 70.66 19.60
N GLY E 348 -26.64 71.08 19.99
CA GLY E 348 -27.26 70.59 21.20
C GLY E 348 -28.74 70.32 21.03
N GLY E 349 -29.15 69.98 19.82
CA GLY E 349 -30.55 69.83 19.47
C GLY E 349 -31.14 71.01 18.75
N GLU E 350 -30.50 72.17 18.82
CA GLU E 350 -30.89 73.35 18.07
C GLU E 350 -30.05 73.42 16.80
N PHE E 351 -30.70 73.56 15.65
CA PHE E 351 -30.06 73.45 14.34
C PHE E 351 -29.66 74.85 13.89
N PHE E 352 -28.35 75.13 13.97
CA PHE E 352 -27.82 76.43 13.55
C PHE E 352 -27.66 76.46 12.04
N TYR E 353 -28.34 77.39 11.39
CA TYR E 353 -28.14 77.66 9.96
C TYR E 353 -27.22 78.87 9.78
N CYS E 354 -25.98 78.72 10.23
CA CYS E 354 -25.02 79.81 10.17
C CYS E 354 -24.71 80.15 8.71
N ASN E 355 -25.00 81.38 8.33
CA ASN E 355 -24.85 81.83 6.95
C ASN E 355 -23.39 82.16 6.68
N THR E 356 -22.84 81.59 5.61
CA THR E 356 -21.42 81.68 5.27
C THR E 356 -21.27 82.58 4.05
N SER E 357 -21.00 83.86 4.29
CA SER E 357 -20.65 84.82 3.24
C SER E 357 -19.34 85.53 3.52
N GLY E 358 -19.07 85.90 4.78
CA GLY E 358 -17.79 86.47 5.11
C GLY E 358 -16.63 85.49 4.93
N LEU E 359 -16.89 84.20 5.21
CA LEU E 359 -15.85 83.19 5.05
C LEU E 359 -15.40 83.11 3.59
N PHE E 360 -16.34 82.93 2.67
CA PHE E 360 -16.05 82.83 1.25
C PHE E 360 -16.39 84.17 0.59
N ASN E 361 -15.54 85.15 0.82
CA ASN E 361 -15.64 86.45 0.13
C ASN E 361 -14.21 86.99 0.02
N SER E 362 -13.56 86.71 -1.11
CA SER E 362 -12.18 87.15 -1.31
C SER E 362 -11.74 86.77 -2.72
N THR E 363 -10.58 87.31 -3.11
CA THR E 363 -9.95 86.97 -4.37
C THR E 363 -8.46 86.78 -4.14
N TRP E 364 -7.90 85.72 -4.71
CA TRP E 364 -6.49 85.39 -4.61
C TRP E 364 -5.89 85.28 -6.00
N ILE E 365 -4.73 85.91 -6.19
CA ILE E 365 -4.09 86.05 -7.49
C ILE E 365 -2.61 85.71 -7.35
N SER E 366 -1.96 85.52 -8.50
CA SER E 366 -0.54 85.23 -8.51
C SER E 366 0.28 86.42 -8.02
N ASN E 367 1.36 86.12 -7.31
CA ASN E 367 2.24 87.17 -6.79
C ASN E 367 3.58 86.57 -6.35
N SER E 378 -4.65 89.76 14.07
CA SER E 378 -4.02 89.69 15.38
C SER E 378 -4.83 88.79 16.32
N ASN E 379 -5.96 89.29 16.79
CA ASN E 379 -6.86 88.55 17.67
C ASN E 379 -8.31 88.60 17.26
N ASP E 380 -8.71 89.54 16.41
CA ASP E 380 -10.10 89.61 15.97
C ASP E 380 -10.47 88.36 15.18
N SER E 381 -11.75 87.97 15.30
CA SER E 381 -12.28 86.80 14.62
C SER E 381 -13.59 87.16 13.94
N ILE E 382 -13.86 86.51 12.80
CA ILE E 382 -15.10 86.78 12.08
C ILE E 382 -16.29 86.30 12.90
N THR E 383 -17.47 86.81 12.57
CA THR E 383 -18.70 86.49 13.28
C THR E 383 -19.82 86.39 12.25
N LEU E 384 -20.21 85.17 11.91
CA LEU E 384 -21.25 84.94 10.93
C LEU E 384 -22.64 85.08 11.56
N PRO E 385 -23.67 85.36 10.77
CA PRO E 385 -25.03 85.33 11.29
C PRO E 385 -25.65 83.94 11.16
N CYS E 386 -26.44 83.57 12.17
CA CYS E 386 -27.06 82.25 12.23
C CYS E 386 -28.53 82.38 12.59
N ARG E 387 -29.32 81.44 12.07
CA ARG E 387 -30.78 81.48 12.18
C ARG E 387 -31.25 80.14 12.72
N ILE E 388 -31.90 80.15 13.89
CA ILE E 388 -32.41 78.92 14.48
C ILE E 388 -33.71 78.53 13.79
N LYS E 389 -33.86 77.23 13.53
CA LYS E 389 -35.06 76.67 12.94
C LYS E 389 -35.48 75.43 13.73
N GLN E 390 -36.79 75.24 13.85
CA GLN E 390 -37.37 74.12 14.58
C GLN E 390 -38.03 73.10 13.66
N ILE E 391 -38.69 73.54 12.60
CA ILE E 391 -39.22 72.64 11.59
C ILE E 391 -38.09 72.31 10.63
N ILE E 392 -37.68 71.04 10.61
CA ILE E 392 -36.46 70.61 9.92
C ILE E 392 -36.83 69.55 8.89
N ASN E 393 -36.38 69.75 7.66
CA ASN E 393 -36.39 68.73 6.63
C ASN E 393 -34.92 68.49 6.27
N MET E 394 -34.25 67.65 7.06
CA MET E 394 -32.81 67.49 6.92
C MET E 394 -32.43 66.87 5.59
N TRP E 395 -33.06 65.75 5.25
CA TRP E 395 -32.80 65.10 3.97
C TRP E 395 -33.68 65.71 2.88
N GLN E 396 -33.31 65.43 1.63
CA GLN E 396 -34.06 65.93 0.48
C GLN E 396 -35.32 65.09 0.29
N ARG E 397 -36.24 65.25 1.25
CA ARG E 397 -37.51 64.53 1.27
C ARG E 397 -38.63 65.51 1.60
N ILE E 398 -39.78 65.30 0.97
CA ILE E 398 -40.98 66.09 1.21
C ILE E 398 -42.05 65.18 1.78
N GLY E 399 -42.62 65.58 2.91
CA GLY E 399 -43.63 64.80 3.60
C GLY E 399 -43.26 64.38 5.00
N GLN E 400 -42.04 64.65 5.47
CA GLN E 400 -41.60 64.30 6.82
C GLN E 400 -40.74 65.44 7.36
N CYS E 401 -40.91 65.75 8.64
CA CYS E 401 -40.14 66.82 9.27
C CYS E 401 -39.78 66.36 10.68
N MET E 402 -39.32 67.32 11.49
CA MET E 402 -39.18 67.14 12.92
C MET E 402 -39.53 68.45 13.61
N TYR E 403 -39.65 68.38 14.94
CA TYR E 403 -39.83 69.57 15.78
C TYR E 403 -38.81 69.46 16.91
N ALA E 404 -37.71 70.19 16.78
CA ALA E 404 -36.68 70.16 17.81
C ALA E 404 -37.20 70.85 19.07
N PRO E 405 -37.27 70.18 20.22
CA PRO E 405 -37.72 70.88 21.43
C PRO E 405 -36.72 71.94 21.83
N PRO E 406 -37.16 73.02 22.48
CA PRO E 406 -36.22 74.04 22.94
C PRO E 406 -35.31 73.48 24.03
N ILE E 407 -34.09 74.01 24.07
CA ILE E 407 -33.05 73.55 24.99
C ILE E 407 -32.86 74.62 26.06
N GLN E 408 -33.00 74.22 27.32
CA GLN E 408 -32.78 75.16 28.42
C GLN E 408 -31.31 75.54 28.51
N GLY E 409 -31.05 76.82 28.72
CA GLY E 409 -29.69 77.31 28.85
C GLY E 409 -29.09 77.70 27.51
N VAL E 410 -27.76 77.85 27.53
CA VAL E 410 -26.99 78.28 26.36
C VAL E 410 -26.32 77.06 25.75
N ILE E 411 -26.09 77.12 24.43
CA ILE E 411 -25.52 76.02 23.66
C ILE E 411 -24.15 76.45 23.15
N ARG E 412 -23.15 75.59 23.37
CA ARG E 412 -21.81 75.81 22.85
C ARG E 412 -21.20 74.45 22.53
N CYS E 413 -20.75 74.28 21.29
CA CYS E 413 -20.26 72.99 20.79
C CYS E 413 -18.81 72.99 20.36
N VAL E 414 -18.24 74.17 20.05
CA VAL E 414 -16.82 74.36 19.70
C VAL E 414 -16.33 73.25 18.77
N SER E 415 -16.75 73.29 17.52
CA SER E 415 -16.54 72.20 16.58
C SER E 415 -15.21 72.38 15.84
N ASN E 416 -14.93 71.45 14.91
CA ASN E 416 -13.69 71.42 14.14
C ASN E 416 -14.05 71.47 12.66
N ILE E 417 -13.78 72.59 12.01
CA ILE E 417 -13.94 72.68 10.55
C ILE E 417 -12.71 72.04 9.91
N THR E 418 -12.92 70.95 9.18
CA THR E 418 -11.83 70.17 8.60
C THR E 418 -12.16 69.77 7.17
N GLY E 419 -12.79 70.67 6.42
CA GLY E 419 -13.01 70.44 5.02
C GLY E 419 -14.10 71.33 4.46
N LEU E 420 -14.20 71.33 3.13
CA LEU E 420 -15.17 72.14 2.43
C LEU E 420 -15.63 71.40 1.18
N ILE E 421 -16.79 71.82 0.68
CA ILE E 421 -17.30 71.38 -0.63
C ILE E 421 -17.47 72.63 -1.47
N LEU E 422 -16.68 72.73 -2.54
CA LEU E 422 -16.68 73.89 -3.42
C LEU E 422 -17.03 73.45 -4.84
N THR E 423 -17.75 74.32 -5.55
CA THR E 423 -18.14 74.07 -6.93
C THR E 423 -17.66 75.24 -7.79
N ARG E 424 -17.20 74.92 -8.99
CA ARG E 424 -16.71 75.91 -9.93
C ARG E 424 -17.86 76.41 -10.80
N ASP E 425 -17.92 77.72 -11.00
CA ASP E 425 -18.93 78.34 -11.85
C ASP E 425 -18.47 78.20 -13.30
N GLY E 426 -19.23 77.45 -14.09
CA GLY E 426 -18.87 77.22 -15.47
C GLY E 426 -19.09 78.44 -16.34
N GLY E 427 -18.66 78.33 -17.60
CA GLY E 427 -18.75 79.40 -18.55
C GLY E 427 -17.62 80.41 -18.52
N SER E 428 -16.65 80.23 -17.61
CA SER E 428 -15.50 81.14 -17.56
C SER E 428 -14.58 80.99 -18.76
N THR E 429 -14.70 79.89 -19.51
CA THR E 429 -13.89 79.66 -20.69
C THR E 429 -12.40 79.61 -20.33
N ASN E 430 -11.53 79.80 -21.31
CA ASN E 430 -10.09 79.80 -21.06
C ASN E 430 -9.63 81.05 -20.31
N SER E 431 -10.52 82.02 -20.08
CA SER E 431 -10.13 83.22 -19.35
C SER E 431 -9.63 82.88 -17.96
N THR E 432 -8.68 83.68 -17.48
CA THR E 432 -8.01 83.39 -16.22
C THR E 432 -8.96 83.41 -15.03
N THR E 433 -10.12 84.06 -15.16
CA THR E 433 -11.05 84.15 -14.04
C THR E 433 -11.55 82.77 -13.63
N GLU E 434 -11.53 82.50 -12.33
CA GLU E 434 -12.06 81.27 -11.76
C GLU E 434 -12.83 81.63 -10.49
N THR E 435 -13.96 80.95 -10.29
CA THR E 435 -14.87 81.25 -9.18
C THR E 435 -15.28 79.93 -8.52
N PHE E 436 -14.74 79.66 -7.34
CA PHE E 436 -15.16 78.54 -6.51
C PHE E 436 -16.10 79.07 -5.44
N ARG E 437 -17.28 78.46 -5.33
CA ARG E 437 -18.28 78.89 -4.36
C ARG E 437 -18.75 77.70 -3.52
N PRO E 438 -19.23 77.94 -2.29
CA PRO E 438 -19.74 76.82 -1.50
C PRO E 438 -20.91 76.13 -2.19
N GLY E 439 -20.97 74.81 -2.03
CA GLY E 439 -22.02 74.02 -2.62
C GLY E 439 -22.27 72.73 -1.86
N GLY E 440 -23.03 71.82 -2.44
CA GLY E 440 -23.38 70.57 -1.79
C GLY E 440 -24.87 70.26 -1.85
N GLY E 441 -25.51 70.20 -0.69
CA GLY E 441 -26.90 69.81 -0.61
C GLY E 441 -27.03 68.31 -0.37
N ASP E 442 -26.43 67.52 -1.25
CA ASP E 442 -26.40 66.08 -1.05
C ASP E 442 -25.49 65.74 0.13
N MET E 443 -25.97 64.84 0.99
CA MET E 443 -25.24 64.46 2.19
C MET E 443 -24.23 63.33 1.94
N ARG E 444 -24.18 62.77 0.73
CA ARG E 444 -23.21 61.73 0.43
C ARG E 444 -21.79 62.27 0.49
N ASP E 445 -21.60 63.53 0.11
CA ASP E 445 -20.27 64.12 0.13
C ASP E 445 -19.71 64.18 1.55
N ASN E 446 -20.57 64.40 2.55
CA ASN E 446 -20.10 64.40 3.93
C ASN E 446 -19.55 63.03 4.32
N TRP E 447 -20.22 61.96 3.91
CA TRP E 447 -19.74 60.61 4.19
C TRP E 447 -18.56 60.23 3.31
N ARG E 448 -18.53 60.71 2.06
CA ARG E 448 -17.48 60.34 1.13
C ARG E 448 -16.11 60.82 1.57
N SER E 449 -16.04 61.87 2.39
CA SER E 449 -14.76 62.40 2.84
C SER E 449 -14.10 61.51 3.88
N GLU E 450 -14.86 60.68 4.58
CA GLU E 450 -14.33 59.77 5.60
C GLU E 450 -14.42 58.30 5.17
N LEU E 451 -14.80 58.03 3.93
CA LEU E 451 -14.92 56.67 3.41
C LEU E 451 -14.36 56.59 2.00
N TYR E 452 -13.14 57.12 1.82
CA TYR E 452 -12.45 57.12 0.54
C TYR E 452 -11.31 56.11 0.49
N LYS E 453 -10.55 55.96 1.58
CA LYS E 453 -9.44 55.03 1.58
C LYS E 453 -9.91 53.58 1.69
N TYR E 454 -11.14 53.36 2.16
CA TYR E 454 -11.64 52.01 2.34
C TYR E 454 -12.28 51.47 1.06
N LYS E 455 -12.01 50.21 0.76
CA LYS E 455 -12.64 49.50 -0.33
C LYS E 455 -13.09 48.14 0.18
N VAL E 456 -14.14 47.59 -0.43
CA VAL E 456 -14.70 46.29 -0.04
C VAL E 456 -14.41 45.30 -1.15
N VAL E 457 -13.85 44.14 -0.79
CA VAL E 457 -13.55 43.08 -1.74
C VAL E 457 -14.04 41.77 -1.16
N LYS E 458 -14.21 40.78 -2.04
CA LYS E 458 -14.63 39.44 -1.67
C LYS E 458 -13.55 38.46 -2.10
N ILE E 459 -13.21 37.53 -1.21
CA ILE E 459 -12.12 36.60 -1.45
C ILE E 459 -12.60 35.48 -2.38
N GLU E 460 -11.65 34.91 -3.13
CA GLU E 460 -11.91 33.81 -4.05
C GLU E 460 -10.92 32.69 -3.69
N PRO E 461 -11.20 31.92 -2.62
CA PRO E 461 -10.18 31.00 -2.11
C PRO E 461 -9.77 29.91 -3.08
N LEU E 462 -10.60 29.57 -4.06
CA LEU E 462 -10.28 28.50 -4.99
C LEU E 462 -9.34 28.99 -6.09
N GLY E 463 -8.33 28.19 -6.40
CA GLY E 463 -7.43 28.51 -7.49
C GLY E 463 -6.92 27.24 -8.15
N VAL E 464 -6.46 27.39 -9.39
CA VAL E 464 -5.93 26.28 -10.18
C VAL E 464 -4.61 26.72 -10.81
N ALA E 465 -3.62 25.83 -10.78
CA ALA E 465 -2.30 26.13 -11.33
C ALA E 465 -1.65 24.88 -11.93
N PRO E 466 -0.54 25.02 -12.64
CA PRO E 466 0.22 23.83 -13.05
C PRO E 466 1.17 23.36 -11.96
N THR E 467 1.42 22.06 -11.94
CA THR E 467 2.38 21.45 -11.02
C THR E 467 2.56 19.99 -11.41
N ARG E 468 3.77 19.49 -11.18
CA ARG E 468 4.09 18.09 -11.46
C ARG E 468 3.39 17.22 -10.43
N CYS E 469 2.28 16.60 -10.83
CA CYS E 469 1.48 15.80 -9.93
C CYS E 469 0.68 14.76 -10.70
N LYS E 470 0.32 13.69 -10.00
CA LYS E 470 -0.65 12.71 -10.48
C LYS E 470 -1.24 12.02 -9.26
N ARG E 471 -2.58 12.08 -9.13
CA ARG E 471 -3.22 11.49 -7.95
C ARG E 471 -2.91 10.00 -7.86
N ARG E 472 -3.36 9.23 -8.85
CA ARG E 472 -3.05 7.81 -8.96
C ARG E 472 -3.78 7.21 -10.15
N ALA F 6 -6.26 35.64 17.59
CA ALA F 6 -7.56 35.58 16.93
C ALA F 6 -7.43 34.93 15.55
N VAL F 7 -8.57 34.74 14.88
CA VAL F 7 -8.56 34.12 13.56
C VAL F 7 -8.19 35.10 12.45
N PHE F 8 -8.27 36.41 12.71
CA PHE F 8 -7.95 37.41 11.71
C PHE F 8 -6.44 37.67 11.59
N LEU F 9 -5.62 37.08 12.45
CA LEU F 9 -4.20 37.38 12.47
C LEU F 9 -3.56 37.00 11.13
N GLY F 10 -2.83 37.95 10.56
CA GLY F 10 -2.13 37.71 9.30
C GLY F 10 -3.03 37.38 8.14
N PHE F 11 -4.24 37.92 8.11
CA PHE F 11 -5.15 37.65 7.02
C PHE F 11 -4.58 38.15 5.70
N LEU F 12 -4.82 37.39 4.63
CA LEU F 12 -4.19 37.64 3.34
C LEU F 12 -2.68 37.69 3.52
N GLY F 13 -2.10 38.89 3.64
CA GLY F 13 -0.67 39.01 3.90
C GLY F 13 0.20 38.69 2.70
N ALA F 14 0.08 37.48 2.16
CA ALA F 14 0.89 37.02 1.04
C ALA F 14 0.29 37.40 -0.32
N ALA F 15 -0.55 38.44 -0.37
CA ALA F 15 -1.12 38.85 -1.64
C ALA F 15 -0.04 39.28 -2.62
N GLY F 16 0.94 40.05 -2.15
CA GLY F 16 2.07 40.44 -2.98
C GLY F 16 3.13 39.38 -3.16
N SER F 17 3.09 38.32 -2.36
CA SER F 17 4.06 37.25 -2.47
C SER F 17 3.84 36.45 -3.76
N THR F 18 4.90 35.81 -4.22
CA THR F 18 4.80 34.93 -5.37
C THR F 18 3.87 33.76 -5.06
N MET F 19 3.50 33.05 -6.12
CA MET F 19 2.60 31.90 -5.95
C MET F 19 3.21 30.83 -5.06
N GLY F 20 4.50 30.54 -5.28
CA GLY F 20 5.14 29.51 -4.46
C GLY F 20 5.22 29.90 -3.00
N ALA F 21 5.63 31.14 -2.72
CA ALA F 21 5.70 31.60 -1.34
C ALA F 21 4.31 31.72 -0.72
N ALA F 22 3.35 32.25 -1.49
CA ALA F 22 2.00 32.41 -0.97
C ALA F 22 1.30 31.08 -0.73
N SER F 23 1.70 30.01 -1.42
CA SER F 23 1.09 28.71 -1.23
C SER F 23 1.40 28.09 0.12
N MET F 24 2.35 28.65 0.87
CA MET F 24 2.73 28.11 2.17
C MET F 24 1.90 28.66 3.33
N THR F 25 0.97 29.58 3.07
CA THR F 25 0.15 30.20 4.10
C THR F 25 -1.33 30.15 3.70
N LEU F 26 -1.77 28.98 3.23
CA LEU F 26 -3.17 28.83 2.84
C LEU F 26 -4.09 28.71 4.05
N THR F 27 -3.57 28.24 5.19
CA THR F 27 -4.41 28.04 6.37
C THR F 27 -4.95 29.38 6.87
N VAL F 28 -4.13 30.42 6.83
CA VAL F 28 -4.53 31.71 7.40
C VAL F 28 -5.74 32.26 6.66
N GLN F 29 -5.72 32.21 5.33
CA GLN F 29 -6.86 32.66 4.55
C GLN F 29 -8.03 31.68 4.68
N ALA F 30 -7.74 30.38 4.71
CA ALA F 30 -8.81 29.38 4.72
C ALA F 30 -9.65 29.48 5.99
N ARG F 31 -9.01 29.69 7.13
CA ARG F 31 -9.74 29.71 8.40
C ARG F 31 -10.52 31.00 8.62
N ASN F 32 -10.37 32.00 7.76
CA ASN F 32 -11.05 33.28 7.89
C ASN F 32 -12.27 33.40 6.99
N LEU F 33 -12.65 32.34 6.28
CA LEU F 33 -13.76 32.41 5.33
C LEU F 33 -15.13 32.26 6.00
N LEU F 34 -15.19 31.89 7.27
CA LEU F 34 -16.45 31.63 7.97
C LEU F 34 -16.77 32.65 9.05
N SER F 35 -15.77 33.12 9.78
CA SER F 35 -16.00 34.10 10.84
C SER F 35 -14.69 34.78 11.25
N THR F 58 -35.32 45.94 14.21
CA THR F 58 -35.66 44.60 13.75
C THR F 58 -35.09 44.36 12.35
N VAL F 59 -35.13 45.39 11.51
CA VAL F 59 -34.58 45.28 10.16
C VAL F 59 -33.07 45.06 10.22
N TRP F 60 -32.40 45.62 11.23
CA TRP F 60 -30.96 45.46 11.34
C TRP F 60 -30.58 44.01 11.66
N GLY F 61 -31.45 43.27 12.33
CA GLY F 61 -31.19 41.86 12.54
C GLY F 61 -31.16 41.10 11.23
N ILE F 62 -32.03 41.46 10.30
CA ILE F 62 -32.13 40.78 9.00
C ILE F 62 -30.90 41.11 8.15
N LYS F 63 -30.14 42.13 8.53
CA LYS F 63 -28.92 42.48 7.82
C LYS F 63 -27.78 41.55 8.20
N GLN F 64 -27.44 41.51 9.50
CA GLN F 64 -26.38 40.62 9.97
C GLN F 64 -26.74 39.17 9.73
N LEU F 65 -28.00 38.80 9.98
CA LEU F 65 -28.45 37.43 9.77
C LEU F 65 -28.34 37.02 8.30
N GLN F 66 -28.78 37.88 7.39
CA GLN F 66 -28.64 37.59 5.96
C GLN F 66 -27.19 37.51 5.53
N ALA F 67 -26.34 38.39 6.07
CA ALA F 67 -24.92 38.34 5.72
C ALA F 67 -24.29 37.03 6.18
N ARG F 68 -24.63 36.59 7.40
CA ARG F 68 -24.11 35.32 7.89
C ARG F 68 -24.58 34.16 7.02
N VAL F 69 -25.87 34.18 6.64
CA VAL F 69 -26.40 33.11 5.80
C VAL F 69 -25.71 33.11 4.43
N LEU F 70 -25.45 34.30 3.88
CA LEU F 70 -24.77 34.40 2.59
C LEU F 70 -23.36 33.84 2.67
N ALA F 71 -22.62 34.19 3.73
CA ALA F 71 -21.27 33.67 3.90
C ALA F 71 -21.30 32.15 4.04
N VAL F 72 -22.25 31.64 4.82
CA VAL F 72 -22.37 30.18 4.99
C VAL F 72 -22.65 29.51 3.65
N GLU F 73 -23.56 30.10 2.87
CA GLU F 73 -23.91 29.50 1.58
C GLU F 73 -22.71 29.50 0.64
N ARG F 74 -21.96 30.60 0.59
CA ARG F 74 -20.79 30.65 -0.29
C ARG F 74 -19.74 29.63 0.13
N TYR F 75 -19.46 29.54 1.43
CA TYR F 75 -18.48 28.58 1.90
C TYR F 75 -18.92 27.15 1.62
N LEU F 76 -20.21 26.87 1.81
CA LEU F 76 -20.71 25.52 1.56
C LEU F 76 -20.66 25.17 0.08
N ARG F 77 -20.96 26.14 -0.80
CA ARG F 77 -20.86 25.87 -2.23
C ARG F 77 -19.41 25.59 -2.62
N ASP F 78 -18.47 26.36 -2.09
CA ASP F 78 -17.07 26.15 -2.42
C ASP F 78 -16.61 24.78 -1.92
N GLN F 79 -17.02 24.41 -0.71
CA GLN F 79 -16.67 23.09 -0.16
C GLN F 79 -17.29 21.97 -0.99
N GLN F 80 -18.54 22.17 -1.45
CA GLN F 80 -19.18 21.17 -2.29
C GLN F 80 -18.43 21.00 -3.60
N LEU F 81 -17.97 22.11 -4.19
CA LEU F 81 -17.16 22.01 -5.40
C LEU F 81 -15.89 21.22 -5.15
N LEU F 82 -15.20 21.52 -4.04
CA LEU F 82 -13.99 20.79 -3.71
C LEU F 82 -14.26 19.29 -3.53
N GLY F 83 -15.35 18.97 -2.84
CA GLY F 83 -15.70 17.57 -2.65
C GLY F 83 -16.05 16.87 -3.95
N ILE F 84 -16.72 17.59 -4.86
CA ILE F 84 -17.02 17.02 -6.17
C ILE F 84 -15.73 16.75 -6.93
N TRP F 85 -14.71 17.60 -6.75
CA TRP F 85 -13.42 17.37 -7.38
C TRP F 85 -12.59 16.30 -6.67
N GLY F 86 -13.07 15.75 -5.55
CA GLY F 86 -12.35 14.71 -4.84
C GLY F 86 -11.28 15.20 -3.89
N CYS F 87 -11.10 16.52 -3.75
CA CYS F 87 -10.11 17.10 -2.84
C CYS F 87 -10.73 17.52 -1.51
N SER F 88 -11.74 16.78 -1.05
CA SER F 88 -12.40 17.13 0.20
C SER F 88 -11.43 17.02 1.37
N GLY F 89 -11.48 18.01 2.26
CA GLY F 89 -10.62 18.01 3.43
C GLY F 89 -9.14 18.16 3.14
N LYS F 90 -8.79 18.75 2.00
CA LYS F 90 -7.40 18.96 1.62
C LYS F 90 -7.22 20.40 1.14
N LEU F 91 -6.16 21.06 1.60
CA LEU F 91 -5.85 22.40 1.14
C LEU F 91 -5.10 22.37 -0.18
N ILE F 92 -4.02 21.58 -0.25
CA ILE F 92 -3.24 21.38 -1.46
C ILE F 92 -3.47 19.93 -1.89
N CYS F 93 -4.30 19.76 -2.92
CA CYS F 93 -4.63 18.45 -3.47
C CYS F 93 -4.55 18.53 -4.98
N CYS F 94 -3.48 18.00 -5.55
CA CYS F 94 -3.22 18.11 -6.98
C CYS F 94 -3.81 16.91 -7.71
N THR F 95 -4.56 17.17 -8.78
CA THR F 95 -5.32 16.15 -9.48
C THR F 95 -4.48 15.52 -10.59
N ASN F 96 -5.13 14.72 -11.44
CA ASN F 96 -4.45 13.95 -12.48
C ASN F 96 -4.89 14.33 -13.90
N VAL F 97 -5.59 15.45 -14.07
CA VAL F 97 -6.01 15.86 -15.41
C VAL F 97 -4.87 16.62 -16.07
N PRO F 98 -4.59 16.38 -17.36
CA PRO F 98 -3.47 17.07 -17.99
C PRO F 98 -3.74 18.56 -18.18
N TRP F 99 -2.66 19.33 -18.18
CA TRP F 99 -2.73 20.78 -18.40
C TRP F 99 -2.57 21.05 -19.90
N ASN F 100 -3.64 21.49 -20.54
CA ASN F 100 -3.56 21.88 -21.93
C ASN F 100 -2.70 23.13 -22.07
N SER F 101 -1.78 23.11 -23.04
CA SER F 101 -0.89 24.25 -23.25
C SER F 101 -1.63 25.49 -23.75
N SER F 102 -2.84 25.34 -24.27
CA SER F 102 -3.59 26.49 -24.75
C SER F 102 -3.94 27.44 -23.62
N TRP F 103 -4.21 26.91 -22.43
CA TRP F 103 -4.57 27.77 -21.31
C TRP F 103 -3.42 28.70 -20.94
N SER F 104 -2.19 28.19 -20.91
CA SER F 104 -1.02 29.01 -20.62
C SER F 104 0.22 28.25 -21.08
N ASN F 105 1.04 28.91 -21.90
CA ASN F 105 2.29 28.34 -22.38
C ASN F 105 3.46 28.61 -21.46
N ARG F 106 3.25 29.28 -20.34
CA ARG F 106 4.35 29.63 -19.44
C ARG F 106 4.86 28.38 -18.73
N ASN F 107 6.17 28.34 -18.50
CA ASN F 107 6.80 27.22 -17.81
C ASN F 107 6.80 27.46 -16.31
N LEU F 108 7.12 26.40 -15.56
CA LEU F 108 6.98 26.43 -14.11
C LEU F 108 7.85 27.51 -13.48
N SER F 109 9.08 27.67 -13.97
CA SER F 109 10.00 28.63 -13.37
C SER F 109 9.47 30.06 -13.50
N GLU F 110 8.69 30.35 -14.54
CA GLU F 110 8.24 31.71 -14.82
C GLU F 110 6.88 32.03 -14.22
N ILE F 111 6.28 31.11 -13.44
CA ILE F 111 4.97 31.31 -12.83
C ILE F 111 5.05 31.25 -11.32
N TRP F 112 5.73 30.25 -10.77
CA TRP F 112 5.81 30.11 -9.32
C TRP F 112 6.79 31.08 -8.70
N ASP F 113 7.88 31.40 -9.40
CA ASP F 113 8.93 32.26 -8.87
C ASP F 113 8.93 33.65 -9.51
N ASN F 114 7.99 33.95 -10.42
CA ASN F 114 8.00 35.22 -11.15
C ASN F 114 6.62 35.87 -11.23
N MET F 115 5.54 35.16 -10.92
CA MET F 115 4.19 35.70 -10.98
C MET F 115 3.51 35.54 -9.63
N THR F 116 2.54 36.41 -9.37
CA THR F 116 1.76 36.40 -8.14
C THR F 116 0.36 35.85 -8.42
N TRP F 117 -0.35 35.54 -7.33
CA TRP F 117 -1.64 34.88 -7.47
C TRP F 117 -2.67 35.77 -8.16
N LEU F 118 -2.66 37.07 -7.86
CA LEU F 118 -3.62 37.98 -8.49
C LEU F 118 -3.40 38.04 -10.00
N GLN F 119 -2.14 38.17 -10.42
CA GLN F 119 -1.84 38.20 -11.85
C GLN F 119 -2.20 36.88 -12.50
N TRP F 120 -1.92 35.76 -11.83
CA TRP F 120 -2.28 34.46 -12.38
C TRP F 120 -3.79 34.33 -12.56
N ASP F 121 -4.57 34.77 -11.57
CA ASP F 121 -6.02 34.70 -11.69
C ASP F 121 -6.51 35.61 -12.81
N LYS F 122 -5.93 36.80 -12.94
CA LYS F 122 -6.32 37.68 -14.04
C LYS F 122 -5.95 37.08 -15.39
N GLU F 123 -4.91 36.26 -15.44
CA GLU F 123 -4.49 35.64 -16.69
C GLU F 123 -5.43 34.49 -17.07
N ILE F 124 -5.59 33.52 -16.18
CA ILE F 124 -6.41 32.34 -16.44
C ILE F 124 -7.77 32.60 -15.81
N SER F 125 -8.67 33.21 -16.59
CA SER F 125 -10.03 33.49 -16.15
C SER F 125 -11.05 32.97 -17.16
N ASN F 126 -10.67 32.95 -18.44
CA ASN F 126 -11.58 32.48 -19.48
C ASN F 126 -11.69 30.96 -19.50
N TYR F 127 -10.64 30.25 -19.07
CA TYR F 127 -10.59 28.80 -19.15
C TYR F 127 -10.89 28.13 -17.81
N THR F 128 -11.42 28.88 -16.83
CA THR F 128 -11.63 28.33 -15.50
C THR F 128 -12.77 27.31 -15.50
N GLN F 129 -13.89 27.65 -16.15
CA GLN F 129 -15.05 26.75 -16.16
C GLN F 129 -14.75 25.45 -16.88
N ILE F 130 -13.99 25.51 -17.98
CA ILE F 130 -13.64 24.30 -18.69
C ILE F 130 -12.79 23.39 -17.82
N ILE F 131 -11.84 23.97 -17.08
CA ILE F 131 -11.02 23.18 -16.18
C ILE F 131 -11.87 22.57 -15.07
N TYR F 132 -12.85 23.34 -14.57
CA TYR F 132 -13.74 22.80 -13.54
C TYR F 132 -14.51 21.60 -14.06
N GLY F 133 -15.06 21.69 -15.26
CA GLY F 133 -15.76 20.57 -15.85
C GLY F 133 -14.86 19.36 -16.07
N LEU F 134 -13.63 19.62 -16.54
CA LEU F 134 -12.68 18.54 -16.73
C LEU F 134 -12.36 17.84 -15.41
N LEU F 135 -12.16 18.62 -14.34
CA LEU F 135 -11.91 18.03 -13.03
C LEU F 135 -13.10 17.18 -12.58
N GLU F 136 -14.32 17.70 -12.77
CA GLU F 136 -15.51 16.96 -12.37
C GLU F 136 -15.61 15.63 -13.10
N GLU F 137 -15.48 15.66 -14.43
CA GLU F 137 -15.62 14.42 -15.20
C GLU F 137 -14.49 13.45 -14.89
N SER F 138 -13.27 13.96 -14.66
CA SER F 138 -12.16 13.10 -14.29
C SER F 138 -12.40 12.41 -12.96
N GLN F 139 -12.90 13.16 -11.97
CA GLN F 139 -13.18 12.56 -10.68
C GLN F 139 -14.27 11.49 -10.80
N ASN F 140 -15.31 11.77 -11.59
CA ASN F 140 -16.36 10.77 -11.78
C ASN F 140 -15.80 9.51 -12.46
N GLN F 141 -14.97 9.69 -13.48
CA GLN F 141 -14.38 8.54 -14.16
C GLN F 141 -13.48 7.74 -13.22
N GLN F 142 -12.70 8.44 -12.39
CA GLN F 142 -11.85 7.75 -11.42
C GLN F 142 -12.69 6.95 -10.42
N GLU F 143 -13.81 7.53 -9.97
CA GLU F 143 -14.68 6.82 -9.05
C GLU F 143 -15.25 5.57 -9.70
N LYS F 144 -15.69 5.67 -10.96
CA LYS F 144 -16.18 4.49 -11.67
C LYS F 144 -15.10 3.43 -11.84
N ASN F 145 -13.88 3.88 -12.17
CA ASN F 145 -12.77 2.95 -12.33
C ASN F 145 -12.49 2.22 -11.03
N GLU F 146 -12.47 2.94 -9.91
CA GLU F 146 -12.25 2.31 -8.62
C GLU F 146 -13.38 1.35 -8.28
N GLN F 147 -14.62 1.71 -8.61
CA GLN F 147 -15.75 0.84 -8.35
C GLN F 147 -15.60 -0.48 -9.09
N ASP F 148 -15.31 -0.44 -10.40
CA ASP F 148 -15.22 -1.69 -11.14
C ASP F 148 -13.95 -2.46 -10.77
N LEU F 149 -12.90 -1.78 -10.34
CA LEU F 149 -11.72 -2.47 -9.85
C LEU F 149 -12.01 -3.22 -8.55
N LEU F 150 -12.73 -2.56 -7.63
CA LEU F 150 -13.08 -3.20 -6.36
C LEU F 150 -14.14 -4.28 -6.53
N ALA F 151 -14.91 -4.24 -7.62
CA ALA F 151 -15.89 -5.29 -7.85
C ALA F 151 -15.23 -6.64 -8.00
N LEU F 152 -14.09 -6.70 -8.70
CA LEU F 152 -13.36 -7.95 -8.86
C LEU F 152 -12.85 -8.47 -7.53
N GLN G 1 54.53 -2.65 8.48
CA GLN G 1 55.10 -1.49 7.74
C GLN G 1 54.07 -0.94 6.76
N VAL G 2 53.62 0.29 7.02
CA VAL G 2 52.65 0.98 6.18
C VAL G 2 53.20 2.37 5.86
N GLN G 3 53.13 2.75 4.59
CA GLN G 3 53.63 4.05 4.16
C GLN G 3 52.87 4.49 2.91
N LEU G 4 52.97 5.78 2.61
CA LEU G 4 52.33 6.37 1.45
C LEU G 4 53.33 7.24 0.71
N GLN G 5 53.28 7.21 -0.62
CA GLN G 5 54.17 7.99 -1.47
C GLN G 5 53.37 8.67 -2.57
N GLU G 6 53.66 9.95 -2.80
CA GLU G 6 52.99 10.75 -3.81
C GLU G 6 53.87 10.90 -5.03
N SER G 7 53.26 10.83 -6.21
CA SER G 7 53.95 10.98 -7.48
C SER G 7 53.16 11.93 -8.37
N GLY G 8 53.87 12.60 -9.27
CA GLY G 8 53.26 13.52 -10.20
C GLY G 8 54.17 14.68 -10.53
N PRO G 9 53.72 15.58 -11.40
CA PRO G 9 54.54 16.76 -11.74
C PRO G 9 54.73 17.67 -10.54
N GLY G 10 55.99 17.93 -10.19
CA GLY G 10 56.30 18.88 -9.14
C GLY G 10 56.27 20.32 -9.57
N LEU G 11 56.03 20.59 -10.86
CA LEU G 11 55.95 21.95 -11.36
C LEU G 11 55.10 21.95 -12.61
N VAL G 12 53.97 22.64 -12.58
CA VAL G 12 52.99 22.63 -13.66
C VAL G 12 52.63 24.06 -14.03
N LYS G 13 52.20 24.23 -15.28
CA LYS G 13 51.80 25.55 -15.78
C LYS G 13 50.58 26.03 -15.00
N PRO G 14 50.61 27.23 -14.40
CA PRO G 14 49.39 27.75 -13.77
C PRO G 14 48.21 27.79 -14.72
N SER G 15 47.03 27.41 -14.21
CA SER G 15 45.79 27.30 -14.97
C SER G 15 45.73 26.07 -15.88
N GLU G 16 46.51 25.04 -15.57
CA GLU G 16 46.34 23.71 -16.16
C GLU G 16 45.97 22.70 -15.08
N THR G 17 45.42 21.58 -15.53
CA THR G 17 45.07 20.49 -14.62
C THR G 17 46.32 19.96 -13.91
N LEU G 18 46.20 19.75 -12.60
CA LEU G 18 47.26 19.22 -11.76
C LEU G 18 46.85 17.83 -11.30
N SER G 19 47.68 16.83 -11.63
CA SER G 19 47.39 15.43 -11.31
C SER G 19 48.43 14.91 -10.34
N LEU G 20 47.97 14.37 -9.21
CA LEU G 20 48.82 13.71 -8.23
C LEU G 20 48.28 12.30 -7.98
N THR G 21 49.17 11.38 -7.62
CA THR G 21 48.80 9.99 -7.36
C THR G 21 49.50 9.53 -6.08
N CYS G 22 48.71 9.24 -5.05
CA CYS G 22 49.23 8.71 -3.80
C CYS G 22 49.02 7.20 -3.80
N ALA G 23 50.13 6.46 -3.65
CA ALA G 23 50.12 5.00 -3.59
C ALA G 23 50.56 4.57 -2.20
N VAL G 24 49.87 3.57 -1.65
CA VAL G 24 50.08 3.12 -0.29
C VAL G 24 50.70 1.72 -0.34
N TYR G 25 51.85 1.58 0.31
CA TYR G 25 52.49 0.28 0.53
C TYR G 25 52.20 -0.09 1.98
N GLY G 26 51.22 -0.96 2.18
CA GLY G 26 50.72 -1.25 3.51
C GLY G 26 49.27 -1.68 3.47
N SER G 27 48.41 -0.99 4.22
CA SER G 27 46.99 -1.33 4.23
C SER G 27 46.38 -1.16 2.84
N SER G 28 45.25 -1.82 2.64
CA SER G 28 44.58 -1.87 1.35
C SER G 28 43.49 -0.81 1.27
N ILE G 29 43.40 -0.16 0.10
CA ILE G 29 42.35 0.82 -0.13
C ILE G 29 40.99 0.13 -0.20
N SER G 30 40.94 -1.06 -0.79
CA SER G 30 39.67 -1.76 -0.93
C SER G 30 39.03 -2.07 0.42
N GLY G 31 39.85 -2.25 1.46
CA GLY G 31 39.33 -2.48 2.79
C GLY G 31 38.47 -1.33 3.28
N GLY G 32 37.27 -1.64 3.76
CA GLY G 32 36.36 -0.62 4.23
C GLY G 32 36.60 -0.23 5.68
N TYR G 33 37.82 0.21 5.97
CA TYR G 33 38.19 0.60 7.34
C TYR G 33 38.78 2.00 7.37
N PHE G 34 39.50 2.39 6.32
CA PHE G 34 40.22 3.65 6.28
C PHE G 34 39.66 4.56 5.19
N TYR G 35 39.58 5.86 5.50
CA TYR G 35 39.35 6.89 4.51
C TYR G 35 40.69 7.49 4.11
N TRP G 36 40.79 7.90 2.85
CA TRP G 36 42.04 8.41 2.28
C TRP G 36 41.87 9.88 1.94
N HIS G 37 42.53 10.74 2.71
CA HIS G 37 42.36 12.19 2.62
C HIS G 37 43.58 12.81 1.92
N TRP G 38 43.44 14.09 1.59
CA TRP G 38 44.40 14.83 0.77
C TRP G 38 44.71 16.20 1.38
N ILE G 39 45.08 16.19 2.67
CA ILE G 39 45.40 17.43 3.37
C ILE G 39 46.54 18.15 2.65
N ARG G 40 46.51 19.49 2.71
CA ARG G 40 47.47 20.34 2.03
C ARG G 40 47.97 21.41 3.00
N GLN G 41 49.20 21.87 2.76
CA GLN G 41 49.81 22.92 3.58
C GLN G 41 50.50 23.92 2.67
N ALA G 42 49.99 25.15 2.63
CA ALA G 42 50.66 26.21 1.89
C ALA G 42 51.82 26.77 2.72
N PRO G 43 52.85 27.33 2.07
CA PRO G 43 53.93 27.94 2.84
C PRO G 43 53.42 29.10 3.69
N GLY G 44 53.92 29.17 4.92
CA GLY G 44 53.52 30.22 5.83
C GLY G 44 52.07 30.16 6.29
N LYS G 45 51.40 29.03 6.10
CA LYS G 45 50.02 28.84 6.48
C LYS G 45 49.88 27.51 7.22
N GLY G 46 48.67 27.24 7.71
CA GLY G 46 48.38 26.00 8.40
C GLY G 46 47.87 24.92 7.45
N LEU G 47 47.57 23.77 8.03
CA LEU G 47 47.03 22.66 7.26
C LEU G 47 45.63 23.00 6.76
N GLU G 48 45.33 22.54 5.55
CA GLU G 48 44.02 22.78 4.93
C GLU G 48 43.54 21.49 4.28
N TRP G 49 42.26 21.18 4.48
CA TRP G 49 41.67 19.98 3.92
C TRP G 49 41.26 20.20 2.47
N ILE G 50 41.24 19.10 1.71
CA ILE G 50 40.83 19.12 0.31
C ILE G 50 39.64 18.18 0.13
N GLY G 51 39.84 16.90 0.43
CA GLY G 51 38.77 15.94 0.26
C GLY G 51 39.23 14.55 0.68
N ASP G 52 38.29 13.61 0.59
CA ASP G 52 38.53 12.24 0.97
C ASP G 52 37.73 11.29 0.09
N VAL G 53 38.17 10.04 0.05
CA VAL G 53 37.56 9.00 -0.76
C VAL G 53 37.49 7.70 0.03
N TYR G 54 36.38 6.99 -0.13
CA TYR G 54 36.17 5.69 0.48
C TYR G 54 36.32 4.60 -0.58
N PHE G 55 36.37 3.34 -0.11
CA PHE G 55 36.52 2.22 -1.03
C PHE G 55 35.32 2.08 -1.95
N SER G 56 34.16 2.57 -1.54
CA SER G 56 32.93 2.46 -2.34
C SER G 56 32.69 3.67 -3.24
N GLY G 57 33.61 4.63 -3.28
CA GLY G 57 33.48 5.77 -4.17
C GLY G 57 32.66 6.93 -3.63
N THR G 58 32.19 6.86 -2.39
CA THR G 58 31.44 7.96 -1.78
C THR G 58 32.45 8.98 -1.27
N THR G 59 32.81 9.92 -2.13
CA THR G 59 33.84 10.90 -1.82
C THR G 59 33.21 12.17 -1.25
N GLY G 60 34.06 13.00 -0.64
CA GLY G 60 33.63 14.30 -0.15
C GLY G 60 34.77 15.29 -0.16
N TYR G 61 34.56 16.44 -0.80
CA TYR G 61 35.58 17.46 -0.96
C TYR G 61 35.30 18.66 -0.06
N ASN G 62 36.29 19.53 0.04
CA ASN G 62 36.13 20.75 0.81
C ASN G 62 35.07 21.64 0.14
N PRO G 63 34.22 22.32 0.91
CA PRO G 63 33.25 23.23 0.27
C PRO G 63 33.92 24.34 -0.52
N SER G 64 35.10 24.78 -0.10
CA SER G 64 35.81 25.83 -0.84
C SER G 64 36.21 25.34 -2.22
N LEU G 65 36.65 24.08 -2.33
CA LEU G 65 37.13 23.50 -3.57
C LEU G 65 36.23 22.34 -4.01
N LYS G 66 34.92 22.50 -3.86
CA LYS G 66 34.00 21.47 -4.31
C LYS G 66 33.86 21.43 -5.83
N ARG G 67 34.37 22.43 -6.55
CA ARG G 67 34.24 22.53 -7.99
C ARG G 67 35.53 22.26 -8.74
N ARG G 68 36.68 22.61 -8.18
CA ARG G 68 37.96 22.53 -8.88
C ARG G 68 38.68 21.21 -8.65
N VAL G 69 38.13 20.30 -7.86
CA VAL G 69 38.84 19.09 -7.45
C VAL G 69 38.02 17.86 -7.82
N ARG G 70 38.73 16.79 -8.18
CA ARG G 70 38.12 15.49 -8.43
C ARG G 70 39.07 14.43 -7.90
N ILE G 71 38.59 13.65 -6.93
CA ILE G 71 39.39 12.60 -6.29
C ILE G 71 38.86 11.26 -6.78
N SER G 72 39.76 10.39 -7.20
CA SER G 72 39.41 9.03 -7.59
C SER G 72 40.29 8.05 -6.82
N ALA G 73 39.82 6.81 -6.70
CA ALA G 73 40.54 5.78 -5.97
C ALA G 73 40.39 4.46 -6.74
N ASP G 74 41.50 3.94 -7.25
CA ASP G 74 41.52 2.68 -7.99
C ASP G 74 42.18 1.62 -7.12
N THR G 75 41.44 0.54 -6.86
CA THR G 75 41.89 -0.54 -5.98
C THR G 75 42.54 -1.69 -6.74
N SER G 76 42.52 -1.68 -8.07
CA SER G 76 43.21 -2.72 -8.82
C SER G 76 44.70 -2.68 -8.58
N LYS G 77 45.28 -1.48 -8.53
CA LYS G 77 46.68 -1.28 -8.18
C LYS G 77 46.85 -0.59 -6.84
N ASN G 78 45.75 -0.40 -6.09
CA ASN G 78 45.80 0.09 -4.71
C ASN G 78 46.45 1.47 -4.63
N GLN G 79 45.79 2.45 -5.24
CA GLN G 79 46.25 3.83 -5.16
C GLN G 79 45.06 4.75 -5.38
N PHE G 80 45.29 6.05 -5.19
CA PHE G 80 44.24 7.04 -5.39
C PHE G 80 44.83 8.34 -5.90
N SER G 81 44.13 8.98 -6.83
CA SER G 81 44.60 10.14 -7.55
C SER G 81 43.74 11.36 -7.24
N LEU G 82 44.38 12.53 -7.27
CA LEU G 82 43.74 13.82 -7.08
C LEU G 82 43.97 14.66 -8.33
N ASN G 83 42.90 15.26 -8.84
CA ASN G 83 42.94 16.12 -10.02
C ASN G 83 42.40 17.49 -9.63
N LEU G 84 43.30 18.46 -9.48
CA LEU G 84 42.94 19.83 -9.17
C LEU G 84 42.96 20.63 -10.46
N ARG G 85 41.77 21.03 -10.92
CA ARG G 85 41.62 21.73 -12.19
C ARG G 85 41.70 23.24 -12.00
N SER G 86 42.24 23.91 -13.02
CA SER G 86 42.35 25.37 -13.03
C SER G 86 43.08 25.88 -11.78
N VAL G 87 44.25 25.31 -11.52
CA VAL G 87 45.04 25.72 -10.37
C VAL G 87 45.52 27.14 -10.57
N THR G 88 45.36 27.98 -9.54
CA THR G 88 45.79 29.36 -9.55
C THR G 88 47.17 29.48 -8.90
N ALA G 89 47.66 30.71 -8.79
CA ALA G 89 48.97 30.96 -8.21
C ALA G 89 49.02 30.67 -6.72
N ALA G 90 47.88 30.50 -6.06
CA ALA G 90 47.83 30.22 -4.63
C ALA G 90 47.88 28.72 -4.32
N ASP G 91 48.05 27.86 -5.32
CA ASP G 91 48.07 26.42 -5.12
C ASP G 91 49.46 25.89 -4.82
N THR G 92 50.47 26.74 -4.69
CA THR G 92 51.82 26.30 -4.37
C THR G 92 51.84 25.80 -2.92
N ALA G 93 52.02 24.50 -2.72
CA ALA G 93 51.86 23.93 -1.39
C ALA G 93 52.40 22.51 -1.37
N VAL G 94 52.51 21.97 -0.16
CA VAL G 94 52.84 20.56 0.05
C VAL G 94 51.54 19.79 0.16
N TYR G 95 51.36 18.81 -0.72
CA TYR G 95 50.13 18.03 -0.81
C TYR G 95 50.36 16.69 -0.11
N PHE G 96 49.82 16.55 1.10
CA PHE G 96 49.91 15.30 1.85
C PHE G 96 48.68 14.45 1.59
N CYS G 97 48.89 13.13 1.55
CA CYS G 97 47.81 12.16 1.51
C CYS G 97 47.85 11.36 2.81
N ALA G 98 46.72 11.35 3.53
CA ALA G 98 46.67 10.83 4.89
C ALA G 98 45.63 9.72 5.02
N ARG G 99 45.76 8.96 6.10
CA ARG G 99 44.88 7.84 6.41
C ARG G 99 44.04 8.18 7.64
N ASP G 100 42.75 7.88 7.56
CA ASP G 100 41.79 8.18 8.62
C ASP G 100 41.13 6.90 9.07
N PRO G 101 41.26 6.45 10.36
CA PRO G 101 40.50 5.29 10.85
C PRO G 101 39.05 5.60 11.23
N ARG G 102 38.36 6.34 10.36
CA ARG G 102 36.94 6.61 10.60
C ARG G 102 36.09 5.38 10.29
N GLY G 103 36.40 4.66 9.22
CA GLY G 103 35.73 3.40 8.96
C GLY G 103 35.96 2.43 10.12
N GLY G 104 34.89 1.79 10.56
CA GLY G 104 34.95 1.09 11.83
C GLY G 104 35.01 2.12 12.93
N GLY G 105 33.90 2.82 13.16
CA GLY G 105 33.91 4.05 13.92
C GLY G 105 34.18 3.90 15.40
N TRP G 106 35.33 3.32 15.75
CA TRP G 106 35.79 3.36 17.14
C TRP G 106 36.16 4.77 17.55
N VAL G 107 36.72 5.55 16.63
CA VAL G 107 37.22 6.90 16.92
C VAL G 107 36.82 7.83 15.79
N PRO G 108 36.76 9.15 16.06
CA PRO G 108 36.48 10.11 14.98
C PRO G 108 37.68 10.32 14.07
N ASN G 109 37.60 11.29 13.16
CA ASN G 109 38.69 11.59 12.24
C ASN G 109 39.99 11.79 13.00
N ARG G 110 40.93 10.86 12.80
CA ARG G 110 42.13 10.73 13.63
C ARG G 110 43.36 10.48 12.76
N PHE G 111 43.61 11.35 11.78
CA PHE G 111 44.78 11.23 10.90
C PHE G 111 46.03 10.87 11.69
N ASP G 112 46.59 9.70 11.39
CA ASP G 112 47.72 9.15 12.15
C ASP G 112 48.97 9.00 11.30
N VAL G 113 48.87 8.35 10.14
CA VAL G 113 50.00 8.18 9.22
C VAL G 113 49.82 9.14 8.07
N TRP G 114 50.88 9.91 7.78
CA TRP G 114 50.87 10.90 6.72
C TRP G 114 51.93 10.53 5.68
N GLY G 115 51.65 10.83 4.42
CA GLY G 115 52.60 10.58 3.36
C GLY G 115 53.86 11.40 3.53
N ALA G 116 54.82 11.16 2.63
CA ALA G 116 56.08 11.89 2.69
C ALA G 116 55.87 13.38 2.51
N GLY G 117 55.00 13.76 1.57
CA GLY G 117 54.68 15.15 1.34
C GLY G 117 55.41 15.71 0.13
N VAL G 118 54.71 15.82 -1.00
CA VAL G 118 55.28 16.34 -2.23
C VAL G 118 54.96 17.82 -2.34
N LEU G 119 55.99 18.63 -2.57
CA LEU G 119 55.85 20.07 -2.69
C LEU G 119 55.67 20.42 -4.17
N VAL G 120 54.57 21.11 -4.48
CA VAL G 120 54.28 21.54 -5.84
C VAL G 120 54.31 23.06 -5.88
N THR G 121 55.07 23.61 -6.82
CA THR G 121 55.14 25.04 -7.08
C THR G 121 54.62 25.31 -8.48
N VAL G 122 53.71 26.26 -8.60
CA VAL G 122 53.00 26.50 -9.85
C VAL G 122 53.49 27.79 -10.51
N GLN H 1 15.82 -25.36 -46.41
CA GLN H 1 14.50 -25.40 -47.09
C GLN H 1 13.37 -25.53 -46.08
N VAL H 2 12.32 -24.73 -46.27
CA VAL H 2 11.15 -24.72 -45.39
C VAL H 2 9.90 -24.90 -46.25
N GLN H 3 9.03 -25.81 -45.85
CA GLN H 3 7.77 -26.00 -46.56
C GLN H 3 6.77 -26.69 -45.65
N LEU H 4 5.50 -26.39 -45.85
CA LEU H 4 4.40 -26.93 -45.08
C LEU H 4 3.56 -27.86 -45.95
N GLN H 5 3.05 -28.93 -45.32
CA GLN H 5 2.20 -29.90 -45.98
C GLN H 5 0.90 -30.04 -45.18
N GLU H 6 -0.22 -29.98 -45.88
CA GLU H 6 -1.54 -30.10 -45.27
C GLU H 6 -2.09 -31.49 -45.52
N SER H 7 -2.62 -32.12 -44.47
CA SER H 7 -3.21 -33.44 -44.55
C SER H 7 -4.52 -33.45 -43.77
N GLY H 8 -5.32 -34.49 -44.02
CA GLY H 8 -6.60 -34.65 -43.37
C GLY H 8 -7.69 -35.03 -44.36
N PRO H 9 -8.93 -35.04 -43.90
CA PRO H 9 -10.06 -35.35 -44.80
C PRO H 9 -10.11 -34.38 -45.97
N GLY H 10 -9.98 -34.94 -47.19
CA GLY H 10 -10.17 -34.16 -48.40
C GLY H 10 -11.60 -33.97 -48.81
N LEU H 11 -12.54 -34.66 -48.14
CA LEU H 11 -13.96 -34.51 -48.43
C LEU H 11 -14.73 -35.08 -47.25
N VAL H 12 -15.69 -34.32 -46.74
CA VAL H 12 -16.46 -34.71 -45.57
C VAL H 12 -17.94 -34.46 -45.82
N LYS H 13 -18.78 -35.28 -45.19
CA LYS H 13 -20.21 -35.05 -45.19
C LYS H 13 -20.49 -33.67 -44.60
N PRO H 14 -21.25 -32.79 -45.27
CA PRO H 14 -21.65 -31.53 -44.63
C PRO H 14 -22.21 -31.73 -43.22
N SER H 15 -21.99 -30.70 -42.38
CA SER H 15 -22.41 -30.64 -40.98
C SER H 15 -21.49 -31.41 -40.05
N GLU H 16 -20.30 -31.84 -40.49
CA GLU H 16 -19.33 -32.54 -39.67
C GLU H 16 -18.13 -31.63 -39.40
N THR H 17 -17.26 -32.09 -38.51
CA THR H 17 -16.07 -31.33 -38.13
C THR H 17 -14.95 -31.57 -39.13
N LEU H 18 -14.17 -30.52 -39.41
CA LEU H 18 -13.06 -30.57 -40.34
C LEU H 18 -11.76 -30.42 -39.56
N SER H 19 -10.92 -31.45 -39.59
CA SER H 19 -9.65 -31.48 -38.87
C SER H 19 -8.52 -31.50 -39.89
N LEU H 20 -7.93 -30.33 -40.16
CA LEU H 20 -6.84 -30.20 -41.11
C LEU H 20 -5.53 -30.01 -40.37
N THR H 21 -4.58 -30.92 -40.58
CA THR H 21 -3.30 -30.91 -39.89
C THR H 21 -2.22 -30.41 -40.83
N CYS H 22 -1.54 -29.33 -40.43
CA CYS H 22 -0.43 -28.77 -41.19
C CYS H 22 0.87 -29.11 -40.47
N ALA H 23 1.76 -29.80 -41.18
CA ALA H 23 3.08 -30.16 -40.67
C ALA H 23 4.13 -29.41 -41.47
N VAL H 24 5.04 -28.73 -40.77
CA VAL H 24 6.04 -27.88 -41.39
C VAL H 24 7.40 -28.54 -41.22
N TYR H 25 8.10 -28.75 -42.34
CA TYR H 25 9.48 -29.21 -42.34
C TYR H 25 10.36 -28.00 -42.63
N GLY H 26 11.24 -27.66 -41.69
CA GLY H 26 12.01 -26.44 -41.77
C GLY H 26 11.99 -25.68 -40.46
N SER H 27 11.43 -24.47 -40.49
CA SER H 27 11.35 -23.66 -39.27
C SER H 27 10.49 -24.36 -38.22
N SER H 28 10.86 -24.16 -36.96
CA SER H 28 10.22 -24.82 -35.84
C SER H 28 9.07 -23.99 -35.29
N ILE H 29 7.97 -24.66 -34.96
CA ILE H 29 6.83 -23.99 -34.34
C ILE H 29 7.20 -23.51 -32.94
N SER H 30 8.05 -24.26 -32.23
CA SER H 30 8.39 -23.90 -30.85
C SER H 30 9.06 -22.53 -30.79
N GLY H 31 9.91 -22.22 -31.76
CA GLY H 31 10.56 -20.93 -31.81
C GLY H 31 9.56 -19.79 -31.91
N GLY H 32 9.70 -18.80 -31.03
CA GLY H 32 8.78 -17.67 -30.99
C GLY H 32 9.15 -16.58 -31.98
N TYR H 33 9.13 -16.91 -33.27
CA TYR H 33 9.47 -15.96 -34.32
C TYR H 33 8.37 -15.86 -35.37
N PHE H 34 7.67 -16.96 -35.63
CA PHE H 34 6.68 -17.04 -36.68
C PHE H 34 5.29 -17.30 -36.12
N TYR H 35 4.30 -16.70 -36.77
CA TYR H 35 2.90 -17.00 -36.53
C TYR H 35 2.38 -17.88 -37.67
N TRP H 36 1.58 -18.88 -37.33
CA TRP H 36 1.10 -19.87 -38.28
C TRP H 36 -0.37 -19.59 -38.57
N HIS H 37 -0.65 -19.04 -39.74
CA HIS H 37 -1.97 -18.58 -40.12
C HIS H 37 -2.64 -19.58 -41.05
N TRP H 38 -3.97 -19.58 -41.04
CA TRP H 38 -4.80 -20.45 -41.88
C TRP H 38 -5.59 -19.56 -42.83
N ILE H 39 -5.21 -19.54 -44.10
CA ILE H 39 -5.84 -18.71 -45.12
C ILE H 39 -6.73 -19.62 -45.97
N ARG H 40 -7.90 -19.10 -46.34
CA ARG H 40 -8.90 -19.84 -47.09
C ARG H 40 -9.30 -19.05 -48.33
N GLN H 41 -9.68 -19.76 -49.39
CA GLN H 41 -10.10 -19.13 -50.64
C GLN H 41 -11.20 -19.99 -51.26
N ALA H 42 -12.43 -19.49 -51.24
CA ALA H 42 -13.51 -20.18 -51.92
C ALA H 42 -13.36 -20.02 -53.43
N PRO H 43 -13.91 -20.95 -54.23
CA PRO H 43 -13.84 -20.78 -55.68
C PRO H 43 -14.55 -19.50 -56.13
N GLY H 44 -13.93 -18.80 -57.08
CA GLY H 44 -14.50 -17.58 -57.61
C GLY H 44 -14.41 -16.38 -56.69
N LYS H 45 -13.67 -16.48 -55.59
CA LYS H 45 -13.53 -15.41 -54.61
C LYS H 45 -12.06 -15.28 -54.23
N GLY H 46 -11.77 -14.28 -53.40
CA GLY H 46 -10.41 -14.03 -52.95
C GLY H 46 -10.07 -14.82 -51.70
N LEU H 47 -8.90 -14.49 -51.15
CA LEU H 47 -8.44 -15.14 -49.93
C LEU H 47 -9.26 -14.67 -48.74
N GLU H 48 -9.18 -15.43 -47.64
CA GLU H 48 -9.91 -15.07 -46.42
C GLU H 48 -9.17 -15.66 -45.23
N TRP H 49 -9.15 -14.89 -44.14
CA TRP H 49 -8.46 -15.31 -42.92
C TRP H 49 -9.38 -16.11 -42.03
N ILE H 50 -8.79 -17.05 -41.28
CA ILE H 50 -9.54 -17.88 -40.33
C ILE H 50 -8.94 -17.75 -38.94
N GLY H 51 -7.65 -17.46 -38.86
CA GLY H 51 -7.00 -17.30 -37.57
C GLY H 51 -5.52 -17.61 -37.65
N ASP H 52 -4.89 -17.57 -36.49
CA ASP H 52 -3.47 -17.89 -36.36
C ASP H 52 -3.22 -18.43 -34.96
N VAL H 53 -2.11 -19.15 -34.82
CA VAL H 53 -1.71 -19.77 -33.56
C VAL H 53 -0.23 -19.47 -33.32
N TYR H 54 0.09 -19.12 -32.08
CA TYR H 54 1.47 -18.85 -31.66
C TYR H 54 1.99 -20.00 -30.81
N PHE H 55 3.30 -20.01 -30.59
CA PHE H 55 3.91 -21.08 -29.82
C PHE H 55 3.44 -21.06 -28.37
N SER H 56 3.04 -19.90 -27.87
CA SER H 56 2.61 -19.76 -26.48
C SER H 56 1.10 -19.96 -26.30
N GLY H 57 0.38 -20.30 -27.37
CA GLY H 57 -1.05 -20.55 -27.27
C GLY H 57 -1.94 -19.33 -27.36
N THR H 58 -1.37 -18.14 -27.59
CA THR H 58 -2.16 -16.92 -27.74
C THR H 58 -2.66 -16.84 -29.18
N THR H 59 -3.75 -17.55 -29.43
CA THR H 59 -4.35 -17.64 -30.75
C THR H 59 -5.43 -16.57 -30.93
N GLY H 60 -5.69 -16.23 -32.19
CA GLY H 60 -6.74 -15.30 -32.54
C GLY H 60 -7.41 -15.67 -33.85
N TYR H 61 -8.73 -15.83 -33.82
CA TYR H 61 -9.49 -16.27 -34.99
C TYR H 61 -10.18 -15.09 -35.66
N ASN H 62 -10.70 -15.35 -36.86
CA ASN H 62 -11.45 -14.33 -37.56
C ASN H 62 -12.74 -14.01 -36.78
N PRO H 63 -13.15 -12.75 -36.70
CA PRO H 63 -14.41 -12.45 -35.99
C PRO H 63 -15.62 -13.15 -36.59
N SER H 64 -15.61 -13.38 -37.90
CA SER H 64 -16.73 -14.08 -38.53
C SER H 64 -16.82 -15.53 -38.03
N LEU H 65 -15.67 -16.18 -37.85
CA LEU H 65 -15.61 -17.58 -37.43
C LEU H 65 -14.92 -17.71 -36.07
N LYS H 66 -15.25 -16.81 -35.14
CA LYS H 66 -14.70 -16.89 -33.80
C LYS H 66 -15.34 -17.99 -32.97
N ARG H 67 -16.45 -18.56 -33.41
CA ARG H 67 -17.18 -19.58 -32.67
C ARG H 67 -17.03 -20.98 -33.23
N ARG H 68 -16.87 -21.11 -34.55
CA ARG H 68 -16.90 -22.41 -35.22
C ARG H 68 -15.52 -23.03 -35.42
N VAL H 69 -14.45 -22.37 -34.97
CA VAL H 69 -13.09 -22.80 -35.29
C VAL H 69 -12.25 -22.84 -34.02
N ARG H 70 -11.23 -23.71 -34.04
CA ARG H 70 -10.23 -23.77 -32.99
C ARG H 70 -8.90 -24.19 -33.61
N ILE H 71 -7.85 -23.42 -33.32
CA ILE H 71 -6.51 -23.68 -33.85
C ILE H 71 -5.64 -24.17 -32.70
N SER H 72 -5.13 -25.39 -32.82
CA SER H 72 -4.21 -25.96 -31.86
C SER H 72 -2.83 -26.11 -32.50
N ALA H 73 -1.81 -26.21 -31.65
CA ALA H 73 -0.44 -26.32 -32.13
C ALA H 73 0.35 -27.17 -31.15
N ASP H 74 0.87 -28.32 -31.62
CA ASP H 74 1.69 -29.19 -30.82
C ASP H 74 3.12 -29.12 -31.35
N THR H 75 4.05 -28.72 -30.48
CA THR H 75 5.45 -28.57 -30.84
C THR H 75 6.28 -29.81 -30.56
N SER H 76 5.72 -30.83 -29.90
CA SER H 76 6.45 -32.08 -29.70
C SER H 76 6.77 -32.74 -31.04
N LYS H 77 5.80 -32.74 -31.96
CA LYS H 77 6.00 -33.22 -33.32
C LYS H 77 6.02 -32.08 -34.33
N ASN H 78 5.98 -30.83 -33.87
CA ASN H 78 6.16 -29.66 -34.73
C ASN H 78 5.10 -29.59 -35.84
N GLN H 79 3.85 -29.43 -35.42
CA GLN H 79 2.76 -29.23 -36.37
C GLN H 79 1.63 -28.49 -35.66
N PHE H 80 0.63 -28.09 -36.45
CA PHE H 80 -0.57 -27.47 -35.91
C PHE H 80 -1.79 -28.01 -36.64
N SER H 81 -2.96 -27.68 -36.11
CA SER H 81 -4.20 -28.27 -36.58
C SER H 81 -5.33 -27.24 -36.49
N LEU H 82 -6.21 -27.29 -37.48
CA LEU H 82 -7.40 -26.45 -37.55
C LEU H 82 -8.62 -27.37 -37.42
N ASN H 83 -9.46 -27.08 -36.43
CA ASN H 83 -10.69 -27.84 -36.16
C ASN H 83 -11.86 -26.89 -36.40
N LEU H 84 -12.53 -27.05 -37.54
CA LEU H 84 -13.67 -26.22 -37.92
C LEU H 84 -14.93 -27.02 -37.70
N ARG H 85 -15.73 -26.62 -36.71
CA ARG H 85 -16.94 -27.33 -36.35
C ARG H 85 -18.14 -26.74 -37.08
N SER H 86 -19.19 -27.56 -37.20
CA SER H 86 -20.45 -27.16 -37.84
C SER H 86 -20.21 -26.63 -39.25
N VAL H 87 -19.46 -27.40 -40.04
CA VAL H 87 -19.13 -26.98 -41.39
C VAL H 87 -20.39 -26.99 -42.24
N THR H 88 -20.65 -25.88 -42.94
CA THR H 88 -21.80 -25.72 -43.80
C THR H 88 -21.39 -26.04 -45.25
N ALA H 89 -22.30 -25.77 -46.18
CA ALA H 89 -22.04 -26.01 -47.60
C ALA H 89 -21.23 -24.89 -48.25
N ALA H 90 -20.99 -23.78 -47.55
CA ALA H 90 -20.26 -22.65 -48.10
C ALA H 90 -18.77 -22.66 -47.71
N ASP H 91 -18.30 -23.75 -47.09
CA ASP H 91 -16.93 -23.85 -46.63
C ASP H 91 -16.05 -24.67 -47.59
N THR H 92 -16.51 -24.87 -48.83
CA THR H 92 -15.72 -25.58 -49.83
C THR H 92 -14.69 -24.61 -50.38
N ALA H 93 -13.42 -24.80 -50.02
CA ALA H 93 -12.38 -23.84 -50.33
C ALA H 93 -11.02 -24.51 -50.24
N VAL H 94 -10.01 -23.82 -50.74
CA VAL H 94 -8.63 -24.28 -50.67
C VAL H 94 -8.03 -23.72 -49.39
N TYR H 95 -7.82 -24.60 -48.40
CA TYR H 95 -7.34 -24.19 -47.08
C TYR H 95 -5.81 -24.13 -47.11
N PHE H 96 -5.26 -22.93 -47.21
CA PHE H 96 -3.81 -22.75 -47.26
C PHE H 96 -3.23 -22.59 -45.86
N CYS H 97 -1.95 -22.91 -45.74
CA CYS H 97 -1.15 -22.60 -44.56
C CYS H 97 -0.22 -21.45 -44.89
N ALA H 98 0.00 -20.57 -43.92
CA ALA H 98 0.83 -19.39 -44.13
C ALA H 98 1.72 -19.16 -42.93
N ARG H 99 2.90 -18.60 -43.18
CA ARG H 99 3.88 -18.26 -42.17
C ARG H 99 4.07 -16.74 -42.15
N ASP H 100 3.96 -16.14 -40.97
CA ASP H 100 4.08 -14.70 -40.80
C ASP H 100 5.29 -14.40 -39.92
N PRO H 101 6.31 -13.63 -40.38
CA PRO H 101 7.40 -13.20 -39.48
C PRO H 101 7.04 -12.00 -38.60
N ARG H 102 5.85 -12.05 -37.99
CA ARG H 102 5.46 -10.99 -37.08
C ARG H 102 6.21 -11.09 -35.76
N GLY H 103 6.42 -12.31 -35.27
CA GLY H 103 7.31 -12.53 -34.14
C GLY H 103 8.69 -12.02 -34.48
N GLY H 104 9.30 -11.26 -33.58
CA GLY H 104 10.49 -10.52 -33.96
C GLY H 104 10.12 -9.42 -34.93
N GLY H 105 9.46 -8.38 -34.41
CA GLY H 105 8.75 -7.44 -35.26
C GLY H 105 9.63 -6.52 -36.09
N TRP H 106 10.49 -7.10 -36.92
CA TRP H 106 11.18 -6.31 -37.94
C TRP H 106 10.21 -5.79 -38.98
N VAL H 107 9.13 -6.53 -39.24
CA VAL H 107 8.15 -6.18 -40.26
C VAL H 107 6.74 -6.46 -39.72
N PRO H 108 5.72 -5.83 -40.33
CA PRO H 108 4.34 -6.16 -39.92
C PRO H 108 3.92 -7.53 -40.46
N ASN H 109 2.65 -7.89 -40.31
CA ASN H 109 2.16 -9.17 -40.79
C ASN H 109 2.45 -9.31 -42.28
N ARG H 110 3.07 -10.43 -42.65
CA ARG H 110 3.57 -10.60 -44.02
C ARG H 110 3.68 -12.10 -44.29
N PHE H 111 2.73 -12.64 -45.04
CA PHE H 111 2.78 -14.05 -45.43
C PHE H 111 3.75 -14.21 -46.60
N ASP H 112 4.79 -15.02 -46.41
CA ASP H 112 5.84 -15.21 -47.38
C ASP H 112 5.87 -16.61 -47.98
N VAL H 113 5.94 -17.64 -47.14
CA VAL H 113 5.94 -19.03 -47.59
C VAL H 113 4.56 -19.62 -47.32
N TRP H 114 4.02 -20.33 -48.31
CA TRP H 114 2.67 -20.88 -48.26
C TRP H 114 2.72 -22.38 -48.52
N GLY H 115 1.73 -23.08 -47.97
CA GLY H 115 1.63 -24.50 -48.20
C GLY H 115 1.15 -24.83 -49.60
N ALA H 116 1.15 -26.13 -49.91
CA ALA H 116 0.72 -26.58 -51.22
C ALA H 116 -0.74 -26.21 -51.48
N GLY H 117 -1.60 -26.39 -50.48
CA GLY H 117 -3.00 -26.04 -50.58
C GLY H 117 -3.91 -27.23 -50.76
N VAL H 118 -4.57 -27.65 -49.69
CA VAL H 118 -5.50 -28.76 -49.74
C VAL H 118 -6.87 -28.26 -50.15
N LEU H 119 -7.52 -29.01 -51.03
CA LEU H 119 -8.88 -28.72 -51.49
C LEU H 119 -9.83 -29.64 -50.74
N VAL H 120 -10.76 -29.04 -50.00
CA VAL H 120 -11.73 -29.78 -49.20
C VAL H 120 -13.11 -29.43 -49.75
N THR H 121 -13.69 -30.35 -50.51
CA THR H 121 -15.03 -30.20 -51.04
C THR H 121 -16.02 -30.91 -50.11
N VAL H 122 -16.89 -30.13 -49.48
CA VAL H 122 -17.82 -30.68 -48.49
C VAL H 122 -19.02 -31.31 -49.21
N ASP I 1 -12.91 -4.49 -39.44
CA ASP I 1 -12.97 -5.27 -40.72
C ASP I 1 -12.87 -4.35 -41.92
N ILE I 2 -11.65 -3.92 -42.24
CA ILE I 2 -11.44 -3.03 -43.37
C ILE I 2 -11.70 -3.78 -44.66
N GLN I 3 -12.43 -3.15 -45.58
CA GLN I 3 -12.78 -3.74 -46.86
C GLN I 3 -11.86 -3.16 -47.93
N MET I 4 -11.29 -4.05 -48.75
CA MET I 4 -10.36 -3.68 -49.81
C MET I 4 -11.01 -3.93 -51.16
N THR I 5 -10.88 -2.97 -52.07
CA THR I 5 -11.42 -3.06 -53.41
C THR I 5 -10.29 -2.84 -54.42
N GLN I 6 -10.17 -3.75 -55.38
CA GLN I 6 -9.15 -3.70 -56.41
C GLN I 6 -9.80 -3.30 -57.73
N SER I 7 -9.22 -2.31 -58.40
CA SER I 7 -9.70 -1.85 -59.69
C SER I 7 -8.56 -1.91 -60.71
N PRO I 8 -8.79 -2.50 -61.91
CA PRO I 8 -10.01 -3.14 -62.42
C PRO I 8 -10.22 -4.52 -61.80
N SER I 9 -11.46 -4.99 -61.71
CA SER I 9 -11.70 -6.31 -61.14
C SER I 9 -11.13 -7.42 -62.01
N SER I 10 -10.99 -7.17 -63.31
CA SER I 10 -10.39 -8.13 -64.23
C SER I 10 -10.03 -7.45 -65.54
N LEU I 11 -8.78 -7.63 -65.99
CA LEU I 11 -8.29 -6.98 -67.20
C LEU I 11 -7.54 -8.01 -68.04
N SER I 12 -7.45 -7.72 -69.34
CA SER I 12 -6.67 -8.49 -70.29
C SER I 12 -5.68 -7.56 -70.97
N ALA I 13 -4.42 -7.96 -71.02
CA ALA I 13 -3.36 -7.13 -71.58
C ALA I 13 -2.39 -8.01 -72.38
N SER I 14 -1.68 -7.37 -73.30
CA SER I 14 -0.72 -8.05 -74.15
C SER I 14 0.67 -8.03 -73.52
N VAL I 15 1.54 -8.93 -74.00
CA VAL I 15 2.88 -9.05 -73.45
C VAL I 15 3.66 -7.76 -73.71
N GLY I 16 4.54 -7.42 -72.76
CA GLY I 16 5.37 -6.25 -72.89
C GLY I 16 4.60 -4.94 -72.85
N ASP I 17 3.64 -4.82 -71.94
CA ASP I 17 2.85 -3.61 -71.78
C ASP I 17 2.82 -3.19 -70.31
N ARG I 18 2.93 -1.89 -70.08
CA ARG I 18 2.82 -1.36 -68.72
C ARG I 18 1.38 -1.48 -68.25
N VAL I 19 1.19 -2.03 -67.04
CA VAL I 19 -0.15 -2.17 -66.46
C VAL I 19 -0.12 -1.63 -65.03
N THR I 20 -1.30 -1.22 -64.57
CA THR I 20 -1.46 -0.65 -63.23
C THR I 20 -2.76 -1.14 -62.63
N ILE I 21 -2.70 -1.55 -61.36
CA ILE I 21 -3.88 -1.99 -60.61
C ILE I 21 -3.91 -1.24 -59.29
N THR I 22 -5.03 -0.60 -58.98
CA THR I 22 -5.16 0.24 -57.80
C THR I 22 -5.98 -0.48 -56.74
N CYS I 23 -5.67 -0.20 -55.48
CA CYS I 23 -6.30 -0.81 -54.31
C CYS I 23 -6.76 0.28 -53.38
N ARG I 24 -8.02 0.21 -52.97
CA ARG I 24 -8.65 1.22 -52.11
C ARG I 24 -9.18 0.54 -50.85
N ALA I 25 -8.89 1.14 -49.71
CA ALA I 25 -9.34 0.64 -48.41
C ALA I 25 -10.37 1.60 -47.81
N SER I 26 -11.36 1.04 -47.13
CA SER I 26 -12.41 1.87 -46.54
C SER I 26 -11.83 2.83 -45.49
N GLN I 27 -10.93 2.33 -44.65
CA GLN I 27 -10.28 3.12 -43.63
C GLN I 27 -8.86 3.49 -44.09
N ASP I 28 -8.14 4.19 -43.21
CA ASP I 28 -6.76 4.60 -43.47
C ASP I 28 -5.83 3.55 -42.84
N ILE I 29 -5.20 2.74 -43.69
CA ILE I 29 -4.32 1.68 -43.23
C ILE I 29 -2.87 2.15 -43.22
N SER I 30 -2.64 3.44 -43.46
CA SER I 30 -1.31 4.07 -43.41
C SER I 30 -0.43 3.35 -44.42
N SER I 31 0.67 2.70 -44.01
CA SER I 31 1.66 2.13 -44.91
C SER I 31 1.68 0.60 -44.85
N PHE I 32 0.59 -0.02 -44.41
CA PHE I 32 0.51 -1.47 -44.23
C PHE I 32 -0.30 -2.07 -45.37
N LEU I 33 0.40 -2.51 -46.41
CA LEU I 33 -0.21 -3.19 -47.54
C LEU I 33 0.81 -4.15 -48.15
N ASN I 34 0.37 -5.38 -48.41
CA ASN I 34 1.18 -6.37 -49.10
C ASN I 34 0.42 -6.90 -50.30
N TRP I 35 1.12 -7.04 -51.43
CA TRP I 35 0.54 -7.59 -52.66
C TRP I 35 0.96 -9.04 -52.82
N TYR I 36 0.03 -9.84 -53.36
CA TYR I 36 0.23 -11.26 -53.55
C TYR I 36 -0.07 -11.63 -55.00
N GLN I 37 0.60 -12.68 -55.48
CA GLN I 37 0.68 -13.01 -56.90
C GLN I 37 0.24 -14.47 -57.11
N GLN I 38 -0.96 -14.79 -56.62
CA GLN I 38 -1.41 -16.18 -56.68
C GLN I 38 -1.51 -16.65 -58.12
N LYS I 39 -0.63 -17.57 -58.50
CA LYS I 39 -0.67 -18.16 -59.83
C LYS I 39 -1.80 -19.20 -59.88
N PRO I 40 -2.58 -19.27 -60.99
CA PRO I 40 -3.56 -20.36 -61.10
C PRO I 40 -2.96 -21.74 -60.88
N GLY I 41 -3.41 -22.44 -59.84
CA GLY I 41 -2.94 -23.78 -59.54
C GLY I 41 -2.00 -23.83 -58.36
N LYS I 42 -1.12 -22.85 -58.25
CA LYS I 42 -0.12 -22.79 -57.19
C LYS I 42 -0.56 -21.82 -56.09
N ALA I 43 0.08 -21.96 -54.93
CA ALA I 43 -0.30 -21.17 -53.76
C ALA I 43 0.15 -19.72 -53.91
N PRO I 44 -0.42 -18.81 -53.12
CA PRO I 44 0.03 -17.41 -53.20
C PRO I 44 1.50 -17.25 -52.87
N LYS I 45 2.13 -16.31 -53.55
CA LYS I 45 3.55 -16.02 -53.38
C LYS I 45 3.73 -14.52 -53.19
N LEU I 46 4.48 -14.13 -52.17
CA LEU I 46 4.62 -12.72 -51.82
C LEU I 46 5.48 -12.00 -52.85
N LEU I 47 5.01 -10.81 -53.25
CA LEU I 47 5.75 -9.95 -54.17
C LEU I 47 6.15 -8.63 -53.53
N ILE I 48 5.21 -7.87 -52.97
CA ILE I 48 5.45 -6.55 -52.42
C ILE I 48 4.85 -6.49 -51.02
N SER I 49 5.56 -5.82 -50.11
CA SER I 49 5.08 -5.56 -48.75
C SER I 49 5.37 -4.11 -48.40
N SER I 50 4.62 -3.59 -47.42
CA SER I 50 4.86 -2.28 -46.84
C SER I 50 4.93 -1.19 -47.92
N VAL I 51 3.79 -0.98 -48.58
CA VAL I 51 3.69 -0.07 -49.70
C VAL I 51 4.61 -0.56 -50.83
N ASN I 52 5.85 -0.07 -50.92
CA ASN I 52 6.73 -0.53 -51.99
C ASN I 52 7.69 -1.61 -51.52
N ARG I 53 8.71 -1.25 -50.71
CA ARG I 53 9.64 -2.15 -50.03
C ARG I 53 9.90 -3.45 -50.77
N LEU I 54 10.35 -3.38 -52.03
CA LEU I 54 10.40 -4.55 -52.90
C LEU I 54 11.24 -5.66 -52.27
N GLU I 55 10.60 -6.76 -51.91
CA GLU I 55 11.27 -7.83 -51.20
C GLU I 55 12.15 -8.65 -52.15
N SER I 56 13.26 -9.13 -51.61
CA SER I 56 14.26 -9.82 -52.43
C SER I 56 13.67 -11.12 -53.01
N GLY I 57 14.06 -11.41 -54.25
CA GLY I 57 13.63 -12.61 -54.94
C GLY I 57 12.65 -12.40 -56.06
N VAL I 58 12.43 -11.17 -56.52
CA VAL I 58 11.55 -10.90 -57.65
C VAL I 58 12.25 -9.91 -58.58
N PRO I 59 11.82 -9.85 -59.85
CA PRO I 59 12.38 -8.83 -60.75
C PRO I 59 11.99 -7.43 -60.30
N SER I 60 12.82 -6.46 -60.69
CA SER I 60 12.58 -5.07 -60.36
C SER I 60 11.50 -4.42 -61.22
N ARG I 61 10.86 -5.18 -62.12
CA ARG I 61 9.80 -4.62 -62.95
C ARG I 61 8.63 -4.13 -62.10
N PHE I 62 8.23 -4.91 -61.12
CA PHE I 62 7.11 -4.53 -60.26
C PHE I 62 7.47 -3.32 -59.41
N SER I 63 6.48 -2.47 -59.18
CA SER I 63 6.66 -1.30 -58.32
C SER I 63 5.36 -1.02 -57.59
N GLY I 64 5.48 -0.36 -56.46
CA GLY I 64 4.31 0.02 -55.67
C GLY I 64 4.40 1.47 -55.24
N SER I 65 3.23 2.09 -55.10
CA SER I 65 3.17 3.49 -54.71
C SER I 65 1.83 3.76 -54.04
N GLY I 66 1.72 4.94 -53.42
CA GLY I 66 0.52 5.38 -52.75
C GLY I 66 0.68 5.39 -51.24
N SER I 67 -0.40 5.77 -50.58
CA SER I 67 -0.43 5.93 -49.13
C SER I 67 -1.88 6.17 -48.72
N GLY I 68 -2.10 6.41 -47.43
CA GLY I 68 -3.42 6.72 -46.91
C GLY I 68 -4.44 5.64 -47.20
N THR I 69 -5.39 5.95 -48.07
CA THR I 69 -6.45 5.03 -48.45
C THR I 69 -6.34 4.55 -49.90
N GLU I 70 -5.32 5.00 -50.65
CA GLU I 70 -5.18 4.62 -52.05
C GLU I 70 -3.76 4.11 -52.26
N PHE I 71 -3.64 2.96 -52.93
CA PHE I 71 -2.36 2.37 -53.27
C PHE I 71 -2.44 1.84 -54.70
N THR I 72 -1.29 1.56 -55.28
CA THR I 72 -1.25 1.10 -56.66
C THR I 72 -0.02 0.26 -56.90
N LEU I 73 -0.19 -0.81 -57.68
CA LEU I 73 0.89 -1.68 -58.12
C LEU I 73 1.02 -1.57 -59.63
N THR I 74 2.23 -1.29 -60.10
CA THR I 74 2.52 -1.08 -61.51
C THR I 74 3.53 -2.11 -61.99
N VAL I 75 3.19 -2.81 -63.07
CA VAL I 75 4.11 -3.68 -63.77
C VAL I 75 4.64 -2.92 -64.98
N SER I 76 5.95 -2.69 -65.01
CA SER I 76 6.55 -1.88 -66.06
C SER I 76 6.41 -2.54 -67.42
N SER I 77 6.67 -3.85 -67.50
CA SER I 77 6.63 -4.59 -68.75
C SER I 77 6.03 -5.96 -68.50
N LEU I 78 4.91 -6.24 -69.16
CA LEU I 78 4.25 -7.53 -68.98
C LEU I 78 5.12 -8.65 -69.54
N GLN I 79 5.22 -9.72 -68.78
CA GLN I 79 6.03 -10.90 -69.09
C GLN I 79 5.14 -12.14 -69.15
N PRO I 80 5.56 -13.20 -69.85
CA PRO I 80 4.69 -14.36 -69.98
C PRO I 80 4.28 -14.99 -68.66
N GLU I 81 5.14 -14.96 -67.64
CA GLU I 81 4.79 -15.48 -66.33
C GLU I 81 4.01 -14.47 -65.48
N ASP I 82 3.80 -13.25 -65.97
CA ASP I 82 2.99 -12.25 -65.27
C ASP I 82 1.54 -12.30 -65.77
N PHE I 83 0.91 -13.45 -65.57
CA PHE I 83 -0.50 -13.68 -65.90
C PHE I 83 -1.20 -14.39 -64.76
N ALA I 84 -0.95 -13.90 -63.54
CA ALA I 84 -1.49 -14.47 -62.31
C ALA I 84 -2.41 -13.46 -61.64
N THR I 85 -3.05 -13.89 -60.56
CA THR I 85 -4.04 -13.08 -59.86
C THR I 85 -3.35 -12.23 -58.80
N TYR I 86 -3.52 -10.91 -58.91
CA TYR I 86 -2.99 -9.97 -57.93
C TYR I 86 -4.00 -9.77 -56.82
N SER I 87 -3.51 -9.74 -55.57
CA SER I 87 -4.36 -9.59 -54.40
C SER I 87 -3.76 -8.62 -53.42
N CYS I 88 -4.62 -7.97 -52.63
CA CYS I 88 -4.23 -7.02 -51.60
C CYS I 88 -4.27 -7.70 -50.23
N GLN I 89 -3.86 -6.96 -49.20
CA GLN I 89 -3.90 -7.44 -47.83
C GLN I 89 -3.85 -6.25 -46.88
N GLN I 90 -4.70 -6.29 -45.84
CA GLN I 90 -4.71 -5.26 -44.80
C GLN I 90 -3.92 -5.80 -43.61
N CYS I 91 -2.60 -5.63 -43.67
CA CYS I 91 -1.70 -6.07 -42.60
C CYS I 91 -1.45 -4.96 -41.58
N GLY I 92 -2.52 -4.37 -41.07
CA GLY I 92 -2.42 -3.28 -40.12
C GLY I 92 -3.34 -3.40 -38.92
N SER I 93 -4.31 -4.32 -38.97
CA SER I 93 -5.25 -4.49 -37.89
C SER I 93 -5.95 -5.84 -38.04
N VAL I 94 -6.11 -6.54 -36.94
CA VAL I 94 -6.82 -7.82 -36.95
C VAL I 94 -8.31 -7.56 -37.17
N PRO I 95 -9.00 -8.29 -38.08
CA PRO I 95 -8.54 -9.34 -38.99
C PRO I 95 -7.89 -8.78 -40.25
N TYR I 96 -7.09 -9.58 -40.95
CA TYR I 96 -6.45 -9.16 -42.19
C TYR I 96 -7.27 -9.69 -43.36
N THR I 97 -7.84 -8.77 -44.13
CA THR I 97 -8.72 -9.10 -45.25
C THR I 97 -8.01 -8.79 -46.57
N PHE I 98 -8.08 -9.74 -47.50
CA PHE I 98 -7.48 -9.59 -48.81
C PHE I 98 -8.48 -8.99 -49.79
N GLY I 99 -7.99 -8.68 -50.99
CA GLY I 99 -8.83 -8.13 -52.03
C GLY I 99 -9.59 -9.20 -52.79
N GLN I 100 -10.43 -8.75 -53.72
CA GLN I 100 -11.22 -9.68 -54.51
C GLN I 100 -10.36 -10.51 -55.46
N GLY I 101 -9.28 -9.93 -55.97
CA GLY I 101 -8.39 -10.63 -56.88
C GLY I 101 -8.62 -10.26 -58.33
N THR I 102 -7.63 -9.63 -58.95
CA THR I 102 -7.70 -9.22 -60.35
C THR I 102 -6.91 -10.21 -61.19
N THR I 103 -7.57 -10.82 -62.17
CA THR I 103 -6.97 -11.83 -63.03
C THR I 103 -6.52 -11.19 -64.34
N LEU I 104 -5.29 -11.48 -64.74
CA LEU I 104 -4.74 -10.96 -65.98
C LEU I 104 -5.17 -11.84 -67.16
N ASP J 1 31.71 25.30 8.80
CA ASP J 1 33.16 25.61 8.71
C ASP J 1 33.66 26.27 9.99
N ILE J 2 33.89 25.46 11.02
CA ILE J 2 34.35 25.97 12.30
C ILE J 2 35.77 26.51 12.15
N GLN J 3 36.00 27.69 12.71
CA GLN J 3 37.31 28.34 12.66
C GLN J 3 38.03 28.13 13.98
N MET J 4 39.26 27.63 13.90
CA MET J 4 40.08 27.34 15.08
C MET J 4 41.20 28.38 15.17
N THR J 5 41.41 28.91 16.37
CA THR J 5 42.45 29.89 16.64
C THR J 5 43.35 29.38 17.76
N GLN J 6 44.66 29.45 17.53
CA GLN J 6 45.65 28.99 18.49
C GLN J 6 46.33 30.19 19.14
N SER J 7 46.52 30.11 20.46
CA SER J 7 47.13 31.17 21.24
C SER J 7 48.27 30.59 22.06
N PRO J 8 49.50 31.14 21.99
CA PRO J 8 49.98 32.25 21.14
C PRO J 8 50.28 31.78 19.72
N SER J 9 50.29 32.69 18.74
CA SER J 9 50.61 32.29 17.37
C SER J 9 52.05 31.83 17.23
N SER J 10 52.94 32.26 18.13
CA SER J 10 54.33 31.84 18.11
C SER J 10 55.02 32.19 19.42
N LEU J 11 55.69 31.22 20.02
CA LEU J 11 56.35 31.42 21.31
C LEU J 11 57.72 30.76 21.30
N SER J 12 58.60 31.28 22.15
CA SER J 12 59.93 30.73 22.36
C SER J 12 60.10 30.40 23.84
N ALA J 13 60.64 29.22 24.12
CA ALA J 13 60.82 28.74 25.49
C ALA J 13 62.19 28.10 25.60
N SER J 14 62.45 27.48 26.75
CA SER J 14 63.73 26.83 27.03
C SER J 14 63.49 25.38 27.39
N VAL J 15 64.58 24.61 27.36
CA VAL J 15 64.49 23.18 27.66
C VAL J 15 64.08 22.97 29.10
N GLY J 16 63.24 21.96 29.32
CA GLY J 16 62.79 21.63 30.66
C GLY J 16 61.90 22.68 31.29
N ASP J 17 61.01 23.30 30.51
CA ASP J 17 60.08 24.30 31.00
C ASP J 17 58.67 23.95 30.55
N ARG J 18 57.70 24.18 31.44
CA ARG J 18 56.31 23.94 31.10
C ARG J 18 55.82 24.94 30.07
N VAL J 19 54.94 24.48 29.17
CA VAL J 19 54.28 25.37 28.22
C VAL J 19 52.84 24.92 28.04
N THR J 20 52.00 25.88 27.65
CA THR J 20 50.56 25.64 27.49
C THR J 20 50.08 26.44 26.28
N ILE J 21 49.56 25.73 25.29
CA ILE J 21 49.05 26.35 24.05
C ILE J 21 47.54 26.13 24.02
N THR J 22 46.79 27.22 23.91
CA THR J 22 45.33 27.18 23.96
C THR J 22 44.76 27.18 22.55
N CYS J 23 43.61 26.54 22.40
CA CYS J 23 42.89 26.46 21.13
C CYS J 23 41.43 26.81 21.37
N ARG J 24 40.89 27.68 20.53
CA ARG J 24 39.52 28.17 20.65
C ARG J 24 38.78 27.96 19.34
N ALA J 25 37.58 27.38 19.42
CA ALA J 25 36.74 27.13 18.26
C ALA J 25 35.57 28.11 18.28
N SER J 26 35.16 28.56 17.08
CA SER J 26 34.05 29.49 16.98
C SER J 26 32.76 28.87 17.52
N GLN J 27 32.50 27.62 17.15
CA GLN J 27 31.34 26.88 17.63
C GLN J 27 31.77 25.93 18.74
N ASP J 28 30.83 25.11 19.20
CA ASP J 28 31.09 24.09 20.23
C ASP J 28 31.29 22.75 19.54
N ILE J 29 32.49 22.18 19.70
CA ILE J 29 32.85 20.92 19.07
C ILE J 29 32.88 19.76 20.06
N SER J 30 32.36 19.97 21.27
CA SER J 30 32.30 18.94 22.31
C SER J 30 33.72 18.47 22.60
N SER J 31 34.05 17.19 22.45
CA SER J 31 35.39 16.66 22.72
C SER J 31 36.03 16.11 21.45
N PHE J 32 35.71 16.69 20.30
CA PHE J 32 36.27 16.27 19.02
C PHE J 32 37.40 17.22 18.65
N LEU J 33 38.56 16.98 19.24
CA LEU J 33 39.78 17.72 18.95
C LEU J 33 40.96 16.76 18.92
N ASN J 34 41.79 16.89 17.89
CA ASN J 34 43.04 16.14 17.78
C ASN J 34 44.18 17.11 17.59
N TRP J 35 45.24 16.95 18.39
CA TRP J 35 46.42 17.80 18.32
C TRP J 35 47.47 17.14 17.45
N TYR J 36 48.09 17.92 16.57
CA TYR J 36 49.09 17.44 15.63
C TYR J 36 50.38 18.22 15.82
N GLN J 37 51.49 17.56 15.48
CA GLN J 37 52.83 18.13 15.65
C GLN J 37 53.62 17.86 14.38
N GLN J 38 53.86 18.90 13.60
CA GLN J 38 54.65 18.82 12.37
C GLN J 38 56.06 19.30 12.68
N LYS J 39 57.01 18.37 12.65
CA LYS J 39 58.41 18.75 12.67
C LYS J 39 58.76 19.42 11.33
N PRO J 40 59.63 20.44 11.32
CA PRO J 40 59.99 21.07 10.05
C PRO J 40 60.62 20.07 9.09
N GLY J 41 60.24 20.17 7.82
CA GLY J 41 60.81 19.35 6.78
C GLY J 41 59.99 18.10 6.45
N LYS J 42 59.44 17.45 7.46
CA LYS J 42 58.74 16.18 7.30
C LYS J 42 57.25 16.37 7.58
N ALA J 43 56.51 15.27 7.46
CA ALA J 43 55.05 15.30 7.53
C ALA J 43 54.57 15.42 8.98
N PRO J 44 53.30 15.80 9.18
CA PRO J 44 52.77 15.88 10.55
C PRO J 44 52.74 14.52 11.24
N LYS J 45 52.87 14.56 12.57
CA LYS J 45 52.78 13.38 13.41
C LYS J 45 51.63 13.57 14.40
N LEU J 46 50.95 12.47 14.71
CA LEU J 46 49.73 12.54 15.52
C LEU J 46 50.08 12.48 17.00
N LEU J 47 49.80 13.58 17.71
CA LEU J 47 49.92 13.65 19.16
C LEU J 47 48.56 13.28 19.77
N ILE J 48 48.39 13.57 21.07
CA ILE J 48 47.17 13.31 21.82
C ILE J 48 45.94 13.65 20.98
N SER J 49 44.94 12.77 21.02
CA SER J 49 43.71 12.92 20.27
C SER J 49 42.51 12.83 21.21
N SER J 50 41.36 13.29 20.72
CA SER J 50 40.13 13.32 21.49
C SER J 50 40.32 14.07 22.81
N VAL J 51 40.99 15.21 22.73
CA VAL J 51 41.21 16.09 23.88
C VAL J 51 42.13 15.41 24.90
N ASN J 52 41.62 14.38 25.57
CA ASN J 52 42.30 13.79 26.72
C ASN J 52 42.96 12.45 26.42
N ARG J 53 42.42 11.66 25.49
CA ARG J 53 42.94 10.31 25.24
C ARG J 53 44.31 10.41 24.57
N LEU J 54 45.36 10.14 25.33
CA LEU J 54 46.70 10.10 24.77
C LEU J 54 46.85 8.91 23.83
N GLU J 55 47.48 9.14 22.68
CA GLU J 55 47.67 8.11 21.68
C GLU J 55 48.99 7.37 21.93
N SER J 56 48.98 6.06 21.72
CA SER J 56 50.13 5.24 22.04
C SER J 56 51.32 5.61 21.16
N GLY J 57 52.52 5.48 21.73
CA GLY J 57 53.74 5.78 21.02
C GLY J 57 54.30 7.17 21.23
N VAL J 58 53.84 7.89 22.26
CA VAL J 58 54.31 9.23 22.55
C VAL J 58 54.70 9.31 24.03
N PRO J 59 55.59 10.21 24.43
CA PRO J 59 55.89 10.35 25.86
C PRO J 59 54.68 10.88 26.64
N SER J 60 54.66 10.56 27.93
CA SER J 60 53.59 11.01 28.81
C SER J 60 53.68 12.50 29.14
N ARG J 61 54.74 13.18 28.72
CA ARG J 61 54.88 14.60 29.03
C ARG J 61 53.73 15.42 28.44
N PHE J 62 53.38 15.16 27.19
CA PHE J 62 52.27 15.86 26.56
C PHE J 62 50.97 15.51 27.25
N SER J 63 50.09 16.51 27.37
CA SER J 63 48.77 16.28 27.94
C SER J 63 47.78 17.27 27.33
N GLY J 64 46.50 16.94 27.44
CA GLY J 64 45.45 17.80 26.93
C GLY J 64 44.37 18.01 27.96
N SER J 65 43.70 19.15 27.87
CA SER J 65 42.64 19.49 28.80
C SER J 65 41.68 20.46 28.13
N GLY J 66 40.52 20.64 28.77
CA GLY J 66 39.49 21.54 28.29
C GLY J 66 38.32 20.79 27.67
N SER J 67 37.33 21.57 27.26
CA SER J 67 36.09 21.05 26.68
C SER J 67 35.35 22.23 26.06
N GLY J 68 34.14 21.97 25.59
CA GLY J 68 33.30 23.03 25.05
C GLY J 68 33.99 23.72 23.89
N THR J 69 34.16 25.03 24.01
CA THR J 69 34.81 25.84 22.98
C THR J 69 36.26 26.15 23.29
N GLU J 70 36.81 25.65 24.40
CA GLU J 70 38.18 25.98 24.80
C GLU J 70 38.90 24.69 25.13
N PHE J 71 40.09 24.51 24.53
CA PHE J 71 40.94 23.37 24.79
C PHE J 71 42.37 23.86 24.95
N THR J 72 43.25 22.99 25.42
CA THR J 72 44.64 23.38 25.59
C THR J 72 45.53 22.14 25.65
N LEU J 73 46.72 22.29 25.09
CA LEU J 73 47.76 21.27 25.11
C LEU J 73 48.89 21.77 26.02
N THR J 74 49.27 20.94 26.99
CA THR J 74 50.28 21.28 27.97
C THR J 74 51.48 20.34 27.80
N VAL J 75 52.66 20.91 27.63
CA VAL J 75 53.91 20.17 27.66
C VAL J 75 54.54 20.39 29.03
N SER J 76 54.71 19.31 29.78
CA SER J 76 55.19 19.40 31.15
C SER J 76 56.68 19.71 31.21
N SER J 77 57.47 19.07 30.35
CA SER J 77 58.93 19.24 30.34
C SER J 77 59.38 19.32 28.90
N LEU J 78 59.91 20.48 28.50
CA LEU J 78 60.38 20.66 27.14
C LEU J 78 61.65 19.85 26.90
N GLN J 79 61.71 19.21 25.73
CA GLN J 79 62.82 18.38 25.29
C GLN J 79 63.32 18.89 23.95
N PRO J 80 64.59 18.61 23.59
CA PRO J 80 65.14 19.24 22.39
C PRO J 80 64.62 18.68 21.07
N GLU J 81 63.82 17.61 21.08
CA GLU J 81 63.16 17.15 19.87
C GLU J 81 61.70 17.58 19.82
N ASP J 82 61.25 18.41 20.77
CA ASP J 82 59.88 18.90 20.81
C ASP J 82 59.69 20.21 20.06
N PHE J 83 60.74 20.77 19.47
CA PHE J 83 60.66 22.02 18.72
C PHE J 83 59.97 21.73 17.39
N ALA J 84 58.65 21.92 17.36
CA ALA J 84 57.85 21.61 16.18
C ALA J 84 56.60 22.46 16.19
N THR J 85 55.92 22.50 15.05
CA THR J 85 54.72 23.32 14.91
C THR J 85 53.50 22.51 15.37
N TYR J 86 52.80 23.02 16.38
CA TYR J 86 51.62 22.35 16.92
C TYR J 86 50.36 22.95 16.30
N SER J 87 49.41 22.07 15.96
CA SER J 87 48.20 22.46 15.24
C SER J 87 47.00 21.73 15.82
N CYS J 88 45.82 22.32 15.60
CA CYS J 88 44.55 21.77 16.07
C CYS J 88 43.82 21.11 14.90
N GLN J 89 42.64 20.56 15.19
CA GLN J 89 41.79 19.95 14.18
C GLN J 89 40.36 19.91 14.70
N GLN J 90 39.40 20.16 13.81
CA GLN J 90 37.97 20.06 14.13
C GLN J 90 37.47 18.74 13.53
N CYS J 91 37.64 17.66 14.29
CA CYS J 91 37.22 16.33 13.86
C CYS J 91 35.79 16.01 14.32
N GLY J 92 34.86 16.93 14.06
CA GLY J 92 33.49 16.76 14.49
C GLY J 92 32.45 17.08 13.44
N SER J 93 32.86 17.70 12.34
CA SER J 93 31.93 18.08 11.29
C SER J 93 32.70 18.39 10.01
N VAL J 94 32.19 17.92 8.89
CA VAL J 94 32.81 18.23 7.60
C VAL J 94 32.54 19.69 7.26
N PRO J 95 33.54 20.46 6.80
CA PRO J 95 34.97 20.14 6.59
C PRO J 95 35.78 20.21 7.88
N TYR J 96 36.94 19.58 7.92
CA TYR J 96 37.83 19.61 9.08
C TYR J 96 38.91 20.65 8.85
N THR J 97 38.92 21.69 9.68
CA THR J 97 39.86 22.80 9.55
C THR J 97 40.86 22.76 10.70
N PHE J 98 42.13 22.87 10.35
CA PHE J 98 43.21 22.87 11.33
C PHE J 98 43.53 24.30 11.77
N GLY J 99 44.35 24.40 12.81
CA GLY J 99 44.74 25.70 13.33
C GLY J 99 45.84 26.35 12.49
N GLN J 100 46.12 27.61 12.84
CA GLN J 100 47.15 28.35 12.10
C GLN J 100 48.53 27.76 12.32
N GLY J 101 48.80 27.21 13.51
CA GLY J 101 50.08 26.60 13.82
C GLY J 101 50.96 27.48 14.68
N THR J 102 51.37 26.96 15.84
CA THR J 102 52.25 27.66 16.77
C THR J 102 53.63 27.04 16.69
N THR J 103 54.63 27.86 16.40
CA THR J 103 56.01 27.40 16.25
C THR J 103 56.76 27.64 17.56
N LEU J 104 57.47 26.62 18.01
CA LEU J 104 58.25 26.71 19.24
C LEU J 104 59.60 27.36 18.96
N GLN K 1 5.03 -52.15 18.03
CA GLN K 1 4.41 -51.91 19.36
C GLN K 1 4.70 -50.50 19.86
N VAL K 2 3.70 -49.87 20.46
CA VAL K 2 3.80 -48.51 20.99
C VAL K 2 3.40 -48.54 22.46
N GLN K 3 4.20 -47.90 23.31
CA GLN K 3 3.90 -47.83 24.74
C GLN K 3 4.54 -46.58 25.32
N LEU K 4 4.07 -46.20 26.50
CA LEU K 4 4.58 -45.03 27.21
C LEU K 4 4.84 -45.40 28.67
N GLN K 5 5.91 -44.85 29.24
CA GLN K 5 6.28 -45.09 30.63
C GLN K 5 6.65 -43.78 31.30
N GLU K 6 6.16 -43.60 32.53
CA GLU K 6 6.41 -42.39 33.30
C GLU K 6 7.46 -42.67 34.38
N SER K 7 8.32 -41.68 34.60
CA SER K 7 9.35 -41.75 35.62
C SER K 7 9.38 -40.45 36.40
N GLY K 8 9.83 -40.54 37.65
CA GLY K 8 9.93 -39.39 38.52
C GLY K 8 9.72 -39.76 39.97
N PRO K 9 9.80 -38.77 40.87
CA PRO K 9 9.59 -39.05 42.30
C PRO K 9 8.16 -39.47 42.56
N GLY K 10 7.97 -40.68 43.08
CA GLY K 10 6.66 -41.13 43.49
C GLY K 10 6.15 -40.53 44.78
N LEU K 11 7.04 -39.89 45.55
CA LEU K 11 6.65 -39.20 46.77
C LEU K 11 7.52 -37.96 46.89
N VAL K 12 6.89 -36.79 46.96
CA VAL K 12 7.59 -35.51 46.99
C VAL K 12 7.01 -34.65 48.11
N LYS K 13 7.90 -33.92 48.78
CA LYS K 13 7.47 -32.96 49.78
C LYS K 13 6.59 -31.91 49.13
N PRO K 14 5.37 -31.66 49.66
CA PRO K 14 4.57 -30.54 49.11
C PRO K 14 5.31 -29.20 49.07
N SER K 15 4.77 -28.27 48.30
CA SER K 15 5.24 -26.87 48.26
C SER K 15 6.57 -26.72 47.53
N GLU K 16 6.77 -27.48 46.45
CA GLU K 16 7.81 -27.18 45.48
C GLU K 16 7.49 -27.92 44.19
N THR K 17 8.37 -27.76 43.19
CA THR K 17 8.13 -28.31 41.87
C THR K 17 8.12 -29.84 41.91
N LEU K 18 7.16 -30.43 41.19
CA LEU K 18 7.07 -31.87 40.99
C LEU K 18 7.34 -32.14 39.51
N SER K 19 8.35 -32.96 39.23
CA SER K 19 8.79 -33.24 37.87
C SER K 19 8.46 -34.68 37.50
N LEU K 20 7.81 -34.87 36.36
CA LEU K 20 7.55 -36.19 35.80
C LEU K 20 8.03 -36.19 34.36
N THR K 21 8.43 -37.37 33.88
CA THR K 21 8.95 -37.52 32.52
C THR K 21 8.31 -38.76 31.89
N CYS K 22 7.53 -38.55 30.85
CA CYS K 22 6.91 -39.64 30.10
C CYS K 22 7.72 -39.86 28.82
N ALA K 23 8.21 -41.08 28.66
CA ALA K 23 8.98 -41.49 27.50
C ALA K 23 8.20 -42.55 26.72
N VAL K 24 8.20 -42.42 25.41
CA VAL K 24 7.41 -43.27 24.52
C VAL K 24 8.34 -44.15 23.71
N TYR K 25 8.11 -45.46 23.77
CA TYR K 25 8.78 -46.44 22.92
C TYR K 25 7.77 -46.83 21.85
N GLY K 26 7.97 -46.31 20.64
CA GLY K 26 6.98 -46.45 19.58
C GLY K 26 6.94 -45.22 18.70
N SER K 27 5.77 -44.60 18.58
CA SER K 27 5.63 -43.42 17.74
C SER K 27 6.51 -42.29 18.25
N SER K 28 7.02 -41.49 17.31
CA SER K 28 7.95 -40.42 17.63
C SER K 28 7.20 -39.13 17.95
N ILE K 29 7.69 -38.41 18.96
CA ILE K 29 7.11 -37.12 19.32
C ILE K 29 7.33 -36.11 18.20
N SER K 30 8.47 -36.18 17.51
CA SER K 30 8.77 -35.22 16.46
C SER K 30 7.74 -35.28 15.34
N GLY K 31 7.16 -36.44 15.08
CA GLY K 31 6.14 -36.57 14.07
C GLY K 31 4.94 -35.68 14.32
N GLY K 32 4.52 -34.93 13.31
CA GLY K 32 3.42 -34.01 13.46
C GLY K 32 2.07 -34.68 13.25
N TYR K 33 1.79 -35.72 14.04
CA TYR K 33 0.55 -36.46 13.95
C TYR K 33 -0.16 -36.60 15.30
N PHE K 34 0.59 -36.67 16.40
CA PHE K 34 0.04 -36.95 17.71
C PHE K 34 0.26 -35.79 18.67
N TYR K 35 -0.72 -35.58 19.55
CA TYR K 35 -0.58 -34.70 20.70
C TYR K 35 -0.37 -35.54 21.95
N TRP K 36 0.48 -35.05 22.84
CA TRP K 36 0.89 -35.79 24.03
C TRP K 36 0.27 -35.10 25.26
N HIS K 37 -0.79 -35.72 25.78
CA HIS K 37 -1.56 -35.16 26.88
C HIS K 37 -1.10 -35.76 28.21
N TRP K 38 -1.56 -35.14 29.30
CA TRP K 38 -1.12 -35.44 30.66
C TRP K 38 -2.33 -35.61 31.59
N ILE K 39 -3.27 -36.46 31.17
CA ILE K 39 -4.48 -36.69 31.95
C ILE K 39 -4.12 -37.21 33.34
N ARG K 40 -4.92 -36.80 34.33
CA ARG K 40 -4.69 -37.14 35.73
C ARG K 40 -5.98 -37.67 36.34
N GLN K 41 -5.84 -38.54 37.34
CA GLN K 41 -6.99 -39.10 38.05
C GLN K 41 -6.70 -39.09 39.55
N ALA K 42 -7.46 -38.30 40.30
CA ALA K 42 -7.35 -38.33 41.75
C ALA K 42 -8.11 -39.53 42.32
N PRO K 43 -7.72 -40.03 43.49
CA PRO K 43 -8.48 -41.15 44.08
C PRO K 43 -9.92 -40.74 44.38
N GLY K 44 -10.85 -41.66 44.10
CA GLY K 44 -12.25 -41.41 44.38
C GLY K 44 -12.92 -40.42 43.46
N LYS K 45 -12.27 -40.01 42.37
CA LYS K 45 -12.81 -39.04 41.43
C LYS K 45 -12.56 -39.53 40.01
N GLY K 46 -13.08 -38.77 39.04
CA GLY K 46 -12.90 -39.10 37.64
C GLY K 46 -11.61 -38.55 37.07
N LEU K 47 -11.46 -38.71 35.76
CA LEU K 47 -10.29 -38.21 35.07
C LEU K 47 -10.31 -36.68 35.02
N GLU K 48 -9.13 -36.09 34.88
CA GLU K 48 -9.00 -34.64 34.80
C GLU K 48 -7.83 -34.30 33.88
N TRP K 49 -8.07 -33.39 32.94
CA TRP K 49 -7.05 -32.96 32.01
C TRP K 49 -6.09 -31.98 32.67
N ILE K 50 -4.85 -31.97 32.18
CA ILE K 50 -3.83 -31.04 32.65
C ILE K 50 -3.35 -30.19 31.48
N GLY K 51 -2.81 -30.83 30.45
CA GLY K 51 -2.32 -30.09 29.31
C GLY K 51 -1.80 -31.03 28.24
N ASP K 52 -1.38 -30.43 27.13
CA ASP K 52 -0.83 -31.16 25.99
C ASP K 52 0.29 -30.35 25.35
N VAL K 53 1.13 -31.04 24.59
CA VAL K 53 2.28 -30.44 23.92
C VAL K 53 2.41 -31.04 22.53
N TYR K 54 2.78 -30.21 21.57
CA TYR K 54 3.00 -30.60 20.18
C TYR K 54 4.49 -30.52 19.86
N PHE K 55 4.86 -31.09 18.72
CA PHE K 55 6.26 -31.11 18.32
C PHE K 55 6.81 -29.70 18.08
N SER K 56 5.94 -28.77 17.68
CA SER K 56 6.36 -27.40 17.38
C SER K 56 6.32 -26.48 18.59
N GLY K 57 6.00 -27.00 19.78
CA GLY K 57 6.02 -26.19 20.99
C GLY K 57 4.74 -25.45 21.30
N THR K 58 3.68 -25.66 20.53
CA THR K 58 2.39 -25.01 20.80
C THR K 58 1.69 -25.81 21.89
N THR K 59 2.08 -25.55 23.13
CA THR K 59 1.53 -26.25 24.27
C THR K 59 0.14 -25.71 24.63
N GLY K 60 -0.45 -26.28 25.66
CA GLY K 60 -1.76 -25.87 26.13
C GLY K 60 -2.10 -26.59 27.42
N TYR K 61 -2.65 -25.87 28.39
CA TYR K 61 -2.91 -26.41 29.72
C TYR K 61 -4.35 -26.15 30.12
N ASN K 62 -4.78 -26.87 31.16
CA ASN K 62 -6.12 -26.67 31.69
C ASN K 62 -6.24 -25.24 32.23
N PRO K 63 -7.39 -24.58 32.04
CA PRO K 63 -7.52 -23.22 32.60
C PRO K 63 -7.38 -23.16 34.10
N SER K 64 -7.74 -24.24 34.80
CA SER K 64 -7.56 -24.27 36.26
C SER K 64 -6.10 -24.20 36.63
N LEU K 65 -5.24 -24.92 35.90
CA LEU K 65 -3.82 -25.02 36.20
C LEU K 65 -2.96 -24.35 35.13
N LYS K 66 -3.47 -23.27 34.52
CA LYS K 66 -2.70 -22.56 33.50
C LYS K 66 -1.46 -21.87 34.04
N ARG K 67 -1.37 -21.70 35.37
CA ARG K 67 -0.26 -20.99 35.99
C ARG K 67 0.73 -21.90 36.71
N ARG K 68 0.27 -23.03 37.24
CA ARG K 68 1.10 -23.89 38.08
C ARG K 68 1.80 -25.01 37.32
N VAL K 69 1.60 -25.11 36.01
CA VAL K 69 2.07 -26.26 35.23
C VAL K 69 2.85 -25.78 34.02
N ARG K 70 3.81 -26.59 33.60
CA ARG K 70 4.56 -26.35 32.37
C ARG K 70 4.93 -27.68 31.75
N ILE K 71 4.60 -27.86 30.47
CA ILE K 71 4.87 -29.09 29.74
C ILE K 71 5.90 -28.77 28.66
N SER K 72 6.98 -29.55 28.64
CA SER K 72 8.01 -29.44 27.62
C SER K 72 8.18 -30.79 26.93
N ALA K 73 8.74 -30.76 25.72
CA ALA K 73 8.96 -31.97 24.94
C ALA K 73 10.29 -31.87 24.20
N ASP K 74 11.12 -32.90 24.34
CA ASP K 74 12.40 -32.98 23.64
C ASP K 74 12.38 -34.20 22.73
N THR K 75 12.72 -33.97 21.46
CA THR K 75 12.71 -35.02 20.44
C THR K 75 14.06 -35.69 20.26
N SER K 76 15.14 -35.10 20.77
CA SER K 76 16.46 -35.71 20.65
C SER K 76 16.49 -37.07 21.35
N LYS K 77 15.92 -37.14 22.55
CA LYS K 77 15.76 -38.40 23.27
C LYS K 77 14.30 -38.87 23.32
N ASN K 78 13.39 -38.16 22.64
CA ASN K 78 12.02 -38.62 22.42
C ASN K 78 11.28 -38.86 23.73
N GLN K 79 11.05 -37.76 24.45
CA GLN K 79 10.24 -37.81 25.66
C GLN K 79 9.66 -36.42 25.91
N PHE K 80 8.79 -36.35 26.92
CA PHE K 80 8.21 -35.06 27.32
C PHE K 80 8.01 -35.03 28.83
N SER K 81 8.27 -33.86 29.40
CA SER K 81 8.30 -33.67 30.85
C SER K 81 7.20 -32.71 31.28
N LEU K 82 6.64 -32.98 32.46
CA LEU K 82 5.64 -32.15 33.10
C LEU K 82 6.20 -31.64 34.42
N ASN K 83 6.15 -30.32 34.62
CA ASN K 83 6.60 -29.68 35.84
C ASN K 83 5.40 -28.98 36.46
N LEU K 84 4.94 -29.49 37.61
CA LEU K 84 3.82 -28.93 38.35
C LEU K 84 4.37 -28.17 39.56
N ARG K 85 4.27 -26.84 39.50
CA ARG K 85 4.83 -25.99 40.54
C ARG K 85 3.83 -25.78 41.68
N SER K 86 4.37 -25.65 42.88
CA SER K 86 3.58 -25.37 44.10
C SER K 86 2.45 -26.39 44.26
N VAL K 87 2.83 -27.67 44.23
CA VAL K 87 1.84 -28.73 44.42
C VAL K 87 1.29 -28.67 45.84
N THR K 88 -0.03 -28.76 45.95
CA THR K 88 -0.72 -28.75 47.23
C THR K 88 -1.08 -30.17 47.64
N ALA K 89 -1.76 -30.30 48.78
CA ALA K 89 -2.14 -31.62 49.29
C ALA K 89 -3.19 -32.31 48.44
N ALA K 90 -3.84 -31.59 47.51
CA ALA K 90 -4.86 -32.17 46.64
C ALA K 90 -4.27 -32.77 45.37
N ASP K 91 -2.95 -32.81 45.23
CA ASP K 91 -2.30 -33.31 44.03
C ASP K 91 -2.00 -34.81 44.09
N THR K 92 -2.47 -35.52 45.11
CA THR K 92 -2.28 -36.96 45.18
C THR K 92 -3.13 -37.61 44.10
N ALA K 93 -2.49 -38.20 43.09
CA ALA K 93 -3.24 -38.70 41.95
C ALA K 93 -2.33 -39.58 41.08
N VAL K 94 -2.96 -40.29 40.16
CA VAL K 94 -2.24 -41.04 39.13
C VAL K 94 -2.13 -40.16 37.91
N TYR K 95 -0.90 -39.97 37.43
CA TYR K 95 -0.60 -39.05 36.32
C TYR K 95 -0.34 -39.87 35.07
N PHE K 96 -1.36 -39.97 34.20
CA PHE K 96 -1.23 -40.66 32.94
C PHE K 96 -0.76 -39.70 31.86
N CYS K 97 0.01 -40.23 30.91
CA CYS K 97 0.38 -39.52 29.68
C CYS K 97 -0.21 -40.27 28.50
N ALA K 98 -0.98 -39.56 27.68
CA ALA K 98 -1.80 -40.18 26.64
C ALA K 98 -1.44 -39.62 25.27
N ARG K 99 -1.80 -40.40 24.25
CA ARG K 99 -1.57 -40.05 22.85
C ARG K 99 -2.91 -39.72 22.20
N ASP K 100 -2.95 -38.61 21.45
CA ASP K 100 -4.17 -38.16 20.78
C ASP K 100 -3.88 -38.00 19.29
N PRO K 101 -4.55 -38.76 18.37
CA PRO K 101 -4.35 -38.53 16.93
C PRO K 101 -5.12 -37.34 16.36
N ARG K 102 -5.03 -36.20 17.05
CA ARG K 102 -5.68 -34.99 16.55
C ARG K 102 -4.92 -34.42 15.36
N GLY K 103 -3.59 -34.42 15.43
CA GLY K 103 -2.81 -34.08 14.25
C GLY K 103 -3.12 -35.02 13.10
N GLY K 104 -3.30 -34.45 11.92
CA GLY K 104 -3.86 -35.22 10.83
C GLY K 104 -5.32 -35.50 11.10
N GLY K 105 -6.14 -34.45 11.06
CA GLY K 105 -7.47 -34.50 11.61
C GLY K 105 -8.46 -35.40 10.89
N TRP K 106 -8.14 -36.70 10.80
CA TRP K 106 -9.14 -37.67 10.39
C TRP K 106 -10.23 -37.81 11.45
N VAL K 107 -9.88 -37.63 12.72
CA VAL K 107 -10.80 -37.76 13.84
C VAL K 107 -10.55 -36.63 14.83
N PRO K 108 -11.55 -36.32 15.68
CA PRO K 108 -11.32 -35.30 16.71
C PRO K 108 -10.44 -35.83 17.84
N ASN K 109 -10.28 -35.04 18.90
CA ASN K 109 -9.46 -35.49 20.03
C ASN K 109 -9.94 -36.82 20.56
N ARG K 110 -9.03 -37.79 20.65
CA ARG K 110 -9.39 -39.16 20.99
C ARG K 110 -8.14 -39.82 21.58
N PHE K 111 -8.14 -40.01 22.89
CA PHE K 111 -7.04 -40.70 23.55
C PHE K 111 -7.20 -42.20 23.34
N ASP K 112 -6.22 -42.83 22.70
CA ASP K 112 -6.28 -44.24 22.31
C ASP K 112 -5.35 -45.12 23.14
N VAL K 113 -4.08 -44.75 23.25
CA VAL K 113 -3.09 -45.48 24.04
C VAL K 113 -2.74 -44.63 25.25
N TRP K 114 -2.77 -45.24 26.44
CA TRP K 114 -2.48 -44.57 27.69
C TRP K 114 -1.24 -45.16 28.31
N GLY K 115 -0.54 -44.35 29.10
CA GLY K 115 0.65 -44.83 29.79
C GLY K 115 0.29 -45.83 30.88
N ALA K 116 1.34 -46.37 31.51
CA ALA K 116 1.13 -47.35 32.57
C ALA K 116 0.37 -46.74 33.75
N GLY K 117 0.71 -45.50 34.11
CA GLY K 117 0.04 -44.80 35.19
C GLY K 117 0.85 -44.83 36.47
N VAL K 118 1.51 -43.71 36.78
CA VAL K 118 2.35 -43.59 37.97
C VAL K 118 1.57 -42.80 39.01
N LEU K 119 1.50 -43.33 40.23
CA LEU K 119 0.78 -42.70 41.33
C LEU K 119 1.74 -41.83 42.13
N VAL K 120 1.44 -40.54 42.21
CA VAL K 120 2.23 -39.58 42.98
C VAL K 120 1.40 -39.16 44.19
N THR K 121 1.98 -39.33 45.38
CA THR K 121 1.39 -38.89 46.63
C THR K 121 2.25 -37.80 47.23
N VAL K 122 1.64 -36.66 47.51
CA VAL K 122 2.36 -35.47 47.95
C VAL K 122 2.12 -35.19 49.43
N ASP L 1 -15.72 -24.67 29.95
CA ASP L 1 -15.63 -25.83 30.88
C ASP L 1 -16.98 -26.56 30.95
N ILE L 2 -17.25 -27.38 29.94
CA ILE L 2 -18.49 -28.14 29.89
C ILE L 2 -18.45 -29.21 30.98
N GLN L 3 -19.55 -29.34 31.72
CA GLN L 3 -19.66 -30.31 32.80
C GLN L 3 -20.48 -31.50 32.33
N MET L 4 -19.93 -32.69 32.52
CA MET L 4 -20.56 -33.94 32.09
C MET L 4 -21.05 -34.69 33.33
N THR L 5 -22.31 -35.12 33.29
CA THR L 5 -22.93 -35.87 34.38
C THR L 5 -23.36 -37.23 33.87
N GLN L 6 -22.97 -38.28 34.57
CA GLN L 6 -23.28 -39.65 34.21
C GLN L 6 -24.35 -40.20 35.15
N SER L 7 -25.37 -40.85 34.58
CA SER L 7 -26.44 -41.46 35.35
C SER L 7 -26.58 -42.91 34.91
N PRO L 8 -26.64 -43.88 35.85
CA PRO L 8 -26.52 -43.77 37.32
C PRO L 8 -25.07 -43.57 37.75
N SER L 9 -24.83 -42.93 38.90
CA SER L 9 -23.47 -42.72 39.37
C SER L 9 -22.77 -44.04 39.70
N SER L 10 -23.52 -45.08 40.04
CA SER L 10 -22.94 -46.38 40.33
C SER L 10 -24.02 -47.45 40.33
N LEU L 11 -23.81 -48.52 39.56
CA LEU L 11 -24.78 -49.60 39.42
C LEU L 11 -24.07 -50.93 39.55
N SER L 12 -24.83 -51.94 39.96
CA SER L 12 -24.37 -53.32 40.05
C SER L 12 -25.37 -54.21 39.32
N ALA L 13 -24.85 -55.07 38.43
CA ALA L 13 -25.67 -55.94 37.61
C ALA L 13 -25.07 -57.34 37.61
N SER L 14 -25.71 -58.24 36.87
CA SER L 14 -25.28 -59.63 36.76
C SER L 14 -24.79 -59.91 35.34
N VAL L 15 -24.15 -61.07 35.20
CA VAL L 15 -23.61 -61.48 33.90
C VAL L 15 -24.76 -61.71 32.93
N GLY L 16 -24.53 -61.36 31.67
CA GLY L 16 -25.54 -61.58 30.64
C GLY L 16 -26.80 -60.77 30.82
N ASP L 17 -26.66 -59.48 31.14
CA ASP L 17 -27.79 -58.57 31.30
C ASP L 17 -27.57 -57.32 30.48
N ARG L 18 -28.68 -56.74 30.00
CA ARG L 18 -28.62 -55.52 29.22
C ARG L 18 -28.58 -54.32 30.16
N VAL L 19 -27.58 -53.45 29.98
CA VAL L 19 -27.40 -52.27 30.83
C VAL L 19 -27.21 -51.05 29.94
N THR L 20 -27.53 -49.89 30.51
CA THR L 20 -27.44 -48.62 29.80
C THR L 20 -27.00 -47.53 30.76
N ILE L 21 -26.04 -46.72 30.34
CA ILE L 21 -25.54 -45.60 31.13
C ILE L 21 -25.61 -44.34 30.27
N THR L 22 -26.25 -43.29 30.79
CA THR L 22 -26.49 -42.07 30.05
C THR L 22 -25.54 -40.96 30.52
N CYS L 23 -25.22 -40.06 29.61
CA CYS L 23 -24.31 -38.94 29.85
C CYS L 23 -24.97 -37.67 29.35
N ARG L 24 -24.92 -36.62 30.17
CA ARG L 24 -25.55 -35.35 29.86
C ARG L 24 -24.52 -34.23 29.99
N ALA L 25 -24.45 -33.37 28.98
CA ALA L 25 -23.55 -32.24 28.95
C ALA L 25 -24.31 -30.95 29.16
N SER L 26 -23.71 -30.00 29.87
CA SER L 26 -24.36 -28.73 30.13
C SER L 26 -24.65 -27.98 28.84
N GLN L 27 -23.69 -27.97 27.92
CA GLN L 27 -23.84 -27.33 26.62
C GLN L 27 -24.13 -28.38 25.56
N ASP L 28 -24.24 -27.94 24.31
CA ASP L 28 -24.46 -28.83 23.17
C ASP L 28 -23.11 -29.11 22.51
N ILE L 29 -22.67 -30.36 22.58
CA ILE L 29 -21.38 -30.77 22.05
C ILE L 29 -21.51 -31.54 20.73
N SER L 30 -22.68 -31.47 20.09
CA SER L 30 -22.94 -32.15 18.81
C SER L 30 -22.70 -33.64 19.01
N SER L 31 -21.71 -34.25 18.35
CA SER L 31 -21.41 -35.67 18.47
C SER L 31 -19.97 -35.91 18.92
N PHE L 32 -19.38 -34.97 19.65
CA PHE L 32 -17.98 -35.07 20.08
C PHE L 32 -17.93 -35.64 21.50
N LEU L 33 -18.16 -36.95 21.60
CA LEU L 33 -18.02 -37.67 22.85
C LEU L 33 -17.42 -39.04 22.59
N ASN L 34 -16.50 -39.44 23.45
CA ASN L 34 -15.84 -40.75 23.38
C ASN L 34 -15.97 -41.45 24.72
N TRP L 35 -16.68 -42.58 24.74
CA TRP L 35 -16.78 -43.39 25.95
C TRP L 35 -15.49 -44.17 26.15
N TYR L 36 -14.96 -44.06 27.38
CA TYR L 36 -13.74 -44.74 27.82
C TYR L 36 -14.07 -45.74 28.92
N GLN L 37 -13.23 -46.77 29.02
CA GLN L 37 -13.30 -47.75 30.09
C GLN L 37 -11.99 -47.74 30.86
N GLN L 38 -12.07 -47.98 32.16
CA GLN L 38 -10.88 -48.10 33.01
C GLN L 38 -11.12 -49.24 33.98
N LYS L 39 -10.42 -50.35 33.75
CA LYS L 39 -10.41 -51.44 34.72
C LYS L 39 -9.61 -51.00 35.95
N PRO L 40 -9.96 -51.48 37.14
CA PRO L 40 -9.17 -51.12 38.33
C PRO L 40 -7.71 -51.55 38.18
N GLY L 41 -6.82 -50.73 38.73
CA GLY L 41 -5.40 -50.99 38.69
C GLY L 41 -4.66 -50.32 37.55
N LYS L 42 -4.97 -50.68 36.31
CA LYS L 42 -4.25 -50.18 35.14
C LYS L 42 -4.98 -48.98 34.54
N ALA L 43 -4.41 -48.46 33.45
CA ALA L 43 -4.84 -47.20 32.86
C ALA L 43 -6.14 -47.38 32.06
N PRO L 44 -6.83 -46.28 31.76
CA PRO L 44 -8.05 -46.39 30.95
C PRO L 44 -7.77 -46.87 29.54
N LYS L 45 -8.78 -47.51 28.96
CA LYS L 45 -8.74 -48.00 27.58
C LYS L 45 -9.96 -47.48 26.84
N LEU L 46 -9.74 -46.94 25.64
CA LEU L 46 -10.84 -46.40 24.85
C LEU L 46 -11.81 -47.50 24.46
N LEU L 47 -13.11 -47.15 24.45
CA LEU L 47 -14.17 -48.04 23.99
C LEU L 47 -14.79 -47.57 22.69
N ILE L 48 -15.30 -46.34 22.63
CA ILE L 48 -15.93 -45.87 21.40
C ILE L 48 -15.76 -44.36 21.31
N SER L 49 -15.71 -43.86 20.07
CA SER L 49 -15.54 -42.44 19.79
C SER L 49 -16.61 -41.98 18.81
N SER L 50 -16.88 -40.68 18.83
CA SER L 50 -17.89 -40.08 17.96
C SER L 50 -19.26 -40.70 18.17
N VAL L 51 -19.56 -41.04 19.43
CA VAL L 51 -20.86 -41.58 19.82
C VAL L 51 -21.10 -42.94 19.18
N ASN L 52 -21.31 -42.94 17.85
CA ASN L 52 -21.72 -44.15 17.14
C ASN L 52 -20.56 -44.90 16.49
N ARG L 53 -19.46 -44.23 16.17
CA ARG L 53 -18.35 -44.85 15.45
C ARG L 53 -17.55 -45.70 16.42
N LEU L 54 -17.89 -46.99 16.48
CA LEU L 54 -17.16 -47.92 17.32
C LEU L 54 -15.74 -48.11 16.78
N GLU L 55 -14.77 -48.04 17.69
CA GLU L 55 -13.36 -48.21 17.31
C GLU L 55 -13.02 -49.69 17.23
N SER L 56 -12.18 -50.03 16.27
CA SER L 56 -11.79 -51.43 16.08
C SER L 56 -11.01 -51.95 17.29
N GLY L 57 -11.23 -53.20 17.63
CA GLY L 57 -10.58 -53.84 18.74
C GLY L 57 -11.41 -54.05 19.98
N VAL L 58 -12.74 -53.91 19.90
CA VAL L 58 -13.62 -54.11 21.05
C VAL L 58 -14.73 -55.07 20.63
N PRO L 59 -15.39 -55.72 21.58
CA PRO L 59 -16.55 -56.54 21.24
C PRO L 59 -17.67 -55.70 20.64
N SER L 60 -18.44 -56.33 19.76
CA SER L 60 -19.56 -55.65 19.11
C SER L 60 -20.74 -55.42 20.04
N ARG L 61 -20.71 -55.98 21.26
CA ARG L 61 -21.84 -55.83 22.18
C ARG L 61 -22.09 -54.36 22.51
N PHE L 62 -21.03 -53.60 22.76
CA PHE L 62 -21.17 -52.20 23.12
C PHE L 62 -21.81 -51.41 21.97
N SER L 63 -22.65 -50.46 22.32
CA SER L 63 -23.25 -49.57 21.33
C SER L 63 -23.41 -48.19 21.94
N GLY L 64 -23.40 -47.17 21.08
CA GLY L 64 -23.58 -45.80 21.52
C GLY L 64 -24.68 -45.14 20.73
N SER L 65 -25.45 -44.28 21.41
CA SER L 65 -26.57 -43.60 20.78
C SER L 65 -26.74 -42.24 21.41
N GLY L 66 -27.59 -41.43 20.79
CA GLY L 66 -27.88 -40.09 21.26
C GLY L 66 -27.14 -39.02 20.47
N SER L 67 -27.45 -37.78 20.80
CA SER L 67 -26.89 -36.61 20.12
C SER L 67 -27.19 -35.39 20.98
N GLY L 68 -26.91 -34.21 20.44
CA GLY L 68 -27.21 -32.98 21.15
C GLY L 68 -26.50 -32.93 22.49
N THR L 69 -27.28 -32.78 23.55
CA THR L 69 -26.77 -32.72 24.91
C THR L 69 -26.96 -34.03 25.68
N GLU L 70 -27.43 -35.09 25.03
CA GLU L 70 -27.70 -36.35 25.72
C GLU L 70 -27.15 -37.49 24.88
N PHE L 71 -26.33 -38.35 25.50
CA PHE L 71 -25.77 -39.53 24.86
C PHE L 71 -25.92 -40.70 25.81
N THR L 72 -25.70 -41.91 25.29
CA THR L 72 -25.85 -43.10 26.11
C THR L 72 -25.06 -44.26 25.52
N LEU L 73 -24.52 -45.10 26.41
CA LEU L 73 -23.82 -46.31 26.05
C LEU L 73 -24.61 -47.51 26.56
N THR L 74 -24.87 -48.46 25.68
CA THR L 74 -25.66 -49.65 25.99
C THR L 74 -24.82 -50.90 25.79
N VAL L 75 -24.81 -51.77 26.78
CA VAL L 75 -24.20 -53.10 26.69
C VAL L 75 -25.33 -54.11 26.61
N SER L 76 -25.37 -54.86 25.50
CA SER L 76 -26.46 -55.80 25.27
C SER L 76 -26.40 -56.97 26.25
N SER L 77 -25.22 -57.58 26.39
CA SER L 77 -25.03 -58.73 27.27
C SER L 77 -23.77 -58.51 28.08
N LEU L 78 -23.90 -58.51 29.40
CA LEU L 78 -22.74 -58.30 30.27
C LEU L 78 -21.85 -59.53 30.28
N GLN L 79 -20.56 -59.28 30.49
CA GLN L 79 -19.52 -60.29 30.52
C GLN L 79 -18.69 -60.09 31.78
N PRO L 80 -17.97 -61.13 32.23
CA PRO L 80 -17.20 -60.97 33.48
C PRO L 80 -16.19 -59.84 33.44
N GLU L 81 -15.58 -59.57 32.29
CA GLU L 81 -14.64 -58.47 32.17
C GLU L 81 -15.31 -57.14 31.87
N ASP L 82 -16.64 -57.09 31.78
CA ASP L 82 -17.38 -55.83 31.64
C ASP L 82 -17.79 -55.30 33.02
N PHE L 83 -16.79 -55.14 33.88
CA PHE L 83 -16.98 -54.65 35.25
C PHE L 83 -15.96 -53.57 35.57
N ALA L 84 -15.81 -52.62 34.65
CA ALA L 84 -14.87 -51.51 34.76
C ALA L 84 -15.62 -50.20 34.95
N THR L 85 -14.85 -49.13 35.18
CA THR L 85 -15.42 -47.80 35.34
C THR L 85 -15.54 -47.12 33.99
N TYR L 86 -16.73 -46.62 33.68
CA TYR L 86 -17.04 -46.07 32.36
C TYR L 86 -17.16 -44.56 32.46
N SER L 87 -16.52 -43.85 31.54
CA SER L 87 -16.45 -42.38 31.58
C SER L 87 -16.73 -41.80 30.19
N CYS L 88 -17.16 -40.54 30.20
CA CYS L 88 -17.40 -39.79 28.98
C CYS L 88 -16.22 -38.84 28.73
N GLN L 89 -16.34 -38.05 27.66
CA GLN L 89 -15.33 -37.04 27.34
C GLN L 89 -15.99 -35.98 26.48
N GLN L 90 -15.59 -34.73 26.68
CA GLN L 90 -16.01 -33.60 25.84
C GLN L 90 -14.84 -33.27 24.91
N CYS L 91 -14.72 -34.01 23.81
CA CYS L 91 -13.67 -33.81 22.83
C CYS L 91 -14.12 -32.87 21.71
N GLY L 92 -14.62 -31.70 22.09
CA GLY L 92 -15.10 -30.72 21.13
C GLY L 92 -14.66 -29.30 21.41
N SER L 93 -14.09 -29.05 22.59
CA SER L 93 -13.65 -27.71 22.96
C SER L 93 -12.69 -27.81 24.13
N VAL L 94 -11.57 -27.10 24.03
CA VAL L 94 -10.60 -27.08 25.13
C VAL L 94 -11.21 -26.34 26.32
N PRO L 95 -11.10 -26.85 27.56
CA PRO L 95 -10.49 -28.11 28.01
C PRO L 95 -11.42 -29.31 27.82
N TYR L 96 -10.87 -30.52 27.80
CA TYR L 96 -11.66 -31.74 27.67
C TYR L 96 -11.89 -32.32 29.06
N THR L 97 -13.14 -32.34 29.50
CA THR L 97 -13.52 -32.79 30.83
C THR L 97 -14.25 -34.13 30.73
N PHE L 98 -13.86 -35.08 31.56
CA PHE L 98 -14.47 -36.40 31.60
C PHE L 98 -15.62 -36.42 32.60
N GLY L 99 -16.30 -37.55 32.69
CA GLY L 99 -17.38 -37.73 33.64
C GLY L 99 -16.86 -38.17 35.00
N GLN L 100 -17.81 -38.40 35.92
CA GLN L 100 -17.46 -38.81 37.26
C GLN L 100 -17.00 -40.27 37.29
N GLY L 101 -17.51 -41.10 36.38
CA GLY L 101 -17.16 -42.51 36.34
C GLY L 101 -18.17 -43.37 37.05
N THR L 102 -18.83 -44.25 36.30
CA THR L 102 -19.86 -45.15 36.83
C THR L 102 -19.27 -46.54 36.95
N THR L 103 -18.77 -46.87 38.14
CA THR L 103 -18.22 -48.19 38.39
C THR L 103 -19.31 -49.24 38.32
N LEU L 104 -18.97 -50.39 37.73
CA LEU L 104 -19.92 -51.49 37.59
C LEU L 104 -19.88 -52.40 38.81
N GLN M 1 -35.86 8.06 41.39
CA GLN M 1 -36.06 6.61 41.70
C GLN M 1 -36.01 5.78 40.42
N VAL M 2 -35.31 4.65 40.47
CA VAL M 2 -35.17 3.73 39.35
C VAL M 2 -35.66 2.35 39.77
N GLN M 3 -36.53 1.76 38.98
CA GLN M 3 -36.99 0.41 39.25
C GLN M 3 -37.51 -0.22 37.98
N LEU M 4 -37.41 -1.54 37.90
CA LEU M 4 -37.82 -2.33 36.75
C LEU M 4 -39.01 -3.21 37.09
N GLN M 5 -39.87 -3.43 36.10
CA GLN M 5 -41.03 -4.29 36.23
C GLN M 5 -41.07 -5.27 35.08
N GLU M 6 -41.36 -6.52 35.40
CA GLU M 6 -41.44 -7.61 34.41
C GLU M 6 -42.90 -7.93 34.12
N SER M 7 -43.18 -8.17 32.84
CA SER M 7 -44.53 -8.53 32.39
C SER M 7 -44.43 -9.68 31.40
N GLY M 8 -45.52 -10.44 31.30
CA GLY M 8 -45.60 -11.57 30.40
C GLY M 8 -46.44 -12.69 30.97
N PRO M 9 -46.64 -13.75 30.19
CA PRO M 9 -47.43 -14.89 30.69
C PRO M 9 -46.71 -15.58 31.84
N GLY M 10 -47.38 -15.64 32.99
CA GLY M 10 -46.85 -16.37 34.12
C GLY M 10 -46.97 -17.87 34.02
N LEU M 11 -47.76 -18.36 33.07
CA LEU M 11 -47.91 -19.79 32.83
C LEU M 11 -48.05 -20.00 31.33
N VAL M 12 -47.16 -20.82 30.76
CA VAL M 12 -47.14 -21.08 29.33
C VAL M 12 -47.01 -22.58 29.10
N LYS M 13 -47.62 -23.04 28.01
CA LYS M 13 -47.48 -24.44 27.61
C LYS M 13 -46.02 -24.69 27.21
N PRO M 14 -45.35 -25.72 27.77
CA PRO M 14 -44.01 -26.05 27.28
C PRO M 14 -43.92 -26.24 25.77
N SER M 15 -42.69 -26.19 25.24
CA SER M 15 -42.39 -26.51 23.84
C SER M 15 -42.88 -25.43 22.87
N GLU M 16 -42.72 -24.17 23.25
CA GLU M 16 -42.78 -23.06 22.28
C GLU M 16 -42.16 -21.83 22.93
N THR M 17 -42.23 -20.71 22.23
CA THR M 17 -41.58 -19.49 22.68
C THR M 17 -42.24 -18.96 23.95
N LEU M 18 -41.41 -18.52 24.89
CA LEU M 18 -41.83 -17.84 26.10
C LEU M 18 -41.29 -16.42 26.06
N SER M 19 -42.18 -15.43 26.11
CA SER M 19 -41.83 -14.03 25.95
C SER M 19 -42.01 -13.29 27.28
N LEU M 20 -40.97 -12.59 27.71
CA LEU M 20 -41.01 -11.72 28.87
C LEU M 20 -40.54 -10.33 28.45
N THR M 21 -41.07 -9.31 29.12
CA THR M 21 -40.73 -7.92 28.81
C THR M 21 -40.42 -7.19 30.11
N CYS M 22 -39.18 -6.75 30.27
CA CYS M 22 -38.75 -5.96 31.42
C CYS M 22 -38.68 -4.50 31.00
N ALA M 23 -39.46 -3.66 31.67
CA ALA M 23 -39.51 -2.22 31.42
C ALA M 23 -39.00 -1.48 32.64
N VAL M 24 -38.12 -0.51 32.41
CA VAL M 24 -37.44 0.20 33.49
C VAL M 24 -37.95 1.64 33.52
N TYR M 25 -38.46 2.05 34.68
CA TYR M 25 -38.76 3.45 34.95
C TYR M 25 -37.57 3.97 35.75
N GLY M 26 -36.70 4.74 35.09
CA GLY M 26 -35.46 5.19 35.68
C GLY M 26 -34.41 5.43 34.61
N SER M 27 -33.21 4.88 34.80
CA SER M 27 -32.14 5.08 33.83
C SER M 27 -32.55 4.55 32.46
N SER M 28 -32.31 5.37 31.44
CA SER M 28 -32.74 5.02 30.08
C SER M 28 -31.87 3.91 29.51
N ILE M 29 -32.50 3.01 28.75
CA ILE M 29 -31.76 1.95 28.09
C ILE M 29 -30.84 2.52 27.03
N SER M 30 -31.28 3.59 26.35
CA SER M 30 -30.50 4.15 25.26
C SER M 30 -29.13 4.65 25.73
N GLY M 31 -29.05 5.13 26.97
CA GLY M 31 -27.79 5.59 27.51
C GLY M 31 -26.73 4.50 27.53
N GLY M 32 -25.55 4.80 26.98
CA GLY M 32 -24.48 3.82 26.91
C GLY M 32 -23.70 3.71 28.20
N TYR M 33 -24.39 3.39 29.29
CA TYR M 33 -23.78 3.27 30.62
C TYR M 33 -24.10 1.95 31.30
N PHE M 34 -25.29 1.40 31.08
CA PHE M 34 -25.76 0.22 31.79
C PHE M 34 -26.00 -0.94 30.82
N TYR M 35 -25.68 -2.14 31.28
CA TYR M 35 -26.06 -3.39 30.63
C TYR M 35 -27.29 -3.95 31.34
N TRP M 36 -28.16 -4.60 30.57
CA TRP M 36 -29.44 -5.09 31.07
C TRP M 36 -29.43 -6.62 30.98
N HIS M 37 -29.28 -7.26 32.13
CA HIS M 37 -29.14 -8.71 32.24
C HIS M 37 -30.48 -9.35 32.61
N TRP M 38 -30.52 -10.68 32.51
CA TRP M 38 -31.74 -11.47 32.63
C TRP M 38 -31.51 -12.67 33.56
N ILE M 39 -30.98 -12.40 34.75
CA ILE M 39 -30.64 -13.46 35.69
C ILE M 39 -31.89 -14.27 36.04
N ARG M 40 -31.71 -15.58 36.19
CA ARG M 40 -32.79 -16.52 36.47
C ARG M 40 -32.44 -17.34 37.72
N GLN M 41 -33.47 -17.75 38.44
CA GLN M 41 -33.32 -18.58 39.64
C GLN M 41 -34.41 -19.63 39.66
N ALA M 42 -34.02 -20.90 39.46
CA ALA M 42 -34.97 -21.99 39.59
C ALA M 42 -35.20 -22.34 41.05
N PRO M 43 -36.35 -22.93 41.40
CA PRO M 43 -36.56 -23.33 42.80
C PRO M 43 -35.52 -24.36 43.24
N GLY M 44 -35.00 -24.17 44.45
CA GLY M 44 -34.03 -25.08 45.00
C GLY M 44 -32.65 -24.99 44.37
N LYS M 45 -32.40 -23.97 43.55
CA LYS M 45 -31.12 -23.79 42.86
C LYS M 45 -30.64 -22.36 43.09
N GLY M 46 -29.45 -22.07 42.59
CA GLY M 46 -28.88 -20.74 42.65
C GLY M 46 -29.25 -19.92 41.44
N LEU M 47 -28.63 -18.73 41.35
CA LEU M 47 -28.85 -17.86 40.21
C LEU M 47 -28.19 -18.43 38.97
N GLU M 48 -28.65 -17.97 37.81
CA GLU M 48 -28.11 -18.44 36.54
C GLU M 48 -28.24 -17.31 35.52
N TRP M 49 -27.11 -16.80 35.05
CA TRP M 49 -27.12 -15.76 34.03
C TRP M 49 -27.61 -16.31 32.70
N ILE M 50 -28.44 -15.54 32.01
CA ILE M 50 -28.96 -15.91 30.70
C ILE M 50 -28.31 -15.08 29.61
N GLY M 51 -28.38 -13.76 29.70
CA GLY M 51 -27.78 -12.91 28.69
C GLY M 51 -27.95 -11.46 29.04
N ASP M 52 -27.29 -10.61 28.26
CA ASP M 52 -27.33 -9.17 28.44
C ASP M 52 -27.41 -8.49 27.08
N VAL M 53 -27.92 -7.26 27.09
CA VAL M 53 -28.11 -6.46 25.87
C VAL M 53 -27.65 -5.04 26.15
N TYR M 54 -26.98 -4.45 25.17
CA TYR M 54 -26.48 -3.08 25.24
C TYR M 54 -27.32 -2.18 24.34
N PHE M 55 -27.13 -0.86 24.49
CA PHE M 55 -27.90 0.08 23.70
C PHE M 55 -27.59 -0.05 22.22
N SER M 56 -26.38 -0.48 21.85
CA SER M 56 -26.00 -0.62 20.46
C SER M 56 -26.13 -2.05 19.93
N GLY M 57 -26.78 -2.93 20.68
CA GLY M 57 -27.16 -4.23 20.15
C GLY M 57 -26.12 -5.33 20.27
N THR M 58 -25.00 -5.08 20.96
CA THR M 58 -23.98 -6.12 21.18
C THR M 58 -24.40 -6.97 22.37
N THR M 59 -25.33 -7.90 22.11
CA THR M 59 -25.83 -8.79 23.14
C THR M 59 -24.94 -10.01 23.29
N GLY M 60 -25.02 -10.63 24.46
CA GLY M 60 -24.28 -11.84 24.73
C GLY M 60 -25.03 -12.75 25.69
N TYR M 61 -25.26 -14.00 25.28
CA TYR M 61 -26.07 -14.94 26.04
C TYR M 61 -25.17 -15.98 26.71
N ASN M 62 -25.78 -16.73 27.61
CA ASN M 62 -25.06 -17.80 28.28
C ASN M 62 -24.66 -18.85 27.26
N PRO M 63 -23.46 -19.45 27.37
CA PRO M 63 -23.10 -20.51 26.41
C PRO M 63 -24.06 -21.69 26.44
N SER M 64 -24.65 -22.00 27.60
CA SER M 64 -25.60 -23.09 27.68
C SER M 64 -26.84 -22.81 26.84
N LEU M 65 -27.32 -21.57 26.88
CA LEU M 65 -28.54 -21.16 26.18
C LEU M 65 -28.26 -20.22 25.02
N LYS M 66 -27.11 -20.40 24.35
CA LYS M 66 -26.78 -19.53 23.22
C LYS M 66 -27.68 -19.76 22.03
N ARG M 67 -28.40 -20.88 21.97
CA ARG M 67 -29.25 -21.23 20.84
C ARG M 67 -30.73 -21.03 21.11
N ARG M 68 -31.18 -21.16 22.36
CA ARG M 68 -32.60 -21.17 22.68
C ARG M 68 -33.12 -19.81 23.14
N VAL M 69 -32.29 -18.77 23.13
CA VAL M 69 -32.66 -17.48 23.72
C VAL M 69 -32.41 -16.37 22.70
N ARG M 70 -33.18 -15.29 22.83
CA ARG M 70 -33.00 -14.10 22.01
C ARG M 70 -33.43 -12.90 22.84
N ILE M 71 -32.49 -11.98 23.08
CA ILE M 71 -32.76 -10.78 23.87
C ILE M 71 -32.76 -9.59 22.91
N SER M 72 -33.86 -8.83 22.91
CA SER M 72 -33.98 -7.60 22.15
C SER M 72 -34.19 -6.44 23.12
N ALA M 73 -33.87 -5.23 22.66
CA ALA M 73 -34.00 -4.04 23.48
C ALA M 73 -34.46 -2.89 22.60
N ASP M 74 -35.63 -2.33 22.89
CA ASP M 74 -36.17 -1.21 22.15
C ASP M 74 -36.18 0.03 23.03
N THR M 75 -35.58 1.11 22.53
CA THR M 75 -35.37 2.34 23.29
C THR M 75 -36.44 3.39 23.06
N SER M 76 -37.26 3.25 22.02
CA SER M 76 -38.34 4.22 21.79
C SER M 76 -39.31 4.22 22.96
N LYS M 77 -39.68 3.04 23.44
CA LYS M 77 -40.51 2.90 24.63
C LYS M 77 -39.71 2.43 25.85
N ASN M 78 -38.38 2.28 25.72
CA ASN M 78 -37.48 2.05 26.84
C ASN M 78 -37.84 0.76 27.60
N GLN M 79 -37.68 -0.35 26.90
CA GLN M 79 -37.83 -1.66 27.53
C GLN M 79 -36.98 -2.67 26.76
N PHE M 80 -36.92 -3.89 27.30
CA PHE M 80 -36.21 -4.97 26.64
C PHE M 80 -36.89 -6.29 26.91
N SER M 81 -36.93 -7.14 25.89
CA SER M 81 -37.67 -8.39 25.90
C SER M 81 -36.74 -9.58 25.76
N LEU M 82 -37.14 -10.68 26.40
CA LEU M 82 -36.44 -11.96 26.34
C LEU M 82 -37.38 -12.99 25.75
N ASN M 83 -36.92 -13.69 24.71
CA ASN M 83 -37.68 -14.76 24.08
C ASN M 83 -36.89 -16.06 24.25
N LEU M 84 -37.42 -16.97 25.07
CA LEU M 84 -36.80 -18.27 25.32
C LEU M 84 -37.55 -19.30 24.49
N ARG M 85 -36.88 -19.85 23.49
CA ARG M 85 -37.50 -20.78 22.56
C ARG M 85 -37.36 -22.23 23.06
N SER M 86 -38.38 -23.03 22.77
CA SER M 86 -38.40 -24.46 23.12
C SER M 86 -38.13 -24.67 24.61
N VAL M 87 -38.88 -23.93 25.44
CA VAL M 87 -38.75 -24.08 26.89
C VAL M 87 -39.18 -25.48 27.30
N THR M 88 -38.43 -26.07 28.22
CA THR M 88 -38.68 -27.41 28.73
C THR M 88 -39.22 -27.33 30.15
N ALA M 89 -39.40 -28.50 30.77
CA ALA M 89 -39.91 -28.57 32.13
C ALA M 89 -38.93 -28.03 33.16
N ALA M 90 -37.66 -27.83 32.80
CA ALA M 90 -36.65 -27.32 33.71
C ALA M 90 -36.55 -25.80 33.71
N ASP M 91 -37.41 -25.10 32.96
CA ASP M 91 -37.38 -23.66 32.86
C ASP M 91 -38.30 -22.98 33.87
N THR M 92 -38.90 -23.72 34.79
CA THR M 92 -39.76 -23.12 35.81
C THR M 92 -38.87 -22.37 36.80
N ALA M 93 -38.93 -21.04 36.78
CA ALA M 93 -37.99 -20.25 37.55
C ALA M 93 -38.49 -18.81 37.67
N VAL M 94 -37.80 -18.05 38.51
CA VAL M 94 -38.04 -16.62 38.66
C VAL M 94 -37.08 -15.88 37.75
N TYR M 95 -37.62 -15.10 36.82
CA TYR M 95 -36.83 -14.44 35.78
C TYR M 95 -36.61 -12.98 36.19
N PHE M 96 -35.47 -12.72 36.82
CA PHE M 96 -35.10 -11.36 37.18
C PHE M 96 -34.42 -10.66 36.01
N CYS M 97 -34.65 -9.35 35.91
CA CYS M 97 -33.92 -8.49 34.98
C CYS M 97 -33.14 -7.48 35.80
N ALA M 98 -31.82 -7.44 35.61
CA ALA M 98 -30.92 -6.68 36.46
C ALA M 98 -30.18 -5.62 35.65
N ARG M 99 -29.64 -4.64 36.36
CA ARG M 99 -28.87 -3.54 35.79
C ARG M 99 -27.41 -3.66 36.23
N ASP M 100 -26.50 -3.48 35.27
CA ASP M 100 -25.06 -3.61 35.52
C ASP M 100 -24.37 -2.32 35.09
N PRO M 101 -23.62 -1.64 35.97
CA PRO M 101 -22.83 -0.50 35.50
C PRO M 101 -21.48 -0.90 34.89
N ARG M 102 -21.49 -1.92 34.02
CA ARG M 102 -20.25 -2.31 33.36
C ARG M 102 -19.82 -1.26 32.34
N GLY M 103 -20.77 -0.77 31.54
CA GLY M 103 -20.48 0.40 30.72
C GLY M 103 -20.12 1.58 31.60
N GLY M 104 -19.17 2.39 31.14
CA GLY M 104 -18.58 3.36 32.04
C GLY M 104 -17.73 2.63 33.06
N GLY M 105 -16.58 2.14 32.62
CA GLY M 105 -15.85 1.10 33.31
C GLY M 105 -15.18 1.46 34.62
N TRP M 106 -15.71 2.45 35.34
CA TRP M 106 -15.31 2.73 36.71
C TRP M 106 -15.22 1.44 37.55
N VAL M 107 -16.19 0.55 37.36
CA VAL M 107 -16.25 -0.71 38.11
C VAL M 107 -16.55 -1.85 37.15
N PRO M 108 -16.19 -3.09 37.53
CA PRO M 108 -16.53 -4.24 36.69
C PRO M 108 -18.01 -4.59 36.76
N ASN M 109 -18.40 -5.71 36.16
CA ASN M 109 -19.79 -6.14 36.21
C ASN M 109 -20.27 -6.26 37.65
N ARG M 110 -21.40 -5.62 37.94
CA ARG M 110 -21.88 -5.53 39.33
C ARG M 110 -23.39 -5.25 39.27
N PHE M 111 -24.19 -6.28 39.52
CA PHE M 111 -25.65 -6.13 39.52
C PHE M 111 -26.07 -5.47 40.82
N ASP M 112 -26.52 -4.22 40.74
CA ASP M 112 -26.86 -3.42 41.92
C ASP M 112 -28.36 -3.36 42.17
N VAL M 113 -29.15 -3.02 41.15
CA VAL M 113 -30.60 -2.92 41.26
C VAL M 113 -31.22 -4.08 40.50
N TRP M 114 -32.24 -4.69 41.10
CA TRP M 114 -32.91 -5.86 40.55
C TRP M 114 -34.41 -5.60 40.44
N GLY M 115 -35.04 -6.29 39.50
CA GLY M 115 -36.48 -6.18 39.35
C GLY M 115 -37.22 -6.89 40.46
N ALA M 116 -38.55 -6.79 40.40
CA ALA M 116 -39.38 -7.42 41.41
C ALA M 116 -39.22 -8.94 41.40
N GLY M 117 -39.16 -9.53 40.20
CA GLY M 117 -38.99 -10.96 40.05
C GLY M 117 -40.29 -11.67 39.76
N VAL M 118 -40.50 -12.04 38.50
CA VAL M 118 -41.72 -12.72 38.06
C VAL M 118 -41.43 -14.21 37.96
N LEU M 119 -42.28 -15.02 38.57
CA LEU M 119 -42.12 -16.47 38.58
C LEU M 119 -42.91 -17.06 37.43
N VAL M 120 -42.22 -17.72 36.50
CA VAL M 120 -42.81 -18.37 35.35
C VAL M 120 -42.74 -19.88 35.59
N THR M 121 -43.89 -20.54 35.53
CA THR M 121 -43.99 -21.99 35.63
C THR M 121 -44.47 -22.53 34.29
N VAL M 122 -43.72 -23.49 33.75
CA VAL M 122 -43.97 -24.02 32.41
C VAL M 122 -44.14 -25.54 32.49
N ASP N 1 -16.30 -21.31 32.01
CA ASP N 1 -17.41 -21.59 32.96
C ASP N 1 -16.88 -21.93 34.34
N ILE N 2 -16.38 -20.91 35.04
CA ILE N 2 -15.82 -21.11 36.37
C ILE N 2 -16.93 -21.49 37.34
N GLN N 3 -16.66 -22.48 38.18
CA GLN N 3 -17.62 -22.99 39.15
C GLN N 3 -17.29 -22.45 40.54
N MET N 4 -18.32 -21.96 41.23
CA MET N 4 -18.18 -21.39 42.56
C MET N 4 -18.84 -22.33 43.58
N THR N 5 -18.12 -22.59 44.67
CA THR N 5 -18.60 -23.45 45.75
C THR N 5 -18.56 -22.69 47.06
N GLN N 6 -19.67 -22.69 47.79
CA GLN N 6 -19.79 -22.00 49.06
C GLN N 6 -19.80 -22.99 50.20
N SER N 7 -19.05 -22.68 51.26
CA SER N 7 -19.00 -23.51 52.46
C SER N 7 -19.25 -22.62 53.67
N PRO N 8 -20.16 -23.00 54.59
CA PRO N 8 -21.05 -24.17 54.58
C PRO N 8 -22.23 -23.98 53.63
N SER N 9 -22.79 -25.08 53.09
CA SER N 9 -23.94 -24.95 52.19
C SER N 9 -25.17 -24.44 52.91
N SER N 10 -25.27 -24.67 54.22
CA SER N 10 -26.39 -24.16 55.01
C SER N 10 -26.04 -24.22 56.49
N LEU N 11 -26.18 -23.09 57.19
CA LEU N 11 -25.80 -22.97 58.59
C LEU N 11 -26.91 -22.28 59.37
N SER N 12 -26.97 -22.59 60.66
CA SER N 12 -27.90 -21.97 61.59
C SER N 12 -27.11 -21.38 62.75
N ALA N 13 -27.40 -20.12 63.09
CA ALA N 13 -26.69 -19.40 64.13
C ALA N 13 -27.69 -18.61 64.96
N SER N 14 -27.18 -17.97 66.01
CA SER N 14 -27.99 -17.17 66.92
C SER N 14 -27.64 -15.70 66.79
N VAL N 15 -28.59 -14.84 67.18
CA VAL N 15 -28.43 -13.41 67.00
C VAL N 15 -27.22 -12.92 67.79
N GLY N 16 -26.54 -11.93 67.23
CA GLY N 16 -25.35 -11.37 67.86
C GLY N 16 -24.18 -12.33 67.91
N ASP N 17 -23.92 -13.06 66.83
CA ASP N 17 -22.81 -14.00 66.76
C ASP N 17 -22.01 -13.74 65.48
N ARG N 18 -20.69 -13.83 65.59
CA ARG N 18 -19.82 -13.67 64.44
C ARG N 18 -19.87 -14.92 63.58
N VAL N 19 -20.13 -14.75 62.29
CA VAL N 19 -20.23 -15.87 61.35
C VAL N 19 -19.36 -15.58 60.13
N THR N 20 -18.97 -16.66 59.45
CA THR N 20 -18.10 -16.56 58.28
C THR N 20 -18.52 -17.60 57.26
N ILE N 21 -18.60 -17.18 55.99
CA ILE N 21 -18.95 -18.07 54.88
C ILE N 21 -17.89 -17.88 53.79
N THR N 22 -17.28 -18.99 53.36
CA THR N 22 -16.19 -18.95 52.39
C THR N 22 -16.66 -19.40 51.02
N CYS N 23 -16.00 -18.87 49.99
CA CYS N 23 -16.31 -19.16 48.59
C CYS N 23 -15.03 -19.54 47.88
N ARG N 24 -15.10 -20.57 47.06
CA ARG N 24 -13.95 -21.10 46.33
C ARG N 24 -14.30 -21.19 44.85
N ALA N 25 -13.36 -20.74 44.01
CA ALA N 25 -13.51 -20.77 42.56
C ALA N 25 -12.54 -21.76 41.97
N SER N 26 -12.97 -22.45 40.91
CA SER N 26 -12.12 -23.46 40.27
C SER N 26 -10.86 -22.83 39.73
N GLN N 27 -10.98 -21.67 39.07
CA GLN N 27 -9.85 -20.95 38.52
C GLN N 27 -9.49 -19.78 39.45
N ASP N 28 -8.48 -19.02 39.04
CA ASP N 28 -8.03 -17.83 39.77
C ASP N 28 -8.68 -16.61 39.14
N ILE N 29 -9.64 -16.02 39.86
CA ILE N 29 -10.37 -14.86 39.37
C ILE N 29 -9.82 -13.55 39.92
N SER N 30 -8.61 -13.58 40.49
CA SER N 30 -7.97 -12.41 41.07
C SER N 30 -8.90 -11.76 42.12
N SER N 31 -9.43 -10.56 41.84
CA SER N 31 -10.41 -9.90 42.71
C SER N 31 -11.59 -9.47 41.84
N PHE N 32 -12.55 -10.37 41.67
CA PHE N 32 -13.76 -10.09 40.91
C PHE N 32 -14.94 -10.84 41.50
N LEU N 33 -15.04 -10.88 42.83
CA LEU N 33 -16.11 -11.56 43.53
C LEU N 33 -16.98 -10.54 44.26
N ASN N 34 -18.29 -10.62 44.04
CA ASN N 34 -19.27 -9.76 44.70
C ASN N 34 -20.29 -10.62 45.41
N TRP N 35 -20.55 -10.31 46.67
CA TRP N 35 -21.52 -11.04 47.48
C TRP N 35 -22.92 -10.46 47.28
N TYR N 36 -23.91 -11.35 47.20
CA TYR N 36 -25.29 -10.98 46.99
C TYR N 36 -26.16 -11.58 48.07
N GLN N 37 -27.14 -10.80 48.55
CA GLN N 37 -28.07 -11.23 49.58
C GLN N 37 -29.48 -11.24 48.98
N GLN N 38 -30.13 -12.39 49.03
CA GLN N 38 -31.51 -12.54 48.61
C GLN N 38 -32.32 -12.98 49.82
N LYS N 39 -33.05 -12.03 50.41
CA LYS N 39 -33.97 -12.37 51.48
C LYS N 39 -35.16 -13.13 50.89
N PRO N 40 -35.66 -14.17 51.56
CA PRO N 40 -36.78 -14.93 50.96
C PRO N 40 -37.99 -14.06 50.69
N GLY N 41 -38.43 -14.04 49.43
CA GLY N 41 -39.60 -13.32 48.99
C GLY N 41 -39.30 -12.22 47.98
N LYS N 42 -38.17 -11.53 48.13
CA LYS N 42 -37.80 -10.40 47.29
C LYS N 42 -36.47 -10.67 46.58
N ALA N 43 -36.16 -9.77 45.64
CA ALA N 43 -35.05 -9.97 44.73
C ALA N 43 -33.71 -9.81 45.47
N PRO N 44 -32.61 -10.30 44.87
CA PRO N 44 -31.30 -10.14 45.52
C PRO N 44 -30.92 -8.68 45.68
N LYS N 45 -30.19 -8.40 46.75
CA LYS N 45 -29.66 -7.07 47.05
C LYS N 45 -28.14 -7.15 47.10
N LEU N 46 -27.48 -6.13 46.54
CA LEU N 46 -26.03 -6.16 46.38
C LEU N 46 -25.35 -5.85 47.71
N LEU N 47 -24.59 -6.82 48.22
CA LEU N 47 -23.73 -6.63 49.37
C LEU N 47 -22.33 -6.22 48.89
N ILE N 48 -21.33 -6.34 49.78
CA ILE N 48 -19.94 -6.01 49.51
C ILE N 48 -19.51 -6.51 48.13
N SER N 49 -18.85 -5.64 47.36
CA SER N 49 -18.44 -5.94 46.00
C SER N 49 -16.94 -5.74 45.86
N SER N 50 -16.38 -6.33 44.80
CA SER N 50 -14.94 -6.26 44.54
C SER N 50 -14.14 -6.77 45.74
N VAL N 51 -14.59 -7.89 46.29
CA VAL N 51 -13.94 -8.53 47.43
C VAL N 51 -14.01 -7.67 48.68
N ASN N 52 -13.32 -6.52 48.67
CA ASN N 52 -13.15 -5.72 49.87
C ASN N 52 -14.04 -4.48 49.90
N ARG N 53 -14.37 -3.89 48.76
CA ARG N 53 -15.10 -2.63 48.74
C ARG N 53 -16.54 -2.83 49.18
N LEU N 54 -16.90 -2.21 50.31
CA LEU N 54 -18.27 -2.27 50.81
C LEU N 54 -19.12 -1.26 50.05
N GLU N 55 -20.17 -1.74 49.38
CA GLU N 55 -21.03 -0.85 48.62
C GLU N 55 -21.84 0.03 49.57
N SER N 56 -21.98 1.30 49.20
CA SER N 56 -22.66 2.26 50.07
C SER N 56 -24.13 1.89 50.25
N GLY N 57 -24.63 2.11 51.46
CA GLY N 57 -26.02 1.83 51.78
C GLY N 57 -26.26 0.53 52.53
N VAL N 58 -25.24 -0.06 53.14
CA VAL N 58 -25.37 -1.30 53.90
C VAL N 58 -24.74 -1.10 55.28
N PRO N 59 -25.14 -1.86 56.30
CA PRO N 59 -24.45 -1.76 57.59
C PRO N 59 -22.99 -2.18 57.47
N SER N 60 -22.15 -1.59 58.31
CA SER N 60 -20.71 -1.82 58.28
C SER N 60 -20.30 -3.15 58.90
N ARG N 61 -21.25 -3.90 59.48
CA ARG N 61 -20.89 -5.18 60.10
C ARG N 61 -20.32 -6.16 59.08
N PHE N 62 -20.91 -6.20 57.89
CA PHE N 62 -20.42 -7.09 56.85
C PHE N 62 -18.99 -6.72 56.46
N SER N 63 -18.18 -7.73 56.18
CA SER N 63 -16.82 -7.50 55.72
C SER N 63 -16.42 -8.64 54.79
N GLY N 64 -15.43 -8.37 53.95
CA GLY N 64 -14.94 -9.37 53.02
C GLY N 64 -13.43 -9.47 53.08
N SER N 65 -12.93 -10.66 52.76
CA SER N 65 -11.49 -10.91 52.80
C SER N 65 -11.17 -12.02 51.81
N GLY N 66 -9.88 -12.19 51.54
CA GLY N 66 -9.39 -13.22 50.64
C GLY N 66 -9.00 -12.65 49.29
N SER N 67 -8.46 -13.54 48.47
CA SER N 67 -7.97 -13.21 47.13
C SER N 67 -7.72 -14.52 46.40
N GLY N 68 -7.12 -14.42 45.21
CA GLY N 68 -6.77 -15.61 44.46
C GLY N 68 -8.00 -16.43 44.15
N THR N 69 -7.98 -17.70 44.59
CA THR N 69 -9.09 -18.61 44.38
C THR N 69 -9.97 -18.80 45.61
N GLU N 70 -9.73 -18.04 46.69
CA GLU N 70 -10.50 -18.19 47.92
C GLU N 70 -10.90 -16.83 48.44
N PHE N 71 -12.19 -16.67 48.72
CA PHE N 71 -12.73 -15.43 49.28
C PHE N 71 -13.65 -15.80 50.44
N THR N 72 -14.06 -14.79 51.22
CA THR N 72 -14.89 -15.07 52.37
C THR N 72 -15.60 -13.80 52.82
N LEU N 73 -16.83 -13.96 53.29
CA LEU N 73 -17.63 -12.89 53.87
C LEU N 73 -17.86 -13.19 55.35
N THR N 74 -17.58 -12.20 56.19
CA THR N 74 -17.72 -12.31 57.63
C THR N 74 -18.72 -11.29 58.13
N VAL N 75 -19.71 -11.77 58.89
CA VAL N 75 -20.65 -10.91 59.60
C VAL N 75 -20.18 -10.83 61.04
N SER N 76 -19.81 -9.62 61.48
CA SER N 76 -19.26 -9.45 62.82
C SER N 76 -20.29 -9.77 63.90
N SER N 77 -21.53 -9.31 63.72
CA SER N 77 -22.59 -9.52 64.70
C SER N 77 -23.88 -9.82 63.96
N LEU N 78 -24.43 -11.00 64.19
CA LEU N 78 -25.67 -11.39 63.53
C LEU N 78 -26.82 -10.51 64.03
N GLN N 79 -27.69 -10.13 63.10
CA GLN N 79 -28.82 -9.25 63.35
C GLN N 79 -30.10 -9.94 62.90
N PRO N 80 -31.25 -9.53 63.45
CA PRO N 80 -32.51 -10.22 63.08
C PRO N 80 -32.82 -10.19 61.59
N GLU N 81 -32.46 -9.13 60.88
CA GLU N 81 -32.69 -9.04 59.44
C GLU N 81 -31.56 -9.67 58.62
N ASP N 82 -30.53 -10.21 59.27
CA ASP N 82 -29.43 -10.86 58.56
C ASP N 82 -29.63 -12.38 58.50
N PHE N 83 -30.74 -12.78 57.89
CA PHE N 83 -31.11 -14.18 57.73
C PHE N 83 -31.57 -14.45 56.31
N ALA N 84 -30.80 -13.97 55.34
CA ALA N 84 -31.07 -14.12 53.92
C ALA N 84 -30.12 -15.16 53.32
N THR N 85 -30.30 -15.42 52.02
CA THR N 85 -29.44 -16.34 51.29
C THR N 85 -28.29 -15.57 50.66
N TYR N 86 -27.07 -16.01 50.94
CA TYR N 86 -25.84 -15.34 50.51
C TYR N 86 -25.20 -16.11 49.37
N SER N 87 -24.87 -15.40 48.29
CA SER N 87 -24.33 -16.00 47.07
C SER N 87 -23.11 -15.22 46.60
N CYS N 88 -22.31 -15.88 45.77
CA CYS N 88 -21.09 -15.30 45.20
C CYS N 88 -21.36 -14.85 43.77
N GLN N 89 -20.32 -14.27 43.14
CA GLN N 89 -20.40 -13.82 41.76
C GLN N 89 -19.06 -14.04 41.08
N GLN N 90 -19.10 -14.16 39.76
CA GLN N 90 -17.92 -14.35 38.91
C GLN N 90 -17.97 -13.24 37.86
N CYS N 91 -17.95 -12.01 38.34
CA CYS N 91 -17.93 -10.84 37.46
C CYS N 91 -16.51 -10.52 36.99
N GLY N 92 -15.88 -11.54 36.39
CA GLY N 92 -14.54 -11.42 35.85
C GLY N 92 -14.42 -11.90 34.42
N SER N 93 -15.36 -12.72 33.97
CA SER N 93 -15.33 -13.25 32.61
C SER N 93 -16.69 -13.84 32.28
N VAL N 94 -17.11 -13.68 31.03
CA VAL N 94 -18.38 -14.25 30.59
C VAL N 94 -18.24 -15.78 30.50
N PRO N 95 -19.20 -16.57 31.01
CA PRO N 95 -20.43 -16.22 31.74
C PRO N 95 -20.18 -15.92 33.22
N TYR N 96 -21.09 -15.20 33.86
CA TYR N 96 -20.98 -14.88 35.28
C TYR N 96 -21.84 -15.88 36.05
N THR N 97 -21.19 -16.78 36.78
CA THR N 97 -21.85 -17.85 37.51
C THR N 97 -21.86 -17.54 39.00
N PHE N 98 -23.02 -17.70 39.62
CA PHE N 98 -23.19 -17.47 41.05
C PHE N 98 -23.00 -18.77 41.82
N GLY N 99 -22.96 -18.64 43.15
CA GLY N 99 -22.83 -19.78 44.02
C GLY N 99 -24.16 -20.48 44.27
N GLN N 100 -24.06 -21.60 45.00
CA GLN N 100 -25.27 -22.36 45.31
C GLN N 100 -26.20 -21.61 46.25
N GLY N 101 -25.65 -20.77 47.12
CA GLY N 101 -26.45 -20.00 48.06
C GLY N 101 -26.58 -20.66 49.42
N THR N 102 -26.08 -19.99 50.45
CA THR N 102 -26.15 -20.50 51.82
C THR N 102 -27.28 -19.79 52.57
N THR N 103 -28.19 -20.56 53.14
CA THR N 103 -29.33 -20.03 53.87
C THR N 103 -29.01 -19.96 55.36
N LEU N 104 -29.24 -18.79 55.95
CA LEU N 104 -28.99 -18.60 57.38
C LEU N 104 -30.13 -19.14 58.21
N GLN O 1 -44.53 16.84 -28.43
CA GLN O 1 -44.02 17.28 -29.76
C GLN O 1 -42.51 17.46 -29.72
N VAL O 2 -41.79 16.53 -30.34
CA VAL O 2 -40.34 16.54 -30.40
C VAL O 2 -39.91 16.37 -31.85
N GLN O 3 -38.98 17.22 -32.29
CA GLN O 3 -38.44 17.12 -33.64
C GLN O 3 -37.08 17.83 -33.67
N LEU O 4 -36.41 17.70 -34.81
CA LEU O 4 -35.09 18.27 -35.02
C LEU O 4 -35.05 18.98 -36.36
N GLN O 5 -34.25 20.06 -36.42
CA GLN O 5 -34.10 20.85 -37.63
C GLN O 5 -32.61 21.06 -37.90
N GLU O 6 -32.22 20.89 -39.16
CA GLU O 6 -30.84 21.05 -39.60
C GLU O 6 -30.67 22.38 -40.32
N SER O 7 -29.52 23.01 -40.12
CA SER O 7 -29.19 24.26 -40.77
C SER O 7 -27.72 24.26 -41.14
N GLY O 8 -27.38 25.07 -42.14
CA GLY O 8 -26.03 25.19 -42.61
C GLY O 8 -25.97 25.42 -44.11
N PRO O 9 -24.77 25.63 -44.65
CA PRO O 9 -24.65 25.82 -46.11
C PRO O 9 -25.04 24.57 -46.87
N GLY O 10 -25.99 24.72 -47.80
CA GLY O 10 -26.36 23.62 -48.67
C GLY O 10 -25.44 23.41 -49.84
N LEU O 11 -24.51 24.31 -50.08
CA LEU O 11 -23.53 24.19 -51.16
C LEU O 11 -22.22 24.80 -50.68
N VAL O 12 -21.13 24.05 -50.83
CA VAL O 12 -19.82 24.47 -50.35
C VAL O 12 -18.77 24.05 -51.38
N LYS O 13 -17.70 24.84 -51.48
CA LYS O 13 -16.56 24.49 -52.32
C LYS O 13 -15.90 23.25 -51.72
N PRO O 14 -15.71 22.14 -52.48
CA PRO O 14 -15.32 20.89 -51.81
C PRO O 14 -13.87 20.82 -51.34
N SER O 15 -13.36 21.87 -50.70
CA SER O 15 -12.15 21.73 -49.88
C SER O 15 -12.21 22.80 -48.78
N GLU O 16 -12.83 22.44 -47.66
CA GLU O 16 -12.87 23.27 -46.46
C GLU O 16 -13.70 22.52 -45.43
N THR O 17 -13.74 23.08 -44.21
CA THR O 17 -14.60 22.54 -43.17
C THR O 17 -16.07 22.77 -43.53
N LEU O 18 -16.88 21.72 -43.36
CA LEU O 18 -18.32 21.77 -43.61
C LEU O 18 -19.03 21.72 -42.27
N SER O 19 -19.80 22.76 -41.97
CA SER O 19 -20.49 22.89 -40.70
C SER O 19 -21.98 22.66 -40.90
N LEU O 20 -22.57 21.81 -40.05
CA LEU O 20 -23.99 21.51 -40.10
C LEU O 20 -24.52 21.44 -38.68
N THR O 21 -25.44 22.34 -38.33
CA THR O 21 -25.95 22.45 -36.98
C THR O 21 -27.36 21.88 -36.92
N CYS O 22 -27.55 20.87 -36.07
CA CYS O 22 -28.86 20.29 -35.81
C CYS O 22 -29.34 20.75 -34.43
N ALA O 23 -30.52 21.36 -34.39
CA ALA O 23 -31.13 21.85 -33.16
C ALA O 23 -32.43 21.09 -32.93
N VAL O 24 -32.64 20.67 -31.68
CA VAL O 24 -33.77 19.84 -31.30
C VAL O 24 -34.76 20.68 -30.52
N TYR O 25 -36.01 20.69 -30.96
CA TYR O 25 -37.11 21.28 -30.20
C TYR O 25 -37.92 20.15 -29.60
N GLY O 26 -37.98 20.11 -28.27
CA GLY O 26 -38.54 18.99 -27.54
C GLY O 26 -37.62 18.56 -26.42
N SER O 27 -37.11 17.34 -26.48
CA SER O 27 -36.20 16.85 -25.45
C SER O 27 -34.93 17.71 -25.41
N SER O 28 -34.20 17.59 -24.30
CA SER O 28 -33.02 18.39 -24.04
C SER O 28 -31.76 17.53 -24.18
N ILE O 29 -30.72 18.14 -24.76
CA ILE O 29 -29.45 17.44 -24.91
C ILE O 29 -28.79 17.24 -23.55
N SER O 30 -29.02 18.16 -22.61
CA SER O 30 -28.37 18.08 -21.30
C SER O 30 -28.76 16.80 -20.58
N GLY O 31 -30.02 16.40 -20.67
CA GLY O 31 -30.47 15.17 -20.05
C GLY O 31 -29.71 13.96 -20.56
N GLY O 32 -29.17 13.15 -19.64
CA GLY O 32 -28.40 11.99 -20.01
C GLY O 32 -29.27 10.78 -20.31
N TYR O 33 -30.12 10.89 -21.33
CA TYR O 33 -31.02 9.82 -21.72
C TYR O 33 -30.90 9.47 -23.19
N PHE O 34 -30.49 10.44 -24.01
CA PHE O 34 -30.43 10.27 -25.47
C PHE O 34 -29.05 10.58 -25.99
N TYR O 35 -28.59 9.75 -26.93
CA TYR O 35 -27.43 10.06 -27.74
C TYR O 35 -27.90 10.71 -29.04
N TRP O 36 -27.08 11.62 -29.58
CA TRP O 36 -27.44 12.42 -30.74
C TRP O 36 -26.50 12.04 -31.88
N HIS O 37 -27.04 11.30 -32.85
CA HIS O 37 -26.26 10.75 -33.95
C HIS O 37 -26.45 11.59 -35.21
N TRP O 38 -25.63 11.31 -36.22
CA TRP O 38 -25.49 12.12 -37.43
C TRP O 38 -25.50 11.22 -38.68
N ILE O 39 -26.51 10.35 -38.78
CA ILE O 39 -26.58 9.39 -39.87
C ILE O 39 -26.62 10.13 -41.21
N ARG O 40 -25.98 9.53 -42.22
CA ARG O 40 -25.87 10.10 -43.55
C ARG O 40 -26.32 9.05 -44.57
N GLN O 41 -26.83 9.53 -45.71
CA GLN O 41 -27.26 8.67 -46.80
C GLN O 41 -26.93 9.36 -48.13
N ALA O 42 -26.00 8.78 -48.89
CA ALA O 42 -25.71 9.29 -50.21
C ALA O 42 -26.78 8.84 -51.21
N PRO O 43 -26.94 9.56 -52.32
CA PRO O 43 -27.92 9.12 -53.33
C PRO O 43 -27.57 7.75 -53.88
N GLY O 44 -28.59 6.92 -54.06
CA GLY O 44 -28.38 5.58 -54.59
C GLY O 44 -27.64 4.64 -53.66
N LYS O 45 -27.53 4.96 -52.38
CA LYS O 45 -26.83 4.14 -51.40
C LYS O 45 -27.69 4.05 -50.14
N GLY O 46 -27.22 3.24 -49.19
CA GLY O 46 -27.90 3.09 -47.91
C GLY O 46 -27.44 4.12 -46.90
N LEU O 47 -27.96 3.98 -45.68
CA LEU O 47 -27.57 4.87 -44.59
C LEU O 47 -26.13 4.58 -44.17
N GLU O 48 -25.52 5.57 -43.52
CA GLU O 48 -24.13 5.44 -43.07
C GLU O 48 -23.94 6.26 -41.80
N TRP O 49 -23.64 5.59 -40.70
CA TRP O 49 -23.39 6.27 -39.44
C TRP O 49 -22.09 7.06 -39.50
N ILE O 50 -22.11 8.25 -38.89
CA ILE O 50 -20.95 9.14 -38.84
C ILE O 50 -20.41 9.23 -37.42
N GLY O 51 -21.25 9.64 -36.47
CA GLY O 51 -20.80 9.79 -35.10
C GLY O 51 -21.95 10.15 -34.19
N ASP O 52 -21.67 10.11 -32.89
CA ASP O 52 -22.64 10.45 -31.86
C ASP O 52 -21.96 11.23 -30.75
N VAL O 53 -22.76 11.97 -29.99
CA VAL O 53 -22.26 12.80 -28.89
C VAL O 53 -23.22 12.67 -27.72
N TYR O 54 -22.65 12.57 -26.52
CA TYR O 54 -23.40 12.50 -25.27
C TYR O 54 -23.36 13.84 -24.56
N PHE O 55 -24.18 13.97 -23.52
CA PHE O 55 -24.24 15.22 -22.77
C PHE O 55 -22.93 15.52 -22.07
N SER O 56 -22.15 14.50 -21.74
CA SER O 56 -20.87 14.67 -21.05
C SER O 56 -19.69 14.81 -22.00
N GLY O 57 -19.91 14.83 -23.31
CA GLY O 57 -18.86 15.03 -24.27
C GLY O 57 -18.10 13.79 -24.69
N THR O 58 -18.55 12.61 -24.28
CA THR O 58 -17.92 11.35 -24.69
C THR O 58 -18.47 10.96 -26.06
N THR O 59 -17.87 11.53 -27.10
CA THR O 59 -18.31 11.31 -28.46
C THR O 59 -17.58 10.13 -29.09
N GLY O 60 -18.19 9.56 -30.12
CA GLY O 60 -17.58 8.49 -30.89
C GLY O 60 -17.96 8.57 -32.35
N TYR O 61 -16.97 8.61 -33.23
CA TYR O 61 -17.18 8.76 -34.66
C TYR O 61 -17.01 7.43 -35.38
N ASN O 62 -17.42 7.41 -36.65
CA ASN O 62 -17.23 6.23 -37.47
C ASN O 62 -15.73 5.97 -37.66
N PRO O 63 -15.28 4.72 -37.63
CA PRO O 63 -13.84 4.48 -37.87
C PRO O 63 -13.37 4.94 -39.24
N SER O 64 -14.24 4.91 -40.24
CA SER O 64 -13.86 5.39 -41.57
C SER O 64 -13.59 6.88 -41.57
N LEU O 65 -14.32 7.65 -40.74
CA LEU O 65 -14.19 9.11 -40.68
C LEU O 65 -13.75 9.58 -39.30
N LYS O 66 -12.94 8.77 -38.61
CA LYS O 66 -12.46 9.16 -37.29
C LYS O 66 -11.50 10.34 -37.31
N ARG O 67 -10.98 10.70 -38.49
CA ARG O 67 -10.01 11.79 -38.61
C ARG O 67 -10.60 13.07 -39.20
N ARG O 68 -11.60 12.96 -40.07
CA ARG O 68 -12.10 14.10 -40.82
C ARG O 68 -13.32 14.75 -40.20
N VAL O 69 -13.80 14.27 -39.05
CA VAL O 69 -15.08 14.70 -38.49
C VAL O 69 -14.90 15.07 -37.02
N ARG O 70 -15.75 15.99 -36.56
CA ARG O 70 -15.81 16.36 -35.15
C ARG O 70 -17.22 16.81 -34.82
N ILE O 71 -17.82 16.21 -33.80
CA ILE O 71 -19.17 16.53 -33.35
C ILE O 71 -19.05 17.25 -32.02
N SER O 72 -19.67 18.43 -31.93
CA SER O 72 -19.65 19.23 -30.71
C SER O 72 -21.08 19.61 -30.34
N ALA O 73 -21.49 19.27 -29.13
CA ALA O 73 -22.83 19.53 -28.63
C ALA O 73 -22.79 20.59 -27.54
N ASP O 74 -23.59 21.64 -27.71
CA ASP O 74 -23.70 22.71 -26.72
C ASP O 74 -25.10 22.65 -26.11
N THR O 75 -25.16 22.47 -24.80
CA THR O 75 -26.41 22.34 -24.07
C THR O 75 -26.96 23.66 -23.56
N SER O 76 -26.17 24.73 -23.60
CA SER O 76 -26.67 26.04 -23.17
C SER O 76 -27.81 26.49 -24.08
N LYS O 77 -27.65 26.32 -25.38
CA LYS O 77 -28.69 26.59 -26.37
C LYS O 77 -29.30 25.33 -26.95
N ASN O 78 -28.92 24.15 -26.44
CA ASN O 78 -29.58 22.89 -26.76
C ASN O 78 -29.51 22.59 -28.26
N GLN O 79 -28.29 22.40 -28.76
CA GLN O 79 -28.08 21.98 -30.13
C GLN O 79 -26.75 21.26 -30.25
N PHE O 80 -26.44 20.78 -31.45
CA PHE O 80 -25.16 20.17 -31.72
C PHE O 80 -24.77 20.46 -33.16
N SER O 81 -23.48 20.27 -33.46
CA SER O 81 -22.92 20.64 -34.74
C SER O 81 -21.92 19.59 -35.20
N LEU O 82 -21.95 19.32 -36.49
CA LEU O 82 -21.02 18.40 -37.16
C LEU O 82 -20.09 19.22 -38.04
N ASN O 83 -18.79 19.05 -37.83
CA ASN O 83 -17.75 19.70 -38.63
C ASN O 83 -17.00 18.61 -39.37
N LEU O 84 -17.22 18.54 -40.68
CA LEU O 84 -16.60 17.54 -41.55
C LEU O 84 -15.52 18.23 -42.37
N ARG O 85 -14.26 17.93 -42.08
CA ARG O 85 -13.13 18.56 -42.74
C ARG O 85 -12.73 17.78 -43.98
N SER O 86 -12.06 18.47 -44.90
CA SER O 86 -11.56 17.89 -46.15
C SER O 86 -12.67 17.16 -46.90
N VAL O 87 -13.77 17.90 -47.14
CA VAL O 87 -14.91 17.34 -47.84
C VAL O 87 -14.52 17.03 -49.28
N THR O 88 -15.05 15.93 -49.81
CA THR O 88 -14.81 15.53 -51.19
C THR O 88 -16.12 15.27 -51.90
N ALA O 89 -16.06 14.73 -53.12
CA ALA O 89 -17.27 14.44 -53.89
C ALA O 89 -18.13 13.36 -53.25
N ALA O 90 -17.55 12.54 -52.37
CA ALA O 90 -18.29 11.47 -51.73
C ALA O 90 -19.23 11.96 -50.63
N ASP O 91 -19.15 13.23 -50.26
CA ASP O 91 -19.97 13.79 -49.18
C ASP O 91 -21.29 14.37 -49.66
N THR O 92 -21.59 14.28 -50.96
CA THR O 92 -22.89 14.72 -51.47
C THR O 92 -23.95 13.75 -50.96
N ALA O 93 -24.66 14.15 -49.92
CA ALA O 93 -25.59 13.24 -49.26
C ALA O 93 -26.58 14.04 -48.42
N VAL O 94 -27.58 13.33 -47.91
CA VAL O 94 -28.55 13.88 -46.97
C VAL O 94 -28.06 13.58 -45.56
N TYR O 95 -27.89 14.63 -44.76
CA TYR O 95 -27.30 14.51 -43.43
C TYR O 95 -28.43 14.58 -42.40
N PHE O 96 -28.85 13.42 -41.92
CA PHE O 96 -29.86 13.33 -40.87
C PHE O 96 -29.19 13.35 -39.50
N CYS O 97 -29.89 13.95 -38.54
CA CYS O 97 -29.51 13.88 -37.13
C CYS O 97 -30.59 13.12 -36.38
N ALA O 98 -30.20 12.05 -35.69
CA ALA O 98 -31.13 11.11 -35.09
C ALA O 98 -30.96 11.07 -33.57
N ARG O 99 -31.99 10.57 -32.90
CA ARG O 99 -32.03 10.45 -31.45
C ARG O 99 -32.02 8.97 -31.09
N ASP O 100 -31.14 8.59 -30.17
CA ASP O 100 -30.94 7.21 -29.75
C ASP O 100 -31.30 7.09 -28.28
N PRO O 101 -32.34 6.27 -27.88
CA PRO O 101 -32.59 6.03 -26.46
C PRO O 101 -31.67 4.99 -25.82
N ARG O 102 -30.36 5.11 -26.09
CA ARG O 102 -29.40 4.24 -25.44
C ARG O 102 -29.13 4.67 -24.00
N GLY O 103 -29.19 5.96 -23.71
CA GLY O 103 -29.11 6.43 -22.35
C GLY O 103 -30.20 5.81 -21.50
N GLY O 104 -29.80 4.97 -20.56
CA GLY O 104 -30.74 4.09 -19.89
C GLY O 104 -30.70 2.72 -20.54
N GLY O 105 -30.53 1.67 -19.75
CA GLY O 105 -30.34 0.34 -20.30
C GLY O 105 -31.61 -0.37 -20.69
N TRP O 106 -32.68 0.38 -20.94
CA TRP O 106 -33.94 -0.25 -21.34
C TRP O 106 -33.81 -0.94 -22.70
N VAL O 107 -33.20 -0.27 -23.67
CA VAL O 107 -33.14 -0.76 -25.05
C VAL O 107 -31.78 -0.42 -25.64
N PRO O 108 -31.35 -1.17 -26.67
CA PRO O 108 -30.11 -0.81 -27.38
C PRO O 108 -30.34 0.32 -28.37
N ASN O 109 -29.34 0.61 -29.22
CA ASN O 109 -29.44 1.65 -30.24
C ASN O 109 -30.74 1.49 -31.03
N ARG O 110 -31.63 2.47 -30.86
CA ARG O 110 -33.02 2.37 -31.32
C ARG O 110 -33.49 3.69 -31.96
N PHE O 111 -32.76 4.19 -32.95
CA PHE O 111 -33.12 5.44 -33.63
C PHE O 111 -34.60 5.49 -33.96
N ASP O 112 -35.31 6.42 -33.35
CA ASP O 112 -36.77 6.49 -33.43
C ASP O 112 -37.26 7.77 -34.08
N VAL O 113 -36.73 8.92 -33.68
CA VAL O 113 -37.11 10.22 -34.25
C VAL O 113 -35.94 10.72 -35.09
N TRP O 114 -36.23 11.07 -36.34
CA TRP O 114 -35.24 11.53 -37.29
C TRP O 114 -35.56 12.96 -37.71
N GLY O 115 -34.51 13.71 -38.03
CA GLY O 115 -34.67 15.08 -38.47
C GLY O 115 -35.30 15.14 -39.85
N ALA O 116 -35.54 16.38 -40.31
CA ALA O 116 -36.13 16.58 -41.62
C ALA O 116 -35.24 16.03 -42.72
N GLY O 117 -33.93 16.24 -42.62
CA GLY O 117 -32.98 15.74 -43.60
C GLY O 117 -32.62 16.80 -44.62
N VAL O 118 -31.41 17.34 -44.51
CA VAL O 118 -30.92 18.38 -45.42
C VAL O 118 -29.92 17.74 -46.37
N LEU O 119 -30.11 17.97 -47.67
CA LEU O 119 -29.24 17.45 -48.70
C LEU O 119 -28.12 18.47 -48.93
N VAL O 120 -26.91 18.13 -48.48
CA VAL O 120 -25.76 19.03 -48.57
C VAL O 120 -24.99 18.59 -49.81
N THR O 121 -25.35 19.15 -50.96
CA THR O 121 -24.63 18.87 -52.19
C THR O 121 -23.24 19.51 -52.14
N VAL O 122 -22.29 18.88 -52.84
CA VAL O 122 -20.91 19.34 -52.83
C VAL O 122 -20.18 18.82 -54.07
N ASP P 1 -16.74 -4.03 -37.89
CA ASP P 1 -17.50 -3.47 -39.04
C ASP P 1 -18.30 -4.57 -39.73
N ILE P 2 -19.41 -4.97 -39.09
CA ILE P 2 -20.27 -6.01 -39.65
C ILE P 2 -20.92 -5.49 -40.92
N GLN P 3 -20.99 -6.36 -41.94
CA GLN P 3 -21.58 -6.03 -43.22
C GLN P 3 -22.93 -6.72 -43.33
N MET P 4 -23.95 -5.96 -43.76
CA MET P 4 -25.30 -6.45 -43.88
C MET P 4 -25.70 -6.53 -45.36
N THR P 5 -26.36 -7.64 -45.72
CA THR P 5 -26.84 -7.87 -47.07
C THR P 5 -28.33 -8.15 -47.01
N GLN P 6 -29.10 -7.41 -47.81
CA GLN P 6 -30.55 -7.55 -47.89
C GLN P 6 -30.92 -8.26 -49.18
N SER P 7 -31.77 -9.27 -49.07
CA SER P 7 -32.22 -10.08 -50.19
C SER P 7 -33.75 -10.04 -50.28
N PRO P 8 -34.35 -9.67 -51.43
CA PRO P 8 -33.74 -9.20 -52.69
C PRO P 8 -33.32 -7.74 -52.62
N SER P 9 -32.39 -7.30 -53.47
CA SER P 9 -32.00 -5.89 -53.47
C SER P 9 -33.14 -4.99 -53.93
N SER P 10 -34.10 -5.51 -54.68
CA SER P 10 -35.26 -4.72 -55.12
C SER P 10 -36.33 -5.65 -55.67
N LEU P 11 -37.57 -5.49 -55.21
CA LEU P 11 -38.67 -6.34 -55.62
C LEU P 11 -39.91 -5.49 -55.86
N SER P 12 -40.81 -6.02 -56.69
CA SER P 12 -42.10 -5.40 -56.98
C SER P 12 -43.20 -6.39 -56.67
N ALA P 13 -44.24 -5.92 -55.97
CA ALA P 13 -45.35 -6.77 -55.56
C ALA P 13 -46.66 -6.02 -55.83
N SER P 14 -47.77 -6.65 -55.45
CA SER P 14 -49.11 -6.10 -55.64
C SER P 14 -49.80 -5.95 -54.30
N VAL P 15 -50.77 -5.02 -54.26
CA VAL P 15 -51.44 -4.71 -53.00
C VAL P 15 -52.15 -5.95 -52.47
N GLY P 16 -52.15 -6.10 -51.15
CA GLY P 16 -52.78 -7.24 -50.51
C GLY P 16 -52.10 -8.56 -50.77
N ASP P 17 -50.77 -8.58 -50.79
CA ASP P 17 -49.99 -9.79 -51.00
C ASP P 17 -48.89 -9.87 -49.96
N ARG P 18 -48.55 -11.11 -49.59
CA ARG P 18 -47.46 -11.34 -48.64
C ARG P 18 -46.12 -10.95 -49.29
N VAL P 19 -45.17 -10.54 -48.45
CA VAL P 19 -43.81 -10.30 -48.92
C VAL P 19 -42.84 -10.54 -47.77
N THR P 20 -41.65 -11.01 -48.11
CA THR P 20 -40.61 -11.33 -47.16
C THR P 20 -39.27 -10.79 -47.65
N ILE P 21 -38.51 -10.18 -46.74
CA ILE P 21 -37.19 -9.64 -47.04
C ILE P 21 -36.22 -10.19 -46.01
N THR P 22 -35.11 -10.78 -46.48
CA THR P 22 -34.13 -11.41 -45.61
C THR P 22 -32.94 -10.49 -45.42
N CYS P 23 -32.35 -10.54 -44.23
CA CYS P 23 -31.15 -9.78 -43.89
C CYS P 23 -30.11 -10.73 -43.32
N ARG P 24 -28.89 -10.64 -43.84
CA ARG P 24 -27.78 -11.51 -43.45
C ARG P 24 -26.61 -10.65 -42.99
N ALA P 25 -26.03 -11.01 -41.85
CA ALA P 25 -24.88 -10.32 -41.28
C ALA P 25 -23.65 -11.22 -41.35
N SER P 26 -22.49 -10.61 -41.58
CA SER P 26 -21.26 -11.39 -41.69
C SER P 26 -20.95 -12.10 -40.37
N GLN P 27 -21.12 -11.40 -39.25
CA GLN P 27 -20.88 -11.97 -37.93
C GLN P 27 -22.21 -12.30 -37.26
N ASP P 28 -22.12 -12.85 -36.05
CA ASP P 28 -23.30 -13.19 -35.26
C ASP P 28 -23.64 -12.00 -34.36
N ILE P 29 -24.80 -11.39 -34.61
CA ILE P 29 -25.23 -10.21 -33.87
C ILE P 29 -26.30 -10.53 -32.83
N SER P 30 -26.50 -11.82 -32.53
CA SER P 30 -27.49 -12.28 -31.55
C SER P 30 -28.86 -11.77 -32.00
N SER P 31 -29.54 -10.91 -31.23
CA SER P 31 -30.87 -10.39 -31.58
C SER P 31 -30.85 -8.87 -31.64
N PHE P 32 -29.72 -8.28 -32.02
CA PHE P 32 -29.57 -6.83 -32.13
C PHE P 32 -29.77 -6.38 -33.57
N LEU P 33 -31.04 -6.32 -33.96
CA LEU P 33 -31.43 -5.85 -35.29
C LEU P 33 -32.71 -5.02 -35.17
N ASN P 34 -32.75 -3.91 -35.90
CA ASN P 34 -33.92 -3.05 -35.98
C ASN P 34 -34.24 -2.79 -37.45
N TRP P 35 -35.49 -3.01 -37.83
CA TRP P 35 -35.95 -2.80 -39.20
C TRP P 35 -36.55 -1.40 -39.32
N TYR P 36 -36.05 -0.62 -40.26
CA TYR P 36 -36.47 0.75 -40.49
C TYR P 36 -37.28 0.85 -41.78
N GLN P 37 -37.77 2.06 -42.04
CA GLN P 37 -38.56 2.33 -43.24
C GLN P 37 -38.35 3.78 -43.64
N GLN P 38 -37.93 4.01 -44.88
CA GLN P 38 -37.70 5.35 -45.42
C GLN P 38 -38.59 5.56 -46.63
N LYS P 39 -39.72 6.21 -46.42
CA LYS P 39 -40.52 6.69 -47.54
C LYS P 39 -39.71 7.74 -48.31
N PRO P 40 -39.78 7.77 -49.64
CA PRO P 40 -38.98 8.77 -50.38
C PRO P 40 -39.35 10.19 -49.96
N GLY P 41 -38.33 11.06 -49.95
CA GLY P 41 -38.51 12.45 -49.56
C GLY P 41 -38.19 12.71 -48.10
N LYS P 42 -38.90 12.03 -47.19
CA LYS P 42 -38.75 12.27 -45.76
C LYS P 42 -37.76 11.27 -45.16
N ALA P 43 -37.48 11.44 -43.87
CA ALA P 43 -36.44 10.70 -43.18
C ALA P 43 -36.92 9.29 -42.83
N PRO P 44 -35.99 8.38 -42.51
CA PRO P 44 -36.40 7.03 -42.12
C PRO P 44 -37.25 7.01 -40.86
N LYS P 45 -38.14 6.02 -40.78
CA LYS P 45 -39.01 5.80 -39.65
C LYS P 45 -38.82 4.38 -39.16
N LEU P 46 -38.58 4.22 -37.86
CA LEU P 46 -38.37 2.89 -37.29
C LEU P 46 -39.67 2.10 -37.31
N LEU P 47 -39.58 0.84 -37.75
CA LEU P 47 -40.71 -0.08 -37.74
C LEU P 47 -40.59 -1.13 -36.64
N ILE P 48 -39.50 -1.88 -36.60
CA ILE P 48 -39.32 -2.97 -35.65
C ILE P 48 -37.98 -2.80 -34.94
N SER P 49 -37.93 -3.27 -33.69
CA SER P 49 -36.71 -3.26 -32.89
C SER P 49 -36.53 -4.61 -32.23
N SER P 50 -35.27 -4.98 -32.02
CA SER P 50 -34.92 -6.23 -31.35
C SER P 50 -35.55 -7.43 -32.06
N VAL P 51 -35.45 -7.42 -33.39
CA VAL P 51 -35.92 -8.51 -34.24
C VAL P 51 -37.45 -8.62 -34.18
N ASN P 52 -37.99 -9.02 -33.03
CA ASN P 52 -39.40 -9.33 -32.89
C ASN P 52 -40.23 -8.25 -32.22
N ARG P 53 -39.64 -7.48 -31.31
CA ARG P 53 -40.41 -6.48 -30.58
C ARG P 53 -40.90 -5.38 -31.51
N LEU P 54 -42.21 -5.24 -31.63
CA LEU P 54 -42.80 -4.24 -32.50
C LEU P 54 -42.96 -2.92 -31.76
N GLU P 55 -42.43 -1.85 -32.34
CA GLU P 55 -42.54 -0.53 -31.74
C GLU P 55 -43.98 -0.04 -31.80
N SER P 56 -44.41 0.66 -30.75
CA SER P 56 -45.77 1.16 -30.68
C SER P 56 -46.00 2.23 -31.74
N GLY P 57 -47.09 2.10 -32.48
CA GLY P 57 -47.47 3.05 -33.50
C GLY P 57 -47.34 2.57 -34.94
N VAL P 58 -47.36 1.27 -35.18
CA VAL P 58 -47.27 0.71 -36.53
C VAL P 58 -48.41 -0.28 -36.72
N PRO P 59 -48.86 -0.54 -37.94
CA PRO P 59 -49.84 -1.62 -38.14
C PRO P 59 -49.25 -2.98 -37.76
N SER P 60 -50.12 -3.87 -37.31
CA SER P 60 -49.70 -5.18 -36.83
C SER P 60 -49.27 -6.11 -37.96
N ARG P 61 -49.47 -5.73 -39.22
CA ARG P 61 -49.11 -6.60 -40.33
C ARG P 61 -47.61 -6.90 -40.33
N PHE P 62 -46.79 -5.90 -40.06
CA PHE P 62 -45.34 -6.10 -40.02
C PHE P 62 -44.97 -7.12 -38.95
N SER P 63 -44.01 -7.98 -39.28
CA SER P 63 -43.50 -8.94 -38.31
C SER P 63 -42.03 -9.21 -38.62
N GLY P 64 -41.31 -9.63 -37.59
CA GLY P 64 -39.90 -9.97 -37.72
C GLY P 64 -39.60 -11.27 -37.05
N SER P 65 -38.65 -12.01 -37.64
CA SER P 65 -38.27 -13.31 -37.11
C SER P 65 -36.81 -13.57 -37.47
N GLY P 66 -36.27 -14.63 -36.88
CA GLY P 66 -34.90 -15.06 -37.12
C GLY P 66 -34.02 -14.81 -35.92
N SER P 67 -32.75 -15.16 -36.09
CA SER P 67 -31.75 -15.05 -35.04
C SER P 67 -30.38 -15.32 -35.66
N GLY P 68 -29.35 -15.30 -34.83
CA GLY P 68 -28.01 -15.62 -35.30
C GLY P 68 -27.58 -14.67 -36.40
N THR P 69 -27.21 -15.23 -37.54
CA THR P 69 -26.77 -14.46 -38.69
C THR P 69 -27.85 -14.26 -39.74
N GLU P 70 -29.10 -14.69 -39.47
CA GLU P 70 -30.16 -14.58 -40.45
C GLU P 70 -31.39 -13.99 -39.77
N PHE P 71 -31.99 -12.98 -40.40
CA PHE P 71 -33.22 -12.37 -39.93
C PHE P 71 -34.13 -12.12 -41.12
N THR P 72 -35.42 -11.90 -40.84
CA THR P 72 -36.39 -11.72 -41.90
C THR P 72 -37.53 -10.83 -41.43
N LEU P 73 -37.97 -9.96 -42.33
CA LEU P 73 -39.12 -9.09 -42.13
C LEU P 73 -40.22 -9.52 -43.09
N THR P 74 -41.41 -9.75 -42.54
CA THR P 74 -42.55 -10.25 -43.31
C THR P 74 -43.72 -9.28 -43.17
N VAL P 75 -44.30 -8.91 -44.31
CA VAL P 75 -45.56 -8.17 -44.35
C VAL P 75 -46.63 -9.15 -44.83
N SER P 76 -47.63 -9.38 -43.98
CA SER P 76 -48.66 -10.36 -44.29
C SER P 76 -49.55 -9.90 -45.44
N SER P 77 -49.91 -8.62 -45.45
CA SER P 77 -50.77 -8.05 -46.49
C SER P 77 -50.21 -6.70 -46.90
N LEU P 78 -49.88 -6.56 -48.17
CA LEU P 78 -49.33 -5.30 -48.67
C LEU P 78 -50.41 -4.24 -48.73
N GLN P 79 -50.04 -3.01 -48.42
CA GLN P 79 -50.92 -1.86 -48.40
C GLN P 79 -50.33 -0.76 -49.27
N PRO P 80 -51.16 0.17 -49.76
CA PRO P 80 -50.62 1.20 -50.67
C PRO P 80 -49.52 2.05 -50.06
N GLU P 81 -49.58 2.34 -48.77
CA GLU P 81 -48.55 3.14 -48.11
C GLU P 81 -47.32 2.34 -47.70
N ASP P 82 -47.34 1.01 -47.92
CA ASP P 82 -46.18 0.16 -47.64
C ASP P 82 -45.34 -0.03 -48.90
N PHE P 83 -44.89 1.08 -49.47
CA PHE P 83 -44.07 1.10 -50.67
C PHE P 83 -42.82 1.97 -50.44
N ALA P 84 -42.16 1.73 -49.32
CA ALA P 84 -40.96 2.44 -48.91
C ALA P 84 -39.77 1.50 -48.88
N THR P 85 -38.58 2.08 -48.73
CA THR P 85 -37.33 1.32 -48.75
C THR P 85 -36.99 0.88 -47.34
N TYR P 86 -37.13 -0.42 -47.07
CA TYR P 86 -36.77 -0.98 -45.79
C TYR P 86 -35.26 -1.14 -45.69
N SER P 87 -34.74 -1.10 -44.46
CA SER P 87 -33.31 -1.18 -44.20
C SER P 87 -33.07 -2.01 -42.94
N CYS P 88 -31.81 -2.32 -42.69
CA CYS P 88 -31.37 -3.07 -41.52
C CYS P 88 -30.47 -2.18 -40.67
N GLN P 89 -30.02 -2.71 -39.53
CA GLN P 89 -29.15 -1.98 -38.63
C GLN P 89 -28.37 -2.98 -37.79
N GLN P 90 -27.16 -2.58 -37.39
CA GLN P 90 -26.33 -3.32 -36.45
C GLN P 90 -26.35 -2.53 -35.14
N CYS P 91 -27.26 -2.89 -34.25
CA CYS P 91 -27.45 -2.18 -32.98
C CYS P 91 -26.78 -2.88 -31.81
N GLY P 92 -25.66 -3.56 -32.06
CA GLY P 92 -24.99 -4.33 -31.03
C GLY P 92 -23.49 -4.10 -30.96
N SER P 93 -22.94 -3.27 -31.86
CA SER P 93 -21.51 -2.96 -31.81
C SER P 93 -21.17 -1.72 -32.63
N VAL P 94 -20.30 -0.89 -32.09
CA VAL P 94 -19.83 0.30 -32.81
C VAL P 94 -18.84 -0.15 -33.89
N PRO P 95 -18.95 0.33 -35.15
CA PRO P 95 -19.95 1.24 -35.73
C PRO P 95 -21.24 0.50 -36.11
N TYR P 96 -22.34 1.24 -36.26
CA TYR P 96 -23.62 0.67 -36.64
C TYR P 96 -23.81 0.87 -38.14
N THR P 97 -23.87 -0.23 -38.89
CA THR P 97 -23.97 -0.21 -40.34
C THR P 97 -25.36 -0.68 -40.75
N PHE P 98 -25.97 0.07 -41.68
CA PHE P 98 -27.29 -0.24 -42.18
C PHE P 98 -27.19 -1.06 -43.47
N GLY P 99 -28.34 -1.53 -43.95
CA GLY P 99 -28.39 -2.31 -45.17
C GLY P 99 -28.38 -1.45 -46.41
N GLN P 100 -28.31 -2.14 -47.57
CA GLN P 100 -28.30 -1.43 -48.84
C GLN P 100 -29.64 -0.76 -49.13
N GLY P 101 -30.73 -1.37 -48.68
CA GLY P 101 -32.06 -0.82 -48.89
C GLY P 101 -32.80 -1.49 -50.03
N THR P 102 -33.92 -2.16 -49.72
CA THR P 102 -34.75 -2.83 -50.71
C THR P 102 -35.96 -1.96 -51.00
N THR P 103 -36.10 -1.54 -52.26
CA THR P 103 -37.20 -0.68 -52.68
C THR P 103 -38.38 -1.53 -53.14
N LEU P 104 -39.56 -1.24 -52.60
CA LEU P 104 -40.76 -1.97 -52.97
C LEU P 104 -41.35 -1.42 -54.27
N GLN Q 1 4.89 54.62 6.52
CA GLN Q 1 5.91 54.75 7.60
C GLN Q 1 6.07 53.41 8.32
N VAL Q 2 7.28 52.86 8.25
CA VAL Q 2 7.63 51.61 8.92
C VAL Q 2 8.89 51.86 9.74
N GLN Q 3 8.86 51.42 11.01
CA GLN Q 3 10.01 51.60 11.89
C GLN Q 3 9.99 50.51 12.95
N LEU Q 4 11.13 50.34 13.62
CA LEU Q 4 11.30 49.36 14.68
C LEU Q 4 11.99 50.02 15.87
N GLN Q 5 11.53 49.67 17.07
CA GLN Q 5 12.08 50.22 18.31
C GLN Q 5 12.45 49.07 19.24
N GLU Q 6 13.65 49.15 19.81
CA GLU Q 6 14.15 48.14 20.74
C GLU Q 6 14.05 48.65 22.17
N SER Q 7 13.66 47.75 23.07
CA SER Q 7 13.53 48.08 24.49
C SER Q 7 14.06 46.92 25.33
N GLY Q 8 14.36 47.22 26.58
CA GLY Q 8 14.86 46.23 27.52
C GLY Q 8 16.02 46.77 28.33
N PRO Q 9 16.58 45.92 29.20
CA PRO Q 9 17.73 46.37 30.01
C PRO Q 9 18.91 46.76 29.13
N GLY Q 10 19.26 48.04 29.19
CA GLY Q 10 20.44 48.52 28.47
C GLY Q 10 21.75 48.21 29.17
N LEU Q 11 21.70 47.74 30.40
CA LEU Q 11 22.89 47.33 31.14
C LEU Q 11 22.48 46.26 32.14
N VAL Q 12 23.14 45.11 32.09
CA VAL Q 12 22.79 43.96 32.92
C VAL Q 12 24.05 43.40 33.56
N LYS Q 13 23.85 42.69 34.67
CA LYS Q 13 24.91 41.95 35.32
C LYS Q 13 25.24 40.71 34.50
N PRO Q 14 26.50 40.54 34.02
CA PRO Q 14 26.81 39.33 33.23
C PRO Q 14 26.39 38.01 33.88
N SER Q 15 26.31 36.96 33.06
CA SER Q 15 26.02 35.59 33.50
C SER Q 15 24.56 35.44 33.94
N GLU Q 16 23.62 36.00 33.15
CA GLU Q 16 22.21 35.70 33.29
C GLU Q 16 21.50 36.13 32.02
N THR Q 17 20.19 35.85 31.97
CA THR Q 17 19.41 36.08 30.76
C THR Q 17 19.38 37.56 30.40
N LEU Q 18 19.48 37.84 29.10
CA LEU Q 18 19.40 39.19 28.56
C LEU Q 18 18.24 39.23 27.57
N SER Q 19 17.25 40.07 27.84
CA SER Q 19 16.02 40.13 27.05
C SER Q 19 15.96 41.45 26.28
N LEU Q 20 15.74 41.35 24.98
CA LEU Q 20 15.57 42.52 24.11
C LEU Q 20 14.27 42.37 23.33
N THR Q 21 13.37 43.35 23.47
CA THR Q 21 12.08 43.32 22.80
C THR Q 21 12.08 44.36 21.69
N CYS Q 22 11.96 43.89 20.44
CA CYS Q 22 11.85 44.76 19.28
C CYS Q 22 10.39 44.78 18.82
N ALA Q 23 9.82 45.97 18.77
CA ALA Q 23 8.44 46.18 18.34
C ALA Q 23 8.44 47.01 17.05
N VAL Q 24 7.61 46.61 16.10
CA VAL Q 24 7.58 47.21 14.77
C VAL Q 24 6.27 47.97 14.62
N TYR Q 25 6.36 49.24 14.25
CA TYR Q 25 5.23 50.07 13.88
C TYR Q 25 5.24 50.20 12.36
N GLY Q 26 4.29 49.56 11.70
CA GLY Q 26 4.29 49.46 10.25
C GLY Q 26 3.87 48.08 9.79
N SER Q 27 4.74 47.41 9.04
CA SER Q 27 4.42 46.08 8.55
C SER Q 27 4.20 45.12 9.71
N SER Q 28 3.25 44.21 9.53
CA SER Q 28 2.83 43.29 10.57
C SER Q 28 3.72 42.05 10.58
N ILE Q 29 4.00 41.55 11.79
CA ILE Q 29 4.79 40.33 11.92
C ILE Q 29 4.02 39.13 11.41
N SER Q 30 2.69 39.11 11.64
CA SER Q 30 1.88 37.95 11.27
C SER Q 30 1.90 37.71 9.77
N GLY Q 31 2.09 38.77 8.98
CA GLY Q 31 2.24 38.57 7.55
C GLY Q 31 3.45 37.71 7.24
N GLY Q 32 3.27 36.77 6.32
CA GLY Q 32 4.31 35.85 5.93
C GLY Q 32 5.28 36.39 4.90
N TYR Q 33 5.22 37.69 4.61
CA TYR Q 33 6.09 38.31 3.61
C TYR Q 33 7.46 38.69 4.16
N PHE Q 34 7.68 38.61 5.47
CA PHE Q 34 8.90 39.12 6.07
C PHE Q 34 9.46 38.16 7.10
N TYR Q 35 10.77 38.26 7.30
CA TYR Q 35 11.49 37.63 8.39
C TYR Q 35 12.09 38.73 9.26
N TRP Q 36 12.24 38.46 10.55
CA TRP Q 36 12.70 39.43 11.53
C TRP Q 36 14.00 38.94 12.15
N HIS Q 37 15.10 39.57 11.77
CA HIS Q 37 16.44 39.16 12.17
C HIS Q 37 16.94 40.02 13.32
N TRP Q 38 18.02 39.56 13.96
CA TRP Q 38 18.57 40.14 15.18
C TRP Q 38 20.06 40.39 15.01
N ILE Q 39 20.42 41.09 13.92
CA ILE Q 39 21.82 41.36 13.62
C ILE Q 39 22.47 42.13 14.76
N ARG Q 40 23.78 41.88 14.96
CA ARG Q 40 24.54 42.44 16.07
C ARG Q 40 25.86 42.98 15.54
N GLN Q 41 26.39 43.99 16.23
CA GLN Q 41 27.68 44.59 15.87
C GLN Q 41 28.40 44.99 17.16
N ALA Q 42 29.52 44.31 17.45
CA ALA Q 42 30.34 44.69 18.58
C ALA Q 42 31.23 45.88 18.23
N PRO Q 43 31.66 46.65 19.23
CA PRO Q 43 32.59 47.76 18.93
C PRO Q 43 33.88 47.25 18.32
N GLY Q 44 34.36 47.98 17.31
CA GLY Q 44 35.58 47.60 16.63
C GLY Q 44 35.50 46.33 15.81
N LYS Q 45 34.29 45.83 15.54
CA LYS Q 45 34.07 44.63 14.76
C LYS Q 45 33.03 44.91 13.69
N GLY Q 46 32.76 43.90 12.86
CA GLY Q 46 31.77 44.00 11.82
C GLY Q 46 30.41 43.48 12.26
N LEU Q 47 29.46 43.56 11.33
CA LEU Q 47 28.11 43.05 11.58
C LEU Q 47 28.16 41.54 11.76
N GLU Q 48 27.35 41.04 12.70
CA GLU Q 48 27.27 39.63 13.00
C GLU Q 48 25.82 39.21 13.16
N TRP Q 49 25.48 38.05 12.61
CA TRP Q 49 24.13 37.52 12.68
C TRP Q 49 23.91 36.74 13.97
N ILE Q 50 22.65 36.69 14.39
CA ILE Q 50 22.25 35.94 15.59
C ILE Q 50 21.17 34.94 15.21
N GLY Q 51 20.09 35.44 14.62
CA GLY Q 51 19.00 34.55 14.24
C GLY Q 51 17.83 35.34 13.69
N ASP Q 52 16.84 34.59 13.21
CA ASP Q 52 15.63 35.17 12.64
C ASP Q 52 14.43 34.34 13.08
N VAL Q 53 13.26 34.98 13.10
CA VAL Q 53 12.01 34.35 13.51
C VAL Q 53 10.95 34.65 12.45
N TYR Q 54 10.17 33.63 12.11
CA TYR Q 54 9.09 33.75 11.14
C TYR Q 54 7.74 33.79 11.86
N PHE Q 55 6.71 34.18 11.10
CA PHE Q 55 5.37 34.30 11.68
C PHE Q 55 4.85 32.94 12.16
N SER Q 56 5.27 31.85 11.52
CA SER Q 56 4.81 30.51 11.86
C SER Q 56 5.76 29.77 12.79
N GLY Q 57 6.77 30.45 13.35
CA GLY Q 57 7.62 29.86 14.36
C GLY Q 57 8.80 29.06 13.84
N THR Q 58 9.06 29.08 12.53
CA THR Q 58 10.23 28.39 11.97
C THR Q 58 11.43 29.32 12.08
N THR Q 59 12.00 29.39 13.28
CA THR Q 59 13.14 30.25 13.56
C THR Q 59 14.44 29.50 13.28
N GLY Q 60 15.48 30.29 12.99
CA GLY Q 60 16.81 29.75 12.79
C GLY Q 60 17.87 30.67 13.36
N TYR Q 61 18.73 30.14 14.24
CA TYR Q 61 19.74 30.94 14.92
C TYR Q 61 21.11 30.69 14.30
N ASN Q 62 22.06 31.53 14.70
CA ASN Q 62 23.42 31.38 14.23
C ASN Q 62 23.99 30.06 14.76
N PRO Q 63 24.80 29.33 13.97
CA PRO Q 63 25.38 28.10 14.51
C PRO Q 63 26.28 28.32 15.72
N SER Q 64 26.94 29.48 15.80
CA SER Q 64 27.78 29.77 16.96
C SER Q 64 26.94 29.88 18.23
N LEU Q 65 25.78 30.52 18.15
CA LEU Q 65 24.92 30.77 19.31
C LEU Q 65 23.64 29.94 19.26
N LYS Q 66 23.69 28.75 18.66
CA LYS Q 66 22.50 27.92 18.57
C LYS Q 66 22.02 27.43 19.93
N ARG Q 67 22.86 27.49 20.96
CA ARG Q 67 22.52 26.99 22.28
C ARG Q 67 22.15 28.09 23.27
N ARG Q 68 22.73 29.28 23.13
CA ARG Q 68 22.60 30.34 24.12
C ARG Q 68 21.51 31.35 23.79
N VAL Q 69 20.75 31.16 22.71
CA VAL Q 69 19.81 32.15 22.23
C VAL Q 69 18.44 31.53 22.03
N ARG Q 70 17.40 32.36 22.19
CA ARG Q 70 16.03 31.94 21.93
C ARG Q 70 15.25 33.14 21.43
N ILE Q 71 14.69 33.02 20.23
CA ILE Q 71 13.93 34.10 19.59
C ILE Q 71 12.46 33.70 19.56
N SER Q 72 11.60 34.57 20.08
CA SER Q 72 10.17 34.37 20.08
C SER Q 72 9.50 35.55 19.40
N ALA Q 73 8.25 35.35 18.95
CA ALA Q 73 7.52 36.40 18.26
C ALA Q 73 6.05 36.26 18.61
N ASP Q 74 5.46 37.33 19.15
CA ASP Q 74 4.03 37.40 19.44
C ASP Q 74 3.38 38.30 18.41
N THR Q 75 2.39 37.75 17.69
CA THR Q 75 1.72 38.49 16.63
C THR Q 75 0.55 39.30 17.16
N SER Q 76 -0.06 38.87 18.26
CA SER Q 76 -1.17 39.63 18.85
C SER Q 76 -0.68 41.01 19.28
N LYS Q 77 0.44 41.07 19.99
CA LYS Q 77 1.06 42.34 20.35
C LYS Q 77 1.95 42.88 19.24
N ASN Q 78 2.27 42.07 18.23
CA ASN Q 78 3.01 42.54 17.05
C ASN Q 78 4.43 42.97 17.43
N GLN Q 79 5.14 42.08 18.14
CA GLN Q 79 6.52 42.35 18.52
C GLN Q 79 7.23 41.03 18.77
N PHE Q 80 8.55 41.06 18.69
CA PHE Q 80 9.36 39.86 18.91
C PHE Q 80 10.43 40.14 19.95
N SER Q 81 10.96 39.05 20.51
CA SER Q 81 11.87 39.12 21.66
C SER Q 81 13.04 38.17 21.44
N LEU Q 82 14.21 38.60 21.90
CA LEU Q 82 15.43 37.82 21.87
C LEU Q 82 15.91 37.63 23.30
N ASN Q 83 16.15 36.37 23.69
CA ASN Q 83 16.66 36.02 25.01
C ASN Q 83 18.02 35.36 24.82
N LEU Q 84 19.07 36.04 25.25
CA LEU Q 84 20.45 35.55 25.18
C LEU Q 84 20.86 35.14 26.58
N ARG Q 85 21.04 33.85 26.80
CA ARG Q 85 21.34 33.30 28.11
C ARG Q 85 22.85 33.17 28.31
N SER Q 86 23.27 33.38 29.56
CA SER Q 86 24.68 33.25 29.95
C SER Q 86 25.57 34.12 29.07
N VAL Q 87 25.25 35.41 28.99
CA VAL Q 87 26.04 36.35 28.21
C VAL Q 87 27.37 36.58 28.91
N THR Q 88 28.46 36.55 28.13
CA THR Q 88 29.81 36.72 28.63
C THR Q 88 30.23 38.17 28.47
N ALA Q 89 31.50 38.46 28.81
CA ALA Q 89 32.02 39.81 28.69
C ALA Q 89 32.12 40.27 27.24
N ALA Q 90 32.14 39.35 26.27
CA ALA Q 90 32.24 39.69 24.87
C ALA Q 90 30.88 39.91 24.22
N ASP Q 91 29.84 40.18 25.01
CA ASP Q 91 28.49 40.41 24.51
C ASP Q 91 28.10 41.90 24.53
N THR Q 92 29.08 42.80 24.63
CA THR Q 92 28.82 44.23 24.56
C THR Q 92 28.77 44.63 23.10
N ALA Q 93 27.58 44.91 22.59
CA ALA Q 93 27.41 45.15 21.16
C ALA Q 93 26.11 45.91 20.93
N VAL Q 94 25.98 46.45 19.73
CA VAL Q 94 24.76 47.13 19.29
C VAL Q 94 23.84 46.08 18.68
N TYR Q 95 22.66 45.90 19.27
CA TYR Q 95 21.73 44.84 18.89
C TYR Q 95 20.66 45.44 17.99
N PHE Q 96 20.85 45.30 16.68
CA PHE Q 96 19.84 45.72 15.72
C PHE Q 96 18.83 44.60 15.49
N CYS Q 97 17.57 45.01 15.28
CA CYS Q 97 16.52 44.11 14.80
C CYS Q 97 16.11 44.61 13.41
N ALA Q 98 16.22 43.73 12.42
CA ALA Q 98 16.08 44.12 11.02
C ALA Q 98 14.96 43.32 10.35
N ARG Q 99 14.44 43.89 9.28
CA ARG Q 99 13.43 43.25 8.44
C ARG Q 99 14.10 42.60 7.24
N ASP Q 100 13.45 41.58 6.69
CA ASP Q 100 13.98 40.85 5.54
C ASP Q 100 12.84 40.39 4.64
N PRO Q 101 12.79 40.79 3.33
CA PRO Q 101 11.77 40.24 2.42
C PRO Q 101 12.08 38.84 1.88
N ARG Q 102 12.48 37.94 2.78
CA ARG Q 102 12.75 36.56 2.35
C ARG Q 102 11.46 35.88 1.91
N GLY Q 103 10.41 35.97 2.74
CA GLY Q 103 9.10 35.58 2.27
C GLY Q 103 8.66 36.42 1.10
N GLY Q 104 7.92 35.81 0.18
CA GLY Q 104 7.70 36.48 -1.08
C GLY Q 104 8.98 36.49 -1.89
N GLY Q 105 9.35 35.33 -2.43
CA GLY Q 105 10.68 35.08 -2.95
C GLY Q 105 11.12 35.87 -4.18
N TRP Q 106 10.43 36.96 -4.50
CA TRP Q 106 10.89 37.93 -5.49
C TRP Q 106 12.39 38.17 -5.40
N VAL Q 107 12.90 38.34 -4.19
CA VAL Q 107 14.32 38.65 -3.97
C VAL Q 107 14.84 37.73 -2.87
N PRO Q 108 16.17 37.50 -2.83
CA PRO Q 108 16.74 36.71 -1.73
C PRO Q 108 16.79 37.53 -0.44
N ASN Q 109 17.42 36.99 0.61
CA ASN Q 109 17.54 37.72 1.86
C ASN Q 109 18.20 39.07 1.63
N ARG Q 110 17.56 40.12 2.13
CA ARG Q 110 18.00 41.49 1.83
C ARG Q 110 17.47 42.39 2.95
N PHE Q 111 18.35 42.75 3.88
CA PHE Q 111 17.97 43.63 4.98
C PHE Q 111 17.88 45.06 4.44
N ASP Q 112 16.66 45.58 4.36
CA ASP Q 112 16.40 46.89 3.78
C ASP Q 112 16.16 47.97 4.83
N VAL Q 113 15.40 47.66 5.88
CA VAL Q 113 15.10 48.60 6.95
C VAL Q 113 15.64 48.02 8.26
N TRP Q 114 16.25 48.88 9.06
CA TRP Q 114 16.90 48.48 10.31
C TRP Q 114 16.29 49.26 11.48
N GLY Q 115 16.49 48.75 12.68
CA GLY Q 115 16.05 49.43 13.87
C GLY Q 115 16.96 50.58 14.25
N ALA Q 116 16.54 51.32 15.29
CA ALA Q 116 17.34 52.44 15.75
C ALA Q 116 18.70 51.98 16.26
N GLY Q 117 18.71 50.89 17.03
CA GLY Q 117 19.96 50.32 17.53
C GLY Q 117 20.19 50.60 19.00
N VAL Q 118 19.91 49.61 19.85
CA VAL Q 118 20.17 49.75 21.28
C VAL Q 118 21.65 49.48 21.54
N LEU Q 119 22.11 49.89 22.73
CA LEU Q 119 23.52 49.84 23.09
C LEU Q 119 23.71 49.02 24.36
N VAL Q 120 23.16 47.80 24.36
CA VAL Q 120 23.32 46.91 25.50
C VAL Q 120 24.80 46.69 25.78
N THR Q 121 25.19 46.81 27.04
CA THR Q 121 26.55 46.56 27.51
C THR Q 121 26.50 45.62 28.70
N VAL Q 122 27.54 44.80 28.83
CA VAL Q 122 27.58 43.79 29.87
C VAL Q 122 29.03 43.48 30.24
N ASP R 1 29.77 28.21 6.65
CA ASP R 1 30.16 29.52 7.22
C ASP R 1 31.18 30.23 6.32
N ILE R 2 30.69 30.83 5.24
CA ILE R 2 31.55 31.53 4.31
C ILE R 2 32.11 32.77 4.99
N GLN R 3 33.43 32.98 4.87
CA GLN R 3 34.11 34.11 5.48
C GLN R 3 34.36 35.17 4.42
N MET R 4 33.80 36.37 4.64
CA MET R 4 33.98 37.49 3.73
C MET R 4 35.19 38.31 4.14
N THR R 5 35.90 38.84 3.15
CA THR R 5 37.03 39.73 3.37
C THR R 5 36.89 40.93 2.46
N GLN R 6 37.34 42.09 2.96
CA GLN R 6 37.23 43.35 2.23
C GLN R 6 38.60 43.99 2.13
N SER R 7 38.88 44.61 0.98
CA SER R 7 40.14 45.30 0.74
C SER R 7 39.84 46.63 0.05
N PRO R 8 40.41 47.76 0.50
CA PRO R 8 41.27 47.96 1.68
C PRO R 8 40.47 47.98 2.97
N SER R 9 41.07 47.59 4.10
CA SER R 9 40.37 47.63 5.38
C SER R 9 40.08 49.05 5.84
N SER R 10 40.86 50.03 5.36
CA SER R 10 40.62 51.43 5.70
C SER R 10 41.39 52.29 4.72
N LEU R 11 40.70 53.24 4.09
CA LEU R 11 41.28 54.09 3.07
C LEU R 11 40.87 55.54 3.31
N SER R 12 41.69 56.45 2.79
CA SER R 12 41.43 57.88 2.85
C SER R 12 41.42 58.44 1.43
N ALA R 13 40.38 59.21 1.10
CA ALA R 13 40.22 59.78 -0.23
C ALA R 13 39.70 61.20 -0.09
N SER R 14 39.41 61.83 -1.23
CA SER R 14 38.95 63.21 -1.28
C SER R 14 37.66 63.30 -2.07
N VAL R 15 36.97 64.42 -1.91
CA VAL R 15 35.69 64.62 -2.59
C VAL R 15 35.90 64.61 -4.10
N GLY R 16 34.95 64.02 -4.81
CA GLY R 16 35.01 63.95 -6.26
C GLY R 16 36.13 63.11 -6.80
N ASP R 17 36.37 61.94 -6.19
CA ASP R 17 37.41 61.02 -6.62
C ASP R 17 36.82 59.63 -6.79
N ARG R 18 37.29 58.90 -7.81
CA ARG R 18 36.85 57.55 -8.05
C ARG R 18 37.51 56.62 -7.03
N VAL R 19 36.68 55.85 -6.31
CA VAL R 19 37.17 54.91 -5.31
C VAL R 19 36.52 53.56 -5.55
N THR R 20 37.22 52.50 -5.12
CA THR R 20 36.78 51.13 -5.32
C THR R 20 37.14 50.29 -4.11
N ILE R 21 36.20 49.46 -3.66
CA ILE R 21 36.41 48.54 -2.55
C ILE R 21 36.01 47.15 -3.02
N THR R 22 36.90 46.18 -2.84
CA THR R 22 36.70 44.83 -3.34
C THR R 22 36.39 43.87 -2.18
N CYS R 23 35.53 42.90 -2.47
CA CYS R 23 35.12 41.87 -1.52
C CYS R 23 35.41 40.49 -2.09
N ARG R 24 35.89 39.61 -1.23
CA ARG R 24 36.25 38.24 -1.59
C ARG R 24 35.59 37.27 -0.63
N ALA R 25 35.09 36.16 -1.18
CA ALA R 25 34.45 35.11 -0.42
C ALA R 25 35.26 33.83 -0.52
N SER R 26 35.30 33.08 0.58
CA SER R 26 36.06 31.82 0.58
C SER R 26 35.48 30.84 -0.43
N GLN R 27 34.16 30.72 -0.48
CA GLN R 27 33.47 29.85 -1.43
C GLN R 27 32.90 30.68 -2.57
N ASP R 28 32.21 30.00 -3.49
CA ASP R 28 31.56 30.64 -4.62
C ASP R 28 30.10 30.90 -4.25
N ILE R 29 29.76 32.18 -4.09
CA ILE R 29 28.42 32.58 -3.68
C ILE R 29 27.55 32.97 -4.88
N SER R 30 28.02 32.76 -6.10
CA SER R 30 27.30 33.12 -7.32
C SER R 30 27.04 34.62 -7.29
N SER R 31 25.80 35.09 -7.29
CA SER R 31 25.46 36.50 -7.11
C SER R 31 24.47 36.59 -5.95
N PHE R 32 25.02 36.71 -4.74
CA PHE R 32 24.23 36.86 -3.52
C PHE R 32 24.96 37.77 -2.54
N LEU R 33 25.56 38.85 -3.06
CA LEU R 33 26.30 39.81 -2.25
C LEU R 33 25.56 41.15 -2.29
N ASN R 34 25.28 41.69 -1.11
CA ASN R 34 24.63 42.98 -0.95
C ASN R 34 25.53 43.88 -0.12
N TRP R 35 25.76 45.10 -0.61
CA TRP R 35 26.59 46.07 0.11
C TRP R 35 25.74 46.88 1.06
N TYR R 36 26.27 47.09 2.26
CA TYR R 36 25.61 47.85 3.31
C TYR R 36 26.51 49.01 3.74
N GLN R 37 25.89 50.16 3.96
CA GLN R 37 26.58 51.36 4.44
C GLN R 37 26.02 51.72 5.80
N GLN R 38 26.90 51.79 6.81
CA GLN R 38 26.54 52.23 8.15
C GLN R 38 27.27 53.55 8.40
N LYS R 39 26.51 54.64 8.36
CA LYS R 39 27.01 55.92 8.81
C LYS R 39 27.20 55.88 10.33
N PRO R 40 28.25 56.49 10.88
CA PRO R 40 28.41 56.46 12.33
C PRO R 40 27.24 57.08 13.05
N GLY R 41 26.82 56.44 14.14
CA GLY R 41 25.73 56.94 14.97
C GLY R 41 24.43 56.18 14.80
N LYS R 42 24.09 55.80 13.58
CA LYS R 42 22.82 55.14 13.26
C LYS R 42 23.09 53.80 12.58
N ALA R 43 21.99 53.11 12.23
CA ALA R 43 22.05 51.74 11.77
C ALA R 43 22.48 51.64 10.31
N PRO R 44 22.91 50.45 9.87
CA PRO R 44 23.25 50.28 8.45
C PRO R 44 22.06 50.53 7.53
N LYS R 45 22.36 50.99 6.32
CA LYS R 45 21.37 51.27 5.29
C LYS R 45 21.77 50.54 4.01
N LEU R 46 20.81 49.85 3.40
CA LEU R 46 21.09 49.06 2.21
C LEU R 46 21.42 49.97 1.03
N LEU R 47 22.48 49.62 0.30
CA LEU R 47 22.89 50.35 -0.90
C LEU R 47 22.71 49.51 -2.17
N ILE R 48 23.36 48.35 -2.24
CA ILE R 48 23.36 47.50 -3.43
C ILE R 48 22.85 46.12 -3.04
N SER R 49 22.06 45.52 -3.92
CA SER R 49 21.57 44.17 -3.74
C SER R 49 21.77 43.40 -5.04
N SER R 50 21.99 42.08 -4.89
CA SER R 50 22.19 41.19 -6.04
C SER R 50 23.36 41.66 -6.91
N VAL R 51 24.45 42.05 -6.25
CA VAL R 51 25.71 42.40 -6.92
C VAL R 51 25.57 43.71 -7.69
N ASN R 52 24.71 43.74 -8.70
CA ASN R 52 24.60 44.89 -9.60
C ASN R 52 23.32 45.69 -9.43
N ARG R 53 22.21 45.06 -9.02
CA ARG R 53 20.94 45.77 -8.94
C ARG R 53 21.02 46.85 -7.85
N LEU R 54 20.79 48.10 -8.26
CA LEU R 54 20.81 49.22 -7.34
C LEU R 54 19.43 49.42 -6.74
N GLU R 55 19.33 49.34 -5.41
CA GLU R 55 18.05 49.52 -4.75
C GLU R 55 17.58 50.95 -4.88
N SER R 56 16.27 51.12 -5.08
CA SER R 56 15.72 52.46 -5.29
C SER R 56 15.91 53.33 -4.05
N GLY R 57 16.18 54.60 -4.28
CA GLY R 57 16.37 55.56 -3.21
C GLY R 57 17.80 55.96 -2.94
N VAL R 58 18.73 55.64 -3.84
CA VAL R 58 20.14 56.01 -3.67
C VAL R 58 20.61 56.69 -4.94
N PRO R 59 21.67 57.50 -4.86
CA PRO R 59 22.22 58.10 -6.08
C PRO R 59 22.81 57.04 -7.00
N SER R 60 22.82 57.36 -8.30
CA SER R 60 23.37 56.46 -9.30
C SER R 60 24.89 56.38 -9.28
N ARG R 61 25.56 57.18 -8.46
CA ARG R 61 27.02 57.14 -8.40
C ARG R 61 27.52 55.76 -7.98
N PHE R 62 26.89 55.18 -6.96
CA PHE R 62 27.28 53.85 -6.51
C PHE R 62 27.07 52.83 -7.62
N SER R 63 28.01 51.89 -7.75
CA SER R 63 27.87 50.82 -8.71
C SER R 63 28.51 49.56 -8.14
N GLY R 64 28.01 48.41 -8.60
CA GLY R 64 28.56 47.13 -8.18
C GLY R 64 28.83 46.26 -9.39
N SER R 65 29.88 45.46 -9.28
CA SER R 65 30.28 44.57 -10.36
C SER R 65 31.01 43.37 -9.78
N GLY R 66 31.27 42.39 -10.64
CA GLY R 66 31.96 41.17 -10.27
C GLY R 66 31.00 39.98 -10.18
N SER R 67 31.57 38.85 -9.82
CA SER R 67 30.83 37.59 -9.71
C SER R 67 31.75 36.58 -9.05
N GLY R 68 31.25 35.35 -8.91
CA GLY R 68 32.05 34.27 -8.36
C GLY R 68 32.49 34.59 -6.94
N THR R 69 33.81 34.58 -6.72
CA THR R 69 34.41 34.90 -5.43
C THR R 69 35.04 36.28 -5.41
N GLU R 70 34.72 37.14 -6.37
CA GLU R 70 35.31 38.47 -6.46
C GLU R 70 34.23 39.47 -6.83
N PHE R 71 33.93 40.40 -5.91
CA PHE R 71 32.95 41.45 -6.14
C PHE R 71 33.60 42.79 -5.82
N THR R 72 32.96 43.87 -6.28
CA THR R 72 33.55 45.18 -6.09
C THR R 72 32.46 46.25 -6.14
N LEU R 73 32.60 47.25 -5.26
CA LEU R 73 31.74 48.42 -5.23
C LEU R 73 32.58 49.64 -5.59
N THR R 74 32.08 50.43 -6.54
CA THR R 74 32.79 51.58 -7.08
C THR R 74 31.93 52.83 -6.91
N VAL R 75 32.57 53.91 -6.47
CA VAL R 75 31.96 55.25 -6.43
C VAL R 75 32.72 56.11 -7.42
N SER R 76 31.99 56.64 -8.41
CA SER R 76 32.62 57.44 -9.45
C SER R 76 33.07 58.80 -8.92
N SER R 77 32.24 59.43 -8.10
CA SER R 77 32.54 60.76 -7.55
C SER R 77 32.22 60.73 -6.07
N LEU R 78 33.27 60.82 -5.24
CA LEU R 78 33.08 60.86 -3.79
C LEU R 78 32.33 62.12 -3.41
N GLN R 79 31.37 61.98 -2.51
CA GLN R 79 30.51 63.06 -2.04
C GLN R 79 30.67 63.23 -0.53
N PRO R 80 30.37 64.42 0.01
CA PRO R 80 30.62 64.64 1.44
C PRO R 80 29.86 63.69 2.35
N GLU R 81 28.67 63.23 1.97
CA GLU R 81 27.92 62.28 2.78
C GLU R 81 28.37 60.83 2.57
N ASP R 82 29.31 60.58 1.66
CA ASP R 82 29.83 59.23 1.43
C ASP R 82 31.04 58.96 2.31
N PHE R 83 30.83 59.08 3.62
CA PHE R 83 31.84 58.79 4.64
C PHE R 83 31.20 57.87 5.67
N ALA R 84 31.24 56.57 5.40
CA ALA R 84 30.58 55.58 6.25
C ALA R 84 31.30 54.26 6.10
N THR R 85 30.90 53.28 6.92
CA THR R 85 31.52 51.96 6.90
C THR R 85 30.77 51.07 5.91
N TYR R 86 31.50 50.51 4.95
CA TYR R 86 30.93 49.69 3.89
C TYR R 86 31.22 48.21 4.15
N SER R 87 30.19 47.39 4.15
CA SER R 87 30.29 45.97 4.46
C SER R 87 29.59 45.15 3.38
N CYS R 88 29.93 43.87 3.32
CA CYS R 88 29.35 42.93 2.37
C CYS R 88 28.29 42.08 3.06
N GLN R 89 27.71 41.14 2.30
CA GLN R 89 26.71 40.23 2.82
C GLN R 89 26.82 38.91 2.09
N GLN R 90 26.34 37.85 2.75
CA GLN R 90 26.37 36.48 2.23
C GLN R 90 24.95 35.92 2.24
N CYS R 91 24.04 36.66 1.60
CA CYS R 91 22.63 36.27 1.58
C CYS R 91 22.37 35.16 0.56
N GLY R 92 23.08 34.04 0.69
CA GLY R 92 22.88 32.87 -0.15
C GLY R 92 22.72 31.59 0.64
N SER R 93 23.16 31.59 1.90
CA SER R 93 23.10 30.39 2.72
C SER R 93 23.25 30.77 4.19
N VAL R 94 22.47 30.12 5.04
CA VAL R 94 22.56 30.37 6.48
C VAL R 94 23.89 29.84 6.99
N PRO R 95 24.64 30.59 7.84
CA PRO R 95 24.41 31.95 8.35
C PRO R 95 24.80 33.03 7.34
N TYR R 96 24.23 34.23 7.47
CA TYR R 96 24.55 35.35 6.59
C TYR R 96 25.63 36.18 7.27
N THR R 97 26.88 35.91 6.91
CA THR R 97 28.02 36.59 7.51
C THR R 97 28.38 37.84 6.71
N PHE R 98 28.67 38.92 7.43
CA PHE R 98 29.06 40.18 6.84
C PHE R 98 30.58 40.33 6.83
N GLY R 99 31.05 41.39 6.17
CA GLY R 99 32.46 41.67 6.10
C GLY R 99 32.96 42.43 7.33
N GLN R 100 34.27 42.66 7.35
CA GLN R 100 34.87 43.39 8.46
C GLN R 100 34.45 44.86 8.46
N GLY R 101 34.26 45.44 7.28
CA GLY R 101 33.83 46.83 7.18
C GLY R 101 34.98 47.78 6.93
N THR R 102 34.95 48.48 5.80
CA THR R 102 35.97 49.48 5.45
C THR R 102 35.45 50.85 5.84
N THR R 103 36.18 51.54 6.71
CA THR R 103 35.76 52.83 7.24
C THR R 103 36.59 53.94 6.60
N LEU R 104 35.91 54.95 6.07
CA LEU R 104 36.58 56.12 5.53
C LEU R 104 37.09 57.00 6.67
N GLU R 105 38.29 57.55 6.49
CA GLU R 105 38.91 58.34 7.53
C GLU R 105 39.84 59.37 6.88
N ILE R 106 39.91 60.55 7.48
CA ILE R 106 40.74 61.65 6.99
C ILE R 106 41.98 61.70 7.88
N LYS R 107 43.15 61.58 7.27
CA LYS R 107 44.42 61.67 7.98
C LYS R 107 44.90 63.11 8.05
N ALA S 1 9.32 -2.90 27.00
CA ALA S 1 10.13 -1.69 27.16
C ALA S 1 11.36 -1.74 26.25
N GLU S 2 12.02 -2.90 26.21
CA GLU S 2 13.19 -3.05 25.36
C GLU S 2 12.83 -2.87 23.89
N ASN S 3 11.70 -3.45 23.47
CA ASN S 3 11.20 -3.38 22.09
C ASN S 3 12.30 -3.64 21.06
N LEU S 4 13.19 -4.59 21.38
CA LEU S 4 14.26 -5.01 20.49
C LEU S 4 13.84 -6.28 19.77
N TRP S 5 14.23 -6.39 18.50
CA TRP S 5 13.83 -7.51 17.65
C TRP S 5 15.05 -8.07 16.94
N VAL S 6 15.05 -9.38 16.72
CA VAL S 6 16.18 -10.06 16.11
C VAL S 6 16.19 -9.75 14.62
N THR S 7 17.40 -9.57 14.07
CA THR S 7 17.60 -9.28 12.66
C THR S 7 18.75 -10.14 12.15
N VAL S 8 18.61 -10.63 10.92
CA VAL S 8 19.57 -11.56 10.33
C VAL S 8 20.41 -10.81 9.30
N TYR S 9 21.73 -10.98 9.38
CA TYR S 9 22.68 -10.39 8.45
C TYR S 9 23.42 -11.50 7.72
N TYR S 10 23.50 -11.38 6.41
CA TYR S 10 24.23 -12.30 5.55
C TYR S 10 25.50 -11.63 5.05
N GLY S 11 26.49 -12.46 4.72
CA GLY S 11 27.78 -11.93 4.33
C GLY S 11 28.56 -11.31 5.47
N VAL S 12 28.27 -11.72 6.70
CA VAL S 12 28.90 -11.10 7.87
C VAL S 12 30.38 -11.50 7.92
N PRO S 13 31.30 -10.62 8.35
CA PRO S 13 32.72 -11.04 8.45
C PRO S 13 33.02 -11.77 9.76
N VAL S 14 32.60 -13.03 9.82
CA VAL S 14 32.85 -13.91 10.96
C VAL S 14 33.43 -15.20 10.43
N TRP S 15 34.51 -15.68 11.07
CA TRP S 15 35.19 -16.89 10.66
C TRP S 15 35.47 -17.78 11.85
N LYS S 16 35.65 -19.07 11.57
CA LYS S 16 36.01 -20.05 12.58
C LYS S 16 37.12 -20.95 12.04
N ASP S 17 37.97 -21.44 12.93
CA ASP S 17 39.05 -22.32 12.52
C ASP S 17 38.49 -23.63 11.97
N ALA S 18 39.02 -24.06 10.83
CA ALA S 18 38.53 -25.26 10.17
C ALA S 18 39.63 -25.81 9.26
N GLU S 19 39.47 -27.07 8.87
CA GLU S 19 40.40 -27.76 7.98
C GLU S 19 39.66 -28.15 6.72
N THR S 20 40.28 -27.89 5.57
CA THR S 20 39.69 -28.22 4.27
C THR S 20 40.79 -28.73 3.36
N THR S 21 40.48 -28.85 2.07
CA THR S 21 41.40 -29.37 1.06
C THR S 21 41.84 -28.22 0.16
N LEU S 22 43.09 -27.81 0.30
CA LEU S 22 43.67 -26.79 -0.57
C LEU S 22 44.15 -27.44 -1.87
N PHE S 23 44.26 -26.61 -2.91
CA PHE S 23 44.64 -27.08 -4.24
C PHE S 23 45.80 -26.23 -4.77
N CYS S 24 46.29 -26.62 -5.95
CA CYS S 24 47.49 -26.03 -6.50
C CYS S 24 47.26 -24.60 -6.97
N ALA S 25 48.37 -23.87 -7.13
CA ALA S 25 48.42 -22.69 -7.99
C ALA S 25 49.88 -22.49 -8.38
N SER S 26 50.22 -22.86 -9.60
CA SER S 26 51.59 -22.78 -10.11
C SER S 26 51.60 -22.01 -11.43
N ASP S 27 52.73 -21.35 -11.69
CA ASP S 27 52.89 -20.56 -12.90
C ASP S 27 54.25 -20.82 -13.54
N HIS S 36 58.36 -30.93 -18.46
CA HIS S 36 57.94 -31.97 -17.52
C HIS S 36 58.77 -31.92 -16.25
N ASN S 37 58.13 -32.22 -15.11
CA ASN S 37 58.81 -32.21 -13.83
C ASN S 37 58.06 -33.14 -12.89
N VAL S 38 58.73 -33.53 -11.80
CA VAL S 38 58.13 -34.45 -10.84
C VAL S 38 56.90 -33.84 -10.20
N TRP S 39 56.98 -32.56 -9.83
CA TRP S 39 55.84 -31.83 -9.27
C TRP S 39 55.01 -31.34 -10.45
N ALA S 40 54.15 -32.24 -10.95
CA ALA S 40 53.43 -32.02 -12.20
C ALA S 40 52.57 -30.76 -12.16
N THR S 41 52.94 -29.76 -12.97
CA THR S 41 52.14 -28.55 -13.09
C THR S 41 50.92 -28.75 -13.98
N HIS S 42 50.87 -29.83 -14.76
CA HIS S 42 49.70 -30.09 -15.60
C HIS S 42 48.45 -30.31 -14.77
N ALA S 43 48.57 -31.05 -13.66
CA ALA S 43 47.46 -31.30 -12.75
C ALA S 43 47.35 -30.24 -11.66
N CYS S 44 47.90 -29.04 -11.91
CA CYS S 44 47.88 -27.94 -10.96
C CYS S 44 47.36 -26.70 -11.65
N VAL S 45 46.54 -25.93 -10.95
CA VAL S 45 45.82 -24.80 -11.53
C VAL S 45 46.81 -23.69 -11.87
N PRO S 46 46.59 -22.90 -12.93
CA PRO S 46 47.42 -21.72 -13.14
C PRO S 46 47.15 -20.65 -12.09
N THR S 47 48.15 -19.80 -11.89
CA THR S 47 48.09 -18.72 -10.92
C THR S 47 47.85 -17.39 -11.61
N ASP S 48 47.12 -16.50 -10.93
CA ASP S 48 46.95 -15.15 -11.43
C ASP S 48 48.28 -14.39 -11.32
N PRO S 49 48.59 -13.50 -12.26
CA PRO S 49 49.86 -12.77 -12.18
C PRO S 49 49.84 -11.55 -11.27
N ASN S 50 48.72 -11.28 -10.58
CA ASN S 50 48.61 -10.17 -9.63
C ASN S 50 48.02 -10.71 -8.33
N PRO S 51 48.86 -11.30 -7.46
CA PRO S 51 48.35 -11.76 -6.16
C PRO S 51 47.81 -10.59 -5.35
N GLN S 52 46.72 -10.85 -4.63
CA GLN S 52 45.99 -9.82 -3.90
C GLN S 52 46.02 -10.14 -2.41
N GLU S 53 46.32 -9.13 -1.60
CA GLU S 53 46.37 -9.27 -0.15
C GLU S 53 45.54 -8.15 0.48
N ILE S 54 44.64 -8.52 1.39
CA ILE S 54 43.77 -7.57 2.08
C ILE S 54 44.22 -7.52 3.53
N HIS S 55 44.76 -6.38 3.95
CA HIS S 55 45.41 -6.26 5.25
C HIS S 55 44.35 -5.91 6.30
N LEU S 56 43.97 -6.89 7.11
CA LEU S 56 42.97 -6.67 8.15
C LEU S 56 43.59 -5.91 9.31
N GLU S 57 42.83 -4.97 9.86
CA GLU S 57 43.33 -4.04 10.88
C GLU S 57 42.55 -4.20 12.17
N ASN S 58 43.25 -4.06 13.30
CA ASN S 58 42.65 -4.14 14.62
C ASN S 58 41.98 -5.50 14.85
N VAL S 59 42.60 -6.55 14.31
CA VAL S 59 42.15 -7.92 14.52
C VAL S 59 43.35 -8.75 14.95
N THR S 60 43.17 -9.55 16.00
CA THR S 60 44.21 -10.44 16.51
C THR S 60 43.72 -11.87 16.40
N GLU S 61 44.55 -12.73 15.81
CA GLU S 61 44.17 -14.11 15.53
C GLU S 61 45.13 -15.06 16.23
N GLU S 62 44.60 -16.13 16.81
CA GLU S 62 45.39 -17.11 17.55
C GLU S 62 46.00 -18.08 16.55
N PHE S 63 47.28 -17.89 16.24
CA PHE S 63 48.01 -18.78 15.34
C PHE S 63 48.71 -19.87 16.13
N ASN S 64 48.88 -21.02 15.48
CA ASN S 64 49.56 -22.16 16.10
C ASN S 64 50.18 -22.99 14.98
N MET S 65 51.50 -22.88 14.82
CA MET S 65 52.19 -23.63 13.78
C MET S 65 52.10 -25.13 14.01
N TRP S 66 52.12 -25.56 15.28
CA TRP S 66 52.22 -26.97 15.61
C TRP S 66 50.91 -27.73 15.48
N LYS S 67 49.79 -27.04 15.26
CA LYS S 67 48.49 -27.67 15.05
C LYS S 67 47.89 -27.19 13.73
N ASN S 68 48.71 -27.14 12.69
CA ASN S 68 48.28 -26.70 11.36
C ASN S 68 48.08 -27.92 10.47
N ASN S 69 46.89 -28.01 9.86
CA ASN S 69 46.59 -29.10 8.94
C ASN S 69 47.21 -28.88 7.56
N MET S 70 47.65 -27.65 7.25
CA MET S 70 48.21 -27.38 5.94
C MET S 70 49.47 -28.20 5.70
N VAL S 71 50.34 -28.31 6.71
CA VAL S 71 51.58 -29.06 6.54
C VAL S 71 51.27 -30.53 6.29
N GLU S 72 50.32 -31.10 7.03
CA GLU S 72 49.95 -32.49 6.81
C GLU S 72 49.39 -32.71 5.41
N GLN S 73 48.48 -31.82 4.98
CA GLN S 73 47.89 -31.97 3.66
C GLN S 73 48.96 -31.85 2.57
N MET S 74 49.89 -30.90 2.70
CA MET S 74 50.86 -30.70 1.64
C MET S 74 51.91 -31.81 1.65
N HIS S 75 52.21 -32.37 2.82
CA HIS S 75 53.07 -33.56 2.87
C HIS S 75 52.41 -34.73 2.14
N THR S 76 51.12 -34.95 2.40
CA THR S 76 50.39 -36.01 1.69
C THR S 76 50.36 -35.75 0.20
N ASP S 77 50.13 -34.50 -0.21
CA ASP S 77 50.09 -34.17 -1.62
C ASP S 77 51.45 -34.40 -2.27
N ILE S 78 52.53 -34.05 -1.58
CA ILE S 78 53.87 -34.26 -2.12
C ILE S 78 54.15 -35.74 -2.29
N ILE S 79 53.79 -36.55 -1.29
CA ILE S 79 54.00 -38.00 -1.40
C ILE S 79 53.21 -38.56 -2.57
N SER S 80 51.94 -38.14 -2.70
CA SER S 80 51.12 -38.63 -3.80
C SER S 80 51.67 -38.21 -5.15
N LEU S 81 52.16 -36.98 -5.25
CA LEU S 81 52.74 -36.50 -6.50
C LEU S 81 53.97 -37.32 -6.87
N TRP S 82 54.83 -37.61 -5.89
CA TRP S 82 56.01 -38.42 -6.16
C TRP S 82 55.63 -39.81 -6.63
N ASP S 83 54.67 -40.44 -5.93
CA ASP S 83 54.25 -41.79 -6.30
C ASP S 83 53.63 -41.83 -7.69
N GLN S 84 52.83 -40.81 -8.02
CA GLN S 84 52.23 -40.76 -9.35
C GLN S 84 53.30 -40.50 -10.42
N SER S 85 54.30 -39.68 -10.10
CA SER S 85 55.35 -39.39 -11.07
C SER S 85 56.19 -40.61 -11.37
N LEU S 86 56.43 -41.46 -10.37
CA LEU S 86 57.23 -42.66 -10.60
C LEU S 86 56.45 -43.80 -11.25
N LYS S 87 55.13 -43.66 -11.42
CA LYS S 87 54.35 -44.75 -12.01
C LYS S 87 54.75 -45.04 -13.46
N PRO S 88 54.74 -44.08 -14.39
CA PRO S 88 55.07 -44.39 -15.79
C PRO S 88 56.58 -44.41 -16.04
N CYS S 89 57.25 -45.39 -15.43
CA CYS S 89 58.69 -45.56 -15.59
C CYS S 89 59.03 -47.04 -15.48
N VAL S 90 60.21 -47.40 -15.98
CA VAL S 90 60.62 -48.80 -16.00
C VAL S 90 60.83 -49.31 -14.58
N LYS S 91 60.36 -50.53 -14.32
CA LYS S 91 60.55 -51.20 -13.04
C LYS S 91 61.70 -52.18 -13.16
N LEU S 92 62.67 -52.05 -12.25
CA LEU S 92 63.93 -52.80 -12.35
C LEU S 92 63.86 -54.11 -11.58
N THR S 93 62.85 -54.91 -11.92
CA THR S 93 62.79 -56.27 -11.39
C THR S 93 63.96 -57.15 -11.84
N PRO S 94 64.38 -57.16 -13.11
CA PRO S 94 65.46 -58.09 -13.49
C PRO S 94 66.80 -57.80 -12.83
N LEU S 95 66.98 -56.60 -12.28
CA LEU S 95 68.28 -56.21 -11.75
C LEU S 95 68.71 -57.04 -10.54
N CYS S 96 67.78 -57.70 -9.87
CA CYS S 96 68.13 -58.52 -8.70
C CYS S 96 68.80 -59.78 -9.20
N VAL S 97 70.12 -59.69 -9.41
CA VAL S 97 70.95 -60.80 -9.84
C VAL S 97 72.27 -60.74 -9.07
N THR S 98 73.01 -61.84 -9.13
CA THR S 98 74.30 -61.92 -8.44
C THR S 98 75.33 -61.11 -9.22
N LEU S 99 75.92 -60.12 -8.56
CA LEU S 99 76.88 -59.22 -9.18
C LEU S 99 78.30 -59.66 -8.82
N GLN S 100 79.15 -59.77 -9.85
CA GLN S 100 80.56 -60.08 -9.66
C GLN S 100 81.34 -58.76 -9.69
N CYS S 101 81.82 -58.33 -8.53
CA CYS S 101 82.37 -57.00 -8.35
C CYS S 101 83.82 -57.04 -7.92
N THR S 102 84.56 -56.02 -8.35
CA THR S 102 85.95 -55.82 -7.94
C THR S 102 86.15 -54.35 -7.60
N ASN S 103 87.11 -54.09 -6.72
CA ASN S 103 87.42 -52.71 -6.35
C ASN S 103 88.03 -51.96 -7.53
N VAL S 104 87.59 -50.73 -7.72
CA VAL S 104 88.18 -49.87 -8.75
C VAL S 104 89.60 -49.47 -8.32
N THR S 105 90.51 -49.43 -9.28
CA THR S 105 91.92 -49.19 -9.01
C THR S 105 92.57 -48.13 -9.88
N ASN S 106 91.94 -47.71 -10.97
CA ASN S 106 92.53 -46.73 -11.88
C ASN S 106 92.17 -45.32 -11.46
N ASN S 107 93.18 -44.48 -11.26
CA ASN S 107 92.99 -43.07 -10.92
C ASN S 107 92.16 -42.92 -9.66
N ILE S 108 92.44 -43.73 -8.64
CA ILE S 108 91.71 -43.72 -7.38
C ILE S 108 92.43 -42.80 -6.40
N THR S 109 91.65 -42.08 -5.61
CA THR S 109 92.15 -41.20 -4.56
C THR S 109 92.23 -41.94 -3.24
N ASP S 110 92.94 -41.33 -2.29
CA ASP S 110 93.12 -41.97 -0.98
C ASP S 110 91.79 -42.12 -0.25
N ASP S 111 91.00 -41.05 -0.20
CA ASP S 111 89.74 -41.11 0.54
C ASP S 111 88.70 -41.95 -0.19
N MET S 112 88.56 -41.77 -1.50
CA MET S 112 87.55 -42.48 -2.29
C MET S 112 88.12 -43.81 -2.80
N ARG S 113 88.40 -44.70 -1.86
CA ARG S 113 88.96 -46.02 -2.15
C ARG S 113 88.06 -47.08 -1.54
N GLY S 114 87.78 -48.13 -2.30
CA GLY S 114 86.94 -49.20 -1.83
C GLY S 114 85.46 -48.88 -1.81
N GLU S 115 85.02 -47.86 -2.55
CA GLU S 115 83.63 -47.44 -2.60
C GLU S 115 82.99 -47.68 -3.96
N LEU S 116 83.60 -47.19 -5.03
CA LEU S 116 83.08 -47.37 -6.38
C LEU S 116 83.47 -48.76 -6.86
N LYS S 117 82.59 -49.72 -6.65
CA LYS S 117 82.83 -51.10 -7.03
C LYS S 117 82.40 -51.33 -8.47
N ASN S 118 83.31 -51.86 -9.28
CA ASN S 118 83.04 -52.18 -10.67
C ASN S 118 82.44 -53.58 -10.71
N CYS S 119 81.15 -53.68 -11.05
CA CYS S 119 80.42 -54.93 -11.06
C CYS S 119 80.08 -55.32 -12.48
N SER S 120 80.06 -56.63 -12.73
CA SER S 120 79.61 -57.20 -13.99
C SER S 120 78.63 -58.33 -13.69
N PHE S 121 77.64 -58.49 -14.56
CA PHE S 121 76.59 -59.46 -14.31
C PHE S 121 75.77 -59.68 -15.58
N ASN S 122 75.05 -60.80 -15.60
CA ASN S 122 74.18 -61.16 -16.71
C ASN S 122 72.81 -60.53 -16.54
N MET S 123 72.17 -60.23 -17.68
CA MET S 123 70.83 -59.67 -17.65
C MET S 123 70.13 -59.98 -18.96
N THR S 124 68.80 -60.07 -18.91
CA THR S 124 68.02 -60.34 -20.10
C THR S 124 68.17 -59.19 -21.10
N THR S 125 67.60 -59.40 -22.29
CA THR S 125 67.67 -58.43 -23.37
C THR S 125 66.30 -58.40 -24.06
N GLU S 126 66.24 -57.81 -25.25
CA GLU S 126 64.98 -57.70 -25.97
C GLU S 126 64.41 -59.08 -26.26
N LEU S 127 65.25 -60.02 -26.71
CA LEU S 127 64.83 -61.40 -26.91
C LEU S 127 64.89 -62.13 -25.58
N ARG S 128 63.81 -62.85 -25.23
CA ARG S 128 63.73 -63.52 -23.94
C ARG S 128 64.78 -64.62 -23.83
N ASP S 129 65.04 -65.34 -24.92
CA ASP S 129 65.94 -66.49 -24.90
C ASP S 129 67.42 -66.10 -25.02
N LYS S 130 67.77 -64.84 -24.81
CA LYS S 130 69.15 -64.38 -24.88
C LYS S 130 69.50 -63.58 -23.63
N LYS S 131 70.77 -63.62 -23.26
CA LYS S 131 71.30 -62.90 -22.11
C LYS S 131 72.55 -62.13 -22.53
N GLN S 132 72.84 -61.05 -21.81
CA GLN S 132 73.98 -60.20 -22.10
C GLN S 132 74.75 -59.91 -20.82
N LYS S 133 76.07 -59.86 -20.93
CA LYS S 133 76.95 -59.50 -19.84
C LYS S 133 77.17 -57.98 -19.85
N VAL S 134 76.77 -57.32 -18.78
CA VAL S 134 76.85 -55.87 -18.68
C VAL S 134 77.59 -55.51 -17.40
N TYR S 135 78.31 -54.37 -17.46
CA TYR S 135 79.12 -53.89 -16.35
C TYR S 135 78.73 -52.46 -16.00
N SER S 136 78.84 -52.13 -14.72
CA SER S 136 78.54 -50.80 -14.24
C SER S 136 79.25 -50.58 -12.91
N LEU S 137 79.39 -49.31 -12.54
CA LEU S 137 80.05 -48.92 -11.30
C LEU S 137 78.98 -48.55 -10.27
N PHE S 138 78.94 -49.31 -9.17
CA PHE S 138 77.97 -49.12 -8.10
C PHE S 138 78.68 -48.69 -6.84
N TYR S 139 78.11 -47.71 -6.14
CA TYR S 139 78.68 -47.28 -4.88
C TYR S 139 78.51 -48.36 -3.82
N ARG S 140 79.34 -48.27 -2.77
CA ARG S 140 79.33 -49.30 -1.73
C ARG S 140 77.98 -49.34 -1.02
N LEU S 141 77.37 -48.17 -0.80
CA LEU S 141 76.11 -48.13 -0.07
C LEU S 141 74.98 -48.87 -0.79
N ASP S 142 75.11 -49.07 -2.11
CA ASP S 142 74.06 -49.70 -2.89
C ASP S 142 74.24 -51.21 -3.07
N VAL S 143 75.28 -51.80 -2.49
CA VAL S 143 75.58 -53.22 -2.66
C VAL S 143 75.95 -53.81 -1.30
N VAL S 144 75.50 -55.05 -1.07
CA VAL S 144 75.76 -55.77 0.17
C VAL S 144 76.20 -57.18 -0.19
N GLN S 145 77.20 -57.69 0.53
CA GLN S 145 77.70 -59.03 0.29
C GLN S 145 76.69 -60.08 0.73
N ILE S 146 76.65 -61.19 -0.01
CA ILE S 146 75.76 -62.30 0.33
C ILE S 146 76.43 -63.16 1.40
N LYS S 159 83.11 -62.68 -3.19
CA LYS S 159 83.24 -61.84 -4.38
C LYS S 159 81.90 -61.69 -5.11
N GLU S 160 80.81 -61.79 -4.35
CA GLU S 160 79.46 -61.66 -4.89
C GLU S 160 78.68 -60.67 -4.04
N TYR S 161 77.91 -59.80 -4.71
CA TYR S 161 77.15 -58.76 -4.05
C TYR S 161 75.75 -58.71 -4.66
N ARG S 162 74.81 -58.17 -3.88
CA ARG S 162 73.45 -57.94 -4.33
C ARG S 162 73.00 -56.54 -3.90
N LEU S 163 72.01 -56.02 -4.62
CA LEU S 163 71.49 -54.71 -4.29
C LEU S 163 70.86 -54.72 -2.89
N ILE S 164 71.02 -53.61 -2.18
CA ILE S 164 70.54 -53.51 -0.79
C ILE S 164 69.04 -53.73 -0.73
N ASN S 165 68.32 -53.37 -1.79
CA ASN S 165 66.86 -53.41 -1.79
C ASN S 165 66.28 -54.76 -2.18
N CYS S 166 67.11 -55.72 -2.57
CA CYS S 166 66.59 -56.92 -3.24
C CYS S 166 65.68 -57.74 -2.33
N ASN S 167 65.86 -57.63 -1.01
CA ASN S 167 65.06 -58.39 -0.06
C ASN S 167 63.91 -57.60 0.54
N THR S 168 63.63 -56.40 0.03
CA THR S 168 62.51 -55.59 0.49
C THR S 168 61.54 -55.20 -0.62
N SER S 169 62.04 -54.85 -1.80
CA SER S 169 61.19 -54.51 -2.94
C SER S 169 62.09 -54.33 -4.17
N ALA S 170 61.46 -54.00 -5.28
CA ALA S 170 62.16 -53.68 -6.53
C ALA S 170 61.95 -52.21 -6.84
N CYS S 171 63.05 -51.49 -7.06
CA CYS S 171 62.98 -50.06 -7.31
C CYS S 171 62.40 -49.77 -8.69
N THR S 172 61.86 -48.56 -8.83
CA THR S 172 61.39 -48.04 -10.10
C THR S 172 62.35 -46.95 -10.53
N GLN S 173 63.10 -47.20 -11.62
CA GLN S 173 64.08 -46.24 -12.09
C GLN S 173 63.39 -44.94 -12.49
N ALA S 174 63.85 -43.83 -11.93
CA ALA S 174 63.29 -42.54 -12.25
C ALA S 174 63.50 -42.23 -13.73
N CYS S 175 62.46 -41.76 -14.39
CA CYS S 175 62.56 -41.47 -15.81
C CYS S 175 63.53 -40.31 -16.03
N PRO S 176 64.36 -40.36 -17.09
CA PRO S 176 65.38 -39.31 -17.24
C PRO S 176 64.81 -37.94 -17.55
N LYS S 177 63.68 -37.89 -18.25
CA LYS S 177 63.15 -36.62 -18.72
C LYS S 177 62.68 -35.74 -17.56
N VAL S 178 62.07 -36.34 -16.54
CA VAL S 178 61.51 -35.55 -15.44
C VAL S 178 62.64 -34.99 -14.61
N SER S 179 62.56 -33.69 -14.31
CA SER S 179 63.57 -32.99 -13.53
C SER S 179 63.20 -32.97 -12.07
N PHE S 180 64.19 -33.22 -11.21
CA PHE S 180 63.97 -33.25 -9.76
C PHE S 180 64.02 -31.86 -9.13
N GLU S 181 64.29 -30.82 -9.90
CA GLU S 181 64.36 -29.48 -9.33
C GLU S 181 62.99 -29.08 -8.77
N PRO S 182 62.93 -28.43 -7.61
CA PRO S 182 61.65 -27.95 -7.12
C PRO S 182 61.27 -26.62 -7.73
N ILE S 183 59.96 -26.40 -7.84
CA ILE S 183 59.41 -25.16 -8.40
C ILE S 183 58.39 -24.62 -7.41
N PRO S 184 58.14 -23.30 -7.36
CA PRO S 184 57.15 -22.78 -6.41
C PRO S 184 55.76 -23.33 -6.69
N ILE S 185 55.03 -23.62 -5.61
CA ILE S 185 53.63 -24.02 -5.68
C ILE S 185 52.86 -23.18 -4.66
N HIS S 186 51.76 -22.58 -5.09
CA HIS S 186 50.92 -21.74 -4.24
C HIS S 186 49.66 -22.51 -3.89
N TYR S 187 49.33 -22.54 -2.60
CA TYR S 187 48.19 -23.28 -2.08
C TYR S 187 47.06 -22.30 -1.79
N CYS S 188 46.15 -22.16 -2.75
CA CYS S 188 44.97 -21.32 -2.55
C CYS S 188 43.94 -22.10 -1.72
N ALA S 189 42.79 -21.46 -1.48
CA ALA S 189 41.71 -22.04 -0.71
C ALA S 189 40.43 -22.09 -1.54
N PRO S 190 39.49 -23.00 -1.24
CA PRO S 190 38.25 -23.05 -2.04
C PRO S 190 37.33 -21.90 -1.69
N ALA S 191 36.20 -21.81 -2.40
CA ALA S 191 35.22 -20.77 -2.12
C ALA S 191 34.62 -20.97 -0.74
N GLY S 192 34.42 -19.86 -0.04
CA GLY S 192 33.89 -19.88 1.32
C GLY S 192 34.95 -19.97 2.40
N PHE S 193 36.18 -20.34 2.05
CA PHE S 193 37.29 -20.39 2.98
C PHE S 193 38.24 -19.23 2.70
N ALA S 194 39.19 -19.02 3.62
CA ALA S 194 40.16 -17.96 3.48
C ALA S 194 41.46 -18.38 4.14
N ILE S 195 42.55 -17.77 3.69
CA ILE S 195 43.89 -17.99 4.24
C ILE S 195 44.34 -16.71 4.91
N LEU S 196 44.62 -16.81 6.21
CA LEU S 196 45.09 -15.69 7.01
C LEU S 196 46.60 -15.81 7.18
N LYS S 197 47.32 -14.76 6.77
CA LYS S 197 48.77 -14.68 6.88
C LYS S 197 49.12 -13.70 7.98
N CYS S 198 50.00 -14.12 8.89
CA CYS S 198 50.43 -13.28 10.00
C CYS S 198 51.65 -12.47 9.57
N LYS S 199 51.46 -11.19 9.35
CA LYS S 199 52.55 -10.30 8.96
C LYS S 199 53.39 -9.84 10.16
N ASP S 200 52.98 -10.16 11.38
CA ASP S 200 53.69 -9.67 12.56
C ASP S 200 55.09 -10.26 12.62
N LYS S 201 56.10 -9.42 12.38
CA LYS S 201 57.48 -9.86 12.52
C LYS S 201 57.77 -10.17 13.99
N LYS S 202 58.76 -11.04 14.21
CA LYS S 202 59.09 -11.63 15.50
C LYS S 202 58.03 -12.62 15.98
N PHE S 203 57.11 -13.05 15.11
CA PHE S 203 56.12 -14.04 15.48
C PHE S 203 56.80 -15.37 15.76
N ASN S 204 56.65 -15.86 16.99
CA ASN S 204 57.40 -17.02 17.47
C ASN S 204 56.68 -18.33 17.19
N GLY S 205 55.75 -18.36 16.23
CA GLY S 205 55.12 -19.59 15.80
C GLY S 205 53.83 -19.93 16.50
N THR S 206 53.48 -19.25 17.59
CA THR S 206 52.23 -19.52 18.28
C THR S 206 51.84 -18.30 19.09
N GLY S 207 50.54 -18.14 19.31
CA GLY S 207 50.01 -17.07 20.12
C GLY S 207 49.15 -16.10 19.32
N PRO S 208 48.78 -14.96 19.91
CA PRO S 208 47.96 -13.98 19.21
C PRO S 208 48.80 -13.08 18.30
N CYS S 209 48.61 -13.24 16.99
CA CYS S 209 49.22 -12.36 16.01
C CYS S 209 48.30 -11.17 15.76
N PRO S 210 48.75 -9.91 15.98
CA PRO S 210 47.84 -8.77 15.77
C PRO S 210 47.82 -8.26 14.34
N SER S 211 48.91 -8.51 13.60
CA SER S 211 49.04 -8.06 12.21
C SER S 211 48.62 -9.22 11.31
N VAL S 212 47.45 -9.10 10.69
CA VAL S 212 46.83 -10.18 9.94
C VAL S 212 46.43 -9.67 8.57
N SER S 213 46.58 -10.53 7.55
CA SER S 213 46.09 -10.23 6.21
C SER S 213 45.39 -11.47 5.68
N THR S 214 44.50 -11.26 4.72
CA THR S 214 43.85 -12.32 3.97
C THR S 214 44.51 -12.41 2.60
N VAL S 215 44.99 -13.59 2.25
CA VAL S 215 45.73 -13.82 1.01
C VAL S 215 44.93 -14.79 0.15
N GLN S 216 44.75 -14.45 -1.12
CA GLN S 216 44.05 -15.34 -2.03
C GLN S 216 44.77 -16.67 -2.18
N CYS S 217 46.11 -16.63 -2.26
CA CYS S 217 46.91 -17.83 -2.40
C CYS S 217 48.21 -17.66 -1.61
N THR S 218 48.67 -18.77 -1.03
CA THR S 218 49.92 -18.75 -0.28
C THR S 218 51.09 -18.42 -1.19
N HIS S 219 52.08 -17.72 -0.65
CA HIS S 219 53.26 -17.36 -1.43
C HIS S 219 53.97 -18.61 -1.95
N GLY S 220 54.86 -18.39 -2.92
CA GLY S 220 55.57 -19.49 -3.55
C GLY S 220 56.36 -20.33 -2.57
N ILE S 221 56.12 -21.64 -2.59
CA ILE S 221 56.79 -22.59 -1.70
C ILE S 221 57.50 -23.61 -2.58
N LYS S 222 58.82 -23.75 -2.38
CA LYS S 222 59.61 -24.72 -3.12
C LYS S 222 59.70 -26.01 -2.31
N PRO S 223 59.14 -27.14 -2.78
CA PRO S 223 59.18 -28.35 -1.93
C PRO S 223 60.56 -29.01 -1.93
N VAL S 224 61.49 -28.38 -1.24
CA VAL S 224 62.85 -28.90 -1.12
C VAL S 224 62.91 -29.92 -0.01
N VAL S 225 63.59 -31.03 -0.26
CA VAL S 225 63.74 -32.12 0.69
C VAL S 225 65.18 -32.10 1.20
N SER S 226 65.34 -31.92 2.51
CA SER S 226 66.67 -31.85 3.12
C SER S 226 66.53 -32.11 4.61
N THR S 227 67.67 -32.34 5.26
CA THR S 227 67.71 -32.66 6.69
C THR S 227 68.80 -31.85 7.36
N GLN S 228 68.44 -31.12 8.42
CA GLN S 228 69.36 -30.48 9.36
C GLN S 228 70.03 -29.24 8.81
N LEU S 229 69.90 -28.97 7.51
CA LEU S 229 70.61 -27.88 6.86
C LEU S 229 69.70 -27.23 5.81
N LEU S 230 68.48 -26.86 6.23
CA LEU S 230 67.37 -26.51 5.35
C LEU S 230 67.79 -25.64 4.18
N LEU S 231 67.60 -26.17 2.97
CA LEU S 231 67.93 -25.53 1.71
C LEU S 231 66.71 -24.69 1.28
N ASN S 232 66.61 -24.37 -0.01
CA ASN S 232 65.89 -23.19 -0.54
C ASN S 232 64.67 -22.80 0.29
N GLY S 233 64.57 -21.54 0.68
CA GLY S 233 63.47 -21.13 1.52
C GLY S 233 63.52 -19.65 1.82
N SER S 234 62.61 -19.24 2.70
CA SER S 234 62.46 -17.84 3.09
C SER S 234 63.23 -17.56 4.36
N LEU S 235 63.69 -16.32 4.51
CA LEU S 235 64.50 -15.89 5.63
C LEU S 235 63.71 -14.99 6.56
N ALA S 236 64.07 -15.02 7.84
CA ALA S 236 63.47 -14.12 8.81
C ALA S 236 63.84 -12.68 8.51
N GLU S 237 62.88 -11.77 8.67
CA GLU S 237 63.10 -10.38 8.31
C GLU S 237 63.95 -9.63 9.34
N GLU S 238 63.80 -9.96 10.63
CA GLU S 238 64.42 -9.19 11.70
C GLU S 238 65.71 -9.82 12.21
N GLU S 239 65.65 -11.06 12.70
CA GLU S 239 66.83 -11.74 13.21
C GLU S 239 66.54 -13.23 13.25
N VAL S 240 67.50 -14.01 13.75
CA VAL S 240 67.34 -15.44 13.86
C VAL S 240 66.16 -15.74 14.78
N MET S 241 65.28 -16.64 14.35
CA MET S 241 64.06 -16.97 15.07
C MET S 241 64.12 -18.43 15.53
N ILE S 242 63.81 -18.65 16.80
CA ILE S 242 63.78 -19.99 17.40
C ILE S 242 62.34 -20.32 17.71
N ARG S 243 61.90 -21.51 17.27
CA ARG S 243 60.54 -21.98 17.50
C ARG S 243 60.58 -23.41 18.04
N SER S 244 59.61 -23.72 18.90
CA SER S 244 59.50 -25.05 19.48
C SER S 244 58.15 -25.18 20.15
N GLU S 245 57.51 -26.34 19.98
CA GLU S 245 56.23 -26.57 20.65
C GLU S 245 56.38 -26.54 22.16
N ASN S 246 57.46 -27.13 22.67
CA ASN S 246 57.77 -27.13 24.10
C ASN S 246 59.29 -26.99 24.22
N ILE S 247 59.75 -25.74 24.33
CA ILE S 247 61.19 -25.48 24.43
C ILE S 247 61.75 -26.08 25.72
N THR S 248 60.94 -26.10 26.78
CA THR S 248 61.38 -26.74 28.02
C THR S 248 61.63 -28.22 27.82
N ASN S 249 60.75 -28.90 27.09
CA ASN S 249 60.92 -30.32 26.82
C ASN S 249 62.04 -30.53 25.80
N ASN S 250 62.87 -31.54 26.07
CA ASN S 250 63.98 -31.88 25.18
C ASN S 250 63.58 -32.84 24.06
N ALA S 251 62.37 -33.38 24.10
CA ALA S 251 61.90 -34.32 23.09
C ALA S 251 61.27 -33.65 21.88
N LYS S 252 61.13 -32.33 21.88
CA LYS S 252 60.52 -31.59 20.79
C LYS S 252 61.59 -30.90 19.97
N ASN S 253 61.51 -31.03 18.64
CA ASN S 253 62.49 -30.42 17.77
C ASN S 253 62.41 -28.90 17.84
N ILE S 254 63.56 -28.26 17.68
CA ILE S 254 63.68 -26.80 17.70
C ILE S 254 64.02 -26.35 16.29
N LEU S 255 63.20 -25.47 15.75
CA LEU S 255 63.38 -24.94 14.40
C LEU S 255 64.04 -23.57 14.47
N VAL S 256 65.15 -23.42 13.76
CA VAL S 256 65.89 -22.16 13.69
C VAL S 256 65.74 -21.61 12.28
N GLN S 257 65.35 -20.35 12.17
CA GLN S 257 65.23 -19.65 10.90
C GLN S 257 66.21 -18.49 10.88
N PHE S 258 67.15 -18.52 9.94
CA PHE S 258 68.15 -17.48 9.82
C PHE S 258 67.57 -16.23 9.18
N ASN S 259 68.19 -15.09 9.50
CA ASN S 259 67.85 -13.82 8.89
C ASN S 259 68.73 -13.48 7.70
N THR S 260 69.81 -14.23 7.47
CA THR S 260 70.68 -14.05 6.32
C THR S 260 70.99 -15.41 5.70
N PRO S 261 71.25 -15.46 4.38
CA PRO S 261 71.53 -16.76 3.75
C PRO S 261 72.98 -17.15 3.84
N VAL S 262 73.25 -18.37 4.32
CA VAL S 262 74.60 -18.93 4.29
C VAL S 262 74.73 -19.66 2.96
N GLN S 263 75.48 -19.08 2.03
CA GLN S 263 75.65 -19.69 0.72
C GLN S 263 76.59 -20.89 0.84
N ILE S 264 76.15 -22.04 0.32
CA ILE S 264 76.90 -23.28 0.40
C ILE S 264 77.05 -23.83 -1.01
N ASN S 265 78.30 -23.98 -1.45
CA ASN S 265 78.59 -24.64 -2.72
C ASN S 265 78.79 -26.13 -2.44
N CYS S 266 78.50 -26.96 -3.43
CA CYS S 266 78.53 -28.39 -3.19
C CYS S 266 78.61 -29.09 -4.53
N THR S 267 79.66 -29.88 -4.74
CA THR S 267 79.96 -30.39 -6.08
C THR S 267 80.48 -31.82 -6.01
N ARG S 268 80.25 -32.52 -7.13
CA ARG S 268 80.75 -33.87 -7.36
C ARG S 268 81.40 -33.83 -8.74
N PRO S 269 82.74 -33.52 -8.82
CA PRO S 269 83.32 -33.28 -10.15
C PRO S 269 83.18 -34.47 -11.10
N ASN S 270 83.82 -35.60 -10.76
CA ASN S 270 83.46 -36.95 -11.20
C ASN S 270 82.86 -37.02 -12.59
N ASN S 271 83.58 -36.55 -13.61
CA ASN S 271 83.03 -36.55 -14.97
C ASN S 271 82.67 -37.97 -15.39
N ASN S 272 81.37 -38.22 -15.54
CA ASN S 272 80.84 -39.56 -15.74
C ASN S 272 80.16 -39.65 -17.11
N THR S 273 79.94 -40.89 -17.54
CA THR S 273 79.25 -41.18 -18.80
C THR S 273 78.07 -42.10 -18.53
N ARG S 274 76.94 -41.80 -19.16
CA ARG S 274 75.73 -42.59 -19.02
C ARG S 274 75.60 -43.51 -20.24
N LYS S 275 75.59 -44.82 -19.98
CA LYS S 275 75.44 -45.83 -21.02
C LYS S 275 74.11 -46.54 -20.82
N SER S 276 73.29 -46.56 -21.87
CA SER S 276 71.98 -47.18 -21.81
C SER S 276 72.08 -48.62 -22.31
N ILE S 277 71.81 -49.57 -21.41
CA ILE S 277 71.80 -50.99 -21.72
C ILE S 277 70.35 -51.47 -21.68
N ARG S 278 69.94 -52.20 -22.70
CA ARG S 278 68.56 -52.65 -22.81
C ARG S 278 68.33 -53.84 -21.88
N ILE S 279 67.20 -53.79 -21.16
CA ILE S 279 66.79 -54.86 -20.25
C ILE S 279 65.46 -55.49 -20.64
N GLY S 280 64.87 -55.08 -21.77
CA GLY S 280 63.59 -55.60 -22.19
C GLY S 280 62.99 -54.73 -23.28
N PRO S 281 61.81 -55.11 -23.78
CA PRO S 281 61.16 -54.30 -24.82
C PRO S 281 60.83 -52.89 -24.34
N GLY S 282 61.48 -51.90 -24.92
CA GLY S 282 61.22 -50.51 -24.56
C GLY S 282 61.50 -50.19 -23.11
N GLN S 283 62.60 -50.70 -22.57
CA GLN S 283 62.97 -50.45 -21.18
C GLN S 283 64.49 -50.33 -21.10
N ALA S 284 64.97 -49.26 -20.46
CA ALA S 284 66.38 -48.94 -20.38
C ALA S 284 66.86 -48.95 -18.93
N PHE S 285 68.16 -49.20 -18.77
CA PHE S 285 68.82 -49.24 -17.46
C PHE S 285 70.06 -48.34 -17.50
N TYR S 286 69.85 -47.08 -17.85
CA TYR S 286 70.89 -46.05 -17.77
C TYR S 286 71.72 -46.21 -16.51
N ALA S 287 73.01 -46.47 -16.69
CA ALA S 287 73.91 -46.82 -15.60
C ALA S 287 75.27 -46.19 -15.83
N THR S 288 76.03 -46.07 -14.75
CA THR S 288 77.35 -45.45 -14.82
C THR S 288 78.30 -46.29 -15.66
N GLY S 289 79.11 -45.61 -16.47
CA GLY S 289 80.08 -46.27 -17.32
C GLY S 289 81.49 -46.15 -16.78
N ASP S 290 82.28 -45.25 -17.37
CA ASP S 290 83.66 -45.01 -16.97
C ASP S 290 83.79 -43.62 -16.38
N ILE S 291 84.50 -43.51 -15.27
CA ILE S 291 84.73 -42.21 -14.61
C ILE S 291 85.88 -41.54 -15.35
N ILE S 292 85.56 -40.59 -16.23
CA ILE S 292 86.60 -39.87 -16.95
C ILE S 292 87.30 -38.93 -15.99
N GLY S 293 88.63 -39.01 -15.95
CA GLY S 293 89.41 -38.23 -15.03
C GLY S 293 89.72 -38.97 -13.75
N ASP S 294 90.02 -38.20 -12.71
CA ASP S 294 90.36 -38.74 -11.40
C ASP S 294 89.11 -38.91 -10.56
N ILE S 295 89.02 -40.05 -9.88
CA ILE S 295 87.91 -40.32 -8.96
C ILE S 295 88.19 -39.58 -7.66
N ARG S 296 87.33 -38.61 -7.35
CA ARG S 296 87.47 -37.79 -6.15
C ARG S 296 86.14 -37.74 -5.41
N GLN S 297 86.22 -37.68 -4.08
CA GLN S 297 85.03 -37.63 -3.26
C GLN S 297 84.29 -36.31 -3.47
N ALA S 298 82.98 -36.39 -3.67
CA ALA S 298 82.17 -35.18 -3.76
C ALA S 298 82.26 -34.40 -2.45
N HIS S 299 82.46 -33.10 -2.56
CA HIS S 299 82.70 -32.25 -1.39
C HIS S 299 81.69 -31.12 -1.34
N CYS S 300 81.68 -30.43 -0.21
CA CYS S 300 80.63 -29.44 0.06
C CYS S 300 81.25 -28.31 0.88
N ASN S 301 81.45 -27.16 0.24
CA ASN S 301 82.13 -26.01 0.84
C ASN S 301 81.10 -25.04 1.41
N VAL S 302 81.34 -24.59 2.65
CA VAL S 302 80.56 -23.54 3.28
C VAL S 302 81.52 -22.54 3.90
N SER S 303 81.24 -21.25 3.72
CA SER S 303 82.14 -20.21 4.19
C SER S 303 82.29 -20.29 5.71
N LYS S 304 83.54 -20.26 6.17
CA LYS S 304 83.81 -20.36 7.61
C LYS S 304 83.36 -19.11 8.34
N ALA S 305 83.70 -17.93 7.80
CA ALA S 305 83.32 -16.69 8.47
C ALA S 305 81.81 -16.50 8.49
N THR S 306 81.14 -16.77 7.36
CA THR S 306 79.69 -16.60 7.30
C THR S 306 78.99 -17.56 8.27
N TRP S 307 79.43 -18.82 8.27
CA TRP S 307 78.84 -19.80 9.19
C TRP S 307 79.08 -19.41 10.63
N ASN S 308 80.29 -18.94 10.94
CA ASN S 308 80.60 -18.54 12.31
C ASN S 308 79.72 -17.36 12.74
N GLU S 309 79.55 -16.37 11.86
CA GLU S 309 78.70 -15.23 12.21
C GLU S 309 77.24 -15.66 12.40
N THR S 310 76.74 -16.52 11.51
CA THR S 310 75.37 -16.98 11.63
C THR S 310 75.17 -17.77 12.92
N LEU S 311 76.13 -18.64 13.26
CA LEU S 311 76.00 -19.40 14.49
C LEU S 311 76.14 -18.51 15.71
N GLY S 312 76.93 -17.43 15.61
CA GLY S 312 76.99 -16.46 16.69
C GLY S 312 75.65 -15.80 16.93
N LYS S 313 74.99 -15.38 15.85
CA LYS S 313 73.64 -14.84 15.97
C LYS S 313 72.70 -15.88 16.56
N VAL S 314 72.88 -17.15 16.18
CA VAL S 314 72.03 -18.22 16.68
C VAL S 314 72.18 -18.36 18.19
N VAL S 315 73.42 -18.35 18.69
CA VAL S 315 73.60 -18.52 20.14
C VAL S 315 73.09 -17.29 20.87
N LYS S 316 73.27 -16.10 20.28
CA LYS S 316 72.75 -14.88 20.89
C LYS S 316 71.24 -14.98 21.07
N GLN S 317 70.54 -15.46 20.04
CA GLN S 317 69.09 -15.58 20.14
C GLN S 317 68.69 -16.72 21.09
N LEU S 318 69.45 -17.82 21.07
CA LEU S 318 69.09 -18.96 21.90
C LEU S 318 69.26 -18.65 23.38
N ARG S 319 70.31 -17.89 23.73
CA ARG S 319 70.53 -17.52 25.12
C ARG S 319 69.36 -16.72 25.70
N LYS S 320 68.56 -16.08 24.85
CA LYS S 320 67.39 -15.36 25.33
C LYS S 320 66.40 -16.29 26.02
N HIS S 321 66.36 -17.56 25.63
CA HIS S 321 65.39 -18.52 26.14
C HIS S 321 65.95 -19.46 27.20
N PHE S 322 67.28 -19.63 27.27
CA PHE S 322 67.92 -20.57 28.20
C PHE S 322 68.98 -19.85 29.02
N GLY S 323 68.62 -18.69 29.57
CA GLY S 323 69.48 -18.00 30.51
C GLY S 323 70.63 -17.27 29.85
N ASN S 324 71.27 -16.37 30.61
CA ASN S 324 72.36 -15.56 30.10
C ASN S 324 73.74 -16.11 30.44
N ASN S 325 73.83 -17.09 31.35
CA ASN S 325 75.11 -17.64 31.78
C ASN S 325 75.30 -19.09 31.34
N THR S 326 74.37 -19.65 30.56
CA THR S 326 74.49 -21.04 30.13
C THR S 326 75.54 -21.19 29.04
N ILE S 327 76.08 -22.41 28.95
CA ILE S 327 77.06 -22.77 27.93
C ILE S 327 76.34 -23.52 26.82
N ILE S 328 76.50 -23.06 25.59
CA ILE S 328 75.84 -23.67 24.44
C ILE S 328 76.88 -24.50 23.71
N ARG S 329 76.66 -25.82 23.64
CA ARG S 329 77.58 -26.73 22.98
C ARG S 329 76.89 -27.36 21.78
N PHE S 330 77.31 -26.97 20.58
CA PHE S 330 76.84 -27.61 19.36
C PHE S 330 77.68 -28.86 19.12
N ALA S 331 77.04 -30.03 19.15
CA ALA S 331 77.71 -31.32 19.06
C ALA S 331 77.28 -32.05 17.80
N ASN S 332 77.94 -33.18 17.55
CA ASN S 332 77.69 -33.95 16.36
C ASN S 332 76.31 -34.59 16.40
N SER S 333 75.91 -35.16 15.27
CA SER S 333 74.61 -35.83 15.18
C SER S 333 74.57 -37.03 16.12
N SER S 334 73.38 -37.28 16.68
CA SER S 334 73.21 -38.37 17.63
C SER S 334 73.51 -39.72 16.98
N GLY S 335 72.72 -40.10 16.00
CA GLY S 335 72.93 -41.36 15.32
C GLY S 335 71.68 -41.76 14.55
N GLY S 336 71.74 -42.97 13.99
CA GLY S 336 70.69 -43.55 13.19
C GLY S 336 71.22 -43.99 11.85
N ASP S 337 70.32 -44.16 10.89
CA ASP S 337 70.73 -44.51 9.54
C ASP S 337 71.35 -43.30 8.85
N LEU S 338 71.87 -43.53 7.65
CA LEU S 338 72.56 -42.47 6.92
C LEU S 338 71.63 -41.31 6.58
N GLU S 339 70.33 -41.58 6.45
CA GLU S 339 69.40 -40.50 6.09
C GLU S 339 69.18 -39.52 7.23
N VAL S 340 68.99 -40.04 8.46
CA VAL S 340 68.71 -39.19 9.61
C VAL S 340 69.98 -38.75 10.34
N THR S 341 71.13 -39.36 10.04
CA THR S 341 72.37 -39.04 10.71
C THR S 341 73.16 -37.93 10.02
N THR S 342 72.97 -37.74 8.72
CA THR S 342 73.74 -36.79 7.94
C THR S 342 72.80 -35.92 7.11
N HIS S 343 73.32 -34.80 6.63
CA HIS S 343 72.53 -33.86 5.83
C HIS S 343 72.29 -34.49 4.46
N SER S 344 71.08 -35.00 4.26
CA SER S 344 70.71 -35.69 3.02
C SER S 344 69.81 -34.78 2.20
N PHE S 345 70.32 -34.35 1.04
CA PHE S 345 69.57 -33.50 0.12
C PHE S 345 69.71 -34.03 -1.29
N ASN S 346 69.03 -33.39 -2.23
CA ASN S 346 69.09 -33.78 -3.64
C ASN S 346 69.04 -32.53 -4.51
N CYS S 347 69.89 -32.51 -5.54
CA CYS S 347 69.92 -31.41 -6.49
C CYS S 347 70.81 -31.83 -7.65
N GLY S 348 70.69 -31.11 -8.76
CA GLY S 348 71.47 -31.41 -9.94
C GLY S 348 71.25 -32.81 -10.49
N GLY S 349 70.11 -33.42 -10.18
CA GLY S 349 69.85 -34.78 -10.59
C GLY S 349 70.52 -35.85 -9.76
N GLU S 350 71.18 -35.49 -8.66
CA GLU S 350 71.87 -36.44 -7.81
C GLU S 350 71.58 -36.17 -6.34
N PHE S 351 71.67 -37.22 -5.54
CA PHE S 351 71.38 -37.18 -4.11
C PHE S 351 72.69 -37.22 -3.34
N PHE S 352 72.84 -36.28 -2.41
CA PHE S 352 74.05 -36.14 -1.61
C PHE S 352 73.73 -36.37 -0.14
N TYR S 353 74.62 -37.08 0.55
CA TYR S 353 74.56 -37.31 1.99
C TYR S 353 75.86 -36.76 2.57
N CYS S 354 75.79 -35.58 3.17
CA CYS S 354 76.97 -34.86 3.65
C CYS S 354 77.09 -35.03 5.17
N ASN S 355 78.25 -35.51 5.61
CA ASN S 355 78.53 -35.71 7.03
C ASN S 355 78.71 -34.35 7.68
N THR S 356 77.70 -33.90 8.43
CA THR S 356 77.72 -32.60 9.09
C THR S 356 78.31 -32.77 10.49
N SER S 357 79.65 -32.76 10.56
CA SER S 357 80.37 -32.83 11.82
C SER S 357 81.32 -31.66 12.03
N GLY S 358 81.81 -31.01 10.98
CA GLY S 358 82.66 -29.85 11.13
C GLY S 358 81.92 -28.55 11.35
N LEU S 359 80.59 -28.54 11.15
CA LEU S 359 79.79 -27.35 11.35
C LEU S 359 79.11 -27.28 12.71
N PHE S 360 79.03 -28.39 13.43
CA PHE S 360 78.32 -28.48 14.70
C PHE S 360 79.22 -29.06 15.78
N ASN S 361 80.46 -28.57 15.87
CA ASN S 361 81.37 -28.88 16.97
C ASN S 361 81.91 -27.55 17.49
N SER S 362 81.18 -26.94 18.43
CA SER S 362 81.59 -25.66 18.97
C SER S 362 81.05 -25.51 20.38
N THR S 363 81.70 -24.65 21.15
CA THR S 363 81.28 -24.32 22.51
C THR S 363 81.28 -22.81 22.68
N TRP S 364 80.19 -22.27 23.21
CA TRP S 364 80.03 -20.85 23.43
C TRP S 364 79.72 -20.60 24.90
N ILE S 365 80.44 -19.67 25.51
CA ILE S 365 80.36 -19.37 26.93
C ILE S 365 80.16 -17.87 27.10
N SER S 366 79.27 -17.50 28.01
CA SER S 366 79.00 -16.09 28.28
C SER S 366 80.23 -15.40 28.86
N SER S 378 89.08 -15.64 7.49
CA SER S 378 89.54 -14.76 6.43
C SER S 378 88.98 -15.22 5.07
N ASN S 379 89.54 -16.33 4.56
CA ASN S 379 89.12 -16.89 3.28
C ASN S 379 88.87 -18.39 3.33
N ASP S 380 89.46 -19.11 4.28
CA ASP S 380 89.25 -20.55 4.35
C ASP S 380 87.78 -20.88 4.61
N SER S 381 87.33 -21.98 4.02
CA SER S 381 85.96 -22.46 4.16
C SER S 381 85.97 -23.92 4.58
N ILE S 382 84.93 -24.31 5.31
CA ILE S 382 84.83 -25.69 5.79
C ILE S 382 84.33 -26.57 4.66
N THR S 383 85.05 -27.66 4.41
CA THR S 383 84.78 -28.59 3.32
C THR S 383 84.32 -29.91 3.91
N LEU S 384 83.01 -30.14 3.90
CA LEU S 384 82.46 -31.41 4.36
C LEU S 384 82.57 -32.46 3.25
N PRO S 385 82.87 -33.72 3.59
CA PRO S 385 82.79 -34.79 2.59
C PRO S 385 81.39 -35.40 2.54
N CYS S 386 80.99 -35.83 1.35
CA CYS S 386 79.67 -36.36 1.11
C CYS S 386 79.73 -37.63 0.27
N ARG S 387 78.74 -38.49 0.48
CA ARG S 387 78.53 -39.69 -0.30
C ARG S 387 77.33 -39.54 -1.21
N ILE S 388 77.24 -40.42 -2.21
CA ILE S 388 76.16 -40.41 -3.19
C ILE S 388 75.55 -41.80 -3.23
N LYS S 389 74.23 -41.86 -3.16
CA LYS S 389 73.47 -43.11 -3.17
C LYS S 389 72.53 -43.14 -4.36
N GLN S 390 72.47 -44.28 -5.03
CA GLN S 390 71.56 -44.48 -6.15
C GLN S 390 70.24 -45.12 -5.72
N ILE S 391 70.28 -46.11 -4.84
CA ILE S 391 69.07 -46.69 -4.27
C ILE S 391 68.61 -45.77 -3.15
N ILE S 392 67.38 -45.25 -3.27
CA ILE S 392 66.89 -44.19 -2.40
C ILE S 392 65.55 -44.60 -1.81
N ASN S 393 65.39 -44.39 -0.52
CA ASN S 393 64.11 -44.47 0.19
C ASN S 393 63.88 -43.08 0.79
N MET S 394 63.25 -42.21 0.01
CA MET S 394 63.25 -40.78 0.35
C MET S 394 62.45 -40.51 1.63
N TRP S 395 61.24 -41.06 1.72
CA TRP S 395 60.42 -40.95 2.92
C TRP S 395 60.71 -42.12 3.86
N GLN S 396 60.15 -42.03 5.07
CA GLN S 396 60.29 -43.08 6.06
C GLN S 396 59.33 -44.23 5.75
N ARG S 397 59.57 -44.92 4.64
CA ARG S 397 58.74 -46.04 4.21
C ARG S 397 59.63 -47.22 3.86
N ILE S 398 59.09 -48.42 4.06
CA ILE S 398 59.77 -49.67 3.73
C ILE S 398 58.97 -50.36 2.63
N GLY S 399 59.66 -50.75 1.57
CA GLY S 399 59.03 -51.39 0.43
C GLY S 399 58.81 -50.50 -0.77
N GLN S 400 59.28 -49.25 -0.74
CA GLN S 400 59.14 -48.30 -1.84
C GLN S 400 60.54 -47.76 -2.16
N CYS S 401 61.24 -48.43 -3.07
CA CYS S 401 62.59 -48.04 -3.43
C CYS S 401 62.58 -47.12 -4.64
N MET S 402 63.77 -46.67 -5.03
CA MET S 402 63.94 -45.80 -6.19
C MET S 402 65.39 -45.82 -6.64
N TYR S 403 65.62 -45.98 -7.94
CA TYR S 403 66.96 -45.92 -8.52
C TYR S 403 67.13 -44.57 -9.22
N ALA S 404 68.17 -43.83 -8.83
CA ALA S 404 68.46 -42.55 -9.45
C ALA S 404 69.41 -42.75 -10.62
N PRO S 405 69.02 -42.47 -11.86
CA PRO S 405 69.96 -42.65 -12.96
C PRO S 405 71.12 -41.69 -12.83
N PRO S 406 72.31 -42.08 -13.30
CA PRO S 406 73.46 -41.17 -13.22
C PRO S 406 73.29 -39.97 -14.14
N ILE S 407 73.94 -38.88 -13.77
CA ILE S 407 73.90 -37.63 -14.52
C ILE S 407 75.24 -37.44 -15.21
N GLN S 408 75.20 -37.26 -16.53
CA GLN S 408 76.42 -37.05 -17.29
C GLN S 408 77.01 -35.67 -16.99
N GLY S 409 78.34 -35.61 -16.92
CA GLY S 409 79.03 -34.35 -16.72
C GLY S 409 79.39 -34.06 -15.29
N VAL S 410 79.53 -32.78 -14.96
CA VAL S 410 79.93 -32.31 -13.64
C VAL S 410 78.72 -31.69 -12.97
N ILE S 411 78.51 -32.01 -11.68
CA ILE S 411 77.39 -31.52 -10.91
C ILE S 411 77.93 -30.52 -9.89
N ARG S 412 77.40 -29.29 -9.97
CA ARG S 412 77.66 -28.24 -8.99
C ARG S 412 76.32 -27.71 -8.48
N CYS S 413 76.30 -27.21 -7.25
CA CYS S 413 75.06 -26.80 -6.62
C CYS S 413 75.37 -25.68 -5.64
N VAL S 414 74.70 -24.54 -5.79
CA VAL S 414 74.93 -23.36 -4.94
C VAL S 414 73.62 -23.09 -4.21
N SER S 415 73.49 -23.64 -3.00
CA SER S 415 72.27 -23.57 -2.23
C SER S 415 72.38 -22.51 -1.12
N ASN S 416 71.23 -22.19 -0.53
CA ASN S 416 71.10 -21.20 0.53
C ASN S 416 70.68 -21.90 1.81
N ILE S 417 71.62 -22.13 2.72
CA ILE S 417 71.27 -22.59 4.06
C ILE S 417 70.61 -21.44 4.81
N THR S 418 69.35 -21.64 5.22
CA THR S 418 68.57 -20.60 5.87
C THR S 418 67.77 -21.15 7.06
N GLY S 419 68.23 -22.23 7.67
CA GLY S 419 67.56 -22.75 8.84
C GLY S 419 68.20 -24.04 9.30
N LEU S 420 67.77 -24.46 10.50
CA LEU S 420 68.31 -25.65 11.13
C LEU S 420 67.20 -26.34 11.94
N ILE S 421 67.39 -27.62 12.19
CA ILE S 421 66.52 -28.40 13.07
C ILE S 421 67.43 -28.99 14.15
N LEU S 422 67.40 -28.40 15.33
CA LEU S 422 68.25 -28.78 16.44
C LEU S 422 67.45 -29.53 17.51
N THR S 423 68.16 -30.34 18.28
CA THR S 423 67.57 -31.12 19.36
C THR S 423 68.48 -31.07 20.57
N ARG S 424 67.86 -30.88 21.74
CA ARG S 424 68.62 -30.85 22.99
C ARG S 424 69.15 -32.25 23.31
N ASP S 425 70.29 -32.28 24.00
CA ASP S 425 70.96 -33.55 24.27
C ASP S 425 70.08 -34.49 25.08
N GLY S 426 69.42 -33.99 26.11
CA GLY S 426 68.57 -34.82 26.93
C GLY S 426 68.21 -34.12 28.23
N GLY S 427 67.62 -34.91 29.13
CA GLY S 427 67.18 -34.42 30.42
C GLY S 427 68.24 -34.40 31.51
N SER S 428 69.48 -34.76 31.20
CA SER S 428 70.58 -34.74 32.16
C SER S 428 71.25 -33.38 32.24
N THR S 429 70.58 -32.31 31.83
CA THR S 429 71.14 -30.96 31.83
C THR S 429 70.68 -30.15 33.04
N ASN S 430 70.52 -30.80 34.20
CA ASN S 430 70.16 -30.07 35.41
C ASN S 430 71.22 -29.04 35.74
N SER S 431 72.49 -29.40 35.62
CA SER S 431 73.56 -28.43 35.70
C SER S 431 73.57 -27.55 34.45
N THR S 432 74.26 -26.42 34.54
CA THR S 432 74.29 -25.45 33.45
C THR S 432 75.17 -25.98 32.32
N THR S 433 74.59 -26.91 31.56
CA THR S 433 75.26 -27.49 30.40
C THR S 433 74.20 -27.79 29.34
N GLU S 434 74.03 -26.87 28.40
CA GLU S 434 73.05 -27.00 27.33
C GLU S 434 73.77 -27.42 26.06
N THR S 435 73.46 -28.62 25.58
CA THR S 435 74.07 -29.19 24.37
C THR S 435 72.97 -29.44 23.35
N PHE S 436 73.19 -28.97 22.12
CA PHE S 436 72.27 -29.16 21.00
C PHE S 436 73.00 -29.84 19.86
N ARG S 437 72.27 -30.69 19.14
CA ARG S 437 72.82 -31.44 18.02
C ARG S 437 71.83 -31.40 16.86
N PRO S 438 72.30 -31.61 15.64
CA PRO S 438 71.36 -31.65 14.50
C PRO S 438 70.36 -32.78 14.64
N GLY S 439 69.14 -32.54 14.15
CA GLY S 439 68.09 -33.52 14.20
C GLY S 439 67.15 -33.44 13.01
N GLY S 440 66.20 -34.35 12.93
CA GLY S 440 65.28 -34.39 11.80
C GLY S 440 64.61 -35.73 11.62
N GLY S 441 64.70 -36.27 10.41
CA GLY S 441 64.05 -37.53 10.09
C GLY S 441 62.65 -37.29 9.53
N ASP S 442 61.77 -36.75 10.37
CA ASP S 442 60.44 -36.38 9.90
C ASP S 442 60.55 -35.17 8.98
N MET S 443 59.93 -35.28 7.80
CA MET S 443 59.98 -34.20 6.82
C MET S 443 59.04 -33.05 7.15
N ARG S 444 58.11 -33.25 8.09
CA ARG S 444 57.17 -32.19 8.44
C ARG S 444 57.89 -30.97 9.00
N ASP S 445 59.01 -31.17 9.72
CA ASP S 445 59.76 -30.05 10.25
C ASP S 445 60.29 -29.17 9.13
N ASN S 446 60.80 -29.79 8.06
CA ASN S 446 61.20 -29.02 6.88
C ASN S 446 60.00 -28.31 6.29
N TRP S 447 58.83 -28.95 6.30
CA TRP S 447 57.61 -28.33 5.79
C TRP S 447 57.04 -27.29 6.75
N ARG S 448 57.37 -27.36 8.04
CA ARG S 448 56.87 -26.41 9.02
C ARG S 448 57.82 -25.22 9.19
N SER S 449 58.21 -24.63 8.07
CA SER S 449 59.03 -23.41 8.07
C SER S 449 58.59 -22.40 7.03
N GLU S 450 57.59 -22.72 6.18
CA GLU S 450 57.07 -21.79 5.19
C GLU S 450 55.56 -21.60 5.28
N LEU S 451 54.85 -22.48 6.01
CA LEU S 451 53.41 -22.39 6.19
C LEU S 451 53.06 -22.04 7.64
N TYR S 452 54.03 -21.50 8.39
CA TYR S 452 53.81 -21.18 9.79
C TYR S 452 52.93 -19.96 9.98
N LYS S 453 53.10 -18.93 9.14
CA LYS S 453 52.29 -17.73 9.25
C LYS S 453 50.91 -17.88 8.61
N TYR S 454 50.66 -18.97 7.89
CA TYR S 454 49.40 -19.17 7.18
C TYR S 454 48.49 -20.11 7.95
N LYS S 455 47.23 -19.73 8.07
CA LYS S 455 46.20 -20.57 8.65
C LYS S 455 44.96 -20.51 7.76
N VAL S 456 44.13 -21.55 7.85
CA VAL S 456 42.92 -21.67 7.04
C VAL S 456 41.71 -21.48 7.95
N VAL S 457 40.79 -20.62 7.51
CA VAL S 457 39.57 -20.32 8.27
C VAL S 457 38.37 -20.47 7.36
N LYS S 458 37.22 -20.77 7.97
CA LYS S 458 35.95 -20.94 7.27
C LYS S 458 35.02 -19.81 7.66
N ILE S 459 34.46 -19.12 6.67
CA ILE S 459 33.59 -17.98 6.92
C ILE S 459 32.20 -18.47 7.27
N GLU S 460 31.53 -17.73 8.16
CA GLU S 460 30.17 -18.02 8.61
C GLU S 460 29.33 -16.79 8.32
N PRO S 461 28.81 -16.62 7.11
CA PRO S 461 28.20 -15.33 6.74
C PRO S 461 26.94 -15.00 7.53
N LEU S 462 26.26 -15.99 8.09
CA LEU S 462 24.99 -15.73 8.78
C LEU S 462 25.25 -15.25 10.21
N GLY S 463 24.51 -14.22 10.61
CA GLY S 463 24.57 -13.73 11.97
C GLY S 463 23.23 -13.14 12.37
N VAL S 464 23.02 -13.04 13.68
CA VAL S 464 21.79 -12.50 14.26
C VAL S 464 22.16 -11.44 15.28
N ALA S 465 21.47 -10.30 15.23
CA ALA S 465 21.76 -9.18 16.10
C ALA S 465 20.46 -8.53 16.54
N PRO S 466 20.50 -7.68 17.58
CA PRO S 466 19.30 -6.91 17.93
C PRO S 466 19.20 -5.62 17.13
N THR S 467 17.96 -5.25 16.79
CA THR S 467 17.68 -4.03 16.04
C THR S 467 16.19 -3.74 16.18
N ARG S 468 15.84 -2.48 15.94
CA ARG S 468 14.45 -2.01 16.01
C ARG S 468 13.80 -2.26 14.65
N CYS S 469 12.93 -3.27 14.58
CA CYS S 469 12.25 -3.61 13.33
C CYS S 469 10.95 -4.35 13.62
N LYS S 470 10.10 -4.39 12.60
CA LYS S 470 8.91 -5.24 12.62
C LYS S 470 8.52 -5.46 11.16
N ARG S 471 8.75 -6.67 10.66
CA ARG S 471 8.58 -6.93 9.23
C ARG S 471 7.11 -6.88 8.85
N ARG S 472 6.80 -6.04 7.85
CA ARG S 472 5.49 -6.03 7.22
C ARG S 472 5.49 -5.11 6.01
N ALA T 6 39.54 -9.75 -9.59
CA ALA T 6 38.95 -8.44 -9.33
C ALA T 6 37.79 -8.52 -8.34
N VAL T 7 37.28 -9.74 -8.10
CA VAL T 7 36.15 -9.91 -7.20
C VAL T 7 36.57 -10.02 -5.74
N PHE T 8 37.82 -10.41 -5.46
CA PHE T 8 38.26 -10.59 -4.09
C PHE T 8 38.21 -9.25 -3.35
N LEU T 9 39.07 -8.30 -3.72
CA LEU T 9 38.95 -6.87 -3.47
C LEU T 9 38.32 -6.52 -2.12
N GLY T 10 38.92 -6.97 -1.03
CA GLY T 10 38.51 -6.55 0.30
C GLY T 10 37.77 -7.61 1.08
N PHE T 11 38.12 -8.88 0.88
CA PHE T 11 37.47 -9.95 1.63
C PHE T 11 37.82 -9.85 3.11
N LEU T 12 36.80 -9.88 3.96
CA LEU T 12 36.95 -9.71 5.40
C LEU T 12 37.65 -8.38 5.73
N GLY T 13 37.41 -7.35 4.91
CA GLY T 13 38.09 -6.08 5.11
C GLY T 13 37.66 -5.34 6.35
N ALA T 14 36.46 -5.62 6.86
CA ALA T 14 35.90 -4.95 8.05
C ALA T 14 35.80 -5.92 9.21
N ALA T 15 36.75 -6.85 9.31
CA ALA T 15 36.72 -7.82 10.40
C ALA T 15 36.88 -7.13 11.75
N GLY T 16 37.83 -6.20 11.86
CA GLY T 16 38.04 -5.45 13.08
C GLY T 16 37.10 -4.27 13.27
N SER T 17 36.29 -3.95 12.27
CA SER T 17 35.35 -2.84 12.39
C SER T 17 34.19 -3.20 13.31
N THR T 18 33.51 -2.17 13.79
CA THR T 18 32.35 -2.37 14.64
C THR T 18 31.22 -3.02 13.84
N MET T 19 30.23 -3.53 14.58
CA MET T 19 29.10 -4.19 13.94
C MET T 19 28.34 -3.24 13.02
N GLY T 20 28.09 -2.01 13.49
CA GLY T 20 27.36 -1.05 12.67
C GLY T 20 28.12 -0.67 11.41
N ALA T 21 29.43 -0.44 11.54
CA ALA T 21 30.23 -0.10 10.37
C ALA T 21 30.44 -1.30 9.47
N ALA T 22 30.72 -2.47 10.05
CA ALA T 22 30.93 -3.67 9.26
C ALA T 22 29.66 -4.11 8.53
N SER T 23 28.48 -3.72 9.02
CA SER T 23 27.23 -4.06 8.35
C SER T 23 27.05 -3.33 7.02
N MET T 24 27.87 -2.35 6.72
CA MET T 24 27.77 -1.57 5.49
C MET T 24 28.54 -2.17 4.33
N THR T 25 29.28 -3.27 4.55
CA THR T 25 30.10 -3.91 3.53
C THR T 25 29.84 -5.41 3.50
N LEU T 26 28.56 -5.78 3.54
CA LEU T 26 28.19 -7.19 3.49
C LEU T 26 28.34 -7.77 2.09
N THR T 27 28.13 -6.96 1.05
CA THR T 27 28.22 -7.46 -0.31
C THR T 27 29.62 -7.95 -0.65
N VAL T 28 30.65 -7.30 -0.10
CA VAL T 28 32.02 -7.70 -0.39
C VAL T 28 32.27 -9.12 0.12
N GLN T 29 31.84 -9.42 1.34
CA GLN T 29 32.01 -10.76 1.90
C GLN T 29 31.02 -11.76 1.33
N ALA T 30 29.90 -11.29 0.76
CA ALA T 30 28.88 -12.19 0.23
C ALA T 30 29.15 -12.62 -1.20
N ARG T 31 29.87 -11.81 -1.98
CA ARG T 31 30.11 -12.13 -3.39
C ARG T 31 31.26 -13.10 -3.60
N ASN T 32 32.06 -13.38 -2.57
CA ASN T 32 33.22 -14.26 -2.67
C ASN T 32 32.97 -15.63 -2.06
N LEU T 33 31.72 -15.95 -1.74
CA LEU T 33 31.37 -17.21 -1.07
C LEU T 33 31.11 -18.35 -2.04
N LEU T 34 31.17 -18.10 -3.34
CA LEU T 34 30.85 -19.11 -4.36
C LEU T 34 32.02 -19.45 -5.25
N SER T 35 32.80 -18.46 -5.68
CA SER T 35 33.95 -18.72 -6.55
C SER T 35 34.91 -17.52 -6.53
N THR T 58 44.64 -37.49 -11.71
CA THR T 58 43.20 -37.76 -11.72
C THR T 58 42.59 -37.47 -10.36
N VAL T 59 43.26 -37.96 -9.30
CA VAL T 59 42.76 -37.76 -7.94
C VAL T 59 42.73 -36.28 -7.59
N TRP T 60 43.62 -35.48 -8.18
CA TRP T 60 43.61 -34.05 -7.94
C TRP T 60 42.32 -33.41 -8.46
N GLY T 61 41.86 -33.87 -9.63
CA GLY T 61 40.57 -33.43 -10.11
C GLY T 61 39.44 -33.82 -9.17
N ILE T 62 39.55 -35.01 -8.55
CA ILE T 62 38.54 -35.43 -7.60
C ILE T 62 38.54 -34.50 -6.37
N LYS T 63 39.73 -34.12 -5.90
CA LYS T 63 39.81 -33.22 -4.76
C LYS T 63 39.23 -31.84 -5.12
N GLN T 64 39.51 -31.36 -6.32
CA GLN T 64 38.97 -30.08 -6.75
C GLN T 64 37.44 -30.14 -6.84
N LEU T 65 36.92 -31.24 -7.40
CA LEU T 65 35.47 -31.42 -7.49
C LEU T 65 34.85 -31.47 -6.10
N GLN T 66 35.50 -32.17 -5.16
CA GLN T 66 34.98 -32.24 -3.80
C GLN T 66 34.94 -30.86 -3.15
N ALA T 67 36.01 -30.08 -3.34
CA ALA T 67 36.02 -28.73 -2.77
C ALA T 67 34.93 -27.86 -3.36
N ARG T 68 34.77 -27.92 -4.69
CA ARG T 68 33.73 -27.12 -5.34
C ARG T 68 32.34 -27.54 -4.88
N VAL T 69 32.09 -28.84 -4.79
CA VAL T 69 30.79 -29.32 -4.36
C VAL T 69 30.52 -28.94 -2.91
N LEU T 70 31.54 -29.00 -2.06
CA LEU T 70 31.35 -28.58 -0.67
C LEU T 70 31.01 -27.10 -0.59
N ALA T 71 31.70 -26.26 -1.36
CA ALA T 71 31.40 -24.83 -1.35
C ALA T 71 29.96 -24.58 -1.84
N VAL T 72 29.58 -25.26 -2.93
CA VAL T 72 28.23 -25.08 -3.47
C VAL T 72 27.18 -25.53 -2.45
N GLU T 73 27.43 -26.67 -1.79
CA GLU T 73 26.48 -27.19 -0.81
C GLU T 73 26.34 -26.24 0.37
N ARG T 74 27.45 -25.70 0.86
CA ARG T 74 27.36 -24.75 1.97
C ARG T 74 26.62 -23.49 1.57
N TYR T 75 26.89 -22.96 0.37
CA TYR T 75 26.18 -21.78 -0.09
C TYR T 75 24.69 -22.04 -0.23
N LEU T 76 24.33 -23.21 -0.76
CA LEU T 76 22.93 -23.54 -0.93
C LEU T 76 22.24 -23.76 0.42
N ARG T 77 22.96 -24.33 1.38
CA ARG T 77 22.40 -24.48 2.72
C ARG T 77 22.13 -23.11 3.34
N ASP T 78 23.07 -22.17 3.20
CA ASP T 78 22.85 -20.84 3.72
C ASP T 78 21.66 -20.17 3.04
N GLN T 79 21.56 -20.31 1.71
CA GLN T 79 20.46 -19.69 0.98
C GLN T 79 19.12 -20.30 1.39
N GLN T 80 19.07 -21.62 1.57
CA GLN T 80 17.84 -22.27 2.00
C GLN T 80 17.45 -21.82 3.40
N LEU T 81 18.43 -21.70 4.30
CA LEU T 81 18.13 -21.24 5.64
C LEU T 81 17.59 -19.81 5.64
N LEU T 82 18.17 -18.95 4.79
CA LEU T 82 17.64 -17.60 4.65
C LEU T 82 16.22 -17.62 4.10
N GLY T 83 15.97 -18.45 3.09
CA GLY T 83 14.65 -18.50 2.49
C GLY T 83 13.58 -19.00 3.44
N ILE T 84 13.92 -19.99 4.26
CA ILE T 84 12.95 -20.53 5.22
C ILE T 84 12.52 -19.47 6.22
N TRP T 85 13.39 -18.49 6.48
CA TRP T 85 13.09 -17.39 7.39
C TRP T 85 12.37 -16.23 6.70
N GLY T 86 12.13 -16.32 5.39
CA GLY T 86 11.47 -15.25 4.66
C GLY T 86 12.37 -14.13 4.21
N CYS T 87 13.69 -14.23 4.44
CA CYS T 87 14.64 -13.21 4.03
C CYS T 87 15.34 -13.57 2.73
N SER T 88 14.64 -14.25 1.82
CA SER T 88 15.23 -14.64 0.55
C SER T 88 15.59 -13.41 -0.28
N GLY T 89 16.76 -13.44 -0.88
CA GLY T 89 17.20 -12.34 -1.73
C GLY T 89 17.36 -11.03 -0.97
N LYS T 90 17.90 -11.08 0.24
CA LYS T 90 18.12 -9.88 1.03
C LYS T 90 19.37 -10.08 1.88
N LEU T 91 20.24 -9.06 1.91
CA LEU T 91 21.42 -9.09 2.75
C LEU T 91 21.13 -8.53 4.15
N ILE T 92 20.28 -7.52 4.25
CA ILE T 92 19.82 -6.98 5.53
C ILE T 92 18.31 -7.18 5.55
N CYS T 93 17.83 -8.09 6.38
CA CYS T 93 16.41 -8.39 6.51
C CYS T 93 16.11 -8.61 7.98
N CYS T 94 15.47 -7.64 8.61
CA CYS T 94 15.15 -7.70 10.03
C CYS T 94 13.71 -8.18 10.21
N THR T 95 13.54 -9.21 11.03
CA THR T 95 12.29 -9.93 11.16
C THR T 95 11.46 -9.38 12.33
N ASN T 96 10.35 -10.05 12.63
CA ASN T 96 9.41 -9.62 13.65
C ASN T 96 9.51 -10.43 14.94
N VAL T 97 10.53 -11.27 15.08
CA VAL T 97 10.67 -12.08 16.29
C VAL T 97 11.21 -11.20 17.42
N PRO T 98 10.56 -11.16 18.59
CA PRO T 98 11.08 -10.32 19.67
C PRO T 98 12.41 -10.83 20.21
N TRP T 99 13.22 -9.90 20.72
CA TRP T 99 14.53 -10.22 21.27
C TRP T 99 14.39 -10.49 22.77
N ASN T 100 14.67 -11.73 23.16
CA ASN T 100 14.65 -12.08 24.57
C ASN T 100 15.89 -11.52 25.27
N SER T 101 15.68 -10.89 26.42
CA SER T 101 16.80 -10.31 27.16
C SER T 101 17.75 -11.37 27.71
N SER T 102 17.30 -12.62 27.81
CA SER T 102 18.16 -13.68 28.34
C SER T 102 19.36 -13.92 27.41
N TRP T 103 19.14 -13.79 26.09
CA TRP T 103 20.23 -14.04 25.15
C TRP T 103 21.36 -13.04 25.34
N SER T 104 21.03 -11.77 25.55
CA SER T 104 22.04 -10.74 25.74
C SER T 104 21.38 -9.54 26.39
N ASN T 105 21.89 -9.14 27.56
CA ASN T 105 21.37 -7.97 28.26
C ASN T 105 21.93 -6.66 27.72
N ARG T 106 22.93 -6.71 26.86
CA ARG T 106 23.51 -5.49 26.31
C ARG T 106 22.52 -4.84 25.35
N ASN T 107 22.51 -3.50 25.33
CA ASN T 107 21.57 -2.74 24.52
C ASN T 107 22.22 -2.38 23.18
N LEU T 108 21.54 -1.55 22.39
CA LEU T 108 22.00 -1.25 21.04
C LEU T 108 23.31 -0.46 21.06
N SER T 109 23.47 0.44 22.04
CA SER T 109 24.59 1.37 22.01
C SER T 109 25.92 0.63 22.02
N GLU T 110 26.19 -0.14 23.07
CA GLU T 110 27.47 -0.84 23.16
C GLU T 110 27.58 -1.90 22.06
N ILE T 111 26.48 -2.57 21.73
CA ILE T 111 26.53 -3.64 20.73
C ILE T 111 26.99 -3.09 19.39
N TRP T 112 26.48 -1.92 18.99
CA TRP T 112 26.72 -1.38 17.66
C TRP T 112 27.82 -0.32 17.61
N ASP T 113 28.40 0.08 18.75
CA ASP T 113 29.47 1.07 18.76
C ASP T 113 30.68 0.68 19.59
N ASN T 114 30.69 -0.49 20.22
CA ASN T 114 31.80 -0.91 21.08
C ASN T 114 32.23 -2.36 20.88
N MET T 115 31.43 -3.19 20.20
CA MET T 115 31.71 -4.60 20.03
C MET T 115 31.81 -4.94 18.54
N THR T 116 32.70 -5.88 18.23
CA THR T 116 32.89 -6.34 16.85
C THR T 116 32.11 -7.63 16.60
N TRP T 117 32.03 -8.00 15.33
CA TRP T 117 31.20 -9.14 14.95
C TRP T 117 31.72 -10.44 15.55
N LEU T 118 33.04 -10.62 15.60
CA LEU T 118 33.59 -11.84 16.17
C LEU T 118 33.25 -11.96 17.65
N GLN T 119 33.34 -10.85 18.39
CA GLN T 119 32.99 -10.88 19.81
C GLN T 119 31.51 -11.19 20.01
N TRP T 120 30.65 -10.61 19.18
CA TRP T 120 29.22 -10.90 19.28
C TRP T 120 28.93 -12.37 18.98
N ASP T 121 29.61 -12.92 17.96
CA ASP T 121 29.44 -14.33 17.65
C ASP T 121 29.90 -15.21 18.81
N LYS T 122 31.04 -14.88 19.41
CA LYS T 122 31.51 -15.63 20.58
C LYS T 122 30.52 -15.52 21.73
N GLU T 123 29.89 -14.36 21.89
CA GLU T 123 28.95 -14.17 22.98
C GLU T 123 27.66 -14.98 22.77
N ILE T 124 27.15 -15.01 21.54
CA ILE T 124 25.83 -15.58 21.26
C ILE T 124 25.94 -16.93 20.54
N SER T 125 27.11 -17.56 20.55
CA SER T 125 27.24 -18.88 19.94
C SER T 125 26.34 -19.91 20.63
N ASN T 126 26.28 -19.87 21.96
CA ASN T 126 25.55 -20.88 22.71
C ASN T 126 24.04 -20.68 22.69
N TYR T 127 23.54 -19.58 22.13
CA TYR T 127 22.11 -19.31 22.01
C TYR T 127 21.74 -18.99 20.57
N THR T 128 22.20 -19.84 19.64
CA THR T 128 22.01 -19.62 18.22
C THR T 128 20.88 -20.48 17.64
N GLN T 129 20.83 -21.77 17.98
CA GLN T 129 19.85 -22.66 17.36
C GLN T 129 18.43 -22.28 17.73
N ILE T 130 18.20 -21.87 18.98
CA ILE T 130 16.85 -21.52 19.41
C ILE T 130 16.36 -20.28 18.65
N ILE T 131 17.26 -19.35 18.36
CA ILE T 131 16.87 -18.18 17.57
C ILE T 131 16.47 -18.59 16.16
N TYR T 132 17.22 -19.52 15.57
CA TYR T 132 16.88 -20.01 14.24
C TYR T 132 15.50 -20.67 14.25
N GLY T 133 15.24 -21.50 15.26
CA GLY T 133 13.93 -22.13 15.36
C GLY T 133 12.81 -21.11 15.55
N LEU T 134 13.05 -20.09 16.37
CA LEU T 134 12.04 -19.06 16.58
C LEU T 134 11.74 -18.33 15.28
N LEU T 135 12.79 -18.00 14.51
CA LEU T 135 12.57 -17.36 13.21
C LEU T 135 11.79 -18.27 12.27
N GLU T 136 12.11 -19.56 12.28
CA GLU T 136 11.40 -20.51 11.44
C GLU T 136 9.91 -20.54 11.76
N GLU T 137 9.58 -20.72 13.04
CA GLU T 137 8.16 -20.75 13.44
C GLU T 137 7.49 -19.42 13.17
N SER T 138 8.18 -18.30 13.40
CA SER T 138 7.57 -17.00 13.14
C SER T 138 7.23 -16.83 11.66
N GLN T 139 8.14 -17.23 10.78
CA GLN T 139 7.86 -17.10 9.35
C GLN T 139 6.74 -18.03 8.93
N ASN T 140 6.70 -19.26 9.48
CA ASN T 140 5.61 -20.17 9.15
C ASN T 140 4.26 -19.60 9.58
N GLN T 141 4.20 -19.07 10.80
CA GLN T 141 2.96 -18.47 11.29
C GLN T 141 2.57 -17.25 10.46
N GLN T 142 3.55 -16.44 10.08
CA GLN T 142 3.26 -15.27 9.25
C GLN T 142 2.68 -15.68 7.90
N GLU T 143 3.26 -16.71 7.27
CA GLU T 143 2.74 -17.15 5.98
C GLU T 143 1.32 -17.72 6.13
N LYS T 144 1.10 -18.50 7.21
CA LYS T 144 -0.25 -19.05 7.43
C LYS T 144 -1.26 -17.93 7.64
N ASN T 145 -0.90 -16.92 8.43
CA ASN T 145 -1.83 -15.81 8.67
C ASN T 145 -2.07 -15.01 7.40
N GLU T 146 -1.05 -14.85 6.57
CA GLU T 146 -1.22 -14.17 5.29
C GLU T 146 -2.21 -14.93 4.42
N GLN T 147 -2.07 -16.25 4.37
CA GLN T 147 -3.01 -17.05 3.59
C GLN T 147 -4.43 -16.92 4.14
N ASP T 148 -4.56 -16.97 5.47
CA ASP T 148 -5.89 -16.90 6.09
C ASP T 148 -6.56 -15.56 5.80
N LEU T 149 -5.81 -14.45 5.92
CA LEU T 149 -6.41 -13.14 5.70
C LEU T 149 -6.65 -12.87 4.22
N LEU T 150 -5.80 -13.40 3.34
CA LEU T 150 -6.01 -13.23 1.90
C LEU T 150 -7.14 -14.11 1.38
N ALA T 151 -7.49 -15.18 2.11
CA ALA T 151 -8.60 -16.02 1.67
C ALA T 151 -9.90 -15.23 1.66
N LEU T 152 -10.13 -14.40 2.68
CA LEU T 152 -11.34 -13.59 2.76
C LEU T 152 -11.12 -12.24 2.08
N ALA U 1 16.34 14.67 -19.07
CA ALA U 1 15.37 14.64 -20.16
C ALA U 1 15.07 13.20 -20.56
N GLU U 2 16.12 12.40 -20.72
CA GLU U 2 15.94 11.00 -21.11
C GLU U 2 15.18 10.24 -20.03
N ASN U 3 15.52 10.48 -18.76
CA ASN U 3 14.89 9.83 -17.60
C ASN U 3 14.76 8.32 -17.79
N LEU U 4 15.80 7.72 -18.35
CA LEU U 4 15.85 6.29 -18.58
C LEU U 4 16.60 5.60 -17.44
N TRP U 5 16.21 4.36 -17.16
CA TRP U 5 16.71 3.61 -16.02
C TRP U 5 17.10 2.21 -16.44
N VAL U 6 18.07 1.64 -15.70
CA VAL U 6 18.57 0.31 -16.04
C VAL U 6 17.56 -0.74 -15.61
N THR U 7 17.37 -1.74 -16.47
CA THR U 7 16.56 -2.91 -16.17
C THR U 7 17.34 -4.16 -16.54
N VAL U 8 17.21 -5.20 -15.72
CA VAL U 8 17.97 -6.43 -15.87
C VAL U 8 17.05 -7.52 -16.38
N TYR U 9 17.45 -8.14 -17.50
CA TYR U 9 16.72 -9.23 -18.11
C TYR U 9 17.52 -10.52 -17.98
N TYR U 10 16.87 -11.56 -17.48
CA TYR U 10 17.49 -12.87 -17.29
C TYR U 10 17.00 -13.81 -18.38
N GLY U 11 17.93 -14.48 -19.06
CA GLY U 11 17.58 -15.42 -20.10
C GLY U 11 17.54 -14.84 -21.49
N VAL U 12 18.12 -13.68 -21.72
CA VAL U 12 18.09 -13.08 -23.06
C VAL U 12 18.90 -13.97 -24.01
N PRO U 13 18.49 -14.13 -25.28
CA PRO U 13 19.24 -15.03 -26.18
C PRO U 13 20.51 -14.40 -26.76
N VAL U 14 21.56 -14.42 -25.95
CA VAL U 14 22.89 -13.94 -26.36
C VAL U 14 23.91 -15.00 -25.98
N TRP U 15 24.81 -15.31 -26.91
CA TRP U 15 25.81 -16.35 -26.72
C TRP U 15 27.19 -15.79 -27.08
N LYS U 16 28.22 -16.49 -26.58
CA LYS U 16 29.61 -16.16 -26.87
C LYS U 16 30.38 -17.43 -27.19
N ASP U 17 31.44 -17.28 -27.97
CA ASP U 17 32.28 -18.43 -28.31
C ASP U 17 32.98 -18.95 -27.05
N ALA U 18 32.93 -20.26 -26.86
CA ALA U 18 33.53 -20.88 -25.68
C ALA U 18 33.82 -22.34 -25.98
N GLU U 19 34.67 -22.93 -25.14
CA GLU U 19 35.07 -24.33 -25.25
C GLU U 19 34.75 -25.04 -23.95
N THR U 20 34.14 -26.22 -24.06
CA THR U 20 33.77 -27.02 -22.89
C THR U 20 33.98 -28.49 -23.23
N THR U 21 33.48 -29.37 -22.37
CA THR U 21 33.64 -30.81 -22.51
C THR U 21 32.29 -31.42 -22.89
N LEU U 22 32.23 -32.00 -24.09
CA LEU U 22 31.05 -32.71 -24.58
C LEU U 22 31.11 -34.17 -24.13
N PHE U 23 29.94 -34.81 -24.11
CA PHE U 23 29.80 -36.18 -23.67
C PHE U 23 29.01 -36.98 -24.70
N CYS U 24 28.97 -38.30 -24.48
CA CYS U 24 28.36 -39.22 -25.42
C CYS U 24 26.85 -38.99 -25.52
N ALA U 25 26.29 -39.56 -26.59
CA ALA U 25 24.87 -39.89 -26.64
C ALA U 25 24.72 -40.95 -27.73
N SER U 26 24.50 -42.20 -27.32
CA SER U 26 24.43 -43.32 -28.24
C SER U 26 23.23 -44.20 -27.91
N ASP U 27 22.69 -44.86 -28.93
CA ASP U 27 21.54 -45.73 -28.76
C ASP U 27 21.99 -47.16 -28.42
N HIS U 36 29.78 -55.81 -26.17
CA HIS U 36 31.02 -55.10 -25.91
C HIS U 36 31.58 -54.48 -27.18
N ASN U 37 32.05 -53.24 -27.07
CA ASN U 37 32.63 -52.52 -28.20
C ASN U 37 33.83 -51.73 -27.72
N VAL U 38 34.79 -51.53 -28.62
CA VAL U 38 35.97 -50.72 -28.30
C VAL U 38 35.54 -49.28 -27.99
N TRP U 39 34.60 -48.75 -28.76
CA TRP U 39 33.98 -47.47 -28.43
C TRP U 39 32.89 -47.77 -27.41
N ALA U 40 33.25 -47.69 -26.13
CA ALA U 40 32.40 -48.15 -25.05
C ALA U 40 31.05 -47.44 -25.04
N THR U 41 29.99 -48.18 -25.35
CA THR U 41 28.64 -47.62 -25.30
C THR U 41 28.05 -47.66 -23.89
N HIS U 42 28.51 -48.60 -23.04
CA HIS U 42 28.05 -48.63 -21.66
C HIS U 42 28.48 -47.38 -20.92
N ALA U 43 29.70 -46.91 -21.18
CA ALA U 43 30.19 -45.65 -20.60
C ALA U 43 29.85 -44.47 -21.51
N CYS U 44 28.57 -44.39 -21.88
CA CYS U 44 28.09 -43.37 -22.81
C CYS U 44 26.57 -43.27 -22.62
N VAL U 45 26.08 -42.07 -22.40
CA VAL U 45 24.69 -41.88 -21.97
C VAL U 45 23.75 -42.22 -23.12
N PRO U 46 22.48 -42.52 -22.84
CA PRO U 46 21.56 -42.86 -23.93
C PRO U 46 20.98 -41.61 -24.61
N THR U 47 20.68 -41.76 -25.89
CA THR U 47 20.10 -40.69 -26.68
C THR U 47 18.59 -40.71 -26.59
N ASP U 48 17.98 -39.53 -26.66
CA ASP U 48 16.53 -39.45 -26.69
C ASP U 48 16.02 -40.00 -28.02
N PRO U 49 14.87 -40.69 -28.04
CA PRO U 49 14.35 -41.20 -29.31
C PRO U 49 13.85 -40.12 -30.26
N ASN U 50 13.64 -38.89 -29.77
CA ASN U 50 13.08 -37.80 -30.55
C ASN U 50 14.05 -36.64 -30.41
N PRO U 51 15.12 -36.61 -31.21
CA PRO U 51 16.01 -35.43 -31.17
C PRO U 51 15.26 -34.18 -31.58
N GLN U 52 15.59 -33.08 -30.89
CA GLN U 52 14.91 -31.80 -31.07
C GLN U 52 15.88 -30.80 -31.68
N GLU U 53 15.46 -30.18 -32.79
CA GLU U 53 16.25 -29.18 -33.49
C GLU U 53 15.46 -27.88 -33.55
N ILE U 54 16.08 -26.78 -33.12
CA ILE U 54 15.47 -25.46 -33.15
C ILE U 54 16.12 -24.67 -34.28
N HIS U 55 15.30 -24.22 -35.22
CA HIS U 55 15.78 -23.56 -36.43
C HIS U 55 15.75 -22.06 -36.22
N LEU U 56 16.91 -21.46 -35.97
CA LEU U 56 16.99 -20.02 -35.79
C LEU U 56 16.86 -19.31 -37.14
N GLU U 57 16.36 -18.08 -37.09
CA GLU U 57 16.07 -17.32 -38.30
C GLU U 57 16.59 -15.89 -38.17
N ASN U 58 17.04 -15.35 -39.30
CA ASN U 58 17.60 -14.00 -39.37
C ASN U 58 18.74 -13.82 -38.37
N VAL U 59 19.55 -14.85 -38.22
CA VAL U 59 20.76 -14.82 -37.42
C VAL U 59 21.88 -15.43 -38.23
N THR U 60 23.02 -14.74 -38.31
CA THR U 60 24.18 -15.19 -39.05
C THR U 60 25.35 -15.29 -38.09
N GLU U 61 25.94 -16.48 -37.98
CA GLU U 61 27.06 -16.73 -37.10
C GLU U 61 28.35 -16.79 -37.90
N GLU U 62 29.47 -16.74 -37.18
CA GLU U 62 30.80 -16.80 -37.77
C GLU U 62 31.40 -18.16 -37.42
N PHE U 63 31.56 -19.02 -38.43
CA PHE U 63 32.06 -20.37 -38.23
C PHE U 63 33.53 -20.44 -38.63
N ASN U 64 34.30 -21.17 -37.83
CA ASN U 64 35.77 -21.20 -37.91
C ASN U 64 36.25 -22.65 -37.82
N MET U 65 35.72 -23.52 -38.69
CA MET U 65 35.98 -24.96 -38.72
C MET U 65 37.42 -25.34 -38.39
N TRP U 66 38.38 -24.58 -38.91
CA TRP U 66 39.78 -24.88 -38.67
C TRP U 66 40.24 -24.53 -37.26
N LYS U 67 39.44 -23.79 -36.50
CA LYS U 67 39.70 -23.50 -35.09
C LYS U 67 38.68 -24.16 -34.17
N ASN U 68 37.97 -25.17 -34.66
CA ASN U 68 36.98 -25.85 -33.83
C ASN U 68 37.67 -26.63 -32.71
N ASN U 69 37.17 -26.45 -31.49
CA ASN U 69 37.68 -27.20 -30.35
C ASN U 69 37.03 -28.57 -30.21
N MET U 70 35.97 -28.85 -30.96
CA MET U 70 35.34 -30.16 -30.88
C MET U 70 36.22 -31.25 -31.48
N VAL U 71 37.02 -30.91 -32.49
CA VAL U 71 37.82 -31.93 -33.17
C VAL U 71 38.94 -32.43 -32.25
N GLU U 72 39.61 -31.52 -31.54
CA GLU U 72 40.66 -31.95 -30.62
C GLU U 72 40.09 -32.77 -29.48
N GLN U 73 38.94 -32.35 -28.94
CA GLN U 73 38.31 -33.11 -27.88
C GLN U 73 37.89 -34.49 -28.36
N MET U 74 37.37 -34.58 -29.58
CA MET U 74 37.01 -35.88 -30.14
C MET U 74 38.24 -36.77 -30.29
N HIS U 75 39.35 -36.20 -30.77
CA HIS U 75 40.57 -36.98 -30.92
C HIS U 75 41.05 -37.50 -29.57
N THR U 76 41.05 -36.63 -28.55
CA THR U 76 41.48 -37.03 -27.22
C THR U 76 40.56 -38.11 -26.65
N ASP U 77 39.25 -37.94 -26.83
CA ASP U 77 38.30 -38.95 -26.34
C ASP U 77 38.50 -40.27 -27.04
N ILE U 78 38.74 -40.25 -28.35
CA ILE U 78 38.96 -41.48 -29.11
C ILE U 78 40.20 -42.19 -28.59
N ILE U 79 41.29 -41.44 -28.39
CA ILE U 79 42.52 -42.06 -27.90
C ILE U 79 42.32 -42.64 -26.50
N SER U 80 41.64 -41.89 -25.63
CA SER U 80 41.42 -42.37 -24.26
C SER U 80 40.56 -43.62 -24.25
N LEU U 81 39.48 -43.63 -25.03
CA LEU U 81 38.62 -44.80 -25.10
C LEU U 81 39.39 -46.00 -25.65
N TRP U 82 40.23 -45.77 -26.66
CA TRP U 82 40.97 -46.88 -27.26
C TRP U 82 41.94 -47.47 -26.24
N ASP U 83 42.64 -46.62 -25.50
CA ASP U 83 43.56 -47.10 -24.47
C ASP U 83 42.80 -47.84 -23.37
N GLN U 84 41.64 -47.32 -22.97
CA GLN U 84 40.85 -47.97 -21.93
C GLN U 84 40.40 -49.35 -22.39
N SER U 85 39.97 -49.47 -23.65
CA SER U 85 39.51 -50.77 -24.15
C SER U 85 40.67 -51.73 -24.35
N LEU U 86 41.87 -51.23 -24.66
CA LEU U 86 43.03 -52.09 -24.82
C LEU U 86 43.67 -52.48 -23.50
N LYS U 87 43.37 -51.76 -22.41
CA LYS U 87 44.02 -52.06 -21.14
C LYS U 87 43.68 -53.46 -20.62
N PRO U 88 42.41 -53.91 -20.57
CA PRO U 88 42.15 -55.27 -20.04
C PRO U 88 42.29 -56.36 -21.09
N CYS U 89 43.53 -56.59 -21.53
CA CYS U 89 43.82 -57.62 -22.50
C CYS U 89 45.23 -58.14 -22.25
N VAL U 90 45.50 -59.33 -22.80
CA VAL U 90 46.78 -60.00 -22.58
C VAL U 90 47.91 -59.21 -23.23
N LYS U 91 49.02 -59.07 -22.51
CA LYS U 91 50.21 -58.41 -23.02
C LYS U 91 51.16 -59.47 -23.57
N LEU U 92 51.54 -59.33 -24.85
CA LEU U 92 52.38 -60.32 -25.51
C LEU U 92 53.85 -59.99 -25.35
N THR U 93 54.29 -59.92 -24.09
CA THR U 93 55.71 -59.76 -23.80
C THR U 93 56.51 -61.04 -24.00
N PRO U 94 56.01 -62.25 -23.70
CA PRO U 94 56.86 -63.43 -23.90
C PRO U 94 57.14 -63.75 -25.37
N LEU U 95 56.34 -63.25 -26.31
CA LEU U 95 56.48 -63.57 -27.71
C LEU U 95 57.73 -62.95 -28.32
N CYS U 96 58.37 -62.01 -27.62
CA CYS U 96 59.63 -61.42 -28.09
C CYS U 96 60.73 -62.47 -27.93
N VAL U 97 60.82 -63.34 -28.93
CA VAL U 97 61.81 -64.41 -28.97
C VAL U 97 62.40 -64.46 -30.37
N THR U 98 63.43 -65.28 -30.54
CA THR U 98 64.07 -65.46 -31.84
C THR U 98 63.23 -66.42 -32.67
N LEU U 99 62.75 -65.95 -33.82
CA LEU U 99 61.89 -66.74 -34.70
C LEU U 99 62.72 -67.37 -35.82
N GLN U 100 62.57 -68.68 -36.01
CA GLN U 100 63.19 -69.40 -37.11
C GLN U 100 62.16 -69.52 -38.23
N CYS U 101 62.37 -68.79 -39.33
CA CYS U 101 61.37 -68.61 -40.35
C CYS U 101 61.83 -69.18 -41.69
N THR U 102 60.85 -69.65 -42.47
CA THR U 102 61.08 -70.10 -43.83
C THR U 102 59.90 -69.64 -44.70
N ASN U 103 60.18 -69.45 -45.98
CA ASN U 103 59.15 -69.00 -46.91
C ASN U 103 58.08 -70.07 -47.11
N VAL U 104 56.84 -69.62 -47.18
CA VAL U 104 55.73 -70.52 -47.51
C VAL U 104 55.84 -70.92 -48.97
N THR U 105 55.50 -72.18 -49.27
CA THR U 105 55.76 -72.75 -50.60
C THR U 105 54.50 -73.31 -51.24
N ASN U 106 53.52 -73.73 -50.45
CA ASN U 106 52.33 -74.36 -51.00
C ASN U 106 51.37 -73.32 -51.55
N ASN U 107 50.88 -73.55 -52.77
CA ASN U 107 49.86 -72.73 -53.43
C ASN U 107 50.16 -71.23 -53.30
N ILE U 108 51.33 -70.85 -53.83
CA ILE U 108 51.80 -69.47 -53.79
C ILE U 108 51.79 -68.90 -55.19
N THR U 109 51.32 -67.67 -55.32
CA THR U 109 51.33 -66.94 -56.58
C THR U 109 52.53 -66.00 -56.62
N ASP U 110 52.78 -65.44 -57.82
CA ASP U 110 53.92 -64.55 -57.99
C ASP U 110 53.80 -63.30 -57.12
N ASP U 111 52.59 -62.73 -57.05
CA ASP U 111 52.39 -61.54 -56.22
C ASP U 111 52.66 -61.85 -54.75
N MET U 112 52.21 -63.00 -54.27
CA MET U 112 52.42 -63.41 -52.89
C MET U 112 53.76 -64.15 -52.74
N ARG U 113 54.83 -63.43 -53.06
CA ARG U 113 56.19 -63.89 -52.86
C ARG U 113 56.98 -62.79 -52.16
N GLY U 114 57.93 -63.20 -51.32
CA GLY U 114 58.53 -62.26 -50.40
C GLY U 114 57.47 -61.79 -49.42
N GLU U 115 56.72 -62.76 -48.89
CA GLU U 115 55.50 -62.52 -48.14
C GLU U 115 55.44 -63.59 -47.04
N LEU U 116 54.23 -63.84 -46.51
CA LEU U 116 53.98 -64.61 -45.29
C LEU U 116 54.98 -65.73 -45.04
N LYS U 117 55.58 -65.75 -43.85
CA LYS U 117 56.66 -66.64 -43.51
C LYS U 117 56.21 -67.58 -42.40
N ASN U 118 56.48 -68.88 -42.58
CA ASN U 118 56.23 -69.87 -41.55
C ASN U 118 57.35 -69.77 -40.53
N CYS U 119 57.05 -69.24 -39.35
CA CYS U 119 58.02 -69.00 -38.29
C CYS U 119 57.71 -69.92 -37.12
N SER U 120 58.71 -70.68 -36.69
CA SER U 120 58.63 -71.55 -35.53
C SER U 120 59.55 -71.02 -34.44
N PHE U 121 59.11 -71.16 -33.19
CA PHE U 121 59.89 -70.65 -32.07
C PHE U 121 59.41 -71.30 -30.77
N ASN U 122 60.25 -71.20 -29.75
CA ASN U 122 59.91 -71.64 -28.41
C ASN U 122 59.12 -70.56 -27.68
N MET U 123 58.28 -70.99 -26.74
CA MET U 123 57.54 -70.04 -25.92
C MET U 123 57.10 -70.75 -24.64
N THR U 124 56.73 -69.95 -23.65
CA THR U 124 56.35 -70.47 -22.35
C THR U 124 55.01 -71.21 -22.44
N THR U 125 54.67 -71.89 -21.34
CA THR U 125 53.44 -72.66 -21.24
C THR U 125 52.79 -72.29 -19.92
N GLU U 126 51.64 -72.89 -19.58
CA GLU U 126 51.03 -72.66 -18.27
C GLU U 126 52.04 -72.91 -17.15
N LEU U 127 52.72 -74.04 -17.20
CA LEU U 127 53.77 -74.33 -16.24
C LEU U 127 55.03 -73.53 -16.61
N ARG U 128 55.61 -72.87 -15.61
CA ARG U 128 56.75 -71.99 -15.88
C ARG U 128 57.94 -72.78 -16.41
N ASP U 129 58.22 -73.94 -15.81
CA ASP U 129 59.37 -74.75 -16.20
C ASP U 129 59.00 -75.79 -17.25
N LYS U 130 58.34 -75.34 -18.33
CA LYS U 130 57.98 -76.23 -19.43
C LYS U 130 57.78 -75.38 -20.68
N LYS U 131 58.78 -75.40 -21.56
CA LYS U 131 58.70 -74.68 -22.82
C LYS U 131 57.99 -75.52 -23.88
N GLN U 132 57.46 -74.84 -24.90
CA GLN U 132 56.76 -75.49 -25.99
C GLN U 132 57.16 -74.85 -27.31
N LYS U 133 57.33 -75.69 -28.34
CA LYS U 133 57.64 -75.23 -29.68
C LYS U 133 56.33 -75.03 -30.45
N VAL U 134 56.16 -73.84 -31.02
CA VAL U 134 54.96 -73.50 -31.76
C VAL U 134 55.37 -72.85 -33.07
N TYR U 135 54.41 -72.75 -33.99
CA TYR U 135 54.63 -72.18 -35.31
C TYR U 135 53.43 -71.34 -35.72
N SER U 136 53.70 -70.36 -36.59
CA SER U 136 52.64 -69.49 -37.09
C SER U 136 53.13 -68.81 -38.37
N LEU U 137 52.18 -68.33 -39.17
CA LEU U 137 52.48 -67.62 -40.40
C LEU U 137 52.41 -66.12 -40.12
N PHE U 138 53.57 -65.46 -40.17
CA PHE U 138 53.70 -64.05 -39.88
C PHE U 138 53.98 -63.29 -41.17
N TYR U 139 53.27 -62.19 -41.38
CA TYR U 139 53.46 -61.39 -42.58
C TYR U 139 54.85 -60.78 -42.62
N ARG U 140 55.27 -60.38 -43.81
CA ARG U 140 56.62 -59.83 -43.99
C ARG U 140 56.80 -58.54 -43.20
N LEU U 141 55.79 -57.68 -43.19
CA LEU U 141 55.90 -56.38 -42.52
C LEU U 141 56.05 -56.52 -41.00
N ASP U 142 55.68 -57.67 -40.44
CA ASP U 142 55.71 -57.86 -38.99
C ASP U 142 57.08 -58.29 -38.46
N VAL U 143 57.91 -58.91 -39.30
CA VAL U 143 59.18 -59.48 -38.86
C VAL U 143 60.33 -58.67 -39.48
N VAL U 144 61.47 -58.70 -38.80
CA VAL U 144 62.67 -58.00 -39.22
C VAL U 144 63.87 -58.91 -38.95
N GLN U 145 64.81 -58.93 -39.88
CA GLN U 145 66.00 -59.76 -39.73
C GLN U 145 66.92 -59.21 -38.64
N ILE U 146 67.52 -60.10 -37.87
CA ILE U 146 68.46 -59.71 -36.83
C ILE U 146 69.81 -59.43 -37.48
N LYS U 159 68.60 -66.71 -41.08
CA LYS U 159 67.40 -67.53 -40.89
C LYS U 159 66.72 -67.25 -39.55
N GLU U 160 67.11 -66.17 -38.89
CA GLU U 160 66.53 -65.76 -37.61
C GLU U 160 65.90 -64.39 -37.76
N TYR U 161 64.66 -64.27 -37.28
CA TYR U 161 63.90 -63.02 -37.36
C TYR U 161 63.35 -62.68 -35.99
N ARG U 162 63.11 -61.39 -35.78
CA ARG U 162 62.47 -60.90 -34.57
C ARG U 162 61.31 -59.99 -34.96
N LEU U 163 60.31 -59.92 -34.11
CA LEU U 163 59.21 -59.00 -34.37
C LEU U 163 59.74 -57.57 -34.36
N ILE U 164 59.18 -56.74 -35.25
CA ILE U 164 59.63 -55.35 -35.38
C ILE U 164 59.45 -54.59 -34.07
N ASN U 165 58.57 -55.08 -33.19
CA ASN U 165 58.24 -54.40 -31.95
C ASN U 165 59.34 -54.47 -30.88
N CYS U 166 60.12 -55.54 -30.85
CA CYS U 166 60.87 -55.90 -29.64
C CYS U 166 61.85 -54.80 -29.24
N ASN U 167 62.39 -54.05 -30.19
CA ASN U 167 63.32 -52.98 -29.88
C ASN U 167 62.62 -51.64 -29.67
N THR U 168 61.28 -51.61 -29.69
CA THR U 168 60.51 -50.40 -29.39
C THR U 168 59.69 -50.54 -28.12
N SER U 169 58.85 -51.57 -28.01
CA SER U 169 58.03 -51.76 -26.83
C SER U 169 57.27 -53.08 -26.97
N ALA U 170 56.81 -53.59 -25.83
CA ALA U 170 55.98 -54.80 -25.83
C ALA U 170 54.58 -54.48 -26.33
N CYS U 171 53.82 -55.52 -26.65
CA CYS U 171 52.56 -55.38 -27.35
C CYS U 171 51.40 -56.02 -26.61
N THR U 172 50.22 -55.44 -26.82
CA THR U 172 48.97 -55.86 -26.18
C THR U 172 48.06 -56.44 -27.26
N GLN U 173 47.84 -57.75 -27.19
CA GLN U 173 46.92 -58.40 -28.12
C GLN U 173 45.50 -57.89 -27.90
N ALA U 174 44.90 -57.36 -28.95
CA ALA U 174 43.50 -56.95 -28.86
C ALA U 174 42.63 -58.16 -28.59
N CYS U 175 41.74 -58.03 -27.59
CA CYS U 175 40.91 -59.16 -27.21
C CYS U 175 39.97 -59.53 -28.35
N PRO U 176 39.76 -60.82 -28.62
CA PRO U 176 38.93 -61.18 -29.79
C PRO U 176 37.47 -60.75 -29.66
N LYS U 177 36.93 -60.73 -28.44
CA LYS U 177 35.50 -60.48 -28.28
C LYS U 177 35.12 -59.07 -28.70
N VAL U 178 35.95 -58.08 -28.36
CA VAL U 178 35.63 -56.69 -28.69
C VAL U 178 35.75 -56.48 -30.19
N SER U 179 34.80 -55.75 -30.76
CA SER U 179 34.73 -55.51 -32.20
C SER U 179 35.17 -54.09 -32.51
N PHE U 180 36.00 -53.94 -33.53
CA PHE U 180 36.49 -52.63 -33.97
C PHE U 180 35.50 -51.88 -34.84
N GLU U 181 34.29 -52.40 -35.04
CA GLU U 181 33.35 -51.76 -35.94
C GLU U 181 32.97 -50.38 -35.39
N PRO U 182 33.06 -49.31 -36.20
CA PRO U 182 32.61 -48.01 -35.70
C PRO U 182 31.14 -48.02 -35.33
N ILE U 183 30.80 -47.29 -34.28
CA ILE U 183 29.41 -47.11 -33.83
C ILE U 183 29.16 -45.61 -33.76
N PRO U 184 28.04 -45.09 -34.29
CA PRO U 184 27.82 -43.64 -34.21
C PRO U 184 27.76 -43.16 -32.76
N ILE U 185 28.35 -41.99 -32.53
CA ILE U 185 28.33 -41.32 -31.23
C ILE U 185 27.88 -39.88 -31.46
N HIS U 186 26.89 -39.45 -30.69
CA HIS U 186 26.33 -38.10 -30.81
C HIS U 186 26.90 -37.25 -29.69
N TYR U 187 27.63 -36.21 -30.05
CA TYR U 187 28.22 -35.30 -29.06
C TYR U 187 27.20 -34.23 -28.69
N CYS U 188 26.86 -34.17 -27.40
CA CYS U 188 25.94 -33.17 -26.86
C CYS U 188 26.73 -32.14 -26.08
N ALA U 189 26.02 -31.20 -25.46
CA ALA U 189 26.62 -30.13 -24.68
C ALA U 189 26.04 -30.13 -23.26
N PRO U 190 26.77 -29.61 -22.28
CA PRO U 190 26.24 -29.55 -20.92
C PRO U 190 25.20 -28.43 -20.80
N ALA U 191 24.63 -28.32 -19.61
CA ALA U 191 23.66 -27.26 -19.35
C ALA U 191 24.34 -25.90 -19.41
N GLY U 192 23.63 -24.93 -19.99
CA GLY U 192 24.16 -23.59 -20.18
C GLY U 192 24.94 -23.39 -21.46
N PHE U 193 25.19 -24.46 -22.23
CA PHE U 193 25.88 -24.39 -23.50
C PHE U 193 24.94 -24.83 -24.61
N ALA U 194 25.35 -24.57 -25.86
CA ALA U 194 24.55 -24.90 -27.02
C ALA U 194 25.45 -25.28 -28.17
N ILE U 195 24.88 -26.08 -29.09
CA ILE U 195 25.56 -26.49 -30.31
C ILE U 195 24.76 -25.90 -31.48
N LEU U 196 25.42 -25.05 -32.27
CA LEU U 196 24.80 -24.39 -33.40
C LEU U 196 25.21 -25.11 -34.68
N LYS U 197 24.23 -25.59 -35.43
CA LYS U 197 24.46 -26.19 -36.73
C LYS U 197 24.49 -25.11 -37.81
N CYS U 198 24.81 -25.50 -39.04
CA CYS U 198 24.82 -24.60 -40.19
C CYS U 198 24.20 -25.36 -41.36
N LYS U 199 22.90 -25.14 -41.59
CA LYS U 199 22.21 -25.81 -42.69
C LYS U 199 22.53 -25.20 -44.03
N ASP U 200 23.24 -24.07 -44.07
CA ASP U 200 23.53 -23.40 -45.33
C ASP U 200 24.34 -24.30 -46.25
N LYS U 201 23.98 -24.30 -47.53
CA LYS U 201 24.69 -25.04 -48.55
C LYS U 201 25.74 -24.15 -49.21
N LYS U 202 26.72 -24.80 -49.84
CA LYS U 202 27.86 -24.12 -50.44
C LYS U 202 28.69 -23.37 -49.42
N PHE U 203 28.69 -23.84 -48.18
CA PHE U 203 29.45 -23.22 -47.09
C PHE U 203 30.75 -23.99 -46.89
N ASN U 204 31.88 -23.32 -47.04
CA ASN U 204 33.18 -23.97 -47.08
C ASN U 204 33.79 -24.19 -45.71
N GLY U 205 32.99 -24.11 -44.63
CA GLY U 205 33.49 -24.33 -43.29
C GLY U 205 34.07 -23.12 -42.61
N THR U 206 34.23 -22.01 -43.32
CA THR U 206 34.79 -20.79 -42.75
C THR U 206 33.97 -19.60 -43.22
N GLY U 207 33.74 -18.65 -42.30
CA GLY U 207 33.10 -17.41 -42.64
C GLY U 207 31.69 -17.28 -42.08
N PRO U 208 30.88 -16.40 -42.65
CA PRO U 208 29.53 -16.18 -42.09
C PRO U 208 28.53 -17.20 -42.63
N CYS U 209 27.98 -18.00 -41.72
CA CYS U 209 26.86 -18.88 -42.06
C CYS U 209 25.56 -18.18 -41.70
N PRO U 210 24.65 -17.92 -42.67
CA PRO U 210 23.43 -17.17 -42.34
C PRO U 210 22.30 -18.05 -41.84
N SER U 211 22.37 -19.36 -42.11
CA SER U 211 21.33 -20.31 -41.72
C SER U 211 21.85 -21.11 -40.53
N VAL U 212 21.52 -20.65 -39.32
CA VAL U 212 21.93 -21.29 -38.08
C VAL U 212 20.75 -22.06 -37.53
N SER U 213 21.05 -23.15 -36.81
CA SER U 213 20.00 -23.99 -36.22
C SER U 213 20.58 -24.70 -35.00
N THR U 214 20.05 -24.37 -33.83
CA THR U 214 20.52 -25.00 -32.60
C THR U 214 20.08 -26.46 -32.55
N VAL U 215 20.97 -27.33 -32.05
CA VAL U 215 20.70 -28.75 -31.93
C VAL U 215 21.12 -29.21 -30.55
N GLN U 216 20.36 -30.16 -30.00
CA GLN U 216 20.69 -30.72 -28.69
C GLN U 216 21.95 -31.57 -28.77
N CYS U 217 22.06 -32.41 -29.79
CA CYS U 217 23.23 -33.27 -29.99
C CYS U 217 23.52 -33.37 -31.48
N THR U 218 24.80 -33.60 -31.79
CA THR U 218 25.23 -33.73 -33.17
C THR U 218 24.72 -35.03 -33.77
N HIS U 219 24.70 -35.09 -35.10
CA HIS U 219 24.31 -36.32 -35.79
C HIS U 219 25.34 -37.41 -35.53
N GLY U 220 24.90 -38.66 -35.71
CA GLY U 220 25.75 -39.81 -35.47
C GLY U 220 27.01 -39.80 -36.29
N ILE U 221 28.15 -39.56 -35.64
CA ILE U 221 29.45 -39.53 -36.31
C ILE U 221 30.11 -40.89 -36.08
N LYS U 222 30.40 -41.59 -37.17
CA LYS U 222 31.06 -42.89 -37.08
C LYS U 222 32.56 -42.67 -36.84
N PRO U 223 33.14 -43.19 -35.73
CA PRO U 223 34.58 -42.95 -35.51
C PRO U 223 35.45 -43.86 -36.37
N VAL U 224 35.39 -43.65 -37.68
CA VAL U 224 36.18 -44.44 -38.62
C VAL U 224 37.58 -43.84 -38.72
N VAL U 225 38.59 -44.70 -38.70
CA VAL U 225 39.99 -44.30 -38.80
C VAL U 225 40.50 -44.75 -40.16
N SER U 226 40.93 -43.79 -40.98
CA SER U 226 41.46 -44.09 -42.30
C SER U 226 42.33 -42.93 -42.76
N THR U 227 43.11 -43.20 -43.80
CA THR U 227 44.03 -42.22 -44.38
C THR U 227 43.84 -42.19 -45.89
N GLN U 228 43.92 -40.97 -46.45
CA GLN U 228 43.86 -40.70 -47.88
C GLN U 228 42.47 -40.91 -48.49
N LEU U 229 41.52 -41.39 -47.70
CA LEU U 229 40.17 -41.66 -48.20
C LEU U 229 39.21 -41.67 -47.02
N LEU U 230 38.24 -40.78 -47.04
CA LEU U 230 37.21 -40.73 -45.99
C LEU U 230 36.15 -41.78 -46.31
N LEU U 231 36.13 -42.85 -45.52
CA LEU U 231 35.20 -43.96 -45.73
C LEU U 231 33.99 -43.81 -44.82
N ASN U 232 32.81 -44.12 -45.35
CA ASN U 232 31.55 -44.03 -44.61
C ASN U 232 31.30 -42.61 -44.10
N GLY U 233 31.83 -41.61 -44.80
CA GLY U 233 31.65 -40.24 -44.39
C GLY U 233 30.32 -39.66 -44.83
N SER U 234 30.05 -38.45 -44.36
CA SER U 234 28.83 -37.73 -44.70
C SER U 234 29.03 -37.01 -46.03
N LEU U 235 28.02 -37.07 -46.89
CA LEU U 235 28.10 -36.51 -48.23
C LEU U 235 27.47 -35.12 -48.28
N ALA U 236 28.07 -34.26 -49.10
CA ALA U 236 27.50 -32.94 -49.33
C ALA U 236 26.16 -33.06 -50.05
N GLU U 237 25.25 -32.16 -49.71
CA GLU U 237 23.90 -32.19 -50.25
C GLU U 237 23.73 -31.37 -51.53
N GLU U 238 24.76 -30.64 -51.96
CA GLU U 238 24.66 -29.75 -53.12
C GLU U 238 25.59 -30.13 -54.25
N GLU U 239 26.88 -30.31 -53.99
CA GLU U 239 27.84 -30.73 -55.00
C GLU U 239 29.15 -31.03 -54.29
N VAL U 240 30.15 -31.48 -55.06
CA VAL U 240 31.47 -31.73 -54.49
C VAL U 240 32.02 -30.43 -53.93
N MET U 241 32.49 -30.47 -52.69
CA MET U 241 32.94 -29.29 -51.97
C MET U 241 34.41 -29.40 -51.61
N ILE U 242 35.13 -28.29 -51.77
CA ILE U 242 36.55 -28.20 -51.47
C ILE U 242 36.73 -27.23 -50.30
N ARG U 243 37.40 -27.69 -49.25
CA ARG U 243 37.61 -26.89 -48.05
C ARG U 243 39.10 -26.87 -47.72
N SER U 244 39.61 -25.68 -47.37
CA SER U 244 41.02 -25.54 -47.01
C SER U 244 41.18 -24.30 -46.13
N GLU U 245 42.07 -24.39 -45.15
CA GLU U 245 42.35 -23.24 -44.30
C GLU U 245 42.94 -22.09 -45.11
N ASN U 246 43.86 -22.40 -46.02
CA ASN U 246 44.50 -21.40 -46.87
C ASN U 246 44.82 -22.09 -48.20
N ILE U 247 43.88 -21.99 -49.15
CA ILE U 247 44.09 -22.63 -50.44
C ILE U 247 45.23 -21.96 -51.19
N THR U 248 45.49 -20.68 -50.93
CA THR U 248 46.65 -20.02 -51.52
C THR U 248 47.95 -20.69 -51.06
N ASN U 249 48.03 -21.01 -49.77
CA ASN U 249 49.18 -21.72 -49.24
C ASN U 249 49.09 -23.21 -49.58
N ASN U 250 50.21 -23.79 -50.01
CA ASN U 250 50.27 -25.19 -50.38
C ASN U 250 50.64 -26.11 -49.22
N ALA U 251 50.94 -25.55 -48.04
CA ALA U 251 51.32 -26.36 -46.89
C ALA U 251 50.14 -26.93 -46.12
N LYS U 252 48.93 -26.45 -46.38
CA LYS U 252 47.73 -26.90 -45.68
C LYS U 252 46.98 -27.93 -46.50
N ASN U 253 46.39 -28.90 -45.81
CA ASN U 253 45.63 -29.95 -46.47
C ASN U 253 44.34 -29.38 -47.06
N ILE U 254 43.82 -30.09 -48.06
CA ILE U 254 42.61 -29.71 -48.77
C ILE U 254 41.65 -30.91 -48.66
N LEU U 255 40.49 -30.68 -48.06
CA LEU U 255 39.48 -31.72 -47.91
C LEU U 255 38.46 -31.63 -49.03
N VAL U 256 38.17 -32.76 -49.65
CA VAL U 256 37.15 -32.88 -50.68
C VAL U 256 36.02 -33.72 -50.11
N GLN U 257 34.79 -33.20 -50.24
CA GLN U 257 33.59 -33.88 -49.78
C GLN U 257 32.69 -34.12 -50.99
N PHE U 258 32.52 -35.38 -51.36
CA PHE U 258 31.70 -35.72 -52.51
C PHE U 258 30.22 -35.57 -52.20
N ASN U 259 29.45 -35.25 -53.25
CA ASN U 259 27.99 -35.21 -53.14
C ASN U 259 27.34 -36.56 -53.33
N THR U 260 28.02 -37.49 -54.00
CA THR U 260 27.55 -38.84 -54.21
C THR U 260 28.63 -39.82 -53.76
N PRO U 261 28.26 -41.01 -53.31
CA PRO U 261 29.27 -41.96 -52.83
C PRO U 261 29.92 -42.72 -53.97
N VAL U 262 31.14 -43.18 -53.70
CA VAL U 262 31.84 -44.12 -54.56
C VAL U 262 31.94 -45.43 -53.81
N GLN U 263 31.29 -46.47 -54.34
CA GLN U 263 31.25 -47.76 -53.67
C GLN U 263 32.54 -48.52 -53.96
N ILE U 264 33.24 -48.94 -52.91
CA ILE U 264 34.47 -49.71 -53.03
C ILE U 264 34.23 -51.04 -52.34
N ASN U 265 34.41 -52.14 -53.08
CA ASN U 265 34.26 -53.48 -52.53
C ASN U 265 35.64 -54.08 -52.37
N CYS U 266 35.94 -54.63 -51.19
CA CYS U 266 37.28 -55.20 -51.08
C CYS U 266 37.43 -56.19 -49.95
N THR U 267 38.45 -57.04 -50.12
CA THR U 267 38.47 -58.31 -49.40
C THR U 267 39.89 -58.84 -49.30
N ARG U 268 40.03 -59.82 -48.41
CA ARG U 268 41.22 -60.66 -48.27
C ARG U 268 40.79 -62.08 -48.59
N PRO U 269 40.97 -62.56 -49.83
CA PRO U 269 40.34 -63.84 -50.21
C PRO U 269 40.85 -65.05 -49.46
N ASN U 270 42.02 -64.96 -48.81
CA ASN U 270 42.59 -66.12 -48.13
C ASN U 270 41.67 -66.58 -47.00
N ASN U 271 41.44 -67.89 -46.94
CA ASN U 271 40.63 -68.50 -45.88
C ASN U 271 41.56 -68.85 -44.74
N ASN U 272 41.68 -67.93 -43.79
CA ASN U 272 42.58 -68.11 -42.65
C ASN U 272 41.90 -68.89 -41.54
N THR U 273 42.71 -69.49 -40.68
CA THR U 273 42.26 -70.22 -39.51
C THR U 273 43.03 -69.75 -38.29
N ARG U 274 42.32 -69.61 -37.17
CA ARG U 274 42.89 -69.10 -35.93
C ARG U 274 43.04 -70.24 -34.94
N LYS U 275 44.21 -70.34 -34.32
CA LYS U 275 44.49 -71.29 -33.26
C LYS U 275 45.00 -70.53 -32.04
N SER U 276 44.46 -70.86 -30.88
CA SER U 276 44.84 -70.22 -29.62
C SER U 276 45.81 -71.12 -28.88
N ILE U 277 47.02 -70.63 -28.67
CA ILE U 277 48.07 -71.34 -27.93
C ILE U 277 48.25 -70.64 -26.59
N ARG U 278 48.28 -71.41 -25.52
CA ARG U 278 48.32 -70.87 -24.17
C ARG U 278 49.76 -70.55 -23.79
N ILE U 279 50.03 -69.28 -23.47
CA ILE U 279 51.36 -68.81 -23.14
C ILE U 279 51.52 -68.55 -21.64
N GLY U 280 50.49 -68.82 -20.85
CA GLY U 280 50.55 -68.62 -19.41
C GLY U 280 49.22 -68.93 -18.77
N PRO U 281 49.12 -68.75 -17.45
CA PRO U 281 47.84 -69.02 -16.78
C PRO U 281 46.80 -67.96 -17.11
N GLY U 282 45.85 -68.32 -17.97
CA GLY U 282 44.82 -67.40 -18.42
C GLY U 282 45.14 -66.73 -19.74
N GLN U 283 46.40 -66.33 -19.92
CA GLN U 283 46.80 -65.68 -21.16
C GLN U 283 46.79 -66.68 -22.32
N ALA U 284 46.33 -66.22 -23.48
CA ALA U 284 46.32 -67.02 -24.70
C ALA U 284 46.68 -66.13 -25.88
N PHE U 285 47.49 -66.66 -26.79
CA PHE U 285 47.92 -65.95 -27.99
C PHE U 285 47.27 -66.61 -29.20
N TYR U 286 46.61 -65.81 -30.01
CA TYR U 286 45.92 -66.28 -31.21
C TYR U 286 46.82 -66.12 -32.42
N ALA U 287 46.99 -67.19 -33.19
CA ALA U 287 47.93 -67.21 -34.30
C ALA U 287 47.30 -67.89 -35.50
N THR U 288 47.84 -67.58 -36.67
CA THR U 288 47.43 -68.27 -37.89
C THR U 288 47.99 -69.68 -37.90
N GLY U 289 47.15 -70.65 -38.25
CA GLY U 289 47.55 -72.04 -38.26
C GLY U 289 47.98 -72.53 -39.62
N ASP U 290 47.17 -72.25 -40.64
CA ASP U 290 47.45 -72.68 -42.00
C ASP U 290 46.45 -72.00 -42.93
N ILE U 291 46.92 -71.62 -44.12
CA ILE U 291 46.09 -70.96 -45.11
C ILE U 291 45.52 -72.06 -46.01
N ILE U 292 44.33 -72.54 -45.67
CA ILE U 292 43.67 -73.56 -46.47
C ILE U 292 43.23 -72.94 -47.79
N GLY U 293 43.54 -73.61 -48.90
CA GLY U 293 43.22 -73.10 -50.22
C GLY U 293 44.43 -72.49 -50.91
N ASP U 294 44.24 -71.33 -51.52
CA ASP U 294 45.29 -70.63 -52.26
C ASP U 294 45.60 -69.31 -51.57
N ILE U 295 46.89 -69.00 -51.46
CA ILE U 295 47.33 -67.73 -50.89
C ILE U 295 47.30 -66.68 -51.99
N ARG U 296 46.44 -65.68 -51.83
CA ARG U 296 46.29 -64.60 -52.79
C ARG U 296 46.28 -63.27 -52.05
N GLN U 297 46.82 -62.25 -52.72
CA GLN U 297 46.90 -60.92 -52.12
C GLN U 297 45.51 -60.33 -51.95
N ALA U 298 45.29 -59.70 -50.79
CA ALA U 298 44.06 -58.95 -50.58
C ALA U 298 43.98 -57.80 -51.58
N HIS U 299 42.77 -57.54 -52.06
CA HIS U 299 42.60 -56.57 -53.14
C HIS U 299 41.33 -55.76 -52.93
N CYS U 300 41.35 -54.53 -53.48
CA CYS U 300 40.20 -53.63 -53.41
C CYS U 300 39.83 -53.08 -54.77
N ASN U 301 38.54 -53.18 -55.10
CA ASN U 301 37.97 -52.80 -56.39
C ASN U 301 37.15 -51.53 -56.24
N VAL U 302 37.41 -50.57 -57.12
CA VAL U 302 36.67 -49.31 -57.19
C VAL U 302 36.13 -49.16 -58.60
N SER U 303 34.85 -48.80 -58.71
CA SER U 303 34.21 -48.67 -60.01
C SER U 303 34.92 -47.62 -60.86
N LYS U 304 35.19 -47.98 -62.12
CA LYS U 304 35.96 -47.10 -62.99
C LYS U 304 35.13 -45.90 -63.44
N ALA U 305 33.88 -46.12 -63.86
CA ALA U 305 33.04 -45.02 -64.32
C ALA U 305 32.66 -44.09 -63.19
N THR U 306 32.32 -44.64 -62.02
CA THR U 306 32.01 -43.82 -60.87
C THR U 306 33.21 -42.96 -60.48
N TRP U 307 34.40 -43.56 -60.47
CA TRP U 307 35.61 -42.80 -60.18
C TRP U 307 35.85 -41.72 -61.21
N ASN U 308 35.60 -42.02 -62.49
CA ASN U 308 35.80 -41.03 -63.55
C ASN U 308 34.90 -39.83 -63.36
N GLU U 309 33.60 -40.07 -63.12
CA GLU U 309 32.67 -38.95 -62.96
C GLU U 309 32.96 -38.17 -61.68
N THR U 310 33.31 -38.86 -60.60
CA THR U 310 33.66 -38.17 -59.36
C THR U 310 34.90 -37.29 -59.57
N LEU U 311 35.90 -37.83 -60.28
CA LEU U 311 37.09 -37.05 -60.60
C LEU U 311 36.74 -35.82 -61.42
N GLY U 312 35.85 -35.99 -62.41
CA GLY U 312 35.41 -34.84 -63.18
C GLY U 312 34.76 -33.77 -62.32
N LYS U 313 33.92 -34.18 -61.37
CA LYS U 313 33.29 -33.20 -60.49
C LYS U 313 34.31 -32.47 -59.62
N VAL U 314 35.25 -33.21 -59.02
CA VAL U 314 36.19 -32.56 -58.12
C VAL U 314 37.13 -31.65 -58.90
N VAL U 315 37.51 -32.05 -60.11
CA VAL U 315 38.40 -31.18 -60.89
C VAL U 315 37.64 -29.96 -61.38
N LYS U 316 36.33 -30.08 -61.66
CA LYS U 316 35.54 -28.90 -61.97
C LYS U 316 35.57 -27.92 -60.81
N GLN U 317 35.33 -28.40 -59.60
CA GLN U 317 35.34 -27.51 -58.44
C GLN U 317 36.73 -26.95 -58.17
N LEU U 318 37.77 -27.77 -58.37
CA LEU U 318 39.14 -27.29 -58.18
C LEU U 318 39.47 -26.21 -59.19
N ARG U 319 39.00 -26.34 -60.42
CA ARG U 319 39.18 -25.29 -61.42
C ARG U 319 38.44 -24.02 -61.00
N LYS U 320 37.23 -24.17 -60.46
CA LYS U 320 36.51 -23.01 -59.95
C LYS U 320 37.32 -22.30 -58.88
N HIS U 321 37.98 -23.06 -58.00
CA HIS U 321 38.75 -22.47 -56.91
C HIS U 321 40.12 -21.95 -57.34
N PHE U 322 40.68 -22.47 -58.43
CA PHE U 322 42.04 -22.13 -58.88
C PHE U 322 42.06 -21.41 -60.21
N GLY U 323 41.40 -21.94 -61.23
CA GLY U 323 41.41 -21.34 -62.55
C GLY U 323 40.75 -22.25 -63.56
N ASN U 324 40.37 -21.64 -64.68
CA ASN U 324 39.63 -22.33 -65.73
C ASN U 324 40.52 -22.88 -66.84
N ASN U 325 41.84 -22.75 -66.72
CA ASN U 325 42.76 -23.23 -67.74
C ASN U 325 43.99 -23.95 -67.20
N THR U 326 44.15 -24.05 -65.88
CA THR U 326 45.31 -24.71 -65.31
C THR U 326 45.20 -26.23 -65.48
N ILE U 327 46.31 -26.86 -65.79
CA ILE U 327 46.38 -28.32 -65.85
C ILE U 327 46.29 -28.86 -64.42
N ILE U 328 45.42 -29.84 -64.22
CA ILE U 328 45.22 -30.47 -62.92
C ILE U 328 45.75 -31.90 -63.02
N ARG U 329 46.80 -32.18 -62.25
CA ARG U 329 47.44 -33.50 -62.23
C ARG U 329 47.30 -34.09 -60.84
N PHE U 330 46.78 -35.31 -60.77
CA PHE U 330 46.67 -36.06 -59.52
C PHE U 330 47.77 -37.11 -59.53
N ALA U 331 48.80 -36.89 -58.71
CA ALA U 331 49.99 -37.72 -58.71
C ALA U 331 49.90 -38.78 -57.62
N ASN U 332 50.91 -39.64 -57.56
CA ASN U 332 50.98 -40.68 -56.56
C ASN U 332 51.27 -40.08 -55.18
N SER U 333 51.24 -40.92 -54.17
CA SER U 333 51.57 -40.48 -52.82
C SER U 333 53.02 -40.01 -52.77
N SER U 334 53.28 -38.97 -51.98
CA SER U 334 54.62 -38.41 -51.90
C SER U 334 55.60 -39.43 -51.35
N GLY U 335 55.39 -39.87 -50.11
CA GLY U 335 56.25 -40.83 -49.48
C GLY U 335 56.22 -40.67 -47.98
N GLY U 336 57.07 -41.45 -47.31
CA GLY U 336 57.19 -41.42 -45.86
C GLY U 336 56.80 -42.76 -45.25
N ASP U 337 56.13 -42.69 -44.10
CA ASP U 337 55.69 -43.89 -43.41
C ASP U 337 54.61 -44.61 -44.21
N LEU U 338 54.53 -45.93 -44.01
CA LEU U 338 53.54 -46.72 -44.73
C LEU U 338 52.12 -46.29 -44.39
N GLU U 339 51.89 -45.85 -43.15
CA GLU U 339 50.55 -45.42 -42.77
C GLU U 339 50.11 -44.21 -43.57
N VAL U 340 51.00 -43.24 -43.78
CA VAL U 340 50.66 -42.04 -44.54
C VAL U 340 50.94 -42.20 -46.03
N THR U 341 51.85 -43.11 -46.41
CA THR U 341 52.17 -43.29 -47.82
C THR U 341 51.08 -44.06 -48.57
N THR U 342 50.37 -44.96 -47.89
CA THR U 342 49.36 -45.80 -48.51
C THR U 342 48.05 -45.67 -47.73
N HIS U 343 46.95 -45.97 -48.41
CA HIS U 343 45.63 -45.87 -47.81
C HIS U 343 45.47 -46.95 -46.74
N SER U 344 45.53 -46.55 -45.48
CA SER U 344 45.38 -47.48 -44.36
C SER U 344 43.96 -47.41 -43.81
N PHE U 345 43.38 -48.57 -43.55
CA PHE U 345 42.02 -48.62 -42.99
C PHE U 345 41.81 -49.97 -42.34
N ASN U 346 40.60 -50.16 -41.80
CA ASN U 346 40.22 -51.34 -41.05
C ASN U 346 38.97 -51.95 -41.66
N CYS U 347 38.89 -53.29 -41.64
CA CYS U 347 37.76 -54.00 -42.21
C CYS U 347 37.68 -55.37 -41.56
N GLY U 348 36.53 -55.66 -40.94
CA GLY U 348 36.28 -56.98 -40.38
C GLY U 348 37.28 -57.44 -39.35
N GLY U 349 37.93 -56.50 -38.66
CA GLY U 349 38.95 -56.82 -37.67
C GLY U 349 40.36 -56.82 -38.21
N GLU U 350 40.55 -56.92 -39.52
CA GLU U 350 41.87 -56.87 -40.13
C GLU U 350 42.18 -55.44 -40.57
N PHE U 351 43.47 -55.16 -40.72
CA PHE U 351 43.95 -53.83 -41.11
C PHE U 351 44.61 -53.92 -42.46
N PHE U 352 44.15 -53.10 -43.40
CA PHE U 352 44.58 -53.13 -44.79
C PHE U 352 45.34 -51.85 -45.12
N TYR U 353 46.54 -52.01 -45.68
CA TYR U 353 47.32 -50.90 -46.24
C TYR U 353 47.36 -51.09 -47.74
N CYS U 354 46.63 -50.26 -48.47
CA CYS U 354 46.42 -50.43 -49.91
C CYS U 354 47.16 -49.34 -50.67
N ASN U 355 47.91 -49.76 -51.69
CA ASN U 355 48.57 -48.84 -52.59
C ASN U 355 47.52 -48.04 -53.36
N THR U 356 47.73 -46.72 -53.43
CA THR U 356 46.84 -45.81 -54.16
C THR U 356 47.66 -45.16 -55.27
N SER U 357 47.81 -45.88 -56.39
CA SER U 357 48.53 -45.37 -57.54
C SER U 357 47.69 -45.51 -58.81
N GLY U 358 46.83 -46.52 -58.86
CA GLY U 358 45.95 -46.71 -60.00
C GLY U 358 44.80 -45.73 -60.07
N LEU U 359 44.49 -45.04 -58.97
CA LEU U 359 43.44 -44.03 -58.92
C LEU U 359 43.96 -42.63 -59.18
N PHE U 360 45.02 -42.24 -58.48
CA PHE U 360 45.57 -40.88 -58.57
C PHE U 360 46.75 -40.83 -59.54
N ASN U 361 46.44 -41.07 -60.82
CA ASN U 361 47.42 -40.86 -61.89
C ASN U 361 46.66 -40.54 -63.17
N SER U 362 46.59 -39.26 -63.50
CA SER U 362 45.89 -38.77 -64.69
C SER U 362 46.12 -37.27 -64.78
N THR U 363 45.69 -36.69 -65.90
CA THR U 363 45.77 -35.25 -66.12
C THR U 363 44.48 -34.80 -66.78
N TRP U 364 43.62 -34.12 -66.01
CA TRP U 364 42.34 -33.64 -66.50
C TRP U 364 42.51 -32.20 -66.97
N ILE U 365 42.87 -32.06 -68.24
CA ILE U 365 43.08 -30.77 -68.87
C ILE U 365 41.94 -30.55 -69.85
N SER U 366 41.03 -29.64 -69.49
CA SER U 366 39.90 -29.27 -70.35
C SER U 366 39.07 -30.49 -70.76
N SER U 378 33.11 -49.28 -69.06
CA SER U 378 31.91 -50.10 -69.25
C SER U 378 31.55 -50.83 -67.96
N ASN U 379 32.32 -51.88 -67.65
CA ASN U 379 32.11 -52.66 -66.43
C ASN U 379 33.39 -52.95 -65.67
N ASP U 380 34.56 -52.73 -66.26
CA ASP U 380 35.81 -52.98 -65.55
C ASP U 380 35.96 -52.02 -64.38
N SER U 381 36.71 -52.47 -63.37
CA SER U 381 36.94 -51.69 -62.16
C SER U 381 38.43 -51.71 -61.83
N ILE U 382 38.90 -50.63 -61.21
CA ILE U 382 40.30 -50.50 -60.85
C ILE U 382 40.56 -51.33 -59.60
N THR U 383 41.56 -52.22 -59.68
CA THR U 383 41.93 -53.10 -58.59
C THR U 383 43.25 -52.62 -57.99
N LEU U 384 43.30 -52.52 -56.67
CA LEU U 384 44.47 -52.10 -55.93
C LEU U 384 44.92 -53.20 -54.97
N PRO U 385 46.21 -53.51 -54.89
CA PRO U 385 46.65 -54.50 -53.91
C PRO U 385 46.66 -53.93 -52.51
N CYS U 386 46.65 -54.83 -51.52
CA CYS U 386 46.66 -54.43 -50.12
C CYS U 386 47.50 -55.41 -49.32
N ARG U 387 48.20 -54.88 -48.31
CA ARG U 387 49.00 -55.67 -47.39
C ARG U 387 48.35 -55.67 -46.02
N ILE U 388 48.38 -56.82 -45.36
CA ILE U 388 47.80 -56.99 -44.04
C ILE U 388 48.92 -56.93 -43.01
N LYS U 389 48.77 -56.03 -42.03
CA LYS U 389 49.74 -55.84 -40.97
C LYS U 389 49.09 -56.15 -39.63
N GLN U 390 49.73 -57.00 -38.84
CA GLN U 390 49.23 -57.39 -37.53
C GLN U 390 49.78 -56.48 -36.43
N ILE U 391 51.09 -56.24 -36.43
CA ILE U 391 51.72 -55.31 -35.49
C ILE U 391 51.49 -53.91 -36.03
N ILE U 392 50.49 -53.21 -35.49
CA ILE U 392 50.07 -51.89 -35.98
C ILE U 392 50.13 -50.90 -34.83
N ASN U 393 50.67 -49.72 -35.12
CA ASN U 393 50.58 -48.56 -34.24
C ASN U 393 49.47 -47.67 -34.80
N MET U 394 48.31 -47.66 -34.12
CA MET U 394 47.13 -47.05 -34.69
C MET U 394 47.32 -45.55 -34.91
N TRP U 395 47.77 -44.85 -33.89
CA TRP U 395 47.98 -43.40 -33.96
C TRP U 395 49.46 -43.10 -34.11
N GLN U 396 49.78 -41.82 -34.24
CA GLN U 396 51.16 -41.36 -34.39
C GLN U 396 51.83 -41.33 -33.02
N ARG U 397 52.03 -42.53 -32.48
CA ARG U 397 52.66 -42.72 -31.18
C ARG U 397 53.70 -43.83 -31.27
N ILE U 398 54.76 -43.69 -30.48
CA ILE U 398 55.85 -44.65 -30.43
C ILE U 398 55.89 -45.25 -29.03
N GLY U 399 55.92 -46.58 -28.95
CA GLY U 399 55.93 -47.29 -27.69
C GLY U 399 54.62 -47.96 -27.33
N GLN U 400 53.60 -47.89 -28.19
CA GLN U 400 52.31 -48.56 -27.96
C GLN U 400 51.93 -49.36 -29.21
N CYS U 401 51.91 -50.67 -29.05
CA CYS U 401 51.64 -51.65 -30.09
C CYS U 401 50.14 -51.87 -30.31
N MET U 402 49.84 -52.78 -31.23
CA MET U 402 48.58 -53.51 -31.23
C MET U 402 48.77 -54.72 -32.13
N TYR U 403 48.67 -55.92 -31.56
CA TYR U 403 48.63 -57.15 -32.34
C TYR U 403 47.17 -57.48 -32.62
N ALA U 404 46.78 -57.41 -33.89
CA ALA U 404 45.42 -57.78 -34.27
C ALA U 404 45.33 -59.29 -34.42
N PRO U 405 44.51 -60.00 -33.63
CA PRO U 405 44.39 -61.45 -33.82
C PRO U 405 43.85 -61.77 -35.20
N PRO U 406 44.29 -62.88 -35.82
CA PRO U 406 43.75 -63.22 -37.13
C PRO U 406 42.27 -63.56 -37.06
N ILE U 407 41.56 -63.22 -38.12
CA ILE U 407 40.11 -63.43 -38.21
C ILE U 407 39.86 -64.66 -39.07
N GLN U 408 39.18 -65.64 -38.50
CA GLN U 408 38.89 -66.87 -39.23
C GLN U 408 37.93 -66.59 -40.38
N GLY U 409 38.15 -67.28 -41.49
CA GLY U 409 37.31 -67.12 -42.66
C GLY U 409 37.76 -65.98 -43.56
N VAL U 410 37.00 -65.79 -44.63
CA VAL U 410 37.28 -64.76 -45.62
C VAL U 410 36.63 -63.47 -45.17
N ILE U 411 37.32 -62.35 -45.40
CA ILE U 411 36.85 -61.02 -45.04
C ILE U 411 36.54 -60.25 -46.31
N ARG U 412 35.32 -59.73 -46.40
CA ARG U 412 34.90 -58.85 -47.47
C ARG U 412 34.08 -57.71 -46.88
N CYS U 413 34.26 -56.51 -47.41
CA CYS U 413 33.51 -55.34 -46.94
C CYS U 413 33.21 -54.44 -48.13
N VAL U 414 32.19 -53.60 -47.94
CA VAL U 414 31.78 -52.59 -48.92
C VAL U 414 31.77 -51.25 -48.20
N SER U 415 32.51 -50.28 -48.72
CA SER U 415 32.68 -48.99 -48.08
C SER U 415 32.33 -47.86 -49.06
N ASN U 416 32.10 -46.68 -48.49
CA ASN U 416 31.60 -45.50 -49.20
C ASN U 416 32.71 -44.46 -49.20
N ILE U 417 33.54 -44.44 -50.26
CA ILE U 417 34.49 -43.33 -50.43
C ILE U 417 33.67 -42.09 -50.73
N THR U 418 33.70 -41.11 -49.82
CA THR U 418 32.90 -39.90 -49.90
C THR U 418 33.74 -38.66 -49.68
N GLY U 419 35.03 -38.73 -49.93
CA GLY U 419 35.89 -37.58 -49.79
C GLY U 419 37.36 -37.96 -49.86
N LEU U 420 38.20 -36.93 -49.97
CA LEU U 420 39.63 -37.11 -50.13
C LEU U 420 40.36 -36.06 -49.31
N ILE U 421 41.65 -36.30 -49.07
CA ILE U 421 42.54 -35.36 -48.41
C ILE U 421 43.72 -35.15 -49.33
N LEU U 422 43.65 -34.13 -50.18
CA LEU U 422 44.69 -33.83 -51.16
C LEU U 422 45.62 -32.74 -50.63
N THR U 423 46.84 -32.75 -51.16
CA THR U 423 47.86 -31.76 -50.79
C THR U 423 48.53 -31.27 -52.07
N ARG U 424 48.72 -29.96 -52.17
CA ARG U 424 49.38 -29.35 -53.32
C ARG U 424 50.88 -29.40 -53.12
N ASP U 425 51.55 -30.26 -53.86
CA ASP U 425 53.01 -30.36 -53.79
C ASP U 425 53.72 -29.27 -54.58
N GLY U 426 52.99 -28.51 -55.40
CA GLY U 426 53.60 -27.48 -56.22
C GLY U 426 53.95 -26.23 -55.44
N GLY U 427 54.94 -26.34 -54.55
CA GLY U 427 55.37 -25.17 -53.79
C GLY U 427 55.96 -24.09 -54.66
N SER U 428 56.76 -24.48 -55.67
CA SER U 428 57.43 -23.55 -56.56
C SER U 428 56.88 -23.61 -57.98
N THR U 429 55.59 -23.95 -58.12
CA THR U 429 54.97 -24.06 -59.43
C THR U 429 54.43 -22.68 -59.85
N ASN U 430 55.38 -21.79 -60.19
CA ASN U 430 55.00 -20.48 -60.69
C ASN U 430 54.24 -20.58 -62.01
N SER U 431 54.56 -21.61 -62.81
CA SER U 431 53.86 -21.82 -64.08
C SER U 431 52.43 -22.30 -63.80
N THR U 432 51.68 -22.52 -64.89
CA THR U 432 50.29 -22.96 -64.78
C THR U 432 50.14 -24.35 -64.16
N THR U 433 51.22 -25.12 -64.06
CA THR U 433 51.12 -26.47 -63.53
C THR U 433 50.65 -26.46 -62.08
N GLU U 434 49.68 -27.33 -61.78
CA GLU U 434 49.16 -27.50 -60.42
C GLU U 434 48.95 -28.98 -60.19
N THR U 435 49.76 -29.58 -59.32
CA THR U 435 49.74 -31.01 -59.04
C THR U 435 49.29 -31.23 -57.61
N PHE U 436 48.34 -32.15 -57.43
CA PHE U 436 47.85 -32.56 -56.13
C PHE U 436 48.18 -34.03 -55.90
N ARG U 437 48.43 -34.38 -54.64
CA ARG U 437 48.77 -35.75 -54.26
C ARG U 437 47.96 -36.18 -53.05
N PRO U 438 47.72 -37.47 -52.88
CA PRO U 438 47.06 -37.93 -51.64
C PRO U 438 47.90 -37.59 -50.42
N GLY U 439 47.21 -37.32 -49.31
CA GLY U 439 47.87 -36.97 -48.07
C GLY U 439 47.16 -37.55 -46.86
N GLY U 440 47.65 -37.21 -45.67
CA GLY U 440 47.07 -37.73 -44.44
C GLY U 440 48.03 -37.66 -43.27
N GLY U 441 48.20 -38.77 -42.56
CA GLY U 441 49.04 -38.80 -41.38
C GLY U 441 48.31 -38.34 -40.15
N ASP U 442 47.83 -37.09 -40.16
CA ASP U 442 47.05 -36.55 -39.06
C ASP U 442 45.63 -37.09 -39.12
N MET U 443 45.15 -37.64 -38.01
CA MET U 443 43.81 -38.19 -37.94
C MET U 443 42.75 -37.14 -37.67
N ARG U 444 43.15 -35.90 -37.33
CA ARG U 444 42.17 -34.85 -37.09
C ARG U 444 41.40 -34.49 -38.36
N ASP U 445 42.03 -34.60 -39.52
CA ASP U 445 41.35 -34.29 -40.77
C ASP U 445 40.16 -35.23 -41.00
N ASN U 446 40.29 -36.50 -40.62
CA ASN U 446 39.16 -37.41 -40.73
C ASN U 446 38.01 -36.96 -39.83
N TRP U 447 38.32 -36.51 -38.62
CA TRP U 447 37.28 -36.01 -37.73
C TRP U 447 36.75 -34.66 -38.17
N ARG U 448 37.55 -33.88 -38.89
CA ARG U 448 37.14 -32.55 -39.32
C ARG U 448 36.43 -32.58 -40.67
N SER U 449 35.52 -33.52 -40.84
CA SER U 449 34.65 -33.57 -42.01
C SER U 449 33.19 -33.80 -41.66
N GLU U 450 32.86 -34.21 -40.43
CA GLU U 450 31.48 -34.35 -39.98
C GLU U 450 31.09 -33.34 -38.92
N LEU U 451 32.06 -32.73 -38.23
CA LEU U 451 31.80 -31.72 -37.21
C LEU U 451 31.99 -30.31 -37.74
N TYR U 452 32.10 -30.15 -39.06
CA TYR U 452 32.37 -28.83 -39.63
C TYR U 452 31.19 -27.87 -39.46
N LYS U 453 29.98 -28.41 -39.26
CA LYS U 453 28.79 -27.57 -39.20
C LYS U 453 28.39 -27.22 -37.77
N TYR U 454 28.91 -27.95 -36.78
CA TYR U 454 28.56 -27.72 -35.38
C TYR U 454 29.55 -26.76 -34.74
N LYS U 455 29.04 -25.90 -33.86
CA LYS U 455 29.87 -24.94 -33.14
C LYS U 455 29.34 -24.81 -31.72
N VAL U 456 30.25 -24.90 -30.75
CA VAL U 456 29.88 -24.84 -29.34
C VAL U 456 29.89 -23.38 -28.89
N VAL U 457 28.81 -22.96 -28.22
CA VAL U 457 28.68 -21.61 -27.70
C VAL U 457 28.17 -21.68 -26.27
N LYS U 458 28.48 -20.63 -25.52
CA LYS U 458 28.06 -20.49 -24.12
C LYS U 458 27.03 -19.38 -24.02
N ILE U 459 25.90 -19.68 -23.38
CA ILE U 459 24.81 -18.73 -23.25
C ILE U 459 25.06 -17.86 -22.03
N GLU U 460 24.86 -16.55 -22.19
CA GLU U 460 25.00 -15.56 -21.13
C GLU U 460 23.62 -14.97 -20.86
N PRO U 461 22.86 -15.48 -19.88
CA PRO U 461 21.47 -15.06 -19.76
C PRO U 461 21.30 -13.62 -19.26
N LEU U 462 22.26 -13.09 -18.51
CA LEU U 462 22.10 -11.77 -17.93
C LEU U 462 22.25 -10.69 -19.00
N GLY U 463 21.43 -9.65 -18.90
CA GLY U 463 21.55 -8.50 -19.78
C GLY U 463 20.95 -7.27 -19.12
N VAL U 464 21.40 -6.10 -19.59
CA VAL U 464 20.97 -4.82 -19.05
C VAL U 464 20.49 -3.96 -20.21
N ALA U 465 19.35 -3.31 -20.03
CA ALA U 465 18.73 -2.48 -21.06
C ALA U 465 18.17 -1.21 -20.43
N PRO U 466 17.92 -0.17 -21.24
CA PRO U 466 17.24 1.01 -20.71
C PRO U 466 15.74 0.96 -20.89
N THR U 467 15.02 1.37 -19.84
CA THR U 467 13.56 1.43 -19.87
C THR U 467 13.08 2.56 -18.98
N ARG U 468 11.84 2.98 -19.21
CA ARG U 468 11.21 4.02 -18.39
C ARG U 468 10.44 3.35 -17.26
N CYS U 469 11.19 2.85 -16.28
CA CYS U 469 10.60 2.14 -15.16
C CYS U 469 11.60 2.07 -14.02
N LYS U 470 11.09 2.22 -12.79
CA LYS U 470 11.89 2.17 -11.58
C LYS U 470 11.24 1.25 -10.56
N ARG U 471 12.00 0.88 -9.53
CA ARG U 471 11.47 0.10 -8.43
C ARG U 471 10.59 0.99 -7.56
N ARG U 472 9.94 0.37 -6.58
CA ARG U 472 9.06 1.08 -5.66
C ARG U 472 7.87 1.69 -6.40
N ALA V 6 11.40 -32.11 -23.77
CA ALA V 6 10.29 -31.18 -23.84
C ALA V 6 10.73 -29.78 -23.40
N VAL V 7 11.59 -29.73 -22.39
CA VAL V 7 12.08 -28.44 -21.90
C VAL V 7 13.01 -27.76 -22.90
N PHE V 8 13.65 -28.51 -23.80
CA PHE V 8 14.58 -27.92 -24.75
C PHE V 8 13.88 -27.14 -25.85
N LEU V 9 12.60 -27.42 -26.11
CA LEU V 9 11.89 -26.78 -27.21
C LEU V 9 11.84 -25.27 -27.00
N GLY V 10 12.06 -24.53 -28.08
CA GLY V 10 12.05 -23.09 -28.03
C GLY V 10 13.36 -22.45 -27.61
N PHE V 11 14.42 -23.24 -27.42
CA PHE V 11 15.68 -22.68 -26.95
C PHE V 11 16.31 -21.78 -28.03
N LEU V 12 16.63 -20.56 -27.64
CA LEU V 12 17.22 -19.57 -28.54
C LEU V 12 16.33 -19.31 -29.75
N GLY V 13 15.01 -19.45 -29.59
CA GLY V 13 14.11 -19.24 -30.71
C GLY V 13 14.00 -17.79 -31.14
N ALA V 14 14.37 -16.85 -30.28
CA ALA V 14 14.29 -15.42 -30.56
C ALA V 14 15.68 -14.79 -30.62
N ALA V 15 16.66 -15.54 -31.12
CA ALA V 15 18.03 -15.02 -31.19
C ALA V 15 18.14 -13.86 -32.16
N GLY V 16 17.64 -14.03 -33.38
CA GLY V 16 17.63 -12.98 -34.37
C GLY V 16 16.50 -11.98 -34.23
N SER V 17 15.61 -12.19 -33.27
CA SER V 17 14.48 -11.29 -33.07
C SER V 17 14.93 -10.00 -32.38
N THR V 18 14.05 -9.00 -32.45
CA THR V 18 14.31 -7.74 -31.77
C THR V 18 14.20 -7.91 -30.26
N MET V 19 14.58 -6.86 -29.53
CA MET V 19 14.51 -6.91 -28.07
C MET V 19 13.07 -7.09 -27.58
N GLY V 20 12.14 -6.36 -28.19
CA GLY V 20 10.77 -6.36 -27.67
C GLY V 20 10.13 -7.74 -27.72
N ALA V 21 10.26 -8.42 -28.86
CA ALA V 21 9.71 -9.76 -28.98
C ALA V 21 10.57 -10.80 -28.27
N ALA V 22 11.88 -10.62 -28.26
CA ALA V 22 12.75 -11.56 -27.57
C ALA V 22 12.50 -11.55 -26.06
N SER V 23 12.11 -10.41 -25.50
CA SER V 23 11.80 -10.32 -24.08
C SER V 23 10.54 -11.07 -23.71
N MET V 24 9.73 -11.48 -24.68
CA MET V 24 8.51 -12.23 -24.40
C MET V 24 8.76 -13.72 -24.20
N THR V 25 9.99 -14.20 -24.44
CA THR V 25 10.34 -15.61 -24.37
C THR V 25 11.61 -15.80 -23.55
N LEU V 26 11.68 -15.15 -22.39
CA LEU V 26 12.84 -15.33 -21.51
C LEU V 26 12.79 -16.68 -20.81
N THR V 27 11.59 -17.20 -20.53
CA THR V 27 11.47 -18.44 -19.79
C THR V 27 12.05 -19.61 -20.57
N VAL V 28 11.85 -19.64 -21.90
CA VAL V 28 12.31 -20.77 -22.69
C VAL V 28 13.82 -20.87 -22.65
N GLN V 29 14.52 -19.72 -22.61
CA GLN V 29 15.96 -19.70 -22.48
C GLN V 29 16.42 -19.81 -21.02
N ALA V 30 15.53 -19.60 -20.06
CA ALA V 30 15.89 -19.70 -18.65
C ALA V 30 15.78 -21.12 -18.10
N ARG V 31 14.87 -21.93 -18.64
CA ARG V 31 14.68 -23.28 -18.11
C ARG V 31 15.87 -24.19 -18.43
N ASN V 32 16.57 -23.93 -19.54
CA ASN V 32 17.62 -24.81 -20.03
C ASN V 32 18.99 -24.49 -19.43
N LEU V 33 19.08 -23.51 -18.53
CA LEU V 33 20.37 -23.17 -17.93
C LEU V 33 20.81 -24.16 -16.86
N LEU V 34 19.94 -25.09 -16.46
CA LEU V 34 20.26 -26.08 -15.42
C LEU V 34 20.41 -27.49 -15.96
N SER V 35 19.53 -27.91 -16.85
CA SER V 35 19.59 -29.26 -17.41
C SER V 35 18.74 -29.37 -18.66
N THR V 58 35.85 -44.63 -16.18
CA THR V 58 35.83 -43.95 -14.90
C THR V 58 36.12 -42.45 -15.08
N VAL V 59 37.15 -42.16 -15.87
CA VAL V 59 37.54 -40.77 -16.11
C VAL V 59 36.41 -40.01 -16.82
N TRP V 60 35.66 -40.69 -17.67
CA TRP V 60 34.53 -40.05 -18.33
C TRP V 60 33.48 -39.61 -17.31
N GLY V 61 33.25 -40.42 -16.28
CA GLY V 61 32.38 -40.01 -15.20
C GLY V 61 32.90 -38.74 -14.52
N ILE V 62 34.22 -38.64 -14.36
CA ILE V 62 34.81 -37.45 -13.74
C ILE V 62 34.56 -36.23 -14.62
N LYS V 63 34.73 -36.38 -15.94
CA LYS V 63 34.52 -35.26 -16.83
C LYS V 63 33.04 -34.84 -16.84
N GLN V 64 32.13 -35.81 -16.81
CA GLN V 64 30.71 -35.48 -16.74
C GLN V 64 30.37 -34.76 -15.44
N LEU V 65 30.93 -35.23 -14.33
CA LEU V 65 30.72 -34.55 -13.05
C LEU V 65 31.27 -33.13 -13.09
N GLN V 66 32.44 -32.95 -13.71
CA GLN V 66 33.01 -31.61 -13.83
C GLN V 66 32.11 -30.69 -14.64
N ALA V 67 31.57 -31.20 -15.75
CA ALA V 67 30.66 -30.38 -16.56
C ALA V 67 29.41 -30.02 -15.78
N ARG V 68 28.82 -30.98 -15.06
CA ARG V 68 27.62 -30.69 -14.28
C ARG V 68 27.92 -29.67 -13.19
N VAL V 69 29.05 -29.81 -12.50
CA VAL V 69 29.41 -28.87 -11.45
C VAL V 69 29.66 -27.49 -12.02
N LEU V 70 30.29 -27.41 -13.20
CA LEU V 70 30.50 -26.12 -13.83
C LEU V 70 29.17 -25.45 -14.18
N ALA V 71 28.23 -26.21 -14.73
CA ALA V 71 26.91 -25.65 -15.04
C ALA V 71 26.21 -25.16 -13.78
N VAL V 72 26.25 -25.97 -12.71
CA VAL V 72 25.60 -25.58 -11.47
C VAL V 72 26.25 -24.32 -10.90
N GLU V 73 27.59 -24.24 -10.94
CA GLU V 73 28.28 -23.08 -10.41
C GLU V 73 27.94 -21.83 -11.21
N ARG V 74 27.89 -21.93 -12.53
CA ARG V 74 27.55 -20.77 -13.35
C ARG V 74 26.12 -20.32 -13.08
N TYR V 75 25.18 -21.25 -12.99
CA TYR V 75 23.80 -20.89 -12.69
C TYR V 75 23.68 -20.22 -11.34
N LEU V 76 24.38 -20.75 -10.33
CA LEU V 76 24.30 -20.18 -8.99
C LEU V 76 24.97 -18.82 -8.94
N ARG V 77 26.05 -18.63 -9.70
CA ARG V 77 26.69 -17.31 -9.77
C ARG V 77 25.74 -16.29 -10.40
N ASP V 78 25.05 -16.67 -11.46
CA ASP V 78 24.08 -15.76 -12.07
C ASP V 78 22.95 -15.42 -11.10
N GLN V 79 22.45 -16.43 -10.40
CA GLN V 79 21.38 -16.18 -9.44
C GLN V 79 21.85 -15.30 -8.28
N GLN V 80 23.08 -15.51 -7.82
CA GLN V 80 23.62 -14.66 -6.76
C GLN V 80 23.78 -13.22 -7.23
N LEU V 81 24.24 -13.03 -8.47
CA LEU V 81 24.37 -11.68 -9.00
C LEU V 81 23.01 -11.01 -9.11
N LEU V 82 22.00 -11.75 -9.55
CA LEU V 82 20.64 -11.20 -9.57
C LEU V 82 20.13 -10.86 -8.17
N GLY V 83 20.42 -11.71 -7.18
CA GLY V 83 19.98 -11.47 -5.82
C GLY V 83 20.63 -10.27 -5.18
N ILE V 84 21.92 -10.04 -5.47
CA ILE V 84 22.62 -8.90 -4.91
C ILE V 84 22.00 -7.60 -5.42
N TRP V 85 21.41 -7.61 -6.61
CA TRP V 85 20.77 -6.43 -7.18
C TRP V 85 19.33 -6.26 -6.74
N GLY V 86 18.80 -7.18 -5.92
CA GLY V 86 17.44 -7.09 -5.45
C GLY V 86 16.38 -7.62 -6.39
N CYS V 87 16.77 -8.13 -7.57
CA CYS V 87 15.85 -8.69 -8.54
C CYS V 87 15.74 -10.21 -8.42
N SER V 88 15.90 -10.74 -7.21
CA SER V 88 15.83 -12.19 -7.03
C SER V 88 14.45 -12.71 -7.39
N GLY V 89 14.43 -13.84 -8.10
CA GLY V 89 13.16 -14.44 -8.51
C GLY V 89 12.36 -13.56 -9.45
N LYS V 90 13.03 -12.91 -10.40
CA LYS V 90 12.36 -12.04 -11.36
C LYS V 90 13.14 -12.06 -12.67
N LEU V 91 12.45 -12.42 -13.75
CA LEU V 91 13.08 -12.38 -15.07
C LEU V 91 13.27 -10.95 -15.55
N ILE V 92 12.33 -10.07 -15.24
CA ILE V 92 12.40 -8.65 -15.60
C ILE V 92 12.24 -7.84 -14.33
N CYS V 93 13.15 -6.90 -14.10
CA CYS V 93 13.14 -6.10 -12.88
C CYS V 93 13.92 -4.82 -13.12
N CYS V 94 13.23 -3.68 -13.10
CA CYS V 94 13.92 -2.40 -13.20
C CYS V 94 14.60 -2.05 -11.88
N THR V 95 15.55 -1.13 -11.96
CA THR V 95 16.30 -0.65 -10.81
C THR V 95 16.25 0.87 -10.78
N ASN V 96 16.99 1.45 -9.83
CA ASN V 96 16.94 2.89 -9.59
C ASN V 96 18.10 3.66 -10.20
N VAL V 97 19.17 3.00 -10.62
CA VAL V 97 20.32 3.71 -11.18
C VAL V 97 19.91 4.38 -12.49
N PRO V 98 20.25 5.65 -12.72
CA PRO V 98 19.90 6.27 -13.99
C PRO V 98 20.76 5.75 -15.13
N TRP V 99 20.20 5.84 -16.34
CA TRP V 99 20.90 5.42 -17.55
C TRP V 99 21.80 6.56 -18.02
N ASN V 100 23.08 6.49 -17.67
CA ASN V 100 24.03 7.50 -18.13
C ASN V 100 24.11 7.48 -19.64
N SER V 101 24.03 8.67 -20.25
CA SER V 101 24.04 8.77 -21.70
C SER V 101 25.39 8.42 -22.30
N SER V 102 26.46 8.38 -21.48
CA SER V 102 27.77 8.02 -22.01
C SER V 102 27.80 6.58 -22.51
N TRP V 103 27.06 5.68 -21.85
CA TRP V 103 27.04 4.29 -22.26
C TRP V 103 26.47 4.14 -23.67
N SER V 104 25.38 4.86 -23.97
CA SER V 104 24.78 4.82 -25.29
C SER V 104 23.98 6.10 -25.50
N ASN V 105 23.84 6.48 -26.77
CA ASN V 105 23.11 7.70 -27.15
C ASN V 105 21.88 7.40 -27.99
N ARG V 106 21.37 6.17 -27.93
CA ARG V 106 20.24 5.74 -28.73
C ARG V 106 18.97 5.77 -27.90
N ASN V 107 18.01 6.60 -28.31
CA ASN V 107 16.72 6.64 -27.63
C ASN V 107 15.95 5.34 -27.88
N LEU V 108 14.83 5.19 -27.18
CA LEU V 108 14.10 3.93 -27.16
C LEU V 108 13.57 3.51 -28.52
N SER V 109 13.50 4.44 -29.48
CA SER V 109 12.86 4.13 -30.76
C SER V 109 13.64 3.05 -31.53
N GLU V 110 14.97 3.13 -31.55
CA GLU V 110 15.79 2.30 -32.42
C GLU V 110 16.66 1.31 -31.63
N ILE V 111 16.28 0.96 -30.41
CA ILE V 111 16.93 -0.07 -29.63
C ILE V 111 15.99 -1.23 -29.33
N TRP V 112 14.72 -0.94 -29.04
CA TRP V 112 13.74 -1.96 -28.75
C TRP V 112 13.03 -2.50 -29.99
N ASP V 113 13.00 -1.71 -31.07
CA ASP V 113 12.32 -2.11 -32.30
C ASP V 113 13.27 -2.23 -33.49
N ASN V 114 14.58 -2.01 -33.30
CA ASN V 114 15.53 -1.99 -34.41
C ASN V 114 16.82 -2.76 -34.14
N MET V 115 17.12 -3.12 -32.88
CA MET V 115 18.36 -3.80 -32.53
C MET V 115 18.06 -5.12 -31.84
N THR V 116 18.89 -6.12 -32.10
CA THR V 116 18.77 -7.42 -31.47
C THR V 116 19.70 -7.51 -30.26
N TRP V 117 19.51 -8.56 -29.46
CA TRP V 117 20.25 -8.68 -28.20
C TRP V 117 21.74 -8.87 -28.44
N LEU V 118 22.12 -9.64 -29.46
CA LEU V 118 23.53 -9.89 -29.72
C LEU V 118 24.26 -8.59 -30.09
N GLN V 119 23.66 -7.78 -30.94
CA GLN V 119 24.27 -6.50 -31.32
C GLN V 119 24.40 -5.58 -30.12
N TRP V 120 23.38 -5.53 -29.27
CA TRP V 120 23.45 -4.71 -28.07
C TRP V 120 24.53 -5.18 -27.13
N ASP V 121 24.69 -6.50 -26.97
CA ASP V 121 25.76 -7.02 -26.14
C ASP V 121 27.13 -6.65 -26.73
N LYS V 122 27.28 -6.78 -28.05
CA LYS V 122 28.53 -6.37 -28.68
C LYS V 122 28.82 -4.89 -28.46
N GLU V 123 27.77 -4.07 -28.45
CA GLU V 123 27.94 -2.63 -28.28
C GLU V 123 28.28 -2.27 -26.84
N ILE V 124 27.67 -2.95 -25.87
CA ILE V 124 27.75 -2.55 -24.47
C ILE V 124 28.67 -3.46 -23.66
N SER V 125 29.42 -4.35 -24.31
CA SER V 125 30.37 -5.18 -23.57
C SER V 125 31.44 -4.37 -22.87
N ASN V 126 31.73 -3.16 -23.36
CA ASN V 126 32.74 -2.31 -22.75
C ASN V 126 32.28 -1.69 -21.43
N TYR V 127 30.98 -1.60 -21.19
CA TYR V 127 30.41 -0.81 -20.10
C TYR V 127 29.50 -1.68 -19.23
N THR V 128 29.92 -2.91 -18.95
CA THR V 128 29.10 -3.84 -18.18
C THR V 128 29.46 -3.83 -16.69
N GLN V 129 30.75 -3.81 -16.37
CA GLN V 129 31.16 -3.83 -14.96
C GLN V 129 30.72 -2.57 -14.24
N ILE V 130 30.76 -1.43 -14.92
CA ILE V 130 30.33 -0.18 -14.30
C ILE V 130 28.85 -0.25 -13.95
N ILE V 131 28.03 -0.75 -14.88
CA ILE V 131 26.60 -0.87 -14.61
C ILE V 131 26.35 -1.84 -13.47
N TYR V 132 27.06 -2.97 -13.45
CA TYR V 132 26.88 -3.94 -12.37
C TYR V 132 27.24 -3.33 -11.02
N GLY V 133 28.35 -2.60 -10.96
CA GLY V 133 28.74 -1.96 -9.72
C GLY V 133 27.73 -0.91 -9.27
N LEU V 134 27.24 -0.10 -10.20
CA LEU V 134 26.25 0.91 -9.85
C LEU V 134 24.97 0.25 -9.33
N LEU V 135 24.55 -0.86 -9.96
CA LEU V 135 23.38 -1.57 -9.47
C LEU V 135 23.61 -2.11 -8.07
N GLU V 136 24.80 -2.65 -7.80
CA GLU V 136 25.10 -3.16 -6.46
C GLU V 136 25.02 -2.06 -5.42
N GLU V 137 25.69 -0.93 -5.68
CA GLU V 137 25.66 0.17 -4.72
C GLU V 137 24.24 0.70 -4.54
N SER V 138 23.48 0.82 -5.62
CA SER V 138 22.11 1.33 -5.51
C SER V 138 21.25 0.40 -4.67
N GLN V 139 21.37 -0.92 -4.88
CA GLN V 139 20.58 -1.86 -4.08
C GLN V 139 20.99 -1.80 -2.61
N ASN V 140 22.29 -1.72 -2.33
CA ASN V 140 22.72 -1.64 -0.94
C ASN V 140 22.20 -0.37 -0.27
N GLN V 141 22.29 0.76 -0.98
CA GLN V 141 21.79 2.02 -0.42
C GLN V 141 20.29 1.97 -0.19
N GLN V 142 19.54 1.38 -1.14
CA GLN V 142 18.10 1.25 -0.98
C GLN V 142 17.76 0.37 0.23
N GLU V 143 18.50 -0.72 0.41
CA GLU V 143 18.25 -1.59 1.55
C GLU V 143 18.53 -0.86 2.86
N LYS V 144 19.63 -0.10 2.92
CA LYS V 144 19.92 0.68 4.13
C LYS V 144 18.83 1.74 4.38
N ASN V 145 18.37 2.38 3.31
CA ASN V 145 17.33 3.39 3.44
C ASN V 145 16.05 2.77 4.00
N GLU V 146 15.67 1.60 3.47
CA GLU V 146 14.48 0.92 3.97
C GLU V 146 14.68 0.51 5.43
N GLN V 147 15.88 0.04 5.78
CA GLN V 147 16.13 -0.41 7.14
C GLN V 147 15.98 0.73 8.14
N ASP V 148 16.55 1.90 7.83
CA ASP V 148 16.46 3.01 8.77
C ASP V 148 15.08 3.67 8.73
N LEU V 149 14.39 3.64 7.59
CA LEU V 149 13.03 4.18 7.53
C LEU V 149 12.08 3.32 8.35
N LEU V 150 12.19 2.00 8.24
CA LEU V 150 11.29 1.10 8.98
C LEU V 150 11.53 1.15 10.48
N ALA V 151 12.72 1.60 10.91
CA ALA V 151 13.00 1.69 12.35
C ALA V 151 12.09 2.68 13.05
N LEU V 152 11.57 3.67 12.34
CA LEU V 152 10.67 4.66 12.93
C LEU V 152 9.31 4.04 13.25
N ASN W 3 -14.62 -20.02 -8.42
CA ASN W 3 -14.49 -19.36 -7.13
C ASN W 3 -13.29 -19.87 -6.33
N LEU W 4 -12.55 -20.82 -6.89
CA LEU W 4 -11.37 -21.39 -6.26
C LEU W 4 -10.22 -21.42 -7.26
N TRP W 5 -9.00 -21.27 -6.75
CA TRP W 5 -7.82 -21.06 -7.59
C TRP W 5 -6.70 -21.97 -7.12
N VAL W 6 -5.78 -22.27 -8.05
CA VAL W 6 -4.71 -23.22 -7.76
C VAL W 6 -3.66 -22.57 -6.87
N THR W 7 -2.91 -23.40 -6.16
CA THR W 7 -1.84 -22.95 -5.28
C THR W 7 -0.76 -24.03 -5.23
N VAL W 8 0.49 -23.59 -5.09
CA VAL W 8 1.65 -24.46 -5.12
C VAL W 8 2.21 -24.58 -3.71
N TYR W 9 2.55 -25.81 -3.32
CA TYR W 9 3.11 -26.12 -2.01
C TYR W 9 4.48 -26.78 -2.19
N TYR W 10 5.47 -26.24 -1.50
CA TYR W 10 6.82 -26.80 -1.46
C TYR W 10 7.01 -27.57 -0.16
N GLY W 11 7.91 -28.56 -0.21
CA GLY W 11 8.13 -29.38 0.96
C GLY W 11 7.00 -30.33 1.28
N VAL W 12 6.16 -30.65 0.29
CA VAL W 12 5.00 -31.50 0.54
C VAL W 12 5.46 -32.92 0.86
N PRO W 13 4.80 -33.65 1.79
CA PRO W 13 5.25 -35.03 2.08
C PRO W 13 4.68 -36.07 1.12
N VAL W 14 5.30 -36.17 -0.06
CA VAL W 14 4.97 -37.18 -1.06
C VAL W 14 6.26 -37.79 -1.56
N TRP W 15 6.17 -39.05 -2.00
CA TRP W 15 7.35 -39.77 -2.47
C TRP W 15 6.96 -40.69 -3.61
N LYS W 16 7.98 -41.12 -4.36
CA LYS W 16 7.81 -42.06 -5.46
C LYS W 16 8.94 -43.07 -5.44
N ASP W 17 8.66 -44.28 -5.90
CA ASP W 17 9.67 -45.32 -5.96
C ASP W 17 10.77 -44.94 -6.95
N ALA W 18 12.01 -45.14 -6.55
CA ALA W 18 13.14 -44.78 -7.40
C ALA W 18 14.37 -45.56 -6.93
N GLU W 19 15.38 -45.61 -7.81
CA GLU W 19 16.64 -46.27 -7.53
C GLU W 19 17.75 -45.24 -7.59
N THR W 20 18.63 -45.27 -6.59
CA THR W 20 19.73 -44.31 -6.48
C THR W 20 20.96 -45.06 -5.94
N THR W 21 21.97 -44.30 -5.56
CA THR W 21 23.21 -44.84 -5.01
C THR W 21 23.24 -44.63 -3.50
N LEU W 22 23.50 -45.70 -2.76
CA LEU W 22 23.57 -45.68 -1.31
C LEU W 22 25.02 -45.85 -0.88
N PHE W 23 25.46 -45.01 0.05
CA PHE W 23 26.84 -44.99 0.51
C PHE W 23 26.94 -45.57 1.93
N CYS W 24 28.17 -45.80 2.36
CA CYS W 24 28.41 -46.44 3.64
C CYS W 24 28.06 -45.52 4.80
N ALA W 25 27.81 -46.15 5.96
CA ALA W 25 27.88 -45.48 7.25
C ALA W 25 28.49 -46.43 8.29
N SER W 26 29.54 -47.14 7.90
CA SER W 26 30.17 -48.09 8.81
C SER W 26 30.83 -47.36 9.98
N ASP W 27 30.78 -47.98 11.15
CA ASP W 27 31.36 -47.41 12.37
C ASP W 27 32.45 -48.33 12.93
N HIS W 36 42.75 -52.67 9.45
CA HIS W 36 42.50 -52.91 8.04
C HIS W 36 41.57 -54.10 7.85
N ASN W 37 40.55 -53.92 7.00
CA ASN W 37 39.59 -54.96 6.69
C ASN W 37 39.35 -55.00 5.19
N VAL W 38 38.92 -56.17 4.70
CA VAL W 38 38.62 -56.29 3.27
C VAL W 38 37.41 -55.43 2.91
N TRP W 39 36.50 -55.24 3.85
CA TRP W 39 35.40 -54.28 3.68
C TRP W 39 35.92 -52.94 4.22
N ALA W 40 36.57 -52.19 3.32
CA ALA W 40 37.31 -51.00 3.71
C ALA W 40 36.44 -49.98 4.43
N THR W 41 36.69 -49.79 5.72
CA THR W 41 35.95 -48.81 6.51
C THR W 41 36.57 -47.42 6.45
N HIS W 42 37.84 -47.31 6.06
CA HIS W 42 38.48 -46.01 5.97
C HIS W 42 37.84 -45.15 4.88
N ALA W 43 37.50 -45.75 3.75
CA ALA W 43 36.84 -45.05 2.66
C ALA W 43 35.33 -44.98 2.84
N CYS W 44 34.78 -45.62 3.87
CA CYS W 44 33.36 -45.62 4.14
C CYS W 44 33.04 -44.62 5.24
N VAL W 45 31.92 -43.92 5.10
CA VAL W 45 31.58 -42.78 5.94
C VAL W 45 31.30 -43.27 7.37
N PRO W 46 31.52 -42.47 8.41
CA PRO W 46 31.05 -42.87 9.75
C PRO W 46 29.61 -42.44 10.01
N THR W 47 28.98 -43.15 10.93
CA THR W 47 27.61 -42.90 11.33
C THR W 47 27.56 -42.06 12.61
N ASP W 48 26.37 -41.53 12.89
CA ASP W 48 26.14 -40.84 14.14
C ASP W 48 25.83 -41.85 15.25
N PRO W 49 26.14 -41.53 16.52
CA PRO W 49 25.83 -42.47 17.60
C PRO W 49 24.37 -42.47 18.03
N ASN W 50 23.53 -41.61 17.46
CA ASN W 50 22.13 -41.48 17.85
C ASN W 50 21.32 -41.53 16.55
N PRO W 51 21.10 -42.72 16.00
CA PRO W 51 20.23 -42.82 14.82
C PRO W 51 18.80 -42.41 15.15
N GLN W 52 18.14 -41.81 14.17
CA GLN W 52 16.78 -41.30 14.33
C GLN W 52 15.84 -42.05 13.41
N GLU W 53 14.71 -42.50 13.95
CA GLU W 53 13.68 -43.19 13.20
C GLU W 53 12.35 -42.49 13.42
N ILE W 54 11.66 -42.16 12.33
CA ILE W 54 10.39 -41.45 12.38
C ILE W 54 9.29 -42.44 12.00
N HIS W 55 8.44 -42.77 12.96
CA HIS W 55 7.45 -43.84 12.79
C HIS W 55 6.22 -43.26 12.10
N LEU W 56 6.10 -43.47 10.79
CA LEU W 56 4.97 -42.94 10.05
C LEU W 56 3.71 -43.73 10.39
N GLU W 57 2.60 -43.02 10.58
CA GLU W 57 1.36 -43.62 11.05
C GLU W 57 0.24 -43.39 10.04
N ASN W 58 -0.66 -44.37 9.96
CA ASN W 58 -1.78 -44.34 9.02
C ASN W 58 -1.29 -44.20 7.58
N VAL W 59 -0.19 -44.87 7.26
CA VAL W 59 0.34 -44.95 5.91
C VAL W 59 0.64 -46.41 5.60
N THR W 60 0.19 -46.87 4.45
CA THR W 60 0.38 -48.26 4.02
C THR W 60 1.15 -48.25 2.71
N GLU W 61 2.40 -48.72 2.75
CA GLU W 61 3.25 -48.73 1.58
C GLU W 61 3.15 -50.07 0.87
N GLU W 62 3.67 -50.12 -0.36
CA GLU W 62 3.70 -51.33 -1.18
C GLU W 62 5.14 -51.82 -1.26
N PHE W 63 5.45 -52.90 -0.56
CA PHE W 63 6.79 -53.44 -0.51
C PHE W 63 6.92 -54.63 -1.45
N ASN W 64 8.08 -54.76 -2.08
CA ASN W 64 8.38 -55.86 -3.00
C ASN W 64 9.82 -56.30 -2.73
N MET W 65 9.95 -57.47 -2.10
CA MET W 65 11.28 -57.99 -1.77
C MET W 65 12.10 -58.29 -3.02
N TRP W 66 11.45 -58.75 -4.08
CA TRP W 66 12.14 -59.29 -5.24
C TRP W 66 12.43 -58.26 -6.33
N LYS W 67 12.08 -56.99 -6.11
CA LYS W 67 12.39 -55.91 -7.04
C LYS W 67 13.15 -54.79 -6.33
N ASN W 68 13.96 -55.15 -5.33
CA ASN W 68 14.74 -54.17 -4.59
C ASN W 68 16.08 -53.98 -5.28
N ASN W 69 16.40 -52.74 -5.65
CA ASN W 69 17.71 -52.43 -6.20
C ASN W 69 18.80 -52.44 -5.14
N MET W 70 18.44 -52.41 -3.86
CA MET W 70 19.43 -52.36 -2.80
C MET W 70 20.32 -53.61 -2.81
N VAL W 71 19.72 -54.78 -2.99
CA VAL W 71 20.49 -56.02 -2.95
C VAL W 71 21.48 -56.06 -4.12
N GLU W 72 21.05 -55.69 -5.32
CA GLU W 72 21.95 -55.69 -6.47
C GLU W 72 23.07 -54.67 -6.28
N GLN W 73 22.72 -53.47 -5.80
CA GLN W 73 23.73 -52.45 -5.60
C GLN W 73 24.75 -52.89 -4.57
N MET W 74 24.31 -53.50 -3.47
CA MET W 74 25.26 -53.86 -2.43
C MET W 74 26.06 -55.09 -2.82
N HIS W 75 25.51 -55.97 -3.66
CA HIS W 75 26.30 -57.04 -4.26
C HIS W 75 27.43 -56.46 -5.11
N THR W 76 27.10 -55.48 -5.96
CA THR W 76 28.13 -54.83 -6.76
C THR W 76 29.17 -54.16 -5.87
N ASP W 77 28.71 -53.49 -4.81
CA ASP W 77 29.64 -52.82 -3.89
C ASP W 77 30.54 -53.83 -3.20
N ILE W 78 30.00 -54.98 -2.80
CA ILE W 78 30.80 -56.01 -2.15
C ILE W 78 31.86 -56.54 -3.11
N ILE W 79 31.48 -56.81 -4.36
CA ILE W 79 32.44 -57.32 -5.33
C ILE W 79 33.54 -56.28 -5.57
N SER W 80 33.16 -55.01 -5.72
CA SER W 80 34.14 -53.96 -5.93
C SER W 80 35.07 -53.81 -4.73
N LEU W 81 34.51 -53.89 -3.52
CA LEU W 81 35.32 -53.79 -2.31
C LEU W 81 36.32 -54.94 -2.23
N TRP W 82 35.88 -56.16 -2.56
CA TRP W 82 36.80 -57.29 -2.53
C TRP W 82 37.90 -57.14 -3.57
N ASP W 83 37.55 -56.65 -4.77
CA ASP W 83 38.56 -56.43 -5.79
C ASP W 83 39.57 -55.38 -5.33
N GLN W 84 39.09 -54.29 -4.72
CA GLN W 84 39.98 -53.26 -4.22
C GLN W 84 40.90 -53.80 -3.13
N SER W 85 40.35 -54.61 -2.22
CA SER W 85 41.15 -55.17 -1.14
C SER W 85 42.19 -56.16 -1.67
N LEU W 86 41.86 -56.91 -2.72
CA LEU W 86 42.78 -57.88 -3.27
C LEU W 86 43.78 -57.28 -4.25
N LYS W 87 43.55 -56.06 -4.73
CA LYS W 87 44.47 -55.46 -5.70
C LYS W 87 45.87 -55.26 -5.15
N PRO W 88 46.08 -54.67 -3.95
CA PRO W 88 47.47 -54.50 -3.45
C PRO W 88 47.98 -55.71 -2.68
N CYS W 89 48.21 -56.81 -3.40
CA CYS W 89 48.75 -58.02 -2.80
C CYS W 89 49.58 -58.76 -3.83
N VAL W 90 50.43 -59.67 -3.34
CA VAL W 90 51.34 -60.39 -4.21
C VAL W 90 50.56 -61.29 -5.17
N LYS W 91 51.02 -61.36 -6.41
CA LYS W 91 50.45 -62.23 -7.43
C LYS W 91 51.30 -63.50 -7.53
N LEU W 92 50.67 -64.65 -7.35
CA LEU W 92 51.39 -65.93 -7.34
C LEU W 92 51.40 -66.54 -8.75
N THR W 93 52.01 -65.81 -9.68
CA THR W 93 52.22 -66.31 -11.03
C THR W 93 53.40 -67.30 -11.08
N PRO W 94 54.54 -67.05 -10.41
CA PRO W 94 55.62 -68.03 -10.49
C PRO W 94 55.29 -69.36 -9.84
N LEU W 95 54.29 -69.41 -8.96
CA LEU W 95 53.95 -70.65 -8.27
C LEU W 95 53.40 -71.72 -9.20
N CYS W 96 52.97 -71.35 -10.41
CA CYS W 96 52.43 -72.30 -11.36
C CYS W 96 53.58 -73.11 -11.95
N VAL W 97 54.05 -74.08 -11.18
CA VAL W 97 55.14 -74.97 -11.55
C VAL W 97 54.70 -76.40 -11.31
N THR W 98 55.46 -77.34 -11.88
CA THR W 98 55.17 -78.76 -11.69
C THR W 98 55.51 -79.16 -10.26
N LEU W 99 54.56 -79.83 -9.60
CA LEU W 99 54.69 -80.21 -8.20
C LEU W 99 54.99 -81.70 -8.10
N GLN W 100 56.09 -82.05 -7.44
CA GLN W 100 56.43 -83.44 -7.16
C GLN W 100 55.86 -83.79 -5.80
N CYS W 101 54.79 -84.60 -5.80
CA CYS W 101 53.98 -84.81 -4.60
C CYS W 101 54.02 -86.26 -4.15
N THR W 102 53.83 -86.43 -2.84
CA THR W 102 53.69 -87.75 -2.23
C THR W 102 52.55 -87.69 -1.21
N ASN W 103 52.04 -88.86 -0.86
CA ASN W 103 50.98 -88.95 0.14
C ASN W 103 51.56 -88.79 1.54
N VAL W 104 50.86 -88.03 2.38
CA VAL W 104 51.25 -87.91 3.78
C VAL W 104 51.08 -89.26 4.46
N THR W 105 52.08 -89.65 5.27
CA THR W 105 52.12 -90.97 5.87
C THR W 105 52.28 -90.96 7.39
N ASN W 106 52.49 -89.80 8.02
CA ASN W 106 52.74 -89.70 9.45
C ASN W 106 51.54 -89.08 10.14
N ASN W 107 51.05 -89.75 11.18
CA ASN W 107 49.97 -89.23 12.02
C ASN W 107 48.72 -88.93 11.19
N ILE W 108 48.31 -89.88 10.36
CA ILE W 108 47.14 -89.75 9.50
C ILE W 108 46.03 -90.64 10.05
N THR W 109 44.81 -90.12 10.06
CA THR W 109 43.65 -90.86 10.52
C THR W 109 43.03 -91.60 9.32
N ASP W 110 41.84 -92.17 9.52
CA ASP W 110 41.21 -92.98 8.48
C ASP W 110 40.55 -92.11 7.42
N ASP W 111 39.59 -91.27 7.83
CA ASP W 111 38.86 -90.46 6.86
C ASP W 111 39.77 -89.49 6.13
N MET W 112 40.69 -88.84 6.85
CA MET W 112 41.60 -87.87 6.27
C MET W 112 42.86 -88.57 5.73
N ARG W 113 42.63 -89.44 4.74
CA ARG W 113 43.68 -90.17 4.07
C ARG W 113 43.60 -89.91 2.58
N GLY W 114 44.73 -89.57 1.97
CA GLY W 114 44.76 -89.27 0.56
C GLY W 114 44.36 -87.85 0.19
N GLU W 115 44.05 -87.01 1.18
CA GLU W 115 43.64 -85.64 0.92
C GLU W 115 44.86 -84.71 0.87
N LEU W 116 45.62 -84.67 1.96
CA LEU W 116 46.83 -83.84 1.99
C LEU W 116 47.91 -84.46 1.13
N LYS W 117 48.64 -83.60 0.40
CA LYS W 117 49.74 -84.02 -0.46
C LYS W 117 50.96 -83.20 -0.10
N ASN W 118 52.06 -83.89 0.23
CA ASN W 118 53.33 -83.24 0.50
C ASN W 118 54.03 -83.02 -0.84
N CYS W 119 54.05 -81.78 -1.31
CA CYS W 119 54.53 -81.44 -2.64
C CYS W 119 55.78 -80.57 -2.51
N SER W 120 56.87 -81.01 -3.15
CA SER W 120 58.09 -80.25 -3.29
C SER W 120 58.25 -79.80 -4.74
N PHE W 121 58.79 -78.61 -4.92
CA PHE W 121 58.94 -78.06 -6.26
C PHE W 121 59.99 -76.95 -6.24
N ASN W 122 60.44 -76.60 -7.45
CA ASN W 122 61.36 -75.49 -7.63
C ASN W 122 60.61 -74.16 -7.55
N MET W 123 61.32 -73.13 -7.11
CA MET W 123 60.72 -71.83 -6.88
C MET W 123 61.80 -70.76 -7.02
N THR W 124 61.38 -69.57 -7.44
CA THR W 124 62.31 -68.47 -7.58
C THR W 124 62.69 -67.92 -6.20
N THR W 125 63.65 -67.00 -6.20
CA THR W 125 64.15 -66.39 -4.98
C THR W 125 64.36 -64.90 -5.25
N GLU W 126 65.07 -64.23 -4.34
CA GLU W 126 65.34 -62.81 -4.52
C GLU W 126 66.14 -62.57 -5.80
N LEU W 127 67.15 -63.40 -6.05
CA LEU W 127 67.93 -63.29 -7.28
C LEU W 127 67.16 -63.92 -8.44
N ARG W 128 67.30 -63.31 -9.61
CA ARG W 128 66.57 -63.77 -10.80
C ARG W 128 67.25 -64.93 -11.51
N ASP W 129 68.46 -65.32 -11.09
CA ASP W 129 69.19 -66.42 -11.71
C ASP W 129 69.20 -67.69 -10.86
N LYS W 130 69.20 -67.56 -9.54
CA LYS W 130 69.22 -68.72 -8.66
C LYS W 130 67.81 -69.28 -8.49
N LYS W 131 67.76 -70.52 -7.98
CA LYS W 131 66.50 -71.21 -7.72
C LYS W 131 66.62 -71.95 -6.39
N GLN W 132 65.47 -72.23 -5.80
CA GLN W 132 65.39 -72.96 -4.53
C GLN W 132 64.37 -74.09 -4.68
N LYS W 133 64.49 -75.08 -3.79
CA LYS W 133 63.54 -76.19 -3.71
C LYS W 133 62.77 -76.05 -2.40
N VAL W 134 61.44 -75.98 -2.50
CA VAL W 134 60.59 -75.75 -1.34
C VAL W 134 59.45 -76.74 -1.33
N TYR W 135 59.03 -77.12 -0.12
CA TYR W 135 58.00 -78.12 0.10
C TYR W 135 56.84 -77.50 0.88
N SER W 136 55.64 -78.01 0.61
CA SER W 136 54.44 -77.55 1.30
C SER W 136 53.36 -78.62 1.19
N LEU W 137 52.38 -78.54 2.08
CA LEU W 137 51.27 -79.47 2.11
C LEU W 137 50.06 -78.81 1.45
N PHE W 138 49.50 -79.46 0.43
CA PHE W 138 48.38 -78.95 -0.33
C PHE W 138 47.19 -79.90 -0.20
N TYR W 139 46.00 -79.33 -0.02
CA TYR W 139 44.79 -80.14 0.01
C TYR W 139 44.51 -80.70 -1.38
N ARG W 140 43.85 -81.87 -1.42
CA ARG W 140 43.61 -82.55 -2.69
C ARG W 140 42.77 -81.71 -3.62
N LEU W 141 41.85 -80.91 -3.08
CA LEU W 141 41.00 -80.07 -3.93
C LEU W 141 41.79 -78.98 -4.66
N ASP W 142 43.02 -78.70 -4.23
CA ASP W 142 43.81 -77.62 -4.80
C ASP W 142 44.75 -78.07 -5.91
N VAL W 143 44.88 -79.37 -6.16
CA VAL W 143 45.84 -79.91 -7.11
C VAL W 143 45.13 -80.87 -8.05
N VAL W 144 45.65 -80.97 -9.28
CA VAL W 144 45.12 -81.85 -10.30
C VAL W 144 46.29 -82.49 -11.04
N GLN W 145 46.15 -83.79 -11.34
CA GLN W 145 47.20 -84.50 -12.05
C GLN W 145 47.26 -84.05 -13.50
N ILE W 146 48.48 -84.02 -14.04
CA ILE W 146 48.69 -83.65 -15.44
C ILE W 146 48.45 -84.86 -16.32
N LYS W 159 52.77 -88.96 -10.71
CA LYS W 159 53.35 -88.43 -9.48
C LYS W 159 53.57 -86.91 -9.54
N GLU W 160 53.12 -86.28 -10.62
CA GLU W 160 53.25 -84.84 -10.81
C GLU W 160 51.87 -84.21 -10.86
N TYR W 161 51.71 -83.12 -10.11
CA TYR W 161 50.44 -82.39 -10.02
C TYR W 161 50.68 -80.93 -10.33
N ARG W 162 49.59 -80.21 -10.63
CA ARG W 162 49.62 -78.79 -10.88
C ARG W 162 48.46 -78.13 -10.16
N LEU W 163 48.62 -76.84 -9.84
CA LEU W 163 47.55 -76.11 -9.18
C LEU W 163 46.32 -76.05 -10.07
N ILE W 164 45.15 -76.15 -9.45
CA ILE W 164 43.90 -76.16 -10.20
C ILE W 164 43.73 -74.87 -11.00
N ASN W 165 44.32 -73.77 -10.51
CA ASN W 165 44.20 -72.47 -11.15
C ASN W 165 45.11 -72.28 -12.36
N CYS W 166 46.03 -73.22 -12.61
CA CYS W 166 47.09 -72.97 -13.58
C CYS W 166 46.54 -72.79 -14.99
N ASN W 167 45.49 -73.53 -15.35
CA ASN W 167 44.91 -73.46 -16.69
C ASN W 167 43.67 -72.57 -16.76
N THR W 168 43.39 -71.80 -15.70
CA THR W 168 42.30 -70.83 -15.71
C THR W 168 42.80 -69.40 -15.54
N SER W 169 43.58 -69.13 -14.50
CA SER W 169 44.11 -67.79 -14.25
C SER W 169 45.01 -67.84 -13.02
N ALA W 170 45.88 -66.84 -12.90
CA ALA W 170 46.75 -66.74 -11.74
C ALA W 170 45.97 -66.27 -10.52
N CYS W 171 46.48 -66.62 -9.34
CA CYS W 171 45.88 -66.25 -8.07
C CYS W 171 46.59 -65.05 -7.47
N THR W 172 45.84 -64.27 -6.70
CA THR W 172 46.37 -63.15 -5.91
C THR W 172 46.26 -63.57 -4.44
N GLN W 173 47.40 -63.92 -3.85
CA GLN W 173 47.41 -64.36 -2.45
C GLN W 173 46.89 -63.24 -1.56
N ALA W 174 45.84 -63.53 -0.81
CA ALA W 174 45.27 -62.55 0.11
C ALA W 174 46.31 -62.15 1.14
N CYS W 175 46.46 -60.84 1.34
CA CYS W 175 47.48 -60.35 2.25
C CYS W 175 47.15 -60.78 3.69
N PRO W 176 48.14 -61.20 4.48
CA PRO W 176 47.82 -61.71 5.82
C PRO W 176 47.22 -60.68 6.75
N LYS W 177 47.61 -59.40 6.62
CA LYS W 177 47.22 -58.40 7.60
C LYS W 177 45.72 -58.14 7.57
N VAL W 178 45.10 -58.13 6.39
CA VAL W 178 43.68 -57.81 6.29
C VAL W 178 42.86 -58.97 6.82
N SER W 179 41.90 -58.66 7.68
CA SER W 179 41.03 -59.67 8.29
C SER W 179 39.78 -59.87 7.46
N PHE W 180 39.35 -61.13 7.35
CA PHE W 180 38.17 -61.50 6.58
C PHE W 180 36.89 -61.44 7.40
N GLU W 181 36.95 -61.02 8.66
CA GLU W 181 35.77 -61.00 9.50
C GLU W 181 34.74 -60.01 8.96
N PRO W 182 33.45 -60.37 8.89
CA PRO W 182 32.45 -59.38 8.49
C PRO W 182 32.38 -58.24 9.49
N ILE W 183 32.09 -57.04 8.97
CA ILE W 183 31.90 -55.85 9.79
C ILE W 183 30.56 -55.24 9.41
N PRO W 184 29.73 -54.78 10.35
CA PRO W 184 28.46 -54.17 9.94
C PRO W 184 28.67 -52.93 9.08
N ILE W 185 27.81 -52.79 8.07
CA ILE W 185 27.81 -51.62 7.20
C ILE W 185 26.37 -51.11 7.13
N HIS W 186 26.19 -49.81 7.40
CA HIS W 186 24.88 -49.18 7.43
C HIS W 186 24.73 -48.37 6.15
N TYR W 187 23.74 -48.73 5.33
CA TYR W 187 23.52 -48.08 4.04
C TYR W 187 22.46 -47.00 4.20
N CYS W 188 22.90 -45.75 4.23
CA CYS W 188 21.99 -44.61 4.29
C CYS W 188 21.59 -44.23 2.87
N ALA W 189 20.87 -43.12 2.72
CA ALA W 189 20.43 -42.61 1.43
C ALA W 189 20.91 -41.17 1.26
N PRO W 190 21.07 -40.70 0.01
CA PRO W 190 21.53 -39.32 -0.17
C PRO W 190 20.44 -38.30 0.13
N ALA W 191 20.76 -37.02 0.02
CA ALA W 191 19.78 -35.98 0.25
C ALA W 191 18.68 -36.06 -0.81
N GLY W 192 17.45 -35.81 -0.39
CA GLY W 192 16.30 -35.92 -1.27
C GLY W 192 15.72 -37.32 -1.39
N PHE W 193 16.29 -38.30 -0.69
CA PHE W 193 15.82 -39.67 -0.71
C PHE W 193 15.59 -40.15 0.72
N ALA W 194 14.72 -41.16 0.86
CA ALA W 194 14.35 -41.70 2.16
C ALA W 194 14.37 -43.22 2.10
N ILE W 195 14.66 -43.82 3.25
CA ILE W 195 14.63 -45.27 3.42
C ILE W 195 13.44 -45.61 4.29
N LEU W 196 12.54 -46.42 3.77
CA LEU W 196 11.34 -46.85 4.48
C LEU W 196 11.52 -48.27 4.98
N LYS W 197 11.29 -48.47 6.27
CA LYS W 197 11.43 -49.76 6.95
C LYS W 197 10.06 -50.25 7.38
N CYS W 198 9.76 -51.51 7.06
CA CYS W 198 8.47 -52.12 7.39
C CYS W 198 8.61 -52.84 8.73
N LYS W 199 8.01 -52.28 9.78
CA LYS W 199 8.07 -52.87 11.11
C LYS W 199 7.06 -53.98 11.31
N ASP W 200 6.08 -54.13 10.41
CA ASP W 200 5.00 -55.08 10.62
C ASP W 200 5.54 -56.50 10.70
N LYS W 201 5.10 -57.24 11.72
CA LYS W 201 5.44 -58.64 11.86
C LYS W 201 4.56 -59.49 10.95
N LYS W 202 5.00 -60.73 10.71
CA LYS W 202 4.37 -61.63 9.75
C LYS W 202 4.38 -61.06 8.34
N PHE W 203 5.35 -60.19 8.04
CA PHE W 203 5.47 -59.56 6.73
C PHE W 203 6.37 -60.42 5.85
N ASN W 204 5.80 -60.98 4.77
CA ASN W 204 6.49 -61.97 3.96
C ASN W 204 7.40 -61.37 2.90
N GLY W 205 7.57 -60.05 2.88
CA GLY W 205 8.44 -59.39 1.92
C GLY W 205 7.72 -58.76 0.75
N THR W 206 6.48 -59.16 0.48
CA THR W 206 5.72 -58.65 -0.66
C THR W 206 4.31 -58.29 -0.22
N GLY W 207 3.81 -57.15 -0.70
CA GLY W 207 2.44 -56.75 -0.47
C GLY W 207 2.33 -55.42 0.26
N PRO W 208 1.14 -55.13 0.79
CA PRO W 208 0.94 -53.87 1.52
C PRO W 208 1.40 -53.98 2.97
N CYS W 209 2.40 -53.17 3.33
CA CYS W 209 2.87 -53.06 4.70
C CYS W 209 2.21 -51.87 5.37
N PRO W 210 1.43 -52.04 6.45
CA PRO W 210 0.75 -50.88 7.06
C PRO W 210 1.60 -50.15 8.09
N SER W 211 2.57 -50.84 8.70
CA SER W 211 3.43 -50.26 9.72
C SER W 211 4.74 -49.86 9.07
N VAL W 212 4.96 -48.54 8.94
CA VAL W 212 6.07 -47.99 8.18
C VAL W 212 6.81 -46.98 9.04
N SER W 213 8.14 -46.97 8.91
CA SER W 213 8.98 -45.95 9.53
C SER W 213 9.98 -45.45 8.50
N THR W 214 10.50 -44.26 8.72
CA THR W 214 11.57 -43.67 7.93
C THR W 214 12.84 -43.70 8.74
N VAL W 215 13.89 -44.30 8.20
CA VAL W 215 15.15 -44.51 8.90
C VAL W 215 16.24 -43.79 8.14
N GLN W 216 17.07 -43.03 8.87
CA GLN W 216 18.20 -42.36 8.25
C GLN W 216 19.17 -43.36 7.64
N CYS W 217 19.42 -44.46 8.36
CA CYS W 217 20.35 -45.49 7.89
C CYS W 217 19.83 -46.86 8.32
N THR W 218 20.28 -47.89 7.62
CA THR W 218 19.83 -49.25 7.89
C THR W 218 20.53 -49.80 9.13
N HIS W 219 20.11 -51.00 9.53
CA HIS W 219 20.67 -51.67 10.69
C HIS W 219 21.95 -52.42 10.28
N GLY W 220 22.42 -53.33 11.14
CA GLY W 220 23.58 -54.12 10.82
C GLY W 220 23.29 -55.08 9.69
N ILE W 221 24.08 -55.02 8.61
CA ILE W 221 23.89 -55.86 7.43
C ILE W 221 25.19 -56.62 7.18
N LYS W 222 25.83 -57.09 8.26
CA LYS W 222 27.13 -57.77 8.25
C LYS W 222 27.28 -58.68 7.03
N PRO W 223 28.27 -58.42 6.16
CA PRO W 223 28.32 -59.18 4.88
C PRO W 223 28.91 -60.58 5.05
N VAL W 224 28.07 -61.49 5.54
CA VAL W 224 28.48 -62.88 5.71
C VAL W 224 28.33 -63.60 4.37
N VAL W 225 29.29 -64.48 4.09
CA VAL W 225 29.28 -65.30 2.88
C VAL W 225 28.99 -66.73 3.32
N SER W 226 27.89 -67.29 2.81
CA SER W 226 27.52 -68.66 3.12
C SER W 226 26.53 -69.15 2.08
N THR W 227 26.38 -70.47 2.01
CA THR W 227 25.43 -71.12 1.12
C THR W 227 24.65 -72.16 1.91
N GLN W 228 23.35 -72.25 1.63
CA GLN W 228 22.45 -73.23 2.23
C GLN W 228 22.14 -72.94 3.70
N LEU W 229 22.80 -71.94 4.29
CA LEU W 229 22.64 -71.64 5.71
C LEU W 229 23.12 -70.21 5.93
N LEU W 230 22.22 -69.33 6.35
CA LEU W 230 22.56 -67.93 6.60
C LEU W 230 23.14 -67.82 8.00
N LEU W 231 24.45 -67.60 8.09
CA LEU W 231 25.14 -67.51 9.36
C LEU W 231 25.14 -66.08 9.88
N ASN W 232 24.97 -65.94 11.19
CA ASN W 232 25.01 -64.64 11.86
C ASN W 232 23.97 -63.68 11.27
N GLY W 233 22.82 -64.20 10.87
CA GLY W 233 21.78 -63.39 10.27
C GLY W 233 20.84 -62.79 11.30
N SER W 234 19.85 -62.06 10.79
CA SER W 234 18.83 -61.44 11.61
C SER W 234 17.62 -62.35 11.70
N LEU W 235 17.08 -62.51 12.90
CA LEU W 235 15.99 -63.43 13.18
C LEU W 235 14.64 -62.73 13.16
N ALA W 236 13.60 -63.51 12.89
CA ALA W 236 12.24 -63.00 12.95
C ALA W 236 11.83 -62.73 14.39
N GLU W 237 10.85 -61.83 14.55
CA GLU W 237 10.44 -61.39 15.87
C GLU W 237 9.30 -62.22 16.44
N GLU W 238 8.45 -62.80 15.59
CA GLU W 238 7.27 -63.53 16.03
C GLU W 238 7.37 -65.03 15.78
N GLU W 239 7.62 -65.45 14.55
CA GLU W 239 7.63 -66.87 14.21
C GLU W 239 8.46 -67.06 12.95
N VAL W 240 8.77 -68.33 12.66
CA VAL W 240 9.54 -68.66 11.47
C VAL W 240 8.76 -68.21 10.23
N MET W 241 9.47 -67.57 9.30
CA MET W 241 8.86 -66.97 8.11
C MET W 241 9.35 -67.68 6.85
N ILE W 242 8.44 -67.86 5.90
CA ILE W 242 8.74 -68.45 4.60
C ILE W 242 8.42 -67.42 3.54
N ARG W 243 9.37 -67.17 2.63
CA ARG W 243 9.22 -66.16 1.59
C ARG W 243 9.63 -66.74 0.25
N SER W 244 8.91 -66.34 -0.81
CA SER W 244 9.21 -66.80 -2.16
C SER W 244 8.51 -65.89 -3.15
N GLU W 245 9.19 -65.64 -4.28
CA GLU W 245 8.58 -64.81 -5.33
C GLU W 245 7.34 -65.48 -5.90
N ASN W 246 7.40 -66.79 -6.12
CA ASN W 246 6.27 -67.55 -6.65
C ASN W 246 6.34 -68.94 -6.01
N ILE W 247 5.63 -69.10 -4.89
CA ILE W 247 5.66 -70.36 -4.17
C ILE W 247 5.05 -71.48 -5.00
N THR W 248 4.10 -71.15 -5.88
CA THR W 248 3.54 -72.16 -6.77
C THR W 248 4.61 -72.69 -7.72
N ASN W 249 5.47 -71.81 -8.23
CA ASN W 249 6.57 -72.23 -9.09
C ASN W 249 7.71 -72.78 -8.24
N ASN W 250 8.31 -73.88 -8.72
CA ASN W 250 9.41 -74.52 -8.01
C ASN W 250 10.78 -73.95 -8.41
N ALA W 251 10.87 -73.24 -9.54
CA ALA W 251 12.16 -72.70 -9.97
C ALA W 251 12.66 -71.65 -8.99
N LYS W 252 11.78 -70.77 -8.51
CA LYS W 252 12.20 -69.72 -7.61
C LYS W 252 12.55 -70.28 -6.24
N ASN W 253 13.61 -69.74 -5.64
CA ASN W 253 14.07 -70.22 -4.34
C ASN W 253 13.11 -69.78 -3.24
N ILE W 254 13.20 -70.49 -2.11
CA ILE W 254 12.39 -70.20 -0.92
C ILE W 254 13.34 -69.86 0.21
N LEU W 255 13.12 -68.70 0.83
CA LEU W 255 13.94 -68.24 1.94
C LEU W 255 13.19 -68.48 3.24
N VAL W 256 13.83 -69.20 4.16
CA VAL W 256 13.30 -69.44 5.50
C VAL W 256 14.08 -68.58 6.48
N GLN W 257 13.35 -67.88 7.35
CA GLN W 257 13.95 -67.05 8.39
C GLN W 257 13.49 -67.59 9.74
N PHE W 258 14.45 -68.01 10.56
CA PHE W 258 14.14 -68.60 11.85
C PHE W 258 13.77 -67.51 12.85
N ASN W 259 12.96 -67.91 13.84
CA ASN W 259 12.61 -67.04 14.95
C ASN W 259 13.57 -67.16 16.13
N THR W 260 14.34 -68.25 16.19
CA THR W 260 15.34 -68.46 17.22
C THR W 260 16.63 -68.93 16.58
N PRO W 261 17.78 -68.65 17.19
CA PRO W 261 19.06 -69.07 16.59
C PRO W 261 19.38 -70.51 16.94
N VAL W 262 20.06 -71.17 15.99
CA VAL W 262 20.60 -72.51 16.20
C VAL W 262 22.11 -72.37 16.30
N GLN W 263 22.66 -72.70 17.48
CA GLN W 263 24.10 -72.60 17.67
C GLN W 263 24.83 -73.68 16.90
N ILE W 264 25.94 -73.32 16.26
CA ILE W 264 26.76 -74.27 15.52
C ILE W 264 28.22 -74.03 15.87
N ASN W 265 28.90 -75.08 16.29
CA ASN W 265 30.35 -75.06 16.44
C ASN W 265 30.98 -75.48 15.13
N CYS W 266 32.14 -74.91 14.82
CA CYS W 266 32.87 -75.30 13.62
C CYS W 266 34.36 -75.13 13.88
N THR W 267 35.13 -76.21 13.67
CA THR W 267 36.52 -76.19 14.10
C THR W 267 37.41 -76.97 13.13
N ARG W 268 38.61 -76.43 12.91
CA ARG W 268 39.73 -77.17 12.36
C ARG W 268 40.63 -77.53 13.54
N PRO W 269 40.74 -78.81 13.93
CA PRO W 269 41.59 -79.14 15.08
C PRO W 269 43.07 -79.23 14.75
N ASN W 270 43.44 -79.37 13.49
CA ASN W 270 44.85 -79.56 13.13
C ASN W 270 45.65 -78.32 13.43
N ASN W 271 46.79 -78.50 14.10
CA ASN W 271 47.72 -77.41 14.34
C ASN W 271 48.53 -77.14 13.07
N ASN W 272 48.53 -75.89 12.62
CA ASN W 272 49.16 -75.50 11.37
C ASN W 272 50.35 -74.60 11.65
N THR W 273 51.44 -74.83 10.91
CA THR W 273 52.64 -74.01 10.98
C THR W 273 52.82 -73.28 9.65
N ARG W 274 52.98 -71.96 9.71
CA ARG W 274 53.10 -71.12 8.55
C ARG W 274 54.58 -70.79 8.31
N LYS W 275 55.05 -70.99 7.09
CA LYS W 275 56.40 -70.65 6.68
C LYS W 275 56.36 -69.74 5.46
N SER W 276 57.24 -68.75 5.44
CA SER W 276 57.29 -67.76 4.37
C SER W 276 58.40 -68.14 3.39
N ILE W 277 58.04 -68.25 2.11
CA ILE W 277 58.97 -68.53 1.04
C ILE W 277 59.08 -67.26 0.20
N ARG W 278 60.30 -66.74 0.07
CA ARG W 278 60.51 -65.48 -0.63
C ARG W 278 60.51 -65.73 -2.14
N ILE W 279 59.49 -65.21 -2.82
CA ILE W 279 59.30 -65.44 -4.25
C ILE W 279 59.97 -64.37 -5.11
N GLY W 280 60.41 -63.27 -4.51
CA GLY W 280 61.03 -62.20 -5.26
C GLY W 280 61.23 -60.97 -4.39
N PRO W 281 61.61 -59.85 -5.03
CA PRO W 281 61.78 -58.60 -4.26
C PRO W 281 60.48 -58.16 -3.59
N GLY W 282 60.47 -58.18 -2.26
CA GLY W 282 59.29 -57.75 -1.52
C GLY W 282 58.05 -58.58 -1.80
N GLN W 283 58.20 -59.90 -1.88
CA GLN W 283 57.06 -60.78 -2.15
C GLN W 283 57.28 -62.09 -1.43
N ALA W 284 56.35 -62.43 -0.53
CA ALA W 284 56.41 -63.64 0.29
C ALA W 284 55.18 -64.49 0.05
N PHE W 285 55.39 -65.80 -0.04
CA PHE W 285 54.34 -66.78 -0.23
C PHE W 285 54.25 -67.63 1.03
N TYR W 286 53.08 -67.62 1.67
CA TYR W 286 52.90 -68.30 2.95
C TYR W 286 52.37 -69.71 2.71
N ALA W 287 53.04 -70.70 3.27
CA ALA W 287 52.73 -72.10 3.04
C ALA W 287 52.65 -72.85 4.36
N THR W 288 52.04 -74.03 4.30
CA THR W 288 51.92 -74.90 5.46
C THR W 288 53.20 -75.73 5.59
N GLY W 289 54.02 -75.39 6.58
CA GLY W 289 55.27 -76.10 6.79
C GLY W 289 55.06 -77.55 7.18
N ASP W 290 54.39 -77.76 8.32
CA ASP W 290 54.12 -79.12 8.79
C ASP W 290 52.94 -79.06 9.76
N ILE W 291 52.34 -80.21 9.98
CA ILE W 291 51.21 -80.36 10.90
C ILE W 291 51.74 -81.03 12.15
N ILE W 292 51.99 -80.23 13.19
CA ILE W 292 52.39 -80.79 14.49
C ILE W 292 51.15 -81.34 15.17
N GLY W 293 51.25 -82.58 15.65
CA GLY W 293 50.12 -83.28 16.21
C GLY W 293 49.40 -84.13 15.18
N ASP W 294 48.39 -84.84 15.66
CA ASP W 294 47.64 -85.75 14.79
C ASP W 294 46.84 -84.99 13.74
N ILE W 295 46.84 -85.50 12.52
CA ILE W 295 46.05 -84.93 11.45
C ILE W 295 44.63 -85.48 11.55
N ARG W 296 43.65 -84.58 11.56
CA ARG W 296 42.25 -84.95 11.68
C ARG W 296 41.45 -84.16 10.64
N GLN W 297 40.12 -84.28 10.71
CA GLN W 297 39.21 -83.63 9.78
C GLN W 297 38.46 -82.51 10.51
N ALA W 298 38.46 -81.32 9.92
CA ALA W 298 37.68 -80.23 10.47
C ALA W 298 36.20 -80.60 10.44
N HIS W 299 35.50 -80.28 11.53
CA HIS W 299 34.12 -80.73 11.71
C HIS W 299 33.27 -79.61 12.27
N CYS W 300 31.96 -79.71 11.99
CA CYS W 300 30.97 -78.77 12.50
C CYS W 300 29.91 -79.52 13.28
N ASN W 301 29.63 -79.05 14.49
CA ASN W 301 28.64 -79.66 15.37
C ASN W 301 27.42 -78.76 15.47
N VAL W 302 26.23 -79.38 15.44
CA VAL W 302 24.97 -78.67 15.62
C VAL W 302 24.10 -79.47 16.59
N SER W 303 23.48 -78.77 17.54
CA SER W 303 22.67 -79.42 18.55
C SER W 303 21.52 -80.19 17.91
N LYS W 304 21.32 -81.43 18.36
CA LYS W 304 20.30 -82.29 17.76
C LYS W 304 18.90 -81.82 18.16
N ALA W 305 18.69 -81.53 19.44
CA ALA W 305 17.36 -81.14 19.90
C ALA W 305 16.97 -79.77 19.37
N THR W 306 17.88 -78.80 19.43
CA THR W 306 17.59 -77.47 18.90
C THR W 306 17.29 -77.53 17.40
N TRP W 307 18.10 -78.28 16.66
CA TRP W 307 17.87 -78.43 15.23
C TRP W 307 16.54 -79.11 14.96
N ASN W 308 16.18 -80.12 15.77
CA ASN W 308 14.93 -80.83 15.54
C ASN W 308 13.72 -79.92 15.80
N GLU W 309 13.76 -79.13 16.86
CA GLU W 309 12.63 -78.24 17.12
C GLU W 309 12.55 -77.14 16.08
N THR W 310 13.69 -76.63 15.62
CA THR W 310 13.67 -75.66 14.53
C THR W 310 13.10 -76.28 13.26
N LEU W 311 13.47 -77.54 13.00
CA LEU W 311 12.91 -78.27 11.85
C LEU W 311 11.40 -78.39 11.97
N GLY W 312 10.92 -78.70 13.18
CA GLY W 312 9.48 -78.77 13.41
C GLY W 312 8.79 -77.45 13.13
N LYS W 313 9.40 -76.34 13.57
CA LYS W 313 8.81 -75.03 13.32
C LYS W 313 8.74 -74.73 11.83
N VAL W 314 9.83 -74.99 11.10
CA VAL W 314 9.82 -74.65 9.68
C VAL W 314 8.84 -75.55 8.92
N VAL W 315 8.75 -76.83 9.29
CA VAL W 315 7.83 -77.70 8.57
C VAL W 315 6.39 -77.32 8.89
N LYS W 316 6.11 -76.85 10.12
CA LYS W 316 4.77 -76.34 10.41
C LYS W 316 4.46 -75.12 9.55
N GLN W 317 5.41 -74.21 9.43
CA GLN W 317 5.18 -73.03 8.59
C GLN W 317 4.97 -73.42 7.13
N LEU W 318 5.75 -74.39 6.63
CA LEU W 318 5.56 -74.87 5.27
C LEU W 318 4.20 -75.54 5.11
N ARG W 319 3.78 -76.29 6.12
CA ARG W 319 2.45 -76.90 6.12
C ARG W 319 1.36 -75.84 6.05
N LYS W 320 1.62 -74.67 6.63
CA LYS W 320 0.64 -73.58 6.57
C LYS W 320 0.28 -73.23 5.12
N HIS W 321 1.25 -73.28 4.21
CA HIS W 321 1.06 -72.84 2.84
C HIS W 321 0.86 -73.98 1.85
N PHE W 322 1.47 -75.15 2.09
CA PHE W 322 1.50 -76.23 1.12
C PHE W 322 0.38 -77.25 1.33
N GLY W 323 -0.61 -76.93 2.15
CA GLY W 323 -1.69 -77.84 2.47
C GLY W 323 -1.63 -78.28 3.92
N ASN W 324 -2.80 -78.50 4.51
CA ASN W 324 -2.87 -78.78 5.94
C ASN W 324 -2.15 -80.07 6.31
N ASN W 325 -2.09 -81.04 5.40
CA ASN W 325 -1.42 -82.31 5.67
C ASN W 325 -0.84 -82.82 4.36
N THR W 326 0.49 -82.88 4.29
CA THR W 326 1.18 -83.36 3.09
C THR W 326 2.55 -83.88 3.51
N ILE W 327 3.17 -84.63 2.59
CA ILE W 327 4.48 -85.20 2.86
C ILE W 327 5.54 -84.13 2.66
N ILE W 328 6.27 -83.83 3.74
CA ILE W 328 7.36 -82.85 3.71
C ILE W 328 8.66 -83.64 3.85
N ARG W 329 9.46 -83.65 2.78
CA ARG W 329 10.71 -84.37 2.73
C ARG W 329 11.86 -83.37 2.60
N PHE W 330 12.96 -83.66 3.29
CA PHE W 330 14.18 -82.85 3.21
C PHE W 330 15.32 -83.80 2.89
N ALA W 331 15.90 -83.64 1.70
CA ALA W 331 17.00 -84.47 1.23
C ALA W 331 18.26 -83.62 1.08
N ASN W 332 19.38 -84.29 0.83
CA ASN W 332 20.65 -83.61 0.64
C ASN W 332 20.62 -82.77 -0.64
N SER W 333 21.71 -82.04 -0.86
CA SER W 333 21.78 -81.16 -2.03
C SER W 333 21.72 -81.97 -3.32
N SER W 334 21.09 -81.38 -4.34
CA SER W 334 20.87 -82.09 -5.59
C SER W 334 22.18 -82.50 -6.24
N GLY W 335 23.09 -81.55 -6.41
CA GLY W 335 24.38 -81.83 -7.02
C GLY W 335 24.92 -80.61 -7.74
N GLY W 336 26.09 -80.81 -8.36
CA GLY W 336 26.76 -79.75 -9.09
C GLY W 336 28.20 -79.57 -8.64
N ASP W 337 28.73 -78.36 -8.81
CA ASP W 337 30.08 -78.08 -8.33
C ASP W 337 30.11 -78.08 -6.81
N LEU W 338 31.32 -78.18 -6.27
CA LEU W 338 31.47 -78.25 -4.82
C LEU W 338 30.93 -77.00 -4.15
N GLU W 339 31.27 -75.82 -4.68
CA GLU W 339 30.90 -74.57 -4.02
C GLU W 339 29.38 -74.40 -3.92
N VAL W 340 28.64 -74.91 -4.90
CA VAL W 340 27.19 -74.77 -4.92
C VAL W 340 26.52 -76.04 -4.39
N THR W 341 27.30 -76.91 -3.72
CA THR W 341 26.79 -78.18 -3.23
C THR W 341 27.31 -78.44 -1.81
N THR W 342 27.41 -77.39 -1.01
CA THR W 342 27.77 -77.54 0.40
C THR W 342 27.63 -76.19 1.07
N HIS W 343 27.67 -76.21 2.41
CA HIS W 343 27.65 -74.99 3.22
C HIS W 343 29.08 -74.48 3.35
N SER W 344 29.41 -73.44 2.58
CA SER W 344 30.76 -72.90 2.49
C SER W 344 30.78 -71.52 3.17
N PHE W 345 31.35 -71.47 4.37
CA PHE W 345 31.41 -70.24 5.17
C PHE W 345 32.87 -69.81 5.33
N ASN W 346 33.06 -68.73 6.09
CA ASN W 346 34.32 -67.97 6.12
C ASN W 346 34.78 -67.85 7.59
N CYS W 347 34.86 -68.99 8.28
CA CYS W 347 35.24 -69.01 9.68
C CYS W 347 36.75 -68.85 9.82
N GLY W 348 37.18 -67.78 10.49
CA GLY W 348 38.57 -67.62 10.88
C GLY W 348 39.55 -67.60 9.73
N GLY W 349 39.18 -66.99 8.61
CA GLY W 349 40.08 -66.84 7.49
C GLY W 349 40.31 -68.10 6.68
N GLU W 350 39.65 -69.21 7.01
CA GLU W 350 39.75 -70.46 6.26
C GLU W 350 38.35 -70.87 5.85
N PHE W 351 38.22 -71.32 4.60
CA PHE W 351 36.93 -71.60 3.99
C PHE W 351 36.61 -73.07 4.14
N PHE W 352 35.61 -73.38 4.95
CA PHE W 352 35.22 -74.76 5.23
C PHE W 352 34.05 -75.14 4.34
N TYR W 353 34.25 -76.15 3.48
CA TYR W 353 33.19 -76.67 2.62
C TYR W 353 32.59 -77.89 3.32
N CYS W 354 31.70 -77.62 4.27
CA CYS W 354 31.18 -78.65 5.15
C CYS W 354 29.98 -79.33 4.50
N ASN W 355 30.10 -80.64 4.28
CA ASN W 355 29.01 -81.41 3.69
C ASN W 355 27.80 -81.37 4.60
N THR W 356 26.64 -81.07 4.02
CA THR W 356 25.37 -80.94 4.76
C THR W 356 24.41 -82.00 4.23
N SER W 357 24.46 -83.18 4.85
CA SER W 357 23.57 -84.29 4.49
C SER W 357 22.86 -84.83 5.73
N GLY W 358 23.49 -84.73 6.88
CA GLY W 358 22.89 -85.22 8.11
C GLY W 358 21.81 -84.33 8.68
N LEU W 359 21.69 -83.09 8.20
CA LEU W 359 20.66 -82.17 8.67
C LEU W 359 19.39 -82.29 7.84
N PHE W 360 19.50 -82.13 6.52
CA PHE W 360 18.35 -82.22 5.63
C PHE W 360 18.12 -83.69 5.24
N ASN W 361 17.78 -84.48 6.26
CA ASN W 361 17.51 -85.90 6.09
C ASN W 361 16.44 -86.26 7.13
N SER W 362 15.18 -86.20 6.71
CA SER W 362 14.05 -86.51 7.58
C SER W 362 12.77 -86.39 6.77
N THR W 363 11.71 -87.02 7.27
CA THR W 363 10.36 -86.89 6.73
C THR W 363 9.41 -86.55 7.86
N TRP W 364 8.49 -85.63 7.59
CA TRP W 364 7.61 -85.05 8.60
C TRP W 364 6.15 -85.21 8.20
N ILE W 365 5.76 -86.44 7.85
CA ILE W 365 4.38 -86.70 7.46
C ILE W 365 3.46 -86.50 8.66
N SER W 366 2.69 -85.42 8.62
CA SER W 366 1.76 -85.08 9.70
C SER W 366 2.47 -85.03 11.06
N SER W 378 19.18 -85.95 23.74
CA SER W 378 19.65 -85.67 25.10
C SER W 378 20.81 -84.68 25.07
N ASN W 379 21.99 -85.17 24.67
CA ASN W 379 23.19 -84.35 24.56
C ASN W 379 23.97 -84.56 23.27
N ASP W 380 23.69 -85.62 22.52
CA ASP W 380 24.39 -85.84 21.26
C ASP W 380 24.06 -84.73 20.27
N SER W 381 25.04 -84.43 19.40
CA SER W 381 24.90 -83.40 18.40
C SER W 381 25.33 -83.95 17.04
N ILE W 382 24.69 -83.45 15.99
CA ILE W 382 25.01 -83.89 14.64
C ILE W 382 26.34 -83.29 14.21
N THR W 383 27.25 -84.15 13.74
CA THR W 383 28.57 -83.75 13.30
C THR W 383 28.66 -83.86 11.78
N LEU W 384 29.24 -82.85 11.15
CA LEU W 384 29.38 -82.76 9.71
C LEU W 384 30.85 -82.61 9.34
N PRO W 385 31.38 -83.38 8.40
CA PRO W 385 32.78 -83.19 8.01
C PRO W 385 32.96 -81.93 7.18
N CYS W 386 34.20 -81.46 7.14
CA CYS W 386 34.53 -80.25 6.39
C CYS W 386 35.85 -80.44 5.64
N ARG W 387 35.87 -79.97 4.40
CA ARG W 387 37.02 -80.07 3.51
C ARG W 387 37.51 -78.65 3.23
N ILE W 388 38.65 -78.28 3.84
CA ILE W 388 39.18 -76.94 3.68
C ILE W 388 39.83 -76.80 2.31
N LYS W 389 39.61 -75.66 1.67
CA LYS W 389 40.17 -75.36 0.35
C LYS W 389 40.86 -74.01 0.38
N GLN W 390 41.99 -73.92 -0.32
CA GLN W 390 42.79 -72.70 -0.39
C GLN W 390 42.62 -71.97 -1.71
N ILE W 391 42.42 -72.67 -2.83
CA ILE W 391 42.17 -72.05 -4.12
C ILE W 391 40.67 -71.75 -4.19
N ILE W 392 40.30 -70.49 -3.95
CA ILE W 392 38.92 -70.10 -3.73
C ILE W 392 38.47 -69.27 -4.93
N ASN W 393 37.45 -69.77 -5.63
CA ASN W 393 36.67 -68.97 -6.58
C ASN W 393 35.32 -68.71 -5.90
N MET W 394 35.28 -67.67 -5.06
CA MET W 394 34.12 -67.42 -4.22
C MET W 394 32.91 -67.03 -5.07
N TRP W 395 33.01 -65.94 -5.81
CA TRP W 395 31.91 -65.49 -6.64
C TRP W 395 31.81 -66.37 -7.90
N GLN W 396 30.69 -66.25 -8.60
CA GLN W 396 30.47 -66.99 -9.84
C GLN W 396 31.22 -66.33 -11.00
N ARG W 397 32.55 -66.35 -10.87
CA ARG W 397 33.45 -65.77 -11.86
C ARG W 397 34.59 -66.75 -12.12
N ILE W 398 35.04 -66.79 -13.37
CA ILE W 398 36.16 -67.62 -13.80
C ILE W 398 37.27 -66.70 -14.26
N GLY W 399 38.41 -66.77 -13.58
CA GLY W 399 39.56 -65.96 -13.92
C GLY W 399 40.19 -65.23 -12.74
N GLN W 400 39.61 -65.39 -11.55
CA GLN W 400 40.10 -64.71 -10.35
C GLN W 400 39.99 -65.68 -9.17
N CYS W 401 41.10 -66.33 -8.85
CA CYS W 401 41.18 -67.26 -7.73
C CYS W 401 41.87 -66.58 -6.55
N MET W 402 42.15 -67.35 -5.50
CA MET W 402 42.70 -66.82 -4.27
C MET W 402 43.63 -67.84 -3.64
N TYR W 403 44.45 -67.37 -2.70
CA TYR W 403 45.32 -68.23 -1.89
C TYR W 403 45.25 -67.77 -0.43
N ALA W 404 44.02 -67.70 0.11
CA ALA W 404 43.81 -67.38 1.52
C ALA W 404 44.78 -68.17 2.40
N PRO W 405 45.78 -67.52 3.01
CA PRO W 405 46.89 -68.29 3.61
C PRO W 405 46.43 -69.12 4.80
N PRO W 406 47.29 -70.01 5.31
CA PRO W 406 46.92 -70.79 6.50
C PRO W 406 46.95 -69.92 7.75
N ILE W 407 46.40 -70.48 8.82
CA ILE W 407 46.31 -69.80 10.12
C ILE W 407 47.10 -70.60 11.13
N GLN W 408 47.99 -69.91 11.85
CA GLN W 408 48.81 -70.57 12.87
C GLN W 408 47.96 -70.94 14.06
N GLY W 409 47.89 -72.24 14.37
CA GLY W 409 47.17 -72.74 15.52
C GLY W 409 45.83 -73.33 15.13
N VAL W 410 45.16 -73.87 16.17
CA VAL W 410 43.82 -74.43 15.98
C VAL W 410 42.86 -73.34 15.53
N ILE W 411 41.74 -73.77 14.92
CA ILE W 411 40.68 -72.86 14.51
C ILE W 411 39.38 -73.35 15.14
N ARG W 412 38.65 -72.44 15.80
CA ARG W 412 37.36 -72.74 16.38
C ARG W 412 36.47 -71.51 16.28
N CYS W 413 35.20 -71.74 15.97
CA CYS W 413 34.23 -70.65 15.90
C CYS W 413 32.87 -71.17 16.32
N VAL W 414 32.07 -70.26 16.90
CA VAL W 414 30.69 -70.53 17.25
C VAL W 414 29.83 -69.51 16.51
N SER W 415 28.82 -70.00 15.79
CA SER W 415 28.04 -69.15 14.89
C SER W 415 26.55 -69.43 15.08
N ASN W 416 25.76 -68.45 14.66
CA ASN W 416 24.31 -68.58 14.60
C ASN W 416 23.90 -69.19 13.26
N ILE W 417 22.80 -69.92 13.28
CA ILE W 417 22.06 -70.29 12.08
C ILE W 417 20.64 -69.81 12.26
N THR W 418 20.18 -68.93 11.35
CA THR W 418 18.90 -68.26 11.49
C THR W 418 18.10 -68.26 10.20
N GLY W 419 18.46 -69.07 9.21
CA GLY W 419 17.70 -69.11 7.98
C GLY W 419 18.27 -70.13 7.02
N LEU W 420 17.43 -70.50 6.05
CA LEU W 420 17.77 -71.51 5.05
C LEU W 420 17.34 -71.02 3.67
N ILE W 421 17.96 -71.61 2.64
CA ILE W 421 17.59 -71.37 1.24
C ILE W 421 17.22 -72.72 0.67
N LEU W 422 15.92 -73.01 0.60
CA LEU W 422 15.42 -74.29 0.12
C LEU W 422 14.84 -74.13 -1.29
N THR W 423 14.75 -75.25 -2.00
CA THR W 423 14.17 -75.28 -3.33
C THR W 423 13.35 -76.56 -3.48
N ARG W 424 12.13 -76.42 -4.00
CA ARG W 424 11.28 -77.58 -4.23
C ARG W 424 11.89 -78.46 -5.32
N ASP W 425 11.74 -79.78 -5.16
CA ASP W 425 12.38 -80.72 -6.08
C ASP W 425 11.88 -80.53 -7.50
N GLY W 426 10.57 -80.36 -7.68
CA GLY W 426 10.03 -80.17 -9.00
C GLY W 426 8.52 -80.15 -8.96
N GLY W 427 7.94 -79.60 -10.03
CA GLY W 427 6.50 -79.54 -10.16
C GLY W 427 5.85 -80.79 -10.71
N SER W 428 6.64 -81.78 -11.13
CA SER W 428 6.08 -83.02 -11.66
C SER W 428 5.42 -83.88 -10.59
N THR W 429 5.63 -83.58 -9.31
CA THR W 429 5.01 -84.34 -8.23
C THR W 429 3.55 -83.92 -8.09
N ASN W 430 2.74 -84.33 -9.07
CA ASN W 430 1.33 -84.01 -9.04
C ASN W 430 0.65 -84.65 -7.83
N SER W 431 1.01 -85.90 -7.51
CA SER W 431 0.54 -86.51 -6.29
C SER W 431 1.09 -85.76 -5.08
N THR W 432 0.47 -85.98 -3.92
CA THR W 432 0.87 -85.25 -2.73
C THR W 432 2.28 -85.65 -2.31
N THR W 433 3.24 -84.77 -2.59
CA THR W 433 4.64 -84.98 -2.21
C THR W 433 5.35 -83.64 -2.37
N GLU W 434 6.10 -83.24 -1.34
CA GLU W 434 6.83 -81.97 -1.35
C GLU W 434 8.22 -82.22 -0.79
N THR W 435 9.20 -82.33 -1.69
CA THR W 435 10.59 -82.53 -1.33
C THR W 435 11.35 -81.23 -1.55
N PHE W 436 11.97 -80.72 -0.48
CA PHE W 436 12.74 -79.48 -0.51
C PHE W 436 14.20 -79.79 -0.22
N ARG W 437 15.08 -79.34 -1.14
CA ARG W 437 16.52 -79.56 -1.02
C ARG W 437 17.22 -78.24 -0.72
N PRO W 438 18.41 -78.27 -0.11
CA PRO W 438 19.15 -77.01 0.08
C PRO W 438 19.47 -76.35 -1.24
N GLY W 439 19.39 -75.01 -1.24
CA GLY W 439 19.67 -74.21 -2.42
C GLY W 439 20.94 -73.38 -2.27
N GLY W 440 21.19 -72.58 -3.28
CA GLY W 440 22.38 -71.74 -3.29
C GLY W 440 22.61 -71.16 -4.68
N GLY W 441 23.89 -70.93 -4.98
CA GLY W 441 24.27 -70.36 -6.26
C GLY W 441 24.41 -68.86 -6.18
N ASP W 442 23.37 -68.15 -6.61
CA ASP W 442 23.38 -66.69 -6.54
C ASP W 442 23.51 -66.23 -5.10
N MET W 443 24.39 -65.27 -4.86
CA MET W 443 24.61 -64.73 -3.53
C MET W 443 23.59 -63.68 -3.13
N ARG W 444 22.67 -63.31 -4.03
CA ARG W 444 21.67 -62.30 -3.71
C ARG W 444 20.70 -62.80 -2.64
N ASP W 445 20.55 -64.12 -2.51
CA ASP W 445 19.62 -64.65 -1.51
C ASP W 445 20.11 -64.35 -0.10
N ASN W 446 21.42 -64.46 0.14
CA ASN W 446 21.96 -64.14 1.45
C ASN W 446 21.69 -62.68 1.81
N TRP W 447 21.80 -61.79 0.83
CA TRP W 447 21.59 -60.36 1.09
C TRP W 447 20.11 -60.03 1.23
N ARG W 448 19.24 -60.76 0.54
CA ARG W 448 17.80 -60.46 0.60
C ARG W 448 17.22 -60.75 1.99
N SER W 449 17.86 -61.60 2.78
CA SER W 449 17.34 -61.92 4.10
C SER W 449 17.47 -60.77 5.09
N GLU W 450 18.32 -59.78 4.80
CA GLU W 450 18.54 -58.64 5.69
C GLU W 450 17.94 -57.34 5.18
N LEU W 451 17.83 -57.19 3.85
CA LEU W 451 17.27 -55.99 3.24
C LEU W 451 15.80 -56.16 2.85
N TYR W 452 15.13 -57.18 3.39
CA TYR W 452 13.74 -57.44 2.99
C TYR W 452 12.82 -56.29 3.39
N LYS W 453 13.01 -55.73 4.58
CA LYS W 453 12.10 -54.72 5.11
C LYS W 453 12.42 -53.30 4.67
N TYR W 454 13.53 -53.08 3.96
CA TYR W 454 13.98 -51.76 3.58
C TYR W 454 13.69 -51.48 2.12
N LYS W 455 13.18 -50.29 1.85
CA LYS W 455 12.95 -49.81 0.49
C LYS W 455 13.43 -48.37 0.39
N VAL W 456 13.72 -47.93 -0.84
CA VAL W 456 14.23 -46.60 -1.11
C VAL W 456 13.21 -45.83 -1.93
N VAL W 457 12.91 -44.60 -1.50
CA VAL W 457 11.98 -43.72 -2.21
C VAL W 457 12.64 -42.36 -2.37
N LYS W 458 12.14 -41.60 -3.34
CA LYS W 458 12.61 -40.24 -3.61
C LYS W 458 11.46 -39.27 -3.39
N ILE W 459 11.76 -38.16 -2.71
CA ILE W 459 10.74 -37.16 -2.39
C ILE W 459 10.50 -36.29 -3.61
N GLU W 460 9.27 -35.78 -3.72
CA GLU W 460 8.87 -34.86 -4.78
C GLU W 460 8.21 -33.65 -4.14
N PRO W 461 9.00 -32.78 -3.49
CA PRO W 461 8.38 -31.68 -2.72
C PRO W 461 7.81 -30.59 -3.61
N LEU W 462 6.74 -30.91 -4.33
CA LEU W 462 6.06 -29.92 -5.16
C LEU W 462 4.65 -30.43 -5.43
N GLY W 463 3.65 -29.74 -4.88
CA GLY W 463 2.27 -30.12 -5.09
C GLY W 463 1.44 -28.92 -5.51
N VAL W 464 0.31 -29.23 -6.16
CA VAL W 464 -0.65 -28.22 -6.60
C VAL W 464 -2.02 -28.62 -6.08
N ALA W 465 -2.70 -27.69 -5.40
CA ALA W 465 -3.98 -27.95 -4.78
C ALA W 465 -4.90 -26.75 -4.99
N PRO W 466 -6.22 -26.96 -4.90
CA PRO W 466 -7.14 -25.81 -5.00
C PRO W 466 -7.45 -25.18 -3.65
N THR W 467 -7.33 -23.85 -3.55
CA THR W 467 -7.69 -23.12 -2.34
C THR W 467 -8.31 -21.79 -2.75
N ARG W 468 -8.74 -21.02 -1.75
CA ARG W 468 -9.32 -19.70 -1.97
C ARG W 468 -8.20 -18.68 -1.88
N CYS W 469 -7.65 -18.31 -3.03
CA CYS W 469 -6.53 -17.39 -3.12
C CYS W 469 -6.60 -16.60 -4.42
N LYS W 470 -5.94 -15.45 -4.42
CA LYS W 470 -5.71 -14.67 -5.63
C LYS W 470 -4.48 -13.81 -5.39
N ARG W 471 -3.45 -14.00 -6.21
CA ARG W 471 -2.20 -13.27 -6.01
C ARG W 471 -2.46 -11.78 -6.19
N ARG W 472 -1.68 -10.97 -5.46
CA ARG W 472 -1.88 -9.53 -5.39
C ARG W 472 -3.29 -9.23 -4.87
N ALA X 6 20.86 -33.11 14.08
CA ALA X 6 19.53 -33.00 14.67
C ALA X 6 18.57 -32.29 13.73
N VAL X 7 18.73 -32.53 12.43
CA VAL X 7 17.91 -31.89 11.42
C VAL X 7 16.79 -32.80 10.92
N PHE X 8 16.90 -34.12 11.10
CA PHE X 8 15.88 -35.04 10.62
C PHE X 8 14.56 -34.76 11.31
N LEU X 9 14.49 -35.01 12.63
CA LEU X 9 13.43 -34.60 13.53
C LEU X 9 12.03 -34.61 12.92
N GLY X 10 11.61 -35.75 12.41
CA GLY X 10 10.27 -35.92 11.89
C GLY X 10 10.14 -35.87 10.38
N PHE X 11 11.12 -36.38 9.65
CA PHE X 11 11.04 -36.38 8.19
C PHE X 11 9.87 -37.24 7.72
N LEU X 12 9.06 -36.68 6.83
CA LEU X 12 7.83 -37.33 6.36
C LEU X 12 6.91 -37.70 7.51
N GLY X 13 6.90 -36.88 8.56
CA GLY X 13 6.10 -37.20 9.73
C GLY X 13 4.61 -37.18 9.44
N ALA X 14 4.16 -36.26 8.59
CA ALA X 14 2.75 -36.09 8.26
C ALA X 14 2.38 -36.77 6.94
N ALA X 15 3.03 -37.89 6.62
CA ALA X 15 2.72 -38.59 5.38
C ALA X 15 1.28 -39.08 5.36
N GLY X 16 0.83 -39.69 6.46
CA GLY X 16 -0.54 -40.16 6.56
C GLY X 16 -1.55 -39.11 6.96
N SER X 17 -1.11 -37.91 7.29
CA SER X 17 -2.00 -36.84 7.69
C SER X 17 -2.78 -36.30 6.49
N THR X 18 -3.90 -35.66 6.77
CA THR X 18 -4.67 -35.00 5.73
C THR X 18 -3.86 -33.85 5.13
N MET X 19 -4.34 -33.34 3.99
CA MET X 19 -3.62 -32.26 3.31
C MET X 19 -3.57 -31.01 4.19
N GLY X 20 -4.66 -30.69 4.87
CA GLY X 20 -4.68 -29.49 5.69
C GLY X 20 -3.67 -29.54 6.83
N ALA X 21 -3.62 -30.67 7.54
CA ALA X 21 -2.67 -30.82 8.63
C ALA X 21 -1.25 -31.01 8.09
N ALA X 22 -1.10 -31.76 7.01
CA ALA X 22 0.22 -32.03 6.46
C ALA X 22 0.88 -30.75 5.93
N SER X 23 0.07 -29.80 5.42
CA SER X 23 0.61 -28.53 4.94
C SER X 23 1.10 -27.64 6.07
N MET X 24 0.83 -27.99 7.33
CA MET X 24 1.28 -27.21 8.47
C MET X 24 2.73 -27.51 8.87
N THR X 25 3.35 -28.53 8.27
CA THR X 25 4.72 -28.94 8.61
C THR X 25 5.54 -29.15 7.35
N LEU X 26 5.45 -28.19 6.42
CA LEU X 26 6.24 -28.28 5.19
C LEU X 26 7.72 -28.08 5.44
N THR X 27 8.07 -27.25 6.42
CA THR X 27 9.48 -26.94 6.67
C THR X 27 10.26 -28.17 7.08
N VAL X 28 9.63 -29.10 7.80
CA VAL X 28 10.33 -30.30 8.25
C VAL X 28 10.84 -31.10 7.06
N GLN X 29 10.00 -31.27 6.04
CA GLN X 29 10.44 -31.95 4.82
C GLN X 29 11.39 -31.08 4.02
N ALA X 30 11.14 -29.77 3.98
CA ALA X 30 11.96 -28.88 3.15
C ALA X 30 13.41 -28.86 3.61
N ARG X 31 13.64 -28.86 4.92
CA ARG X 31 14.99 -28.73 5.45
C ARG X 31 15.89 -29.88 5.00
N ASN X 32 15.33 -31.06 4.78
CA ASN X 32 16.11 -32.28 4.54
C ASN X 32 16.39 -32.54 3.07
N LEU X 33 16.02 -31.62 2.18
CA LEU X 33 16.23 -31.81 0.75
C LEU X 33 17.66 -31.57 0.30
N LEU X 34 18.50 -30.99 1.15
CA LEU X 34 19.89 -30.67 0.81
C LEU X 34 20.91 -31.58 1.49
N SER X 35 20.73 -31.87 2.77
CA SER X 35 21.66 -32.73 3.49
C SER X 35 21.03 -33.27 4.78
N THR X 58 38.60 -45.03 -4.37
CA THR X 58 38.49 -43.86 -5.23
C THR X 58 37.10 -43.79 -5.87
N VAL X 59 36.66 -44.92 -6.44
CA VAL X 59 35.36 -44.96 -7.09
C VAL X 59 34.23 -44.67 -6.10
N TRP X 60 34.43 -44.99 -4.83
CA TRP X 60 33.42 -44.68 -3.83
C TRP X 60 33.27 -43.17 -3.65
N GLY X 61 34.39 -42.45 -3.68
CA GLY X 61 34.32 -41.01 -3.69
C GLY X 61 33.56 -40.48 -4.89
N ILE X 62 33.75 -41.13 -6.06
CA ILE X 62 33.02 -40.71 -7.25
C ILE X 62 31.53 -40.94 -7.06
N LYS X 63 31.14 -42.06 -6.46
CA LYS X 63 29.72 -42.32 -6.23
C LYS X 63 29.14 -41.30 -5.25
N GLN X 64 29.89 -40.95 -4.21
CA GLN X 64 29.41 -39.95 -3.26
C GLN X 64 29.25 -38.59 -3.92
N LEU X 65 30.24 -38.20 -4.74
CA LEU X 65 30.15 -36.94 -5.47
C LEU X 65 28.96 -36.93 -6.42
N GLN X 66 28.73 -38.05 -7.10
CA GLN X 66 27.59 -38.12 -8.02
C GLN X 66 26.27 -37.97 -7.27
N ALA X 67 26.15 -38.64 -6.11
CA ALA X 67 24.93 -38.51 -5.32
C ALA X 67 24.72 -37.08 -4.85
N ARG X 68 25.79 -36.45 -4.36
CA ARG X 68 25.67 -35.06 -3.89
C ARG X 68 25.29 -34.13 -5.04
N VAL X 69 25.89 -34.31 -6.20
CA VAL X 69 25.58 -33.46 -7.35
C VAL X 69 24.15 -33.68 -7.81
N LEU X 70 23.68 -34.93 -7.78
CA LEU X 70 22.29 -35.21 -8.16
C LEU X 70 21.33 -34.52 -7.19
N ALA X 71 21.60 -34.60 -5.89
CA ALA X 71 20.74 -33.94 -4.92
C ALA X 71 20.73 -32.43 -5.12
N VAL X 72 21.91 -31.85 -5.35
CA VAL X 72 22.00 -30.40 -5.57
C VAL X 72 21.23 -30.01 -6.82
N GLU X 73 21.38 -30.79 -7.90
CA GLU X 73 20.69 -30.47 -9.14
C GLU X 73 19.18 -30.57 -8.97
N ARG X 74 18.70 -31.58 -8.26
CA ARG X 74 17.26 -31.72 -8.03
C ARG X 74 16.73 -30.54 -7.23
N TYR X 75 17.44 -30.16 -6.16
CA TYR X 75 17.00 -29.02 -5.36
C TYR X 75 17.00 -27.75 -6.18
N LEU X 76 18.03 -27.55 -7.01
CA LEU X 76 18.11 -26.34 -7.82
C LEU X 76 17.01 -26.32 -8.88
N ARG X 77 16.68 -27.47 -9.45
CA ARG X 77 15.58 -27.53 -10.41
C ARG X 77 14.26 -27.16 -9.74
N ASP X 78 14.03 -27.68 -8.53
CA ASP X 78 12.81 -27.32 -7.81
C ASP X 78 12.76 -25.83 -7.50
N GLN X 79 13.89 -25.26 -7.08
CA GLN X 79 13.94 -23.83 -6.78
C GLN X 79 13.70 -23.00 -8.03
N GLN X 80 14.28 -23.41 -9.16
CA GLN X 80 14.06 -22.69 -10.42
C GLN X 80 12.60 -22.77 -10.84
N LEU X 81 11.98 -23.94 -10.68
CA LEU X 81 10.56 -24.07 -11.01
C LEU X 81 9.71 -23.16 -10.14
N LEU X 82 10.04 -23.07 -8.85
CA LEU X 82 9.31 -22.15 -7.98
C LEU X 82 9.53 -20.70 -8.41
N GLY X 83 10.76 -20.35 -8.75
CA GLY X 83 11.06 -18.97 -9.11
C GLY X 83 10.38 -18.53 -10.40
N ILE X 84 10.30 -19.44 -11.37
CA ILE X 84 9.67 -19.10 -12.65
C ILE X 84 8.19 -18.78 -12.45
N TRP X 85 7.57 -19.35 -11.41
CA TRP X 85 6.17 -19.10 -11.09
C TRP X 85 5.97 -17.91 -10.17
N GLY X 86 7.04 -17.21 -9.80
CA GLY X 86 6.92 -16.08 -8.90
C GLY X 86 6.84 -16.41 -7.43
N CYS X 87 6.95 -17.69 -7.06
CA CYS X 87 6.89 -18.14 -5.68
C CYS X 87 8.27 -18.32 -5.07
N SER X 88 9.24 -17.52 -5.48
CA SER X 88 10.59 -17.63 -4.95
C SER X 88 10.61 -17.29 -3.46
N GLY X 89 11.31 -18.12 -2.69
CA GLY X 89 11.41 -17.89 -1.25
C GLY X 89 10.09 -17.97 -0.53
N LYS X 90 9.24 -18.94 -0.90
CA LYS X 90 7.95 -19.13 -0.26
C LYS X 90 7.60 -20.61 -0.29
N LEU X 91 7.09 -21.11 0.84
CA LEU X 91 6.64 -22.49 0.93
C LEU X 91 5.15 -22.62 0.58
N ILE X 92 4.32 -21.74 1.12
CA ILE X 92 2.90 -21.68 0.78
C ILE X 92 2.67 -20.43 -0.04
N CYS X 93 2.74 -20.57 -1.36
CA CYS X 93 2.51 -19.48 -2.30
C CYS X 93 1.35 -19.87 -3.21
N CYS X 94 0.28 -19.07 -3.17
CA CYS X 94 -0.91 -19.34 -3.96
C CYS X 94 -1.04 -18.29 -5.05
N THR X 95 -1.21 -18.75 -6.29
CA THR X 95 -1.13 -17.90 -7.48
C THR X 95 -2.52 -17.42 -7.89
N ASN X 96 -2.59 -16.79 -9.07
CA ASN X 96 -3.80 -16.16 -9.57
C ASN X 96 -4.42 -16.86 -10.77
N VAL X 97 -3.76 -17.87 -11.33
CA VAL X 97 -4.35 -18.60 -12.47
C VAL X 97 -5.47 -19.49 -11.95
N PRO X 98 -6.59 -19.63 -12.67
CA PRO X 98 -7.73 -20.37 -12.11
C PRO X 98 -7.56 -21.88 -12.25
N TRP X 99 -8.44 -22.59 -11.55
CA TRP X 99 -8.44 -24.05 -11.51
C TRP X 99 -9.54 -24.56 -12.44
N ASN X 100 -9.15 -25.28 -13.49
CA ASN X 100 -10.12 -25.88 -14.38
C ASN X 100 -10.78 -27.07 -13.70
N SER X 101 -12.12 -27.13 -13.76
CA SER X 101 -12.85 -28.20 -13.11
C SER X 101 -12.59 -29.56 -13.76
N SER X 102 -12.09 -29.59 -14.99
CA SER X 102 -11.80 -30.87 -15.64
C SER X 102 -10.71 -31.64 -14.90
N TRP X 103 -9.77 -30.93 -14.27
CA TRP X 103 -8.71 -31.62 -13.55
C TRP X 103 -9.26 -32.41 -12.36
N SER X 104 -10.20 -31.83 -11.62
CA SER X 104 -10.82 -32.50 -10.51
C SER X 104 -12.12 -31.80 -10.17
N ASN X 105 -13.08 -32.57 -9.65
CA ASN X 105 -14.39 -32.05 -9.26
C ASN X 105 -14.64 -32.14 -7.76
N ARG X 106 -13.72 -32.71 -6.99
CA ARG X 106 -13.91 -32.82 -5.55
C ARG X 106 -13.89 -31.45 -4.90
N ASN X 107 -14.86 -31.19 -4.03
CA ASN X 107 -14.95 -29.89 -3.37
C ASN X 107 -13.80 -29.71 -2.39
N LEU X 108 -13.56 -28.45 -2.02
CA LEU X 108 -12.47 -28.13 -1.10
C LEU X 108 -12.65 -28.75 0.27
N SER X 109 -13.89 -29.03 0.68
CA SER X 109 -14.14 -29.67 1.96
C SER X 109 -13.72 -31.13 1.97
N GLU X 110 -13.57 -31.75 0.80
CA GLU X 110 -13.14 -33.15 0.69
C GLU X 110 -11.65 -33.28 0.38
N ILE X 111 -11.12 -32.41 -0.48
CA ILE X 111 -9.71 -32.49 -0.83
C ILE X 111 -8.84 -32.20 0.39
N TRP X 112 -9.18 -31.15 1.14
CA TRP X 112 -8.32 -30.65 2.20
C TRP X 112 -8.62 -31.25 3.57
N ASP X 113 -9.69 -32.03 3.70
CA ASP X 113 -10.07 -32.62 4.98
C ASP X 113 -10.35 -34.12 4.92
N ASN X 114 -10.33 -34.72 3.73
CA ASN X 114 -10.71 -36.13 3.58
C ASN X 114 -9.80 -36.85 2.59
N MET X 115 -8.53 -36.46 2.50
CA MET X 115 -7.60 -37.12 1.60
C MET X 115 -6.17 -36.81 2.02
N THR X 116 -5.26 -37.75 1.75
CA THR X 116 -3.85 -37.56 2.01
C THR X 116 -3.18 -36.94 0.78
N TRP X 117 -1.93 -36.51 0.97
CA TRP X 117 -1.19 -35.88 -0.12
C TRP X 117 -0.81 -36.90 -1.18
N LEU X 118 -0.47 -38.12 -0.76
CA LEU X 118 -0.13 -39.16 -1.73
C LEU X 118 -1.32 -39.49 -2.63
N GLN X 119 -2.51 -39.62 -2.04
CA GLN X 119 -3.71 -39.90 -2.82
C GLN X 119 -4.01 -38.75 -3.78
N TRP X 120 -3.86 -37.51 -3.32
CA TRP X 120 -4.08 -36.36 -4.19
C TRP X 120 -3.09 -36.35 -5.35
N ASP X 121 -1.82 -36.64 -5.08
CA ASP X 121 -0.83 -36.68 -6.15
C ASP X 121 -1.15 -37.78 -7.15
N LYS X 122 -1.58 -38.95 -6.66
CA LYS X 122 -1.97 -40.02 -7.56
C LYS X 122 -3.17 -39.62 -8.41
N GLU X 123 -4.12 -38.91 -7.81
CA GLU X 123 -5.31 -38.51 -8.55
C GLU X 123 -4.97 -37.52 -9.66
N ILE X 124 -4.06 -36.58 -9.40
CA ILE X 124 -3.76 -35.50 -10.35
C ILE X 124 -2.36 -35.75 -10.92
N SER X 125 -1.95 -37.02 -10.99
CA SER X 125 -0.62 -37.34 -11.50
C SER X 125 -0.47 -36.97 -12.96
N ASN X 126 -1.50 -37.23 -13.77
CA ASN X 126 -1.44 -37.04 -15.21
C ASN X 126 -1.95 -35.68 -15.67
N TYR X 127 -2.29 -34.78 -14.75
CA TYR X 127 -2.70 -33.41 -15.07
C TYR X 127 -1.77 -32.41 -14.38
N THR X 128 -0.47 -32.68 -14.42
CA THR X 128 0.53 -31.88 -13.72
C THR X 128 1.26 -30.90 -14.63
N GLN X 129 1.71 -31.36 -15.80
CA GLN X 129 2.53 -30.52 -16.66
C GLN X 129 1.75 -29.29 -17.14
N ILE X 130 0.47 -29.47 -17.49
CA ILE X 130 -0.32 -28.36 -18.01
C ILE X 130 -0.50 -27.29 -16.94
N ILE X 131 -0.64 -27.70 -15.67
CA ILE X 131 -0.76 -26.71 -14.60
C ILE X 131 0.53 -25.91 -14.47
N TYR X 132 1.69 -26.58 -14.55
CA TYR X 132 2.96 -25.87 -14.49
C TYR X 132 3.09 -24.89 -15.65
N GLY X 133 2.70 -25.32 -16.85
CA GLY X 133 2.76 -24.42 -17.99
C GLY X 133 1.84 -23.22 -17.82
N LEU X 134 0.63 -23.45 -17.33
CA LEU X 134 -0.30 -22.35 -17.10
C LEU X 134 0.25 -21.38 -16.07
N LEU X 135 0.86 -21.89 -15.01
CA LEU X 135 1.49 -21.02 -14.02
C LEU X 135 2.61 -20.20 -14.64
N GLU X 136 3.41 -20.82 -15.51
CA GLU X 136 4.50 -20.11 -16.17
C GLU X 136 3.97 -18.95 -17.02
N GLU X 137 2.98 -19.23 -17.87
CA GLU X 137 2.42 -18.17 -18.70
C GLU X 137 1.75 -17.09 -17.85
N SER X 138 1.05 -17.48 -16.78
CA SER X 138 0.40 -16.50 -15.92
C SER X 138 1.43 -15.59 -15.27
N GLN X 139 2.53 -16.15 -14.78
CA GLN X 139 3.56 -15.33 -14.15
C GLN X 139 4.22 -14.40 -15.17
N ASN X 140 4.50 -14.90 -16.38
CA ASN X 140 5.08 -14.04 -17.40
C ASN X 140 4.15 -12.90 -17.76
N GLN X 141 2.86 -13.20 -17.92
CA GLN X 141 1.89 -12.16 -18.25
C GLN X 141 1.78 -11.15 -17.11
N GLN X 142 1.81 -11.61 -15.86
CA GLN X 142 1.74 -10.70 -14.73
C GLN X 142 2.97 -9.79 -14.68
N GLU X 143 4.15 -10.34 -14.96
CA GLU X 143 5.35 -9.51 -14.99
C GLU X 143 5.26 -8.46 -16.09
N LYS X 144 4.78 -8.86 -17.28
CA LYS X 144 4.63 -7.90 -18.37
C LYS X 144 3.63 -6.81 -18.00
N ASN X 145 2.52 -7.19 -17.38
CA ASN X 145 1.51 -6.20 -17.00
C ASN X 145 2.04 -5.26 -15.91
N GLU X 146 2.85 -5.79 -14.99
CA GLU X 146 3.46 -4.95 -13.97
C GLU X 146 4.41 -3.96 -14.61
N GLN X 147 5.21 -4.42 -15.60
CA GLN X 147 6.11 -3.50 -16.28
C GLN X 147 5.34 -2.41 -17.01
N ASP X 148 4.24 -2.79 -17.67
CA ASP X 148 3.43 -1.80 -18.40
C ASP X 148 2.80 -0.80 -17.43
N LEU X 149 2.21 -1.30 -16.34
CA LEU X 149 1.54 -0.41 -15.39
C LEU X 149 2.51 0.53 -14.71
N LEU X 150 3.65 0.00 -14.26
CA LEU X 150 4.61 0.79 -13.50
C LEU X 150 5.46 1.69 -14.39
N ALA X 151 5.44 1.49 -15.71
CA ALA X 151 6.19 2.34 -16.63
C ALA X 151 5.48 3.65 -16.91
N LEU X 152 4.16 3.61 -17.07
CA LEU X 152 3.40 4.83 -17.37
C LEU X 152 3.43 5.78 -16.17
C1 NAG Y . -77.41 54.32 35.47
C2 NAG Y . -78.50 53.34 35.91
C3 NAG Y . -79.47 53.10 34.76
C4 NAG Y . -80.03 54.42 34.25
C5 NAG Y . -78.88 55.36 33.88
C6 NAG Y . -79.35 56.73 33.46
C7 NAG Y . -77.63 51.84 37.64
C8 NAG Y . -77.04 50.49 37.94
N2 NAG Y . -77.92 52.09 36.36
O3 NAG Y . -80.54 52.27 35.21
O4 NAG Y . -80.84 54.20 33.10
O5 NAG Y . -78.01 55.53 35.01
O6 NAG Y . -78.28 57.52 32.95
O7 NAG Y . -77.84 52.66 38.54
C1 NAG Y . -82.21 54.14 33.52
C2 NAG Y . -83.11 54.49 32.34
C3 NAG Y . -84.58 54.39 32.74
C4 NAG Y . -84.87 53.01 33.33
C5 NAG Y . -83.90 52.72 34.47
C6 NAG Y . -84.06 51.33 35.04
C7 NAG Y . -82.30 56.05 30.63
C8 NAG Y . -82.06 57.50 30.29
N2 NAG Y . -82.81 55.82 31.83
O3 NAG Y . -85.40 54.60 31.60
O4 NAG Y . -86.21 52.97 33.83
O5 NAG Y . -82.55 52.82 34.01
O6 NAG Y . -82.83 50.84 35.57
O7 NAG Y . -82.05 55.15 29.84
C1 NAG Z . -55.81 27.08 37.55
C2 NAG Z . -56.26 28.34 36.82
C3 NAG Z . -57.79 28.41 36.76
C4 NAG Z . -58.33 27.13 36.13
C5 NAG Z . -57.83 25.91 36.88
C6 NAG Z . -58.23 24.61 36.24
C7 NAG Z . -55.54 30.69 36.79
C8 NAG Z . -54.99 31.83 37.59
N2 NAG Z . -55.72 29.54 37.45
O3 NAG Z . -58.18 29.54 35.99
O4 NAG Z . -59.75 27.16 36.15
O5 NAG Z . -56.39 25.92 36.93
O6 NAG Z . -57.10 23.83 35.90
O7 NAG Z . -55.82 30.81 35.60
C1 NAG Z . -60.23 27.24 34.79
C2 NAG Z . -61.55 26.49 34.69
C3 NAG Z . -62.12 26.59 33.27
C4 NAG Z . -62.22 28.06 32.85
C5 NAG Z . -60.88 28.76 33.04
C6 NAG Z . -60.95 30.24 32.76
C7 NAG Z . -62.11 24.49 36.02
C8 NAG Z . -61.79 23.05 36.27
N2 NAG Z . -61.38 25.09 35.06
O3 NAG Z . -63.40 25.98 33.22
O4 NAG Z . -62.61 28.14 31.48
O5 NAG Z . -60.43 28.61 34.40
O6 NAG Z . -61.72 30.92 33.75
O7 NAG Z . -62.98 25.09 36.66
C1 BMA Z . -64.01 28.44 31.40
C2 BMA Z . -64.29 29.04 30.00
C3 BMA Z . -65.79 29.21 29.78
C4 BMA Z . -66.57 27.94 30.15
C5 BMA Z . -66.20 27.50 31.57
C6 BMA Z . -66.90 26.21 32.00
O2 BMA Z . -63.83 28.16 28.98
O3 BMA Z . -66.09 29.59 28.45
O4 BMA Z . -67.96 28.18 30.07
O5 BMA Z . -64.79 27.27 31.62
O6 BMA Z . -66.45 25.16 31.16
C1 MAN Z . -65.90 31.02 28.31
C2 MAN Z . -67.21 31.61 27.71
C3 MAN Z . -67.34 31.22 26.24
C4 MAN Z . -66.06 31.54 25.47
C5 MAN Z . -64.87 30.83 26.14
C6 MAN Z . -63.54 31.13 25.47
O2 MAN Z . -67.19 33.04 27.73
O3 MAN Z . -68.46 31.86 25.62
O4 MAN Z . -66.17 31.09 24.12
O5 MAN Z . -64.77 31.29 27.51
O6 MAN Z . -63.19 32.48 25.75
C1 NAG AA . -19.10 6.75 39.99
C2 NAG AA . -18.65 5.28 40.00
C3 NAG AA . -17.51 5.09 41.00
C4 NAG AA . -16.40 6.08 40.75
C5 NAG AA . -16.94 7.50 40.70
C6 NAG AA . -15.89 8.52 40.34
C7 NAG AA . -20.47 3.76 39.35
C8 NAG AA . -21.58 2.90 39.84
N2 NAG AA . -19.76 4.40 40.29
O3 NAG AA . -17.03 3.75 40.92
O4 NAG AA . -15.42 5.98 41.78
O5 NAG AA . -17.97 7.59 39.72
O6 NAG AA . -16.48 9.70 39.80
O7 NAG AA . -20.22 3.90 38.15
C1 NAG AA . -14.26 5.31 41.26
C2 NAG AA . -13.01 6.02 41.79
C3 NAG AA . -11.75 5.30 41.30
C4 NAG AA . -11.81 3.82 41.67
C5 NAG AA . -13.11 3.20 41.15
C6 NAG AA . -13.29 1.77 41.57
C7 NAG AA . -12.44 8.39 42.13
C8 NAG AA . -12.51 9.77 41.55
N2 NAG AA . -12.98 7.42 41.38
O3 NAG AA . -10.61 5.89 41.89
O4 NAG AA . -10.71 3.13 41.08
O5 NAG AA . -14.23 3.93 41.66
O6 NAG AA . -12.63 0.87 40.69
O7 NAG AA . -11.92 8.16 43.21
C1 NAG BA . -55.49 41.73 -20.38
C2 NAG BA . -55.94 42.81 -19.39
C3 NAG BA . -56.13 44.15 -20.11
C4 NAG BA . -54.86 44.51 -20.88
C5 NAG BA . -54.48 43.37 -21.82
C6 NAG BA . -53.19 43.62 -22.56
C7 NAG BA . -57.55 42.92 -17.54
C8 NAG BA . -58.84 42.40 -16.98
N2 NAG BA . -57.17 42.42 -18.72
O3 NAG BA . -56.43 45.16 -19.17
O4 NAG BA . -55.06 45.71 -21.62
O5 NAG BA . -54.31 42.16 -21.07
O6 NAG BA . -52.09 43.67 -21.65
O7 NAG BA . -56.86 43.74 -16.93
C1 NAG BA . -54.20 46.72 -21.05
C2 NAG BA . -53.85 47.74 -22.12
C3 NAG BA . -52.97 48.84 -21.53
C4 NAG BA . -53.63 49.46 -20.30
C5 NAG BA . -54.03 48.36 -19.30
C6 NAG BA . -54.81 48.89 -18.12
C7 NAG BA . -53.78 46.88 -24.42
C8 NAG BA . -52.93 46.23 -25.47
N2 NAG BA . -53.18 47.11 -23.25
O3 NAG BA . -52.74 49.85 -22.51
O4 NAG BA . -52.72 50.34 -19.66
O5 NAG BA . -54.85 47.37 -19.95
O6 NAG BA . -55.13 47.85 -17.21
O7 NAG BA . -54.93 47.20 -24.64
C1 BMA BA . -52.97 51.69 -20.12
C2 BMA BA . -52.38 52.66 -19.08
C3 BMA BA . -52.43 54.10 -19.58
C4 BMA BA . -51.88 54.21 -21.01
C5 BMA BA . -52.60 53.21 -21.94
C6 BMA BA . -52.08 53.23 -23.36
O2 BMA BA . -51.00 52.36 -18.83
O3 BMA BA . -51.72 54.99 -18.74
O4 BMA BA . -52.08 55.52 -21.52
O5 BMA BA . -52.39 51.89 -21.40
O6 BMA BA . -52.93 52.41 -24.15
C1 MAN BA . -52.49 55.23 -17.53
C2 MAN BA . -52.66 56.76 -17.37
C3 MAN BA . -51.33 57.41 -16.96
C4 MAN BA . -50.73 56.68 -15.76
C5 MAN BA . -50.56 55.19 -16.09
C6 MAN BA . -50.00 54.38 -14.94
O2 MAN BA . -53.58 57.09 -16.33
O3 MAN BA . -51.49 58.79 -16.67
O4 MAN BA . -49.46 57.23 -15.45
O5 MAN BA . -51.85 54.64 -16.41
O6 MAN BA . -50.98 54.33 -13.91
C1 NAG CA . -39.63 2.85 -20.80
C2 NAG CA . -38.78 1.97 -21.71
C3 NAG CA . -39.33 0.55 -21.73
C4 NAG CA . -39.46 0.01 -20.30
C5 NAG CA . -40.29 0.97 -19.46
C6 NAG CA . -40.38 0.55 -18.01
C7 NAG CA . -37.72 3.25 -23.51
C8 NAG CA . -37.85 3.73 -24.94
N2 NAG CA . -38.73 2.51 -23.06
O3 NAG CA . -38.46 -0.28 -22.48
O4 NAG CA . -40.08 -1.27 -20.31
O5 NAG CA . -39.69 2.27 -19.48
O6 NAG CA . -40.36 1.69 -17.15
O7 NAG CA . -36.76 3.53 -22.82
C1 NAG CA . -39.03 -2.27 -20.24
C2 NAG CA . -39.59 -3.51 -19.54
C3 NAG CA . -38.52 -4.60 -19.52
C4 NAG CA . -37.99 -4.88 -20.92
C5 NAG CA . -37.52 -3.58 -21.57
C6 NAG CA . -37.11 -3.76 -23.01
C7 NAG CA . -41.27 -2.77 -17.92
C8 NAG CA . -41.56 -2.49 -16.48
N2 NAG CA . -40.03 -3.19 -18.20
O3 NAG CA . -39.08 -5.79 -18.96
O4 NAG CA . -36.91 -5.79 -20.86
O5 NAG CA . -38.59 -2.62 -21.56
O6 NAG CA . -38.24 -3.87 -23.87
O7 NAG CA . -42.12 -2.62 -18.80
C1 NAG DA . -17.93 68.26 17.02
C2 NAG DA . -19.34 67.87 17.50
C3 NAG DA . -19.71 68.68 18.76
C4 NAG DA . -18.64 68.51 19.83
C5 NAG DA . -17.28 68.92 19.26
C6 NAG DA . -16.15 68.71 20.23
C7 NAG DA . -20.80 69.18 15.99
C8 NAG DA . -21.84 69.09 14.90
N2 NAG DA . -20.34 68.01 16.45
O3 NAG DA . -20.97 68.24 19.23
O4 NAG DA . -18.94 69.31 20.96
O5 NAG DA . -16.99 68.13 18.10
O6 NAG DA . -16.55 69.04 21.57
O7 NAG DA . -20.40 70.26 16.41
C1 NAG DA . -19.69 68.50 21.89
C2 NAG DA . -19.28 68.86 23.32
C3 NAG DA . -20.11 68.05 24.32
C4 NAG DA . -21.60 68.23 24.04
C5 NAG DA . -21.91 67.91 22.59
C6 NAG DA . -23.34 68.17 22.22
C7 NAG DA . -17.17 69.21 24.51
C8 NAG DA . -15.71 68.84 24.58
N2 NAG DA . -17.86 68.63 23.53
O3 NAG DA . -19.80 68.48 25.64
O4 NAG DA . -22.35 67.36 24.88
O5 NAG DA . -21.10 68.72 21.72
O6 NAG DA . -24.25 67.44 23.03
O7 NAG DA . -17.68 69.97 25.31
C1 BMA DA . -22.96 68.17 25.92
C2 BMA DA . -24.11 67.34 26.55
C3 BMA DA . -24.68 68.09 27.77
C4 BMA DA . -23.56 68.57 28.70
C5 BMA DA . -22.52 69.38 27.91
C6 BMA DA . -21.36 69.85 28.78
O2 BMA DA . -23.62 66.09 27.03
O3 BMA DA . -25.62 67.30 28.51
O4 BMA DA . -24.11 69.37 29.74
O5 BMA DA . -22.00 68.54 26.89
O6 BMA DA . -20.59 68.70 29.13
C1 MAN DA . -26.83 67.09 27.74
C2 MAN DA . -27.86 68.16 28.17
C3 MAN DA . -28.38 67.88 29.58
C4 MAN DA . -28.85 66.43 29.71
C5 MAN DA . -27.70 65.48 29.32
C6 MAN DA . -28.10 64.02 29.38
O2 MAN DA . -29.01 68.13 27.32
O3 MAN DA . -29.42 68.77 29.95
O4 MAN DA . -29.24 66.17 31.05
O5 MAN DA . -27.31 65.78 27.96
O6 MAN DA . -26.92 63.24 29.17
C1 NAG EA . 7.82 43.58 -5.47
C2 NAG EA . 9.18 42.97 -5.15
C3 NAG EA . 10.10 43.11 -6.36
C4 NAG EA . 9.45 42.55 -7.61
C5 NAG EA . 8.07 43.19 -7.81
C6 NAG EA . 7.31 42.58 -8.97
C7 NAG EA . 10.39 42.90 -3.02
C8 NAG EA . 10.94 43.71 -1.88
N2 NAG EA . 9.76 43.58 -3.98
O3 NAG EA . 11.33 42.43 -6.09
O4 NAG EA . 10.26 42.82 -8.75
O5 NAG EA . 7.27 42.98 -6.64
O6 NAG EA . 5.92 42.83 -8.86
O7 NAG EA . 10.53 41.68 -3.07
C1 NAG EA . 10.88 41.59 -9.18
C2 NAG EA . 10.82 41.52 -10.71
C3 NAG EA . 11.51 40.25 -11.20
C4 NAG EA . 12.93 40.18 -10.65
C5 NAG EA . 12.92 40.32 -9.13
C6 NAG EA . 14.31 40.38 -8.54
C7 NAG EA . 9.05 42.13 -12.31
C8 NAG EA . 7.59 42.07 -12.63
N2 NAG EA . 9.43 41.55 -11.17
O3 NAG EA . 11.53 40.25 -12.62
O4 NAG EA . 13.53 38.93 -11.01
O5 NAG EA . 12.25 41.53 -8.75
O6 NAG EA . 14.93 39.10 -8.54
O7 NAG EA . 9.86 42.69 -13.06
C1 NAG FA . 68.70 -23.96 -3.74
C2 NAG FA . 68.51 -25.31 -4.46
C3 NAG FA . 69.52 -25.45 -5.60
C4 NAG FA . 69.42 -24.26 -6.54
C5 NAG FA . 69.61 -22.97 -5.76
C6 NAG FA . 69.44 -21.74 -6.62
C7 NAG FA . 68.07 -27.61 -3.77
C8 NAG FA . 68.27 -28.66 -2.71
N2 NAG FA . 68.62 -26.43 -3.54
O3 NAG FA . 69.28 -26.66 -6.30
O4 NAG FA . 70.42 -24.37 -7.56
O5 NAG FA . 68.63 -22.88 -4.71
O6 NAG FA . 68.18 -21.72 -7.28
O7 NAG FA . 67.43 -27.85 -4.78
C1 NAG FA . 69.80 -24.79 -8.80
C2 NAG FA . 70.47 -24.05 -9.95
C3 NAG FA . 69.88 -24.50 -11.29
C4 NAG FA . 69.97 -26.02 -11.42
C5 NAG FA . 69.32 -26.69 -10.21
C6 NAG FA . 69.47 -28.19 -10.21
C7 NAG FA . 71.19 -21.72 -10.30
C8 NAG FA . 70.87 -20.28 -10.04
N2 NAG FA . 70.32 -22.61 -9.80
O3 NAG FA . 70.59 -23.88 -12.35
O4 NAG FA . 69.32 -26.45 -12.60
O5 NAG FA . 69.93 -26.21 -9.00
O6 NAG FA . 70.48 -28.61 -9.30
O7 NAG FA . 72.18 -22.08 -10.93
C1 BMA FA . 70.32 -26.75 -13.60
C2 BMA FA . 69.66 -27.59 -14.72
C3 BMA FA . 70.67 -27.82 -15.86
C4 BMA FA . 71.34 -26.50 -16.29
C5 BMA FA . 71.94 -25.79 -15.07
C6 BMA FA . 72.57 -24.45 -15.42
O2 BMA FA . 68.56 -26.91 -15.29
O3 BMA FA . 70.08 -28.44 -17.01
O4 BMA FA . 72.36 -26.75 -17.24
O5 BMA FA . 70.90 -25.55 -14.12
O6 BMA FA . 71.54 -23.58 -15.89
C1 MAN FA . 69.75 -29.81 -16.73
C2 MAN FA . 70.92 -30.72 -17.23
C3 MAN FA . 70.94 -30.78 -18.75
C4 MAN FA . 69.56 -31.13 -19.31
C5 MAN FA . 68.53 -30.11 -18.80
C6 MAN FA . 67.12 -30.38 -19.28
O2 MAN FA . 70.76 -32.07 -16.80
O3 MAN FA . 71.91 -31.71 -19.24
O4 MAN FA . 69.57 -31.11 -20.73
O5 MAN FA . 68.51 -30.16 -17.35
O6 MAN FA . 67.16 -30.52 -20.70
C1 NAG GA . 41.17 -0.69 17.78
C2 NAG GA . 40.40 0.62 17.78
C3 NAG GA . 40.32 1.20 19.19
C4 NAG GA . 39.73 0.17 20.14
C5 NAG GA . 40.55 -1.13 20.07
C6 NAG GA . 39.98 -2.24 20.92
C7 NAG GA . 42.26 1.99 16.94
C8 NAG GA . 42.69 2.99 15.91
N2 NAG GA . 40.99 1.59 16.87
O3 NAG GA . 39.52 2.38 19.19
O4 NAG GA . 39.73 0.65 21.47
O5 NAG GA . 40.57 -1.60 18.72
O6 NAG GA . 38.65 -2.56 20.52
O7 NAG GA . 43.03 1.57 17.80
C1 NAG GA . 38.42 1.21 21.73
C2 NAG GA . 37.87 0.58 23.01
C3 NAG GA . 36.50 1.19 23.33
C4 NAG GA . 36.59 2.70 23.40
C5 NAG GA . 37.21 3.24 22.11
C6 NAG GA . 37.44 4.75 22.15
C7 NAG GA . 37.77 -1.70 23.92
C8 NAG GA . 37.65 -3.16 23.59
N2 NAG GA . 37.76 -0.87 22.87
O3 NAG GA . 36.04 0.67 24.58
O4 NAG GA . 35.29 3.26 23.57
O5 NAG GA . 38.49 2.64 21.89
O6 NAG GA . 36.34 5.44 21.57
O7 NAG GA . 37.86 -1.30 25.07
C1 NAG HA . 54.67 -74.56 -41.11
C2 NAG HA . 53.88 -75.44 -42.09
C3 NAG HA . 53.25 -76.61 -41.35
C4 NAG HA . 54.32 -77.39 -40.58
C5 NAG HA . 55.07 -76.44 -39.65
C6 NAG HA . 56.21 -77.11 -38.92
C7 NAG HA . 53.08 -74.01 -43.92
C8 NAG HA . 51.91 -73.27 -44.48
N2 NAG HA . 52.86 -74.66 -42.77
O3 NAG HA . 52.62 -77.49 -42.30
O4 NAG HA . 53.71 -78.43 -39.82
O5 NAG HA . 55.63 -75.37 -40.41
O6 NAG HA . 57.27 -77.46 -39.82
O7 NAG HA . 54.17 -74.01 -44.46
C1 NAG HA . 54.06 -79.69 -40.40
C2 NAG HA . 53.47 -80.81 -39.55
C3 NAG HA . 53.77 -82.17 -40.17
C4 NAG HA . 53.32 -82.20 -41.62
C5 NAG HA . 53.91 -81.03 -42.40
C6 NAG HA . 53.41 -80.94 -43.82
C7 NAG HA . 53.42 -79.97 -37.24
C8 NAG HA . 54.07 -80.03 -35.90
N2 NAG HA . 53.97 -80.75 -38.19
O3 NAG HA . 53.11 -83.19 -39.43
O4 NAG HA . 53.73 -83.43 -42.23
O5 NAG HA . 53.57 -79.80 -41.75
O6 NAG HA . 54.47 -80.71 -44.73
O7 NAG HA . 52.45 -79.25 -37.48
C1 NAG IA . 31.61 -48.79 -43.88
C2 NAG IA . 32.56 -49.76 -43.18
C3 NAG IA . 32.20 -51.21 -43.55
C4 NAG IA . 30.73 -51.47 -43.25
C5 NAG IA . 29.86 -50.43 -43.96
C6 NAG IA . 28.40 -50.56 -43.62
C7 NAG IA . 34.91 -49.26 -42.61
C8 NAG IA . 36.27 -48.99 -43.16
N2 NAG IA . 33.95 -49.49 -43.53
O3 NAG IA . 33.01 -52.10 -42.80
O4 NAG IA . 30.37 -52.78 -43.70
O5 NAG IA . 30.26 -49.11 -43.56
O6 NAG IA . 27.99 -49.60 -42.66
O7 NAG IA . 34.67 -49.27 -41.41
C1 NAG IA . 30.03 -53.57 -42.55
C2 NAG IA . 29.04 -54.66 -42.98
C3 NAG IA . 28.69 -55.55 -41.80
C4 NAG IA . 29.95 -56.09 -41.14
C5 NAG IA . 30.91 -54.94 -40.80
C6 NAG IA . 32.23 -55.43 -40.27
C7 NAG IA . 27.37 -54.41 -44.77
C8 NAG IA . 26.12 -53.71 -45.20
N2 NAG IA . 27.84 -54.08 -43.56
O3 NAG IA . 27.87 -56.63 -42.23
O4 NAG IA . 29.62 -56.79 -39.94
O5 NAG IA . 31.19 -54.18 -41.97
O6 NAG IA . 32.07 -56.28 -39.14
O7 NAG IA . 27.93 -55.24 -45.49
C1 BMA IA . 29.71 -58.21 -40.19
C2 BMA IA . 29.97 -58.91 -38.84
C3 BMA IA . 29.91 -60.43 -39.00
C4 BMA IA . 28.64 -60.86 -39.77
C5 BMA IA . 28.55 -60.09 -41.09
C6 BMA IA . 27.30 -60.44 -41.88
O2 BMA IA . 28.98 -58.55 -37.89
O3 BMA IA . 29.95 -61.10 -37.74
O4 BMA IA . 28.68 -62.25 -40.02
O5 BMA IA . 28.51 -58.69 -40.80
O6 BMA IA . 27.21 -61.85 -41.98
C1 MAN IA . 31.29 -61.06 -37.22
C2 MAN IA . 31.74 -62.52 -36.95
C3 MAN IA . 31.01 -63.09 -35.74
C4 MAN IA . 31.11 -62.14 -34.54
C5 MAN IA . 30.56 -60.75 -34.94
C6 MAN IA . 30.65 -59.74 -33.82
O2 MAN IA . 33.14 -62.58 -36.63
O3 MAN IA . 31.51 -64.37 -35.39
O4 MAN IA . 30.35 -62.65 -33.46
O5 MAN IA . 31.34 -60.26 -36.05
O6 MAN IA . 32.03 -59.42 -33.63
C1 NAG JA . 16.05 -9.58 -40.84
C2 NAG JA . 14.78 -8.75 -41.01
C3 NAG JA . 15.09 -7.47 -41.78
C4 NAG JA . 16.27 -6.72 -41.15
C5 NAG JA . 17.45 -7.67 -40.95
C6 NAG JA . 18.59 -7.03 -40.17
C7 NAG JA . 12.81 -10.23 -41.05
C8 NAG JA . 11.83 -10.95 -41.91
N2 NAG JA . 13.75 -9.51 -41.69
O3 NAG JA . 13.94 -6.63 -41.80
O4 NAG JA . 16.65 -5.68 -42.05
O5 NAG JA . 17.04 -8.81 -40.18
O6 NAG JA . 19.43 -8.02 -39.59
O7 NAG JA . 12.77 -10.29 -39.82
C1 NAG JA . 16.81 -4.32 -41.54
C2 NAG JA . 15.50 -3.76 -40.95
C3 NAG JA . 15.71 -2.34 -40.43
C4 NAG JA . 16.89 -2.30 -39.46
C5 NAG JA . 18.14 -2.91 -40.10
C6 NAG JA . 19.31 -2.98 -39.15
C7 NAG JA . 13.13 -3.78 -41.58
C8 NAG JA . 12.16 -3.82 -42.72
N2 NAG JA . 14.43 -3.80 -41.92
O3 NAG JA . 14.54 -1.89 -39.78
O4 NAG JA . 17.16 -0.95 -39.09
O5 NAG JA . 17.86 -4.25 -40.53
O6 NAG JA . 19.93 -1.72 -38.99
O7 NAG JA . 12.77 -3.73 -40.41
C1 NAG KA . 2.61 -62.42 0.89
C2 NAG KA . 2.21 -63.49 -0.12
C3 NAG KA . 1.34 -62.88 -1.21
C4 NAG KA . 0.16 -62.15 -0.60
C5 NAG KA . 0.63 -61.15 0.46
C6 NAG KA . -0.50 -60.50 1.22
C7 NAG KA . 3.91 -65.26 -0.22
C8 NAG KA . 5.13 -65.78 -0.94
N2 NAG KA . 3.38 -64.13 -0.70
O3 NAG KA . 0.88 -63.91 -2.08
O4 NAG KA . -0.54 -61.43 -1.60
O5 NAG KA . 1.45 -61.82 1.44
O6 NAG KA . -1.69 -61.28 1.15
O7 NAG KA . 3.45 -65.83 0.75
C1 NAG KA . -1.58 -62.26 -2.15
C2 NAG KA . -2.54 -61.37 -2.95
C3 NAG KA . -3.63 -62.22 -3.60
C4 NAG KA . -3.01 -63.34 -4.43
C5 NAG KA . -2.03 -64.14 -3.59
C6 NAG KA . -1.28 -65.19 -4.38
C7 NAG KA . -2.53 -59.19 -1.83
C8 NAG KA . -3.28 -58.25 -0.94
N2 NAG KA . -3.13 -60.35 -2.10
O3 NAG KA . -4.44 -61.39 -4.42
O4 NAG KA . -4.03 -64.20 -4.92
O5 NAG KA . -1.04 -63.26 -3.02
O6 NAG KA . -0.48 -64.60 -5.40
O7 NAG KA . -1.43 -58.90 -2.30
C1 NAG LA . 29.50 -64.77 13.83
C2 NAG LA . 30.67 -65.15 12.94
C3 NAG LA . 31.81 -65.76 13.77
C4 NAG LA . 32.20 -64.81 14.89
C5 NAG LA . 30.97 -64.46 15.72
C6 NAG LA . 31.26 -63.44 16.81
C7 NAG LA . 30.88 -66.20 10.73
C8 NAG LA . 30.30 -67.21 9.78
N2 NAG LA . 30.25 -66.08 11.90
O3 NAG LA . 32.93 -66.00 12.93
O4 NAG LA . 33.18 -65.41 15.73
O5 NAG LA . 29.96 -63.89 14.88
O6 NAG LA . 30.36 -62.35 16.75
O7 NAG LA . 31.85 -65.52 10.44
C1 NAG LA . 34.37 -64.59 15.69
C2 NAG LA . 35.10 -64.66 17.03
C3 NAG LA . 36.37 -63.82 16.98
C4 NAG LA . 37.23 -64.23 15.79
C5 NAG LA . 36.42 -64.20 14.51
C6 NAG LA . 37.19 -64.73 13.32
C7 NAG LA . 33.51 -65.00 18.92
C8 NAG LA . 33.59 -66.48 18.68
N2 NAG LA . 34.23 -64.21 18.12
O3 NAG LA . 37.09 -63.98 18.19
O4 NAG LA . 38.34 -63.34 15.67
O5 NAG LA . 35.25 -65.02 14.63
O6 NAG LA . 36.35 -64.92 12.19
O7 NAG LA . 32.81 -64.53 19.81
C1 BMA LA . 39.50 -63.95 16.26
C2 BMA LA . 40.75 -63.12 15.82
C3 BMA LA . 42.00 -63.60 16.55
C4 BMA LA . 41.75 -63.73 18.06
C5 BMA LA . 40.52 -64.62 18.32
C6 BMA LA . 40.19 -64.77 19.79
O2 BMA LA . 40.57 -61.75 16.16
O3 BMA LA . 43.10 -62.73 16.32
O4 BMA LA . 42.88 -64.31 18.69
O5 BMA LA . 39.40 -64.01 17.67
O6 BMA LA . 39.76 -63.50 20.28
C1 MAN LA . 43.85 -63.21 15.20
C2 MAN LA . 45.34 -62.84 15.43
C3 MAN LA . 45.53 -61.33 15.30
C4 MAN LA . 44.94 -60.82 13.99
C5 MAN LA . 43.46 -61.21 13.90
C6 MAN LA . 42.80 -60.79 12.61
O2 MAN LA . 46.19 -63.42 14.45
O3 MAN LA . 46.91 -60.96 15.40
O4 MAN LA . 45.04 -59.40 13.93
O5 MAN LA . 43.36 -62.65 13.99
O6 MAN LA . 42.36 -59.45 12.75
C1 NAG MA . -6.53 -43.40 9.28
C2 NAG MA . -7.53 -42.68 10.19
C3 NAG MA . -8.96 -42.96 9.73
C4 NAG MA . -9.12 -42.63 8.26
C5 NAG MA . -8.07 -43.36 7.43
C6 NAG MA . -8.09 -42.98 5.97
C7 NAG MA . -6.62 -42.37 12.45
C8 NAG MA . -6.55 -42.93 13.84
N2 NAG MA . -7.35 -43.08 11.58
O3 NAG MA . -9.87 -42.19 10.52
O4 NAG MA . -10.41 -43.02 7.80
O5 NAG MA . -6.75 -43.01 7.92
O6 NAG MA . -6.80 -43.09 5.38
O7 NAG MA . -6.05 -41.33 12.14
C1 NAG MA . -11.26 -41.85 7.81
C2 NAG MA . -12.29 -41.97 6.69
C3 NAG MA . -13.23 -40.78 6.69
C4 NAG MA . -13.86 -40.62 8.07
C5 NAG MA . -12.77 -40.55 9.15
C6 NAG MA . -13.34 -40.51 10.56
C7 NAG MA . -11.41 -43.26 4.78
C8 NAG MA . -10.72 -43.19 3.45
N2 NAG MA . -11.62 -42.10 5.39
O3 NAG MA . -14.24 -40.97 5.71
O4 NAG MA . -14.63 -39.42 8.12
O5 NAG MA . -11.94 -41.72 9.06
O6 NAG MA . -13.97 -39.27 10.82
O7 NAG MA . -11.76 -44.33 5.28
C1 NAG NA . -71.00 58.85 46.37
C2 NAG NA . -71.25 60.19 47.07
C3 NAG NA . -69.97 60.71 47.69
C4 NAG NA . -69.35 59.65 48.60
C5 NAG NA . -69.18 58.34 47.84
C6 NAG NA . -68.68 57.21 48.71
C7 NAG NA . -73.12 61.42 46.02
C8 NAG NA . -73.50 62.46 45.02
N2 NAG NA . -71.81 61.17 46.14
O3 NAG NA . -70.24 61.88 48.43
O4 NAG NA . -68.09 60.09 49.07
O5 NAG NA . -70.44 57.92 47.29
O6 NAG NA . -68.17 57.69 49.95
O7 NAG NA . -73.95 60.83 46.71
C1 NAG OA . -72.69 66.51 25.95
C2 NAG OA . -74.14 66.24 25.58
C3 NAG OA . -75.04 67.36 26.11
C4 NAG OA . -74.81 67.54 27.62
C5 NAG OA . -73.33 67.73 27.91
C6 NAG OA . -73.02 67.79 29.39
C7 NAG OA . -75.21 65.33 23.56
C8 NAG OA . -75.23 65.31 22.06
N2 NAG OA . -74.30 66.11 24.14
O3 NAG OA . -76.40 67.03 25.86
O4 NAG OA . -75.54 68.67 28.08
O5 NAG OA . -72.57 66.64 27.37
O6 NAG OA . -71.65 67.50 29.65
O7 NAG OA . -76.00 64.64 24.22
C1 NAG PA . -52.03 61.44 37.16
C2 NAG PA . -50.87 62.16 37.86
C3 NAG PA . -50.57 61.52 39.21
C4 NAG PA . -51.83 61.49 40.05
C5 NAG PA . -52.94 60.76 39.29
C6 NAG PA . -54.26 60.77 40.03
C7 NAG PA . -48.90 61.31 36.51
C8 NAG PA . -49.27 59.88 36.81
N2 NAG PA . -49.67 62.29 37.02
O3 NAG PA . -49.56 62.27 39.88
O4 NAG PA . -51.58 60.81 41.28
O5 NAG PA . -53.17 61.41 38.03
O6 NAG PA . -54.12 60.29 41.37
O7 NAG PA . -47.92 61.58 35.81
C1 NAG QA . -28.26 24.90 49.35
C2 NAG QA . -27.73 25.53 50.64
C3 NAG QA . -26.22 25.64 50.57
C4 NAG QA . -25.59 24.29 50.25
C5 NAG QA . -26.22 23.71 48.98
C6 NAG QA . -25.75 22.30 48.68
C7 NAG QA . -29.41 27.03 51.63
C8 NAG QA . -29.88 28.44 51.76
N2 NAG QA . -28.33 26.83 50.86
O3 NAG QA . -25.72 26.11 51.82
O4 NAG QA . -24.19 24.42 50.06
O5 NAG QA . -27.65 23.63 49.13
O6 NAG QA . -26.83 21.40 48.58
O7 NAG QA . -29.98 26.10 52.19
C1 NAG RA . -25.05 36.71 52.22
C2 NAG RA . -23.68 36.63 51.54
C3 NAG RA . -22.57 36.85 52.55
C4 NAG RA . -22.80 38.15 53.32
C5 NAG RA . -24.19 38.17 53.93
C6 NAG RA . -24.54 39.47 54.59
C7 NAG RA . -22.77 35.20 49.75
C8 NAG RA . -22.70 33.81 49.19
N2 NAG RA . -23.51 35.35 50.86
O3 NAG RA . -21.32 36.89 51.88
O4 NAG RA . -21.83 38.29 54.36
O5 NAG RA . -25.17 37.96 52.90
O6 NAG RA . -24.17 39.48 55.96
O7 NAG RA . -22.18 36.15 49.23
C1 NAG SA . -67.53 31.32 50.36
C2 NAG SA . -68.71 30.68 49.63
C3 NAG SA . -70.00 31.42 49.99
C4 NAG SA . -70.18 31.45 51.50
C5 NAG SA . -68.94 32.06 52.16
C6 NAG SA . -68.99 32.02 53.66
C7 NAG SA . -68.11 29.63 47.49
C8 NAG SA . -67.94 29.82 46.02
N2 NAG SA . -68.50 30.70 48.19
O3 NAG SA . -71.11 30.74 49.39
O4 NAG SA . -71.32 32.26 51.83
O5 NAG SA . -67.78 31.31 51.77
O6 NAG SA . -68.65 30.74 54.17
O7 NAG SA . -67.88 28.55 48.02
C1 NAG TA . -52.62 44.74 57.30
C2 NAG TA . -52.60 46.09 56.60
C3 NAG TA . -52.29 47.19 57.61
C4 NAG TA . -53.25 47.12 58.79
C5 NAG TA . -53.26 45.72 59.39
C6 NAG TA . -54.29 45.56 60.48
C7 NAG TA . -51.79 46.88 54.42
C8 NAG TA . -50.71 46.77 53.39
N2 NAG TA . -51.65 46.11 55.50
O3 NAG TA . -52.39 48.46 56.96
O4 NAG TA . -52.85 48.07 59.78
O5 NAG TA . -53.57 44.75 58.37
O6 NAG TA . -53.69 45.23 61.72
O7 NAG TA . -52.75 47.63 54.28
C1 NAG UA . -57.37 44.03 54.71
C2 NAG UA . -56.81 45.44 54.57
C3 NAG UA . -56.37 45.97 55.93
C4 NAG UA . -57.52 45.87 56.93
C5 NAG UA . -58.05 44.45 56.98
C6 NAG UA . -59.27 44.29 57.87
C7 NAG UA . -55.66 46.29 52.56
C8 NAG UA . -54.44 46.17 51.71
N2 NAG UA . -55.70 45.48 53.63
O3 NAG UA . -55.95 47.33 55.80
O4 NAG UA . -57.07 46.25 58.23
O5 NAG UA . -58.45 44.02 55.67
O6 NAG UA . -60.47 44.38 57.11
O7 NAG UA . -56.56 47.07 52.31
C1 NAG VA . -54.95 21.04 41.69
C2 NAG VA . -54.71 20.51 40.28
C3 NAG VA . -55.54 19.25 40.04
C4 NAG VA . -55.27 18.22 41.13
C5 NAG VA . -55.49 18.84 42.51
C6 NAG VA . -55.13 17.92 43.65
C7 NAG VA . -54.13 22.40 38.83
C8 NAG VA . -54.63 23.38 37.81
N2 NAG VA . -55.02 21.52 39.29
O3 NAG VA . -55.22 18.70 38.77
O4 NAG VA . -56.14 17.11 40.98
O5 NAG VA . -54.67 20.01 42.65
O6 NAG VA . -55.61 18.41 44.89
O7 NAG VA . -52.97 22.43 39.25
C1 NAG WA . -64.14 24.98 46.52
C2 NAG WA . -64.14 24.33 47.89
C3 NAG WA . -64.22 22.81 47.75
C4 NAG WA . -65.43 22.42 46.90
C5 NAG WA . -65.37 23.16 45.56
C6 NAG WA . -66.60 22.92 44.70
C7 NAG WA . -62.88 25.56 49.67
C8 NAG WA . -64.17 26.20 50.10
N2 NAG WA . -62.95 24.69 48.64
O3 NAG WA . -64.34 22.21 49.04
O4 NAG WA . -65.41 21.02 46.65
O5 NAG WA . -65.31 24.57 45.79
O6 NAG WA . -66.85 21.53 44.54
O7 NAG WA . -61.82 25.80 50.24
C1 NAG XA . -55.60 38.10 62.38
C2 NAG XA . -56.41 39.40 62.25
C3 NAG XA . -56.53 40.08 63.60
C4 NAG XA . -57.09 39.11 64.65
C5 NAG XA . -56.24 37.84 64.68
C6 NAG XA . -56.80 36.79 65.61
C7 NAG XA . -54.56 40.76 61.36
C8 NAG XA . -54.12 41.68 60.27
N2 NAG XA . -55.81 40.29 61.28
O3 NAG XA . -57.40 41.21 63.49
O4 NAG XA . -57.08 39.72 65.94
O5 NAG XA . -56.19 37.26 63.38
O6 NAG XA . -56.09 36.75 66.84
O7 NAG XA . -53.81 40.45 62.29
C1 NAG YA . -77.53 36.45 34.67
C2 NAG YA . -78.78 35.60 34.92
C3 NAG YA . -79.26 34.97 33.61
C4 NAG YA . -79.46 36.04 32.55
C5 NAG YA . -78.19 36.87 32.39
C6 NAG YA . -78.35 38.02 31.44
C7 NAG YA . -77.57 33.66 35.81
C8 NAG YA . -77.46 32.68 36.94
N2 NAG YA . -78.53 34.57 35.92
O3 NAG YA . -80.49 34.29 33.84
O4 NAG YA . -79.79 35.44 31.30
O5 NAG YA . -77.81 37.43 33.66
O6 NAG YA . -77.20 38.86 31.42
O7 NAG YA . -76.82 33.61 34.84
C1 NAG ZA . -83.54 59.45 -7.18
C2 NAG ZA . -84.50 59.87 -6.07
C3 NAG ZA . -85.08 58.64 -5.38
C4 NAG ZA . -85.71 57.70 -6.40
C5 NAG ZA . -84.71 57.37 -7.50
C6 NAG ZA . -85.29 56.54 -8.61
C7 NAG ZA . -84.42 61.75 -4.48
C8 NAG ZA . -83.58 62.52 -3.51
N2 NAG ZA . -83.82 60.72 -5.09
O3 NAG ZA . -86.05 59.04 -4.43
O4 NAG ZA . -86.13 56.50 -5.78
O5 NAG ZA . -84.22 58.58 -8.10
O6 NAG ZA . -86.41 57.19 -9.21
O7 NAG ZA . -85.60 62.04 -4.70
C1 NAG AB . -73.38 69.22 -7.63
C2 NAG AB . -73.63 69.99 -8.93
C3 NAG AB . -72.79 71.27 -8.96
C4 NAG AB . -73.08 72.09 -7.70
C5 NAG AB . -72.87 71.25 -6.45
C6 NAG AB . -73.25 71.96 -5.18
C7 NAG AB . -72.13 68.59 -10.31
C8 NAG AB . -72.01 67.78 -11.57
N2 NAG AB . -73.32 69.18 -10.10
O3 NAG AB . -73.11 72.03 -10.11
O4 NAG AB . -72.21 73.23 -7.65
O5 NAG AB . -73.67 70.06 -6.52
O6 NAG AB . -73.06 71.15 -4.04
O7 NAG AB . -71.19 68.72 -9.53
C1 NAG BB . -72.03 72.07 7.77
C2 NAG BB . -73.37 71.36 7.89
C3 NAG BB . -74.51 72.38 7.80
C4 NAG BB . -74.31 73.48 8.83
C5 NAG BB . -72.93 74.11 8.67
C6 NAG BB . -72.60 75.15 9.72
C7 NAG BB . -74.09 69.14 7.00
C8 NAG BB . -74.62 68.81 8.37
N2 NAG BB . -73.51 70.34 6.86
O3 NAG BB . -75.76 71.74 8.00
O4 NAG BB . -75.30 74.48 8.66
O5 NAG BB . -71.92 73.09 8.76
O6 NAG BB . -73.50 75.08 10.81
O7 NAG BB . -74.17 68.35 6.07
C1 NAG CB . -73.85 48.38 7.81
C2 NAG CB . -74.28 47.10 8.56
C3 NAG CB . -75.03 46.16 7.63
C4 NAG CB . -76.17 46.88 6.94
C5 NAG CB . -75.65 48.12 6.22
C6 NAG CB . -76.75 48.93 5.59
C7 NAG CB . -73.24 45.48 10.10
C8 NAG CB . -71.95 44.90 10.59
N2 NAG CB . -73.13 46.43 9.16
O3 NAG CB . -75.53 45.05 8.35
O4 NAG CB . -76.79 46.02 5.99
O5 NAG CB . -74.99 48.97 7.16
O6 NAG CB . -77.63 49.47 6.56
O7 NAG CB . -74.33 45.13 10.54
C1 NAG DB . -58.72 12.26 -15.09
C2 NAG DB . -60.01 11.49 -14.76
C3 NAG DB . -59.68 10.19 -14.04
C4 NAG DB . -58.68 9.37 -14.85
C5 NAG DB . -57.44 10.22 -15.17
C6 NAG DB . -56.47 9.51 -16.07
C7 NAG DB . -61.86 13.08 -14.49
C8 NAG DB . -62.70 13.85 -13.51
N2 NAG DB . -60.91 12.31 -13.96
O3 NAG DB . -60.87 9.44 -13.85
O4 NAG DB . -58.27 8.23 -14.11
O5 NAG DB . -57.84 11.41 -15.85
O6 NAG DB . -56.29 10.19 -17.30
O7 NAG DB . -62.04 13.16 -15.70
C1 NAG EB . -68.13 11.94 -5.88
C2 NAG EB . -67.35 10.87 -5.11
C3 NAG EB . -68.19 9.61 -4.95
C4 NAG EB . -69.54 9.94 -4.33
C5 NAG EB . -70.23 11.04 -5.13
C6 NAG EB . -71.52 11.50 -4.50
C7 NAG EB . -65.03 10.06 -5.13
C8 NAG EB . -63.82 9.82 -5.97
N2 NAG EB . -66.09 10.58 -5.77
O3 NAG EB . -67.49 8.68 -4.11
O4 NAG EB . -70.36 8.78 -4.30
O5 NAG EB . -69.38 12.19 -5.22
O6 NAG EB . -72.47 10.45 -4.42
O7 NAG EB . -65.06 9.81 -3.93
C1 NAG FB . -62.59 64.86 -21.04
C2 NAG FB . -61.94 64.67 -22.41
C3 NAG FB . -60.65 65.48 -22.49
C4 NAG FB . -60.89 66.93 -22.14
C5 NAG FB . -61.59 67.03 -20.78
C6 NAG FB . -61.99 68.44 -20.42
C7 NAG FB . -61.64 62.76 -23.92
C8 NAG FB . -61.37 61.29 -24.01
N2 NAG FB . -61.70 63.27 -22.68
O3 NAG FB . -60.11 65.38 -23.81
O4 NAG FB . -59.67 67.63 -22.09
O5 NAG FB . -62.80 66.26 -20.79
O6 NAG FB . -61.08 69.39 -20.99
O7 NAG FB . -61.80 63.46 -24.92
C1 NAG GB . -70.88 48.05 -28.22
C2 NAG GB . -70.15 49.28 -28.76
C3 NAG GB . -71.11 50.45 -28.92
C4 NAG GB . -72.32 50.03 -29.76
C5 NAG GB . -72.96 48.78 -29.16
C6 NAG GB . -74.10 48.24 -30.00
C7 NAG GB . -67.83 49.09 -27.97
C8 NAG GB . -66.80 49.59 -27.00
N2 NAG GB . -69.03 49.65 -27.90
O3 NAG GB . -70.44 51.53 -29.56
O4 NAG GB . -73.27 51.08 -29.79
O5 NAG GB . -71.99 47.74 -29.06
O6 NAG GB . -73.69 48.02 -31.35
O7 NAG GB . -67.57 48.19 -28.79
C1 NAG HB . -81.97 35.55 -14.01
C2 NAG HB . -82.22 36.83 -13.22
C3 NAG HB . -83.63 36.82 -12.63
C4 NAG HB . -84.66 36.58 -13.73
C5 NAG HB . -84.30 35.31 -14.52
C6 NAG HB . -85.21 35.10 -15.71
C7 NAG HB . -81.00 36.09 -11.21
C8 NAG HB . -79.93 36.44 -10.21
N2 NAG HB . -81.22 37.00 -12.16
O3 NAG HB . -83.88 38.06 -12.00
O4 NAG HB . -85.95 36.44 -13.17
O5 NAG HB . -82.97 35.41 -15.03
O6 NAG HB . -84.64 34.18 -16.63
O7 NAG HB . -81.62 35.03 -11.15
C1 NAG IB . -79.01 41.04 -15.03
C2 NAG IB . -79.70 41.20 -13.69
C3 NAG IB . -81.03 40.44 -13.68
C4 NAG IB . -81.89 40.86 -14.86
C5 NAG IB . -81.11 40.69 -16.16
C6 NAG IB . -81.86 41.21 -17.36
C7 NAG IB . -78.35 39.52 -12.50
C8 NAG IB . -77.49 39.25 -11.31
N2 NAG IB . -78.85 40.76 -12.59
O3 NAG IB . -81.71 40.70 -12.45
O4 NAG IB . -83.07 40.06 -14.92
O5 NAG IB . -79.88 41.44 -16.09
O6 NAG IB . -82.17 42.59 -17.24
O7 NAG IB . -78.57 38.66 -13.35
C1 NAG JB . -82.80 34.57 -22.93
C2 NAG JB . -83.82 35.28 -22.03
C3 NAG JB . -85.15 35.45 -22.76
C4 NAG JB . -84.94 36.13 -24.09
C5 NAG JB . -83.90 35.38 -24.92
C6 NAG JB . -83.56 36.08 -26.22
C7 NAG JB . -84.42 33.28 -20.72
C8 NAG JB . -84.55 32.71 -19.34
N2 NAG JB . -84.01 34.55 -20.78
O3 NAG JB . -86.05 36.20 -21.95
O4 NAG JB . -86.18 36.18 -24.82
O5 NAG JB . -82.68 35.28 -24.17
O6 NAG JB . -83.24 37.45 -26.01
O7 NAG JB . -84.67 32.63 -21.72
C1 NAG KB . -55.52 37.92 -26.29
C2 NAG KB . -54.07 38.24 -25.93
C3 NAG KB . -53.30 38.60 -27.21
C4 NAG KB . -53.43 37.51 -28.24
C5 NAG KB . -54.90 37.20 -28.50
C6 NAG KB . -55.11 36.02 -29.43
C7 NAG KB . -53.68 39.22 -23.68
C8 NAG KB . -53.34 37.86 -23.16
N2 NAG KB . -54.00 39.33 -24.97
O3 NAG KB . -51.92 38.81 -26.88
O4 NAG KB . -52.82 37.91 -29.46
O5 NAG KB . -55.55 36.86 -27.26
O6 NAG KB . -54.10 35.98 -30.43
O7 NAG KB . -53.65 40.21 -22.94
C1 NAG LB . -75.69 29.81 -32.65
C2 NAG LB . -77.05 30.27 -32.12
C3 NAG LB . -78.13 29.26 -32.51
C4 NAG LB . -78.11 29.01 -34.01
C5 NAG LB . -76.71 28.60 -34.47
C6 NAG LB . -76.59 28.46 -35.96
C7 NAG LB . -77.62 31.41 -29.98
C8 NAG LB . -78.42 32.43 -30.77
N2 NAG LB . -77.01 30.45 -30.68
O3 NAG LB . -79.42 29.73 -32.11
O4 NAG LB . -79.03 27.97 -34.34
O5 NAG LB . -75.76 29.62 -34.07
O6 NAG LB . -77.86 28.52 -36.59
O7 NAG LB . -77.53 31.49 -28.76
C1 NAG MB . -64.59 44.93 -29.54
C2 NAG MB . -63.62 44.99 -30.71
C3 NAG MB . -64.32 44.54 -31.98
C4 NAG MB . -64.92 43.15 -31.78
C5 NAG MB . -65.82 43.14 -30.55
C6 NAG MB . -66.35 41.76 -30.22
C7 NAG MB . -61.90 46.79 -30.49
C8 NAG MB . -60.98 45.79 -29.85
N2 NAG MB . -63.11 46.36 -30.88
O3 NAG MB . -63.38 44.51 -33.05
O4 NAG MB . -65.70 42.79 -32.92
O5 NAG MB . -65.08 43.59 -29.40
O6 NAG MB . -67.16 41.79 -29.05
O7 NAG MB . -61.56 47.96 -30.68
C1 NAG NB . -42.28 -3.08 3.79
C2 NAG NB . -43.56 -3.79 4.24
C3 NAG NB . -43.79 -5.04 3.40
C4 NAG NB . -43.79 -4.68 1.92
C5 NAG NB . -42.51 -3.95 1.56
C6 NAG NB . -42.49 -3.46 0.13
C7 NAG NB . -44.03 -3.41 6.62
C8 NAG NB . -43.86 -3.92 8.02
N2 NAG NB . -43.48 -4.14 5.65
O3 NAG NB . -45.04 -5.62 3.75
O4 NAG NB . -43.88 -5.87 1.13
O5 NAG NB . -42.37 -2.78 2.38
O6 NAG NB . -43.46 -4.12 -0.66
O7 NAG NB . -44.64 -2.37 6.39
C1 NAG OB . -31.17 -13.83 -10.28
C2 NAG OB . -32.15 -14.98 -10.48
C3 NAG OB . -31.58 -16.26 -9.88
C4 NAG OB . -30.18 -16.54 -10.42
C5 NAG OB . -29.29 -15.31 -10.23
C6 NAG OB . -27.93 -15.47 -10.86
C7 NAG OB . -34.44 -14.13 -10.61
C8 NAG OB . -35.72 -13.89 -9.85
N2 NAG OB . -33.45 -14.68 -9.91
O3 NAG OB . -32.44 -17.36 -10.18
O4 NAG OB . -29.60 -17.64 -9.74
O5 NAG OB . -29.91 -14.16 -10.84
O6 NAG OB . -27.51 -16.83 -10.86
O7 NAG OB . -34.33 -13.84 -11.79
C1 NAG PB . -43.70 91.78 13.13
C2 NAG PB . -45.05 92.36 12.69
C3 NAG PB . -45.15 92.35 11.16
C4 NAG PB . -43.95 93.06 10.55
C5 NAG PB . -42.65 92.44 11.07
C6 NAG PB . -41.42 93.17 10.59
C7 NAG PB . -47.38 92.14 13.42
C8 NAG PB . -48.40 91.24 14.03
N2 NAG PB . -46.16 91.62 13.27
O3 NAG PB . -46.35 93.00 10.75
O4 NAG PB . -43.98 92.94 9.13
O5 NAG PB . -42.62 92.51 12.51
O6 NAG PB . -41.33 93.16 9.17
O7 NAG PB . -47.65 93.28 13.06
C1 NAG QB . -60.02 80.02 20.71
C2 NAG QB . -59.91 80.71 19.35
C3 NAG QB . -60.44 82.13 19.45
C4 NAG QB . -61.85 82.14 20.02
C5 NAG QB . -61.89 81.38 21.34
C6 NAG QB . -63.29 81.22 21.90
C7 NAG QB . -58.13 80.53 17.62
C8 NAG QB . -59.20 80.30 16.58
N2 NAG QB . -58.53 80.71 18.88
O3 NAG QB . -60.43 82.76 18.16
O4 NAG QB . -62.29 83.48 20.23
O5 NAG QB . -61.38 80.05 21.16
O6 NAG QB . -64.01 82.46 21.83
O7 NAG QB . -56.94 80.54 17.31
C1 NAG RB . -47.14 74.99 1.30
C2 NAG RB . -46.83 74.90 -0.19
C3 NAG RB . -45.62 75.78 -0.52
C4 NAG RB . -45.84 77.20 -0.03
C5 NAG RB . -46.20 77.19 1.46
C6 NAG RB . -46.57 78.56 1.97
C7 NAG RB . -47.31 72.91 -1.54
C8 NAG RB . -46.94 71.48 -1.82
N2 NAG RB . -46.60 73.53 -0.59
O3 NAG RB . -45.41 75.77 -1.93
O4 NAG RB . -44.65 77.96 -0.21
O5 NAG RB . -47.35 76.35 1.67
O6 NAG RB . -47.64 79.12 1.24
O7 NAG RB . -48.22 73.46 -2.15
C1 NAG SB . -5.83 61.41 -9.51
C2 NAG SB . -6.15 62.25 -10.74
C3 NAG SB . -5.98 61.42 -12.01
C4 NAG SB . -4.60 60.79 -12.04
C5 NAG SB . -4.32 60.02 -10.76
C6 NAG SB . -2.92 59.48 -10.67
C7 NAG SB . -7.76 64.00 -10.16
C8 NAG SB . -9.21 64.41 -10.16
N2 NAG SB . -7.49 62.79 -10.67
O3 NAG SB . -6.18 62.23 -13.15
O4 NAG SB . -4.50 59.90 -13.16
O5 NAG SB . -4.50 60.88 -9.62
O6 NAG SB . -2.62 58.98 -9.37
O7 NAG SB . -6.89 64.74 -9.72
C1 NAG TB . -14.15 64.80 -17.92
C2 NAG TB . -14.10 63.39 -18.53
C3 NAG TB . -13.53 63.45 -19.94
C4 NAG TB . -14.31 64.45 -20.79
C5 NAG TB . -14.36 65.81 -20.10
C6 NAG TB . -15.23 66.82 -20.81
C7 NAG TB . -13.52 61.19 -17.64
C8 NAG TB . -12.61 60.41 -16.73
N2 NAG TB . -13.30 62.50 -17.70
O3 NAG TB . -13.60 62.17 -20.54
O4 NAG TB . -13.71 64.60 -22.06
O5 NAG TB . -14.91 65.67 -18.78
O6 NAG TB . -14.62 67.25 -22.02
O7 NAG TB . -14.41 60.64 -18.27
C1 NAG UB . -30.63 80.72 32.65
C2 NAG UB . -29.41 81.04 33.52
C3 NAG UB . -29.34 80.07 34.71
C4 NAG UB . -30.66 80.08 35.47
C5 NAG UB . -31.82 79.78 34.52
C6 NAG UB . -33.17 79.88 35.19
C7 NAG UB . -27.16 81.81 32.96
C8 NAG UB . -25.97 81.62 32.06
N2 NAG UB . -28.19 80.99 32.75
O3 NAG UB . -28.27 80.47 35.56
O4 NAG UB . -30.62 79.08 36.49
O5 NAG UB . -31.82 80.74 33.45
O6 NAG UB . -33.04 80.09 36.59
O7 NAG UB . -27.17 82.67 33.84
C1 NAG VB . -17.97 85.79 18.97
C2 NAG VB . -17.93 85.62 20.49
C3 NAG VB . -18.63 86.78 21.16
C4 NAG VB . -18.05 88.11 20.69
C5 NAG VB . -18.07 88.18 19.18
C6 NAG VB . -17.38 89.41 18.64
C7 NAG VB . -17.81 83.22 21.03
C8 NAG VB . -18.59 82.01 21.44
N2 NAG VB . -18.52 84.35 20.89
O3 NAG VB . -18.50 86.66 22.58
O4 NAG VB . -18.80 89.19 21.23
O5 NAG VB . -17.39 87.05 18.61
O6 NAG VB . -15.97 89.21 18.53
O7 NAG VB . -16.61 83.18 20.81
C1 NAG WB . -25.26 86.09 4.50
C2 NAG WB . -26.47 86.34 3.61
C3 NAG WB . -26.11 87.36 2.53
C4 NAG WB . -25.53 88.62 3.15
C5 NAG WB . -24.36 88.27 4.06
C6 NAG WB . -23.81 89.46 4.81
C7 NAG WB . -28.20 84.96 2.57
C8 NAG WB . -28.52 83.61 1.99
N2 NAG WB . -26.95 85.11 3.01
O3 NAG WB . -27.27 87.69 1.78
O4 NAG WB . -25.09 89.51 2.14
O5 NAG WB . -24.78 87.32 5.06
O6 NAG WB . -24.83 90.14 5.53
O7 NAG WB . -29.03 85.86 2.64
C1 NAG XB . -10.30 69.27 17.05
C2 NAG XB . -10.52 68.01 17.88
C3 NAG XB . -9.58 68.00 19.09
C4 NAG XB . -8.14 68.16 18.63
C5 NAG XB . -7.99 69.41 17.76
C6 NAG XB . -6.62 69.57 17.17
C7 NAG XB . -12.88 67.18 17.77
C8 NAG XB . -12.48 66.34 16.58
N2 NAG XB . -11.91 67.93 18.33
O3 NAG XB . -9.73 66.78 19.80
O4 NAG XB . -7.27 68.29 19.76
O5 NAG XB . -8.91 69.34 16.65
O6 NAG XB . -5.66 68.78 17.86
O7 NAG XB . -14.02 67.17 18.21
C1 NAG YB . -13.59 78.97 21.02
C2 NAG YB . -12.39 79.81 20.59
C3 NAG YB . -11.12 79.30 21.27
C4 NAG YB . -11.31 79.26 22.77
C5 NAG YB . -12.56 78.44 23.13
C6 NAG YB . -12.88 78.47 24.61
C7 NAG YB . -11.89 80.82 18.36
C8 NAG YB . -11.63 82.13 19.05
N2 NAG YB . -12.25 79.79 19.14
O3 NAG YB . -10.03 80.15 20.94
O4 NAG YB . -10.18 78.67 23.39
O5 NAG YB . -13.70 78.99 22.46
O6 NAG YB . -13.94 79.37 24.89
O7 NAG YB . -11.79 80.70 17.14
C1 NAG ZB . -46.51 86.24 25.30
C2 NAG ZB . -45.71 86.88 26.42
C3 NAG ZB . -46.25 86.46 27.78
C4 NAG ZB . -47.75 86.75 27.87
C5 NAG ZB . -48.47 86.10 26.69
C6 NAG ZB . -49.94 86.45 26.65
C7 NAG ZB . -43.42 87.26 25.59
C8 NAG ZB . -42.01 86.76 25.60
N2 NAG ZB . -44.29 86.55 26.32
O3 NAG ZB . -45.56 87.17 28.81
O4 NAG ZB . -48.27 86.23 29.08
O5 NAG ZB . -47.90 86.56 25.46
O6 NAG ZB . -50.62 85.72 25.62
O7 NAG ZB . -43.77 88.25 24.96
C1 NAG AC . -24.77 86.21 -1.13
C2 NAG AC . -24.39 87.47 -1.91
C3 NAG AC . -25.64 88.13 -2.48
C4 NAG AC . -26.46 87.13 -3.28
C5 NAG AC . -26.73 85.88 -2.44
C6 NAG AC . -27.44 84.79 -3.23
C7 NAG AC . -22.92 89.40 -1.55
C8 NAG AC . -22.24 90.26 -0.53
N2 NAG AC . -23.65 88.40 -1.07
O3 NAG AC . -25.27 89.23 -3.31
O4 NAG AC . -27.70 87.71 -3.67
O5 NAG AC . -25.50 85.32 -1.99
O6 NAG AC . -26.52 84.05 -4.03
O7 NAG AC . -22.82 89.61 -2.75
C1 NAG BC . 11.20 29.27 -18.84
C2 NAG BC . 12.67 28.90 -18.93
C3 NAG BC . 13.41 29.91 -19.79
C4 NAG BC . 12.92 29.82 -21.23
C5 NAG BC . 11.39 29.79 -21.27
C6 NAG BC . 10.83 28.45 -21.68
C7 NAG BC . 14.29 27.98 -17.33
C8 NAG BC . 14.79 28.03 -15.91
N2 NAG BC . 13.27 28.80 -17.61
O3 NAG BC . 14.81 29.64 -19.74
O4 NAG BC . 13.39 30.93 -21.97
O5 NAG BC . 10.82 30.12 -19.98
O6 NAG BC . 9.44 28.36 -21.40
O7 NAG BC . 14.78 27.24 -18.16
C1 NAG CC . 87.93 -53.15 -1.44
C2 NAG CC . 88.11 -54.60 -1.01
C3 NAG CC . 87.54 -54.81 0.38
C4 NAG CC . 88.16 -53.81 1.36
C5 NAG CC . 87.98 -52.39 0.83
C6 NAG CC . 88.68 -51.36 1.69
C7 NAG CC . 88.13 -56.09 -2.98
C8 NAG CC . 87.31 -56.99 -3.85
N2 NAG CC . 87.47 -55.50 -1.96
O3 NAG CC . 87.82 -56.14 0.81
O4 NAG CC . 87.53 -53.93 2.63
O5 NAG CC . 88.55 -52.29 -0.48
O6 NAG CC . 87.80 -50.28 2.02
O7 NAG CC . 89.32 -55.90 -3.18
C1 NAG DC . 85.06 -52.48 -15.18
C2 NAG DC . 86.10 -51.59 -15.88
C3 NAG DC . 86.02 -51.77 -17.38
C4 NAG DC . 86.13 -53.24 -17.75
C5 NAG DC . 85.09 -54.06 -16.99
C6 NAG DC . 85.23 -55.54 -17.21
C7 NAG DC . 86.54 -49.63 -14.47
C8 NAG DC . 86.24 -48.18 -14.24
N2 NAG DC . 85.92 -50.19 -15.52
O3 NAG DC . 87.06 -51.03 -18.00
O4 NAG DC . 85.93 -53.41 -19.16
O5 NAG DC . 85.24 -53.84 -15.58
O6 NAG DC . 85.62 -55.85 -18.55
O7 NAG DC . 87.28 -50.25 -13.73
C1 NAG EC . 76.55 -65.50 -16.97
C2 NAG EC . 77.08 -65.83 -15.57
C3 NAG EC . 78.36 -66.66 -15.68
C4 NAG EC . 78.11 -67.89 -16.54
C5 NAG EC . 77.53 -67.48 -17.90
C6 NAG EC . 77.15 -68.66 -18.77
C7 NAG EC . 77.11 -64.44 -13.50
C8 NAG EC . 76.54 -65.60 -12.75
N2 NAG EC . 77.34 -64.61 -14.82
O3 NAG EC . 78.80 -67.06 -14.39
O4 NAG EC . 79.34 -68.60 -16.76
O5 NAG EC . 76.34 -66.71 -17.71
O6 NAG EC . 76.15 -69.45 -18.14
O7 NAG EC . 77.36 -63.37 -12.95
C1 NAG FC . 68.03 -57.34 3.78
C2 NAG FC . 67.33 -57.27 5.13
C3 NAG FC . 68.06 -56.31 6.06
C4 NAG FC . 69.54 -56.67 6.15
C5 NAG FC . 70.14 -56.76 4.76
C6 NAG FC . 71.57 -57.25 4.78
C7 NAG FC . 64.90 -57.67 5.34
C8 NAG FC . 63.54 -57.09 5.11
N2 NAG FC . 65.94 -56.89 4.98
O3 NAG FC . 67.46 -56.34 7.36
O4 NAG FC . 70.23 -55.69 6.91
O5 NAG FC . 69.40 -57.69 3.96
O6 NAG FC . 72.09 -57.31 6.10
O7 NAG FC . 65.07 -58.78 5.83
C1 NAG GC . 55.80 -18.23 21.93
C2 NAG GC . 56.41 -19.00 23.10
C3 NAG GC . 55.32 -19.41 24.07
C4 NAG GC . 54.51 -18.20 24.51
C5 NAG GC . 53.98 -17.46 23.29
C6 NAG GC . 53.26 -16.17 23.64
C7 NAG GC . 58.46 -20.15 22.38
C8 NAG GC . 59.04 -21.44 21.89
N2 NAG GC . 57.14 -20.17 22.62
O3 NAG GC . 55.91 -20.04 25.21
O4 NAG GC . 53.41 -18.62 25.32
O5 NAG GC . 55.06 -17.10 22.42
O6 NAG GC . 54.09 -15.31 24.42
O7 NAG GC . 59.14 -19.14 22.52
C1 NAG HC . 55.51 -28.01 28.10
C2 NAG HC . 54.00 -27.92 28.34
C3 NAG HC . 53.71 -27.78 29.83
C4 NAG HC . 54.39 -28.88 30.62
C5 NAG HC . 55.88 -28.93 30.29
C6 NAG HC . 56.59 -30.09 30.94
C7 NAG HC . 52.14 -26.81 27.19
C8 NAG HC . 51.71 -25.59 26.42
N2 NAG HC . 53.41 -26.82 27.59
O3 NAG HC . 52.30 -27.82 30.04
O4 NAG HC . 54.22 -28.66 32.01
O5 NAG HC . 56.06 -29.08 28.87
O6 NAG HC . 57.05 -31.02 29.98
O7 NAG HC . 51.38 -27.73 27.43
C1 NAG IC . 83.71 -35.10 -19.63
C2 NAG IC . 84.03 -33.69 -20.14
C3 NAG IC . 83.46 -33.49 -21.54
C4 NAG IC . 83.93 -34.59 -22.48
C5 NAG IC . 83.61 -35.96 -21.87
C6 NAG IC . 84.17 -37.11 -22.69
C7 NAG IC . 84.29 -32.05 -18.33
C8 NAG IC . 83.58 -31.03 -17.48
N2 NAG IC . 83.53 -32.68 -19.24
O3 NAG IC . 83.86 -32.23 -22.04
O4 NAG IC . 83.28 -34.47 -23.73
O5 NAG IC . 84.21 -36.07 -20.57
O6 NAG IC . 85.55 -37.32 -22.43
O7 NAG IC . 85.48 -32.30 -18.19
C1 NAG JC . 86.08 -26.23 -2.15
C2 NAG JC . 86.28 -25.89 -3.62
C3 NAG JC . 87.52 -26.58 -4.16
C4 NAG JC . 88.73 -26.24 -3.30
C5 NAG JC . 88.44 -26.56 -1.83
C6 NAG JC . 89.55 -26.13 -0.90
C7 NAG JC . 84.06 -25.46 -4.59
C8 NAG JC . 82.94 -26.02 -5.43
N2 NAG JC . 85.11 -26.27 -4.41
O3 NAG JC . 87.76 -26.15 -5.50
O4 NAG JC . 89.86 -26.98 -3.72
O5 NAG JC . 87.26 -25.87 -1.41
O6 NAG JC . 90.82 -26.53 -1.39
O7 NAG JC . 84.00 -24.35 -4.09
C1 NAG KC . 80.53 -37.14 15.54
C2 NAG KC . 80.17 -38.62 15.46
C3 NAG KC . 80.78 -39.37 16.63
C4 NAG KC . 82.28 -39.12 16.69
C5 NAG KC . 82.57 -37.62 16.70
C6 NAG KC . 84.05 -37.31 16.61
C7 NAG KC . 77.95 -39.02 14.36
C8 NAG KC . 78.65 -39.08 13.04
N2 NAG KC . 78.71 -38.80 15.45
O3 NAG KC . 80.52 -40.76 16.49
O4 NAG KC . 82.83 -39.71 17.86
O5 NAG KC . 81.96 -36.99 15.56
O6 NAG KC . 84.43 -36.36 17.60
O7 NAG KC . 76.73 -39.16 14.45
C1 NAG LC . 81.86 -37.50 10.20
C2 NAG LC . 81.79 -38.98 10.55
C3 NAG LC . 82.32 -39.22 11.95
C4 NAG LC . 83.72 -38.64 12.10
C5 NAG LC . 83.73 -37.17 11.68
C6 NAG LC . 85.11 -36.57 11.68
C7 NAG LC . 80.13 -40.74 10.10
C8 NAG LC . 78.67 -41.07 10.02
N2 NAG LC . 80.43 -39.48 10.42
O3 NAG LC . 82.35 -40.62 12.22
O4 NAG LC . 84.16 -38.75 13.44
O5 NAG LC . 83.21 -37.04 10.35
O6 NAG LC . 85.93 -37.14 10.65
O7 NAG LC . 81.00 -41.58 9.88
C1 NAG MC . 85.37 -30.17 15.91
C2 NAG MC . 85.70 -31.64 15.69
C3 NAG MC . 86.89 -32.07 16.56
C4 NAG MC . 88.08 -31.14 16.34
C5 NAG MC . 87.65 -29.71 16.59
C6 NAG MC . 88.75 -28.70 16.31
C7 NAG MC . 83.95 -32.59 17.14
C8 NAG MC . 82.78 -33.52 17.21
N2 NAG MC . 84.55 -32.50 15.94
O3 NAG MC . 87.25 -33.41 16.25
O4 NAG MC . 89.14 -31.49 17.23
O5 NAG MC . 86.56 -29.37 15.73
O6 NAG MC . 88.37 -27.39 16.68
O7 NAG MC . 84.33 -31.95 18.12
C1 NAG NC . 70.14 -17.16 -2.19
C2 NAG NC . 69.10 -16.93 -3.28
C3 NAG NC . 69.53 -15.79 -4.20
C4 NAG NC . 69.83 -14.54 -3.38
C5 NAG NC . 70.84 -14.86 -2.28
C6 NAG NC . 71.09 -13.69 -1.35
C7 NAG NC . 67.80 -18.95 -3.98
C8 NAG NC . 66.73 -18.57 -2.98
N2 NAG NC . 68.87 -18.15 -4.06
O3 NAG NC . 68.50 -15.52 -5.14
O4 NAG NC . 70.35 -13.52 -4.22
O5 NAG NC . 70.37 -15.94 -1.48
O6 NAG NC . 71.00 -12.45 -2.04
O7 NAG NC . 67.70 -19.96 -4.67
C1 NAG OC . 84.48 -18.60 15.32
C2 NAG OC . 84.59 -17.22 15.98
C3 NAG OC . 85.25 -17.36 17.34
C4 NAG OC . 84.52 -18.39 18.20
C5 NAG OC . 84.40 -19.70 17.45
C6 NAG OC . 83.58 -20.74 18.18
C7 NAG OC . 85.06 -15.00 14.95
C8 NAG OC . 83.87 -14.44 15.67
N2 NAG OC . 85.33 -16.31 15.13
O3 NAG OC . 85.27 -16.10 18.00
O4 NAG OC . 85.24 -18.59 19.41
O5 NAG OC . 83.76 -19.48 16.18
O6 NAG OC . 84.03 -20.90 19.52
O7 NAG OC . 85.75 -14.30 14.21
C1 NAG PC . 80.61 -20.50 -4.34
C2 NAG PC . 81.35 -19.57 -3.37
C3 NAG PC . 81.14 -18.12 -3.80
C4 NAG PC . 81.54 -17.93 -5.26
C5 NAG PC . 80.81 -18.94 -6.14
C6 NAG PC . 81.25 -18.91 -7.58
C7 NAG PC . 81.49 -20.50 -1.06
C8 NAG PC . 82.77 -21.17 -1.44
N2 NAG PC . 80.88 -19.76 -2.01
O3 NAG PC . 81.93 -17.26 -2.97
O4 NAG PC . 81.20 -16.61 -5.68
O5 NAG PC . 81.07 -20.27 -5.66
O6 NAG PC . 81.20 -17.59 -8.10
O7 NAG PC . 81.02 -20.61 0.07
C1 NAG QC . 62.06 -65.83 -49.34
C2 NAG QC . 63.46 -65.98 -48.74
C3 NAG QC . 64.24 -64.67 -48.89
C4 NAG QC . 64.25 -64.22 -50.35
C5 NAG QC . 62.82 -64.13 -50.87
C6 NAG QC . 62.75 -63.80 -52.34
C7 NAG QC . 63.93 -67.52 -46.88
C8 NAG QC . 63.76 -67.76 -45.40
N2 NAG QC . 63.39 -66.38 -47.35
O3 NAG QC . 65.58 -64.88 -48.45
O4 NAG QC . 64.86 -62.95 -50.45
O5 NAG QC . 62.16 -65.40 -50.71
O6 NAG QC . 62.18 -64.86 -53.09
O7 NAG QC . 64.52 -68.31 -47.60
C1 NAG RC . 63.97 -74.16 -28.89
C2 NAG RC . 65.14 -73.72 -29.77
C3 NAG RC . 65.91 -74.94 -30.26
C4 NAG RC . 66.34 -75.81 -29.09
C5 NAG RC . 65.14 -76.16 -28.23
C6 NAG RC . 65.50 -76.92 -26.97
C7 NAG RC . 64.77 -71.60 -31.03
C8 NAG RC . 65.46 -70.85 -29.92
N2 NAG RC . 64.66 -72.94 -30.90
O3 NAG RC . 67.06 -74.50 -30.99
O4 NAG RC . 66.95 -77.00 -29.56
O5 NAG RC . 64.46 -74.97 -27.80
O6 NAG RC . 66.87 -77.31 -26.98
O7 NAG RC . 64.34 -71.03 -32.03
C1 NAG SC . 34.93 -19.50 -47.61
C2 NAG SC . 36.24 -19.13 -48.29
C3 NAG SC . 36.75 -17.79 -47.75
C4 NAG SC . 35.67 -16.73 -47.88
C5 NAG SC . 34.38 -17.20 -47.23
C6 NAG SC . 33.23 -16.23 -47.43
C7 NAG SC . 37.44 -21.16 -48.98
C8 NAG SC . 38.51 -22.14 -48.64
N2 NAG SC . 37.24 -20.17 -48.11
O3 NAG SC . 37.91 -17.41 -48.47
O4 NAG SC . 36.11 -15.52 -47.25
O5 NAG SC . 33.98 -18.45 -47.80
O6 NAG SC . 31.98 -16.84 -47.14
O7 NAG SC . 36.79 -21.24 -50.03
C1 NAG TC . 47.85 -17.76 -46.86
C2 NAG TC . 48.03 -16.76 -45.71
C3 NAG TC . 49.46 -16.21 -45.69
C4 NAG TC . 49.89 -15.73 -47.06
C5 NAG TC . 49.58 -16.76 -48.14
C6 NAG TC . 50.79 -17.16 -48.95
C7 NAG TC . 45.87 -15.71 -45.18
C8 NAG TC . 45.01 -14.51 -45.39
N2 NAG TC . 47.07 -15.68 -45.80
O3 NAG TC . 50.35 -17.23 -45.22
O4 NAG TC . 49.22 -14.51 -47.39
O5 NAG TC . 49.09 -17.96 -47.51
O6 NAG TC . 51.73 -17.89 -48.16
O7 NAG TC . 45.52 -16.67 -44.49
C1 NAG UC . 36.69 -71.42 -45.30
C2 NAG UC . 35.53 -71.76 -46.23
C3 NAG UC . 34.34 -72.27 -45.42
C4 NAG UC . 34.76 -73.42 -44.52
C5 NAG UC . 35.95 -73.01 -43.66
C6 NAG UC . 36.50 -74.13 -42.81
C7 NAG UC . 34.69 -70.72 -48.29
C8 NAG UC . 34.35 -69.43 -48.97
N2 NAG UC . 35.15 -70.61 -47.04
O3 NAG UC . 33.31 -72.69 -46.30
O4 NAG UC . 33.68 -73.81 -43.68
O5 NAG UC . 37.03 -72.55 -44.49
O6 NAG UC . 35.91 -75.38 -43.14
O7 NAG UC . 34.58 -71.80 -48.85
C1 NAG VC . 37.69 -57.49 -57.98
C2 NAG VC . 36.78 -58.65 -57.58
C3 NAG VC . 37.39 -59.98 -58.05
C4 NAG VC . 37.69 -59.92 -59.54
C5 NAG VC . 38.56 -58.71 -59.86
C6 NAG VC . 38.79 -58.53 -61.34
C7 NAG VC . 35.58 -58.02 -55.54
C8 NAG VC . 35.50 -58.16 -54.05
N2 NAG VC . 36.56 -58.68 -56.14
O3 NAG VC . 36.47 -61.03 -57.78
O4 NAG VC . 38.35 -61.10 -59.95
O5 NAG VC . 37.91 -57.51 -59.39
O6 NAG VC . 38.93 -57.15 -61.67
O7 NAG VC . 34.78 -57.32 -56.17
C1 NAG WC . 52.30 -48.65 -55.85
C2 NAG WC . 53.69 -48.91 -55.26
C3 NAG WC . 54.76 -48.20 -56.08
C4 NAG WC . 54.65 -48.58 -57.55
C5 NAG WC . 53.23 -48.33 -58.04
C6 NAG WC . 53.01 -48.80 -59.47
C7 NAG WC . 54.62 -48.99 -52.99
C8 NAG WC . 54.54 -48.44 -51.59
N2 NAG WC . 53.75 -48.49 -53.87
O3 NAG WC . 56.05 -48.56 -55.58
O4 NAG WC . 55.56 -47.82 -58.32
O5 NAG WC . 52.29 -49.04 -57.22
O6 NAG WC . 53.09 -50.21 -59.56
O7 NAG WC . 55.45 -49.85 -53.30
C1 NAG XC . 26.84 -46.35 -48.65
C2 NAG XC . 25.89 -46.49 -47.46
C3 NAG XC . 24.54 -47.03 -47.94
C4 NAG XC . 23.98 -46.16 -49.05
C5 NAG XC . 25.01 -46.01 -50.17
C6 NAG XC . 24.56 -45.06 -51.25
C7 NAG XC . 26.96 -46.99 -45.26
C8 NAG XC . 26.92 -45.52 -44.94
N2 NAG XC . 26.46 -47.37 -46.45
O3 NAG XC . 23.64 -47.06 -46.84
O4 NAG XC . 22.79 -46.73 -49.56
O5 NAG XC . 26.24 -45.51 -49.65
O6 NAG XC . 23.25 -45.35 -51.70
O7 NAG XC . 27.42 -47.81 -44.47
C1 NAG YC . 38.18 -40.28 -67.28
C2 NAG YC . 38.70 -41.23 -68.36
C3 NAG YC . 39.55 -40.46 -69.37
C4 NAG YC . 38.77 -39.28 -69.93
C5 NAG YC . 38.24 -38.41 -68.81
C6 NAG YC . 37.36 -37.29 -69.30
C7 NAG YC . 39.02 -43.56 -67.51
C8 NAG YC . 37.59 -43.85 -67.85
N2 NAG YC . 39.47 -42.31 -67.77
O3 NAG YC . 39.94 -41.34 -70.42
O4 NAG YC . 39.61 -38.50 -70.77
O5 NAG YC . 37.44 -39.20 -67.90
O6 NAG YC . 38.12 -36.17 -69.74
O7 NAG YC . 39.75 -44.41 -67.00
C1 NAG ZC . 30.07 -54.17 -55.13
C2 NAG ZC . 30.04 -53.85 -56.63
C3 NAG ZC . 28.61 -53.61 -57.09
C4 NAG ZC . 27.72 -54.80 -56.71
C5 NAG ZC . 27.83 -55.08 -55.22
C6 NAG ZC . 27.08 -56.31 -54.79
C7 NAG ZC . 32.11 -52.69 -57.41
C8 NAG ZC . 32.72 -54.05 -57.69
N2 NAG ZC . 30.86 -52.68 -56.92
O3 NAG ZC . 28.59 -53.41 -58.50
O4 NAG ZC . 26.37 -54.52 -57.05
O5 NAG ZC . 29.21 -55.28 -54.86
O6 NAG ZC . 26.97 -56.40 -53.38
O7 NAG ZC . 32.73 -51.66 -57.62
C1 NAG AD . 64.48 -50.80 -34.14
C2 NAG AD . 65.26 -49.50 -34.20
C3 NAG AD . 64.95 -48.76 -35.50
C4 NAG AD . 65.20 -49.66 -36.70
C5 NAG AD . 64.42 -50.96 -36.54
C6 NAG AD . 64.70 -51.96 -37.64
C7 NAG AD . 63.75 -48.26 -32.71
C8 NAG AD . 63.66 -47.40 -31.49
N2 NAG AD . 64.98 -48.66 -33.04
O3 NAG AD . 65.79 -47.60 -35.58
O4 NAG AD . 64.79 -49.01 -37.90
O5 NAG AD . 64.77 -51.59 -35.30
O6 NAG AD . 64.74 -51.34 -38.91
O7 NAG AD . 62.76 -48.56 -33.37
C1 NAG BD . 53.95 -43.76 -57.24
C2 NAG BD . 55.09 -44.04 -56.26
C3 NAG BD . 56.42 -43.63 -56.88
C4 NAG BD . 56.60 -44.31 -58.23
C5 NAG BD . 55.40 -44.04 -59.13
C6 NAG BD . 55.46 -44.80 -60.43
C7 NAG BD . 54.36 -43.86 -53.87
C8 NAG BD . 53.98 -45.31 -53.91
N2 NAG BD . 54.87 -43.33 -55.00
O3 NAG BD . 57.48 -43.98 -56.00
O4 NAG BD . 57.78 -43.81 -58.86
O5 NAG BD . 54.19 -44.45 -58.47
O6 NAG BD . 56.77 -44.78 -60.98
O7 NAG BD . 54.23 -43.18 -52.85
C1 NAG CD . 35.69 -2.40 -26.22
C2 NAG CD . 36.06 -1.21 -27.10
C3 NAG CD . 37.28 -1.56 -27.95
C4 NAG CD . 38.42 -2.04 -27.07
C5 NAG CD . 37.96 -3.19 -26.16
C6 NAG CD . 39.01 -3.62 -25.17
C7 NAG CD . 34.24 0.30 -27.73
C8 NAG CD . 33.12 0.56 -28.69
N2 NAG CD . 34.95 -0.81 -27.93
O3 NAG CD . 37.68 -0.42 -28.69
O4 NAG CD . 39.50 -2.50 -27.88
O5 NAG CD . 36.81 -2.77 -25.40
O6 NAG CD . 39.64 -2.50 -24.55
O7 NAG CD . 34.50 1.08 -26.80
C1 NAG DD . 14.86 9.22 -31.46
C2 NAG DD . 16.15 9.75 -32.09
C3 NAG DD . 15.90 10.15 -33.54
C4 NAG DD . 15.27 9.00 -34.31
C5 NAG DD . 14.03 8.48 -33.58
C6 NAG DD . 13.43 7.26 -34.23
C7 NAG DD . 16.01 11.98 -31.06
C8 NAG DD . 16.74 13.03 -30.27
N2 NAG DD . 16.70 10.87 -31.33
O3 NAG DD . 17.13 10.54 -34.15
O4 NAG DD . 14.91 9.42 -35.62
O5 NAG DD . 14.36 8.12 -32.23
O6 NAG DD . 13.29 7.43 -35.64
O7 NAG DD . 14.86 12.15 -31.46
C1 NAG ED . 47.50 -91.57 -2.20
C2 NAG ED . 48.04 -92.23 -3.47
C3 NAG ED . 46.93 -92.39 -4.49
C4 NAG ED . 45.74 -93.13 -3.89
C5 NAG ED . 45.29 -92.43 -2.61
C6 NAG ED . 44.19 -93.18 -1.89
C7 NAG ED . 50.43 -91.73 -3.75
C8 NAG ED . 51.43 -90.83 -4.41
N2 NAG ED . 49.14 -91.46 -4.02
O3 NAG ED . 47.42 -93.11 -5.62
O4 NAG ED . 44.66 -93.15 -4.82
O5 NAG ED . 46.39 -92.33 -1.70
O6 NAG ED . 44.72 -94.17 -1.03
O7 NAG ED . 50.76 -92.65 -3.01
C1 NAG FD . 63.14 -79.24 -9.25
C2 NAG FD . 63.07 -79.77 -10.69
C3 NAG FD . 64.43 -80.36 -11.11
C4 NAG FD . 65.04 -81.22 -10.01
C5 NAG FD . 65.06 -80.49 -8.67
C6 NAG FD . 66.45 -80.30 -8.12
C7 NAG FD . 61.36 -81.07 -11.94
C8 NAG FD . 61.72 -80.28 -13.16
N2 NAG FD . 62.02 -80.78 -10.81
O3 NAG FD . 65.31 -79.29 -11.43
O4 NAG FD . 64.28 -82.42 -9.88
O5 NAG FD . 64.48 -79.19 -8.83
O6 NAG FD . 67.27 -79.58 -9.02
O7 NAG FD . 60.48 -81.93 -11.96
C1 NAG GD . 3.35 -68.11 -10.46
C2 NAG GD . 2.65 -67.04 -11.28
C3 NAG GD . 1.42 -67.62 -11.98
C4 NAG GD . 1.82 -68.84 -12.80
C5 NAG GD . 2.55 -69.86 -11.92
C6 NAG GD . 3.07 -71.04 -12.69
C7 NAG GD . 3.05 -64.86 -10.21
C8 NAG GD . 2.49 -63.80 -9.32
N2 NAG GD . 2.26 -65.91 -10.44
O3 NAG GD . 0.85 -66.63 -12.83
O4 NAG GD . 0.65 -69.45 -13.34
O5 NAG GD . 3.68 -69.22 -11.31
O6 NAG GD . 2.69 -72.26 -12.07
O7 NAG GD . 4.18 -64.78 -10.69
C1 NAG HD . 49.87 -75.61 18.38
C2 NAG HD . 50.47 -76.12 19.68
C3 NAG HD . 50.92 -74.95 20.55
C4 NAG HD . 51.85 -74.04 19.77
C5 NAG HD . 51.19 -73.62 18.46
C6 NAG HD . 52.11 -72.80 17.58
C7 NAG HD . 49.57 -78.31 20.38
C8 NAG HD . 48.52 -79.00 21.20
N2 NAG HD . 49.53 -76.97 20.41
O3 NAG HD . 51.60 -75.45 21.70
O4 NAG HD . 52.16 -72.88 20.54
O5 NAG HD . 50.81 -74.78 17.71
O6 NAG HD . 53.10 -73.61 16.96
O7 NAG HD . 50.41 -78.92 19.75
C1 NAG ID . 32.05 -82.02 18.07
C2 NAG ID . 33.10 -81.57 19.07
C3 NAG ID . 34.16 -82.65 19.25
C4 NAG ID . 33.52 -83.98 19.61
C5 NAG ID . 32.45 -84.34 18.59
C6 NAG ID . 31.68 -85.58 18.95
C7 NAG ID . 33.24 -79.12 19.01
C8 NAG ID . 34.00 -77.93 18.49
N2 NAG ID . 33.71 -80.31 18.66
O3 NAG ID . 35.07 -82.26 20.28
O4 NAG ID . 34.50 -85.00 19.64
O5 NAG ID . 31.49 -83.27 18.49
O6 NAG ID . 30.55 -85.28 19.76
O7 NAG ID . 32.24 -79.00 19.72
C1 NAG JD . 27.84 -86.00 2.17
C2 NAG JD . 28.14 -86.27 0.69
C3 NAG JD . 27.26 -87.41 0.17
C4 NAG JD . 27.41 -88.63 1.04
C5 NAG JD . 27.11 -88.28 2.50
C6 NAG JD . 27.34 -89.43 3.45
C7 NAG JD . 26.81 -84.39 -0.18
C8 NAG JD . 26.82 -83.18 -1.06
N2 NAG JD . 27.96 -85.08 -0.11
O3 NAG JD . 27.65 -87.71 -1.17
O4 NAG JD . 26.50 -89.65 0.62
O5 NAG JD . 27.97 -87.21 2.92
O6 NAG JD . 26.74 -90.63 2.97
O7 NAG JD . 25.80 -84.74 0.44
C1 NAG KD . 19.53 -90.35 5.52
C2 NAG KD . 20.89 -90.96 5.21
C3 NAG KD . 20.79 -92.47 5.10
C4 NAG KD . 20.15 -93.05 6.35
C5 NAG KD . 18.80 -92.37 6.62
C6 NAG KD . 18.16 -92.81 7.91
C7 NAG KD . 22.70 -89.95 3.87
C8 NAG KD . 23.08 -89.40 2.52
N2 NAG KD . 21.44 -90.39 3.99
O3 NAG KD . 22.09 -93.02 4.92
O4 NAG KD . 19.93 -94.45 6.19
O5 NAG KD . 19.00 -90.95 6.72
O6 NAG KD . 18.30 -94.21 8.10
O7 NAG KD . 23.49 -89.99 4.81
C1 NAG LD . 24.71 -66.30 18.28
C2 NAG LD . 24.93 -64.79 18.33
C3 NAG LD . 24.98 -64.32 19.78
C4 NAG LD . 23.72 -64.76 20.52
C5 NAG LD . 23.54 -66.28 20.39
C6 NAG LD . 22.24 -66.77 21.01
C7 NAG LD . 26.34 -63.35 16.85
C8 NAG LD . 25.17 -62.43 16.69
N2 NAG LD . 26.15 -64.43 17.63
O3 NAG LD . 25.10 -62.90 19.83
O4 NAG LD . 23.82 -64.42 21.90
O5 NAG LD . 23.51 -66.65 19.00
O6 NAG LD . 21.60 -65.75 21.73
O7 NAG LD . 27.41 -63.12 16.31
C1 NAG MD . 12.82 -85.25 16.14
C2 NAG MD . 13.51 -86.54 15.69
C3 NAG MD . 12.46 -87.53 15.17
C4 NAG MD . 11.36 -87.74 16.21
C5 NAG MD . 10.79 -86.40 16.65
C6 NAG MD . 9.79 -86.53 17.77
C7 NAG MD . 15.83 -86.15 14.86
C8 NAG MD . 16.33 -86.30 16.27
N2 NAG MD . 14.50 -86.28 14.66
O3 NAG MD . 13.09 -88.76 14.86
O4 NAG MD . 10.33 -88.55 15.67
O5 NAG MD . 11.84 -85.55 17.14
O6 NAG MD . 8.59 -87.16 17.33
O7 NAG MD . 16.59 -85.92 13.93
C1 NAG ND . 29.20 -74.16 20.45
C2 NAG ND . 28.34 -75.21 21.16
C3 NAG ND . 27.97 -74.72 22.56
C4 NAG ND . 29.23 -74.36 23.33
C5 NAG ND . 30.06 -73.35 22.54
C6 NAG ND . 31.39 -73.03 23.21
C7 NAG ND . 26.79 -76.66 19.83
C8 NAG ND . 27.75 -77.81 20.02
N2 NAG ND . 27.13 -75.49 20.39
O3 NAG ND . 27.26 -75.75 23.24
O4 NAG ND . 28.88 -73.80 24.59
O5 NAG ND . 30.36 -73.88 21.24
O6 NAG ND . 31.22 -72.66 24.56
O7 NAG ND . 25.75 -76.79 19.20
C1 NAG OD . 57.03 -83.34 3.80
C2 NAG OD . 57.01 -83.78 5.26
C3 NAG OD . 58.17 -83.14 6.02
C4 NAG OD . 59.48 -83.44 5.32
C5 NAG OD . 59.41 -83.02 3.86
C6 NAG OD . 60.64 -83.40 3.06
C7 NAG OD . 54.69 -84.27 5.91
C8 NAG OD . 53.46 -83.76 6.60
N2 NAG OD . 55.74 -83.45 5.89
O3 NAG OD . 58.21 -83.64 7.35
O4 NAG OD . 60.55 -82.74 5.95
O5 NAG OD . 58.30 -83.66 3.22
O6 NAG OD . 60.45 -83.19 1.67
O7 NAG OD . 54.72 -85.38 5.39
C1 NAG PD . 41.35 -76.74 -16.50
C2 NAG PD . 40.14 -76.78 -17.43
C3 NAG PD . 38.98 -77.53 -16.77
C4 NAG PD . 39.44 -78.91 -16.31
C5 NAG PD . 40.67 -78.78 -15.42
C6 NAG PD . 41.24 -80.12 -15.02
C7 NAG PD . 40.06 -74.85 -18.96
C8 NAG PD . 39.55 -73.46 -19.17
N2 NAG PD . 39.72 -75.43 -17.80
O3 NAG PD . 37.91 -77.65 -17.69
O4 NAG PD . 38.40 -79.55 -15.59
O5 NAG PD . 41.71 -78.08 -16.12
O6 NAG PD . 40.44 -81.19 -15.48
O7 NAG PD . 40.76 -75.42 -19.80
C1 NAG QD . -5.83 -39.31 -15.75
C2 NAG QD . -6.53 -40.21 -16.76
C3 NAG QD . -8.00 -40.40 -16.38
C4 NAG QD . -8.09 -40.91 -14.93
C5 NAG QD . -7.32 -39.99 -13.99
C6 NAG QD . -7.28 -40.50 -12.58
C7 NAG QD . -5.47 -39.99 -18.97
C8 NAG QD . -5.52 -39.32 -20.31
N2 NAG QD . -6.44 -39.65 -18.11
O3 NAG QD . -8.61 -41.32 -17.26
O4 NAG QD . -9.46 -40.96 -14.54
O5 NAG QD . -5.97 -39.87 -14.44
O6 NAG QD . -6.41 -41.61 -12.45
O7 NAG QD . -4.59 -40.80 -18.69
#